data_9RWQ
#
_entry.id   9RWQ
#
_cell.length_a   1.00
_cell.length_b   1.00
_cell.length_c   1.00
_cell.angle_alpha   90.00
_cell.angle_beta   90.00
_cell.angle_gamma   90.00
#
_symmetry.space_group_name_H-M   'P 1'
#
_entity_poly.entity_id   1
_entity_poly.type   'polypeptide(L)'
_entity_poly.pdbx_seq_one_letter_code
;MPLKQASSNTEADERFQALLTNVNAVRAIADAVEGTLGPKGLDVMLVDKFGEVTITNDGVTILDQMDVQHPAARMLIQVA
RAQEEEVGDGTTTATVLAGALVSEGVNQVEQGVPVSRVIEGLRRGVERALELLRKQALPVEGLDDPRLRAVARIAARERE
DIADLVVEAARHIGEDKLQDPNFKLADTVTAREGAENQVIEGVVLNKQPLNKEMPKKLEDARVLVLDDPLEPEEIDEEAL
STEAGFARYLEAQEEFRENLEKLVELGVKLVLCEKGIDDTAEELLAEAGIMAIQRVSRKDLERVAEFTGARPVKRTALNK
DAEELAKLLGHAERVRYDEKLEHVCLSGGSGEPIATVLVGAATEEVVGERERVAKDAASAVQAAIRGGVVPGGGAAELAV
AREVEKLAEEVKGMERYGVEAVAEALKKPLRQIVANAGFNPLEKLGDLRAAHRTGNDSLGIDCDTGEVVDMWEAGVIDPA
PVKLHALKAAGEVAAAILRINTIIKMKETGPDGGEDRG
;
_entity_poly.pdbx_strand_id   N,A,B,C,D,E,F,G,H,I,J,K,L,M,O,P
#
# COMPACT_ATOMS: atom_id res chain seq x y z
N ALA A 12 -19.34 -29.25 22.99
CA ALA A 12 -20.78 -29.45 22.79
C ALA A 12 -21.23 -28.88 21.45
N ASP A 13 -20.67 -27.74 21.05
CA ASP A 13 -20.96 -27.21 19.71
C ASP A 13 -20.41 -28.13 18.63
N GLU A 14 -19.25 -28.75 18.86
CA GLU A 14 -18.69 -29.66 17.87
C GLU A 14 -19.58 -30.88 17.65
N ARG A 15 -20.18 -31.40 18.71
CA ARG A 15 -21.10 -32.53 18.55
C ARG A 15 -22.30 -32.14 17.70
N PHE A 16 -22.87 -30.97 17.95
CA PHE A 16 -23.98 -30.49 17.13
C PHE A 16 -23.52 -30.22 15.71
N GLN A 17 -22.31 -29.64 15.54
CA GLN A 17 -21.79 -29.42 14.20
C GLN A 17 -21.58 -30.74 13.46
N ALA A 18 -21.21 -31.79 14.18
CA ALA A 18 -21.11 -33.11 13.56
C ALA A 18 -22.46 -33.58 13.04
N LEU A 19 -23.52 -33.40 13.83
CA LEU A 19 -24.85 -33.77 13.38
C LEU A 19 -25.32 -32.89 12.23
N LEU A 20 -25.11 -31.58 12.35
CA LEU A 20 -25.58 -30.66 11.32
C LEU A 20 -24.87 -30.90 9.99
N THR A 21 -23.58 -31.23 10.03
CA THR A 21 -22.88 -31.55 8.79
C THR A 21 -23.44 -32.80 8.13
N ASN A 22 -23.76 -33.82 8.93
CA ASN A 22 -24.40 -35.00 8.40
C ASN A 22 -25.79 -34.69 7.87
N VAL A 23 -26.53 -33.81 8.57
CA VAL A 23 -27.88 -33.48 8.14
C VAL A 23 -27.87 -32.81 6.77
N ASN A 24 -26.91 -31.90 6.55
CA ASN A 24 -26.83 -31.22 5.26
C ASN A 24 -26.56 -32.20 4.13
N ALA A 25 -25.77 -33.24 4.38
CA ALA A 25 -25.54 -34.25 3.36
C ALA A 25 -26.84 -34.98 3.01
N VAL A 26 -27.64 -35.33 4.01
CA VAL A 26 -28.91 -35.99 3.75
C VAL A 26 -29.87 -35.04 3.05
N ARG A 27 -29.90 -33.77 3.48
CA ARG A 27 -30.81 -32.81 2.86
C ARG A 27 -30.44 -32.56 1.41
N ALA A 28 -29.15 -32.61 1.07
CA ALA A 28 -28.75 -32.45 -0.32
C ALA A 28 -29.28 -33.59 -1.19
N ILE A 29 -29.24 -34.82 -0.70
CA ILE A 29 -29.78 -35.95 -1.46
C ILE A 29 -31.28 -35.78 -1.64
N ALA A 30 -31.99 -35.41 -0.56
CA ALA A 30 -33.42 -35.23 -0.65
C ALA A 30 -33.78 -34.04 -1.55
N ASP A 31 -32.95 -32.99 -1.54
CA ASP A 31 -33.24 -31.82 -2.36
C ASP A 31 -33.25 -32.16 -3.85
N ALA A 32 -32.32 -33.01 -4.30
CA ALA A 32 -32.26 -33.37 -5.70
C ALA A 32 -33.40 -34.27 -6.13
N VAL A 33 -33.89 -35.13 -5.24
CA VAL A 33 -34.92 -36.11 -5.60
C VAL A 33 -36.32 -35.69 -5.18
N GLU A 34 -36.46 -34.65 -4.36
CA GLU A 34 -37.81 -34.26 -3.94
C GLU A 34 -38.56 -33.48 -5.01
N GLY A 35 -37.88 -32.95 -6.01
CA GLY A 35 -38.57 -32.28 -7.09
C GLY A 35 -39.27 -33.20 -8.05
N THR A 36 -38.99 -34.51 -8.00
CA THR A 36 -39.58 -35.48 -8.91
C THR A 36 -40.82 -36.15 -8.35
N LEU A 37 -41.31 -35.73 -7.19
CA LEU A 37 -42.44 -36.41 -6.56
C LEU A 37 -43.74 -36.07 -7.26
N GLY A 38 -44.68 -37.00 -7.19
CA GLY A 38 -46.02 -36.77 -7.66
C GLY A 38 -46.20 -37.06 -9.14
N PRO A 39 -47.43 -36.93 -9.63
CA PRO A 39 -47.69 -37.21 -11.05
C PRO A 39 -47.22 -36.10 -11.98
N LYS A 40 -47.02 -34.89 -11.47
CA LYS A 40 -46.58 -33.75 -12.28
C LYS A 40 -45.19 -33.30 -11.86
N GLY A 41 -44.30 -34.27 -11.64
CA GLY A 41 -42.96 -33.98 -11.19
C GLY A 41 -42.11 -33.33 -12.26
N LEU A 42 -40.89 -33.00 -11.85
CA LEU A 42 -39.89 -32.36 -12.70
C LEU A 42 -38.64 -33.22 -12.73
N ASP A 43 -37.91 -33.15 -13.84
CA ASP A 43 -36.77 -34.02 -14.05
C ASP A 43 -35.48 -33.27 -13.74
N VAL A 44 -34.39 -34.04 -13.56
CA VAL A 44 -33.10 -33.49 -13.16
C VAL A 44 -32.13 -33.62 -14.33
N MET A 45 -31.08 -32.80 -14.27
CA MET A 45 -29.97 -32.84 -15.21
C MET A 45 -28.79 -33.51 -14.54
N LEU A 46 -28.22 -34.52 -15.21
CA LEU A 46 -27.03 -35.21 -14.74
C LEU A 46 -25.94 -35.03 -15.78
N VAL A 47 -24.84 -34.39 -15.39
CA VAL A 47 -23.76 -34.03 -16.30
C VAL A 47 -22.46 -34.62 -15.78
N ASP A 48 -21.52 -34.82 -16.70
CA ASP A 48 -20.21 -35.40 -16.42
C ASP A 48 -19.11 -34.43 -16.84
N LYS A 49 -17.87 -34.84 -16.60
CA LYS A 49 -16.73 -34.10 -17.12
C LYS A 49 -16.61 -34.28 -18.63
N PHE A 50 -17.03 -35.45 -19.13
CA PHE A 50 -17.04 -35.70 -20.57
C PHE A 50 -18.18 -34.99 -21.28
N GLY A 51 -19.28 -34.70 -20.60
CA GLY A 51 -20.32 -33.85 -21.11
C GLY A 51 -21.59 -34.52 -21.60
N GLU A 52 -21.84 -35.78 -21.22
CA GLU A 52 -23.09 -36.41 -21.57
C GLU A 52 -24.20 -35.97 -20.62
N VAL A 53 -25.44 -36.20 -21.05
CA VAL A 53 -26.64 -35.71 -20.38
C VAL A 53 -27.55 -36.89 -20.11
N THR A 54 -28.20 -36.89 -18.95
CA THR A 54 -29.15 -37.92 -18.58
C THR A 54 -30.34 -37.25 -17.89
N ILE A 55 -31.40 -37.00 -18.66
CA ILE A 55 -32.64 -36.43 -18.14
C ILE A 55 -33.43 -37.59 -17.55
N THR A 56 -33.85 -37.45 -16.30
CA THR A 56 -34.59 -38.50 -15.62
C THR A 56 -35.48 -37.91 -14.55
N ASN A 57 -36.66 -38.51 -14.40
CA ASN A 57 -37.60 -38.17 -13.34
C ASN A 57 -37.86 -39.31 -12.38
N ASP A 58 -37.39 -40.52 -12.70
CA ASP A 58 -37.55 -41.66 -11.80
C ASP A 58 -36.41 -41.63 -10.79
N GLY A 59 -36.75 -41.57 -9.51
CA GLY A 59 -35.74 -41.39 -8.48
C GLY A 59 -34.78 -42.55 -8.32
N VAL A 60 -35.21 -43.76 -8.65
CA VAL A 60 -34.31 -44.90 -8.57
C VAL A 60 -33.11 -44.74 -9.50
N THR A 61 -33.29 -44.09 -10.64
CA THR A 61 -32.17 -43.80 -11.52
C THR A 61 -31.35 -42.63 -10.99
N ILE A 62 -32.01 -41.65 -10.37
CA ILE A 62 -31.29 -40.49 -9.84
C ILE A 62 -30.32 -40.93 -8.76
N LEU A 63 -30.81 -41.73 -7.81
CA LEU A 63 -29.96 -42.18 -6.71
C LEU A 63 -28.89 -43.14 -7.18
N ASP A 64 -29.19 -43.97 -8.19
CA ASP A 64 -28.20 -44.89 -8.71
C ASP A 64 -27.08 -44.16 -9.45
N GLN A 65 -27.42 -43.05 -10.11
CA GLN A 65 -26.48 -42.32 -10.96
C GLN A 65 -26.29 -40.90 -10.41
N MET A 66 -25.93 -40.80 -9.13
CA MET A 66 -25.57 -39.52 -8.52
C MET A 66 -24.23 -39.67 -7.81
N ASP A 67 -23.39 -38.64 -7.92
CA ASP A 67 -22.12 -38.63 -7.23
C ASP A 67 -22.32 -38.34 -5.75
N VAL A 68 -22.04 -39.33 -4.91
CA VAL A 68 -22.12 -39.21 -3.47
C VAL A 68 -20.71 -39.36 -2.92
N GLN A 69 -20.24 -38.33 -2.22
CA GLN A 69 -18.92 -38.32 -1.59
C GLN A 69 -18.99 -38.15 -0.09
N HIS A 70 -20.02 -37.52 0.43
CA HIS A 70 -20.11 -37.35 1.87
C HIS A 70 -20.46 -38.69 2.52
N PRO A 71 -19.80 -39.07 3.63
CA PRO A 71 -20.01 -40.43 4.15
C PRO A 71 -21.43 -40.72 4.59
N ALA A 72 -22.15 -39.75 5.14
CA ALA A 72 -23.48 -40.00 5.68
C ALA A 72 -24.53 -40.16 4.59
N ALA A 73 -24.33 -39.56 3.42
CA ALA A 73 -25.31 -39.69 2.35
C ALA A 73 -25.42 -41.12 1.82
N ARG A 74 -24.32 -41.89 1.89
CA ARG A 74 -24.35 -43.24 1.34
C ARG A 74 -25.34 -44.13 2.09
N MET A 75 -25.50 -43.93 3.39
CA MET A 75 -26.42 -44.76 4.16
C MET A 75 -27.86 -44.57 3.71
N LEU A 76 -28.24 -43.33 3.39
CA LEU A 76 -29.59 -43.07 2.91
C LEU A 76 -29.86 -43.78 1.59
N ILE A 77 -28.89 -43.74 0.67
CA ILE A 77 -29.06 -44.48 -0.57
C ILE A 77 -29.06 -45.97 -0.31
N GLN A 78 -28.29 -46.44 0.66
CA GLN A 78 -28.27 -47.87 0.96
C GLN A 78 -29.65 -48.35 1.39
N VAL A 79 -30.30 -47.62 2.29
CA VAL A 79 -31.66 -48.01 2.67
C VAL A 79 -32.65 -47.80 1.53
N ALA A 80 -32.48 -46.76 0.72
CA ALA A 80 -33.39 -46.52 -0.39
C ALA A 80 -33.35 -47.64 -1.41
N ARG A 81 -32.17 -48.13 -1.76
CA ARG A 81 -32.08 -49.28 -2.65
C ARG A 81 -32.36 -50.61 -1.95
N ALA A 82 -32.25 -50.67 -0.62
CA ALA A 82 -32.77 -51.85 0.07
C ALA A 82 -34.27 -51.96 -0.11
N GLN A 83 -34.97 -50.82 -0.04
CA GLN A 83 -36.40 -50.83 -0.35
C GLN A 83 -36.66 -51.34 -1.76
N GLU A 84 -35.83 -50.93 -2.72
CA GLU A 84 -35.96 -51.45 -4.08
C GLU A 84 -35.75 -52.95 -4.13
N GLU A 85 -34.76 -53.45 -3.40
CA GLU A 85 -34.56 -54.89 -3.29
C GLU A 85 -35.78 -55.58 -2.69
N GLU A 86 -36.54 -54.87 -1.85
CA GLU A 86 -37.72 -55.48 -1.23
C GLU A 86 -38.86 -55.62 -2.24
N VAL A 87 -39.34 -54.50 -2.78
CA VAL A 87 -40.53 -54.48 -3.63
C VAL A 87 -40.26 -53.79 -4.97
N GLY A 88 -39.22 -52.95 -5.02
CA GLY A 88 -38.81 -52.36 -6.28
C GLY A 88 -39.44 -51.02 -6.61
N ASP A 89 -40.02 -50.32 -5.64
CA ASP A 89 -40.55 -48.99 -5.90
C ASP A 89 -40.69 -48.23 -4.59
N GLY A 90 -40.79 -46.91 -4.71
CA GLY A 90 -41.02 -46.04 -3.57
C GLY A 90 -39.77 -45.49 -2.92
N THR A 91 -38.66 -45.39 -3.65
CA THR A 91 -37.42 -44.88 -3.05
C THR A 91 -37.45 -43.37 -2.89
N THR A 92 -38.11 -42.67 -3.82
CA THR A 92 -38.21 -41.21 -3.70
C THR A 92 -38.98 -40.81 -2.46
N THR A 93 -40.10 -41.51 -2.19
CA THR A 93 -40.89 -41.20 -1.00
C THR A 93 -40.09 -41.46 0.26
N ALA A 94 -39.34 -42.56 0.29
CA ALA A 94 -38.51 -42.86 1.46
C ALA A 94 -37.44 -41.81 1.66
N THR A 95 -36.77 -41.39 0.59
CA THR A 95 -35.74 -40.37 0.72
C THR A 95 -36.33 -39.06 1.21
N VAL A 96 -37.48 -38.65 0.66
CA VAL A 96 -38.10 -37.40 1.07
C VAL A 96 -38.52 -37.46 2.53
N LEU A 97 -39.13 -38.57 2.95
CA LEU A 97 -39.55 -38.70 4.34
C LEU A 97 -38.35 -38.70 5.28
N ALA A 98 -37.27 -39.38 4.89
CA ALA A 98 -36.08 -39.39 5.73
C ALA A 98 -35.48 -38.00 5.85
N GLY A 99 -35.39 -37.27 4.75
CA GLY A 99 -34.90 -35.91 4.80
C GLY A 99 -35.78 -35.01 5.66
N ALA A 100 -37.09 -35.15 5.54
CA ALA A 100 -38.01 -34.35 6.36
C ALA A 100 -37.86 -34.68 7.83
N LEU A 101 -37.77 -35.97 8.17
CA LEU A 101 -37.61 -36.37 9.56
C LEU A 101 -36.32 -35.82 10.13
N VAL A 102 -35.22 -35.93 9.38
CA VAL A 102 -33.94 -35.47 9.89
C VAL A 102 -33.93 -33.96 10.02
N SER A 103 -34.53 -33.26 9.05
CA SER A 103 -34.58 -31.80 9.11
C SER A 103 -35.40 -31.32 10.30
N GLU A 104 -36.57 -31.90 10.53
CA GLU A 104 -37.35 -31.52 11.69
C GLU A 104 -36.68 -31.91 12.99
N GLY A 105 -35.94 -33.02 13.00
CA GLY A 105 -35.20 -33.39 14.20
C GLY A 105 -34.09 -32.42 14.53
N VAL A 106 -33.32 -31.99 13.52
CA VAL A 106 -32.27 -31.02 13.81
C VAL A 106 -32.88 -29.67 14.17
N ASN A 107 -34.04 -29.34 13.59
CA ASN A 107 -34.74 -28.13 14.01
C ASN A 107 -35.14 -28.20 15.48
N GLN A 108 -35.65 -29.34 15.92
CA GLN A 108 -35.99 -29.52 17.34
C GLN A 108 -34.75 -29.46 18.21
N VAL A 109 -33.64 -30.05 17.77
CA VAL A 109 -32.42 -30.04 18.56
C VAL A 109 -31.90 -28.61 18.69
N GLU A 110 -31.96 -27.83 17.61
CA GLU A 110 -31.55 -26.43 17.69
C GLU A 110 -32.45 -25.65 18.65
N GLN A 111 -33.70 -26.08 18.82
CA GLN A 111 -34.58 -25.44 19.77
C GLN A 111 -34.18 -25.69 21.21
N GLY A 112 -33.37 -26.72 21.48
CA GLY A 112 -32.87 -27.04 22.80
C GLY A 112 -33.10 -28.47 23.22
N VAL A 113 -33.81 -29.28 22.45
CA VAL A 113 -34.08 -30.67 22.85
C VAL A 113 -32.80 -31.47 22.69
N PRO A 114 -32.42 -32.35 23.63
CA PRO A 114 -31.30 -33.25 23.36
C PRO A 114 -31.65 -34.25 22.28
N VAL A 115 -30.60 -34.71 21.58
CA VAL A 115 -30.79 -35.56 20.42
C VAL A 115 -31.38 -36.91 20.85
N SER A 116 -30.94 -37.43 21.99
CA SER A 116 -31.40 -38.74 22.43
C SER A 116 -32.89 -38.77 22.68
N ARG A 117 -33.47 -37.67 23.16
CA ARG A 117 -34.92 -37.62 23.34
C ARG A 117 -35.65 -37.58 22.01
N VAL A 118 -35.12 -36.83 21.04
CA VAL A 118 -35.74 -36.76 19.73
C VAL A 118 -35.77 -38.13 19.08
N ILE A 119 -34.70 -38.92 19.28
CA ILE A 119 -34.63 -40.25 18.66
C ILE A 119 -35.75 -41.14 19.19
N GLU A 120 -35.93 -41.17 20.51
CA GLU A 120 -36.93 -42.06 21.08
C GLU A 120 -38.34 -41.55 20.80
N GLY A 121 -38.53 -40.24 20.68
CA GLY A 121 -39.81 -39.74 20.23
C GLY A 121 -40.11 -40.12 18.79
N LEU A 122 -39.12 -40.01 17.91
CA LEU A 122 -39.27 -40.38 16.52
C LEU A 122 -39.59 -41.85 16.35
N ARG A 123 -38.99 -42.71 17.18
CA ARG A 123 -39.26 -44.14 17.10
C ARG A 123 -40.75 -44.42 17.31
N ARG A 124 -41.33 -43.88 18.39
CA ARG A 124 -42.73 -44.14 18.68
C ARG A 124 -43.65 -43.45 17.67
N GLY A 125 -43.27 -42.27 17.20
CA GLY A 125 -44.06 -41.63 16.17
C GLY A 125 -44.14 -42.47 14.90
N VAL A 126 -43.00 -42.99 14.46
CA VAL A 126 -42.99 -43.84 13.27
C VAL A 126 -43.76 -45.12 13.54
N GLU A 127 -43.68 -45.64 14.77
CA GLU A 127 -44.41 -46.86 15.08
C GLU A 127 -45.92 -46.67 14.95
N ARG A 128 -46.46 -45.61 15.56
CA ARG A 128 -47.89 -45.38 15.42
C ARG A 128 -48.26 -45.04 13.99
N ALA A 129 -47.38 -44.33 13.27
CA ALA A 129 -47.68 -44.01 11.88
C ALA A 129 -47.80 -45.27 11.03
N LEU A 130 -46.87 -46.22 11.21
CA LEU A 130 -46.98 -47.49 10.50
C LEU A 130 -48.23 -48.25 10.91
N GLU A 131 -48.55 -48.24 12.20
CA GLU A 131 -49.77 -48.91 12.68
C GLU A 131 -51.00 -48.37 11.95
N LEU A 132 -51.13 -47.05 11.92
CA LEU A 132 -52.30 -46.44 11.30
C LEU A 132 -52.32 -46.59 9.79
N LEU A 133 -51.16 -46.52 9.13
CA LEU A 133 -51.14 -46.78 7.69
C LEU A 133 -51.56 -48.21 7.38
N ARG A 134 -51.11 -49.17 8.19
CA ARG A 134 -51.54 -50.55 7.99
C ARG A 134 -53.04 -50.69 8.21
N LYS A 135 -53.58 -50.00 9.22
CA LYS A 135 -55.01 -50.09 9.49
C LYS A 135 -55.81 -49.50 8.33
N GLN A 136 -55.41 -48.33 7.85
CA GLN A 136 -56.23 -47.60 6.88
C GLN A 136 -56.21 -48.26 5.51
N ALA A 137 -55.22 -49.12 5.23
CA ALA A 137 -55.14 -49.78 3.93
C ALA A 137 -56.36 -50.66 3.70
N LEU A 138 -57.14 -50.35 2.65
CA LEU A 138 -58.35 -51.07 2.32
C LEU A 138 -58.06 -52.16 1.29
N PRO A 139 -58.40 -53.43 1.52
CA PRO A 139 -58.04 -54.46 0.54
C PRO A 139 -58.89 -54.35 -0.72
N VAL A 140 -58.34 -54.87 -1.81
CA VAL A 140 -58.97 -54.81 -3.12
C VAL A 140 -59.66 -56.13 -3.41
N GLU A 141 -60.88 -56.04 -3.95
CA GLU A 141 -61.71 -57.21 -4.24
C GLU A 141 -61.45 -57.63 -5.68
N GLY A 142 -60.66 -58.68 -5.84
CA GLY A 142 -60.39 -59.25 -7.15
C GLY A 142 -59.59 -58.32 -8.03
N LEU A 143 -59.12 -58.88 -9.14
CA LEU A 143 -58.32 -58.14 -10.11
C LEU A 143 -59.19 -57.37 -11.11
N ASP A 144 -60.49 -57.60 -11.14
CA ASP A 144 -61.39 -56.85 -12.00
C ASP A 144 -61.75 -55.47 -11.43
N ASP A 145 -61.34 -55.17 -10.20
CA ASP A 145 -61.65 -53.88 -9.60
C ASP A 145 -60.92 -52.77 -10.37
N PRO A 146 -61.56 -51.62 -10.60
CA PRO A 146 -60.86 -50.54 -11.32
C PRO A 146 -59.70 -49.93 -10.54
N ARG A 147 -59.60 -50.20 -9.24
CA ARG A 147 -58.50 -49.64 -8.47
C ARG A 147 -57.16 -50.18 -8.94
N LEU A 148 -57.12 -51.41 -9.46
CA LEU A 148 -55.88 -51.90 -10.05
C LEU A 148 -55.53 -51.12 -11.31
N ARG A 149 -56.52 -50.78 -12.13
CA ARG A 149 -56.25 -49.92 -13.28
C ARG A 149 -55.72 -48.57 -12.81
N ALA A 150 -56.30 -48.03 -11.73
CA ALA A 150 -55.84 -46.75 -11.21
C ALA A 150 -54.39 -46.81 -10.73
N VAL A 151 -54.05 -47.82 -9.92
CA VAL A 151 -52.69 -47.92 -9.41
C VAL A 151 -51.70 -48.30 -10.50
N ALA A 152 -52.15 -48.94 -11.58
CA ALA A 152 -51.27 -49.21 -12.70
C ALA A 152 -50.99 -47.96 -13.51
N ARG A 153 -52.01 -47.10 -13.71
CA ARG A 153 -51.81 -45.91 -14.53
C ARG A 153 -50.80 -44.97 -13.89
N ILE A 154 -50.86 -44.81 -12.56
CA ILE A 154 -50.00 -43.85 -11.88
C ILE A 154 -48.56 -44.31 -11.89
N ALA A 155 -48.33 -45.61 -11.70
CA ALA A 155 -46.99 -46.14 -11.87
C ALA A 155 -46.52 -46.10 -13.32
N ALA A 156 -47.43 -45.93 -14.27
CA ALA A 156 -47.12 -45.91 -15.68
C ALA A 156 -46.76 -44.51 -16.21
N ARG A 157 -46.61 -43.53 -15.32
CA ARG A 157 -46.40 -42.13 -15.72
C ARG A 157 -47.52 -41.66 -16.64
N GLU A 158 -48.75 -42.08 -16.33
CA GLU A 158 -49.94 -41.67 -17.06
C GLU A 158 -49.86 -42.05 -18.53
N ARG A 159 -49.36 -43.26 -18.81
CA ARG A 159 -49.35 -43.84 -20.15
C ARG A 159 -50.17 -45.13 -20.10
N GLU A 160 -51.39 -45.07 -20.63
CA GLU A 160 -52.32 -46.17 -20.49
C GLU A 160 -51.93 -47.39 -21.33
N ASP A 161 -51.18 -47.19 -22.41
CA ASP A 161 -50.82 -48.32 -23.26
C ASP A 161 -49.99 -49.34 -22.50
N ILE A 162 -48.99 -48.89 -21.76
CA ILE A 162 -48.22 -49.81 -20.92
C ILE A 162 -49.10 -50.30 -19.77
N ALA A 163 -49.98 -49.44 -19.25
CA ALA A 163 -50.73 -49.79 -18.06
C ALA A 163 -51.68 -50.97 -18.30
N ASP A 164 -52.34 -50.98 -19.44
CA ASP A 164 -53.30 -52.05 -19.72
C ASP A 164 -52.66 -53.43 -19.80
N LEU A 165 -51.45 -53.53 -20.36
CA LEU A 165 -50.82 -54.85 -20.61
C LEU A 165 -50.33 -55.48 -19.30
N VAL A 166 -50.06 -54.68 -18.26
CA VAL A 166 -49.65 -55.27 -16.98
C VAL A 166 -50.85 -55.79 -16.22
N VAL A 167 -51.95 -55.02 -16.18
CA VAL A 167 -53.14 -55.51 -15.52
C VAL A 167 -53.75 -56.69 -16.25
N GLU A 168 -53.65 -56.73 -17.58
CA GLU A 168 -54.10 -57.92 -18.31
C GLU A 168 -53.25 -59.12 -17.92
N ALA A 169 -51.94 -58.96 -17.84
CA ALA A 169 -51.07 -60.06 -17.46
C ALA A 169 -51.37 -60.54 -16.05
N ALA A 170 -51.66 -59.61 -15.13
CA ALA A 170 -51.93 -60.00 -13.75
C ALA A 170 -53.15 -60.93 -13.67
N ARG A 171 -54.25 -60.58 -14.35
CA ARG A 171 -55.39 -61.47 -14.38
C ARG A 171 -55.10 -62.74 -15.17
N HIS A 172 -54.18 -62.69 -16.14
CA HIS A 172 -53.76 -63.91 -16.80
C HIS A 172 -53.09 -64.88 -15.83
N ILE A 173 -52.24 -64.38 -14.94
CA ILE A 173 -51.53 -65.26 -14.01
C ILE A 173 -52.50 -65.83 -12.97
N GLY A 174 -53.10 -64.98 -12.16
CA GLY A 174 -54.03 -65.39 -11.13
C GLY A 174 -53.72 -64.74 -9.80
N GLU A 175 -54.57 -65.09 -8.82
CA GLU A 175 -54.47 -64.50 -7.48
C GLU A 175 -53.43 -65.21 -6.63
N ASP A 176 -53.63 -66.51 -6.38
CA ASP A 176 -52.73 -67.23 -5.50
C ASP A 176 -51.33 -67.32 -6.09
N LYS A 177 -51.23 -67.36 -7.42
CA LYS A 177 -49.91 -67.35 -8.04
C LYS A 177 -49.21 -66.01 -7.82
N LEU A 178 -49.99 -64.94 -7.72
CA LEU A 178 -49.42 -63.63 -7.37
C LEU A 178 -49.07 -63.54 -5.90
N GLN A 179 -49.79 -64.27 -5.04
CA GLN A 179 -49.52 -64.23 -3.60
C GLN A 179 -48.21 -64.91 -3.21
N ASP A 180 -47.55 -65.61 -4.12
CA ASP A 180 -46.32 -66.31 -3.78
C ASP A 180 -45.24 -65.31 -3.40
N PRO A 181 -44.61 -65.41 -2.22
CA PRO A 181 -43.55 -64.44 -1.90
C PRO A 181 -42.23 -64.72 -2.60
N ASN A 182 -42.01 -65.95 -3.07
CA ASN A 182 -40.77 -66.29 -3.76
C ASN A 182 -40.77 -65.87 -5.23
N PHE A 183 -41.90 -65.38 -5.76
CA PHE A 183 -42.03 -65.03 -7.16
C PHE A 183 -42.12 -63.52 -7.28
N LYS A 184 -41.32 -62.94 -8.18
CA LYS A 184 -41.32 -61.52 -8.47
C LYS A 184 -41.75 -61.30 -9.91
N LEU A 185 -42.78 -60.47 -10.10
CA LEU A 185 -43.29 -60.18 -11.43
C LEU A 185 -42.32 -59.35 -12.27
N ALA A 186 -41.47 -58.54 -11.63
CA ALA A 186 -40.51 -57.71 -12.34
C ALA A 186 -39.50 -58.52 -13.15
N ASP A 187 -39.25 -59.77 -12.79
CA ASP A 187 -38.37 -60.62 -13.56
C ASP A 187 -39.04 -61.17 -14.82
N THR A 188 -40.35 -61.00 -14.97
CA THR A 188 -41.10 -61.53 -16.10
C THR A 188 -41.54 -60.45 -17.08
N VAL A 189 -40.86 -59.29 -17.08
CA VAL A 189 -41.15 -58.21 -18.01
C VAL A 189 -39.93 -57.95 -18.87
N THR A 190 -40.12 -57.97 -20.19
CA THR A 190 -39.05 -57.77 -21.14
C THR A 190 -39.52 -56.79 -22.21
N ALA A 191 -38.64 -55.87 -22.61
CA ALA A 191 -38.93 -54.86 -23.62
C ALA A 191 -38.01 -55.06 -24.81
N ARG A 192 -38.59 -55.00 -26.01
CA ARG A 192 -37.86 -55.16 -27.27
C ARG A 192 -38.26 -54.05 -28.22
N GLU A 193 -37.40 -53.79 -29.19
CA GLU A 193 -37.61 -52.67 -30.11
C GLU A 193 -38.29 -53.16 -31.38
N GLY A 194 -39.21 -52.33 -31.88
CA GLY A 194 -39.93 -52.65 -33.09
C GLY A 194 -41.06 -53.66 -32.93
N ALA A 195 -41.38 -54.06 -31.70
CA ALA A 195 -42.43 -55.02 -31.41
C ALA A 195 -43.67 -54.30 -30.91
N GLU A 196 -44.73 -55.08 -30.67
CA GLU A 196 -45.99 -54.61 -30.14
C GLU A 196 -46.08 -54.99 -28.66
N ASN A 197 -47.22 -54.68 -28.04
CA ASN A 197 -47.47 -54.96 -26.63
C ASN A 197 -48.40 -56.15 -26.53
N GLN A 198 -47.90 -57.24 -25.94
CA GLN A 198 -48.71 -58.43 -25.72
C GLN A 198 -48.05 -59.30 -24.67
N VAL A 199 -48.79 -60.33 -24.25
CA VAL A 199 -48.32 -61.31 -23.28
C VAL A 199 -48.23 -62.66 -23.98
N ILE A 200 -47.15 -63.38 -23.72
CA ILE A 200 -46.91 -64.69 -24.33
C ILE A 200 -46.78 -65.74 -23.24
N THR A 356 -44.13 -64.10 -19.33
CA THR A 356 -43.22 -63.24 -20.08
C THR A 356 -43.99 -62.36 -21.05
N VAL A 357 -43.97 -61.06 -20.80
CA VAL A 357 -44.65 -60.08 -21.62
C VAL A 357 -43.61 -59.33 -22.45
N LEU A 358 -44.07 -58.78 -23.58
CA LEU A 358 -43.23 -58.04 -24.52
C LEU A 358 -43.71 -56.60 -24.55
N VAL A 359 -42.78 -55.67 -24.30
CA VAL A 359 -43.07 -54.24 -24.32
C VAL A 359 -42.43 -53.65 -25.58
N GLY A 360 -43.27 -53.08 -26.44
CA GLY A 360 -42.77 -52.53 -27.69
C GLY A 360 -42.10 -51.19 -27.49
N ALA A 361 -41.09 -50.94 -28.32
CA ALA A 361 -40.34 -49.69 -28.29
C ALA A 361 -40.01 -49.27 -29.73
N ALA A 362 -39.78 -47.97 -29.90
CA ALA A 362 -39.51 -47.42 -31.22
C ALA A 362 -38.10 -47.77 -31.69
N THR A 363 -37.09 -47.33 -30.94
CA THR A 363 -35.70 -47.58 -31.25
C THR A 363 -35.03 -48.25 -30.06
N GLU A 364 -33.72 -48.46 -30.17
CA GLU A 364 -32.97 -49.13 -29.09
C GLU A 364 -32.84 -48.22 -27.88
N GLU A 365 -32.71 -46.91 -28.08
CA GLU A 365 -32.57 -45.98 -26.96
C GLU A 365 -33.86 -45.85 -26.15
N VAL A 366 -35.02 -46.07 -26.79
CA VAL A 366 -36.30 -45.97 -26.07
C VAL A 366 -36.56 -47.17 -25.18
N VAL A 367 -35.81 -48.27 -25.36
CA VAL A 367 -36.07 -49.48 -24.57
C VAL A 367 -35.76 -49.26 -23.10
N GLY A 368 -34.73 -48.46 -22.79
CA GLY A 368 -34.27 -48.37 -21.41
C GLY A 368 -35.30 -47.85 -20.44
N GLU A 369 -35.95 -46.73 -20.78
CA GLU A 369 -36.98 -46.16 -19.92
C GLU A 369 -38.30 -46.92 -20.01
N ARG A 370 -38.63 -47.47 -21.17
CA ARG A 370 -39.86 -48.26 -21.29
C ARG A 370 -39.80 -49.51 -20.41
N GLU A 371 -38.66 -50.21 -20.42
CA GLU A 371 -38.52 -51.35 -19.52
C GLU A 371 -38.62 -50.91 -18.07
N ARG A 372 -38.07 -49.74 -17.74
CA ARG A 372 -38.13 -49.26 -16.36
C ARG A 372 -39.57 -49.00 -15.92
N VAL A 373 -40.36 -48.33 -16.77
CA VAL A 373 -41.73 -48.04 -16.37
C VAL A 373 -42.56 -49.31 -16.36
N ALA A 374 -42.26 -50.27 -17.24
CA ALA A 374 -42.95 -51.55 -17.19
C ALA A 374 -42.65 -52.27 -15.88
N LYS A 375 -41.39 -52.25 -15.45
CA LYS A 375 -41.03 -52.82 -14.15
C LYS A 375 -41.75 -52.12 -13.01
N ASP A 376 -41.84 -50.79 -13.07
CA ASP A 376 -42.50 -50.05 -12.01
C ASP A 376 -43.98 -50.42 -11.93
N ALA A 377 -44.68 -50.47 -13.07
CA ALA A 377 -46.08 -50.86 -13.05
C ALA A 377 -46.26 -52.30 -12.59
N ALA A 378 -45.33 -53.18 -12.98
CA ALA A 378 -45.39 -54.56 -12.52
C ALA A 378 -45.28 -54.64 -11.01
N SER A 379 -44.33 -53.91 -10.41
CA SER A 379 -44.20 -53.92 -8.96
C SER A 379 -45.41 -53.28 -8.29
N ALA A 380 -45.99 -52.25 -8.89
CA ALA A 380 -47.17 -51.63 -8.29
C ALA A 380 -48.34 -52.61 -8.23
N VAL A 381 -48.68 -53.24 -9.35
CA VAL A 381 -49.75 -54.24 -9.33
C VAL A 381 -49.38 -55.44 -8.49
N GLN A 382 -48.09 -55.75 -8.38
CA GLN A 382 -47.65 -56.82 -7.49
C GLN A 382 -48.01 -56.52 -6.04
N ALA A 383 -47.62 -55.35 -5.56
CA ALA A 383 -47.88 -54.96 -4.18
C ALA A 383 -49.35 -54.72 -3.90
N ALA A 384 -50.12 -54.29 -4.91
CA ALA A 384 -51.52 -53.95 -4.68
C ALA A 384 -52.33 -55.14 -4.20
N ILE A 385 -52.11 -56.32 -4.79
CA ILE A 385 -52.90 -57.49 -4.41
C ILE A 385 -52.55 -57.93 -2.99
N ARG A 386 -51.26 -58.02 -2.68
CA ARG A 386 -50.87 -58.49 -1.35
C ARG A 386 -51.27 -57.52 -0.25
N GLY A 387 -50.93 -56.24 -0.39
CA GLY A 387 -51.08 -55.30 0.70
C GLY A 387 -52.32 -54.46 0.68
N GLY A 388 -53.10 -54.53 -0.39
CA GLY A 388 -54.29 -53.71 -0.51
C GLY A 388 -53.98 -52.34 -1.09
N VAL A 389 -54.84 -51.40 -0.73
CA VAL A 389 -54.86 -50.08 -1.33
C VAL A 389 -54.91 -49.01 -0.24
N VAL A 390 -54.17 -47.93 -0.47
CA VAL A 390 -54.08 -46.79 0.44
C VAL A 390 -54.33 -45.55 -0.42
N PRO A 391 -54.97 -44.48 0.08
CA PRO A 391 -55.14 -43.29 -0.77
C PRO A 391 -53.82 -42.57 -1.04
N GLY A 392 -53.45 -42.48 -2.31
CA GLY A 392 -52.18 -41.90 -2.69
C GLY A 392 -52.23 -40.39 -2.70
N GLY A 393 -51.17 -39.80 -3.24
CA GLY A 393 -51.06 -38.35 -3.30
C GLY A 393 -50.78 -37.69 -1.97
N GLY A 394 -50.32 -38.43 -0.97
CA GLY A 394 -50.01 -37.87 0.32
C GLY A 394 -51.20 -37.72 1.26
N ALA A 395 -52.41 -38.09 0.82
CA ALA A 395 -53.57 -37.99 1.70
C ALA A 395 -53.45 -38.93 2.89
N ALA A 396 -52.96 -40.15 2.67
CA ALA A 396 -52.78 -41.09 3.77
C ALA A 396 -51.76 -40.56 4.77
N GLU A 397 -50.72 -39.89 4.27
CA GLU A 397 -49.74 -39.28 5.16
C GLU A 397 -50.36 -38.21 6.06
N LEU A 398 -51.24 -37.36 5.53
CA LEU A 398 -51.94 -36.42 6.39
C LEU A 398 -52.86 -37.13 7.38
N ALA A 399 -53.57 -38.16 6.91
CA ALA A 399 -54.48 -38.90 7.77
C ALA A 399 -53.76 -39.49 8.97
N VAL A 400 -52.57 -40.05 8.76
CA VAL A 400 -51.79 -40.56 9.88
C VAL A 400 -51.08 -39.45 10.65
N ALA A 401 -50.77 -38.32 10.01
CA ALA A 401 -50.11 -37.23 10.70
C ALA A 401 -51.00 -36.62 11.78
N ARG A 402 -52.31 -36.51 11.52
CA ARG A 402 -53.20 -36.01 12.55
C ARG A 402 -53.18 -36.89 13.79
N GLU A 403 -53.24 -38.21 13.61
CA GLU A 403 -53.20 -39.11 14.74
C GLU A 403 -51.85 -39.11 15.43
N VAL A 404 -50.77 -38.94 14.67
CA VAL A 404 -49.46 -38.86 15.29
C VAL A 404 -49.35 -37.60 16.14
N GLU A 405 -49.97 -36.51 15.70
CA GLU A 405 -50.04 -35.32 16.54
C GLU A 405 -50.86 -35.57 17.81
N LYS A 406 -51.95 -36.33 17.70
CA LYS A 406 -52.68 -36.73 18.90
C LYS A 406 -51.79 -37.51 19.86
N LEU A 407 -51.00 -38.47 19.36
CA LEU A 407 -50.07 -39.16 20.23
C LEU A 407 -49.00 -38.23 20.78
N ALA A 408 -48.60 -37.20 20.02
CA ALA A 408 -47.65 -36.23 20.55
C ALA A 408 -48.21 -35.51 21.75
N GLU A 409 -49.50 -35.17 21.71
CA GLU A 409 -50.20 -34.64 22.88
C GLU A 409 -50.38 -35.71 23.97
N GLU A 410 -50.32 -36.99 23.59
CA GLU A 410 -50.43 -38.11 24.52
C GLU A 410 -49.12 -38.45 25.21
N VAL A 411 -47.97 -38.18 24.59
CA VAL A 411 -46.69 -38.59 25.15
C VAL A 411 -46.28 -37.59 26.24
N LYS A 412 -45.64 -38.10 27.28
CA LYS A 412 -45.22 -37.29 28.42
C LYS A 412 -43.78 -36.82 28.25
N GLY A 413 -43.54 -35.56 28.58
CA GLY A 413 -42.19 -35.05 28.73
C GLY A 413 -41.60 -34.45 27.47
N MET A 414 -40.30 -34.17 27.55
CA MET A 414 -39.54 -33.65 26.41
C MET A 414 -39.54 -34.61 25.22
N GLU A 415 -39.78 -35.89 25.45
CA GLU A 415 -39.70 -36.87 24.37
C GLU A 415 -40.82 -36.70 23.36
N ARG A 416 -41.86 -35.92 23.66
CA ARG A 416 -42.94 -35.72 22.71
C ARG A 416 -42.49 -34.99 21.45
N TYR A 417 -41.53 -34.07 21.57
CA TYR A 417 -41.15 -33.24 20.44
C TYR A 417 -40.52 -34.03 19.30
N GLY A 418 -40.12 -35.27 19.52
CA GLY A 418 -39.87 -36.17 18.40
C GLY A 418 -41.15 -36.62 17.70
N VAL A 419 -42.23 -36.77 18.46
CA VAL A 419 -43.50 -37.15 17.84
C VAL A 419 -44.02 -35.99 16.98
N GLU A 420 -43.87 -34.76 17.46
CA GLU A 420 -44.20 -33.61 16.62
C GLU A 420 -43.32 -33.56 15.38
N ALA A 421 -42.07 -33.97 15.50
CA ALA A 421 -41.19 -34.02 14.33
C ALA A 421 -41.68 -35.05 13.31
N VAL A 422 -42.16 -36.20 13.79
CA VAL A 422 -42.73 -37.17 12.85
C VAL A 422 -44.01 -36.63 12.23
N ALA A 423 -44.83 -35.93 13.02
CA ALA A 423 -46.06 -35.36 12.49
C ALA A 423 -45.78 -34.33 11.40
N GLU A 424 -44.80 -33.45 11.61
CA GLU A 424 -44.47 -32.45 10.59
C GLU A 424 -43.81 -33.12 9.39
N ALA A 425 -42.91 -34.07 9.63
CA ALA A 425 -42.20 -34.72 8.55
C ALA A 425 -43.14 -35.54 7.67
N LEU A 426 -44.23 -36.04 8.23
CA LEU A 426 -45.17 -36.82 7.43
C LEU A 426 -45.94 -35.96 6.44
N LYS A 427 -46.00 -34.65 6.64
CA LYS A 427 -46.68 -33.76 5.71
C LYS A 427 -45.81 -33.30 4.56
N LYS A 428 -44.51 -33.61 4.57
CA LYS A 428 -43.64 -33.18 3.49
C LYS A 428 -43.99 -33.79 2.14
N PRO A 429 -44.36 -35.08 2.04
CA PRO A 429 -44.78 -35.59 0.72
C PRO A 429 -45.92 -34.83 0.08
N LEU A 430 -47.00 -34.55 0.81
CA LEU A 430 -48.11 -33.79 0.24
C LEU A 430 -47.68 -32.36 -0.10
N ARG A 431 -46.88 -31.74 0.76
CA ARG A 431 -46.42 -30.38 0.50
C ARG A 431 -45.59 -30.32 -0.77
N GLN A 432 -44.69 -31.28 -0.97
CA GLN A 432 -43.89 -31.30 -2.18
C GLN A 432 -44.71 -31.67 -3.41
N ILE A 433 -45.74 -32.51 -3.26
CA ILE A 433 -46.60 -32.82 -4.39
C ILE A 433 -47.33 -31.55 -4.84
N VAL A 434 -47.86 -30.77 -3.91
CA VAL A 434 -48.55 -29.55 -4.32
C VAL A 434 -47.55 -28.51 -4.83
N ALA A 435 -46.36 -28.45 -4.25
CA ALA A 435 -45.35 -27.51 -4.75
C ALA A 435 -44.94 -27.84 -6.17
N ASN A 436 -44.73 -29.12 -6.47
CA ASN A 436 -44.40 -29.54 -7.83
C ASN A 436 -45.57 -29.37 -8.78
N ALA A 437 -46.81 -29.44 -8.29
CA ALA A 437 -47.98 -29.20 -9.12
C ALA A 437 -48.14 -27.74 -9.51
N GLY A 438 -47.35 -26.83 -8.94
CA GLY A 438 -47.44 -25.43 -9.26
C GLY A 438 -48.45 -24.65 -8.46
N PHE A 439 -48.77 -25.10 -7.25
CA PHE A 439 -49.65 -24.39 -6.33
C PHE A 439 -48.85 -23.96 -5.11
N ASN A 440 -49.40 -23.00 -4.36
CA ASN A 440 -48.74 -22.51 -3.11
C ASN A 440 -49.01 -23.55 -2.02
N PRO A 441 -48.00 -24.24 -1.46
CA PRO A 441 -48.27 -25.33 -0.50
C PRO A 441 -48.96 -24.88 0.78
N LEU A 442 -48.66 -23.70 1.29
CA LEU A 442 -49.08 -23.33 2.63
C LEU A 442 -50.56 -23.02 2.73
N GLU A 443 -51.21 -22.66 1.61
CA GLU A 443 -52.66 -22.45 1.57
C GLU A 443 -53.41 -23.68 1.10
N LYS A 444 -52.84 -24.46 0.18
CA LYS A 444 -53.47 -25.70 -0.23
C LYS A 444 -53.43 -26.75 0.88
N LEU A 445 -52.47 -26.66 1.79
CA LEU A 445 -52.50 -27.50 2.98
C LEU A 445 -53.54 -27.00 3.97
N GLY A 446 -53.71 -25.68 4.08
CA GLY A 446 -54.70 -25.14 4.99
C GLY A 446 -56.13 -25.44 4.58
N ASP A 447 -56.46 -25.27 3.30
CA ASP A 447 -57.81 -25.51 2.83
C ASP A 447 -58.16 -26.99 2.73
N LEU A 448 -57.16 -27.87 2.75
CA LEU A 448 -57.39 -29.30 2.72
C LEU A 448 -57.96 -29.82 4.03
N ARG A 449 -57.75 -29.11 5.14
CA ARG A 449 -58.25 -29.54 6.44
C ARG A 449 -59.76 -29.37 6.58
N ALA A 450 -60.42 -28.69 5.64
CA ALA A 450 -61.86 -28.48 5.75
C ALA A 450 -62.61 -29.80 5.71
N ALA A 451 -62.36 -30.62 4.70
CA ALA A 451 -63.08 -31.88 4.56
C ALA A 451 -62.53 -32.98 5.47
N HIS A 452 -61.38 -32.76 6.12
CA HIS A 452 -60.90 -33.67 7.15
C HIS A 452 -61.66 -33.52 8.46
N ARG A 453 -62.48 -32.48 8.62
CA ARG A 453 -63.35 -32.37 9.79
C ARG A 453 -64.59 -33.24 9.67
N THR A 454 -64.85 -33.84 8.51
CA THR A 454 -66.05 -34.62 8.29
C THR A 454 -65.96 -36.03 8.84
N GLY A 455 -64.79 -36.46 9.34
CA GLY A 455 -64.60 -37.79 9.85
C GLY A 455 -64.00 -38.77 8.88
N ASN A 456 -64.01 -38.45 7.58
CA ASN A 456 -63.36 -39.27 6.56
C ASN A 456 -61.93 -38.78 6.35
N ASP A 457 -61.00 -39.71 6.28
CA ASP A 457 -59.57 -39.43 6.23
C ASP A 457 -58.94 -40.06 5.00
N SER A 458 -59.57 -39.87 3.84
CA SER A 458 -59.10 -40.39 2.57
C SER A 458 -59.19 -39.39 1.43
N LEU A 459 -59.02 -38.10 1.71
CA LEU A 459 -59.10 -37.05 0.70
C LEU A 459 -57.86 -36.16 0.75
N GLY A 460 -57.49 -35.65 -0.42
CA GLY A 460 -56.34 -34.77 -0.55
C GLY A 460 -56.59 -33.69 -1.58
N ILE A 461 -55.63 -33.46 -2.47
CA ILE A 461 -55.71 -32.40 -3.47
C ILE A 461 -55.23 -32.95 -4.81
N ASP A 462 -56.04 -32.73 -5.85
CA ASP A 462 -55.65 -33.04 -7.21
C ASP A 462 -54.68 -31.98 -7.75
N CYS A 463 -53.87 -32.40 -8.72
CA CYS A 463 -52.72 -31.63 -9.16
C CYS A 463 -52.96 -30.86 -10.46
N ASP A 464 -54.19 -30.83 -10.97
CA ASP A 464 -54.50 -30.18 -12.23
C ASP A 464 -55.34 -28.92 -12.05
N THR A 465 -56.28 -28.93 -11.12
CA THR A 465 -57.11 -27.77 -10.80
C THR A 465 -56.91 -27.26 -9.39
N GLY A 466 -56.14 -27.98 -8.55
CA GLY A 466 -55.84 -27.48 -7.22
C GLY A 466 -56.99 -27.50 -6.25
N GLU A 467 -58.06 -28.23 -6.56
CA GLU A 467 -59.24 -28.31 -5.71
C GLU A 467 -59.19 -29.56 -4.86
N VAL A 468 -59.74 -29.46 -3.65
CA VAL A 468 -59.78 -30.60 -2.73
C VAL A 468 -60.81 -31.60 -3.24
N VAL A 469 -60.40 -32.85 -3.42
CA VAL A 469 -61.28 -33.91 -3.89
C VAL A 469 -60.87 -35.22 -3.24
N ASP A 470 -61.86 -36.06 -2.97
CA ASP A 470 -61.61 -37.36 -2.38
C ASP A 470 -60.83 -38.25 -3.34
N MET A 471 -59.84 -38.96 -2.81
CA MET A 471 -58.89 -39.66 -3.64
C MET A 471 -59.40 -40.99 -4.16
N TRP A 472 -60.45 -41.56 -3.57
CA TRP A 472 -61.08 -42.73 -4.16
C TRP A 472 -61.71 -42.39 -5.50
N GLU A 473 -62.48 -41.29 -5.55
CA GLU A 473 -63.15 -40.91 -6.79
C GLU A 473 -62.16 -40.36 -7.80
N ALA A 474 -61.19 -39.56 -7.34
CA ALA A 474 -60.19 -39.03 -8.25
C ALA A 474 -59.28 -40.12 -8.81
N GLY A 475 -59.21 -41.28 -8.16
CA GLY A 475 -58.43 -42.38 -8.69
C GLY A 475 -56.95 -42.31 -8.40
N VAL A 476 -56.51 -41.40 -7.54
CA VAL A 476 -55.11 -41.29 -7.17
C VAL A 476 -54.88 -42.28 -6.04
N ILE A 477 -54.27 -43.41 -6.37
CA ILE A 477 -54.12 -44.56 -5.47
C ILE A 477 -52.63 -44.88 -5.38
N ASP A 478 -52.22 -45.46 -4.25
CA ASP A 478 -50.86 -45.93 -4.05
C ASP A 478 -50.88 -47.32 -3.40
N PRO A 479 -49.91 -48.20 -3.69
CA PRO A 479 -49.88 -49.48 -2.98
C PRO A 479 -49.57 -49.31 -1.50
N ALA A 480 -50.23 -50.13 -0.68
CA ALA A 480 -50.00 -50.08 0.76
C ALA A 480 -48.57 -50.46 1.13
N PRO A 481 -48.01 -51.59 0.68
CA PRO A 481 -46.66 -51.96 1.10
C PRO A 481 -45.59 -50.96 0.70
N VAL A 482 -45.74 -50.30 -0.44
CA VAL A 482 -44.73 -49.35 -0.88
C VAL A 482 -44.60 -48.21 0.14
N LYS A 483 -45.73 -47.60 0.49
CA LYS A 483 -45.68 -46.50 1.46
C LYS A 483 -45.32 -47.00 2.85
N LEU A 484 -45.81 -48.18 3.25
CA LEU A 484 -45.47 -48.71 4.57
C LEU A 484 -43.97 -48.91 4.71
N HIS A 485 -43.36 -49.59 3.74
CA HIS A 485 -41.93 -49.84 3.80
C HIS A 485 -41.13 -48.56 3.62
N ALA A 486 -41.61 -47.63 2.79
CA ALA A 486 -40.91 -46.36 2.65
C ALA A 486 -40.87 -45.61 3.97
N LEU A 487 -41.99 -45.55 4.68
CA LEU A 487 -42.01 -44.90 5.98
C LEU A 487 -41.14 -45.62 6.99
N LYS A 488 -41.16 -46.96 7.00
CA LYS A 488 -40.32 -47.70 7.93
C LYS A 488 -38.85 -47.43 7.67
N ALA A 489 -38.43 -47.48 6.41
CA ALA A 489 -37.03 -47.22 6.08
C ALA A 489 -36.65 -45.79 6.38
N ALA A 490 -37.53 -44.83 6.11
CA ALA A 490 -37.24 -43.44 6.41
C ALA A 490 -37.05 -43.23 7.91
N GLY A 491 -37.93 -43.82 8.73
CA GLY A 491 -37.75 -43.73 10.16
C GLY A 491 -36.47 -44.38 10.64
N GLU A 492 -36.16 -45.56 10.11
CA GLU A 492 -34.95 -46.27 10.54
C GLU A 492 -33.70 -45.46 10.21
N VAL A 493 -33.60 -44.93 9.00
CA VAL A 493 -32.41 -44.18 8.63
C VAL A 493 -32.37 -42.82 9.30
N ALA A 494 -33.52 -42.18 9.54
CA ALA A 494 -33.52 -40.95 10.31
C ALA A 494 -33.00 -41.18 11.71
N ALA A 495 -33.44 -42.25 12.37
CA ALA A 495 -32.91 -42.57 13.69
C ALA A 495 -31.41 -42.88 13.62
N ALA A 496 -30.99 -43.65 12.62
CA ALA A 496 -29.58 -44.02 12.51
C ALA A 496 -28.68 -42.82 12.27
N ILE A 497 -29.15 -41.80 11.54
CA ILE A 497 -28.32 -40.67 11.18
C ILE A 497 -28.41 -39.62 12.29
N LEU A 498 -29.51 -39.60 13.04
CA LEU A 498 -29.57 -38.76 14.23
C LEU A 498 -28.72 -39.32 15.36
N ARG A 499 -28.49 -40.63 15.36
CA ARG A 499 -27.73 -41.26 16.44
C ARG A 499 -26.24 -40.91 16.40
N ILE A 500 -25.74 -40.37 15.29
CA ILE A 500 -24.32 -40.02 15.20
C ILE A 500 -24.10 -38.72 15.95
N ASN A 501 -22.97 -38.63 16.66
CA ASN A 501 -22.60 -37.47 17.45
C ASN A 501 -21.22 -36.92 17.14
N THR A 502 -20.27 -37.77 16.73
CA THR A 502 -18.90 -37.36 16.50
C THR A 502 -18.38 -37.97 15.20
N ILE A 503 -17.42 -37.27 14.60
CA ILE A 503 -16.76 -37.68 13.37
C ILE A 503 -15.29 -37.88 13.68
N ILE A 504 -14.76 -39.06 13.35
CA ILE A 504 -13.37 -39.41 13.63
C ILE A 504 -12.76 -40.02 12.37
N LYS A 505 -11.46 -39.83 12.20
CA LYS A 505 -10.74 -40.43 11.09
C LYS A 505 -10.13 -41.76 11.50
N MET A 506 -10.13 -42.71 10.57
CA MET A 506 -9.78 -44.10 10.81
C MET A 506 -8.27 -44.24 10.99
N LYS A 507 -7.86 -45.39 11.55
CA LYS A 507 -6.42 -45.65 11.82
C LYS A 507 -5.63 -45.54 10.50
N ALA B 12 24.33 28.74 -18.13
CA ALA B 12 24.13 29.14 -19.52
C ALA B 12 22.74 28.77 -20.01
N ASP B 13 22.22 27.62 -19.59
CA ASP B 13 20.86 27.24 -19.95
C ASP B 13 19.84 28.20 -19.35
N GLU B 14 20.13 28.74 -18.16
CA GLU B 14 19.22 29.70 -17.55
C GLU B 14 19.14 30.99 -18.37
N ARG B 15 20.25 31.39 -19.00
CA ARG B 15 20.21 32.58 -19.84
C ARG B 15 19.33 32.35 -21.07
N PHE B 16 19.48 31.19 -21.71
CA PHE B 16 18.60 30.85 -22.81
C PHE B 16 17.16 30.66 -22.35
N GLN B 17 16.96 30.01 -21.20
CA GLN B 17 15.62 29.83 -20.67
C GLN B 17 14.99 31.18 -20.33
N ALA B 18 15.75 32.07 -19.70
CA ALA B 18 15.26 33.41 -19.40
C ALA B 18 14.88 34.18 -20.66
N LEU B 19 15.57 33.92 -21.76
CA LEU B 19 15.19 34.53 -23.03
C LEU B 19 13.98 33.82 -23.63
N LEU B 20 13.85 32.51 -23.43
CA LEU B 20 12.76 31.77 -24.04
C LEU B 20 11.42 32.18 -23.43
N THR B 21 11.36 32.41 -22.12
CA THR B 21 10.11 32.85 -21.52
C THR B 21 9.74 34.25 -21.99
N ASN B 22 10.74 35.09 -22.24
CA ASN B 22 10.47 36.39 -22.85
C ASN B 22 9.91 36.22 -24.27
N VAL B 23 10.41 35.24 -25.01
CA VAL B 23 9.92 35.02 -26.37
C VAL B 23 8.46 34.58 -26.35
N ASN B 24 8.13 33.63 -25.47
CA ASN B 24 6.78 33.08 -25.46
C ASN B 24 5.76 34.15 -25.05
N ALA B 25 6.17 35.11 -24.22
CA ALA B 25 5.27 36.21 -23.90
C ALA B 25 5.04 37.11 -25.10
N VAL B 26 6.11 37.43 -25.83
CA VAL B 26 5.95 38.21 -27.06
C VAL B 26 5.20 37.39 -28.11
N ARG B 27 5.50 36.09 -28.19
CA ARG B 27 4.80 35.24 -29.15
C ARG B 27 3.32 35.14 -28.82
N ALA B 28 2.99 34.85 -27.55
CA ALA B 28 1.60 34.66 -27.16
C ALA B 28 0.74 35.89 -27.42
N ILE B 29 1.33 37.09 -27.37
CA ILE B 29 0.61 38.28 -27.79
C ILE B 29 0.39 38.26 -29.29
N ALA B 30 1.38 37.78 -30.05
CA ALA B 30 1.28 37.80 -31.51
C ALA B 30 0.19 36.85 -32.00
N ASP B 31 0.15 35.63 -31.46
CA ASP B 31 -0.88 34.68 -31.90
C ASP B 31 -2.28 35.12 -31.50
N ALA B 32 -2.43 36.06 -30.56
CA ALA B 32 -3.74 36.57 -30.24
C ALA B 32 -4.28 37.51 -31.32
N VAL B 33 -3.39 38.20 -32.04
CA VAL B 33 -3.76 39.22 -33.02
C VAL B 33 -3.35 38.86 -34.43
N GLU B 34 -2.61 37.76 -34.64
CA GLU B 34 -2.19 37.43 -35.99
C GLU B 34 -3.35 36.97 -36.85
N GLY B 35 -4.41 36.45 -36.24
CA GLY B 35 -5.56 36.00 -37.00
C GLY B 35 -6.42 37.09 -37.58
N THR B 36 -6.20 38.34 -37.17
CA THR B 36 -7.02 39.46 -37.61
C THR B 36 -6.46 40.19 -38.81
N LEU B 37 -5.34 39.74 -39.37
CA LEU B 37 -4.74 40.43 -40.50
C LEU B 37 -5.54 40.20 -41.77
N GLY B 38 -5.41 41.13 -42.71
CA GLY B 38 -5.95 40.98 -44.03
C GLY B 38 -7.44 41.29 -44.11
N PRO B 39 -7.97 41.38 -45.33
CA PRO B 39 -9.41 41.67 -45.46
C PRO B 39 -10.30 40.55 -44.95
N LYS B 40 -9.79 39.31 -44.89
CA LYS B 40 -10.57 38.16 -44.46
C LYS B 40 -10.23 37.76 -43.03
N GLY B 41 -10.01 38.74 -42.17
CA GLY B 41 -9.62 38.46 -40.80
C GLY B 41 -10.74 37.81 -40.00
N LEU B 42 -10.33 37.14 -38.94
CA LEU B 42 -11.23 36.47 -38.01
C LEU B 42 -11.24 37.21 -36.68
N ASP B 43 -12.44 37.58 -36.22
CA ASP B 43 -12.53 38.33 -34.98
C ASP B 43 -12.10 37.44 -33.81
N VAL B 44 -11.97 38.07 -32.65
CA VAL B 44 -11.41 37.44 -31.46
C VAL B 44 -12.23 37.89 -30.25
N MET B 45 -12.48 36.97 -29.33
CA MET B 45 -13.44 37.16 -28.24
C MET B 45 -12.68 37.41 -26.94
N LEU B 46 -13.07 38.49 -26.24
CA LEU B 46 -12.54 38.80 -24.92
C LEU B 46 -13.62 38.53 -23.88
N VAL B 47 -13.28 37.71 -22.89
CA VAL B 47 -14.20 37.37 -21.80
C VAL B 47 -13.74 38.06 -20.52
N ASP B 48 -14.67 38.20 -19.57
CA ASP B 48 -14.41 38.80 -18.27
C ASP B 48 -14.69 37.79 -17.17
N LYS B 49 -14.51 38.25 -15.92
CA LYS B 49 -15.04 37.51 -14.79
C LYS B 49 -16.56 37.63 -14.73
N PHE B 50 -17.08 38.80 -15.11
CA PHE B 50 -18.52 39.04 -15.13
C PHE B 50 -19.20 38.50 -16.38
N GLY B 51 -18.43 38.09 -17.39
CA GLY B 51 -18.99 37.44 -18.56
C GLY B 51 -19.30 38.34 -19.73
N GLU B 52 -19.17 39.65 -19.59
CA GLU B 52 -19.46 40.54 -20.72
C GLU B 52 -18.43 40.33 -21.82
N VAL B 53 -18.90 40.30 -23.07
CA VAL B 53 -18.08 39.93 -24.21
C VAL B 53 -17.56 41.19 -24.90
N THR B 54 -16.57 41.00 -25.77
CA THR B 54 -16.11 42.05 -26.67
C THR B 54 -15.61 41.37 -27.94
N ILE B 55 -16.46 41.33 -28.96
CA ILE B 55 -16.14 40.70 -30.23
C ILE B 55 -15.59 41.79 -31.14
N THR B 56 -14.31 41.70 -31.46
CA THR B 56 -13.63 42.73 -32.22
C THR B 56 -12.59 42.10 -33.14
N ASN B 57 -12.36 42.75 -34.27
CA ASN B 57 -11.31 42.36 -35.22
C ASN B 57 -10.21 43.41 -35.36
N ASP B 58 -10.47 44.66 -35.02
CA ASP B 58 -9.41 45.66 -35.04
C ASP B 58 -8.49 45.43 -33.84
N GLY B 59 -7.19 45.37 -34.11
CA GLY B 59 -6.24 45.00 -33.07
C GLY B 59 -5.90 46.10 -32.10
N VAL B 60 -6.22 47.36 -32.41
CA VAL B 60 -6.01 48.43 -31.47
C VAL B 60 -6.74 48.15 -30.17
N THR B 61 -8.03 47.81 -30.27
CA THR B 61 -8.80 47.43 -29.09
C THR B 61 -8.31 46.13 -28.49
N ILE B 62 -7.91 45.15 -29.30
CA ILE B 62 -7.56 43.84 -28.73
C ILE B 62 -6.25 43.93 -27.97
N LEU B 63 -5.43 44.94 -28.25
CA LEU B 63 -4.26 45.20 -27.43
C LEU B 63 -4.58 46.11 -26.26
N ASP B 64 -5.53 47.04 -26.44
CA ASP B 64 -5.85 47.97 -25.36
C ASP B 64 -6.62 47.31 -24.23
N GLN B 65 -7.36 46.23 -24.52
CA GLN B 65 -8.37 45.69 -23.62
C GLN B 65 -8.09 44.25 -23.19
N MET B 66 -6.85 43.79 -23.31
CA MET B 66 -6.49 42.42 -22.96
C MET B 66 -5.62 42.38 -21.72
N ASP B 67 -5.64 41.23 -21.06
CA ASP B 67 -4.84 41.01 -19.87
C ASP B 67 -3.43 40.60 -20.28
N VAL B 68 -2.47 41.51 -20.05
CA VAL B 68 -1.06 41.24 -20.26
C VAL B 68 -0.38 41.26 -18.91
N GLN B 69 0.29 40.16 -18.57
CA GLN B 69 0.91 39.97 -17.28
C GLN B 69 2.42 39.88 -17.32
N HIS B 70 2.99 39.39 -18.42
CA HIS B 70 4.43 39.30 -18.51
C HIS B 70 5.03 40.70 -18.74
N PRO B 71 6.22 40.99 -18.20
CA PRO B 71 6.89 42.25 -18.57
C PRO B 71 7.12 42.41 -20.06
N ALA B 72 7.46 41.32 -20.74
CA ALA B 72 7.71 41.38 -22.17
C ALA B 72 6.47 41.81 -22.93
N ALA B 73 5.31 41.26 -22.57
CA ALA B 73 4.06 41.68 -23.19
C ALA B 73 3.80 43.15 -22.91
N ARG B 74 4.10 43.60 -21.69
CA ARG B 74 3.91 45.01 -21.36
C ARG B 74 4.75 45.89 -22.28
N MET B 75 6.00 45.51 -22.51
CA MET B 75 6.86 46.30 -23.40
C MET B 75 6.33 46.30 -24.82
N LEU B 76 5.85 45.15 -25.30
CA LEU B 76 5.37 45.08 -26.68
C LEU B 76 4.12 45.93 -26.87
N ILE B 77 3.18 45.85 -25.94
CA ILE B 77 2.00 46.71 -26.05
C ILE B 77 2.38 48.17 -25.88
N GLN B 78 3.36 48.48 -25.05
CA GLN B 78 3.77 49.87 -24.87
C GLN B 78 4.32 50.44 -26.17
N VAL B 79 5.23 49.73 -26.83
CA VAL B 79 5.81 50.27 -28.06
C VAL B 79 4.78 50.26 -29.19
N ALA B 80 3.88 49.28 -29.23
CA ALA B 80 2.81 49.31 -30.22
C ALA B 80 1.88 50.49 -30.01
N ARG B 81 1.54 50.80 -28.75
CA ARG B 81 0.72 51.97 -28.47
C ARG B 81 1.44 53.25 -28.83
N ALA B 82 2.76 53.31 -28.62
CA ALA B 82 3.51 54.47 -29.06
C ALA B 82 3.44 54.62 -30.58
N GLN B 83 3.55 53.50 -31.30
CA GLN B 83 3.38 53.52 -32.74
C GLN B 83 2.00 54.06 -33.12
N GLU B 84 0.97 53.64 -32.37
CA GLU B 84 -0.37 54.17 -32.59
C GLU B 84 -0.41 55.68 -32.37
N GLU B 85 0.21 56.16 -31.29
CA GLU B 85 0.24 57.59 -31.01
C GLU B 85 0.94 58.35 -32.12
N GLU B 86 1.95 57.73 -32.75
CA GLU B 86 2.66 58.41 -33.84
C GLU B 86 1.74 58.68 -35.02
N VAL B 87 0.91 57.70 -35.40
CA VAL B 87 0.05 57.78 -36.58
C VAL B 87 -1.40 57.49 -36.22
N GLY B 88 -1.66 56.33 -35.61
CA GLY B 88 -3.01 55.88 -35.32
C GLY B 88 -3.42 54.57 -35.97
N ASP B 89 -2.48 53.84 -36.56
CA ASP B 89 -2.78 52.55 -37.16
C ASP B 89 -1.47 51.78 -37.33
N GLY B 90 -1.58 50.53 -37.77
CA GLY B 90 -0.41 49.71 -37.97
C GLY B 90 0.13 49.05 -36.71
N THR B 91 -0.61 49.10 -35.61
CA THR B 91 -0.18 48.40 -34.40
C THR B 91 -0.14 46.90 -34.61
N THR B 92 -1.11 46.34 -35.34
CA THR B 92 -1.19 44.89 -35.47
C THR B 92 -0.06 44.34 -36.32
N THR B 93 0.22 44.98 -37.46
CA THR B 93 1.31 44.51 -38.29
C THR B 93 2.65 44.67 -37.58
N ALA B 94 2.81 45.73 -36.78
CA ALA B 94 4.02 45.88 -35.99
C ALA B 94 4.15 44.77 -34.97
N THR B 95 3.05 44.42 -34.29
CA THR B 95 3.10 43.34 -33.32
C THR B 95 3.46 42.01 -33.98
N VAL B 96 2.85 41.72 -35.12
CA VAL B 96 3.15 40.46 -35.81
C VAL B 96 4.60 40.43 -36.28
N LEU B 97 5.09 41.55 -36.82
CA LEU B 97 6.48 41.61 -37.25
C LEU B 97 7.43 41.41 -36.07
N ALA B 98 7.12 42.03 -34.94
CA ALA B 98 7.96 41.85 -33.76
C ALA B 98 7.96 40.41 -33.30
N GLY B 99 6.79 39.77 -33.29
CA GLY B 99 6.72 38.37 -32.92
C GLY B 99 7.52 37.49 -33.85
N ALA B 100 7.42 37.74 -35.16
CA ALA B 100 8.18 36.94 -36.12
C ALA B 100 9.67 37.15 -35.96
N LEU B 101 10.11 38.41 -35.81
CA LEU B 101 11.53 38.68 -35.62
C LEU B 101 12.05 37.99 -34.37
N VAL B 102 11.31 38.07 -33.28
CA VAL B 102 11.76 37.48 -32.02
C VAL B 102 11.80 35.96 -32.13
N SER B 103 10.78 35.37 -32.75
CA SER B 103 10.72 33.92 -32.87
C SER B 103 11.86 33.39 -33.72
N GLU B 104 12.16 34.13 -34.78
CA GLU B 104 13.22 33.72 -35.73
C GLU B 104 14.59 33.98 -35.08
N GLY B 105 14.71 34.96 -34.20
CA GLY B 105 15.94 35.18 -33.46
C GLY B 105 16.22 34.06 -32.48
N VAL B 106 15.21 33.65 -31.71
CA VAL B 106 15.42 32.55 -30.79
C VAL B 106 15.63 31.24 -31.54
N ASN B 107 15.00 31.07 -32.71
CA ASN B 107 15.24 29.86 -33.50
C ASN B 107 16.70 29.80 -33.94
N GLN B 108 17.27 30.92 -34.35
CA GLN B 108 18.68 30.94 -34.73
C GLN B 108 19.59 30.78 -33.53
N VAL B 109 19.17 31.29 -32.36
CA VAL B 109 19.96 31.09 -31.15
C VAL B 109 19.99 29.62 -30.77
N GLU B 110 18.88 28.90 -31.00
CA GLU B 110 18.84 27.48 -30.67
C GLU B 110 19.86 26.71 -31.50
N GLN B 111 20.00 27.05 -32.78
CA GLN B 111 20.94 26.35 -33.65
C GLN B 111 22.39 26.50 -33.20
N GLY B 112 22.71 27.58 -32.48
CA GLY B 112 24.04 27.76 -31.93
C GLY B 112 24.59 29.17 -32.01
N VAL B 113 23.84 30.08 -32.65
CA VAL B 113 24.32 31.46 -32.82
C VAL B 113 24.25 32.17 -31.47
N PRO B 114 25.32 32.78 -30.98
CA PRO B 114 25.20 33.60 -29.78
C PRO B 114 24.28 34.79 -30.01
N VAL B 115 23.65 35.23 -28.92
CA VAL B 115 22.57 36.21 -29.04
C VAL B 115 23.03 37.55 -29.58
N SER B 116 24.23 38.02 -29.21
CA SER B 116 24.66 39.34 -29.65
C SER B 116 24.84 39.39 -31.16
N ARG B 117 25.29 38.29 -31.76
CA ARG B 117 25.41 38.26 -33.21
C ARG B 117 24.05 38.36 -33.87
N VAL B 118 23.07 37.64 -33.33
CA VAL B 118 21.70 37.74 -33.84
C VAL B 118 21.19 39.17 -33.71
N ILE B 119 21.51 39.81 -32.58
CA ILE B 119 21.01 41.17 -32.34
C ILE B 119 21.58 42.15 -33.36
N GLU B 120 22.89 42.10 -33.59
CA GLU B 120 23.48 43.04 -34.53
C GLU B 120 23.05 42.75 -35.96
N GLY B 121 22.96 41.47 -36.33
CA GLY B 121 22.45 41.13 -37.65
C GLY B 121 21.03 41.60 -37.85
N LEU B 122 20.18 41.43 -36.84
CA LEU B 122 18.80 41.91 -36.91
C LEU B 122 18.76 43.42 -37.04
N ARG B 123 19.64 44.12 -36.31
CA ARG B 123 19.68 45.57 -36.40
C ARG B 123 19.99 46.02 -37.82
N ARG B 124 21.05 45.47 -38.42
CA ARG B 124 21.40 45.92 -39.76
C ARG B 124 20.36 45.50 -40.79
N GLY B 125 19.80 44.30 -40.64
CA GLY B 125 18.77 43.86 -41.56
C GLY B 125 17.54 44.74 -41.52
N VAL B 126 17.10 45.11 -40.32
CA VAL B 126 15.94 46.00 -40.21
C VAL B 126 16.28 47.38 -40.73
N GLU B 127 17.52 47.84 -40.51
CA GLU B 127 17.91 49.16 -40.99
C GLU B 127 17.81 49.22 -42.52
N ARG B 128 18.41 48.27 -43.22
CA ARG B 128 18.29 48.34 -44.67
C ARG B 128 16.91 47.91 -45.16
N ALA B 129 16.15 47.13 -44.41
CA ALA B 129 14.76 46.89 -44.79
C ALA B 129 13.98 48.19 -44.78
N LEU B 130 14.19 49.02 -43.76
CA LEU B 130 13.64 50.36 -43.75
C LEU B 130 14.11 51.14 -44.97
N GLU B 131 15.38 50.97 -45.35
CA GLU B 131 15.90 51.72 -46.50
C GLU B 131 15.17 51.35 -47.78
N LEU B 132 15.04 50.05 -48.07
CA LEU B 132 14.32 49.68 -49.28
C LEU B 132 12.84 50.01 -49.21
N LEU B 133 12.20 49.94 -48.05
CA LEU B 133 10.82 50.40 -47.97
C LEU B 133 10.72 51.89 -48.25
N ARG B 134 11.71 52.67 -47.82
CA ARG B 134 11.77 54.08 -48.20
C ARG B 134 11.89 54.22 -49.72
N LYS B 135 12.78 53.44 -50.33
CA LYS B 135 13.06 53.62 -51.75
C LYS B 135 11.87 53.23 -52.61
N GLN B 136 11.22 52.09 -52.30
CA GLN B 136 10.18 51.59 -53.17
C GLN B 136 8.87 52.36 -53.05
N ALA B 137 8.66 53.08 -51.95
CA ALA B 137 7.40 53.78 -51.74
C ALA B 137 7.18 54.83 -52.84
N LEU B 138 5.97 54.82 -53.40
CA LEU B 138 5.61 55.66 -54.52
C LEU B 138 4.71 56.81 -54.06
N PRO B 139 5.07 58.08 -54.27
CA PRO B 139 4.15 59.15 -53.83
C PRO B 139 2.89 59.17 -54.67
N VAL B 140 1.82 59.68 -54.07
CA VAL B 140 0.52 59.75 -54.71
C VAL B 140 0.36 61.09 -55.40
N GLU B 141 -0.43 61.10 -56.48
CA GLU B 141 -0.66 62.27 -57.31
C GLU B 141 -2.06 62.80 -57.02
N GLY B 142 -2.13 63.92 -56.32
CA GLY B 142 -3.38 64.59 -56.06
C GLY B 142 -4.32 63.77 -55.17
N LEU B 143 -5.36 64.44 -54.69
CA LEU B 143 -6.39 63.81 -53.86
C LEU B 143 -7.54 63.23 -54.68
N ASP B 144 -7.51 63.37 -56.00
CA ASP B 144 -8.51 62.78 -56.87
C ASP B 144 -8.12 61.40 -57.37
N ASP B 145 -6.94 60.90 -57.01
CA ASP B 145 -6.50 59.61 -57.50
C ASP B 145 -7.37 58.49 -56.90
N PRO B 146 -7.64 57.41 -57.64
CA PRO B 146 -8.37 56.29 -57.03
C PRO B 146 -7.60 55.57 -55.94
N ARG B 147 -6.28 55.78 -55.83
CA ARG B 147 -5.54 55.14 -54.74
C ARG B 147 -6.02 55.62 -53.38
N LEU B 148 -6.43 56.88 -53.28
CA LEU B 148 -7.03 57.37 -52.05
C LEU B 148 -8.29 56.59 -51.71
N ARG B 149 -9.15 56.37 -52.72
CA ARG B 149 -10.34 55.56 -52.51
C ARG B 149 -9.98 54.14 -52.10
N ALA B 150 -8.90 53.60 -52.65
CA ALA B 150 -8.49 52.24 -52.31
C ALA B 150 -8.07 52.15 -50.84
N VAL B 151 -7.21 53.07 -50.40
CA VAL B 151 -6.77 53.02 -49.00
C VAL B 151 -7.94 53.28 -48.08
N ALA B 152 -8.85 54.17 -48.46
CA ALA B 152 -10.02 54.41 -47.63
C ALA B 152 -10.90 53.17 -47.54
N ARG B 153 -11.11 52.47 -48.65
CA ARG B 153 -11.96 51.29 -48.65
C ARG B 153 -11.34 50.19 -47.81
N ILE B 154 -10.05 49.92 -47.99
CA ILE B 154 -9.42 48.86 -47.20
C ILE B 154 -9.27 49.26 -45.74
N ALA B 155 -9.26 50.56 -45.43
CA ALA B 155 -9.18 51.00 -44.04
C ALA B 155 -10.53 51.02 -43.34
N ALA B 156 -11.64 50.88 -44.08
CA ALA B 156 -12.99 50.98 -43.52
C ALA B 156 -13.69 49.63 -43.47
N ARG B 157 -12.93 48.54 -43.37
CA ARG B 157 -13.49 47.18 -43.38
C ARG B 157 -14.36 46.95 -44.61
N GLU B 158 -13.92 47.48 -45.75
CA GLU B 158 -14.60 47.28 -47.03
C GLU B 158 -16.03 47.81 -46.99
N ARG B 159 -16.24 48.91 -46.26
CA ARG B 159 -17.52 49.62 -46.23
C ARG B 159 -17.32 50.98 -46.89
N GLU B 160 -18.01 51.19 -48.01
CA GLU B 160 -17.71 52.31 -48.88
C GLU B 160 -18.24 53.65 -48.38
N ASP B 161 -19.22 53.66 -47.48
CA ASP B 161 -19.72 54.93 -46.98
C ASP B 161 -18.67 55.68 -46.19
N ILE B 162 -17.98 55.00 -45.26
CA ILE B 162 -16.92 55.65 -44.53
C ILE B 162 -15.82 56.09 -45.48
N ALA B 163 -15.53 55.25 -46.49
CA ALA B 163 -14.46 55.58 -47.42
C ALA B 163 -14.79 56.85 -48.21
N ASP B 164 -15.99 56.93 -48.79
CA ASP B 164 -16.27 58.06 -49.65
C ASP B 164 -16.44 59.34 -48.84
N LEU B 165 -17.05 59.28 -47.65
CA LEU B 165 -17.12 60.48 -46.84
C LEU B 165 -15.74 60.92 -46.36
N VAL B 166 -14.87 59.97 -46.02
CA VAL B 166 -13.53 60.33 -45.55
C VAL B 166 -12.75 61.02 -46.66
N VAL B 167 -12.76 60.46 -47.87
CA VAL B 167 -12.00 61.11 -48.93
C VAL B 167 -12.65 62.44 -49.32
N GLU B 168 -13.98 62.55 -49.18
CA GLU B 168 -14.64 63.83 -49.40
C GLU B 168 -14.09 64.89 -48.44
N ALA B 169 -14.02 64.55 -47.16
CA ALA B 169 -13.45 65.48 -46.18
C ALA B 169 -11.99 65.77 -46.51
N ALA B 170 -11.24 64.75 -46.94
CA ALA B 170 -9.82 64.94 -47.22
C ALA B 170 -9.61 65.94 -48.34
N ARG B 171 -10.40 65.84 -49.42
CA ARG B 171 -10.31 66.85 -50.46
C ARG B 171 -10.87 68.19 -50.02
N HIS B 172 -11.84 68.20 -49.10
CA HIS B 172 -12.37 69.46 -48.60
C HIS B 172 -11.33 70.25 -47.82
N ILE B 173 -10.45 69.56 -47.07
CA ILE B 173 -9.51 70.26 -46.20
C ILE B 173 -8.48 71.02 -47.03
N GLY B 174 -7.66 70.29 -47.80
CA GLY B 174 -6.62 70.90 -48.63
C GLY B 174 -5.28 70.20 -48.55
N GLU B 175 -4.49 70.32 -49.62
CA GLU B 175 -3.21 69.63 -49.68
C GLU B 175 -2.24 70.15 -48.63
N ASP B 176 -1.94 71.45 -48.67
CA ASP B 176 -1.05 72.04 -47.69
C ASP B 176 -1.60 71.93 -46.27
N LYS B 177 -2.93 71.99 -46.12
CA LYS B 177 -3.52 71.79 -44.81
C LYS B 177 -3.23 70.39 -44.29
N LEU B 178 -3.34 69.38 -45.15
CA LEU B 178 -2.94 68.03 -44.76
C LEU B 178 -1.45 67.92 -44.51
N GLN B 179 -0.64 68.74 -45.15
CA GLN B 179 0.81 68.68 -44.96
C GLN B 179 1.25 69.18 -43.58
N ASP B 180 0.38 69.85 -42.83
CA ASP B 180 0.78 70.39 -41.53
C ASP B 180 1.02 69.24 -40.55
N PRO B 181 2.22 69.08 -39.97
CA PRO B 181 2.41 67.94 -39.06
C PRO B 181 1.73 68.10 -37.72
N ASN B 182 1.32 69.31 -37.34
CA ASN B 182 0.73 69.55 -36.03
C ASN B 182 -0.78 69.35 -36.01
N PHE B 183 -1.39 68.96 -37.14
CA PHE B 183 -2.85 68.90 -37.27
C PHE B 183 -3.23 67.49 -37.70
N LYS B 184 -3.98 66.81 -36.83
CA LYS B 184 -4.41 65.43 -37.06
C LYS B 184 -5.88 65.41 -37.47
N LEU B 185 -6.20 64.57 -38.44
CA LEU B 185 -7.60 64.37 -38.82
C LEU B 185 -8.36 63.50 -37.84
N ALA B 186 -7.67 62.77 -36.96
CA ALA B 186 -8.35 61.88 -36.03
C ALA B 186 -9.24 62.63 -35.06
N ASP B 187 -8.85 63.83 -34.66
CA ASP B 187 -9.64 64.66 -33.76
C ASP B 187 -10.71 65.47 -34.47
N THR B 188 -10.75 65.44 -35.80
CA THR B 188 -11.72 66.22 -36.57
C THR B 188 -12.95 65.42 -36.97
N VAL B 189 -13.14 64.22 -36.43
CA VAL B 189 -14.26 63.35 -36.76
C VAL B 189 -15.09 63.14 -35.50
N THR B 190 -16.41 63.17 -35.66
CA THR B 190 -17.34 62.92 -34.57
C THR B 190 -18.48 62.05 -35.09
N ALA B 191 -18.84 61.02 -34.33
CA ALA B 191 -19.91 60.10 -34.70
C ALA B 191 -21.07 60.24 -33.72
N ARG B 192 -22.29 60.09 -34.23
CA ARG B 192 -23.50 60.20 -33.43
C ARG B 192 -24.51 59.16 -33.89
N GLU B 193 -25.45 58.84 -33.01
CA GLU B 193 -26.48 57.87 -33.31
C GLU B 193 -27.67 58.54 -33.99
N GLY B 194 -28.26 57.83 -34.95
CA GLY B 194 -29.43 58.33 -35.63
C GLY B 194 -29.20 59.46 -36.61
N ALA B 195 -27.94 59.81 -36.88
CA ALA B 195 -27.60 60.89 -37.78
C ALA B 195 -27.23 60.32 -39.16
N GLU B 196 -27.04 61.23 -40.12
CA GLU B 196 -26.61 60.88 -41.47
C GLU B 196 -25.11 61.12 -41.59
N ASN B 197 -24.57 60.80 -42.77
CA ASN B 197 -23.15 60.92 -43.07
C ASN B 197 -22.95 62.19 -43.90
N GLN B 198 -22.39 63.22 -43.26
CA GLN B 198 -22.09 64.47 -43.97
C GLN B 198 -21.04 65.23 -43.19
N VAL B 199 -20.44 66.22 -43.86
CA VAL B 199 -19.43 67.10 -43.28
C VAL B 199 -20.02 68.50 -43.21
N ILE B 200 -19.87 69.14 -42.06
CA ILE B 200 -20.40 70.49 -41.83
C ILE B 200 -19.24 71.48 -41.81
N THR B 356 -15.92 69.24 -39.09
CA THR B 356 -16.62 68.20 -38.34
C THR B 356 -17.30 67.23 -39.29
N VAL B 357 -16.70 66.06 -39.46
CA VAL B 357 -17.24 65.02 -40.33
C VAL B 357 -18.18 64.18 -39.48
N LEU B 358 -19.49 64.33 -39.71
CA LEU B 358 -20.48 63.60 -38.94
C LEU B 358 -20.63 62.19 -39.50
N VAL B 359 -20.43 61.20 -38.64
CA VAL B 359 -20.55 59.78 -39.01
C VAL B 359 -21.80 59.24 -38.34
N GLY B 360 -22.79 58.86 -39.15
CA GLY B 360 -24.05 58.39 -38.61
C GLY B 360 -23.94 56.96 -38.10
N ALA B 361 -24.88 56.61 -37.22
CA ALA B 361 -24.95 55.28 -36.63
C ALA B 361 -26.39 54.95 -36.31
N ALA B 362 -26.67 53.64 -36.18
CA ALA B 362 -28.03 53.20 -35.94
C ALA B 362 -28.47 53.47 -34.50
N THR B 363 -27.77 52.87 -33.53
CA THR B 363 -28.06 53.02 -32.11
C THR B 363 -26.84 53.56 -31.38
N GLU B 364 -26.97 53.70 -30.07
CA GLU B 364 -25.86 54.23 -29.27
C GLU B 364 -24.69 53.25 -29.21
N GLU B 365 -24.98 51.95 -29.15
CA GLU B 365 -23.91 50.96 -29.07
C GLU B 365 -23.10 50.87 -30.36
N VAL B 366 -23.67 51.27 -31.49
CA VAL B 366 -22.95 51.24 -32.76
C VAL B 366 -22.05 52.45 -32.94
N VAL B 367 -22.17 53.47 -32.10
CA VAL B 367 -21.41 54.70 -32.29
C VAL B 367 -19.92 54.45 -32.09
N GLY B 368 -19.56 53.59 -31.12
CA GLY B 368 -18.16 53.43 -30.77
C GLY B 368 -17.33 52.87 -31.91
N GLU B 369 -17.77 51.75 -32.49
CA GLU B 369 -17.00 51.13 -33.56
C GLU B 369 -16.98 52.01 -34.80
N ARG B 370 -18.08 52.69 -35.12
CA ARG B 370 -18.10 53.56 -36.28
C ARG B 370 -17.17 54.75 -36.09
N GLU B 371 -17.13 55.32 -34.88
CA GLU B 371 -16.19 56.40 -34.61
C GLU B 371 -14.76 55.89 -34.72
N ARG B 372 -14.51 54.66 -34.25
CA ARG B 372 -13.15 54.12 -34.31
C ARG B 372 -12.70 53.90 -35.74
N VAL B 373 -13.55 53.31 -36.59
CA VAL B 373 -13.16 53.16 -37.98
C VAL B 373 -13.07 54.50 -38.69
N ALA B 374 -13.86 55.50 -38.26
CA ALA B 374 -13.70 56.84 -38.81
C ALA B 374 -12.31 57.38 -38.51
N LYS B 375 -11.85 57.24 -37.26
CA LYS B 375 -10.51 57.66 -36.91
C LYS B 375 -9.46 56.90 -37.71
N ASP B 376 -9.68 55.59 -37.87
CA ASP B 376 -8.71 54.77 -38.58
C ASP B 376 -8.58 55.21 -40.04
N ALA B 377 -9.72 55.43 -40.71
CA ALA B 377 -9.69 55.87 -42.10
C ALA B 377 -9.08 57.26 -42.21
N ALA B 378 -9.39 58.15 -41.27
CA ALA B 378 -8.80 59.48 -41.29
C ALA B 378 -7.29 59.42 -41.16
N SER B 379 -6.86 58.56 -40.25
CA SER B 379 -5.43 58.46 -39.98
C SER B 379 -4.77 57.86 -41.22
N ALA B 380 -5.38 56.88 -41.88
CA ALA B 380 -4.83 56.24 -43.07
C ALA B 380 -4.70 57.23 -44.22
N VAL B 381 -5.74 58.02 -44.47
CA VAL B 381 -5.65 58.97 -45.58
C VAL B 381 -4.64 60.06 -45.25
N GLN B 382 -4.53 60.47 -43.98
CA GLN B 382 -3.52 61.44 -43.59
C GLN B 382 -2.12 60.93 -43.91
N ALA B 383 -1.84 59.68 -43.54
CA ALA B 383 -0.55 59.09 -43.88
C ALA B 383 -0.38 59.00 -45.39
N ALA B 384 -1.46 58.72 -46.12
CA ALA B 384 -1.37 58.60 -47.57
C ALA B 384 -0.93 59.92 -48.20
N ILE B 385 -1.51 61.05 -47.76
CA ILE B 385 -1.04 62.33 -48.29
C ILE B 385 0.37 62.61 -47.80
N ARG B 386 0.68 62.24 -46.56
CA ARG B 386 1.97 62.62 -45.99
C ARG B 386 3.14 61.95 -46.68
N GLY B 387 3.05 60.63 -46.94
CA GLY B 387 4.21 59.87 -47.38
C GLY B 387 3.99 58.86 -48.48
N GLY B 388 2.90 59.00 -49.23
CA GLY B 388 2.69 58.16 -50.39
C GLY B 388 2.07 56.81 -50.04
N VAL B 389 2.32 55.85 -50.94
CA VAL B 389 1.65 54.55 -50.91
C VAL B 389 2.68 53.46 -51.17
N VAL B 390 2.49 52.33 -50.49
CA VAL B 390 3.29 51.12 -50.65
C VAL B 390 2.32 49.98 -50.96
N PRO B 391 2.64 49.03 -51.86
CA PRO B 391 1.69 47.92 -52.11
C PRO B 391 1.38 47.10 -50.88
N GLY B 392 0.11 47.11 -50.48
CA GLY B 392 -0.32 46.42 -49.29
C GLY B 392 -0.49 44.93 -49.51
N GLY B 393 -0.89 44.25 -48.45
CA GLY B 393 -1.07 42.81 -48.47
C GLY B 393 0.20 42.01 -48.30
N GLY B 394 1.34 42.66 -48.12
CA GLY B 394 2.60 41.98 -47.91
C GLY B 394 3.49 41.84 -49.13
N ALA B 395 3.15 42.49 -50.25
CA ALA B 395 4.00 42.42 -51.42
C ALA B 395 5.32 43.15 -51.19
N ALA B 396 5.25 44.37 -50.64
CA ALA B 396 6.46 45.10 -50.30
C ALA B 396 7.27 44.35 -49.24
N GLU B 397 6.58 43.66 -48.34
CA GLU B 397 7.28 42.79 -47.39
C GLU B 397 8.10 41.73 -48.13
N LEU B 398 7.52 41.10 -49.15
CA LEU B 398 8.26 40.10 -49.91
C LEU B 398 9.45 40.71 -50.64
N ALA B 399 9.26 41.89 -51.22
CA ALA B 399 10.35 42.54 -51.93
C ALA B 399 11.52 42.83 -51.00
N VAL B 400 11.24 43.50 -49.88
CA VAL B 400 12.31 43.80 -48.94
C VAL B 400 12.88 42.53 -48.32
N ALA B 401 12.09 41.46 -48.22
CA ALA B 401 12.64 40.19 -47.74
C ALA B 401 13.66 39.64 -48.72
N ARG B 402 13.37 39.73 -50.03
CA ARG B 402 14.35 39.27 -51.01
C ARG B 402 15.63 40.10 -50.95
N GLU B 403 15.50 41.43 -50.86
CA GLU B 403 16.71 42.25 -50.79
C GLU B 403 17.49 41.99 -49.49
N VAL B 404 16.80 41.75 -48.38
CA VAL B 404 17.48 41.44 -47.14
C VAL B 404 18.17 40.08 -47.21
N GLU B 405 17.60 39.11 -47.94
CA GLU B 405 18.31 37.86 -48.18
C GLU B 405 19.58 38.11 -48.99
N LYS B 406 19.51 39.02 -49.95
CA LYS B 406 20.72 39.37 -50.70
C LYS B 406 21.78 39.95 -49.77
N LEU B 407 21.38 40.83 -48.85
CA LEU B 407 22.34 41.35 -47.88
C LEU B 407 22.87 40.23 -46.98
N ALA B 408 22.01 39.28 -46.60
CA ALA B 408 22.47 38.15 -45.80
C ALA B 408 23.58 37.39 -46.51
N GLU B 409 23.41 37.13 -47.80
CA GLU B 409 24.49 36.57 -48.60
C GLU B 409 25.68 37.52 -48.72
N GLU B 410 25.47 38.82 -48.50
CA GLU B 410 26.52 39.83 -48.52
C GLU B 410 27.27 39.99 -47.21
N VAL B 411 26.66 39.67 -46.07
CA VAL B 411 27.26 39.94 -44.76
C VAL B 411 28.26 38.84 -44.43
N LYS B 412 29.34 39.23 -43.75
CA LYS B 412 30.42 38.33 -43.36
C LYS B 412 30.23 37.89 -41.92
N GLY B 413 30.62 36.65 -41.63
CA GLY B 413 30.74 36.17 -40.27
C GLY B 413 29.45 35.54 -39.77
N MET B 414 29.48 35.19 -38.47
CA MET B 414 28.32 34.62 -37.81
C MET B 414 27.15 35.58 -37.72
N GLU B 415 27.39 36.88 -37.90
CA GLU B 415 26.34 37.87 -37.70
C GLU B 415 25.27 37.79 -38.78
N ARG B 416 25.53 37.13 -39.90
CA ARG B 416 24.55 37.11 -40.99
C ARG B 416 23.26 36.40 -40.60
N TYR B 417 23.30 35.46 -39.67
CA TYR B 417 22.13 34.65 -39.36
C TYR B 417 21.02 35.45 -38.68
N GLY B 418 21.28 36.67 -38.24
CA GLY B 418 20.21 37.57 -37.85
C GLY B 418 19.52 38.15 -39.05
N VAL B 419 20.26 38.28 -40.16
CA VAL B 419 19.66 38.80 -41.38
C VAL B 419 18.67 37.79 -41.95
N GLU B 420 18.96 36.50 -41.83
CA GLU B 420 17.95 35.49 -42.17
C GLU B 420 16.71 35.64 -41.29
N ALA B 421 16.89 35.96 -40.02
CA ALA B 421 15.74 36.17 -39.14
C ALA B 421 14.91 37.36 -39.60
N VAL B 422 15.56 38.43 -40.04
CA VAL B 422 14.80 39.56 -40.58
C VAL B 422 14.08 39.15 -41.86
N ALA B 423 14.75 38.40 -42.73
CA ALA B 423 14.16 38.04 -44.01
C ALA B 423 12.93 37.16 -43.82
N GLU B 424 13.02 36.15 -42.95
CA GLU B 424 11.85 35.29 -42.71
C GLU B 424 10.76 36.05 -41.97
N ALA B 425 11.15 36.95 -41.06
CA ALA B 425 10.15 37.69 -40.30
C ALA B 425 9.32 38.60 -41.19
N LEU B 426 9.95 39.23 -42.18
CA LEU B 426 9.20 40.10 -43.09
C LEU B 426 8.19 39.32 -43.91
N LYS B 427 8.39 38.01 -44.07
CA LYS B 427 7.47 37.19 -44.84
C LYS B 427 6.23 36.80 -44.07
N LYS B 428 6.13 37.15 -42.78
CA LYS B 428 5.07 36.66 -41.91
C LYS B 428 3.73 37.36 -42.10
N PRO B 429 3.66 38.68 -42.31
CA PRO B 429 2.35 39.30 -42.57
C PRO B 429 1.65 38.72 -43.79
N LEU B 430 2.38 38.48 -44.88
CA LEU B 430 1.79 37.85 -46.04
C LEU B 430 1.34 36.44 -45.73
N ARG B 431 2.14 35.70 -44.97
CA ARG B 431 1.80 34.33 -44.63
C ARG B 431 0.51 34.27 -43.82
N GLN B 432 0.35 35.19 -42.87
CA GLN B 432 -0.86 35.20 -42.06
C GLN B 432 -2.06 35.72 -42.84
N ILE B 433 -1.84 36.66 -43.76
CA ILE B 433 -2.91 37.10 -44.64
C ILE B 433 -3.42 35.92 -45.46
N VAL B 434 -2.49 35.11 -45.97
CA VAL B 434 -2.87 33.94 -46.76
C VAL B 434 -3.60 32.92 -45.90
N ALA B 435 -3.07 32.66 -44.69
CA ALA B 435 -3.65 31.63 -43.83
C ALA B 435 -5.06 32.02 -43.38
N ASN B 436 -5.25 33.27 -42.97
CA ASN B 436 -6.57 33.71 -42.54
C ASN B 436 -7.58 33.69 -43.68
N ALA B 437 -7.12 33.81 -44.92
CA ALA B 437 -8.00 33.72 -46.07
C ALA B 437 -8.47 32.31 -46.34
N GLY B 438 -7.83 31.30 -45.78
CA GLY B 438 -8.19 29.91 -46.00
C GLY B 438 -7.45 29.22 -47.11
N PHE B 439 -6.19 29.57 -47.34
CA PHE B 439 -5.33 28.89 -48.30
C PHE B 439 -4.08 28.38 -47.59
N ASN B 440 -3.53 27.29 -48.10
CA ASN B 440 -2.32 26.73 -47.51
C ASN B 440 -1.17 27.71 -47.73
N PRO B 441 -0.52 28.24 -46.69
CA PRO B 441 0.45 29.33 -46.94
C PRO B 441 1.65 28.92 -47.75
N LEU B 442 2.11 27.66 -47.63
CA LEU B 442 3.36 27.27 -48.24
C LEU B 442 3.27 27.30 -49.76
N GLU B 443 2.26 26.65 -50.33
CA GLU B 443 2.16 26.61 -51.79
C GLU B 443 1.79 27.98 -52.35
N LYS B 444 1.01 28.77 -51.60
CA LYS B 444 0.64 30.09 -52.10
C LYS B 444 1.84 31.02 -52.10
N LEU B 445 2.69 30.91 -51.08
CA LEU B 445 3.97 31.63 -51.12
C LEU B 445 4.82 31.15 -52.28
N GLY B 446 4.83 29.84 -52.53
CA GLY B 446 5.64 29.31 -53.62
C GLY B 446 5.25 29.86 -54.98
N ASP B 447 3.95 29.82 -55.29
CA ASP B 447 3.53 30.28 -56.60
C ASP B 447 3.36 31.79 -56.66
N LEU B 448 3.40 32.49 -55.52
CA LEU B 448 3.55 33.95 -55.58
C LEU B 448 4.98 34.33 -55.91
N ARG B 449 5.96 33.62 -55.35
CA ARG B 449 7.34 33.82 -55.76
C ARG B 449 7.58 33.27 -57.17
N ALA B 450 6.68 32.44 -57.69
CA ALA B 450 6.84 31.95 -59.06
C ALA B 450 6.83 33.08 -60.07
N ALA B 451 5.95 34.06 -59.90
CA ALA B 451 5.80 35.16 -60.85
C ALA B 451 6.72 36.33 -60.57
N HIS B 452 7.61 36.22 -59.58
CA HIS B 452 8.44 37.33 -59.15
C HIS B 452 9.72 37.48 -59.96
N ARG B 453 9.86 36.75 -61.07
CA ARG B 453 11.04 36.82 -61.92
C ARG B 453 10.91 37.84 -63.03
N THR B 454 9.79 38.56 -63.13
CA THR B 454 9.59 39.52 -64.20
C THR B 454 10.28 40.86 -63.96
N GLY B 455 10.89 41.05 -62.78
CA GLY B 455 11.57 42.29 -62.45
C GLY B 455 10.76 43.26 -61.63
N ASN B 456 9.44 43.14 -61.62
CA ASN B 456 8.57 43.96 -60.80
C ASN B 456 8.37 43.30 -59.45
N ASP B 457 8.18 44.14 -58.42
CA ASP B 457 8.11 43.70 -57.04
C ASP B 457 6.83 44.20 -56.37
N SER B 458 5.70 44.10 -57.07
CA SER B 458 4.40 44.52 -56.57
C SER B 458 3.37 43.40 -56.55
N LEU B 459 3.74 42.18 -56.95
CA LEU B 459 2.78 41.09 -57.02
C LEU B 459 2.42 40.60 -55.63
N GLY B 460 1.19 40.10 -55.50
CA GLY B 460 0.71 39.54 -54.24
C GLY B 460 -0.24 38.38 -54.48
N ILE B 461 -1.25 38.23 -53.64
CA ILE B 461 -2.26 37.20 -53.78
C ILE B 461 -3.62 37.87 -53.58
N ASP B 462 -4.55 37.61 -54.49
CA ASP B 462 -5.91 38.10 -54.33
C ASP B 462 -6.59 37.18 -53.33
N CYS B 463 -7.36 37.78 -52.41
CA CYS B 463 -7.72 37.12 -51.17
C CYS B 463 -9.03 36.33 -51.24
N ASP B 464 -9.78 36.39 -52.34
CA ASP B 464 -11.03 35.66 -52.45
C ASP B 464 -10.89 34.37 -53.23
N THR B 465 -10.08 34.36 -54.30
CA THR B 465 -9.88 33.20 -55.15
C THR B 465 -8.48 32.60 -55.04
N GLY B 466 -7.53 33.29 -54.42
CA GLY B 466 -6.20 32.74 -54.25
C GLY B 466 -5.33 32.82 -55.48
N GLU B 467 -5.70 33.62 -56.48
CA GLU B 467 -4.91 33.76 -57.70
C GLU B 467 -3.87 34.84 -57.48
N VAL B 468 -2.65 34.59 -57.96
CA VAL B 468 -1.57 35.58 -57.88
C VAL B 468 -1.87 36.69 -58.89
N VAL B 469 -1.80 37.94 -58.43
CA VAL B 469 -2.13 39.10 -59.25
C VAL B 469 -1.36 40.31 -58.73
N ASP B 470 -1.23 41.32 -59.59
CA ASP B 470 -0.61 42.57 -59.20
C ASP B 470 -1.49 43.30 -58.21
N MET B 471 -0.88 43.81 -57.14
CA MET B 471 -1.63 44.50 -56.10
C MET B 471 -2.03 45.92 -56.49
N TRP B 472 -1.36 46.52 -57.47
CA TRP B 472 -1.80 47.83 -57.97
C TRP B 472 -3.19 47.73 -58.57
N GLU B 473 -3.38 46.78 -59.50
CA GLU B 473 -4.67 46.63 -60.13
C GLU B 473 -5.72 46.09 -59.16
N ALA B 474 -5.32 45.20 -58.25
CA ALA B 474 -6.27 44.60 -57.33
C ALA B 474 -6.93 45.62 -56.40
N GLY B 475 -6.30 46.77 -56.19
CA GLY B 475 -6.87 47.81 -55.35
C GLY B 475 -6.60 47.66 -53.88
N VAL B 476 -5.78 46.70 -53.47
CA VAL B 476 -5.35 46.59 -52.07
C VAL B 476 -4.09 47.43 -51.90
N ILE B 477 -4.06 48.22 -50.83
CA ILE B 477 -3.07 49.27 -50.67
C ILE B 477 -2.90 49.53 -49.17
N ASP B 478 -1.67 49.88 -48.76
CA ASP B 478 -1.34 50.28 -47.41
C ASP B 478 -0.61 51.62 -47.42
N PRO B 479 -0.81 52.51 -46.44
CA PRO B 479 0.00 53.73 -46.40
C PRO B 479 1.46 53.42 -46.17
N ALA B 480 2.32 54.30 -46.70
CA ALA B 480 3.76 54.08 -46.57
C ALA B 480 4.29 54.43 -45.18
N PRO B 481 3.95 55.59 -44.59
CA PRO B 481 4.48 55.88 -43.25
C PRO B 481 4.06 54.86 -42.21
N VAL B 482 2.84 54.33 -42.28
CA VAL B 482 2.39 53.41 -41.24
C VAL B 482 3.18 52.10 -41.32
N LYS B 483 3.42 51.59 -42.53
CA LYS B 483 4.20 50.37 -42.66
C LYS B 483 5.66 50.62 -42.26
N LEU B 484 6.21 51.76 -42.67
CA LEU B 484 7.60 52.06 -42.35
C LEU B 484 7.81 52.14 -40.84
N HIS B 485 6.95 52.91 -40.16
CA HIS B 485 7.08 53.04 -38.73
C HIS B 485 6.76 51.74 -38.01
N ALA B 486 5.83 50.93 -38.55
CA ALA B 486 5.55 49.64 -37.95
C ALA B 486 6.77 48.75 -37.99
N LEU B 487 7.47 48.70 -39.13
CA LEU B 487 8.67 47.89 -39.21
C LEU B 487 9.75 48.42 -38.28
N LYS B 488 9.89 49.74 -38.19
CA LYS B 488 10.89 50.31 -37.28
C LYS B 488 10.61 49.93 -35.84
N ALA B 489 9.35 50.05 -35.41
CA ALA B 489 8.99 49.71 -34.04
C ALA B 489 9.16 48.22 -33.78
N ALA B 490 8.80 47.38 -34.75
CA ALA B 490 8.96 45.95 -34.60
C ALA B 490 10.43 45.58 -34.42
N GLY B 491 11.32 46.18 -35.23
CA GLY B 491 12.73 45.92 -35.06
C GLY B 491 13.26 46.42 -33.73
N GLU B 492 12.81 47.60 -33.31
CA GLU B 492 13.28 48.15 -32.04
C GLU B 492 12.88 47.26 -30.87
N VAL B 493 11.64 46.81 -30.85
CA VAL B 493 11.19 45.96 -29.74
C VAL B 493 11.84 44.59 -29.82
N ALA B 494 12.06 44.05 -31.03
CA ALA B 494 12.73 42.77 -31.15
C ALA B 494 14.15 42.86 -30.61
N ALA B 495 14.88 43.91 -30.95
CA ALA B 495 16.21 44.09 -30.38
C ALA B 495 16.15 44.25 -28.87
N ALA B 496 15.22 45.07 -28.38
CA ALA B 496 15.13 45.32 -26.94
C ALA B 496 14.82 44.07 -26.15
N ILE B 497 13.98 43.17 -26.68
CA ILE B 497 13.63 41.95 -25.97
C ILE B 497 14.68 40.86 -26.17
N LEU B 498 15.41 40.86 -27.30
CA LEU B 498 16.50 39.92 -27.45
C LEU B 498 17.70 40.27 -26.59
N ARG B 499 17.89 41.55 -26.26
CA ARG B 499 19.01 41.92 -25.41
C ARG B 499 18.89 41.34 -24.01
N ILE B 500 17.68 41.13 -23.51
CA ILE B 500 17.49 40.64 -22.15
C ILE B 500 18.01 39.22 -22.07
N ASN B 501 18.78 38.93 -21.03
CA ASN B 501 19.40 37.63 -20.83
C ASN B 501 19.10 37.02 -19.47
N THR B 502 18.93 37.84 -18.43
CA THR B 502 18.69 37.34 -17.08
C THR B 502 17.53 38.11 -16.45
N ILE B 503 16.86 37.44 -15.52
CA ILE B 503 15.72 38.00 -14.77
C ILE B 503 16.05 37.89 -13.29
N ILE B 504 15.84 38.97 -12.56
CA ILE B 504 16.16 39.04 -11.13
C ILE B 504 15.10 39.91 -10.45
N LYS B 505 15.15 39.92 -9.11
CA LYS B 505 14.11 40.54 -8.30
C LYS B 505 14.49 41.98 -7.96
N MET B 506 13.53 42.70 -7.37
CA MET B 506 13.65 44.11 -7.03
C MET B 506 13.73 44.27 -5.50
N LYS B 507 13.71 45.52 -5.05
CA LYS B 507 13.86 45.82 -3.62
C LYS B 507 12.80 45.12 -2.78
N ALA C 12 35.01 19.18 9.60
CA ALA C 12 35.90 19.76 8.60
C ALA C 12 35.15 20.09 7.32
N ASP C 13 34.27 19.19 6.87
CA ASP C 13 33.43 19.48 5.71
C ASP C 13 32.47 20.62 6.00
N GLU C 14 32.01 20.76 7.25
CA GLU C 14 31.11 21.85 7.59
C GLU C 14 31.79 23.21 7.41
N ARG C 15 33.07 23.32 7.79
CA ARG C 15 33.79 24.56 7.57
C ARG C 15 33.92 24.88 6.09
N PHE C 16 34.23 23.87 5.27
CA PHE C 16 34.26 24.07 3.83
C PHE C 16 32.88 24.40 3.29
N GLN C 17 31.85 23.71 3.79
CA GLN C 17 30.49 23.97 3.31
C GLN C 17 30.06 25.38 3.63
N ALA C 18 30.40 25.88 4.83
CA ALA C 18 30.06 27.24 5.19
C ALA C 18 30.75 28.26 4.29
N LEU C 19 31.93 27.91 3.77
CA LEU C 19 32.56 28.77 2.77
C LEU C 19 31.86 28.67 1.42
N LEU C 20 31.44 27.45 1.04
CA LEU C 20 30.83 27.26 -0.27
C LEU C 20 29.52 28.03 -0.39
N THR C 21 28.67 27.97 0.64
CA THR C 21 27.42 28.72 0.59
C THR C 21 27.65 30.23 0.58
N ASN C 22 28.70 30.70 1.25
CA ASN C 22 29.04 32.12 1.17
C ASN C 22 29.43 32.50 -0.25
N VAL C 23 30.21 31.64 -0.91
CA VAL C 23 30.69 31.94 -2.25
C VAL C 23 29.54 31.90 -3.25
N ASN C 24 28.62 30.96 -3.09
CA ASN C 24 27.53 30.82 -4.04
C ASN C 24 26.64 32.06 -4.09
N ALA C 25 26.57 32.82 -3.00
CA ALA C 25 25.88 34.11 -3.06
C ALA C 25 26.73 35.16 -3.76
N VAL C 26 28.04 35.15 -3.53
CA VAL C 26 28.91 36.10 -4.21
C VAL C 26 28.90 35.84 -5.71
N ARG C 27 28.93 34.57 -6.11
CA ARG C 27 28.82 34.24 -7.53
C ARG C 27 27.44 34.63 -8.06
N ALA C 28 26.41 34.49 -7.22
CA ALA C 28 25.06 34.86 -7.66
C ALA C 28 24.95 36.35 -7.97
N ILE C 29 25.54 37.21 -7.14
CA ILE C 29 25.57 38.63 -7.45
C ILE C 29 26.38 38.88 -8.70
N ALA C 30 27.54 38.22 -8.81
CA ALA C 30 28.33 38.33 -10.03
C ALA C 30 27.57 37.79 -11.23
N ASP C 31 26.87 36.68 -11.07
CA ASP C 31 26.12 36.08 -12.16
C ASP C 31 25.01 36.98 -12.69
N ALA C 32 24.59 37.99 -11.93
CA ALA C 32 23.57 38.93 -12.38
C ALA C 32 24.15 40.14 -13.09
N VAL C 33 25.36 40.57 -12.74
CA VAL C 33 25.98 41.77 -13.32
C VAL C 33 27.01 41.45 -14.38
N GLU C 34 27.57 40.24 -14.38
CA GLU C 34 28.54 39.80 -15.37
C GLU C 34 28.03 39.80 -16.80
N GLY C 35 26.72 39.81 -17.01
CA GLY C 35 26.19 39.88 -18.37
C GLY C 35 26.31 41.23 -19.02
N THR C 36 26.55 42.29 -18.24
CA THR C 36 26.51 43.66 -18.72
C THR C 36 27.89 44.24 -19.01
N LEU C 37 28.94 43.42 -19.02
CA LEU C 37 30.30 43.93 -19.19
C LEU C 37 30.62 44.12 -20.66
N GLY C 38 31.38 45.18 -20.96
CA GLY C 38 31.88 45.42 -22.28
C GLY C 38 30.97 46.30 -23.10
N PRO C 39 31.48 46.84 -24.23
CA PRO C 39 30.66 47.75 -25.03
C PRO C 39 29.43 47.11 -25.65
N LYS C 40 29.44 45.79 -25.87
CA LYS C 40 28.31 45.05 -26.42
C LYS C 40 27.54 44.31 -25.33
N GLY C 41 27.41 44.93 -24.16
CA GLY C 41 26.79 44.26 -23.05
C GLY C 41 25.29 44.08 -23.25
N LEU C 42 24.76 43.12 -22.50
CA LEU C 42 23.35 42.77 -22.52
C LEU C 42 22.67 43.26 -21.25
N ASP C 43 21.48 43.85 -21.42
CA ASP C 43 20.76 44.40 -20.27
C ASP C 43 20.02 43.29 -19.53
N VAL C 44 19.54 43.65 -18.34
CA VAL C 44 18.94 42.71 -17.39
C VAL C 44 17.64 43.30 -16.89
N MET C 45 16.64 42.45 -16.68
CA MET C 45 15.30 42.87 -16.30
C MET C 45 15.09 42.60 -14.81
N LEU C 46 14.68 43.63 -14.07
CA LEU C 46 14.33 43.52 -12.67
C LEU C 46 12.81 43.49 -12.55
N VAL C 47 12.29 42.43 -11.92
CA VAL C 47 10.85 42.25 -11.73
C VAL C 47 10.51 42.46 -10.27
N ASP C 48 9.30 42.97 -10.03
CA ASP C 48 8.81 43.27 -8.70
C ASP C 48 7.51 42.49 -8.46
N LYS C 49 7.11 42.43 -7.19
CA LYS C 49 5.82 41.82 -6.86
C LYS C 49 4.69 42.58 -7.53
N PHE C 50 4.78 43.91 -7.55
CA PHE C 50 3.77 44.73 -8.19
C PHE C 50 3.77 44.63 -9.71
N GLY C 51 4.78 43.98 -10.30
CA GLY C 51 4.89 43.90 -11.74
C GLY C 51 5.64 45.03 -12.39
N GLU C 52 6.35 45.85 -11.63
CA GLU C 52 7.14 46.92 -12.20
C GLU C 52 8.32 46.36 -12.98
N VAL C 53 8.78 47.12 -13.97
CA VAL C 53 9.81 46.69 -14.90
C VAL C 53 10.96 47.69 -14.81
N THR C 54 12.19 47.20 -14.92
CA THR C 54 13.38 48.03 -14.94
C THR C 54 14.41 47.38 -15.84
N ILE C 55 14.67 47.99 -16.99
CA ILE C 55 15.61 47.49 -18.00
C ILE C 55 16.85 48.35 -17.91
N THR C 56 17.96 47.77 -17.47
CA THR C 56 19.22 48.49 -17.32
C THR C 56 20.37 47.62 -17.80
N ASN C 57 21.33 48.27 -18.46
CA ASN C 57 22.60 47.65 -18.81
C ASN C 57 23.76 48.16 -17.95
N ASP C 58 23.48 48.95 -16.92
CA ASP C 58 24.52 49.54 -16.10
C ASP C 58 24.42 48.89 -14.72
N GLY C 59 25.56 48.47 -14.18
CA GLY C 59 25.58 47.76 -12.92
C GLY C 59 25.40 48.62 -11.68
N VAL C 60 25.60 49.93 -11.79
CA VAL C 60 25.44 50.82 -10.64
C VAL C 60 24.01 50.73 -10.12
N THR C 61 23.04 50.64 -11.03
CA THR C 61 21.64 50.50 -10.65
C THR C 61 21.24 49.05 -10.40
N ILE C 62 21.88 48.10 -11.08
CA ILE C 62 21.54 46.70 -10.87
C ILE C 62 21.91 46.29 -9.44
N LEU C 63 23.01 46.81 -8.92
CA LEU C 63 23.38 46.51 -7.54
C LEU C 63 22.50 47.28 -6.56
N ASP C 64 22.02 48.45 -6.93
CA ASP C 64 21.17 49.23 -6.05
C ASP C 64 19.82 48.56 -5.84
N GLN C 65 19.21 48.10 -6.93
CA GLN C 65 17.83 47.63 -6.90
C GLN C 65 17.70 46.12 -6.76
N MET C 66 18.79 45.36 -6.79
CA MET C 66 18.68 43.91 -6.75
C MET C 66 18.38 43.44 -5.34
N ASP C 67 17.52 42.43 -5.23
CA ASP C 67 17.23 41.84 -3.93
C ASP C 67 18.44 41.09 -3.41
N VAL C 68 18.81 41.37 -2.15
CA VAL C 68 19.93 40.72 -1.49
C VAL C 68 19.45 40.23 -0.13
N GLN C 69 19.64 38.94 0.13
CA GLN C 69 19.20 38.33 1.38
C GLN C 69 20.34 37.60 2.07
N HIS C 70 21.21 36.98 1.29
CA HIS C 70 22.32 36.24 1.89
C HIS C 70 23.40 37.24 2.33
N PRO C 71 23.80 37.25 3.61
CA PRO C 71 24.64 38.37 4.08
C PRO C 71 26.00 38.45 3.44
N ALA C 72 26.48 37.39 2.80
CA ALA C 72 27.71 37.50 2.02
C ALA C 72 27.55 38.49 0.88
N ALA C 73 26.38 38.49 0.23
CA ALA C 73 26.15 39.39 -0.90
C ALA C 73 26.20 40.85 -0.48
N ARG C 74 25.65 41.16 0.70
CA ARG C 74 25.62 42.56 1.13
C ARG C 74 27.01 43.13 1.33
N MET C 75 27.96 42.30 1.76
CA MET C 75 29.33 42.78 1.91
C MET C 75 29.90 43.20 0.56
N LEU C 76 29.65 42.40 -0.47
CA LEU C 76 30.12 42.75 -1.82
C LEU C 76 29.42 43.99 -2.33
N ILE C 77 28.12 44.13 -2.07
CA ILE C 77 27.42 45.34 -2.48
C ILE C 77 28.03 46.55 -1.78
N GLN C 78 28.30 46.44 -0.49
CA GLN C 78 28.84 47.56 0.28
C GLN C 78 30.20 47.96 -0.25
N VAL C 79 31.10 47.00 -0.46
CA VAL C 79 32.44 47.35 -0.91
C VAL C 79 32.44 47.86 -2.36
N ALA C 80 31.61 47.31 -3.24
CA ALA C 80 31.52 47.83 -4.60
C ALA C 80 30.91 49.22 -4.62
N ARG C 81 29.96 49.51 -3.73
CA ARG C 81 29.40 50.85 -3.65
C ARG C 81 30.36 51.83 -3.00
N ALA C 82 31.27 51.37 -2.14
CA ALA C 82 32.35 52.25 -1.68
C ALA C 82 33.32 52.56 -2.81
N GLN C 83 33.66 51.54 -3.60
CA GLN C 83 34.39 51.76 -4.85
C GLN C 83 33.70 52.82 -5.71
N GLU C 84 32.37 52.76 -5.80
CA GLU C 84 31.60 53.81 -6.44
C GLU C 84 31.74 55.16 -5.73
N GLU C 85 31.68 55.17 -4.41
CA GLU C 85 31.75 56.41 -3.65
C GLU C 85 33.05 57.16 -3.90
N GLU C 86 34.15 56.43 -4.11
CA GLU C 86 35.41 57.11 -4.35
C GLU C 86 35.40 57.87 -5.67
N VAL C 87 34.96 57.22 -6.75
CA VAL C 87 35.09 57.77 -8.10
C VAL C 87 33.77 57.77 -8.88
N GLY C 88 32.79 56.96 -8.49
CA GLY C 88 31.51 56.97 -9.18
C GLY C 88 31.41 56.10 -10.41
N ASP C 89 32.32 55.15 -10.60
CA ASP C 89 32.27 54.28 -11.77
C ASP C 89 33.11 53.04 -11.52
N GLY C 90 32.84 52.01 -12.32
CA GLY C 90 33.65 50.81 -12.30
C GLY C 90 33.26 49.76 -11.28
N THR C 91 32.08 49.87 -10.69
CA THR C 91 31.61 48.86 -9.74
C THR C 91 31.41 47.50 -10.40
N THR C 92 31.08 47.46 -11.69
CA THR C 92 30.76 46.18 -12.32
C THR C 92 32.02 45.33 -12.46
N THR C 93 33.12 45.92 -12.92
CA THR C 93 34.37 45.18 -12.98
C THR C 93 34.85 44.76 -11.60
N ALA C 94 34.61 45.57 -10.57
CA ALA C 94 34.98 45.17 -9.21
C ALA C 94 34.18 43.94 -8.78
N THR C 95 32.88 43.92 -9.03
CA THR C 95 32.06 42.77 -8.67
C THR C 95 32.48 41.52 -9.44
N VAL C 96 32.74 41.66 -10.74
CA VAL C 96 33.12 40.51 -11.55
C VAL C 96 34.49 39.97 -11.10
N LEU C 97 35.44 40.87 -10.83
CA LEU C 97 36.74 40.42 -10.36
C LEU C 97 36.65 39.76 -8.99
N ALA C 98 35.82 40.29 -8.10
CA ALA C 98 35.62 39.66 -6.80
C ALA C 98 35.07 38.25 -6.97
N GLY C 99 34.06 38.10 -7.83
CA GLY C 99 33.54 36.78 -8.11
C GLY C 99 34.57 35.84 -8.68
N ALA C 100 35.40 36.31 -9.61
CA ALA C 100 36.42 35.45 -10.20
C ALA C 100 37.45 35.02 -9.17
N LEU C 101 37.94 35.96 -8.36
CA LEU C 101 38.92 35.63 -7.33
C LEU C 101 38.35 34.63 -6.34
N VAL C 102 37.12 34.84 -5.90
CA VAL C 102 36.52 33.96 -4.91
C VAL C 102 36.28 32.58 -5.50
N SER C 103 35.79 32.53 -6.75
CA SER C 103 35.51 31.25 -7.38
C SER C 103 36.78 30.44 -7.57
N GLU C 104 37.85 31.08 -8.04
CA GLU C 104 39.11 30.35 -8.20
C GLU C 104 39.73 29.98 -6.87
N GLY C 105 39.56 30.80 -5.83
CA GLY C 105 40.02 30.41 -4.52
C GLY C 105 39.32 29.17 -3.99
N VAL C 106 37.99 29.11 -4.14
CA VAL C 106 37.26 27.91 -3.74
C VAL C 106 37.62 26.72 -4.61
N ASN C 107 37.87 26.93 -5.90
CA ASN C 107 38.32 25.84 -6.75
C ASN C 107 39.64 25.27 -6.27
N GLN C 108 40.58 26.13 -5.86
CA GLN C 108 41.83 25.66 -5.31
C GLN C 108 41.64 24.98 -3.96
N VAL C 109 40.74 25.48 -3.13
CA VAL C 109 40.49 24.86 -1.84
C VAL C 109 39.89 23.47 -2.02
N GLU C 110 39.08 23.27 -3.06
CA GLU C 110 38.55 21.95 -3.34
C GLU C 110 39.67 20.94 -3.60
N GLN C 111 40.71 21.35 -4.32
CA GLN C 111 41.81 20.47 -4.65
C GLN C 111 42.61 20.03 -3.43
N GLY C 112 42.49 20.72 -2.30
CA GLY C 112 43.16 20.37 -1.07
C GLY C 112 44.00 21.48 -0.46
N VAL C 113 44.15 22.62 -1.12
CA VAL C 113 44.93 23.71 -0.54
C VAL C 113 44.19 24.27 0.67
N PRO C 114 44.83 24.43 1.84
CA PRO C 114 44.14 25.08 2.96
C PRO C 114 43.75 26.50 2.61
N VAL C 115 42.63 26.94 3.19
CA VAL C 115 42.10 28.26 2.86
C VAL C 115 43.02 29.39 3.30
N SER C 116 43.76 29.21 4.40
CA SER C 116 44.66 30.27 4.85
C SER C 116 45.82 30.48 3.90
N ARG C 117 46.21 29.46 3.13
CA ARG C 117 47.25 29.65 2.12
C ARG C 117 46.73 30.47 0.95
N VAL C 118 45.50 30.21 0.51
CA VAL C 118 44.95 30.88 -0.65
C VAL C 118 44.78 32.37 -0.37
N ILE C 119 44.35 32.72 0.84
CA ILE C 119 44.10 34.13 1.15
C ILE C 119 45.40 34.94 1.09
N GLU C 120 46.46 34.43 1.70
CA GLU C 120 47.71 35.16 1.70
C GLU C 120 48.49 35.01 0.41
N GLY C 121 48.10 34.08 -0.46
CA GLY C 121 48.55 34.14 -1.84
C GLY C 121 47.82 35.22 -2.63
N LEU C 122 46.51 35.32 -2.45
CA LEU C 122 45.73 36.36 -3.12
C LEU C 122 46.20 37.74 -2.73
N ARG C 123 46.58 37.93 -1.47
CA ARG C 123 47.03 39.24 -1.02
C ARG C 123 48.23 39.72 -1.83
N ARG C 124 49.29 38.92 -1.91
CA ARG C 124 50.47 39.33 -2.65
C ARG C 124 50.24 39.35 -4.15
N GLY C 125 49.39 38.45 -4.67
CA GLY C 125 49.06 38.51 -6.09
C GLY C 125 48.37 39.81 -6.44
N VAL C 126 47.40 40.24 -5.62
CA VAL C 126 46.71 41.49 -5.88
C VAL C 126 47.65 42.67 -5.71
N GLU C 127 48.57 42.60 -4.74
CA GLU C 127 49.53 43.69 -4.58
C GLU C 127 50.42 43.82 -5.81
N ARG C 128 50.93 42.70 -6.33
CA ARG C 128 51.77 42.78 -7.52
C ARG C 128 50.95 43.25 -8.72
N ALA C 129 49.70 42.80 -8.84
CA ALA C 129 48.86 43.24 -9.95
C ALA C 129 48.60 44.73 -9.88
N LEU C 130 48.32 45.27 -8.69
CA LEU C 130 48.13 46.69 -8.55
C LEU C 130 49.39 47.47 -8.91
N GLU C 131 50.56 46.98 -8.46
CA GLU C 131 51.79 47.67 -8.82
C GLU C 131 52.03 47.68 -10.32
N LEU C 132 51.79 46.54 -10.98
CA LEU C 132 52.02 46.45 -12.42
C LEU C 132 51.06 47.35 -13.18
N LEU C 133 49.78 47.36 -12.80
CA LEU C 133 48.83 48.24 -13.47
C LEU C 133 49.15 49.71 -13.22
N ARG C 134 49.62 50.04 -12.01
CA ARG C 134 50.04 51.41 -11.73
C ARG C 134 51.18 51.82 -12.65
N LYS C 135 52.16 50.93 -12.84
CA LYS C 135 53.26 51.25 -13.75
C LYS C 135 52.73 51.41 -15.18
N GLN C 136 51.89 50.49 -15.63
CA GLN C 136 51.51 50.46 -17.04
C GLN C 136 50.61 51.64 -17.42
N ALA C 137 50.03 52.34 -16.46
CA ALA C 137 49.22 53.51 -16.77
C ALA C 137 50.06 54.59 -17.44
N LEU C 138 49.53 55.16 -18.52
CA LEU C 138 50.23 56.15 -19.33
C LEU C 138 49.58 57.51 -19.13
N PRO C 139 50.27 58.55 -18.66
CA PRO C 139 49.58 59.82 -18.43
C PRO C 139 49.23 60.51 -19.74
N VAL C 140 48.20 61.36 -19.67
CA VAL C 140 47.69 62.06 -20.84
C VAL C 140 48.43 63.37 -20.99
N GLU C 141 48.76 63.73 -22.23
CA GLU C 141 49.45 64.97 -22.56
C GLU C 141 48.40 66.03 -22.90
N GLY C 142 47.94 66.75 -21.88
CA GLY C 142 47.00 67.81 -22.06
C GLY C 142 45.58 67.31 -22.28
N LEU C 143 44.66 68.27 -22.40
CA LEU C 143 43.24 67.97 -22.60
C LEU C 143 42.85 67.94 -24.07
N ASP C 144 43.76 68.24 -24.99
CA ASP C 144 43.48 68.15 -26.41
C ASP C 144 43.75 66.77 -27.00
N ASP C 145 44.33 65.86 -26.22
CA ASP C 145 44.59 64.52 -26.70
C ASP C 145 43.27 63.79 -26.96
N PRO C 146 43.16 62.99 -28.04
CA PRO C 146 41.87 62.32 -28.30
C PRO C 146 41.59 61.13 -27.39
N ARG C 147 42.52 60.76 -26.52
CA ARG C 147 42.22 59.70 -25.55
C ARG C 147 41.10 60.11 -24.61
N LEU C 148 41.00 61.41 -24.28
CA LEU C 148 39.87 61.87 -23.49
C LEU C 148 38.57 61.75 -24.26
N ARG C 149 38.59 62.05 -25.56
CA ARG C 149 37.40 61.83 -26.38
C ARG C 149 37.01 60.36 -26.37
N ALA C 150 37.99 59.48 -26.48
CA ALA C 150 37.70 58.05 -26.48
C ALA C 150 37.12 57.60 -25.14
N VAL C 151 37.73 58.02 -24.03
CA VAL C 151 37.27 57.56 -22.73
C VAL C 151 35.92 58.16 -22.36
N ALA C 152 35.61 59.36 -22.86
CA ALA C 152 34.26 59.89 -22.70
C ALA C 152 33.26 59.10 -23.54
N ARG C 153 33.63 58.74 -24.77
CA ARG C 153 32.71 58.01 -25.64
C ARG C 153 32.39 56.64 -25.06
N ILE C 154 33.39 55.92 -24.56
CA ILE C 154 33.15 54.59 -24.01
C ILE C 154 32.24 54.69 -22.78
N ALA C 155 32.48 55.68 -21.92
CA ALA C 155 31.66 55.85 -20.73
C ALA C 155 30.27 56.40 -21.03
N ALA C 156 30.04 56.92 -22.24
CA ALA C 156 28.76 57.51 -22.61
C ALA C 156 27.89 56.56 -23.43
N ARG C 157 28.17 55.25 -23.36
CA ARG C 157 27.45 54.25 -24.16
C ARG C 157 27.56 54.55 -25.65
N GLU C 158 28.73 55.06 -26.06
CA GLU C 158 29.04 55.28 -27.47
C GLU C 158 28.05 56.24 -28.13
N ARG C 159 27.64 57.27 -27.39
CA ARG C 159 26.79 58.34 -27.90
C ARG C 159 27.61 59.62 -27.91
N GLU C 160 27.95 60.10 -29.11
CA GLU C 160 28.91 61.20 -29.23
C GLU C 160 28.36 62.52 -28.70
N ASP C 161 27.04 62.66 -28.62
CA ASP C 161 26.46 63.93 -28.13
C ASP C 161 26.89 64.21 -26.69
N ILE C 162 26.81 63.23 -25.80
CA ILE C 162 27.30 63.41 -24.44
C ILE C 162 28.81 63.53 -24.44
N ALA C 163 29.48 62.77 -25.30
CA ALA C 163 30.94 62.74 -25.29
C ALA C 163 31.52 64.12 -25.60
N ASP C 164 30.95 64.83 -26.57
CA ASP C 164 31.48 66.16 -26.88
C ASP C 164 31.24 67.15 -25.76
N LEU C 165 30.05 67.14 -25.14
CA LEU C 165 29.78 68.16 -24.13
C LEU C 165 30.57 67.91 -22.85
N VAL C 166 30.76 66.65 -22.43
CA VAL C 166 31.55 66.43 -21.22
C VAL C 166 33.00 66.86 -21.41
N VAL C 167 33.64 66.56 -22.56
CA VAL C 167 35.00 67.02 -22.79
C VAL C 167 35.06 68.52 -23.00
N GLU C 168 34.03 69.14 -23.60
CA GLU C 168 33.99 70.59 -23.72
C GLU C 168 34.00 71.24 -22.34
N ALA C 169 33.16 70.74 -21.43
CA ALA C 169 33.17 71.25 -20.06
C ALA C 169 34.51 70.98 -19.38
N ALA C 170 35.09 69.82 -19.62
CA ALA C 170 36.37 69.48 -19.00
C ALA C 170 37.45 70.47 -19.40
N ARG C 171 37.52 70.82 -20.68
CA ARG C 171 38.49 71.83 -21.10
C ARG C 171 38.11 73.23 -20.64
N HIS C 172 36.82 73.51 -20.50
CA HIS C 172 36.40 74.82 -20.01
C HIS C 172 36.81 75.03 -18.56
N ILE C 173 36.80 73.98 -17.75
CA ILE C 173 37.10 74.13 -16.33
C ILE C 173 38.55 74.52 -16.11
N GLY C 174 39.49 73.71 -16.60
CA GLY C 174 40.91 73.99 -16.48
C GLY C 174 41.71 72.81 -15.99
N GLU C 175 43.03 72.85 -16.18
CA GLU C 175 43.88 71.72 -15.81
C GLU C 175 43.99 71.59 -14.30
N ASP C 176 44.58 72.59 -13.65
CA ASP C 176 44.82 72.51 -12.21
C ASP C 176 43.52 72.49 -11.42
N LYS C 177 42.45 73.07 -11.95
CA LYS C 177 41.17 73.05 -11.24
C LYS C 177 40.65 71.62 -11.10
N LEU C 178 40.94 70.76 -12.07
CA LEU C 178 40.48 69.38 -12.05
C LEU C 178 41.26 68.51 -11.07
N GLN C 179 42.43 68.93 -10.64
CA GLN C 179 43.25 68.11 -9.74
C GLN C 179 42.86 68.25 -8.28
N ASP C 180 41.92 69.13 -7.95
CA ASP C 180 41.54 69.32 -6.55
C ASP C 180 40.80 68.05 -6.11
N PRO C 181 41.25 67.36 -5.05
CA PRO C 181 40.50 66.15 -4.64
C PRO C 181 39.11 66.44 -4.11
N ASN C 182 38.84 67.65 -3.64
CA ASN C 182 37.52 67.98 -3.12
C ASN C 182 36.51 68.31 -4.22
N PHE C 183 36.97 68.55 -5.45
CA PHE C 183 36.09 68.91 -6.56
C PHE C 183 35.75 67.64 -7.33
N LYS C 184 34.45 67.36 -7.44
CA LYS C 184 33.94 66.32 -8.31
C LYS C 184 32.99 66.96 -9.31
N LEU C 185 33.34 66.88 -10.59
CA LEU C 185 32.50 67.45 -11.64
C LEU C 185 31.35 66.54 -12.05
N ALA C 186 31.16 65.40 -11.39
CA ALA C 186 29.96 64.62 -11.59
C ALA C 186 28.74 65.30 -10.95
N ASP C 187 28.95 66.00 -9.84
CA ASP C 187 27.86 66.71 -9.17
C ASP C 187 27.46 68.00 -9.88
N THR C 188 28.33 68.56 -10.71
CA THR C 188 28.04 69.81 -11.40
C THR C 188 27.30 69.60 -12.72
N VAL C 189 26.74 68.42 -12.95
CA VAL C 189 26.00 68.10 -14.16
C VAL C 189 24.52 68.07 -13.82
N THR C 190 23.70 68.69 -14.65
CA THR C 190 22.25 68.69 -14.49
C THR C 190 21.60 68.38 -15.82
N ALA C 191 20.59 67.51 -15.80
CA ALA C 191 19.84 67.12 -16.98
C ALA C 191 18.41 67.63 -16.86
N ARG C 192 17.82 68.00 -17.99
CA ARG C 192 16.46 68.53 -18.02
C ARG C 192 15.77 68.05 -19.29
N GLU C 193 14.45 68.07 -19.25
CA GLU C 193 13.63 67.61 -20.37
C GLU C 193 13.30 68.78 -21.29
N GLY C 194 13.32 68.51 -22.59
CA GLY C 194 13.02 69.53 -23.58
C GLY C 194 14.10 70.58 -23.77
N ALA C 195 15.28 70.38 -23.20
CA ALA C 195 16.39 71.32 -23.29
C ALA C 195 17.44 70.80 -24.26
N GLU C 196 18.35 71.68 -24.64
CA GLU C 196 19.44 71.37 -25.55
C GLU C 196 20.67 70.96 -24.74
N ASN C 197 21.79 70.73 -25.41
CA ASN C 197 23.04 70.31 -24.79
C ASN C 197 24.01 71.50 -24.81
N GLN C 198 24.28 72.05 -23.64
CA GLN C 198 25.22 73.16 -23.53
C GLN C 198 25.70 73.26 -22.10
N VAL C 199 26.76 74.04 -21.91
CA VAL C 199 27.36 74.30 -20.61
C VAL C 199 27.24 75.79 -20.34
N ILE C 200 26.74 76.14 -19.15
CA ILE C 200 26.50 77.53 -18.78
C ILE C 200 27.43 77.91 -17.63
N THR C 356 27.33 74.43 -14.56
CA THR C 356 26.09 73.71 -14.80
C THR C 356 26.02 73.23 -16.24
N VAL C 357 26.31 71.96 -16.45
CA VAL C 357 26.27 71.35 -17.78
C VAL C 357 24.84 70.88 -18.00
N LEU C 358 24.08 71.64 -18.79
CA LEU C 358 22.69 71.32 -19.06
C LEU C 358 22.62 70.21 -20.09
N VAL C 359 22.25 69.01 -19.65
CA VAL C 359 22.15 67.83 -20.52
C VAL C 359 20.72 67.77 -21.06
N GLY C 360 20.59 67.75 -22.38
CA GLY C 360 19.28 67.71 -22.98
C GLY C 360 18.62 66.36 -22.90
N ALA C 361 17.30 66.37 -22.77
CA ALA C 361 16.49 65.16 -22.77
C ALA C 361 15.16 65.45 -23.44
N ALA C 362 14.53 64.39 -23.97
CA ALA C 362 13.28 64.56 -24.71
C ALA C 362 12.11 64.78 -23.75
N THR C 363 11.82 63.80 -22.91
CA THR C 363 10.70 63.82 -21.98
C THR C 363 11.21 63.62 -20.55
N GLU C 364 10.29 63.74 -19.59
CA GLU C 364 10.68 63.59 -18.19
C GLU C 364 11.16 62.18 -17.88
N GLU C 365 10.51 61.16 -18.46
CA GLU C 365 10.90 59.78 -18.18
C GLU C 365 12.30 59.46 -18.71
N VAL C 366 12.73 60.12 -19.78
CA VAL C 366 14.06 59.86 -20.32
C VAL C 366 15.17 60.47 -19.46
N VAL C 367 14.83 61.42 -18.58
CA VAL C 367 15.85 62.12 -17.80
C VAL C 367 16.61 61.16 -16.90
N GLY C 368 15.93 60.14 -16.38
CA GLY C 368 16.53 59.29 -15.36
C GLY C 368 17.80 58.58 -15.81
N GLU C 369 17.84 58.12 -17.05
CA GLU C 369 19.00 57.41 -17.57
C GLU C 369 20.04 58.35 -18.17
N ARG C 370 19.62 59.43 -18.83
CA ARG C 370 20.57 60.40 -19.37
C ARG C 370 21.34 61.11 -18.27
N GLU C 371 20.67 61.45 -17.17
CA GLU C 371 21.39 62.08 -16.06
C GLU C 371 22.44 61.12 -15.51
N ARG C 372 22.10 59.84 -15.38
CA ARG C 372 23.06 58.85 -14.87
C ARG C 372 24.26 58.70 -15.80
N VAL C 373 24.01 58.51 -17.10
CA VAL C 373 25.11 58.34 -18.02
C VAL C 373 25.94 59.61 -18.12
N ALA C 374 25.34 60.77 -17.89
CA ALA C 374 26.11 62.01 -17.86
C ALA C 374 27.11 62.00 -16.72
N LYS C 375 26.68 61.62 -15.50
CA LYS C 375 27.64 61.55 -14.40
C LYS C 375 28.69 60.50 -14.65
N ASP C 376 28.31 59.37 -15.27
CA ASP C 376 29.29 58.34 -15.57
C ASP C 376 30.38 58.86 -16.50
N ALA C 377 29.98 59.51 -17.60
CA ALA C 377 30.96 60.06 -18.52
C ALA C 377 31.75 61.19 -17.88
N ALA C 378 31.15 61.90 -16.92
CA ALA C 378 31.87 62.97 -16.24
C ALA C 378 32.97 62.41 -15.34
N SER C 379 32.63 61.42 -14.52
CA SER C 379 33.61 60.79 -13.65
C SER C 379 34.69 60.09 -14.46
N ALA C 380 34.36 59.54 -15.63
CA ALA C 380 35.39 58.93 -16.47
C ALA C 380 36.44 59.96 -16.86
N VAL C 381 36.01 61.14 -17.29
CA VAL C 381 36.95 62.19 -17.66
C VAL C 381 37.75 62.63 -16.44
N GLN C 382 37.09 62.78 -15.29
CA GLN C 382 37.81 63.23 -14.10
C GLN C 382 38.93 62.27 -13.75
N ALA C 383 38.62 60.97 -13.74
CA ALA C 383 39.66 59.97 -13.50
C ALA C 383 40.74 59.99 -14.56
N ALA C 384 40.36 60.20 -15.82
CA ALA C 384 41.34 60.20 -16.90
C ALA C 384 42.36 61.31 -16.72
N ILE C 385 41.90 62.51 -16.38
CA ILE C 385 42.86 63.59 -16.11
C ILE C 385 43.64 63.31 -14.83
N ARG C 386 42.99 62.72 -13.82
CA ARG C 386 43.69 62.52 -12.55
C ARG C 386 44.85 61.55 -12.66
N GLY C 387 44.62 60.37 -13.27
CA GLY C 387 45.57 59.28 -13.19
C GLY C 387 45.98 58.64 -14.50
N GLY C 388 45.78 59.34 -15.61
CA GLY C 388 46.18 58.79 -16.90
C GLY C 388 45.17 57.79 -17.42
N VAL C 389 45.66 56.97 -18.36
CA VAL C 389 44.83 56.03 -19.10
C VAL C 389 45.49 54.65 -19.07
N VAL C 390 44.66 53.64 -19.29
CA VAL C 390 45.09 52.23 -19.31
C VAL C 390 44.40 51.60 -20.52
N PRO C 391 45.04 50.65 -21.24
CA PRO C 391 44.30 49.98 -22.32
C PRO C 391 43.12 49.19 -21.80
N GLY C 392 41.92 49.63 -22.15
CA GLY C 392 40.70 49.07 -21.63
C GLY C 392 40.28 47.81 -22.36
N GLY C 393 39.09 47.34 -22.01
CA GLY C 393 38.58 46.10 -22.55
C GLY C 393 39.18 44.85 -21.95
N GLY C 394 39.88 44.97 -20.82
CA GLY C 394 40.55 43.84 -20.20
C GLY C 394 41.92 43.53 -20.75
N ALA C 395 42.44 44.33 -21.68
CA ALA C 395 43.78 44.08 -22.20
C ALA C 395 44.84 44.26 -21.13
N ALA C 396 44.73 45.29 -20.30
CA ALA C 396 45.71 45.50 -19.23
C ALA C 396 45.64 44.39 -18.19
N GLU C 397 44.46 43.82 -17.99
CA GLU C 397 44.32 42.70 -17.07
C GLU C 397 45.18 41.52 -17.50
N LEU C 398 45.20 41.18 -18.79
CA LEU C 398 46.08 40.11 -19.25
C LEU C 398 47.54 40.47 -19.08
N ALA C 399 47.90 41.73 -19.33
CA ALA C 399 49.28 42.17 -19.18
C ALA C 399 49.76 41.97 -17.75
N VAL C 400 48.94 42.34 -16.76
CA VAL C 400 49.32 42.08 -15.38
C VAL C 400 49.20 40.61 -15.01
N ALA C 401 48.29 39.86 -15.63
CA ALA C 401 48.10 38.45 -15.30
C ALA C 401 49.32 37.62 -15.69
N ARG C 402 49.94 37.91 -16.83
CA ARG C 402 51.14 37.16 -17.22
C ARG C 402 52.25 37.35 -16.19
N GLU C 403 52.50 38.58 -15.77
CA GLU C 403 53.53 38.81 -14.78
C GLU C 403 53.15 38.27 -13.42
N VAL C 404 51.85 38.23 -13.08
CA VAL C 404 51.45 37.60 -11.83
C VAL C 404 51.68 36.10 -11.87
N GLU C 405 51.47 35.46 -13.02
CA GLU C 405 51.84 34.06 -13.16
C GLU C 405 53.35 33.88 -13.02
N LYS C 406 54.13 34.81 -13.57
CA LYS C 406 55.57 34.73 -13.39
C LYS C 406 55.96 34.84 -11.91
N LEU C 407 55.27 35.70 -11.16
CA LEU C 407 55.47 35.75 -9.71
C LEU C 407 55.04 34.45 -9.05
N ALA C 408 53.93 33.84 -9.51
CA ALA C 408 53.51 32.55 -8.97
C ALA C 408 54.59 31.50 -9.14
N GLU C 409 55.34 31.57 -10.24
CA GLU C 409 56.49 30.69 -10.42
C GLU C 409 57.61 30.97 -9.42
N GLU C 410 57.56 32.09 -8.71
CA GLU C 410 58.54 32.48 -7.71
C GLU C 410 58.05 32.24 -6.29
N VAL C 411 56.78 32.52 -6.02
CA VAL C 411 56.23 32.41 -4.67
C VAL C 411 56.32 30.96 -4.21
N LYS C 412 56.59 30.77 -2.91
CA LYS C 412 57.10 29.52 -2.39
C LYS C 412 56.03 28.77 -1.60
N GLY C 413 55.90 27.47 -1.86
CA GLY C 413 55.07 26.61 -1.06
C GLY C 413 53.66 26.42 -1.58
N MET C 414 52.74 26.03 -0.69
CA MET C 414 51.33 25.95 -1.03
C MET C 414 50.71 27.31 -1.30
N GLU C 415 51.39 28.40 -0.94
CA GLU C 415 50.92 29.75 -1.24
C GLU C 415 50.90 30.05 -2.72
N ARG C 416 51.57 29.22 -3.54
CA ARG C 416 51.62 29.46 -4.98
C ARG C 416 50.24 29.45 -5.61
N TYR C 417 49.32 28.67 -5.08
CA TYR C 417 48.04 28.46 -5.75
C TYR C 417 47.07 29.62 -5.53
N GLY C 418 47.37 30.54 -4.61
CA GLY C 418 46.62 31.77 -4.55
C GLY C 418 47.04 32.77 -5.61
N VAL C 419 48.33 32.82 -5.92
CA VAL C 419 48.79 33.71 -6.97
C VAL C 419 48.25 33.25 -8.31
N GLU C 420 48.16 31.94 -8.51
CA GLU C 420 47.48 31.43 -9.70
C GLU C 420 46.01 31.82 -9.73
N ALA C 421 45.35 31.84 -8.57
CA ALA C 421 43.97 32.32 -8.53
C ALA C 421 43.87 33.77 -8.95
N VAL C 422 44.82 34.60 -8.54
CA VAL C 422 44.84 35.99 -9.02
C VAL C 422 45.08 36.01 -10.53
N ALA C 423 45.98 35.17 -11.02
CA ALA C 423 46.30 35.15 -12.44
C ALA C 423 45.08 34.80 -13.29
N GLU C 424 44.34 33.77 -12.90
CA GLU C 424 43.17 33.39 -13.69
C GLU C 424 41.99 34.33 -13.44
N ALA C 425 41.87 34.85 -12.22
CA ALA C 425 40.77 35.76 -11.92
C ALA C 425 40.87 37.04 -12.73
N LEU C 426 42.09 37.50 -13.00
CA LEU C 426 42.25 38.69 -13.83
C LEU C 426 41.88 38.45 -15.29
N LYS C 427 41.77 37.19 -15.72
CA LYS C 427 41.35 36.91 -17.09
C LYS C 427 39.83 36.93 -17.24
N LYS C 428 39.08 36.93 -16.14
CA LYS C 428 37.62 36.92 -16.25
C LYS C 428 37.07 38.18 -16.92
N PRO C 429 37.55 39.40 -16.63
CA PRO C 429 37.02 40.57 -17.35
C PRO C 429 37.11 40.47 -18.87
N LEU C 430 38.30 40.21 -19.42
CA LEU C 430 38.42 40.11 -20.88
C LEU C 430 37.67 38.90 -21.42
N ARG C 431 37.74 37.77 -20.71
CA ARG C 431 37.03 36.57 -21.15
C ARG C 431 35.55 36.85 -21.29
N GLN C 432 34.97 37.57 -20.32
CA GLN C 432 33.53 37.81 -20.36
C GLN C 432 33.17 38.97 -21.27
N ILE C 433 34.07 39.92 -21.48
CA ILE C 433 33.85 40.93 -22.52
C ILE C 433 33.74 40.24 -23.87
N VAL C 434 34.59 39.24 -24.11
CA VAL C 434 34.51 38.48 -25.36
C VAL C 434 33.23 37.65 -25.39
N ALA C 435 32.88 37.01 -24.28
CA ALA C 435 31.70 36.16 -24.24
C ALA C 435 30.42 36.95 -24.51
N ASN C 436 30.28 38.12 -23.90
CA ASN C 436 29.13 38.98 -24.19
C ASN C 436 29.14 39.47 -25.63
N ALA C 437 30.31 39.59 -26.24
CA ALA C 437 30.42 40.01 -27.62
C ALA C 437 29.88 39.00 -28.61
N GLY C 438 29.67 37.76 -28.18
CA GLY C 438 29.17 36.71 -29.05
C GLY C 438 30.22 35.88 -29.74
N PHE C 439 31.47 35.93 -29.29
CA PHE C 439 32.52 35.05 -29.76
C PHE C 439 32.83 33.99 -28.71
N ASN C 440 33.61 32.99 -29.12
CA ASN C 440 34.01 31.93 -28.21
C ASN C 440 35.22 32.38 -27.42
N PRO C 441 35.16 32.52 -26.09
CA PRO C 441 36.33 33.03 -25.36
C PRO C 441 37.51 32.09 -25.41
N LEU C 442 37.27 30.78 -25.47
CA LEU C 442 38.36 29.80 -25.45
C LEU C 442 39.31 30.00 -26.62
N GLU C 443 38.77 30.25 -27.81
CA GLU C 443 39.59 30.45 -28.99
C GLU C 443 40.04 31.89 -29.15
N LYS C 444 39.23 32.84 -28.68
CA LYS C 444 39.60 34.24 -28.85
C LYS C 444 40.70 34.64 -27.89
N LEU C 445 40.81 33.97 -26.75
CA LEU C 445 42.00 34.09 -25.92
C LEU C 445 43.19 33.40 -26.57
N GLY C 446 42.96 32.31 -27.28
CA GLY C 446 44.06 31.63 -27.97
C GLY C 446 44.69 32.48 -29.05
N ASP C 447 43.86 33.14 -29.87
CA ASP C 447 44.40 33.97 -30.95
C ASP C 447 45.00 35.28 -30.42
N LEU C 448 44.88 35.57 -29.13
CA LEU C 448 45.37 36.81 -28.55
C LEU C 448 46.82 36.74 -28.09
N ARG C 449 47.35 35.55 -27.84
CA ARG C 449 48.65 35.42 -27.21
C ARG C 449 49.81 35.72 -28.16
N ALA C 450 49.63 35.53 -29.47
CA ALA C 450 50.77 35.64 -30.37
C ALA C 450 51.21 37.07 -30.58
N ALA C 451 50.27 37.98 -30.80
CA ALA C 451 50.66 39.38 -30.92
C ALA C 451 51.16 39.94 -29.59
N HIS C 452 50.92 39.24 -28.48
CA HIS C 452 51.56 39.53 -27.20
C HIS C 452 52.96 38.96 -27.09
N ARG C 453 53.39 38.10 -28.03
CA ARG C 453 54.77 37.62 -28.03
C ARG C 453 55.74 38.64 -28.61
N THR C 454 55.24 39.75 -29.17
CA THR C 454 56.12 40.77 -29.72
C THR C 454 56.82 41.60 -28.65
N GLY C 455 56.45 41.45 -27.37
CA GLY C 455 57.04 42.20 -26.28
C GLY C 455 56.18 43.33 -25.77
N ASN C 456 55.19 43.77 -26.53
CA ASN C 456 54.24 44.79 -26.06
C ASN C 456 53.12 44.13 -25.27
N ASP C 457 52.48 44.93 -24.42
CA ASP C 457 51.49 44.44 -23.46
C ASP C 457 50.24 45.30 -23.45
N SER C 458 49.96 46.02 -24.54
CA SER C 458 48.84 46.94 -24.63
C SER C 458 47.73 46.44 -25.54
N LEU C 459 47.68 45.13 -25.79
CA LEU C 459 46.94 44.58 -26.91
C LEU C 459 45.79 43.71 -26.43
N GLY C 460 44.69 43.77 -27.18
CA GLY C 460 43.48 43.03 -26.85
C GLY C 460 42.67 42.68 -28.08
N ILE C 461 41.36 42.54 -27.93
CA ILE C 461 40.48 42.08 -29.00
C ILE C 461 39.35 43.09 -29.17
N ASP C 462 39.12 43.51 -30.41
CA ASP C 462 37.99 44.36 -30.73
C ASP C 462 36.68 43.60 -30.61
N CYS C 463 35.60 44.33 -30.33
CA CYS C 463 34.35 43.74 -29.89
C CYS C 463 33.28 43.68 -30.97
N ASP C 464 33.64 43.92 -32.24
CA ASP C 464 32.68 43.85 -33.35
C ASP C 464 32.99 42.73 -34.34
N THR C 465 34.20 42.66 -34.88
CA THR C 465 34.57 41.64 -35.84
C THR C 465 35.42 40.52 -35.25
N GLY C 466 35.82 40.63 -33.99
CA GLY C 466 36.55 39.56 -33.34
C GLY C 466 38.02 39.47 -33.69
N GLU C 467 38.52 40.33 -34.56
CA GLU C 467 39.92 40.33 -34.93
C GLU C 467 40.75 40.92 -33.80
N VAL C 468 41.97 40.41 -33.64
CA VAL C 468 42.87 40.87 -32.60
C VAL C 468 43.61 42.11 -33.09
N VAL C 469 43.44 43.23 -32.39
CA VAL C 469 44.10 44.49 -32.74
C VAL C 469 44.50 45.22 -31.47
N ASP C 470 45.53 46.05 -31.59
CA ASP C 470 46.01 46.83 -30.46
C ASP C 470 44.95 47.85 -30.05
N MET C 471 44.82 48.03 -28.73
CA MET C 471 43.73 48.85 -28.20
C MET C 471 44.01 50.35 -28.27
N TRP C 472 45.26 50.77 -28.52
CA TRP C 472 45.52 52.19 -28.65
C TRP C 472 44.85 52.78 -29.89
N GLU C 473 45.10 52.18 -31.06
CA GLU C 473 44.50 52.72 -32.27
C GLU C 473 43.02 52.33 -32.39
N ALA C 474 42.64 51.18 -31.83
CA ALA C 474 41.23 50.81 -31.83
C ALA C 474 40.40 51.81 -31.06
N GLY C 475 40.97 52.43 -30.03
CA GLY C 475 40.33 53.53 -29.35
C GLY C 475 39.48 53.16 -28.16
N VAL C 476 39.62 51.95 -27.61
CA VAL C 476 38.95 51.56 -26.38
C VAL C 476 39.96 51.74 -25.26
N ILE C 477 39.66 52.64 -24.33
CA ILE C 477 40.56 53.07 -23.27
C ILE C 477 39.77 53.18 -21.98
N ASP C 478 40.39 52.77 -20.87
CA ASP C 478 39.81 52.84 -19.54
C ASP C 478 40.65 53.77 -18.67
N PRO C 479 40.06 54.52 -17.74
CA PRO C 479 40.88 55.31 -16.82
C PRO C 479 41.68 54.39 -15.90
N ALA C 480 42.83 54.91 -15.46
CA ALA C 480 43.70 54.15 -14.57
C ALA C 480 43.11 54.04 -13.16
N PRO C 481 42.74 55.15 -12.49
CA PRO C 481 42.30 55.03 -11.10
C PRO C 481 41.07 54.16 -10.92
N VAL C 482 40.12 54.16 -11.86
CA VAL C 482 38.94 53.33 -11.70
C VAL C 482 39.33 51.86 -11.72
N LYS C 483 40.21 51.46 -12.64
CA LYS C 483 40.66 50.07 -12.69
C LYS C 483 41.45 49.70 -11.45
N LEU C 484 42.34 50.59 -11.00
CA LEU C 484 43.15 50.32 -9.82
C LEU C 484 42.28 50.11 -8.59
N HIS C 485 41.34 51.02 -8.36
CA HIS C 485 40.49 50.89 -7.19
C HIS C 485 39.53 49.72 -7.32
N ALA C 486 39.06 49.39 -8.53
CA ALA C 486 38.22 48.22 -8.68
C ALA C 486 38.96 46.95 -8.33
N LEU C 487 40.21 46.81 -8.81
CA LEU C 487 40.98 45.63 -8.45
C LEU C 487 41.32 45.61 -6.97
N LYS C 488 41.60 46.76 -6.37
CA LYS C 488 41.88 46.80 -4.94
C LYS C 488 40.67 46.37 -4.13
N ALA C 489 39.49 46.86 -4.48
CA ALA C 489 38.27 46.44 -3.79
C ALA C 489 37.99 44.96 -4.00
N ALA C 490 38.23 44.43 -5.21
CA ALA C 490 38.03 43.01 -5.44
C ALA C 490 38.98 42.18 -4.58
N GLY C 491 40.24 42.60 -4.48
CA GLY C 491 41.16 41.90 -3.61
C GLY C 491 40.80 42.00 -2.14
N GLU C 492 40.27 43.14 -1.71
CA GLU C 492 39.83 43.28 -0.32
C GLU C 492 38.66 42.36 -0.02
N VAL C 493 37.64 42.35 -0.88
CA VAL C 493 36.46 41.54 -0.61
C VAL C 493 36.71 40.04 -0.79
N ALA C 494 37.59 39.64 -1.72
CA ALA C 494 37.92 38.23 -1.85
C ALA C 494 38.60 37.73 -0.58
N ALA C 495 39.54 38.50 -0.05
CA ALA C 495 40.19 38.13 1.20
C ALA C 495 39.22 38.16 2.38
N ALA C 496 38.28 39.09 2.38
CA ALA C 496 37.31 39.18 3.47
C ALA C 496 36.29 38.05 3.44
N ILE C 497 35.96 37.51 2.27
CA ILE C 497 34.96 36.47 2.15
C ILE C 497 35.56 35.07 2.18
N LEU C 498 36.80 34.89 1.73
CA LEU C 498 37.44 33.58 1.87
C LEU C 498 37.81 33.27 3.32
N ARG C 499 37.90 34.29 4.18
CA ARG C 499 38.33 34.09 5.55
C ARG C 499 37.20 33.60 6.45
N ILE C 500 35.95 33.69 6.00
CA ILE C 500 34.83 33.16 6.79
C ILE C 500 34.88 31.64 6.72
N ASN C 501 34.76 30.99 7.88
CA ASN C 501 34.80 29.54 8.00
C ASN C 501 33.60 28.96 8.73
N THR C 502 33.04 29.68 9.69
CA THR C 502 31.92 29.20 10.50
C THR C 502 30.78 30.21 10.50
N ILE C 503 29.56 29.69 10.49
CA ILE C 503 28.34 30.49 10.54
C ILE C 503 27.52 29.97 11.72
N ILE C 504 27.15 30.87 12.63
CA ILE C 504 26.36 30.51 13.80
C ILE C 504 25.42 31.67 14.13
N LYS C 505 24.36 31.34 14.87
CA LYS C 505 23.29 32.29 15.14
C LYS C 505 23.57 33.12 16.39
N MET C 506 22.90 34.28 16.46
CA MET C 506 23.16 35.30 17.46
C MET C 506 22.12 35.21 18.58
N LYS C 507 22.19 36.18 19.51
CA LYS C 507 21.38 36.10 20.73
C LYS C 507 19.89 36.23 20.45
N ALA D 12 -2.60 25.64 -34.12
CA ALA D 12 -3.78 25.37 -34.95
C ALA D 12 -4.86 24.65 -34.17
N ASP D 13 -4.47 23.75 -33.26
CA ASP D 13 -5.46 22.99 -32.50
C ASP D 13 -6.21 23.89 -31.51
N GLU D 14 -5.50 24.77 -30.81
CA GLU D 14 -6.20 25.65 -29.87
C GLU D 14 -7.07 26.66 -30.61
N ARG D 15 -6.72 27.00 -31.85
CA ARG D 15 -7.63 27.82 -32.65
C ARG D 15 -8.92 27.07 -32.95
N PHE D 16 -8.82 25.81 -33.32
CA PHE D 16 -10.01 25.01 -33.57
C PHE D 16 -10.76 24.68 -32.28
N GLN D 17 -10.03 24.37 -31.22
CA GLN D 17 -10.69 24.08 -29.94
C GLN D 17 -11.45 25.28 -29.42
N ALA D 18 -10.98 26.49 -29.74
CA ALA D 18 -11.73 27.69 -29.41
C ALA D 18 -13.04 27.75 -30.16
N LEU D 19 -13.06 27.29 -31.41
CA LEU D 19 -14.29 27.25 -32.18
C LEU D 19 -15.22 26.16 -31.66
N LEU D 20 -14.68 24.99 -31.33
CA LEU D 20 -15.51 23.88 -30.89
C LEU D 20 -16.21 24.19 -29.56
N THR D 21 -15.51 24.85 -28.64
CA THR D 21 -16.14 25.22 -27.38
C THR D 21 -17.27 26.21 -27.61
N ASN D 22 -17.08 27.17 -28.52
CA ASN D 22 -18.17 28.06 -28.88
C ASN D 22 -19.28 27.32 -29.61
N VAL D 23 -18.93 26.31 -30.41
CA VAL D 23 -19.94 25.51 -31.10
C VAL D 23 -20.79 24.75 -30.09
N ASN D 24 -20.15 24.10 -29.12
CA ASN D 24 -20.90 23.29 -28.16
C ASN D 24 -21.82 24.15 -27.30
N ALA D 25 -21.39 25.37 -26.96
CA ALA D 25 -22.29 26.27 -26.25
C ALA D 25 -23.51 26.61 -27.11
N VAL D 26 -23.29 26.88 -28.40
CA VAL D 26 -24.41 27.10 -29.30
C VAL D 26 -25.21 25.81 -29.48
N ARG D 27 -24.52 24.68 -29.52
CA ARG D 27 -25.22 23.41 -29.66
C ARG D 27 -26.13 23.14 -28.47
N ALA D 28 -25.63 23.39 -27.27
CA ALA D 28 -26.40 23.05 -26.07
C ALA D 28 -27.67 23.88 -25.97
N ILE D 29 -27.61 25.17 -26.27
CA ILE D 29 -28.80 26.00 -26.25
C ILE D 29 -29.77 25.57 -27.35
N ALA D 30 -29.23 25.28 -28.54
CA ALA D 30 -30.08 24.76 -29.60
C ALA D 30 -30.62 23.38 -29.23
N ASP D 31 -29.85 22.61 -28.47
CA ASP D 31 -30.30 21.31 -28.02
C ASP D 31 -31.36 21.40 -26.95
N ALA D 32 -31.37 22.47 -26.15
CA ALA D 32 -32.36 22.60 -25.09
C ALA D 32 -33.73 22.98 -25.64
N VAL D 33 -33.80 23.47 -26.87
CA VAL D 33 -35.04 23.95 -27.46
C VAL D 33 -35.32 23.35 -28.84
N GLU D 34 -34.72 22.20 -29.16
CA GLU D 34 -35.17 21.49 -30.36
C GLU D 34 -36.53 20.84 -30.15
N GLY D 35 -36.74 20.24 -28.99
CA GLY D 35 -37.90 19.39 -28.77
C GLY D 35 -39.23 20.12 -28.75
N THR D 36 -39.23 21.44 -28.63
CA THR D 36 -40.45 22.21 -28.62
C THR D 36 -40.94 22.58 -30.02
N LEU D 37 -40.19 22.24 -31.06
CA LEU D 37 -40.57 22.60 -32.42
C LEU D 37 -41.67 21.67 -32.93
N GLY D 38 -42.47 22.21 -33.85
CA GLY D 38 -43.52 21.44 -34.49
C GLY D 38 -44.79 21.45 -33.68
N PRO D 39 -45.89 20.95 -34.27
CA PRO D 39 -47.17 20.95 -33.54
C PRO D 39 -47.26 19.90 -32.45
N LYS D 40 -46.55 18.79 -32.57
CA LYS D 40 -46.51 17.75 -31.55
C LYS D 40 -45.25 17.85 -30.71
N GLY D 41 -44.79 19.08 -30.48
CA GLY D 41 -43.57 19.28 -29.72
C GLY D 41 -43.74 18.95 -28.25
N LEU D 42 -42.60 18.68 -27.61
CA LEU D 42 -42.53 18.33 -26.20
C LEU D 42 -42.09 19.53 -25.38
N ASP D 43 -42.36 19.47 -24.09
CA ASP D 43 -42.12 20.58 -23.18
C ASP D 43 -40.76 20.39 -22.50
N VAL D 44 -40.37 21.39 -21.70
CA VAL D 44 -39.09 21.41 -21.02
C VAL D 44 -39.35 21.78 -19.56
N MET D 45 -38.74 21.03 -18.65
CA MET D 45 -38.87 21.32 -17.22
C MET D 45 -37.74 22.25 -16.80
N LEU D 46 -38.11 23.43 -16.34
CA LEU D 46 -37.16 24.43 -15.83
C LEU D 46 -37.24 24.43 -14.31
N VAL D 47 -36.14 24.02 -13.67
CA VAL D 47 -36.07 23.88 -12.23
C VAL D 47 -35.23 25.00 -11.64
N ASP D 48 -35.48 25.31 -10.37
CA ASP D 48 -34.71 26.29 -9.61
C ASP D 48 -33.81 25.57 -8.63
N LYS D 49 -32.93 26.34 -7.99
CA LYS D 49 -32.33 25.89 -6.74
C LYS D 49 -33.41 25.84 -5.66
N PHE D 50 -34.30 26.82 -5.66
CA PHE D 50 -35.37 26.92 -4.66
C PHE D 50 -36.26 25.68 -4.65
N GLY D 51 -36.47 25.06 -5.81
CA GLY D 51 -37.40 23.96 -5.96
C GLY D 51 -38.61 24.25 -6.83
N GLU D 52 -38.78 25.48 -7.28
CA GLU D 52 -39.90 25.82 -8.14
C GLU D 52 -39.70 25.18 -9.51
N VAL D 53 -40.80 25.10 -10.26
CA VAL D 53 -40.83 24.46 -11.57
C VAL D 53 -41.53 25.39 -12.55
N THR D 54 -41.23 25.20 -13.84
CA THR D 54 -41.90 25.90 -14.91
C THR D 54 -41.91 25.00 -16.14
N ILE D 55 -43.03 24.35 -16.41
CA ILE D 55 -43.22 23.54 -17.58
C ILE D 55 -43.62 24.47 -18.71
N THR D 56 -42.91 24.39 -19.84
CA THR D 56 -43.19 25.27 -20.96
C THR D 56 -42.70 24.65 -22.25
N ASN D 57 -43.53 24.74 -23.29
CA ASN D 57 -43.17 24.36 -24.64
C ASN D 57 -42.99 25.56 -25.56
N ASP D 58 -42.98 26.77 -25.01
CA ASP D 58 -42.70 27.97 -25.78
C ASP D 58 -41.20 28.21 -25.81
N GLY D 59 -40.62 28.28 -27.00
CA GLY D 59 -39.20 28.52 -27.10
C GLY D 59 -38.77 29.85 -26.53
N VAL D 60 -39.59 30.88 -26.71
CA VAL D 60 -39.23 32.21 -26.22
C VAL D 60 -39.08 32.20 -24.70
N THR D 61 -40.01 31.54 -24.00
CA THR D 61 -39.93 31.45 -22.56
C THR D 61 -38.69 30.69 -22.11
N ILE D 62 -38.36 29.60 -22.79
CA ILE D 62 -37.18 28.82 -22.40
C ILE D 62 -35.92 29.64 -22.60
N LEU D 63 -35.79 30.33 -23.73
CA LEU D 63 -34.62 31.16 -23.95
C LEU D 63 -34.54 32.31 -22.95
N ASP D 64 -35.67 32.91 -22.61
CA ASP D 64 -35.66 34.03 -21.68
C ASP D 64 -35.27 33.54 -20.29
N GLN D 65 -35.80 32.41 -19.85
CA GLN D 65 -35.70 31.99 -18.46
C GLN D 65 -34.55 31.03 -18.17
N MET D 66 -34.04 30.30 -19.16
CA MET D 66 -32.97 29.35 -18.92
C MET D 66 -31.63 30.08 -18.82
N ASP D 67 -30.79 29.61 -17.92
CA ASP D 67 -29.51 30.27 -17.66
C ASP D 67 -28.56 30.15 -18.84
N VAL D 68 -27.70 31.15 -18.99
CA VAL D 68 -26.67 31.17 -20.02
C VAL D 68 -25.41 31.76 -19.40
N GLN D 69 -24.36 30.94 -19.31
CA GLN D 69 -23.11 31.33 -18.66
C GLN D 69 -21.97 31.38 -19.66
N HIS D 70 -22.02 30.51 -20.67
CA HIS D 70 -21.00 30.55 -21.70
C HIS D 70 -21.28 31.74 -22.63
N PRO D 71 -20.32 32.65 -22.85
CA PRO D 71 -20.67 33.90 -23.52
C PRO D 71 -21.10 33.72 -24.96
N ALA D 72 -20.72 32.63 -25.61
CA ALA D 72 -21.12 32.40 -26.98
C ALA D 72 -22.62 32.23 -27.12
N ALA D 73 -23.25 31.54 -26.16
CA ALA D 73 -24.69 31.32 -26.24
C ALA D 73 -25.47 32.62 -26.17
N ARG D 74 -25.02 33.57 -25.36
CA ARG D 74 -25.77 34.81 -25.17
C ARG D 74 -25.89 35.60 -26.47
N MET D 75 -24.92 35.47 -27.37
CA MET D 75 -25.05 36.12 -28.67
C MET D 75 -26.23 35.56 -29.45
N LEU D 76 -26.37 34.24 -29.47
CA LEU D 76 -27.50 33.63 -30.15
C LEU D 76 -28.81 33.99 -29.47
N ILE D 77 -28.82 34.03 -28.13
CA ILE D 77 -30.03 34.43 -27.41
C ILE D 77 -30.41 35.86 -27.77
N GLN D 78 -29.43 36.76 -27.81
CA GLN D 78 -29.72 38.15 -28.14
C GLN D 78 -30.25 38.27 -29.56
N VAL D 79 -29.67 37.52 -30.50
CA VAL D 79 -30.14 37.57 -31.89
C VAL D 79 -31.56 37.02 -31.99
N ALA D 80 -31.84 35.92 -31.30
CA ALA D 80 -33.18 35.33 -31.35
C ALA D 80 -34.22 36.25 -30.73
N ARG D 81 -33.91 36.86 -29.59
CA ARG D 81 -34.87 37.79 -28.99
C ARG D 81 -34.96 39.09 -29.76
N ALA D 82 -33.94 39.46 -30.53
CA ALA D 82 -34.09 40.55 -31.49
C ALA D 82 -35.07 40.17 -32.60
N GLN D 83 -34.99 38.94 -33.09
CA GLN D 83 -35.99 38.44 -34.03
C GLN D 83 -37.38 38.49 -33.41
N GLU D 84 -37.50 38.17 -32.12
CA GLU D 84 -38.76 38.35 -31.42
C GLU D 84 -39.19 39.82 -31.40
N GLU D 85 -38.25 40.73 -31.10
CA GLU D 85 -38.57 42.16 -31.15
C GLU D 85 -39.01 42.61 -32.54
N GLU D 86 -38.60 41.89 -33.59
CA GLU D 86 -39.02 42.26 -34.93
C GLU D 86 -40.50 41.99 -35.16
N VAL D 87 -40.91 40.71 -35.05
CA VAL D 87 -42.29 40.31 -35.31
C VAL D 87 -42.87 39.40 -34.23
N GLY D 88 -42.11 39.07 -33.19
CA GLY D 88 -42.70 38.39 -32.05
C GLY D 88 -42.89 36.90 -32.19
N ASP D 89 -42.23 36.25 -33.13
CA ASP D 89 -42.29 34.80 -33.22
C ASP D 89 -41.14 34.31 -34.09
N GLY D 90 -40.91 33.00 -34.06
CA GLY D 90 -39.87 32.39 -34.86
C GLY D 90 -38.51 32.34 -34.21
N THR D 91 -38.44 32.43 -32.88
CA THR D 91 -37.15 32.32 -32.22
C THR D 91 -36.68 30.88 -32.14
N THR D 92 -37.60 29.93 -31.96
CA THR D 92 -37.20 28.52 -31.90
C THR D 92 -36.62 28.06 -33.22
N THR D 93 -37.27 28.42 -34.33
CA THR D 93 -36.75 28.06 -35.64
C THR D 93 -35.40 28.69 -35.89
N ALA D 94 -35.23 29.96 -35.48
CA ALA D 94 -33.95 30.62 -35.64
C ALA D 94 -32.85 29.93 -34.83
N THR D 95 -33.16 29.55 -33.59
CA THR D 95 -32.17 28.86 -32.76
C THR D 95 -31.79 27.51 -33.36
N VAL D 96 -32.78 26.75 -33.82
CA VAL D 96 -32.48 25.43 -34.40
C VAL D 96 -31.67 25.60 -35.68
N LEU D 97 -32.03 26.56 -36.53
CA LEU D 97 -31.30 26.77 -37.77
C LEU D 97 -29.86 27.23 -37.50
N ALA D 98 -29.68 28.12 -36.52
CA ALA D 98 -28.33 28.54 -36.16
C ALA D 98 -27.50 27.37 -35.64
N GLY D 99 -28.10 26.54 -34.78
CA GLY D 99 -27.38 25.37 -34.29
C GLY D 99 -27.00 24.42 -35.41
N ALA D 100 -27.93 24.17 -36.34
CA ALA D 100 -27.63 23.29 -37.46
C ALA D 100 -26.56 23.86 -38.36
N LEU D 101 -26.62 25.16 -38.66
CA LEU D 101 -25.61 25.79 -39.50
C LEU D 101 -24.24 25.72 -38.85
N VAL D 102 -24.17 25.98 -37.55
CA VAL D 102 -22.89 25.93 -36.86
C VAL D 102 -22.36 24.50 -36.81
N SER D 103 -23.26 23.53 -36.61
CA SER D 103 -22.83 22.13 -36.53
C SER D 103 -22.29 21.66 -37.87
N GLU D 104 -23.01 21.91 -38.96
CA GLU D 104 -22.54 21.54 -40.28
C GLU D 104 -21.38 22.39 -40.76
N GLY D 105 -21.12 23.53 -40.11
CA GLY D 105 -19.88 24.25 -40.38
C GLY D 105 -18.69 23.61 -39.70
N VAL D 106 -18.81 23.29 -38.41
CA VAL D 106 -17.68 22.69 -37.71
C VAL D 106 -17.40 21.29 -38.24
N ASN D 107 -18.42 20.57 -38.71
CA ASN D 107 -18.18 19.24 -39.29
C ASN D 107 -17.31 19.33 -40.52
N GLN D 108 -17.43 20.42 -41.29
CA GLN D 108 -16.57 20.61 -42.45
C GLN D 108 -15.16 21.04 -42.04
N VAL D 109 -15.03 21.80 -40.97
CA VAL D 109 -13.70 22.16 -40.48
C VAL D 109 -12.98 20.93 -39.97
N GLU D 110 -13.71 19.99 -39.37
CA GLU D 110 -13.10 18.72 -38.98
C GLU D 110 -12.53 17.99 -40.18
N GLN D 111 -13.20 18.05 -41.32
CA GLN D 111 -12.77 17.29 -42.50
C GLN D 111 -11.53 17.92 -43.10
N GLY D 112 -11.21 19.15 -42.72
CA GLY D 112 -10.04 19.84 -43.23
C GLY D 112 -10.33 21.12 -43.98
N VAL D 113 -11.59 21.51 -44.16
CA VAL D 113 -11.89 22.75 -44.86
C VAL D 113 -11.50 23.92 -43.97
N PRO D 114 -10.81 24.95 -44.47
CA PRO D 114 -10.54 26.12 -43.62
C PRO D 114 -11.82 26.86 -43.27
N VAL D 115 -11.76 27.54 -42.11
CA VAL D 115 -12.96 28.20 -41.58
C VAL D 115 -13.36 29.38 -42.46
N SER D 116 -12.36 30.13 -42.96
CA SER D 116 -12.66 31.32 -43.74
C SER D 116 -13.41 30.99 -45.02
N ARG D 117 -13.19 29.81 -45.59
CA ARG D 117 -13.96 29.40 -46.76
C ARG D 117 -15.39 29.01 -46.38
N VAL D 118 -15.54 28.30 -45.25
CA VAL D 118 -16.87 27.90 -44.80
C VAL D 118 -17.72 29.13 -44.53
N ILE D 119 -17.11 30.18 -43.98
CA ILE D 119 -17.87 31.37 -43.60
C ILE D 119 -18.49 32.02 -44.83
N GLU D 120 -17.72 32.18 -45.90
CA GLU D 120 -18.23 32.84 -47.10
C GLU D 120 -19.14 31.92 -47.91
N GLY D 121 -18.86 30.61 -47.94
CA GLY D 121 -19.80 29.70 -48.54
C GLY D 121 -21.15 29.72 -47.83
N LEU D 122 -21.13 29.76 -46.50
CA LEU D 122 -22.35 29.88 -45.73
C LEU D 122 -23.06 31.19 -46.01
N ARG D 123 -22.30 32.29 -46.15
CA ARG D 123 -22.90 33.58 -46.47
C ARG D 123 -23.68 33.50 -47.79
N ARG D 124 -23.04 33.00 -48.85
CA ARG D 124 -23.76 32.94 -50.12
C ARG D 124 -24.90 31.92 -50.10
N GLY D 125 -24.72 30.78 -49.43
CA GLY D 125 -25.81 29.83 -49.33
C GLY D 125 -27.02 30.41 -48.63
N VAL D 126 -26.79 31.12 -47.52
CA VAL D 126 -27.89 31.74 -46.81
C VAL D 126 -28.56 32.81 -47.66
N GLU D 127 -27.77 33.61 -48.39
CA GLU D 127 -28.37 34.65 -49.21
C GLU D 127 -29.25 34.06 -50.30
N ARG D 128 -28.79 33.01 -50.97
CA ARG D 128 -29.62 32.37 -52.00
C ARG D 128 -30.82 31.67 -51.37
N ALA D 129 -30.68 31.10 -50.17
CA ALA D 129 -31.82 30.51 -49.50
C ALA D 129 -32.87 31.55 -49.16
N LEU D 130 -32.45 32.72 -48.68
CA LEU D 130 -33.39 33.82 -48.45
C LEU D 130 -34.08 34.22 -49.73
N GLU D 131 -33.34 34.33 -50.83
CA GLU D 131 -33.94 34.72 -52.10
C GLU D 131 -35.00 33.71 -52.54
N LEU D 132 -34.68 32.41 -52.45
CA LEU D 132 -35.65 31.40 -52.85
C LEU D 132 -36.86 31.35 -51.93
N LEU D 133 -36.66 31.50 -50.62
CA LEU D 133 -37.81 31.54 -49.72
C LEU D 133 -38.70 32.73 -50.01
N ARG D 134 -38.10 33.89 -50.30
CA ARG D 134 -38.90 35.05 -50.67
C ARG D 134 -39.67 34.81 -51.96
N LYS D 135 -39.03 34.19 -52.96
CA LYS D 135 -39.72 33.91 -54.21
C LYS D 135 -40.83 32.89 -54.03
N GLN D 136 -40.68 31.97 -53.08
CA GLN D 136 -41.66 30.90 -52.88
C GLN D 136 -42.88 31.33 -52.09
N ALA D 137 -42.84 32.49 -51.43
CA ALA D 137 -43.98 32.94 -50.64
C ALA D 137 -45.14 33.30 -51.54
N LEU D 138 -46.35 32.97 -51.10
CA LEU D 138 -47.59 33.19 -51.85
C LEU D 138 -48.45 34.23 -51.14
N PRO D 139 -48.74 35.40 -51.71
CA PRO D 139 -49.50 36.40 -50.94
C PRO D 139 -50.95 36.00 -50.78
N VAL D 140 -51.50 36.32 -49.62
CA VAL D 140 -52.82 35.85 -49.23
C VAL D 140 -53.86 36.81 -49.80
N GLU D 141 -54.98 36.25 -50.26
CA GLU D 141 -56.08 37.02 -50.85
C GLU D 141 -57.08 37.31 -49.74
N GLY D 142 -57.06 38.55 -49.25
CA GLY D 142 -58.02 39.00 -48.27
C GLY D 142 -57.89 38.26 -46.95
N LEU D 143 -58.69 38.72 -45.99
CA LEU D 143 -58.73 38.12 -44.65
C LEU D 143 -59.84 37.08 -44.50
N ASP D 144 -60.67 36.88 -45.53
CA ASP D 144 -61.69 35.84 -45.51
C ASP D 144 -61.18 34.50 -46.01
N ASP D 145 -59.92 34.43 -46.46
CA ASP D 145 -59.43 33.20 -47.07
C ASP D 145 -58.98 32.27 -45.93
N PRO D 146 -59.31 30.97 -45.98
CA PRO D 146 -59.11 30.11 -44.81
C PRO D 146 -57.67 29.97 -44.33
N ARG D 147 -56.67 30.31 -45.13
CA ARG D 147 -55.31 30.12 -44.66
C ARG D 147 -54.97 31.03 -43.50
N LEU D 148 -55.66 32.17 -43.36
CA LEU D 148 -55.52 32.96 -42.13
C LEU D 148 -56.03 32.19 -40.92
N ARG D 149 -57.16 31.50 -41.07
CA ARG D 149 -57.65 30.66 -39.98
C ARG D 149 -56.64 29.57 -39.65
N ALA D 150 -56.04 28.97 -40.68
CA ALA D 150 -55.02 27.95 -40.43
C ALA D 150 -53.81 28.52 -39.72
N VAL D 151 -53.36 29.72 -40.11
CA VAL D 151 -52.22 30.35 -39.47
C VAL D 151 -52.53 30.74 -38.03
N ALA D 152 -53.77 31.12 -37.74
CA ALA D 152 -54.16 31.34 -36.36
C ALA D 152 -54.17 30.04 -35.57
N ARG D 153 -54.68 28.96 -36.17
CA ARG D 153 -54.76 27.69 -35.46
C ARG D 153 -53.38 27.13 -35.15
N ILE D 154 -52.46 27.19 -36.11
CA ILE D 154 -51.14 26.60 -35.89
C ILE D 154 -50.39 27.37 -34.81
N ALA D 155 -50.56 28.69 -34.76
CA ALA D 155 -49.99 29.48 -33.68
C ALA D 155 -50.76 29.32 -32.37
N ALA D 156 -51.96 28.73 -32.40
CA ALA D 156 -52.80 28.59 -31.23
C ALA D 156 -52.73 27.20 -30.60
N ARG D 157 -51.82 26.34 -31.05
CA ARG D 157 -51.67 24.99 -30.50
C ARG D 157 -52.99 24.22 -30.57
N GLU D 158 -53.65 24.34 -31.73
CA GLU D 158 -54.85 23.57 -32.04
C GLU D 158 -55.97 23.81 -31.05
N ARG D 159 -56.12 25.06 -30.60
CA ARG D 159 -57.27 25.50 -29.81
C ARG D 159 -57.98 26.59 -30.59
N GLU D 160 -59.15 26.26 -31.14
CA GLU D 160 -59.87 27.15 -32.04
C GLU D 160 -60.50 28.34 -31.32
N ASP D 161 -60.63 28.28 -29.99
CA ASP D 161 -61.21 29.41 -29.26
C ASP D 161 -60.39 30.68 -29.45
N ILE D 162 -59.07 30.59 -29.34
CA ILE D 162 -58.22 31.75 -29.60
C ILE D 162 -58.23 32.09 -31.07
N ALA D 163 -58.21 31.09 -31.94
CA ALA D 163 -58.12 31.33 -33.37
C ALA D 163 -59.30 32.17 -33.86
N ASP D 164 -60.53 31.82 -33.46
CA ASP D 164 -61.69 32.55 -33.94
C ASP D 164 -61.68 34.01 -33.48
N LEU D 165 -61.34 34.27 -32.21
CA LEU D 165 -61.37 35.66 -31.76
C LEU D 165 -60.28 36.48 -32.41
N VAL D 166 -59.08 35.90 -32.61
CA VAL D 166 -58.03 36.69 -33.25
C VAL D 166 -58.39 36.97 -34.70
N VAL D 167 -58.96 35.99 -35.43
CA VAL D 167 -59.29 36.28 -36.81
C VAL D 167 -60.45 37.27 -36.90
N GLU D 168 -61.41 37.21 -35.97
CA GLU D 168 -62.46 38.22 -35.93
C GLU D 168 -61.87 39.61 -35.74
N ALA D 169 -60.95 39.76 -34.78
CA ALA D 169 -60.29 41.04 -34.59
C ALA D 169 -59.49 41.46 -35.81
N ALA D 170 -58.85 40.51 -36.49
CA ALA D 170 -58.07 40.85 -37.67
C ALA D 170 -58.96 41.39 -38.79
N ARG D 171 -60.10 40.77 -39.02
CA ARG D 171 -61.00 41.28 -40.04
C ARG D 171 -61.68 42.58 -39.63
N HIS D 172 -61.88 42.82 -38.34
CA HIS D 172 -62.50 44.06 -37.91
C HIS D 172 -61.64 45.28 -38.24
N ILE D 173 -60.32 45.16 -38.06
CA ILE D 173 -59.46 46.35 -38.10
C ILE D 173 -59.36 46.91 -39.51
N GLY D 174 -59.18 46.04 -40.51
CA GLY D 174 -59.09 46.47 -41.90
C GLY D 174 -57.73 46.23 -42.53
N GLU D 175 -57.65 46.35 -43.86
CA GLU D 175 -56.44 45.97 -44.58
C GLU D 175 -55.35 47.02 -44.40
N ASP D 176 -55.59 48.23 -44.90
CA ASP D 176 -54.60 49.29 -44.81
C ASP D 176 -54.29 49.67 -43.37
N LYS D 177 -55.24 49.49 -42.46
CA LYS D 177 -54.95 49.67 -41.05
C LYS D 177 -53.96 48.63 -40.56
N LEU D 178 -54.07 47.39 -41.05
CA LEU D 178 -53.11 46.36 -40.69
C LEU D 178 -51.75 46.56 -41.35
N GLN D 179 -51.70 47.20 -42.50
CA GLN D 179 -50.45 47.40 -43.22
C GLN D 179 -49.51 48.35 -42.50
N ASP D 180 -49.99 49.14 -41.55
CA ASP D 180 -49.20 50.23 -40.98
C ASP D 180 -47.98 49.68 -40.24
N PRO D 181 -46.75 50.05 -40.62
CA PRO D 181 -45.59 49.45 -39.96
C PRO D 181 -45.42 49.88 -38.51
N ASN D 182 -46.00 51.00 -38.11
CA ASN D 182 -45.95 51.45 -36.73
C ASN D 182 -47.03 50.80 -35.86
N PHE D 183 -47.98 50.08 -36.46
CA PHE D 183 -49.07 49.47 -35.74
C PHE D 183 -48.64 48.03 -35.48
N LYS D 184 -48.56 47.66 -34.20
CA LYS D 184 -48.45 46.27 -33.78
C LYS D 184 -49.76 45.83 -33.16
N LEU D 185 -50.25 44.67 -33.58
CA LEU D 185 -51.32 43.98 -32.88
C LEU D 185 -50.86 43.36 -31.58
N ALA D 186 -49.55 43.41 -31.29
CA ALA D 186 -49.00 42.87 -30.06
C ALA D 186 -49.67 43.45 -28.81
N ASP D 187 -49.79 44.78 -28.74
CA ASP D 187 -50.26 45.43 -27.53
C ASP D 187 -51.78 45.44 -27.39
N THR D 188 -52.52 45.00 -28.39
CA THR D 188 -53.97 45.14 -28.39
C THR D 188 -54.70 43.96 -27.75
N VAL D 189 -53.98 43.01 -27.17
CA VAL D 189 -54.57 41.86 -26.51
C VAL D 189 -54.30 41.96 -25.01
N THR D 190 -55.16 41.33 -24.23
CA THR D 190 -55.01 41.32 -22.78
C THR D 190 -55.90 40.21 -22.22
N ALA D 191 -55.34 39.42 -21.32
CA ALA D 191 -56.03 38.27 -20.75
C ALA D 191 -56.41 38.56 -19.30
N ARG D 192 -57.67 38.28 -18.95
CA ARG D 192 -58.20 38.47 -17.61
C ARG D 192 -58.87 37.18 -17.16
N GLU D 193 -58.83 36.93 -15.86
CA GLU D 193 -59.36 35.68 -15.32
C GLU D 193 -60.87 35.77 -15.10
N GLY D 194 -61.55 34.66 -15.39
CA GLY D 194 -62.98 34.56 -15.15
C GLY D 194 -63.85 35.25 -16.17
N ALA D 195 -63.28 35.77 -17.26
CA ALA D 195 -64.03 36.47 -18.30
C ALA D 195 -64.21 35.55 -19.51
N GLU D 196 -65.12 35.95 -20.38
CA GLU D 196 -65.39 35.24 -21.62
C GLU D 196 -64.45 35.75 -22.71
N ASN D 197 -64.59 35.21 -23.91
CA ASN D 197 -63.77 35.59 -25.06
C ASN D 197 -64.56 36.56 -25.92
N GLN D 198 -64.12 37.82 -25.95
CA GLN D 198 -64.76 38.84 -26.77
C GLN D 198 -63.76 39.96 -27.02
N VAL D 199 -64.09 40.80 -28.00
CA VAL D 199 -63.27 41.94 -28.39
C VAL D 199 -64.07 43.21 -28.15
N ILE D 200 -63.45 44.17 -27.48
CA ILE D 200 -64.09 45.45 -27.18
C ILE D 200 -63.31 46.56 -27.87
N THR D 356 -59.36 46.65 -28.49
CA THR D 356 -59.05 45.93 -27.26
C THR D 356 -59.66 44.53 -27.31
N VAL D 357 -58.80 43.52 -27.29
CA VAL D 357 -59.21 42.12 -27.34
C VAL D 357 -59.12 41.58 -25.92
N LEU D 358 -60.27 41.22 -25.35
CA LEU D 358 -60.34 40.62 -24.03
C LEU D 358 -60.23 39.11 -24.18
N VAL D 359 -59.15 38.53 -23.66
CA VAL D 359 -58.90 37.10 -23.77
C VAL D 359 -59.34 36.44 -22.48
N GLY D 360 -60.15 35.39 -22.59
CA GLY D 360 -60.64 34.71 -21.41
C GLY D 360 -59.59 33.86 -20.74
N ALA D 361 -59.83 33.55 -19.47
CA ALA D 361 -58.97 32.68 -18.70
C ALA D 361 -59.75 32.13 -17.51
N ALA D 362 -59.31 30.97 -17.02
CA ALA D 362 -60.02 30.31 -15.93
C ALA D 362 -59.63 30.90 -14.58
N THR D 363 -58.35 30.79 -14.22
CA THR D 363 -57.81 31.29 -12.96
C THR D 363 -56.70 32.30 -13.25
N GLU D 364 -56.16 32.88 -12.18
CA GLU D 364 -55.10 33.88 -12.34
C GLU D 364 -53.82 33.26 -12.89
N GLU D 365 -53.54 32.00 -12.54
CA GLU D 365 -52.33 31.35 -13.02
C GLU D 365 -52.40 31.03 -14.50
N VAL D 366 -53.59 30.82 -15.05
CA VAL D 366 -53.72 30.54 -16.48
C VAL D 366 -53.53 31.79 -17.32
N VAL D 367 -53.61 32.98 -16.73
CA VAL D 367 -53.52 34.21 -17.50
C VAL D 367 -52.16 34.34 -18.16
N GLY D 368 -51.09 33.94 -17.48
CA GLY D 368 -49.75 34.16 -18.00
C GLY D 368 -49.50 33.45 -19.31
N GLU D 369 -49.97 32.22 -19.45
CA GLU D 369 -49.77 31.47 -20.69
C GLU D 369 -50.80 31.81 -21.76
N ARG D 370 -52.03 32.11 -21.39
CA ARG D 370 -53.03 32.47 -22.39
C ARG D 370 -52.74 33.83 -23.01
N GLU D 371 -52.16 34.76 -22.24
CA GLU D 371 -51.71 36.02 -22.83
C GLU D 371 -50.64 35.76 -23.88
N ARG D 372 -49.70 34.87 -23.60
CA ARG D 372 -48.67 34.53 -24.57
C ARG D 372 -49.26 33.84 -25.79
N VAL D 373 -50.30 33.02 -25.59
CA VAL D 373 -50.93 32.35 -26.71
C VAL D 373 -51.59 33.38 -27.63
N ALA D 374 -52.34 34.31 -27.06
CA ALA D 374 -52.95 35.36 -27.86
C ALA D 374 -51.88 36.20 -28.55
N LYS D 375 -50.77 36.46 -27.84
CA LYS D 375 -49.64 37.17 -28.43
C LYS D 375 -49.13 36.49 -29.68
N ASP D 376 -48.87 35.19 -29.60
CA ASP D 376 -48.32 34.46 -30.74
C ASP D 376 -49.31 34.40 -31.89
N ALA D 377 -50.59 34.16 -31.59
CA ALA D 377 -51.59 34.12 -32.65
C ALA D 377 -51.71 35.47 -33.35
N ALA D 378 -51.72 36.55 -32.57
CA ALA D 378 -51.78 37.88 -33.13
C ALA D 378 -50.57 38.18 -34.00
N SER D 379 -49.38 37.77 -33.56
CA SER D 379 -48.21 38.01 -34.39
C SER D 379 -48.23 37.19 -35.67
N ALA D 380 -48.75 35.97 -35.61
CA ALA D 380 -48.84 35.17 -36.82
C ALA D 380 -49.77 35.82 -37.84
N VAL D 381 -50.98 36.17 -37.44
CA VAL D 381 -51.87 36.86 -38.38
C VAL D 381 -51.32 38.22 -38.76
N GLN D 382 -50.55 38.87 -37.89
CA GLN D 382 -49.91 40.13 -38.22
C GLN D 382 -48.97 39.95 -39.41
N ALA D 383 -48.06 38.99 -39.31
CA ALA D 383 -47.08 38.76 -40.37
C ALA D 383 -47.72 38.25 -41.65
N ALA D 384 -48.82 37.51 -41.53
CA ALA D 384 -49.43 36.91 -42.72
C ALA D 384 -49.87 37.95 -43.72
N ILE D 385 -50.49 39.04 -43.26
CA ILE D 385 -50.96 40.07 -44.19
C ILE D 385 -49.79 40.72 -44.89
N ARG D 386 -48.73 41.02 -44.15
CA ARG D 386 -47.58 41.71 -44.74
C ARG D 386 -46.88 40.86 -45.78
N GLY D 387 -46.54 39.62 -45.44
CA GLY D 387 -45.69 38.81 -46.31
C GLY D 387 -46.37 37.62 -46.96
N GLY D 388 -47.63 37.39 -46.65
CA GLY D 388 -48.31 36.21 -47.14
C GLY D 388 -47.99 34.99 -46.30
N VAL D 389 -47.92 33.85 -46.99
CA VAL D 389 -47.79 32.55 -46.35
C VAL D 389 -46.71 31.74 -47.06
N VAL D 390 -46.23 30.72 -46.34
CA VAL D 390 -45.24 29.77 -46.85
C VAL D 390 -45.71 28.41 -46.35
N PRO D 391 -45.55 27.30 -47.10
CA PRO D 391 -45.94 26.00 -46.55
C PRO D 391 -45.17 25.64 -45.29
N GLY D 392 -45.88 25.53 -44.18
CA GLY D 392 -45.27 25.29 -42.90
C GLY D 392 -44.87 23.84 -42.71
N GLY D 393 -44.43 23.53 -41.50
CA GLY D 393 -43.96 22.20 -41.19
C GLY D 393 -42.59 21.87 -41.73
N GLY D 394 -41.83 22.86 -42.17
CA GLY D 394 -40.51 22.61 -42.72
C GLY D 394 -40.49 22.22 -44.18
N ALA D 395 -41.64 22.21 -44.85
CA ALA D 395 -41.67 21.84 -46.27
C ALA D 395 -40.90 22.84 -47.12
N ALA D 396 -41.05 24.14 -46.85
CA ALA D 396 -40.36 25.15 -47.63
C ALA D 396 -38.86 25.11 -47.44
N GLU D 397 -38.39 24.73 -46.25
CA GLU D 397 -36.96 24.58 -46.04
C GLU D 397 -36.40 23.48 -46.94
N LEU D 398 -37.12 22.37 -47.07
CA LEU D 398 -36.72 21.36 -48.05
C LEU D 398 -36.82 21.89 -49.47
N ALA D 399 -37.84 22.70 -49.75
CA ALA D 399 -38.02 23.23 -51.10
C ALA D 399 -36.82 24.07 -51.53
N VAL D 400 -36.26 24.85 -50.59
CA VAL D 400 -35.08 25.65 -50.89
C VAL D 400 -33.78 24.89 -50.70
N ALA D 401 -33.78 23.79 -49.96
CA ALA D 401 -32.54 23.04 -49.75
C ALA D 401 -32.02 22.45 -51.05
N ARG D 402 -32.91 21.94 -51.90
CA ARG D 402 -32.46 21.40 -53.18
C ARG D 402 -31.87 22.50 -54.07
N GLU D 403 -32.47 23.69 -54.07
CA GLU D 403 -31.90 24.81 -54.81
C GLU D 403 -30.53 25.17 -54.28
N VAL D 404 -30.36 25.17 -52.95
CA VAL D 404 -29.03 25.44 -52.39
C VAL D 404 -28.06 24.33 -52.79
N GLU D 405 -28.55 23.10 -52.96
CA GLU D 405 -27.69 22.02 -53.43
C GLU D 405 -27.22 22.28 -54.86
N LYS D 406 -28.12 22.72 -55.74
CA LYS D 406 -27.68 23.09 -57.08
C LYS D 406 -26.75 24.29 -57.07
N LEU D 407 -26.94 25.22 -56.14
CA LEU D 407 -25.98 26.30 -55.98
C LEU D 407 -24.60 25.75 -55.61
N ALA D 408 -24.56 24.78 -54.69
CA ALA D 408 -23.29 24.15 -54.35
C ALA D 408 -22.67 23.47 -55.56
N GLU D 409 -23.49 22.86 -56.41
CA GLU D 409 -23.03 22.29 -57.67
C GLU D 409 -22.75 23.37 -58.73
N GLU D 410 -22.99 24.64 -58.40
CA GLU D 410 -22.60 25.80 -59.20
C GLU D 410 -21.35 26.49 -58.65
N VAL D 411 -21.13 26.41 -57.33
CA VAL D 411 -20.03 27.12 -56.70
C VAL D 411 -18.71 26.44 -57.04
N LYS D 412 -17.63 27.23 -57.11
CA LYS D 412 -16.30 26.75 -57.47
C LYS D 412 -15.40 26.77 -56.24
N GLY D 413 -14.63 25.70 -56.07
CA GLY D 413 -13.55 25.67 -55.12
C GLY D 413 -13.94 25.05 -53.78
N MET D 414 -13.05 25.22 -52.81
CA MET D 414 -13.29 24.70 -51.47
C MET D 414 -14.46 25.37 -50.78
N GLU D 415 -14.84 26.56 -51.25
CA GLU D 415 -15.93 27.30 -50.60
C GLU D 415 -17.27 26.60 -50.76
N ARG D 416 -17.40 25.68 -51.72
CA ARG D 416 -18.69 25.03 -51.98
C ARG D 416 -19.19 24.25 -50.77
N TYR D 417 -18.29 23.73 -49.93
CA TYR D 417 -18.72 22.88 -48.83
C TYR D 417 -19.39 23.66 -47.72
N GLY D 418 -19.34 25.00 -47.75
CA GLY D 418 -20.23 25.79 -46.93
C GLY D 418 -21.65 25.86 -47.46
N VAL D 419 -21.81 25.81 -48.79
CA VAL D 419 -23.14 25.81 -49.36
C VAL D 419 -23.88 24.53 -48.99
N GLU D 420 -23.19 23.39 -49.01
CA GLU D 420 -23.80 22.16 -48.53
C GLU D 420 -24.03 22.19 -47.02
N ALA D 421 -23.22 22.94 -46.27
CA ALA D 421 -23.52 23.12 -44.86
C ALA D 421 -24.84 23.87 -44.67
N VAL D 422 -25.11 24.86 -45.52
CA VAL D 422 -26.40 25.53 -45.48
C VAL D 422 -27.51 24.59 -45.93
N ALA D 423 -27.26 23.80 -46.97
CA ALA D 423 -28.30 22.94 -47.54
C ALA D 423 -28.76 21.90 -46.52
N GLU D 424 -27.82 21.25 -45.85
CA GLU D 424 -28.17 20.23 -44.86
C GLU D 424 -28.70 20.84 -43.57
N ALA D 425 -28.28 22.06 -43.24
CA ALA D 425 -28.81 22.71 -42.05
C ALA D 425 -30.27 23.09 -42.22
N LEU D 426 -30.71 23.36 -43.45
CA LEU D 426 -32.09 23.75 -43.67
C LEU D 426 -33.07 22.59 -43.51
N LYS D 427 -32.60 21.34 -43.53
CA LYS D 427 -33.48 20.20 -43.27
C LYS D 427 -33.54 19.83 -41.80
N LYS D 428 -32.80 20.51 -40.93
CA LYS D 428 -32.92 20.21 -39.50
C LYS D 428 -34.30 20.52 -38.93
N PRO D 429 -34.98 21.63 -39.27
CA PRO D 429 -36.34 21.82 -38.77
C PRO D 429 -37.30 20.70 -39.13
N LEU D 430 -37.24 20.20 -40.36
CA LEU D 430 -38.11 19.10 -40.75
C LEU D 430 -37.65 17.78 -40.17
N ARG D 431 -36.34 17.60 -39.99
CA ARG D 431 -35.85 16.44 -39.25
C ARG D 431 -36.42 16.41 -37.84
N GLN D 432 -36.41 17.56 -37.18
CA GLN D 432 -36.84 17.64 -35.79
C GLN D 432 -38.35 17.59 -35.64
N ILE D 433 -39.11 18.11 -36.61
CA ILE D 433 -40.56 18.03 -36.52
C ILE D 433 -41.01 16.57 -36.52
N VAL D 434 -40.40 15.75 -37.37
CA VAL D 434 -40.75 14.33 -37.40
C VAL D 434 -40.09 13.55 -36.26
N ALA D 435 -38.91 13.95 -35.80
CA ALA D 435 -38.32 13.30 -34.64
C ALA D 435 -39.20 13.50 -33.41
N ASN D 436 -39.72 14.71 -33.23
CA ASN D 436 -40.64 15.00 -32.14
C ASN D 436 -42.01 14.38 -32.34
N ALA D 437 -42.41 14.15 -33.59
CA ALA D 437 -43.69 13.54 -33.91
C ALA D 437 -43.74 12.06 -33.58
N GLY D 438 -42.60 11.44 -33.26
CA GLY D 438 -42.56 10.02 -33.02
C GLY D 438 -42.35 9.17 -34.25
N PHE D 439 -41.84 9.75 -35.34
CA PHE D 439 -41.45 9.03 -36.53
C PHE D 439 -39.93 9.06 -36.67
N ASN D 440 -39.41 8.18 -37.50
CA ASN D 440 -37.96 8.09 -37.71
C ASN D 440 -37.56 9.07 -38.81
N PRO D 441 -36.72 10.08 -38.52
CA PRO D 441 -36.43 11.09 -39.56
C PRO D 441 -35.76 10.52 -40.79
N LEU D 442 -34.89 9.52 -40.63
CA LEU D 442 -34.16 8.98 -41.76
C LEU D 442 -35.09 8.37 -42.80
N GLU D 443 -36.10 7.62 -42.36
CA GLU D 443 -37.05 7.02 -43.28
C GLU D 443 -38.07 8.03 -43.79
N LYS D 444 -38.42 9.03 -42.99
CA LYS D 444 -39.40 10.03 -43.38
C LYS D 444 -38.81 11.16 -44.21
N LEU D 445 -37.50 11.18 -44.40
CA LEU D 445 -36.90 11.90 -45.53
C LEU D 445 -36.78 11.04 -46.78
N GLY D 446 -36.86 9.72 -46.63
CA GLY D 446 -36.85 8.82 -47.75
C GLY D 446 -38.23 8.48 -48.25
N ASP D 447 -39.22 9.32 -47.93
CA ASP D 447 -40.54 9.23 -48.54
C ASP D 447 -41.08 10.57 -49.01
N LEU D 448 -40.46 11.70 -48.65
CA LEU D 448 -40.90 13.01 -49.11
C LEU D 448 -40.48 13.30 -50.54
N ARG D 449 -39.48 12.58 -51.04
CA ARG D 449 -38.95 12.82 -52.37
C ARG D 449 -39.67 11.99 -53.43
N ALA D 450 -40.91 11.59 -53.17
CA ALA D 450 -41.69 10.85 -54.15
C ALA D 450 -42.31 11.79 -55.17
N ALA D 451 -43.18 12.69 -54.69
CA ALA D 451 -43.85 13.65 -55.54
C ALA D 451 -43.08 14.96 -55.71
N HIS D 452 -41.96 15.12 -55.03
CA HIS D 452 -41.08 16.26 -55.28
C HIS D 452 -40.45 16.20 -56.66
N ARG D 453 -40.43 15.02 -57.29
CA ARG D 453 -40.00 14.89 -58.67
C ARG D 453 -41.02 15.42 -59.66
N THR D 454 -42.26 15.67 -59.21
CA THR D 454 -43.33 16.12 -60.10
C THR D 454 -43.23 17.61 -60.43
N GLY D 455 -42.31 18.34 -59.83
CA GLY D 455 -42.10 19.76 -60.10
C GLY D 455 -42.69 20.70 -59.08
N ASN D 456 -43.61 20.23 -58.24
CA ASN D 456 -44.20 21.04 -57.17
C ASN D 456 -43.40 20.87 -55.89
N ASP D 457 -43.24 21.98 -55.16
CA ASP D 457 -42.38 22.05 -53.99
C ASP D 457 -43.14 22.50 -52.75
N SER D 458 -44.34 21.94 -52.56
CA SER D 458 -45.22 22.28 -51.45
C SER D 458 -45.65 21.06 -50.64
N LEU D 459 -44.83 20.01 -50.62
CA LEU D 459 -45.15 18.77 -49.92
C LEU D 459 -44.32 18.63 -48.66
N GLY D 460 -44.96 18.22 -47.59
CA GLY D 460 -44.29 17.94 -46.33
C GLY D 460 -44.73 16.61 -45.77
N ILE D 461 -44.77 16.50 -44.44
CA ILE D 461 -45.18 15.29 -43.75
C ILE D 461 -46.13 15.68 -42.64
N ASP D 462 -47.34 15.11 -42.67
CA ASP D 462 -48.32 15.38 -41.64
C ASP D 462 -47.94 14.66 -40.36
N CYS D 463 -48.27 15.29 -39.23
CA CYS D 463 -47.58 14.97 -37.98
C CYS D 463 -48.20 13.81 -37.20
N ASP D 464 -49.38 13.32 -37.60
CA ASP D 464 -50.09 12.31 -36.80
C ASP D 464 -50.00 10.92 -37.41
N THR D 465 -50.20 10.77 -38.72
CA THR D 465 -50.12 9.46 -39.38
C THR D 465 -48.83 9.28 -40.18
N GLY D 466 -48.11 10.35 -40.46
CA GLY D 466 -46.82 10.24 -41.12
C GLY D 466 -46.86 10.10 -42.63
N GLU D 467 -48.05 10.06 -43.22
CA GLU D 467 -48.15 9.99 -44.67
C GLU D 467 -47.78 11.33 -45.29
N VAL D 468 -47.23 11.28 -46.50
CA VAL D 468 -46.82 12.50 -47.19
C VAL D 468 -48.04 13.09 -47.89
N VAL D 469 -48.31 14.36 -47.61
CA VAL D 469 -49.45 15.08 -48.20
C VAL D 469 -49.04 16.52 -48.45
N ASP D 470 -49.69 17.13 -49.44
CA ASP D 470 -49.46 18.54 -49.72
C ASP D 470 -49.88 19.38 -48.52
N MET D 471 -49.00 20.28 -48.10
CA MET D 471 -49.26 21.08 -46.92
C MET D 471 -50.31 22.15 -47.14
N TRP D 472 -50.59 22.52 -48.40
CA TRP D 472 -51.72 23.39 -48.66
C TRP D 472 -53.03 22.75 -48.24
N GLU D 473 -53.23 21.48 -48.60
CA GLU D 473 -54.44 20.77 -48.19
C GLU D 473 -54.42 20.48 -46.70
N ALA D 474 -53.28 20.06 -46.17
CA ALA D 474 -53.18 19.74 -44.75
C ALA D 474 -53.34 20.97 -43.86
N GLY D 475 -53.08 22.16 -44.40
CA GLY D 475 -53.31 23.37 -43.65
C GLY D 475 -52.20 23.77 -42.70
N VAL D 476 -51.03 23.13 -42.77
CA VAL D 476 -49.90 23.50 -41.91
C VAL D 476 -49.17 24.65 -42.58
N ILE D 477 -49.62 25.87 -42.34
CA ILE D 477 -49.18 27.06 -43.06
C ILE D 477 -48.64 28.04 -42.04
N ASP D 478 -47.44 28.56 -42.31
CA ASP D 478 -46.69 29.41 -41.38
C ASP D 478 -46.24 30.67 -42.13
N PRO D 479 -46.36 31.88 -41.56
CA PRO D 479 -46.19 33.08 -42.38
C PRO D 479 -44.81 33.24 -42.99
N ALA D 480 -44.76 34.08 -44.03
CA ALA D 480 -43.51 34.27 -44.76
C ALA D 480 -42.50 35.12 -44.01
N PRO D 481 -42.86 36.30 -43.46
CA PRO D 481 -41.84 37.12 -42.79
C PRO D 481 -41.17 36.44 -41.62
N VAL D 482 -41.90 35.64 -40.84
CA VAL D 482 -41.30 35.01 -39.68
C VAL D 482 -40.23 34.02 -40.11
N LYS D 483 -40.53 33.17 -41.10
CA LYS D 483 -39.50 32.26 -41.60
C LYS D 483 -38.35 32.98 -42.27
N LEU D 484 -38.63 34.01 -43.06
CA LEU D 484 -37.56 34.71 -43.76
C LEU D 484 -36.61 35.35 -42.77
N HIS D 485 -37.14 36.05 -41.77
CA HIS D 485 -36.32 36.71 -40.79
C HIS D 485 -35.64 35.73 -39.86
N ALA D 486 -36.28 34.59 -39.57
CA ALA D 486 -35.63 33.57 -38.75
C ALA D 486 -34.41 33.01 -39.45
N LEU D 487 -34.52 32.71 -40.74
CA LEU D 487 -33.36 32.24 -41.49
C LEU D 487 -32.29 33.32 -41.58
N LYS D 488 -32.68 34.58 -41.79
CA LYS D 488 -31.69 35.66 -41.83
C LYS D 488 -30.94 35.76 -40.51
N ALA D 489 -31.67 35.73 -39.39
CA ALA D 489 -31.02 35.81 -38.09
C ALA D 489 -30.13 34.61 -37.82
N ALA D 490 -30.59 33.42 -38.19
CA ALA D 490 -29.78 32.22 -38.01
C ALA D 490 -28.49 32.30 -38.82
N GLY D 491 -28.58 32.75 -40.07
CA GLY D 491 -27.38 32.95 -40.86
C GLY D 491 -26.44 33.99 -40.29
N GLU D 492 -26.97 35.11 -39.83
CA GLU D 492 -26.15 36.15 -39.24
C GLU D 492 -25.40 35.65 -38.00
N VAL D 493 -26.10 34.96 -37.08
CA VAL D 493 -25.43 34.47 -35.89
C VAL D 493 -24.47 33.32 -36.22
N ALA D 494 -24.82 32.48 -37.20
CA ALA D 494 -23.91 31.42 -37.59
C ALA D 494 -22.63 31.97 -38.20
N ALA D 495 -22.74 33.03 -39.00
CA ALA D 495 -21.54 33.67 -39.52
C ALA D 495 -20.74 34.36 -38.43
N ALA D 496 -21.43 34.99 -37.48
CA ALA D 496 -20.75 35.71 -36.41
C ALA D 496 -20.03 34.79 -35.43
N ILE D 497 -20.56 33.59 -35.20
CA ILE D 497 -20.00 32.71 -34.17
C ILE D 497 -18.86 31.90 -34.78
N LEU D 498 -18.94 31.60 -36.07
CA LEU D 498 -17.86 30.87 -36.72
C LEU D 498 -16.59 31.70 -36.82
N ARG D 499 -16.68 33.03 -36.75
CA ARG D 499 -15.51 33.87 -36.91
C ARG D 499 -14.57 33.83 -35.71
N ILE D 500 -15.08 33.50 -34.53
CA ILE D 500 -14.26 33.53 -33.32
C ILE D 500 -13.25 32.39 -33.38
N ASN D 501 -11.98 32.71 -33.16
CA ASN D 501 -10.90 31.74 -33.19
C ASN D 501 -10.01 31.74 -31.96
N THR D 502 -10.07 32.77 -31.12
CA THR D 502 -9.33 32.79 -29.86
C THR D 502 -10.21 33.37 -28.75
N ILE D 503 -9.97 32.89 -27.54
CA ILE D 503 -10.64 33.36 -26.33
C ILE D 503 -9.56 33.92 -25.42
N ILE D 504 -9.72 35.17 -24.98
CA ILE D 504 -8.73 35.86 -24.18
C ILE D 504 -9.46 36.54 -23.03
N LYS D 505 -8.70 36.92 -22.00
CA LYS D 505 -9.24 37.56 -20.82
C LYS D 505 -8.96 39.06 -20.85
N MET D 506 -9.92 39.82 -20.31
CA MET D 506 -9.87 41.28 -20.27
C MET D 506 -9.05 41.76 -19.08
N LYS D 507 -8.88 43.08 -19.01
CA LYS D 507 -7.94 43.67 -18.06
C LYS D 507 -8.36 43.42 -16.61
N ALA E 12 -29.34 11.66 -26.80
CA ALA E 12 -30.55 10.89 -26.97
C ALA E 12 -30.87 10.06 -25.73
N ASP E 13 -29.84 9.47 -25.10
CA ASP E 13 -30.06 8.77 -23.84
C ASP E 13 -30.44 9.73 -22.73
N GLU E 14 -29.97 10.98 -22.79
CA GLU E 14 -30.31 11.95 -21.75
C GLU E 14 -31.80 12.28 -21.77
N ARG E 15 -32.42 12.27 -22.96
CA ARG E 15 -33.86 12.50 -23.02
C ARG E 15 -34.63 11.40 -22.32
N PHE E 16 -34.21 10.13 -22.49
CA PHE E 16 -34.84 9.05 -21.76
C PHE E 16 -34.50 9.09 -20.28
N GLN E 17 -33.23 9.36 -19.96
CA GLN E 17 -32.84 9.45 -18.55
C GLN E 17 -33.52 10.63 -17.87
N ALA E 18 -33.76 11.72 -18.60
CA ALA E 18 -34.52 12.81 -18.04
C ALA E 18 -35.97 12.39 -17.77
N LEU E 19 -36.53 11.56 -18.64
CA LEU E 19 -37.88 11.05 -18.41
C LEU E 19 -37.91 10.05 -17.26
N LEU E 20 -36.94 9.13 -17.22
CA LEU E 20 -36.96 8.08 -16.22
C LEU E 20 -36.84 8.63 -14.81
N THR E 21 -36.02 9.66 -14.61
CA THR E 21 -35.92 10.28 -13.30
C THR E 21 -37.25 10.90 -12.89
N ASN E 22 -37.97 11.50 -13.83
CA ASN E 22 -39.31 12.00 -13.52
C ASN E 22 -40.27 10.87 -13.18
N VAL E 23 -40.14 9.73 -13.86
CA VAL E 23 -41.04 8.62 -13.61
C VAL E 23 -40.80 8.05 -12.22
N ASN E 24 -39.53 7.88 -11.83
CA ASN E 24 -39.21 7.33 -10.53
C ASN E 24 -39.73 8.19 -9.40
N ALA E 25 -39.81 9.51 -9.60
CA ALA E 25 -40.50 10.36 -8.64
C ALA E 25 -41.98 10.00 -8.57
N VAL E 26 -42.60 9.73 -9.71
CA VAL E 26 -44.01 9.38 -9.73
C VAL E 26 -44.24 8.00 -9.14
N ARG E 27 -43.35 7.04 -9.45
CA ARG E 27 -43.53 5.71 -8.88
C ARG E 27 -43.36 5.72 -7.37
N ALA E 28 -42.46 6.55 -6.85
CA ALA E 28 -42.25 6.63 -5.41
C ALA E 28 -43.52 7.10 -4.70
N ILE E 29 -44.20 8.09 -5.25
CA ILE E 29 -45.45 8.56 -4.65
C ILE E 29 -46.50 7.47 -4.71
N ALA E 30 -46.62 6.79 -5.85
CA ALA E 30 -47.63 5.75 -6.00
C ALA E 30 -47.39 4.58 -5.05
N ASP E 31 -46.13 4.17 -4.90
CA ASP E 31 -45.81 3.09 -3.97
C ASP E 31 -46.07 3.49 -2.52
N ALA E 32 -46.07 4.78 -2.21
CA ALA E 32 -46.37 5.24 -0.87
C ALA E 32 -47.87 5.25 -0.55
N VAL E 33 -48.72 5.16 -1.57
CA VAL E 33 -50.16 5.27 -1.39
C VAL E 33 -50.92 4.04 -1.85
N GLU E 34 -50.37 3.24 -2.77
CA GLU E 34 -51.11 2.11 -3.31
C GLU E 34 -51.28 0.96 -2.32
N GLY E 35 -50.61 1.01 -1.18
CA GLY E 35 -50.86 0.02 -0.14
C GLY E 35 -52.12 0.25 0.66
N THR E 36 -52.77 1.41 0.49
CA THR E 36 -53.93 1.78 1.27
C THR E 36 -55.25 1.52 0.55
N LEU E 37 -55.23 0.91 -0.62
CA LEU E 37 -56.45 0.69 -1.38
C LEU E 37 -57.27 -0.45 -0.80
N GLY E 38 -58.59 -0.37 -0.99
CA GLY E 38 -59.48 -1.46 -0.69
C GLY E 38 -59.91 -1.49 0.76
N PRO E 39 -60.88 -2.35 1.08
CA PRO E 39 -61.35 -2.44 2.47
C PRO E 39 -60.33 -3.07 3.41
N LYS E 40 -59.29 -3.71 2.89
CA LYS E 40 -58.24 -4.34 3.69
C LYS E 40 -56.89 -3.71 3.39
N GLY E 41 -56.87 -2.38 3.30
CA GLY E 41 -55.64 -1.67 3.04
C GLY E 41 -54.73 -1.62 4.24
N LEU E 42 -53.45 -1.39 3.94
CA LEU E 42 -52.40 -1.31 4.94
C LEU E 42 -51.99 0.14 5.14
N ASP E 43 -51.96 0.58 6.40
CA ASP E 43 -51.69 1.99 6.66
C ASP E 43 -50.21 2.27 6.40
N VAL E 44 -49.86 3.55 6.37
CA VAL E 44 -48.49 4.01 6.22
C VAL E 44 -48.16 4.90 7.40
N MET E 45 -47.00 4.68 8.01
CA MET E 45 -46.58 5.42 9.20
C MET E 45 -45.56 6.47 8.79
N LEU E 46 -45.83 7.72 9.16
CA LEU E 46 -45.03 8.87 8.76
C LEU E 46 -44.26 9.38 9.98
N VAL E 47 -42.97 9.62 9.80
CA VAL E 47 -42.08 10.02 10.89
C VAL E 47 -41.59 11.44 10.63
N ASP E 48 -41.42 12.19 11.71
CA ASP E 48 -40.96 13.58 11.67
C ASP E 48 -39.51 13.66 12.14
N LYS E 49 -38.94 14.87 12.07
CA LYS E 49 -37.64 15.10 12.67
C LYS E 49 -37.73 14.87 14.18
N PHE E 50 -38.78 15.41 14.81
CA PHE E 50 -38.99 15.24 16.25
C PHE E 50 -39.23 13.79 16.64
N GLY E 51 -39.58 12.92 15.68
CA GLY E 51 -39.94 11.55 15.97
C GLY E 51 -41.41 11.29 16.15
N GLU E 52 -42.26 12.29 15.93
CA GLU E 52 -43.69 12.08 16.05
C GLU E 52 -44.18 11.13 14.96
N VAL E 53 -45.29 10.47 15.23
CA VAL E 53 -45.85 9.43 14.38
C VAL E 53 -47.20 9.89 13.86
N THR E 54 -47.61 9.34 12.72
CA THR E 54 -48.93 9.58 12.16
C THR E 54 -49.37 8.32 11.44
N ILE E 55 -50.11 7.46 12.14
CA ILE E 55 -50.64 6.23 11.59
C ILE E 55 -51.93 6.58 10.87
N THR E 56 -51.97 6.36 9.55
CA THR E 56 -53.13 6.74 8.77
C THR E 56 -53.19 5.91 7.50
N ASN E 57 -54.39 5.46 7.16
CA ASN E 57 -54.65 4.77 5.90
C ASN E 57 -55.38 5.63 4.88
N ASP E 58 -55.65 6.90 5.20
CA ASP E 58 -56.33 7.79 4.25
C ASP E 58 -55.30 8.39 3.30
N GLY E 59 -55.54 8.23 1.99
CA GLY E 59 -54.63 8.77 1.00
C GLY E 59 -54.51 10.27 1.02
N VAL E 60 -55.60 10.98 1.32
CA VAL E 60 -55.53 12.44 1.39
C VAL E 60 -54.49 12.85 2.43
N THR E 61 -54.53 12.21 3.60
CA THR E 61 -53.64 12.56 4.69
C THR E 61 -52.17 12.32 4.31
N ILE E 62 -51.86 11.13 3.82
CA ILE E 62 -50.46 10.80 3.54
C ILE E 62 -49.95 11.68 2.40
N LEU E 63 -50.76 11.90 1.37
CA LEU E 63 -50.32 12.75 0.28
C LEU E 63 -50.17 14.20 0.75
N ASP E 64 -50.94 14.62 1.74
CA ASP E 64 -50.83 15.98 2.23
C ASP E 64 -49.56 16.20 3.05
N GLN E 65 -49.22 15.28 3.94
CA GLN E 65 -48.10 15.44 4.88
C GLN E 65 -46.82 14.74 4.40
N MET E 66 -46.80 14.13 3.23
CA MET E 66 -45.61 13.42 2.78
C MET E 66 -44.62 14.42 2.23
N ASP E 67 -43.33 14.18 2.52
CA ASP E 67 -42.27 15.06 2.05
C ASP E 67 -41.99 14.71 0.59
N VAL E 68 -42.16 15.68 -0.29
CA VAL E 68 -41.89 15.52 -1.72
C VAL E 68 -40.94 16.63 -2.14
N GLN E 69 -39.88 16.25 -2.87
CA GLN E 69 -38.81 17.16 -3.23
C GLN E 69 -38.63 17.24 -4.74
N HIS E 70 -38.94 16.16 -5.44
CA HIS E 70 -38.78 16.17 -6.89
C HIS E 70 -39.84 17.08 -7.51
N PRO E 71 -39.49 17.90 -8.51
CA PRO E 71 -40.53 18.71 -9.15
C PRO E 71 -41.61 17.88 -9.82
N ALA E 72 -41.26 16.72 -10.38
CA ALA E 72 -42.25 15.90 -11.07
C ALA E 72 -43.29 15.37 -10.10
N ALA E 73 -42.87 14.97 -8.90
CA ALA E 73 -43.81 14.44 -7.92
C ALA E 73 -44.80 15.48 -7.44
N ARG E 74 -44.43 16.76 -7.45
CA ARG E 74 -45.35 17.80 -7.00
C ARG E 74 -46.57 17.90 -7.90
N MET E 75 -46.40 17.66 -9.20
CA MET E 75 -47.53 17.77 -10.12
C MET E 75 -48.59 16.71 -9.84
N LEU E 76 -48.17 15.49 -9.51
CA LEU E 76 -49.15 14.44 -9.20
C LEU E 76 -49.97 14.82 -7.98
N ILE E 77 -49.33 15.33 -6.94
CA ILE E 77 -50.05 15.73 -5.74
C ILE E 77 -50.97 16.90 -6.05
N GLN E 78 -50.50 17.86 -6.83
CA GLN E 78 -51.31 19.02 -7.14
C GLN E 78 -52.56 18.61 -7.91
N VAL E 79 -52.42 17.71 -8.88
CA VAL E 79 -53.57 17.24 -9.64
C VAL E 79 -54.50 16.45 -8.75
N ALA E 80 -53.95 15.63 -7.84
CA ALA E 80 -54.79 14.85 -6.94
C ALA E 80 -55.58 15.74 -5.98
N ARG E 81 -54.97 16.78 -5.43
CA ARG E 81 -55.70 17.70 -4.57
C ARG E 81 -56.69 18.55 -5.35
N ALA E 82 -56.39 18.89 -6.60
CA ALA E 82 -57.39 19.53 -7.42
C ALA E 82 -58.59 18.62 -7.64
N GLN E 83 -58.35 17.34 -7.89
CA GLN E 83 -59.43 16.34 -7.90
C GLN E 83 -60.22 16.38 -6.60
N GLU E 84 -59.50 16.40 -5.47
CA GLU E 84 -60.15 16.45 -4.16
C GLU E 84 -61.01 17.68 -3.97
N GLU E 85 -60.59 18.83 -4.52
CA GLU E 85 -61.39 20.04 -4.43
C GLU E 85 -62.74 19.88 -5.11
N GLU E 86 -62.82 19.00 -6.12
CA GLU E 86 -64.07 18.83 -6.85
C GLU E 86 -65.10 18.07 -6.02
N VAL E 87 -64.77 16.83 -5.63
CA VAL E 87 -65.70 15.97 -4.93
C VAL E 87 -65.25 15.62 -3.52
N GLY E 88 -63.95 15.57 -3.24
CA GLY E 88 -63.45 15.24 -1.92
C GLY E 88 -63.09 13.80 -1.69
N ASP E 89 -62.95 13.00 -2.75
CA ASP E 89 -62.51 11.61 -2.59
C ASP E 89 -61.99 11.12 -3.93
N GLY E 90 -61.27 10.00 -3.89
CA GLY E 90 -60.74 9.37 -5.09
C GLY E 90 -59.29 9.69 -5.39
N THR E 91 -58.57 10.31 -4.46
CA THR E 91 -57.18 10.64 -4.71
C THR E 91 -56.27 9.42 -4.77
N THR E 92 -56.56 8.37 -3.99
CA THR E 92 -55.74 7.17 -4.03
C THR E 92 -55.80 6.51 -5.39
N THR E 93 -57.01 6.36 -5.94
CA THR E 93 -57.16 5.74 -7.24
C THR E 93 -56.48 6.56 -8.31
N ALA E 94 -56.61 7.89 -8.25
CA ALA E 94 -55.92 8.74 -9.21
C ALA E 94 -54.41 8.60 -9.13
N THR E 95 -53.85 8.58 -7.91
CA THR E 95 -52.40 8.47 -7.78
C THR E 95 -51.90 7.13 -8.31
N VAL E 96 -52.55 6.03 -7.93
CA VAL E 96 -52.07 4.73 -8.39
C VAL E 96 -52.28 4.55 -9.90
N LEU E 97 -53.38 5.07 -10.46
CA LEU E 97 -53.57 4.97 -11.90
C LEU E 97 -52.55 5.81 -12.65
N ALA E 98 -52.22 7.01 -12.16
CA ALA E 98 -51.20 7.81 -12.80
C ALA E 98 -49.86 7.09 -12.76
N GLY E 99 -49.50 6.53 -11.61
CA GLY E 99 -48.28 5.75 -11.52
C GLY E 99 -48.24 4.58 -12.47
N ALA E 100 -49.31 3.81 -12.56
CA ALA E 100 -49.36 2.69 -13.50
C ALA E 100 -49.26 3.14 -14.94
N LEU E 101 -49.95 4.23 -15.30
CA LEU E 101 -49.93 4.71 -16.66
C LEU E 101 -48.53 5.14 -17.08
N VAL E 102 -47.87 5.96 -16.26
CA VAL E 102 -46.53 6.40 -16.64
C VAL E 102 -45.53 5.24 -16.57
N SER E 103 -45.73 4.30 -15.64
CA SER E 103 -44.83 3.16 -15.57
C SER E 103 -44.90 2.30 -16.83
N GLU E 104 -46.12 1.98 -17.27
CA GLU E 104 -46.24 1.22 -18.51
C GLU E 104 -45.79 2.04 -19.71
N GLY E 105 -45.98 3.36 -19.67
CA GLY E 105 -45.51 4.20 -20.75
C GLY E 105 -44.00 4.14 -20.91
N VAL E 106 -43.26 4.29 -19.81
CA VAL E 106 -41.81 4.22 -19.91
C VAL E 106 -41.35 2.79 -20.20
N ASN E 107 -42.08 1.78 -19.72
CA ASN E 107 -41.75 0.41 -20.11
C ASN E 107 -41.88 0.20 -21.61
N GLN E 108 -42.93 0.75 -22.22
CA GLN E 108 -43.08 0.64 -23.66
C GLN E 108 -42.07 1.48 -24.42
N VAL E 109 -41.68 2.64 -23.87
CA VAL E 109 -40.66 3.46 -24.51
C VAL E 109 -39.32 2.75 -24.50
N GLU E 110 -39.03 2.01 -23.43
CA GLU E 110 -37.77 1.26 -23.37
C GLU E 110 -37.68 0.23 -24.49
N GLN E 111 -38.82 -0.34 -24.90
CA GLN E 111 -38.81 -1.31 -25.99
C GLN E 111 -38.43 -0.70 -27.33
N GLY E 112 -38.59 0.61 -27.50
CA GLY E 112 -38.25 1.31 -28.72
C GLY E 112 -39.31 2.25 -29.22
N VAL E 113 -40.50 2.28 -28.62
CA VAL E 113 -41.57 3.15 -29.10
C VAL E 113 -41.22 4.60 -28.76
N PRO E 114 -41.31 5.55 -29.69
CA PRO E 114 -41.10 6.95 -29.31
C PRO E 114 -42.16 7.45 -28.35
N VAL E 115 -41.76 8.42 -27.52
CA VAL E 115 -42.63 8.89 -26.45
C VAL E 115 -43.87 9.58 -26.98
N SER E 116 -43.78 10.29 -28.11
CA SER E 116 -44.95 11.00 -28.63
C SER E 116 -46.06 10.03 -29.04
N ARG E 117 -45.68 8.90 -29.64
CA ARG E 117 -46.68 7.90 -30.01
C ARG E 117 -47.34 7.30 -28.76
N VAL E 118 -46.55 7.06 -27.70
CA VAL E 118 -47.12 6.58 -26.45
C VAL E 118 -48.12 7.58 -25.91
N ILE E 119 -47.77 8.87 -25.95
CA ILE E 119 -48.64 9.90 -25.39
C ILE E 119 -49.94 9.98 -26.17
N GLU E 120 -49.85 10.03 -27.50
CA GLU E 120 -51.06 10.14 -28.29
C GLU E 120 -51.86 8.85 -28.33
N GLY E 121 -51.26 7.71 -27.97
CA GLY E 121 -52.04 6.50 -27.73
C GLY E 121 -52.69 6.48 -26.37
N LEU E 122 -52.04 7.07 -25.37
CA LEU E 122 -52.65 7.20 -24.06
C LEU E 122 -53.87 8.08 -24.10
N ARG E 123 -53.82 9.16 -24.88
CA ARG E 123 -54.94 10.10 -24.92
C ARG E 123 -56.23 9.40 -25.38
N ARG E 124 -56.19 8.73 -26.53
CA ARG E 124 -57.38 8.08 -27.05
C ARG E 124 -57.80 6.90 -26.18
N GLY E 125 -56.85 6.18 -25.61
CA GLY E 125 -57.20 5.08 -24.71
C GLY E 125 -57.94 5.57 -23.49
N VAL E 126 -57.46 6.64 -22.87
CA VAL E 126 -58.14 7.19 -21.71
C VAL E 126 -59.50 7.75 -22.10
N GLU E 127 -59.61 8.33 -23.30
CA GLU E 127 -60.90 8.88 -23.72
C GLU E 127 -61.92 7.76 -23.88
N ARG E 128 -61.54 6.66 -24.53
CA ARG E 128 -62.47 5.54 -24.67
C ARG E 128 -62.78 4.90 -23.32
N ALA E 129 -61.79 4.83 -22.42
CA ALA E 129 -62.05 4.31 -21.09
C ALA E 129 -63.07 5.16 -20.35
N LEU E 130 -62.94 6.48 -20.43
CA LEU E 130 -63.93 7.37 -19.81
C LEU E 130 -65.30 7.18 -20.43
N GLU E 131 -65.37 7.05 -21.76
CA GLU E 131 -66.66 6.85 -22.43
C GLU E 131 -67.32 5.57 -21.91
N LEU E 132 -66.57 4.47 -21.89
CA LEU E 132 -67.13 3.20 -21.46
C LEU E 132 -67.53 3.21 -20.00
N LEU E 133 -66.71 3.83 -19.13
CA LEU E 133 -67.08 3.92 -17.72
C LEU E 133 -68.35 4.74 -17.54
N ARG E 134 -68.47 5.85 -18.28
CA ARG E 134 -69.67 6.67 -18.17
C ARG E 134 -70.91 5.90 -18.62
N LYS E 135 -70.79 5.15 -19.71
CA LYS E 135 -71.93 4.36 -20.18
C LYS E 135 -72.29 3.30 -19.14
N GLN E 136 -71.29 2.59 -18.61
CA GLN E 136 -71.58 1.43 -17.77
C GLN E 136 -72.18 1.82 -16.42
N ALA E 137 -72.10 3.09 -16.05
CA ALA E 137 -72.67 3.53 -14.79
C ALA E 137 -74.19 3.36 -14.80
N LEU E 138 -74.72 2.79 -13.70
CA LEU E 138 -76.13 2.54 -13.48
C LEU E 138 -76.66 3.51 -12.44
N PRO E 139 -77.70 4.32 -12.76
CA PRO E 139 -78.24 5.35 -11.83
C PRO E 139 -78.93 4.68 -10.64
N VAL E 140 -79.05 5.39 -9.52
CA VAL E 140 -79.70 4.89 -8.31
C VAL E 140 -81.13 5.41 -8.25
N GLU E 141 -82.07 4.51 -7.97
CA GLU E 141 -83.49 4.84 -7.97
C GLU E 141 -83.88 5.21 -6.55
N GLY E 142 -83.99 6.52 -6.28
CA GLY E 142 -84.36 6.98 -4.96
C GLY E 142 -83.25 6.77 -3.95
N LEU E 143 -83.51 7.25 -2.73
CA LEU E 143 -82.54 7.14 -1.65
C LEU E 143 -82.74 5.92 -0.78
N ASP E 144 -83.93 5.31 -0.83
CA ASP E 144 -84.19 4.10 -0.07
C ASP E 144 -83.50 2.88 -0.66
N ASP E 145 -82.90 3.00 -1.84
CA ASP E 145 -82.20 1.87 -2.43
C ASP E 145 -81.01 1.48 -1.56
N PRO E 146 -80.78 0.19 -1.32
CA PRO E 146 -79.66 -0.19 -0.44
C PRO E 146 -78.29 0.09 -1.01
N ARG E 147 -78.18 0.43 -2.30
CA ARG E 147 -76.88 0.79 -2.86
C ARG E 147 -76.30 2.02 -2.17
N LEU E 148 -77.17 2.95 -1.76
CA LEU E 148 -76.70 4.09 -0.97
C LEU E 148 -76.15 3.62 0.37
N ARG E 149 -76.81 2.65 0.99
CA ARG E 149 -76.28 2.08 2.22
C ARG E 149 -74.90 1.48 1.99
N ALA E 150 -74.72 0.77 0.88
CA ALA E 150 -73.42 0.16 0.61
C ALA E 150 -72.34 1.20 0.37
N VAL E 151 -72.65 2.23 -0.44
CA VAL E 151 -71.63 3.21 -0.77
C VAL E 151 -71.29 4.08 0.44
N ALA E 152 -72.26 4.30 1.34
CA ALA E 152 -71.94 4.98 2.58
C ALA E 152 -71.12 4.09 3.51
N ARG E 153 -71.44 2.80 3.58
CA ARG E 153 -70.70 1.89 4.44
C ARG E 153 -69.24 1.79 4.02
N ILE E 154 -68.99 1.73 2.71
CA ILE E 154 -67.62 1.54 2.24
C ILE E 154 -66.78 2.79 2.52
N ALA E 155 -67.35 3.97 2.29
CA ALA E 155 -66.61 5.20 2.56
C ALA E 155 -66.32 5.37 4.04
N ALA E 156 -67.14 4.79 4.92
CA ALA E 156 -66.96 4.90 6.36
C ALA E 156 -66.06 3.83 6.93
N ARG E 157 -65.20 3.22 6.11
CA ARG E 157 -64.27 2.19 6.57
C ARG E 157 -65.01 0.99 7.17
N GLU E 158 -66.15 0.66 6.59
CA GLU E 158 -66.94 -0.50 7.02
C GLU E 158 -67.36 -0.40 8.49
N ARG E 159 -67.70 0.82 8.93
CA ARG E 159 -68.23 1.08 10.27
C ARG E 159 -69.58 1.77 10.10
N GLU E 160 -70.65 1.03 10.36
CA GLU E 160 -71.99 1.40 9.91
C GLU E 160 -72.62 2.52 10.72
N ASP E 161 -72.08 2.87 11.88
CA ASP E 161 -72.71 3.90 12.70
C ASP E 161 -72.67 5.26 12.01
N ILE E 162 -71.57 5.60 11.33
CA ILE E 162 -71.55 6.79 10.51
C ILE E 162 -72.36 6.57 9.23
N ALA E 163 -72.36 5.34 8.73
CA ALA E 163 -73.05 5.06 7.47
C ALA E 163 -74.54 5.37 7.58
N ASP E 164 -75.19 4.91 8.64
CA ASP E 164 -76.62 5.14 8.79
C ASP E 164 -76.95 6.63 8.95
N LEU E 165 -76.17 7.36 9.75
CA LEU E 165 -76.50 8.76 9.95
C LEU E 165 -76.25 9.57 8.68
N VAL E 166 -75.27 9.18 7.86
CA VAL E 166 -75.08 9.91 6.61
C VAL E 166 -76.30 9.75 5.72
N VAL E 167 -76.82 8.54 5.55
CA VAL E 167 -77.96 8.38 4.66
C VAL E 167 -79.20 9.03 5.29
N GLU E 168 -79.30 9.01 6.62
CA GLU E 168 -80.42 9.68 7.26
C GLU E 168 -80.40 11.17 6.97
N ALA E 169 -79.23 11.80 7.07
CA ALA E 169 -79.11 13.20 6.71
C ALA E 169 -79.44 13.42 5.23
N ALA E 170 -78.98 12.52 4.37
CA ALA E 170 -79.25 12.65 2.94
C ALA E 170 -80.76 12.63 2.67
N ARG E 171 -81.48 11.72 3.32
CA ARG E 171 -82.93 11.70 3.17
C ARG E 171 -83.58 12.93 3.78
N HIS E 172 -83.05 13.45 4.89
CA HIS E 172 -83.64 14.62 5.50
C HIS E 172 -83.44 15.87 4.64
N ILE E 173 -82.40 15.90 3.80
CA ILE E 173 -82.16 17.09 2.99
C ILE E 173 -83.06 17.11 1.76
N GLY E 174 -82.88 16.15 0.85
CA GLY E 174 -83.74 16.04 -0.33
C GLY E 174 -83.02 15.81 -1.64
N GLU E 175 -83.76 15.37 -2.66
CA GLU E 175 -83.16 15.03 -3.98
C GLU E 175 -82.67 16.31 -4.69
N ASP E 176 -83.54 17.30 -4.94
CA ASP E 176 -83.14 18.47 -5.70
C ASP E 176 -82.19 19.36 -4.94
N LYS E 177 -82.28 19.38 -3.60
CA LYS E 177 -81.31 20.12 -2.81
C LYS E 177 -79.92 19.54 -2.97
N LEU E 178 -79.80 18.21 -2.98
CA LEU E 178 -78.53 17.57 -3.25
C LEU E 178 -78.05 17.79 -4.67
N GLN E 179 -78.98 17.92 -5.62
CA GLN E 179 -78.62 18.14 -7.02
C GLN E 179 -77.99 19.51 -7.27
N ASP E 180 -78.07 20.43 -6.32
CA ASP E 180 -77.57 21.78 -6.56
C ASP E 180 -76.03 21.71 -6.63
N PRO E 181 -75.40 22.12 -7.73
CA PRO E 181 -73.92 22.05 -7.77
C PRO E 181 -73.24 22.94 -6.74
N ASN E 182 -73.89 24.00 -6.27
CA ASN E 182 -73.25 24.95 -5.37
C ASN E 182 -73.19 24.46 -3.93
N PHE E 183 -73.92 23.40 -3.57
CA PHE E 183 -74.06 22.96 -2.19
C PHE E 183 -73.29 21.65 -2.01
N LYS E 184 -72.28 21.69 -1.15
CA LYS E 184 -71.49 20.53 -0.79
C LYS E 184 -71.87 20.10 0.62
N LEU E 185 -72.40 18.88 0.75
CA LEU E 185 -72.94 18.39 2.05
C LEU E 185 -71.77 17.92 2.94
N ALA E 186 -70.54 17.88 2.47
CA ALA E 186 -69.40 17.61 3.33
C ALA E 186 -69.14 18.74 4.32
N ASP E 187 -69.56 19.97 3.99
CA ASP E 187 -69.47 21.07 4.95
C ASP E 187 -70.55 21.01 6.02
N THR E 188 -71.66 20.32 5.76
CA THR E 188 -72.79 20.27 6.68
C THR E 188 -72.63 19.19 7.76
N VAL E 189 -71.42 18.70 7.98
CA VAL E 189 -71.15 17.69 9.00
C VAL E 189 -70.14 18.24 9.98
N THR E 190 -70.43 18.04 11.27
CA THR E 190 -69.56 18.50 12.35
C THR E 190 -69.50 17.41 13.40
N ALA E 191 -68.30 17.10 13.89
CA ALA E 191 -68.09 16.08 14.91
C ALA E 191 -67.66 16.75 16.20
N ARG E 192 -68.38 16.44 17.29
CA ARG E 192 -68.11 17.00 18.61
C ARG E 192 -67.94 15.88 19.62
N GLU E 193 -66.88 15.97 20.40
CA GLU E 193 -66.58 14.93 21.39
C GLU E 193 -67.66 14.90 22.48
N GLY E 194 -67.92 13.71 22.99
CA GLY E 194 -68.83 13.53 24.10
C GLY E 194 -70.30 13.60 23.77
N ALA E 195 -70.66 13.72 22.49
CA ALA E 195 -72.04 13.82 22.05
C ALA E 195 -72.45 12.52 21.35
N GLU E 196 -73.74 12.42 21.04
CA GLU E 196 -74.31 11.28 20.36
C GLU E 196 -74.33 11.56 18.86
N ASN E 197 -74.90 10.63 18.09
CA ASN E 197 -75.03 10.74 16.63
C ASN E 197 -76.46 11.16 16.32
N GLN E 198 -76.65 12.42 15.94
CA GLN E 198 -77.96 12.93 15.58
C GLN E 198 -77.80 14.12 14.66
N VAL E 199 -78.91 14.49 14.02
CA VAL E 199 -78.97 15.63 13.10
C VAL E 199 -79.83 16.70 13.74
N ILE E 200 -79.33 17.93 13.73
CA ILE E 200 -80.06 19.08 14.26
C ILE E 200 -80.15 20.14 13.17
N THR E 356 -77.06 20.58 9.95
CA THR E 356 -76.06 20.27 10.97
C THR E 356 -76.13 18.79 11.35
N VAL E 357 -75.14 18.02 10.90
CA VAL E 357 -75.04 16.60 11.18
C VAL E 357 -74.03 16.44 12.31
N LEU E 358 -74.53 16.19 13.52
CA LEU E 358 -73.68 16.04 14.69
C LEU E 358 -73.18 14.61 14.78
N VAL E 359 -71.86 14.44 14.83
CA VAL E 359 -71.22 13.13 14.90
C VAL E 359 -70.55 13.01 16.26
N GLY E 360 -70.88 11.95 16.99
CA GLY E 360 -70.30 11.74 18.30
C GLY E 360 -68.86 11.24 18.21
N ALA E 361 -68.09 11.58 19.25
CA ALA E 361 -66.73 11.09 19.39
C ALA E 361 -66.40 10.94 20.86
N ALA E 362 -65.47 10.04 21.16
CA ALA E 362 -65.14 9.72 22.55
C ALA E 362 -64.34 10.84 23.20
N THR E 363 -63.15 11.12 22.67
CA THR E 363 -62.24 12.14 23.20
C THR E 363 -61.98 13.19 22.12
N GLU E 364 -61.22 14.22 22.51
CA GLU E 364 -60.91 15.29 21.57
C GLU E 364 -59.97 14.81 20.47
N GLU E 365 -59.13 13.82 20.75
CA GLU E 365 -58.22 13.28 19.75
C GLU E 365 -58.94 12.41 18.72
N VAL E 366 -60.10 11.84 19.06
CA VAL E 366 -60.86 11.06 18.10
C VAL E 366 -61.55 11.93 17.07
N VAL E 367 -61.72 13.22 17.36
CA VAL E 367 -62.49 14.09 16.47
C VAL E 367 -61.76 14.28 15.14
N GLY E 368 -60.42 14.31 15.16
CA GLY E 368 -59.68 14.62 13.96
C GLY E 368 -59.92 13.64 12.82
N GLU E 369 -59.88 12.35 13.10
CA GLU E 369 -60.14 11.33 12.09
C GLU E 369 -61.63 11.07 11.90
N ARG E 370 -62.44 11.24 12.94
CA ARG E 370 -63.87 11.04 12.81
C ARG E 370 -64.47 12.07 11.86
N GLU E 371 -64.04 13.32 11.96
CA GLU E 371 -64.51 14.34 11.03
C GLU E 371 -64.12 14.00 9.60
N ARG E 372 -62.88 13.54 9.40
CA ARG E 372 -62.43 13.22 8.05
C ARG E 372 -63.24 12.08 7.45
N VAL E 373 -63.47 11.00 8.21
CA VAL E 373 -64.24 9.90 7.66
C VAL E 373 -65.70 10.30 7.45
N ALA E 374 -66.24 11.19 8.29
CA ALA E 374 -67.59 11.68 8.08
C ALA E 374 -67.69 12.45 6.77
N LYS E 375 -66.71 13.33 6.51
CA LYS E 375 -66.72 14.04 5.23
C LYS E 375 -66.54 13.10 4.05
N ASP E 376 -65.72 12.05 4.20
CA ASP E 376 -65.57 11.08 3.12
C ASP E 376 -66.89 10.39 2.81
N ALA E 377 -67.61 9.96 3.86
CA ALA E 377 -68.92 9.36 3.65
C ALA E 377 -69.89 10.35 3.01
N ALA E 378 -69.87 11.61 3.48
CA ALA E 378 -70.73 12.63 2.89
C ALA E 378 -70.47 12.77 1.40
N SER E 379 -69.19 12.86 1.01
CA SER E 379 -68.85 12.98 -0.39
C SER E 379 -69.31 11.77 -1.19
N ALA E 380 -69.13 10.56 -0.64
CA ALA E 380 -69.55 9.37 -1.36
C ALA E 380 -71.06 9.37 -1.60
N VAL E 381 -71.83 9.69 -0.57
CA VAL E 381 -73.29 9.68 -0.71
C VAL E 381 -73.74 10.77 -1.67
N GLN E 382 -73.10 11.94 -1.63
CA GLN E 382 -73.46 12.99 -2.57
C GLN E 382 -73.19 12.60 -4.01
N ALA E 383 -71.98 12.08 -4.27
CA ALA E 383 -71.63 11.66 -5.63
C ALA E 383 -72.51 10.53 -6.11
N ALA E 384 -72.98 9.67 -5.21
CA ALA E 384 -73.88 8.59 -5.62
C ALA E 384 -75.15 9.13 -6.26
N ILE E 385 -75.73 10.19 -5.68
CA ILE E 385 -76.94 10.76 -6.27
C ILE E 385 -76.58 11.55 -7.52
N ARG E 386 -75.48 12.30 -7.48
CA ARG E 386 -75.19 13.18 -8.60
C ARG E 386 -74.87 12.40 -9.88
N GLY E 387 -74.18 11.27 -9.76
CA GLY E 387 -73.69 10.56 -10.93
C GLY E 387 -73.86 9.05 -10.94
N GLY E 388 -74.75 8.52 -10.12
CA GLY E 388 -74.98 7.09 -10.13
C GLY E 388 -73.86 6.32 -9.47
N VAL E 389 -73.87 5.01 -9.75
CA VAL E 389 -72.95 4.06 -9.12
C VAL E 389 -72.25 3.25 -10.20
N VAL E 390 -71.11 2.69 -9.82
CA VAL E 390 -70.27 1.86 -10.69
C VAL E 390 -69.86 0.64 -9.88
N PRO E 391 -69.72 -0.56 -10.47
CA PRO E 391 -69.22 -1.70 -9.67
C PRO E 391 -67.81 -1.46 -9.17
N GLY E 392 -67.68 -1.33 -7.84
CA GLY E 392 -66.43 -0.97 -7.21
C GLY E 392 -65.52 -2.16 -6.98
N GLY E 393 -64.46 -1.91 -6.22
CA GLY E 393 -63.47 -2.93 -5.98
C GLY E 393 -62.54 -3.20 -7.14
N GLY E 394 -62.56 -2.35 -8.16
CA GLY E 394 -61.72 -2.53 -9.33
C GLY E 394 -62.32 -3.33 -10.46
N ALA E 395 -63.52 -3.88 -10.28
CA ALA E 395 -64.13 -4.67 -11.35
C ALA E 395 -64.42 -3.85 -12.59
N ALA E 396 -64.92 -2.62 -12.41
CA ALA E 396 -65.19 -1.76 -13.57
C ALA E 396 -63.93 -1.43 -14.33
N GLU E 397 -62.78 -1.39 -13.65
CA GLU E 397 -61.53 -1.12 -14.34
C GLU E 397 -61.23 -2.22 -15.36
N LEU E 398 -61.38 -3.48 -14.96
CA LEU E 398 -61.24 -4.57 -15.92
C LEU E 398 -62.33 -4.55 -16.96
N ALA E 399 -63.56 -4.16 -16.58
CA ALA E 399 -64.64 -4.07 -17.54
C ALA E 399 -64.30 -3.13 -18.68
N VAL E 400 -63.70 -1.98 -18.38
CA VAL E 400 -63.28 -1.05 -19.43
C VAL E 400 -61.96 -1.45 -20.08
N ALA E 401 -61.08 -2.13 -19.35
CA ALA E 401 -59.81 -2.56 -19.94
C ALA E 401 -60.02 -3.60 -21.02
N ARG E 402 -60.99 -4.50 -20.83
CA ARG E 402 -61.22 -5.53 -21.84
C ARG E 402 -61.65 -4.92 -23.17
N GLU E 403 -62.29 -3.76 -23.14
CA GLU E 403 -62.66 -3.04 -24.36
C GLU E 403 -61.55 -2.12 -24.86
N VAL E 404 -60.72 -1.61 -23.95
CA VAL E 404 -59.56 -0.83 -24.40
C VAL E 404 -58.59 -1.74 -25.16
N GLU E 405 -58.62 -3.03 -24.90
CA GLU E 405 -57.74 -3.90 -25.69
C GLU E 405 -58.35 -4.05 -27.08
N LYS E 406 -59.68 -4.02 -27.25
CA LYS E 406 -60.26 -4.00 -28.59
C LYS E 406 -59.93 -2.70 -29.30
N LEU E 407 -59.95 -1.58 -28.57
CA LEU E 407 -59.51 -0.32 -29.17
C LEU E 407 -58.07 -0.39 -29.62
N ALA E 408 -57.19 -1.01 -28.82
CA ALA E 408 -55.81 -1.17 -29.23
C ALA E 408 -55.71 -2.00 -30.50
N GLU E 409 -56.58 -3.00 -30.65
CA GLU E 409 -56.70 -3.76 -31.88
C GLU E 409 -57.51 -3.03 -32.96
N GLU E 410 -57.96 -1.80 -32.68
CA GLU E 410 -58.69 -0.97 -33.62
C GLU E 410 -57.89 0.21 -34.16
N VAL E 411 -56.66 0.43 -33.68
CA VAL E 411 -55.84 1.58 -34.03
C VAL E 411 -54.63 1.12 -34.83
N LYS E 412 -54.24 1.91 -35.82
CA LYS E 412 -53.21 1.54 -36.77
C LYS E 412 -51.85 2.07 -36.31
N GLY E 413 -50.80 1.35 -36.67
CA GLY E 413 -49.45 1.83 -36.51
C GLY E 413 -48.93 1.71 -35.10
N MET E 414 -47.86 2.47 -34.84
CA MET E 414 -47.20 2.50 -33.54
C MET E 414 -48.05 3.13 -32.44
N GLU E 415 -49.16 3.79 -32.79
CA GLU E 415 -50.03 4.40 -31.78
C GLU E 415 -50.58 3.38 -30.79
N ARG E 416 -50.76 2.13 -31.22
CA ARG E 416 -51.42 1.14 -30.38
C ARG E 416 -50.64 0.81 -29.11
N TYR E 417 -49.33 1.05 -29.10
CA TYR E 417 -48.54 0.67 -27.95
C TYR E 417 -48.80 1.54 -26.72
N GLY E 418 -49.54 2.64 -26.88
CA GLY E 418 -50.05 3.39 -25.75
C GLY E 418 -51.42 2.97 -25.29
N VAL E 419 -52.24 2.45 -26.19
CA VAL E 419 -53.54 1.94 -25.78
C VAL E 419 -53.36 0.70 -24.91
N GLU E 420 -52.35 -0.11 -25.20
CA GLU E 420 -51.99 -1.19 -24.29
C GLU E 420 -51.54 -0.65 -22.94
N ALA E 421 -50.88 0.51 -22.93
CA ALA E 421 -50.49 1.10 -21.66
C ALA E 421 -51.69 1.55 -20.86
N VAL E 422 -52.72 2.08 -21.51
CA VAL E 422 -53.95 2.42 -20.81
C VAL E 422 -54.61 1.14 -20.28
N ALA E 423 -54.66 0.10 -21.10
CA ALA E 423 -55.33 -1.13 -20.71
C ALA E 423 -54.65 -1.78 -19.52
N GLU E 424 -53.33 -1.95 -19.57
CA GLU E 424 -52.62 -2.60 -18.47
C GLU E 424 -52.63 -1.73 -17.22
N ALA E 425 -52.56 -0.40 -17.39
CA ALA E 425 -52.62 0.48 -16.23
C ALA E 425 -53.97 0.40 -15.53
N LEU E 426 -55.03 0.08 -16.28
CA LEU E 426 -56.34 -0.06 -15.66
C LEU E 426 -56.45 -1.35 -14.84
N LYS E 427 -55.56 -2.32 -15.07
CA LYS E 427 -55.56 -3.53 -14.26
C LYS E 427 -54.84 -3.32 -12.94
N LYS E 428 -54.03 -2.27 -12.80
CA LYS E 428 -53.29 -2.06 -11.56
C LYS E 428 -54.20 -1.82 -10.37
N PRO E 429 -55.30 -1.06 -10.46
CA PRO E 429 -56.21 -0.96 -9.30
C PRO E 429 -56.66 -2.29 -8.72
N LEU E 430 -57.35 -3.14 -9.49
CA LEU E 430 -57.82 -4.40 -8.94
C LEU E 430 -56.67 -5.33 -8.57
N ARG E 431 -55.58 -5.29 -9.33
CA ARG E 431 -54.41 -6.07 -8.97
C ARG E 431 -53.89 -5.71 -7.60
N GLN E 432 -53.92 -4.42 -7.25
CA GLN E 432 -53.39 -3.93 -5.96
C GLN E 432 -54.47 -4.09 -4.89
N ILE E 433 -55.76 -4.16 -5.21
CA ILE E 433 -56.79 -4.56 -4.25
C ILE E 433 -56.57 -6.01 -3.83
N VAL E 434 -56.32 -6.88 -4.81
CA VAL E 434 -56.12 -8.29 -4.50
C VAL E 434 -54.80 -8.49 -3.75
N ALA E 435 -53.74 -7.78 -4.15
CA ALA E 435 -52.46 -7.93 -3.49
C ALA E 435 -52.52 -7.50 -2.04
N ASN E 436 -53.14 -6.36 -1.76
CA ASN E 436 -53.29 -5.91 -0.37
C ASN E 436 -54.20 -6.81 0.44
N ALA E 437 -55.10 -7.54 -0.22
CA ALA E 437 -56.00 -8.46 0.47
C ALA E 437 -55.32 -9.73 0.93
N GLY E 438 -54.07 -9.96 0.54
CA GLY E 438 -53.37 -11.16 0.92
C GLY E 438 -53.57 -12.34 0.00
N PHE E 439 -53.83 -12.11 -1.27
CA PHE E 439 -53.98 -13.15 -2.28
C PHE E 439 -53.01 -12.88 -3.43
N ASN E 440 -52.62 -13.96 -4.10
CA ASN E 440 -51.71 -13.83 -5.23
C ASN E 440 -52.45 -13.14 -6.37
N PRO E 441 -51.99 -11.98 -6.86
CA PRO E 441 -52.80 -11.25 -7.85
C PRO E 441 -52.88 -11.92 -9.20
N LEU E 442 -51.85 -12.65 -9.63
CA LEU E 442 -51.87 -13.24 -10.96
C LEU E 442 -52.94 -14.32 -11.07
N GLU E 443 -52.97 -15.26 -10.14
CA GLU E 443 -53.98 -16.31 -10.20
C GLU E 443 -55.38 -15.78 -9.99
N LYS E 444 -55.55 -14.83 -9.07
CA LYS E 444 -56.86 -14.26 -8.80
C LYS E 444 -57.36 -13.39 -9.94
N LEU E 445 -56.46 -12.83 -10.75
CA LEU E 445 -56.84 -12.18 -11.99
C LEU E 445 -57.09 -13.17 -13.11
N GLY E 446 -56.45 -14.35 -13.05
CA GLY E 446 -56.68 -15.35 -14.08
C GLY E 446 -58.10 -15.89 -14.06
N ASP E 447 -58.63 -16.20 -12.88
CA ASP E 447 -59.99 -16.73 -12.80
C ASP E 447 -61.04 -15.64 -12.95
N LEU E 448 -60.65 -14.37 -12.79
CA LEU E 448 -61.57 -13.29 -13.08
C LEU E 448 -61.94 -13.25 -14.55
N ARG E 449 -60.94 -13.44 -15.43
CA ARG E 449 -61.22 -13.41 -16.86
C ARG E 449 -61.92 -14.68 -17.33
N ALA E 450 -61.77 -15.78 -16.61
CA ALA E 450 -62.48 -17.00 -16.99
C ALA E 450 -63.98 -16.82 -16.87
N ALA E 451 -64.44 -16.16 -15.80
CA ALA E 451 -65.86 -16.03 -15.52
C ALA E 451 -66.50 -14.78 -16.12
N HIS E 452 -65.73 -13.97 -16.84
CA HIS E 452 -66.27 -12.77 -17.49
C HIS E 452 -66.90 -13.06 -18.84
N ARG E 453 -66.97 -14.32 -19.26
CA ARG E 453 -67.50 -14.68 -20.57
C ARG E 453 -69.03 -14.66 -20.63
N THR E 454 -69.71 -14.50 -19.49
CA THR E 454 -71.16 -14.62 -19.45
C THR E 454 -71.89 -13.41 -20.02
N GLY E 455 -71.17 -12.38 -20.46
CA GLY E 455 -71.77 -11.17 -20.98
C GLY E 455 -71.93 -10.06 -19.96
N ASN E 456 -71.88 -10.38 -18.68
CA ASN E 456 -71.90 -9.39 -17.61
C ASN E 456 -70.48 -8.96 -17.28
N ASP E 457 -70.29 -7.65 -17.08
CA ASP E 457 -68.98 -7.05 -16.88
C ASP E 457 -68.82 -6.48 -15.48
N SER E 458 -69.70 -6.86 -14.54
CA SER E 458 -69.68 -6.36 -13.18
C SER E 458 -69.24 -7.43 -12.19
N LEU E 459 -68.29 -8.27 -12.57
CA LEU E 459 -67.90 -9.45 -11.81
C LEU E 459 -66.50 -9.22 -11.24
N GLY E 460 -66.39 -9.33 -9.91
CA GLY E 460 -65.18 -8.97 -9.19
C GLY E 460 -64.79 -9.98 -8.14
N ILE E 461 -63.85 -9.60 -7.26
CA ILE E 461 -63.28 -10.49 -6.27
C ILE E 461 -63.61 -9.95 -4.88
N ASP E 462 -64.15 -10.81 -4.02
CA ASP E 462 -64.36 -10.46 -2.64
C ASP E 462 -63.03 -10.42 -1.90
N CYS E 463 -62.95 -9.53 -0.90
CA CYS E 463 -61.66 -9.24 -0.26
C CYS E 463 -61.34 -10.16 0.91
N ASP E 464 -62.24 -11.07 1.29
CA ASP E 464 -62.06 -11.91 2.46
C ASP E 464 -61.97 -13.39 2.13
N THR E 465 -62.89 -13.94 1.35
CA THR E 465 -62.86 -15.36 1.01
C THR E 465 -62.05 -15.66 -0.24
N GLY E 466 -61.77 -14.68 -1.08
CA GLY E 466 -61.04 -14.89 -2.31
C GLY E 466 -61.85 -15.48 -3.45
N GLU E 467 -63.15 -15.70 -3.25
CA GLU E 467 -64.01 -16.29 -4.28
C GLU E 467 -64.50 -15.20 -5.21
N VAL E 468 -64.51 -15.50 -6.50
CA VAL E 468 -65.03 -14.54 -7.47
C VAL E 468 -66.55 -14.47 -7.32
N VAL E 469 -67.07 -13.27 -7.11
CA VAL E 469 -68.51 -13.05 -6.91
C VAL E 469 -68.88 -11.70 -7.49
N ASP E 470 -70.09 -11.62 -8.04
CA ASP E 470 -70.50 -10.39 -8.73
C ASP E 470 -70.74 -9.29 -7.70
N MET E 471 -70.26 -8.09 -8.02
CA MET E 471 -70.14 -7.04 -7.02
C MET E 471 -71.48 -6.50 -6.55
N TRP E 472 -72.54 -6.67 -7.33
CA TRP E 472 -73.83 -6.10 -6.95
C TRP E 472 -74.40 -6.76 -5.70
N GLU E 473 -74.34 -8.08 -5.69
CA GLU E 473 -74.94 -8.84 -4.58
C GLU E 473 -74.04 -8.65 -3.38
N ALA E 474 -72.74 -8.71 -3.60
CA ALA E 474 -71.74 -8.57 -2.55
C ALA E 474 -71.82 -7.22 -1.85
N GLY E 475 -72.39 -6.20 -2.51
CA GLY E 475 -72.55 -4.90 -1.89
C GLY E 475 -71.31 -4.04 -1.87
N VAL E 476 -70.40 -4.23 -2.82
CA VAL E 476 -69.17 -3.43 -2.89
C VAL E 476 -69.32 -2.53 -4.13
N ILE E 477 -69.61 -1.26 -3.88
CA ILE E 477 -70.00 -0.30 -4.90
C ILE E 477 -69.24 1.00 -4.64
N ASP E 478 -68.88 1.70 -5.71
CA ASP E 478 -67.98 2.85 -5.69
C ASP E 478 -68.58 3.94 -6.57
N PRO E 479 -68.72 5.20 -6.11
CA PRO E 479 -69.47 6.17 -6.90
C PRO E 479 -68.81 6.49 -8.23
N ALA E 480 -69.66 6.85 -9.20
CA ALA E 480 -69.22 7.03 -10.57
C ALA E 480 -68.33 8.25 -10.75
N PRO E 481 -68.75 9.47 -10.38
CA PRO E 481 -67.91 10.64 -10.64
C PRO E 481 -66.56 10.59 -9.94
N VAL E 482 -66.49 10.01 -8.74
CA VAL E 482 -65.21 9.87 -8.04
C VAL E 482 -64.23 9.04 -8.86
N LYS E 483 -64.72 8.12 -9.68
CA LYS E 483 -63.88 7.31 -10.56
C LYS E 483 -63.63 7.97 -11.91
N LEU E 484 -64.65 8.57 -12.52
CA LEU E 484 -64.46 9.20 -13.81
C LEU E 484 -63.48 10.37 -13.70
N HIS E 485 -63.66 11.24 -12.71
CA HIS E 485 -62.73 12.34 -12.53
C HIS E 485 -61.35 11.83 -12.14
N ALA E 486 -61.28 10.75 -11.36
CA ALA E 486 -59.98 10.21 -10.97
C ALA E 486 -59.22 9.70 -12.19
N LEU E 487 -59.89 8.97 -13.06
CA LEU E 487 -59.24 8.48 -14.28
C LEU E 487 -58.84 9.63 -15.19
N LYS E 488 -59.71 10.63 -15.33
CA LYS E 488 -59.37 11.78 -16.16
C LYS E 488 -58.13 12.50 -15.62
N ALA E 489 -58.07 12.69 -14.30
CA ALA E 489 -56.93 13.36 -13.68
C ALA E 489 -55.66 12.53 -13.85
N ALA E 490 -55.77 11.22 -13.65
CA ALA E 490 -54.60 10.35 -13.80
C ALA E 490 -54.08 10.38 -15.23
N GLY E 491 -54.99 10.32 -16.22
CA GLY E 491 -54.57 10.42 -17.60
C GLY E 491 -53.93 11.76 -17.94
N GLU E 492 -54.51 12.86 -17.47
CA GLU E 492 -53.95 14.17 -17.78
C GLU E 492 -52.56 14.33 -17.15
N VAL E 493 -52.39 13.94 -15.90
CA VAL E 493 -51.08 14.09 -15.28
C VAL E 493 -50.06 13.12 -15.88
N ALA E 494 -50.48 11.90 -16.23
CA ALA E 494 -49.57 10.99 -16.90
C ALA E 494 -49.10 11.56 -18.23
N ALA E 495 -50.02 12.10 -19.02
CA ALA E 495 -49.63 12.73 -20.28
C ALA E 495 -48.69 13.90 -20.04
N ALA E 496 -49.01 14.75 -19.06
CA ALA E 496 -48.17 15.92 -18.78
C ALA E 496 -46.76 15.52 -18.34
N ILE E 497 -46.62 14.45 -17.57
CA ILE E 497 -45.31 14.05 -17.07
C ILE E 497 -44.53 13.28 -18.14
N LEU E 498 -45.22 12.61 -19.06
CA LEU E 498 -44.51 11.90 -20.12
C LEU E 498 -43.94 12.86 -21.17
N ARG E 499 -44.58 14.01 -21.40
CA ARG E 499 -44.07 14.94 -22.40
C ARG E 499 -42.68 15.46 -22.04
N ILE E 500 -42.38 15.60 -20.75
CA ILE E 500 -41.13 16.20 -20.32
C ILE E 500 -39.97 15.33 -20.81
N ASN E 501 -38.98 15.97 -21.44
CA ASN E 501 -37.82 15.29 -21.98
C ASN E 501 -36.50 15.95 -21.65
N THR E 502 -36.48 17.18 -21.15
CA THR E 502 -35.26 17.87 -20.77
C THR E 502 -35.47 18.59 -19.46
N ILE E 503 -34.44 18.58 -18.61
CA ILE E 503 -34.43 19.29 -17.34
C ILE E 503 -33.26 20.27 -17.41
N ILE E 504 -33.53 21.54 -17.19
CA ILE E 504 -32.51 22.58 -17.17
C ILE E 504 -32.84 23.54 -16.04
N LYS E 505 -31.89 24.45 -15.77
CA LYS E 505 -31.98 25.32 -14.60
C LYS E 505 -32.45 26.72 -15.00
N MET E 506 -32.94 27.45 -14.00
CA MET E 506 -33.61 28.73 -14.20
C MET E 506 -32.60 29.87 -14.07
N LYS E 507 -33.10 31.12 -14.03
CA LYS E 507 -32.25 32.31 -13.97
C LYS E 507 -31.24 32.24 -12.84
N ALA F 12 -40.74 -4.95 -2.87
CA ALA F 12 -41.45 -5.91 -2.04
C ALA F 12 -40.68 -6.23 -0.77
N ASP F 13 -39.36 -6.37 -0.85
CA ASP F 13 -38.55 -6.57 0.34
C ASP F 13 -38.56 -5.33 1.23
N GLU F 14 -38.67 -4.14 0.63
CA GLU F 14 -38.74 -2.92 1.43
C GLU F 14 -40.00 -2.88 2.27
N ARG F 15 -41.12 -3.38 1.74
CA ARG F 15 -42.34 -3.44 2.54
C ARG F 15 -42.19 -4.42 3.70
N PHE F 16 -41.46 -5.52 3.49
CA PHE F 16 -41.20 -6.45 4.58
C PHE F 16 -40.14 -5.92 5.53
N GLN F 17 -39.17 -5.18 5.00
CA GLN F 17 -38.07 -4.61 5.81
C GLN F 17 -38.67 -3.62 6.80
N ALA F 18 -39.63 -2.79 6.37
CA ALA F 18 -40.29 -1.85 7.26
C ALA F 18 -41.09 -2.56 8.34
N LEU F 19 -41.67 -3.72 8.02
CA LEU F 19 -42.38 -4.49 9.04
C LEU F 19 -41.41 -5.05 10.07
N LEU F 20 -40.23 -5.50 9.64
CA LEU F 20 -39.29 -6.12 10.57
C LEU F 20 -38.76 -5.10 11.57
N THR F 21 -38.48 -3.88 11.13
CA THR F 21 -38.01 -2.85 12.05
C THR F 21 -39.07 -2.50 13.08
N ASN F 22 -40.34 -2.44 12.67
CA ASN F 22 -41.41 -2.27 13.64
C ASN F 22 -41.45 -3.42 14.62
N VAL F 23 -41.22 -4.65 14.15
CA VAL F 23 -41.28 -5.81 15.02
C VAL F 23 -40.15 -5.77 16.03
N ASN F 24 -38.93 -5.50 15.57
CA ASN F 24 -37.77 -5.55 16.45
C ASN F 24 -37.87 -4.51 17.55
N ALA F 25 -38.47 -3.35 17.27
CA ALA F 25 -38.71 -2.38 18.32
C ALA F 25 -39.68 -2.92 19.36
N VAL F 26 -40.75 -3.58 18.91
CA VAL F 26 -41.72 -4.16 19.84
C VAL F 26 -41.08 -5.30 20.62
N ARG F 27 -40.29 -6.14 19.94
CA ARG F 27 -39.65 -7.26 20.62
C ARG F 27 -38.69 -6.78 21.69
N ALA F 28 -37.87 -5.78 21.38
CA ALA F 28 -36.93 -5.24 22.34
C ALA F 28 -37.62 -4.66 23.57
N ILE F 29 -38.82 -4.11 23.41
CA ILE F 29 -39.59 -3.67 24.57
C ILE F 29 -39.95 -4.87 25.44
N ALA F 30 -40.38 -5.96 24.81
CA ALA F 30 -40.83 -7.13 25.56
C ALA F 30 -39.67 -7.90 26.16
N ASP F 31 -38.55 -8.02 25.46
CA ASP F 31 -37.41 -8.75 26.00
C ASP F 31 -36.87 -8.11 27.27
N ALA F 32 -37.05 -6.81 27.45
CA ALA F 32 -36.61 -6.09 28.63
C ALA F 32 -37.70 -5.97 29.70
N VAL F 33 -38.87 -6.55 29.48
CA VAL F 33 -39.98 -6.49 30.43
C VAL F 33 -40.44 -7.90 30.78
N GLU F 34 -40.21 -8.86 29.89
CA GLU F 34 -40.70 -10.21 30.11
C GLU F 34 -40.01 -10.91 31.27
N GLY F 35 -38.81 -10.48 31.64
CA GLY F 35 -38.08 -11.11 32.73
C GLY F 35 -38.70 -10.90 34.09
N THR F 36 -39.63 -9.95 34.21
CA THR F 36 -40.28 -9.64 35.48
C THR F 36 -41.60 -10.37 35.68
N LEU F 37 -41.96 -11.28 34.78
CA LEU F 37 -43.23 -11.98 34.87
C LEU F 37 -43.12 -13.15 35.86
N GLY F 38 -44.18 -13.35 36.64
CA GLY F 38 -44.27 -14.48 37.53
C GLY F 38 -43.79 -14.16 38.93
N PRO F 39 -44.14 -15.01 39.91
CA PRO F 39 -43.74 -14.73 41.29
C PRO F 39 -42.24 -14.75 41.52
N LYS F 40 -41.49 -15.54 40.76
CA LYS F 40 -40.04 -15.63 40.88
C LYS F 40 -39.35 -14.82 39.79
N GLY F 41 -39.91 -13.68 39.45
CA GLY F 41 -39.33 -12.84 38.42
C GLY F 41 -38.01 -12.23 38.87
N LEU F 42 -37.39 -11.51 37.93
CA LEU F 42 -36.12 -10.85 38.14
C LEU F 42 -36.26 -9.36 37.88
N ASP F 43 -35.40 -8.58 38.52
CA ASP F 43 -35.48 -7.14 38.46
C ASP F 43 -34.69 -6.59 37.28
N VAL F 44 -34.89 -5.31 37.00
CA VAL F 44 -34.28 -4.63 35.87
C VAL F 44 -33.59 -3.38 36.38
N MET F 45 -32.35 -3.16 35.96
CA MET F 45 -31.57 -2.00 36.37
C MET F 45 -31.63 -0.95 35.26
N LEU F 46 -31.91 0.29 35.66
CA LEU F 46 -32.01 1.42 34.73
C LEU F 46 -30.96 2.46 35.11
N VAL F 47 -30.23 2.95 34.11
CA VAL F 47 -29.10 3.85 34.32
C VAL F 47 -29.31 5.13 33.53
N ASP F 48 -28.66 6.21 33.98
CA ASP F 48 -28.69 7.52 33.35
C ASP F 48 -27.29 7.88 32.87
N LYS F 49 -27.18 9.07 32.28
CA LYS F 49 -25.87 9.68 32.11
C LYS F 49 -25.29 10.08 33.46
N PHE F 50 -26.14 10.53 34.38
CA PHE F 50 -25.71 10.82 35.74
C PHE F 50 -25.42 9.56 36.54
N GLY F 51 -25.91 8.40 36.09
CA GLY F 51 -25.62 7.15 36.74
C GLY F 51 -26.56 6.75 37.85
N GLU F 52 -27.76 7.33 37.91
CA GLU F 52 -28.70 6.95 38.95
C GLU F 52 -29.22 5.53 38.72
N VAL F 53 -29.61 4.90 39.82
CA VAL F 53 -30.03 3.50 39.83
C VAL F 53 -31.53 3.46 40.09
N THR F 54 -32.24 2.60 39.37
CA THR F 54 -33.64 2.32 39.63
C THR F 54 -33.84 0.82 39.49
N ILE F 55 -33.88 0.12 40.62
CA ILE F 55 -34.10 -1.32 40.67
C ILE F 55 -35.60 -1.51 40.85
N THR F 56 -36.24 -2.14 39.86
CA THR F 56 -37.68 -2.35 39.89
C THR F 56 -38.02 -3.63 39.14
N ASN F 57 -38.95 -4.40 39.71
CA ASN F 57 -39.51 -5.57 39.07
C ASN F 57 -40.96 -5.40 38.66
N ASP F 58 -41.53 -4.21 38.81
CA ASP F 58 -42.90 -3.93 38.39
C ASP F 58 -42.85 -3.35 36.98
N GLY F 59 -43.57 -3.99 36.05
CA GLY F 59 -43.50 -3.60 34.65
C GLY F 59 -43.97 -2.18 34.39
N VAL F 60 -44.86 -1.65 35.22
CA VAL F 60 -45.38 -0.31 35.00
C VAL F 60 -44.25 0.72 35.06
N THR F 61 -43.40 0.63 36.09
CA THR F 61 -42.34 1.62 36.24
C THR F 61 -41.28 1.45 35.16
N ILE F 62 -40.96 0.20 34.79
CA ILE F 62 -39.93 -0.02 33.78
C ILE F 62 -40.40 0.50 32.44
N LEU F 63 -41.67 0.29 32.11
CA LEU F 63 -42.20 0.84 30.86
C LEU F 63 -42.34 2.36 30.93
N ASP F 64 -42.60 2.92 32.10
CA ASP F 64 -42.73 4.36 32.22
C ASP F 64 -41.38 5.04 32.01
N GLN F 65 -40.33 4.54 32.68
CA GLN F 65 -39.05 5.23 32.72
C GLN F 65 -38.09 4.79 31.62
N MET F 66 -38.49 3.86 30.76
CA MET F 66 -37.59 3.33 29.74
C MET F 66 -37.55 4.27 28.54
N ASP F 67 -36.36 4.48 27.98
CA ASP F 67 -36.24 5.28 26.78
C ASP F 67 -36.86 4.54 25.60
N VAL F 68 -37.65 5.26 24.80
CA VAL F 68 -38.18 4.76 23.54
C VAL F 68 -37.93 5.82 22.48
N GLN F 69 -37.43 5.38 21.32
CA GLN F 69 -37.14 6.28 20.20
C GLN F 69 -37.85 5.81 18.95
N HIS F 70 -38.07 4.50 18.81
CA HIS F 70 -38.71 3.96 17.63
C HIS F 70 -40.22 4.15 17.75
N PRO F 71 -40.91 4.73 16.74
CA PRO F 71 -42.33 5.04 16.92
C PRO F 71 -43.21 3.84 17.19
N ALA F 72 -42.85 2.65 16.70
CA ALA F 72 -43.64 1.46 16.95
C ALA F 72 -43.67 1.13 18.45
N ALA F 73 -42.55 1.32 19.14
CA ALA F 73 -42.50 1.05 20.56
C ALA F 73 -43.43 1.98 21.34
N ARG F 74 -43.53 3.24 20.94
CA ARG F 74 -44.37 4.19 21.68
C ARG F 74 -45.84 3.77 21.66
N MET F 75 -46.31 3.24 20.53
CA MET F 75 -47.70 2.81 20.44
C MET F 75 -48.00 1.70 21.43
N LEU F 76 -47.07 0.75 21.59
CA LEU F 76 -47.30 -0.37 22.49
C LEU F 76 -47.45 0.10 23.93
N ILE F 77 -46.58 1.00 24.37
CA ILE F 77 -46.69 1.47 25.75
C ILE F 77 -47.88 2.40 25.92
N GLN F 78 -48.27 3.16 24.89
CA GLN F 78 -49.51 3.92 24.98
C GLN F 78 -50.70 3.00 25.20
N VAL F 79 -50.76 1.90 24.44
CA VAL F 79 -51.87 0.96 24.61
C VAL F 79 -51.82 0.31 25.98
N ALA F 80 -50.63 -0.11 26.43
CA ALA F 80 -50.50 -0.79 27.71
C ALA F 80 -50.85 0.13 28.87
N ARG F 81 -50.44 1.40 28.82
CA ARG F 81 -50.79 2.33 29.89
C ARG F 81 -52.24 2.80 29.81
N ALA F 82 -52.86 2.82 28.64
CA ALA F 82 -54.31 2.98 28.61
C ALA F 82 -55.00 1.80 29.29
N GLN F 83 -54.52 0.59 29.03
CA GLN F 83 -54.98 -0.58 29.75
C GLN F 83 -54.82 -0.40 31.25
N GLU F 84 -53.68 0.14 31.69
CA GLU F 84 -53.48 0.46 33.09
C GLU F 84 -54.47 1.50 33.59
N GLU F 85 -54.75 2.53 32.81
CA GLU F 85 -55.76 3.52 33.19
C GLU F 85 -57.13 2.88 33.35
N GLU F 86 -57.39 1.78 32.64
CA GLU F 86 -58.67 1.10 32.79
C GLU F 86 -58.81 0.47 34.16
N VAL F 87 -57.89 -0.42 34.52
CA VAL F 87 -58.00 -1.21 35.75
C VAL F 87 -56.75 -1.18 36.60
N GLY F 88 -55.66 -0.56 36.16
CA GLY F 88 -54.51 -0.37 37.03
C GLY F 88 -53.57 -1.55 37.17
N ASP F 89 -53.71 -2.58 36.35
CA ASP F 89 -52.79 -3.71 36.42
C ASP F 89 -52.85 -4.50 35.12
N GLY F 90 -51.83 -5.33 34.92
CA GLY F 90 -51.78 -6.23 33.77
C GLY F 90 -50.98 -5.74 32.59
N THR F 91 -50.23 -4.65 32.73
CA THR F 91 -49.48 -4.13 31.59
C THR F 91 -48.38 -5.09 31.16
N THR F 92 -47.73 -5.76 32.11
CA THR F 92 -46.64 -6.67 31.76
C THR F 92 -47.14 -7.82 30.91
N THR F 93 -48.26 -8.44 31.30
CA THR F 93 -48.81 -9.54 30.53
C THR F 93 -49.22 -9.08 29.13
N ALA F 94 -49.83 -7.90 29.04
CA ALA F 94 -50.23 -7.38 27.73
C ALA F 94 -49.02 -7.14 26.84
N THR F 95 -47.96 -6.54 27.38
CA THR F 95 -46.76 -6.30 26.58
C THR F 95 -46.11 -7.59 26.13
N VAL F 96 -46.02 -8.58 27.01
CA VAL F 96 -45.40 -9.86 26.63
C VAL F 96 -46.24 -10.56 25.57
N LEU F 97 -47.56 -10.55 25.73
CA LEU F 97 -48.44 -11.15 24.73
C LEU F 97 -48.33 -10.45 23.39
N ALA F 98 -48.27 -9.11 23.39
CA ALA F 98 -48.10 -8.38 22.15
C ALA F 98 -46.77 -8.72 21.49
N GLY F 99 -45.71 -8.83 22.28
CA GLY F 99 -44.44 -9.24 21.73
C GLY F 99 -44.49 -10.61 21.09
N ALA F 100 -45.09 -11.58 21.75
CA ALA F 100 -45.21 -12.92 21.17
C ALA F 100 -46.05 -12.92 19.90
N LEU F 101 -47.20 -12.25 19.92
CA LEU F 101 -48.06 -12.20 18.74
C LEU F 101 -47.34 -11.57 17.57
N VAL F 102 -46.64 -10.45 17.79
CA VAL F 102 -45.95 -9.78 16.69
C VAL F 102 -44.78 -10.64 16.21
N SER F 103 -44.08 -11.30 17.13
CA SER F 103 -42.93 -12.11 16.75
C SER F 103 -43.33 -13.25 15.84
N GLU F 104 -44.35 -14.02 16.21
CA GLU F 104 -44.75 -15.11 15.34
C GLU F 104 -45.63 -14.65 14.19
N GLY F 105 -46.17 -13.43 14.24
CA GLY F 105 -46.71 -12.84 13.03
C GLY F 105 -45.64 -12.63 11.96
N VAL F 106 -44.50 -12.06 12.35
CA VAL F 106 -43.44 -11.90 11.34
C VAL F 106 -42.85 -13.25 10.98
N ASN F 107 -42.83 -14.20 11.93
CA ASN F 107 -42.34 -15.54 11.61
C ASN F 107 -43.20 -16.20 10.53
N GLN F 108 -44.52 -16.08 10.60
CA GLN F 108 -45.35 -16.63 9.54
C GLN F 108 -45.14 -15.91 8.22
N VAL F 109 -44.92 -14.59 8.24
CA VAL F 109 -44.67 -13.87 7.00
C VAL F 109 -43.34 -14.30 6.39
N GLU F 110 -42.35 -14.60 7.22
CA GLU F 110 -41.08 -15.13 6.72
C GLU F 110 -41.28 -16.42 5.95
N GLN F 111 -42.26 -17.24 6.35
CA GLN F 111 -42.56 -18.47 5.66
C GLN F 111 -43.27 -18.26 4.33
N GLY F 112 -43.73 -17.04 4.05
CA GLY F 112 -44.40 -16.71 2.80
C GLY F 112 -45.86 -16.32 2.94
N VAL F 113 -46.41 -16.27 4.14
CA VAL F 113 -47.82 -15.90 4.30
C VAL F 113 -47.98 -14.41 4.05
N PRO F 114 -48.99 -13.95 3.33
CA PRO F 114 -49.24 -12.50 3.25
C PRO F 114 -49.62 -11.92 4.60
N VAL F 115 -49.30 -10.63 4.77
CA VAL F 115 -49.46 -10.00 6.08
C VAL F 115 -50.93 -9.84 6.42
N SER F 116 -51.77 -9.52 5.43
CA SER F 116 -53.19 -9.33 5.68
C SER F 116 -53.86 -10.60 6.17
N ARG F 117 -53.47 -11.75 5.63
CA ARG F 117 -54.00 -13.02 6.10
C ARG F 117 -53.65 -13.26 7.56
N VAL F 118 -52.40 -12.99 7.95
CA VAL F 118 -52.01 -13.14 9.34
C VAL F 118 -52.79 -12.18 10.22
N ILE F 119 -53.02 -10.96 9.75
CA ILE F 119 -53.76 -9.98 10.54
C ILE F 119 -55.19 -10.47 10.78
N GLU F 120 -55.86 -10.89 9.72
CA GLU F 120 -57.26 -11.28 9.85
C GLU F 120 -57.42 -12.63 10.52
N GLY F 121 -56.35 -13.44 10.59
CA GLY F 121 -56.36 -14.60 11.45
C GLY F 121 -56.14 -14.27 12.90
N LEU F 122 -55.24 -13.32 13.19
CA LEU F 122 -55.06 -12.85 14.55
C LEU F 122 -56.33 -12.28 15.12
N ARG F 123 -57.10 -11.57 14.29
CA ARG F 123 -58.37 -11.00 14.75
C ARG F 123 -59.31 -12.08 15.28
N ARG F 124 -59.56 -13.13 14.49
CA ARG F 124 -60.49 -14.16 14.92
C ARG F 124 -59.92 -15.03 16.04
N GLY F 125 -58.62 -15.30 16.02
CA GLY F 125 -58.01 -16.02 17.12
C GLY F 125 -58.17 -15.28 18.44
N VAL F 126 -57.90 -13.97 18.43
CA VAL F 126 -58.07 -13.18 19.66
C VAL F 126 -59.53 -13.11 20.05
N GLU F 127 -60.43 -13.05 19.07
CA GLU F 127 -61.86 -13.01 19.39
C GLU F 127 -62.28 -14.26 20.15
N ARG F 128 -61.93 -15.44 19.63
CA ARG F 128 -62.33 -16.66 20.33
C ARG F 128 -61.59 -16.81 21.64
N ALA F 129 -60.33 -16.36 21.70
CA ALA F 129 -59.60 -16.44 22.96
C ALA F 129 -60.27 -15.57 24.03
N LEU F 130 -60.68 -14.36 23.66
CA LEU F 130 -61.41 -13.52 24.61
C LEU F 130 -62.71 -14.16 25.04
N GLU F 131 -63.46 -14.74 24.10
CA GLU F 131 -64.74 -15.36 24.46
C GLU F 131 -64.53 -16.51 25.43
N LEU F 132 -63.54 -17.36 25.18
CA LEU F 132 -63.34 -18.52 26.03
C LEU F 132 -62.69 -18.17 27.36
N LEU F 133 -61.87 -17.12 27.41
CA LEU F 133 -61.40 -16.66 28.71
C LEU F 133 -62.53 -16.05 29.52
N ARG F 134 -63.47 -15.38 28.86
CA ARG F 134 -64.67 -14.92 29.55
C ARG F 134 -65.45 -16.09 30.13
N LYS F 135 -65.63 -17.15 29.34
CA LYS F 135 -66.41 -18.29 29.80
C LYS F 135 -65.67 -19.08 30.88
N GLN F 136 -64.34 -19.06 30.87
CA GLN F 136 -63.59 -19.81 31.87
C GLN F 136 -63.54 -19.09 33.21
N ALA F 137 -63.79 -17.77 33.23
CA ALA F 137 -63.71 -17.00 34.45
C ALA F 137 -64.77 -17.45 35.45
N LEU F 138 -64.33 -17.89 36.63
CA LEU F 138 -65.22 -18.43 37.66
C LEU F 138 -65.60 -17.33 38.64
N PRO F 139 -66.88 -17.11 38.98
CA PRO F 139 -67.23 -15.97 39.82
C PRO F 139 -66.83 -16.21 41.28
N VAL F 140 -66.90 -15.14 42.06
CA VAL F 140 -66.56 -15.14 43.48
C VAL F 140 -67.85 -15.34 44.28
N GLU F 141 -67.79 -16.23 45.27
CA GLU F 141 -68.91 -16.47 46.18
C GLU F 141 -68.61 -15.72 47.47
N GLY F 142 -69.05 -14.47 47.53
CA GLY F 142 -68.83 -13.65 48.71
C GLY F 142 -67.38 -13.24 48.86
N LEU F 143 -67.18 -12.22 49.68
CA LEU F 143 -65.87 -11.61 49.88
C LEU F 143 -65.08 -12.31 50.98
N ASP F 144 -65.71 -13.19 51.76
CA ASP F 144 -64.99 -14.04 52.70
C ASP F 144 -64.31 -15.21 52.03
N ASP F 145 -64.47 -15.39 50.72
CA ASP F 145 -63.85 -16.51 50.01
C ASP F 145 -62.34 -16.32 50.09
N PRO F 146 -61.56 -17.37 50.41
CA PRO F 146 -60.10 -17.20 50.51
C PRO F 146 -59.42 -16.82 49.20
N ARG F 147 -60.09 -17.01 48.06
CA ARG F 147 -59.46 -16.69 46.79
C ARG F 147 -59.14 -15.20 46.68
N LEU F 148 -59.90 -14.34 47.37
CA LEU F 148 -59.51 -12.93 47.45
C LEU F 148 -58.24 -12.76 48.25
N ARG F 149 -58.06 -13.53 49.32
CA ARG F 149 -56.78 -13.51 50.00
C ARG F 149 -55.66 -13.92 49.06
N ALA F 150 -55.91 -14.93 48.22
CA ALA F 150 -54.89 -15.36 47.26
C ALA F 150 -54.58 -14.28 46.23
N VAL F 151 -55.61 -13.63 45.68
CA VAL F 151 -55.38 -12.66 44.62
C VAL F 151 -54.77 -11.38 45.18
N ALA F 152 -55.00 -11.09 46.46
CA ALA F 152 -54.25 -10.01 47.10
C ALA F 152 -52.81 -10.42 47.37
N ARG F 153 -52.58 -11.67 47.78
CA ARG F 153 -51.24 -12.12 48.09
C ARG F 153 -50.33 -12.11 46.87
N ILE F 154 -50.83 -12.58 45.73
CA ILE F 154 -50.00 -12.57 44.52
C ILE F 154 -49.72 -11.13 44.08
N ALA F 155 -50.70 -10.24 44.27
CA ALA F 155 -50.50 -8.85 43.90
C ALA F 155 -49.56 -8.09 44.83
N ALA F 156 -49.28 -8.63 46.02
CA ALA F 156 -48.46 -7.97 47.02
C ALA F 156 -47.04 -8.51 47.06
N ARG F 157 -46.56 -9.12 45.97
CA ARG F 157 -45.22 -9.71 45.91
C ARG F 157 -45.01 -10.74 47.02
N GLU F 158 -46.07 -11.50 47.32
CA GLU F 158 -46.01 -12.57 48.32
C GLU F 158 -45.62 -12.04 49.69
N ARG F 159 -46.04 -10.82 50.02
CA ARG F 159 -45.87 -10.23 51.35
C ARG F 159 -47.24 -10.14 51.99
N GLU F 160 -47.43 -10.87 53.10
CA GLU F 160 -48.74 -10.98 53.71
C GLU F 160 -49.20 -9.71 54.42
N ASP F 161 -48.26 -8.86 54.86
CA ASP F 161 -48.66 -7.67 55.61
C ASP F 161 -49.47 -6.68 54.76
N ILE F 162 -49.24 -6.65 53.46
CA ILE F 162 -50.11 -5.87 52.58
C ILE F 162 -51.34 -6.66 52.16
N ALA F 163 -51.25 -8.00 52.13
CA ALA F 163 -52.36 -8.79 51.65
C ALA F 163 -53.59 -8.67 52.54
N ASP F 164 -53.39 -8.62 53.86
CA ASP F 164 -54.54 -8.64 54.77
C ASP F 164 -55.28 -7.31 54.84
N LEU F 165 -54.56 -6.18 54.75
CA LEU F 165 -55.24 -4.91 54.98
C LEU F 165 -56.15 -4.52 53.83
N VAL F 166 -55.82 -4.90 52.59
CA VAL F 166 -56.71 -4.59 51.48
C VAL F 166 -58.01 -5.39 51.55
N VAL F 167 -57.95 -6.69 51.87
CA VAL F 167 -59.19 -7.45 52.03
C VAL F 167 -59.96 -7.00 53.26
N GLU F 168 -59.28 -6.65 54.36
CA GLU F 168 -59.95 -6.11 55.53
C GLU F 168 -60.69 -4.82 55.20
N ALA F 169 -60.05 -3.92 54.45
CA ALA F 169 -60.74 -2.70 54.03
C ALA F 169 -61.90 -3.03 53.10
N ALA F 170 -61.70 -3.95 52.17
CA ALA F 170 -62.75 -4.27 51.21
C ALA F 170 -64.00 -4.78 51.89
N ARG F 171 -63.85 -5.67 52.87
CA ARG F 171 -65.03 -6.13 53.59
C ARG F 171 -65.67 -5.01 54.40
N HIS F 172 -64.90 -3.99 54.77
CA HIS F 172 -65.51 -2.79 55.34
C HIS F 172 -66.34 -2.04 54.31
N ILE F 173 -65.87 -1.94 53.07
CA ILE F 173 -66.59 -1.17 52.07
C ILE F 173 -67.92 -1.83 51.72
N GLY F 174 -67.90 -3.13 51.49
CA GLY F 174 -69.06 -3.89 51.07
C GLY F 174 -68.95 -4.31 49.62
N GLU F 175 -70.08 -4.78 49.07
CA GLU F 175 -70.12 -5.23 47.68
C GLU F 175 -70.74 -4.19 46.77
N ASP F 176 -72.03 -3.88 46.97
CA ASP F 176 -72.77 -3.06 46.02
C ASP F 176 -72.18 -1.66 45.91
N LYS F 177 -71.52 -1.19 46.96
CA LYS F 177 -70.75 0.05 46.85
C LYS F 177 -69.46 -0.17 46.07
N LEU F 178 -68.94 -1.39 46.07
CA LEU F 178 -67.71 -1.73 45.34
C LEU F 178 -67.92 -1.88 43.84
N GLN F 179 -69.07 -2.41 43.38
CA GLN F 179 -69.35 -2.49 41.95
C GLN F 179 -69.64 -1.14 41.30
N ASP F 180 -69.58 -0.03 42.03
CA ASP F 180 -69.82 1.27 41.41
C ASP F 180 -68.73 1.57 40.39
N PRO F 181 -69.05 1.78 39.09
CA PRO F 181 -67.97 2.03 38.13
C PRO F 181 -67.24 3.34 38.37
N ASN F 182 -67.90 4.35 38.94
CA ASN F 182 -67.24 5.59 39.28
C ASN F 182 -66.32 5.47 40.47
N PHE F 183 -66.38 4.37 41.22
CA PHE F 183 -65.55 4.14 42.39
C PHE F 183 -64.33 3.34 41.96
N LYS F 184 -63.15 3.94 42.10
CA LYS F 184 -61.88 3.24 41.97
C LYS F 184 -61.30 3.11 43.37
N LEU F 185 -61.15 1.88 43.85
CA LEU F 185 -60.68 1.66 45.20
C LEU F 185 -59.18 1.89 45.34
N ALA F 186 -58.44 1.94 44.24
CA ALA F 186 -57.01 2.17 44.29
C ALA F 186 -56.66 3.64 44.52
N ASP F 187 -57.64 4.54 44.52
CA ASP F 187 -57.41 5.94 44.86
C ASP F 187 -57.50 6.21 46.36
N THR F 188 -57.90 5.22 47.16
CA THR F 188 -58.11 5.38 48.59
C THR F 188 -56.95 4.86 49.42
N VAL F 189 -55.76 4.74 48.85
CA VAL F 189 -54.59 4.20 49.53
C VAL F 189 -53.58 5.31 49.72
N THR F 190 -53.00 5.37 50.91
CA THR F 190 -52.00 6.37 51.24
C THR F 190 -51.02 5.77 52.23
N ALA F 191 -49.73 5.88 51.92
CA ALA F 191 -48.66 5.31 52.74
C ALA F 191 -47.87 6.42 53.40
N ARG F 192 -47.60 6.28 54.70
CA ARG F 192 -46.85 7.25 55.47
C ARG F 192 -45.74 6.52 56.23
N GLU F 193 -44.59 7.19 56.34
CA GLU F 193 -43.42 6.57 56.97
C GLU F 193 -43.58 6.56 58.49
N GLY F 194 -43.15 5.46 59.10
CA GLY F 194 -43.15 5.33 60.54
C GLY F 194 -44.49 5.06 61.19
N ALA F 195 -45.54 4.86 60.40
CA ALA F 195 -46.88 4.61 60.91
C ALA F 195 -47.11 3.10 61.04
N GLU F 196 -48.32 2.73 61.45
CA GLU F 196 -48.74 1.34 61.58
C GLU F 196 -49.68 0.99 60.43
N ASN F 197 -50.19 -0.24 60.44
CA ASN F 197 -51.08 -0.76 59.40
C ASN F 197 -52.51 -0.80 59.94
N GLN F 198 -53.38 0.01 59.37
CA GLN F 198 -54.79 0.02 59.76
C GLN F 198 -55.59 0.77 58.71
N VAL F 199 -56.92 0.69 58.86
CA VAL F 199 -57.86 1.45 58.04
C VAL F 199 -58.51 2.53 58.90
N ILE F 200 -58.95 3.59 58.23
CA ILE F 200 -59.61 4.71 58.89
C ILE F 200 -60.92 5.01 58.18
N THR F 356 -59.96 4.91 53.64
CA THR F 356 -58.54 5.21 53.72
C THR F 356 -57.79 4.09 54.46
N VAL F 357 -56.92 3.40 53.73
CA VAL F 357 -56.04 2.39 54.30
C VAL F 357 -54.68 3.05 54.49
N LEU F 358 -54.17 3.02 55.72
CA LEU F 358 -52.87 3.60 56.05
C LEU F 358 -51.83 2.50 55.97
N VAL F 359 -50.90 2.63 55.02
CA VAL F 359 -49.87 1.62 54.77
C VAL F 359 -48.58 2.10 55.44
N GLY F 360 -48.07 1.30 56.37
CA GLY F 360 -46.86 1.67 57.08
C GLY F 360 -45.63 1.50 56.20
N ALA F 361 -44.59 2.26 56.55
CA ALA F 361 -43.31 2.20 55.86
C ALA F 361 -42.20 2.53 56.85
N ALA F 362 -41.00 2.05 56.54
CA ALA F 362 -39.87 2.24 57.43
C ALA F 362 -39.32 3.66 57.34
N THR F 363 -38.87 4.06 56.16
CA THR F 363 -38.32 5.38 55.89
C THR F 363 -39.07 6.04 54.75
N GLU F 364 -38.73 7.29 54.48
CA GLU F 364 -39.40 8.03 53.41
C GLU F 364 -39.14 7.40 52.05
N GLU F 365 -37.91 6.93 51.79
CA GLU F 365 -37.60 6.33 50.51
C GLU F 365 -38.38 5.04 50.25
N VAL F 366 -38.77 4.33 51.31
CA VAL F 366 -39.53 3.10 51.14
C VAL F 366 -41.01 3.38 50.83
N VAL F 367 -41.45 4.63 50.97
CA VAL F 367 -42.88 4.93 50.82
C VAL F 367 -43.34 4.69 49.38
N GLY F 368 -42.47 4.97 48.41
CA GLY F 368 -42.90 4.87 47.02
C GLY F 368 -43.25 3.45 46.59
N GLU F 369 -42.36 2.49 46.85
CA GLU F 369 -42.62 1.12 46.43
C GLU F 369 -43.78 0.50 47.21
N ARG F 370 -43.88 0.79 48.51
CA ARG F 370 -45.01 0.29 49.28
C ARG F 370 -46.31 0.90 48.78
N GLU F 371 -46.29 2.18 48.41
CA GLU F 371 -47.48 2.82 47.85
C GLU F 371 -47.88 2.15 46.55
N ARG F 372 -46.90 1.87 45.68
CA ARG F 372 -47.20 1.20 44.41
C ARG F 372 -47.77 -0.19 44.63
N VAL F 373 -47.20 -0.95 45.58
CA VAL F 373 -47.71 -2.29 45.86
C VAL F 373 -49.11 -2.20 46.45
N ALA F 374 -49.38 -1.18 47.26
CA ALA F 374 -50.71 -0.99 47.79
C ALA F 374 -51.72 -0.73 46.67
N LYS F 375 -51.36 0.12 45.71
CA LYS F 375 -52.24 0.33 44.57
C LYS F 375 -52.44 -0.95 43.77
N ASP F 376 -51.37 -1.75 43.59
CA ASP F 376 -51.50 -2.99 42.83
C ASP F 376 -52.48 -3.95 43.51
N ALA F 377 -52.32 -4.16 44.82
CA ALA F 377 -53.23 -5.06 45.54
C ALA F 377 -54.64 -4.50 45.55
N ALA F 378 -54.78 -3.19 45.71
CA ALA F 378 -56.11 -2.57 45.69
C ALA F 378 -56.81 -2.80 44.37
N SER F 379 -56.10 -2.57 43.26
CA SER F 379 -56.70 -2.78 41.95
C SER F 379 -57.03 -4.25 41.71
N ALA F 380 -56.16 -5.16 42.17
CA ALA F 380 -56.43 -6.58 42.00
C ALA F 380 -57.71 -6.98 42.70
N VAL F 381 -57.86 -6.59 43.97
CA VAL F 381 -59.09 -6.92 44.69
C VAL F 381 -60.29 -6.20 44.10
N GLN F 382 -60.09 -4.98 43.58
CA GLN F 382 -61.20 -4.27 42.93
C GLN F 382 -61.72 -5.05 41.74
N ALA F 383 -60.83 -5.53 40.87
CA ALA F 383 -61.24 -6.30 39.71
C ALA F 383 -61.80 -7.67 40.07
N ALA F 384 -61.31 -8.27 41.15
CA ALA F 384 -61.73 -9.62 41.51
C ALA F 384 -63.23 -9.69 41.79
N ILE F 385 -63.83 -8.63 42.31
CA ILE F 385 -65.28 -8.64 42.55
C ILE F 385 -66.03 -8.39 41.26
N ARG F 386 -65.49 -7.50 40.41
CA ARG F 386 -66.21 -7.14 39.19
C ARG F 386 -66.30 -8.30 38.22
N GLY F 387 -65.18 -9.01 38.01
CA GLY F 387 -65.11 -10.02 36.96
C GLY F 387 -64.92 -11.45 37.40
N GLY F 388 -64.71 -11.67 38.69
CA GLY F 388 -64.38 -12.99 39.18
C GLY F 388 -62.90 -13.28 39.06
N VAL F 389 -62.59 -14.58 39.01
CA VAL F 389 -61.23 -15.07 39.08
C VAL F 389 -60.97 -16.02 37.92
N VAL F 390 -59.69 -16.18 37.58
CA VAL F 390 -59.23 -17.03 36.49
C VAL F 390 -58.03 -17.81 36.99
N PRO F 391 -57.89 -19.12 36.70
CA PRO F 391 -56.67 -19.80 37.14
C PRO F 391 -55.44 -19.28 36.43
N GLY F 392 -54.62 -18.54 37.16
CA GLY F 392 -53.51 -17.80 36.58
C GLY F 392 -52.22 -18.59 36.54
N GLY F 393 -51.12 -17.85 36.48
CA GLY F 393 -49.83 -18.45 36.25
C GLY F 393 -49.61 -18.89 34.82
N GLY F 394 -50.44 -18.43 33.89
CA GLY F 394 -50.39 -18.88 32.52
C GLY F 394 -51.17 -20.15 32.23
N ALA F 395 -51.92 -20.67 33.21
CA ALA F 395 -52.69 -21.89 32.98
C ALA F 395 -53.91 -21.62 32.11
N ALA F 396 -54.63 -20.52 32.38
CA ALA F 396 -55.81 -20.19 31.60
C ALA F 396 -55.46 -19.87 30.15
N GLU F 397 -54.35 -19.20 29.92
CA GLU F 397 -53.95 -18.91 28.55
C GLU F 397 -53.60 -20.19 27.80
N LEU F 398 -53.00 -21.18 28.45
CA LEU F 398 -52.83 -22.48 27.83
C LEU F 398 -54.16 -23.16 27.53
N ALA F 399 -55.09 -23.08 28.49
CA ALA F 399 -56.40 -23.70 28.32
C ALA F 399 -57.12 -23.14 27.10
N VAL F 400 -57.09 -21.81 26.93
CA VAL F 400 -57.70 -21.23 25.73
C VAL F 400 -56.83 -21.39 24.50
N ALA F 401 -55.52 -21.62 24.67
CA ALA F 401 -54.66 -21.87 23.53
C ALA F 401 -55.02 -23.18 22.83
N ARG F 402 -55.36 -24.21 23.61
CA ARG F 402 -55.78 -25.47 23.00
C ARG F 402 -57.02 -25.28 22.11
N GLU F 403 -58.01 -24.54 22.59
CA GLU F 403 -59.22 -24.33 21.82
C GLU F 403 -59.00 -23.36 20.65
N VAL F 404 -58.08 -22.41 20.79
CA VAL F 404 -57.74 -21.59 19.64
C VAL F 404 -57.04 -22.42 18.58
N GLU F 405 -56.26 -23.42 18.98
CA GLU F 405 -55.71 -24.36 18.02
C GLU F 405 -56.81 -25.16 17.32
N LYS F 406 -57.84 -25.57 18.06
CA LYS F 406 -59.00 -26.17 17.40
C LYS F 406 -59.66 -25.22 16.40
N LEU F 407 -59.81 -23.94 16.75
CA LEU F 407 -60.27 -22.95 15.77
C LEU F 407 -59.37 -22.90 14.55
N ALA F 408 -58.05 -22.96 14.75
CA ALA F 408 -57.13 -22.95 13.63
C ALA F 408 -57.36 -24.14 12.71
N GLU F 409 -57.63 -25.31 13.29
CA GLU F 409 -58.04 -26.48 12.50
C GLU F 409 -59.44 -26.33 11.92
N GLU F 410 -60.21 -25.35 12.38
CA GLU F 410 -61.57 -25.09 11.89
C GLU F 410 -61.60 -24.02 10.80
N VAL F 411 -60.53 -23.24 10.64
CA VAL F 411 -60.56 -22.05 9.80
C VAL F 411 -59.90 -22.38 8.45
N LYS F 412 -60.42 -21.79 7.38
CA LYS F 412 -60.12 -22.21 6.01
C LYS F 412 -59.06 -21.31 5.37
N GLY F 413 -58.18 -21.94 4.59
CA GLY F 413 -57.27 -21.21 3.71
C GLY F 413 -55.95 -20.87 4.36
N MET F 414 -55.22 -19.97 3.69
CA MET F 414 -53.99 -19.41 4.23
C MET F 414 -54.24 -18.66 5.53
N GLU F 415 -55.47 -18.21 5.76
CA GLU F 415 -55.80 -17.35 6.89
C GLU F 415 -55.58 -18.05 8.22
N ARG F 416 -55.58 -19.39 8.25
CA ARG F 416 -55.55 -20.09 9.52
C ARG F 416 -54.21 -20.01 10.23
N TYR F 417 -53.16 -19.52 9.56
CA TYR F 417 -51.85 -19.43 10.19
C TYR F 417 -51.78 -18.32 11.22
N GLY F 418 -52.68 -17.34 11.15
CA GLY F 418 -52.78 -16.37 12.22
C GLY F 418 -53.44 -16.93 13.47
N VAL F 419 -54.41 -17.83 13.30
CA VAL F 419 -55.01 -18.47 14.46
C VAL F 419 -53.98 -19.33 15.17
N GLU F 420 -53.08 -19.97 14.40
CA GLU F 420 -51.97 -20.68 15.03
C GLU F 420 -51.04 -19.73 15.77
N ALA F 421 -50.82 -18.54 15.22
CA ALA F 421 -49.99 -17.55 15.92
C ALA F 421 -50.62 -17.14 17.24
N VAL F 422 -51.94 -16.95 17.27
CA VAL F 422 -52.61 -16.64 18.53
C VAL F 422 -52.52 -17.83 19.47
N ALA F 423 -52.66 -19.05 18.93
CA ALA F 423 -52.57 -20.25 19.77
C ALA F 423 -51.23 -20.35 20.45
N GLU F 424 -50.15 -20.06 19.73
CA GLU F 424 -48.82 -20.11 20.33
C GLU F 424 -48.59 -18.93 21.27
N ALA F 425 -49.04 -17.74 20.89
CA ALA F 425 -48.73 -16.55 21.68
C ALA F 425 -49.34 -16.62 23.07
N LEU F 426 -50.41 -17.39 23.23
CA LEU F 426 -50.98 -17.62 24.54
C LEU F 426 -50.14 -18.56 25.40
N LYS F 427 -49.21 -19.30 24.80
CA LYS F 427 -48.29 -20.12 25.58
C LYS F 427 -47.18 -19.31 26.23
N LYS F 428 -46.84 -18.15 25.66
CA LYS F 428 -45.67 -17.38 26.08
C LYS F 428 -45.71 -16.96 27.55
N PRO F 429 -46.86 -16.53 28.10
CA PRO F 429 -46.87 -16.22 29.54
C PRO F 429 -46.45 -17.38 30.42
N LEU F 430 -47.02 -18.57 30.22
CA LEU F 430 -46.61 -19.72 31.02
C LEU F 430 -45.17 -20.11 30.72
N ARG F 431 -44.77 -20.04 29.45
CA ARG F 431 -43.40 -20.39 29.08
C ARG F 431 -42.39 -19.49 29.80
N GLN F 432 -42.68 -18.21 29.90
CA GLN F 432 -41.72 -17.25 30.47
C GLN F 432 -41.88 -17.24 31.98
N ILE F 433 -43.01 -17.64 32.52
CA ILE F 433 -43.13 -17.83 33.97
C ILE F 433 -42.27 -19.01 34.39
N VAL F 434 -42.28 -20.10 33.62
CA VAL F 434 -41.47 -21.26 33.96
C VAL F 434 -40.00 -20.97 33.74
N ALA F 435 -39.66 -20.26 32.66
CA ALA F 435 -38.26 -19.94 32.40
C ALA F 435 -37.67 -19.03 33.47
N ASN F 436 -38.42 -18.01 33.90
CA ASN F 436 -37.95 -17.13 34.96
C ASN F 436 -37.78 -17.86 36.29
N ALA F 437 -38.49 -18.96 36.48
CA ALA F 437 -38.34 -19.77 37.69
C ALA F 437 -37.02 -20.53 37.74
N GLY F 438 -36.26 -20.55 36.64
CA GLY F 438 -35.05 -21.33 36.57
C GLY F 438 -35.25 -22.76 36.13
N PHE F 439 -36.31 -23.04 35.37
CA PHE F 439 -36.62 -24.37 34.86
C PHE F 439 -36.53 -24.36 33.34
N ASN F 440 -36.42 -25.55 32.74
CA ASN F 440 -36.38 -25.68 31.26
C ASN F 440 -37.80 -25.62 30.81
N PRO F 441 -38.20 -24.62 30.04
CA PRO F 441 -39.63 -24.48 29.70
C PRO F 441 -40.12 -25.52 28.73
N LEU F 442 -39.23 -26.09 27.91
CA LEU F 442 -39.65 -27.10 26.95
C LEU F 442 -40.17 -28.34 27.64
N GLU F 443 -39.39 -28.91 28.57
CA GLU F 443 -39.81 -30.12 29.26
C GLU F 443 -41.05 -29.88 30.12
N LYS F 444 -41.15 -28.73 30.76
CA LYS F 444 -42.28 -28.44 31.63
C LYS F 444 -43.54 -28.16 30.85
N LEU F 445 -43.42 -27.57 29.66
CA LEU F 445 -44.60 -27.43 28.80
C LEU F 445 -45.01 -28.78 28.23
N GLY F 446 -44.04 -29.64 27.92
CA GLY F 446 -44.39 -30.97 27.46
C GLY F 446 -45.09 -31.80 28.51
N ASP F 447 -44.61 -31.74 29.75
CA ASP F 447 -45.17 -32.54 30.84
C ASP F 447 -46.46 -31.96 31.40
N LEU F 448 -46.83 -30.74 31.03
CA LEU F 448 -48.05 -30.11 31.51
C LEU F 448 -49.28 -30.50 30.70
N ARG F 449 -49.10 -31.03 29.49
CA ARG F 449 -50.25 -31.46 28.70
C ARG F 449 -50.80 -32.80 29.15
N ALA F 450 -50.12 -33.48 30.09
CA ALA F 450 -50.63 -34.76 30.56
C ALA F 450 -51.93 -34.61 31.31
N ALA F 451 -51.97 -33.72 32.30
CA ALA F 451 -53.16 -33.60 33.13
C ALA F 451 -54.29 -32.83 32.45
N HIS F 452 -54.04 -32.21 31.30
CA HIS F 452 -55.09 -31.55 30.53
C HIS F 452 -55.94 -32.55 29.73
N ARG F 453 -55.57 -33.83 29.72
CA ARG F 453 -56.35 -34.86 29.07
C ARG F 453 -57.49 -35.37 29.94
N THR F 454 -57.55 -34.97 31.21
CA THR F 454 -58.59 -35.43 32.11
C THR F 454 -59.92 -34.70 31.93
N GLY F 455 -59.98 -33.70 31.04
CA GLY F 455 -61.17 -32.90 30.85
C GLY F 455 -61.17 -31.58 31.60
N ASN F 456 -60.31 -31.43 32.61
CA ASN F 456 -60.16 -30.18 33.32
C ASN F 456 -59.14 -29.30 32.62
N ASP F 457 -59.37 -27.99 32.68
CA ASP F 457 -58.54 -27.00 31.99
C ASP F 457 -58.07 -25.91 32.94
N SER F 458 -57.97 -26.20 34.23
CA SER F 458 -57.58 -25.24 35.25
C SER F 458 -56.30 -25.67 35.97
N LEU F 459 -55.32 -26.16 35.21
CA LEU F 459 -54.12 -26.77 35.75
C LEU F 459 -52.89 -26.13 35.13
N GLY F 460 -51.84 -25.99 35.94
CA GLY F 460 -50.62 -25.33 35.53
C GLY F 460 -49.38 -25.95 36.15
N ILE F 461 -48.39 -25.14 36.48
CA ILE F 461 -47.12 -25.61 37.00
C ILE F 461 -46.68 -24.67 38.12
N ASP F 462 -46.15 -25.24 39.20
CA ASP F 462 -45.68 -24.43 40.32
C ASP F 462 -44.31 -23.83 40.00
N CYS F 463 -44.02 -22.73 40.70
CA CYS F 463 -42.82 -21.92 40.44
C CYS F 463 -41.70 -22.18 41.44
N ASP F 464 -41.83 -23.21 42.29
CA ASP F 464 -40.83 -23.52 43.32
C ASP F 464 -40.30 -24.94 43.24
N THR F 465 -41.15 -25.93 42.96
CA THR F 465 -40.75 -27.32 42.90
C THR F 465 -40.73 -27.88 41.49
N GLY F 466 -41.34 -27.21 40.51
CA GLY F 466 -41.39 -27.73 39.16
C GLY F 466 -42.37 -28.87 38.97
N GLU F 467 -43.23 -29.13 39.94
CA GLU F 467 -44.20 -30.22 39.87
C GLU F 467 -45.52 -29.68 39.33
N VAL F 468 -46.15 -30.47 38.47
CA VAL F 468 -47.44 -30.07 37.90
C VAL F 468 -48.51 -30.26 38.97
N VAL F 469 -49.18 -29.16 39.32
CA VAL F 469 -50.23 -29.17 40.34
C VAL F 469 -51.40 -28.32 39.86
N ASP F 470 -52.57 -28.63 40.40
CA ASP F 470 -53.77 -27.87 40.08
C ASP F 470 -53.64 -26.46 40.63
N MET F 471 -54.03 -25.47 39.81
CA MET F 471 -53.80 -24.08 40.17
C MET F 471 -54.82 -23.54 41.14
N TRP F 472 -56.02 -24.11 41.19
CA TRP F 472 -56.97 -23.70 42.21
C TRP F 472 -56.45 -24.01 43.61
N GLU F 473 -55.97 -25.23 43.83
CA GLU F 473 -55.42 -25.62 45.11
C GLU F 473 -54.03 -25.07 45.35
N ALA F 474 -53.27 -24.78 44.29
CA ALA F 474 -51.95 -24.19 44.47
C ALA F 474 -52.01 -22.78 45.04
N GLY F 475 -53.17 -22.12 44.93
CA GLY F 475 -53.35 -20.81 45.54
C GLY F 475 -52.86 -19.65 44.72
N VAL F 476 -52.55 -19.85 43.44
CA VAL F 476 -52.14 -18.77 42.55
C VAL F 476 -53.30 -18.46 41.63
N ILE F 477 -53.87 -17.27 41.79
CA ILE F 477 -55.07 -16.83 41.09
C ILE F 477 -54.88 -15.36 40.73
N ASP F 478 -55.34 -14.98 39.54
CA ASP F 478 -55.28 -13.61 39.04
C ASP F 478 -56.67 -13.14 38.62
N PRO F 479 -56.91 -11.83 38.53
CA PRO F 479 -58.27 -11.37 38.23
C PRO F 479 -58.68 -11.72 36.81
N ALA F 480 -60.00 -11.80 36.62
CA ALA F 480 -60.55 -12.07 35.29
C ALA F 480 -60.45 -10.85 34.39
N PRO F 481 -60.94 -9.65 34.79
CA PRO F 481 -60.86 -8.50 33.88
C PRO F 481 -59.45 -8.13 33.50
N VAL F 482 -58.48 -8.32 34.39
CA VAL F 482 -57.11 -7.93 34.07
C VAL F 482 -56.58 -8.75 32.91
N LYS F 483 -56.70 -10.09 33.00
CA LYS F 483 -56.26 -10.93 31.89
C LYS F 483 -57.10 -10.70 30.64
N LEU F 484 -58.42 -10.53 30.80
CA LEU F 484 -59.30 -10.30 29.66
C LEU F 484 -58.86 -9.07 28.87
N HIS F 485 -58.72 -7.94 29.56
CA HIS F 485 -58.35 -6.71 28.89
C HIS F 485 -56.91 -6.70 28.45
N ALA F 486 -56.02 -7.42 29.15
CA ALA F 486 -54.65 -7.53 28.69
C ALA F 486 -54.59 -8.25 27.35
N LEU F 487 -55.33 -9.36 27.22
CA LEU F 487 -55.35 -10.08 25.95
C LEU F 487 -56.00 -9.24 24.86
N LYS F 488 -57.08 -8.52 25.19
CA LYS F 488 -57.71 -7.65 24.20
C LYS F 488 -56.74 -6.58 23.72
N ALA F 489 -56.01 -5.94 24.64
CA ALA F 489 -55.06 -4.91 24.26
C ALA F 489 -53.91 -5.48 23.46
N ALA F 490 -53.43 -6.66 23.83
CA ALA F 490 -52.36 -7.29 23.08
C ALA F 490 -52.80 -7.61 21.66
N GLY F 491 -54.00 -8.14 21.49
CA GLY F 491 -54.50 -8.39 20.16
C GLY F 491 -54.67 -7.12 19.35
N GLU F 492 -55.23 -6.07 19.96
CA GLU F 492 -55.44 -4.82 19.24
C GLU F 492 -54.11 -4.20 18.82
N VAL F 493 -53.11 -4.17 19.70
CA VAL F 493 -51.83 -3.59 19.32
C VAL F 493 -51.07 -4.46 18.33
N ALA F 494 -51.18 -5.79 18.41
CA ALA F 494 -50.57 -6.63 17.40
C ALA F 494 -51.18 -6.38 16.04
N ALA F 495 -52.52 -6.27 15.97
CA ALA F 495 -53.17 -5.96 14.71
C ALA F 495 -52.77 -4.58 14.21
N ALA F 496 -52.65 -3.60 15.10
CA ALA F 496 -52.28 -2.24 14.70
C ALA F 496 -50.84 -2.14 14.24
N ILE F 497 -49.94 -2.99 14.75
CA ILE F 497 -48.53 -2.89 14.42
C ILE F 497 -48.14 -3.79 13.24
N LEU F 498 -48.87 -4.88 13.00
CA LEU F 498 -48.60 -5.68 11.81
C LEU F 498 -49.12 -5.00 10.54
N ARG F 499 -50.05 -4.06 10.66
CA ARG F 499 -50.65 -3.43 9.49
C ARG F 499 -49.69 -2.48 8.77
N ILE F 500 -48.75 -1.86 9.49
CA ILE F 500 -47.83 -0.91 8.87
C ILE F 500 -46.93 -1.64 7.89
N ASN F 501 -46.70 -1.03 6.73
CA ASN F 501 -45.90 -1.63 5.67
C ASN F 501 -44.81 -0.72 5.10
N THR F 502 -44.92 0.60 5.27
CA THR F 502 -43.96 1.54 4.70
C THR F 502 -43.63 2.65 5.69
N ILE F 503 -42.49 3.29 5.46
CA ILE F 503 -41.96 4.35 6.30
C ILE F 503 -41.66 5.53 5.40
N ILE F 504 -42.19 6.70 5.73
CA ILE F 504 -41.95 7.93 4.98
C ILE F 504 -41.67 9.05 5.97
N LYS F 505 -40.86 10.02 5.53
CA LYS F 505 -40.61 11.20 6.35
C LYS F 505 -41.71 12.24 6.10
N MET F 506 -41.96 13.06 7.12
CA MET F 506 -43.03 14.05 7.11
C MET F 506 -42.51 15.38 6.56
N LYS F 507 -43.38 16.39 6.57
CA LYS F 507 -43.13 17.65 5.87
C LYS F 507 -41.89 18.37 6.39
N ALA G 12 -30.18 -14.48 25.11
CA ALA G 12 -29.82 -15.31 26.26
C ALA G 12 -28.41 -15.02 26.74
N ASP G 13 -27.47 -14.83 25.81
CA ASP G 13 -26.14 -14.40 26.19
C ASP G 13 -26.15 -13.01 26.81
N GLU G 14 -26.96 -12.09 26.27
CA GLU G 14 -27.00 -10.73 26.79
C GLU G 14 -27.51 -10.70 28.22
N ARG G 15 -28.48 -11.56 28.56
CA ARG G 15 -28.96 -11.60 29.94
C ARG G 15 -27.85 -12.03 30.89
N PHE G 16 -27.05 -13.02 30.50
CA PHE G 16 -25.90 -13.40 31.30
C PHE G 16 -24.79 -12.36 31.24
N GLN G 17 -24.60 -11.71 30.10
CA GLN G 17 -23.47 -10.75 30.00
C GLN G 17 -23.87 -9.52 30.82
N ALA G 18 -25.15 -9.19 30.91
CA ALA G 18 -25.57 -8.11 31.80
C ALA G 18 -25.26 -8.43 33.25
N LEU G 19 -25.30 -9.70 33.64
CA LEU G 19 -24.94 -10.08 34.99
C LEU G 19 -23.43 -10.03 35.18
N LEU G 20 -22.66 -10.44 34.17
CA LEU G 20 -21.22 -10.54 34.34
C LEU G 20 -20.57 -9.18 34.54
N THR G 21 -21.10 -8.13 33.89
CA THR G 21 -20.58 -6.80 34.16
C THR G 21 -20.90 -6.35 35.57
N ASN G 22 -22.05 -6.76 36.10
CA ASN G 22 -22.38 -6.46 37.48
C ASN G 22 -21.51 -7.26 38.44
N VAL G 23 -21.19 -8.50 38.10
CA VAL G 23 -20.35 -9.32 38.96
C VAL G 23 -18.96 -8.73 39.06
N ASN G 24 -18.40 -8.31 37.92
CA ASN G 24 -17.03 -7.81 37.90
C ASN G 24 -16.91 -6.53 38.71
N ALA G 25 -17.93 -5.67 38.70
CA ALA G 25 -17.90 -4.47 39.53
C ALA G 25 -17.83 -4.83 41.01
N VAL G 26 -18.60 -5.82 41.44
CA VAL G 26 -18.53 -6.26 42.83
C VAL G 26 -17.18 -6.90 43.12
N ARG G 27 -16.68 -7.70 42.18
CA ARG G 27 -15.39 -8.36 42.38
C ARG G 27 -14.27 -7.32 42.48
N ALA G 28 -14.31 -6.30 41.63
CA ALA G 28 -13.29 -5.25 41.69
C ALA G 28 -13.33 -4.48 43.00
N ILE G 29 -14.51 -4.23 43.56
CA ILE G 29 -14.60 -3.57 44.85
C ILE G 29 -14.01 -4.45 45.94
N ALA G 30 -14.40 -5.73 45.95
CA ALA G 30 -13.84 -6.66 46.92
C ALA G 30 -12.36 -6.87 46.71
N ASP G 31 -11.92 -6.93 45.45
CA ASP G 31 -10.50 -7.07 45.14
C ASP G 31 -9.69 -5.86 45.61
N ALA G 32 -10.31 -4.70 45.77
CA ALA G 32 -9.62 -3.50 46.20
C ALA G 32 -9.56 -3.35 47.72
N VAL G 33 -10.23 -4.23 48.47
CA VAL G 33 -10.21 -4.21 49.92
C VAL G 33 -9.95 -5.60 50.51
N GLU G 34 -9.55 -6.57 49.68
CA GLU G 34 -9.31 -7.91 50.20
C GLU G 34 -7.98 -8.00 50.94
N GLY G 35 -7.00 -7.19 50.53
CA GLY G 35 -5.69 -7.24 51.15
C GLY G 35 -5.63 -6.63 52.53
N THR G 36 -6.66 -5.91 52.95
CA THR G 36 -6.69 -5.26 54.25
C THR G 36 -7.26 -6.15 55.34
N LEU G 37 -7.71 -7.35 55.01
CA LEU G 37 -8.31 -8.24 55.99
C LEU G 37 -7.23 -8.94 56.79
N GLY G 38 -7.45 -9.06 58.11
CA GLY G 38 -6.56 -9.80 58.97
C GLY G 38 -5.65 -8.89 59.76
N PRO G 39 -4.89 -9.46 60.70
CA PRO G 39 -4.01 -8.63 61.54
C PRO G 39 -2.73 -8.23 60.85
N LYS G 40 -2.32 -8.92 59.79
CA LYS G 40 -1.15 -8.56 58.99
C LYS G 40 -1.59 -8.02 57.64
N GLY G 41 -2.65 -7.22 57.64
CA GLY G 41 -3.16 -6.66 56.40
C GLY G 41 -2.22 -5.66 55.79
N LEU G 42 -2.49 -5.34 54.53
CA LEU G 42 -1.67 -4.44 53.73
C LEU G 42 -2.51 -3.22 53.34
N ASP G 43 -1.87 -2.06 53.35
CA ASP G 43 -2.56 -0.81 53.12
C ASP G 43 -2.94 -0.67 51.65
N VAL G 44 -3.63 0.44 51.34
CA VAL G 44 -4.09 0.76 50.00
C VAL G 44 -3.79 2.23 49.74
N MET G 45 -3.33 2.55 48.54
CA MET G 45 -2.94 3.90 48.16
C MET G 45 -4.00 4.50 47.26
N LEU G 46 -4.55 5.64 47.68
CA LEU G 46 -5.55 6.37 46.91
C LEU G 46 -4.87 7.57 46.26
N VAL G 47 -5.35 7.95 45.07
CA VAL G 47 -4.72 9.01 44.28
C VAL G 47 -5.79 9.94 43.74
N ASP G 48 -5.33 11.09 43.23
CA ASP G 48 -6.19 12.11 42.61
C ASP G 48 -5.62 12.56 41.28
N LYS G 49 -6.27 13.55 40.66
CA LYS G 49 -5.63 14.30 39.59
C LYS G 49 -4.58 15.27 40.15
N PHE G 50 -4.81 15.78 41.36
CA PHE G 50 -3.87 16.68 42.01
C PHE G 50 -2.69 15.95 42.64
N GLY G 51 -2.78 14.63 42.81
CA GLY G 51 -1.68 13.86 43.38
C GLY G 51 -1.71 13.73 44.90
N GLU G 52 -2.72 14.28 45.58
CA GLU G 52 -2.84 14.06 47.01
C GLU G 52 -3.15 12.59 47.24
N VAL G 53 -2.52 12.00 48.26
CA VAL G 53 -2.59 10.57 48.52
C VAL G 53 -2.80 10.34 50.00
N THR G 54 -3.61 9.33 50.31
CA THR G 54 -3.83 8.89 51.68
C THR G 54 -3.55 7.39 51.77
N ILE G 55 -2.68 7.03 52.70
CA ILE G 55 -2.34 5.63 52.99
C ILE G 55 -3.27 5.16 54.09
N THR G 56 -3.94 4.02 53.88
CA THR G 56 -4.87 3.52 54.87
C THR G 56 -5.15 2.05 54.61
N ASN G 57 -5.35 1.31 55.71
CA ASN G 57 -5.76 -0.07 55.67
C ASN G 57 -7.12 -0.31 56.32
N ASP G 58 -7.80 0.73 56.78
CA ASP G 58 -9.15 0.60 57.32
C ASP G 58 -10.13 0.63 56.14
N GLY G 59 -10.76 -0.51 55.88
CA GLY G 59 -11.59 -0.67 54.69
C GLY G 59 -12.73 0.32 54.60
N VAL G 60 -13.25 0.79 55.73
CA VAL G 60 -14.29 1.81 55.71
C VAL G 60 -13.75 3.08 55.08
N THR G 61 -12.53 3.48 55.45
CA THR G 61 -11.94 4.68 54.89
C THR G 61 -11.62 4.54 53.41
N ILE G 62 -11.54 3.31 52.90
CA ILE G 62 -11.34 3.12 51.46
C ILE G 62 -12.67 3.18 50.74
N LEU G 63 -13.63 2.36 51.18
CA LEU G 63 -14.94 2.31 50.53
C LEU G 63 -15.67 3.64 50.61
N ASP G 64 -15.37 4.48 51.59
CA ASP G 64 -16.01 5.79 51.68
C ASP G 64 -15.38 6.80 50.73
N GLN G 65 -14.22 6.49 50.14
CA GLN G 65 -13.45 7.45 49.36
C GLN G 65 -13.11 7.00 47.94
N MET G 66 -12.97 5.70 47.69
CA MET G 66 -12.55 5.28 46.36
C MET G 66 -13.70 5.48 45.36
N ASP G 67 -13.33 5.73 44.11
CA ASP G 67 -14.30 6.15 43.10
C ASP G 67 -15.07 4.95 42.58
N VAL G 68 -16.38 5.13 42.41
CA VAL G 68 -17.27 4.12 41.84
C VAL G 68 -18.09 4.77 40.74
N GLN G 69 -18.07 4.15 39.56
CA GLN G 69 -18.85 4.58 38.42
C GLN G 69 -19.82 3.52 37.91
N HIS G 70 -19.49 2.25 38.05
CA HIS G 70 -20.42 1.19 37.68
C HIS G 70 -21.48 1.07 38.76
N PRO G 71 -22.77 1.24 38.46
CA PRO G 71 -23.75 1.36 39.56
C PRO G 71 -23.91 0.12 40.41
N ALA G 72 -23.43 -1.04 39.95
CA ALA G 72 -23.51 -2.24 40.78
C ALA G 72 -22.67 -2.10 42.05
N ALA G 73 -21.59 -1.32 41.99
CA ALA G 73 -20.74 -1.13 43.16
C ALA G 73 -21.35 -0.20 44.19
N ARG G 74 -22.13 0.78 43.75
CA ARG G 74 -22.73 1.72 44.69
C ARG G 74 -23.70 1.04 45.63
N MET G 75 -24.45 0.05 45.15
CA MET G 75 -25.33 -0.70 46.04
C MET G 75 -24.54 -1.43 47.11
N LEU G 76 -23.42 -2.05 46.72
CA LEU G 76 -22.61 -2.79 47.68
C LEU G 76 -22.02 -1.85 48.72
N ILE G 77 -21.51 -0.69 48.31
CA ILE G 77 -20.98 0.24 49.29
C ILE G 77 -22.09 0.82 50.14
N GLN G 78 -23.29 1.04 49.58
CA GLN G 78 -24.40 1.55 50.37
C GLN G 78 -24.77 0.59 51.50
N VAL G 79 -24.94 -0.69 51.18
CA VAL G 79 -25.30 -1.63 52.23
C VAL G 79 -24.13 -1.92 53.18
N ALA G 80 -22.89 -1.92 52.69
CA ALA G 80 -21.75 -2.11 53.56
C ALA G 80 -21.62 -0.97 54.56
N ARG G 81 -21.88 0.27 54.13
CA ARG G 81 -21.88 1.39 55.05
C ARG G 81 -23.14 1.44 55.92
N ALA G 82 -24.24 0.86 55.46
CA ALA G 82 -25.40 0.71 56.34
C ALA G 82 -25.06 -0.21 57.50
N GLN G 83 -24.28 -1.26 57.23
CA GLN G 83 -23.77 -2.09 58.32
C GLN G 83 -22.95 -1.26 59.31
N GLU G 84 -22.13 -0.35 58.79
CA GLU G 84 -21.39 0.57 59.66
C GLU G 84 -22.33 1.43 60.49
N GLU G 85 -23.37 1.97 59.85
CA GLU G 85 -24.36 2.77 60.57
C GLU G 85 -25.02 1.98 61.69
N GLU G 86 -25.24 0.69 61.47
CA GLU G 86 -25.84 -0.15 62.51
C GLU G 86 -24.91 -0.26 63.72
N VAL G 87 -23.70 -0.79 63.51
CA VAL G 87 -22.74 -1.02 64.59
C VAL G 87 -21.54 -0.09 64.45
N GLY G 88 -20.79 -0.23 63.36
CA GLY G 88 -19.59 0.54 63.13
C GLY G 88 -18.32 -0.26 62.92
N ASP G 89 -18.42 -1.54 62.57
CA ASP G 89 -17.24 -2.37 62.37
C ASP G 89 -17.64 -3.54 61.47
N GLY G 90 -16.62 -4.23 60.96
CA GLY G 90 -16.86 -5.41 60.14
C GLY G 90 -17.43 -5.11 58.77
N THR G 91 -17.07 -3.99 58.17
CA THR G 91 -17.47 -3.71 56.80
C THR G 91 -16.65 -4.51 55.80
N THR G 92 -15.36 -4.72 56.11
CA THR G 92 -14.49 -5.44 55.19
C THR G 92 -14.96 -6.87 55.00
N THR G 93 -15.32 -7.56 56.08
CA THR G 93 -15.81 -8.92 55.96
C THR G 93 -17.13 -8.98 55.21
N ALA G 94 -18.01 -7.99 55.39
CA ALA G 94 -19.24 -7.96 54.61
C ALA G 94 -18.93 -7.83 53.12
N THR G 95 -18.02 -6.93 52.76
CA THR G 95 -17.68 -6.74 51.36
C THR G 95 -17.05 -8.00 50.76
N VAL G 96 -16.12 -8.64 51.48
CA VAL G 96 -15.44 -9.80 50.93
C VAL G 96 -16.39 -10.99 50.84
N LEU G 97 -17.30 -11.13 51.81
CA LEU G 97 -18.30 -12.18 51.71
C LEU G 97 -19.25 -11.96 50.55
N ALA G 98 -19.67 -10.71 50.31
CA ALA G 98 -20.52 -10.42 49.17
C ALA G 98 -19.82 -10.74 47.87
N GLY G 99 -18.54 -10.35 47.77
CA GLY G 99 -17.76 -10.69 46.60
C GLY G 99 -17.62 -12.17 46.36
N ALA G 100 -17.31 -12.94 47.41
CA ALA G 100 -17.18 -14.38 47.27
C ALA G 100 -18.51 -15.02 46.86
N LEU G 101 -19.61 -14.62 47.50
CA LEU G 101 -20.91 -15.16 47.17
C LEU G 101 -21.27 -14.88 45.72
N VAL G 102 -21.06 -13.64 45.26
CA VAL G 102 -21.42 -13.29 43.90
C VAL G 102 -20.52 -14.05 42.91
N SER G 103 -19.23 -14.15 43.22
CA SER G 103 -18.31 -14.82 42.32
C SER G 103 -18.65 -16.29 42.16
N GLU G 104 -18.92 -16.97 43.27
CA GLU G 104 -19.33 -18.37 43.17
C GLU G 104 -20.71 -18.54 42.55
N GLY G 105 -21.61 -17.58 42.75
CA GLY G 105 -22.89 -17.64 42.08
C GLY G 105 -22.75 -17.61 40.58
N VAL G 106 -21.93 -16.69 40.06
CA VAL G 106 -21.71 -16.67 38.61
C VAL G 106 -20.93 -17.90 38.16
N ASN G 107 -20.04 -18.42 39.00
CA ASN G 107 -19.33 -19.65 38.65
C ASN G 107 -20.30 -20.81 38.45
N GLN G 108 -21.31 -20.94 39.30
CA GLN G 108 -22.32 -21.97 39.09
C GLN G 108 -23.19 -21.68 37.88
N VAL G 109 -23.47 -20.41 37.58
CA VAL G 109 -24.28 -20.11 36.41
C VAL G 109 -23.52 -20.44 35.13
N GLU G 110 -22.19 -20.31 35.15
CA GLU G 110 -21.39 -20.72 33.99
C GLU G 110 -21.62 -22.20 33.68
N GLN G 111 -21.72 -23.03 34.71
CA GLN G 111 -21.84 -24.47 34.51
C GLN G 111 -23.14 -24.88 33.84
N GLY G 112 -24.21 -24.11 34.05
CA GLY G 112 -25.53 -24.41 33.50
C GLY G 112 -26.67 -24.22 34.47
N VAL G 113 -26.43 -23.78 35.69
CA VAL G 113 -27.51 -23.58 36.65
C VAL G 113 -28.20 -22.25 36.35
N PRO G 114 -29.51 -22.21 36.15
CA PRO G 114 -30.17 -20.92 35.97
C PRO G 114 -30.06 -20.06 37.22
N VAL G 115 -30.07 -18.75 37.00
CA VAL G 115 -29.80 -17.80 38.09
C VAL G 115 -30.86 -17.84 39.17
N SER G 116 -32.13 -18.04 38.83
CA SER G 116 -33.17 -18.06 39.84
C SER G 116 -33.01 -19.21 40.81
N ARG G 117 -32.49 -20.34 40.35
CA ARG G 117 -32.23 -21.46 41.25
C ARG G 117 -31.09 -21.13 42.22
N VAL G 118 -29.99 -20.59 41.70
CA VAL G 118 -28.86 -20.22 42.56
C VAL G 118 -29.29 -19.18 43.57
N ILE G 119 -30.24 -18.31 43.19
CA ILE G 119 -30.63 -17.22 44.07
C ILE G 119 -31.32 -17.75 45.31
N GLU G 120 -32.29 -18.66 45.14
CA GLU G 120 -32.96 -19.23 46.30
C GLU G 120 -32.07 -20.19 47.06
N GLY G 121 -31.19 -20.92 46.38
CA GLY G 121 -30.20 -21.71 47.09
C GLY G 121 -29.32 -20.84 47.97
N LEU G 122 -28.89 -19.69 47.46
CA LEU G 122 -28.09 -18.76 48.23
C LEU G 122 -28.88 -18.20 49.41
N ARG G 123 -30.16 -17.91 49.20
CA ARG G 123 -30.99 -17.41 50.29
C ARG G 123 -31.04 -18.42 51.43
N ARG G 124 -31.37 -19.68 51.12
CA ARG G 124 -31.44 -20.69 52.17
C ARG G 124 -30.08 -20.94 52.79
N GLY G 125 -29.00 -20.91 51.99
CA GLY G 125 -27.68 -21.12 52.56
C GLY G 125 -27.29 -20.03 53.53
N VAL G 126 -27.58 -18.77 53.19
CA VAL G 126 -27.23 -17.68 54.09
C VAL G 126 -28.09 -17.73 55.34
N GLU G 127 -29.37 -18.09 55.21
CA GLU G 127 -30.21 -18.21 56.39
C GLU G 127 -29.68 -19.31 57.31
N ARG G 128 -29.28 -20.45 56.73
CA ARG G 128 -28.70 -21.53 57.53
C ARG G 128 -27.42 -21.08 58.21
N ALA G 129 -26.54 -20.40 57.48
CA ALA G 129 -25.29 -19.94 58.06
C ALA G 129 -25.53 -18.94 59.19
N LEU G 130 -26.50 -18.04 59.03
CA LEU G 130 -26.87 -17.15 60.11
C LEU G 130 -27.35 -17.93 61.32
N GLU G 131 -28.12 -18.99 61.10
CA GLU G 131 -28.60 -19.78 62.22
C GLU G 131 -27.44 -20.44 62.98
N LEU G 132 -26.51 -21.05 62.25
CA LEU G 132 -25.38 -21.69 62.94
C LEU G 132 -24.47 -20.66 63.61
N LEU G 133 -24.30 -19.48 63.02
CA LEU G 133 -23.50 -18.47 63.72
C LEU G 133 -24.21 -17.95 64.95
N ARG G 134 -25.54 -17.86 64.91
CA ARG G 134 -26.31 -17.50 66.10
C ARG G 134 -26.12 -18.53 67.20
N LYS G 135 -26.20 -19.81 66.85
CA LYS G 135 -26.01 -20.85 67.85
C LYS G 135 -24.58 -20.84 68.39
N GLN G 136 -23.59 -20.77 67.49
CA GLN G 136 -22.20 -20.90 67.87
C GLN G 136 -21.69 -19.71 68.67
N ALA G 137 -22.39 -18.59 68.65
CA ALA G 137 -21.96 -17.40 69.38
C ALA G 137 -22.32 -17.55 70.85
N LEU G 138 -21.32 -17.83 71.68
CA LEU G 138 -21.55 -17.98 73.10
C LEU G 138 -21.48 -16.64 73.82
N PRO G 139 -22.13 -16.46 74.97
CA PRO G 139 -22.11 -15.14 75.61
C PRO G 139 -20.86 -14.92 76.45
N VAL G 140 -20.63 -13.66 76.77
CA VAL G 140 -19.53 -13.28 77.64
C VAL G 140 -19.96 -13.42 79.10
N GLU G 141 -19.04 -13.91 79.93
CA GLU G 141 -19.27 -14.09 81.36
C GLU G 141 -18.64 -12.90 82.08
N GLY G 142 -19.46 -11.88 82.35
CA GLY G 142 -18.99 -10.69 83.02
C GLY G 142 -18.21 -9.78 82.10
N LEU G 143 -17.70 -8.70 82.68
CA LEU G 143 -16.95 -7.69 81.94
C LEU G 143 -15.44 -7.84 82.09
N ASP G 144 -14.97 -8.45 83.18
CA ASP G 144 -13.54 -8.61 83.42
C ASP G 144 -12.94 -9.80 82.68
N ASP G 145 -13.72 -10.49 81.84
CA ASP G 145 -13.22 -11.67 81.16
C ASP G 145 -12.17 -11.19 80.15
N PRO G 146 -11.01 -11.86 80.04
CA PRO G 146 -9.93 -11.31 79.19
C PRO G 146 -10.28 -11.19 77.71
N ARG G 147 -11.32 -11.86 77.22
CA ARG G 147 -11.68 -11.71 75.82
C ARG G 147 -12.15 -10.30 75.50
N LEU G 148 -12.65 -9.55 76.48
CA LEU G 148 -12.95 -8.14 76.24
C LEU G 148 -11.69 -7.32 76.04
N ARG G 149 -10.61 -7.65 76.75
CA ARG G 149 -9.33 -7.04 76.43
C ARG G 149 -8.89 -7.45 75.02
N ALA G 150 -9.07 -8.72 74.68
CA ALA G 150 -8.58 -9.22 73.39
C ALA G 150 -9.30 -8.57 72.22
N VAL G 151 -10.63 -8.41 72.30
CA VAL G 151 -11.38 -7.85 71.18
C VAL G 151 -10.99 -6.40 70.95
N ALA G 152 -10.80 -5.63 72.04
CA ALA G 152 -10.30 -4.28 71.90
C ALA G 152 -8.89 -4.28 71.31
N ARG G 153 -8.05 -5.24 71.70
CA ARG G 153 -6.71 -5.29 71.16
C ARG G 153 -6.71 -5.50 69.65
N ILE G 154 -7.51 -6.45 69.17
CA ILE G 154 -7.53 -6.68 67.72
C ILE G 154 -8.16 -5.48 67.03
N ALA G 155 -9.17 -4.86 67.65
CA ALA G 155 -9.78 -3.67 67.08
C ALA G 155 -8.82 -2.49 67.01
N ALA G 156 -7.79 -2.45 67.86
CA ALA G 156 -6.91 -1.30 68.00
C ALA G 156 -5.65 -1.42 67.16
N ARG G 157 -5.68 -2.21 66.09
CA ARG G 157 -4.51 -2.43 65.24
C ARG G 157 -3.33 -2.97 66.06
N GLU G 158 -3.64 -3.86 67.01
CA GLU G 158 -2.63 -4.51 67.84
C GLU G 158 -1.81 -3.49 68.62
N ARG G 159 -2.47 -2.47 69.15
CA ARG G 159 -1.86 -1.49 70.04
C ARG G 159 -2.68 -1.46 71.32
N GLU G 160 -2.04 -1.74 72.46
CA GLU G 160 -2.75 -1.88 73.72
C GLU G 160 -3.07 -0.54 74.38
N ASP G 161 -2.38 0.53 74.00
CA ASP G 161 -2.62 1.83 74.64
C ASP G 161 -4.05 2.30 74.40
N ILE G 162 -4.56 2.15 73.18
CA ILE G 162 -5.95 2.49 72.90
C ILE G 162 -6.89 1.43 73.46
N ALA G 163 -6.47 0.17 73.51
CA ALA G 163 -7.35 -0.89 73.95
C ALA G 163 -7.68 -0.78 75.44
N ASP G 164 -6.67 -0.51 76.26
CA ASP G 164 -6.89 -0.50 77.71
C ASP G 164 -7.87 0.58 78.14
N LEU G 165 -7.75 1.79 77.59
CA LEU G 165 -8.66 2.86 77.97
C LEU G 165 -10.10 2.54 77.57
N VAL G 166 -10.30 1.77 76.51
CA VAL G 166 -11.65 1.44 76.09
C VAL G 166 -12.33 0.56 77.12
N VAL G 167 -11.66 -0.50 77.58
CA VAL G 167 -12.26 -1.36 78.60
C VAL G 167 -12.36 -0.61 79.93
N GLU G 168 -11.41 0.29 80.21
CA GLU G 168 -11.50 1.11 81.41
C GLU G 168 -12.76 1.97 81.39
N ALA G 169 -13.07 2.57 80.24
CA ALA G 169 -14.33 3.29 80.11
C ALA G 169 -15.52 2.36 80.25
N ALA G 170 -15.44 1.17 79.63
CA ALA G 170 -16.57 0.25 79.61
C ALA G 170 -16.97 -0.17 81.02
N ARG G 171 -15.99 -0.49 81.87
CA ARG G 171 -16.32 -0.75 83.27
C ARG G 171 -16.89 0.49 83.94
N HIS G 172 -16.49 1.68 83.50
CA HIS G 172 -17.01 2.90 84.09
C HIS G 172 -18.49 3.11 83.78
N ILE G 173 -18.93 2.78 82.56
CA ILE G 173 -20.30 3.06 82.18
C ILE G 173 -21.24 2.10 82.89
N GLY G 174 -21.09 0.81 82.65
CA GLY G 174 -21.91 -0.22 83.25
C GLY G 174 -22.50 -1.16 82.22
N GLU G 175 -22.90 -2.34 82.72
CA GLU G 175 -23.40 -3.38 81.84
C GLU G 175 -24.79 -3.04 81.30
N ASP G 176 -25.75 -2.83 82.19
CA ASP G 176 -27.09 -2.47 81.75
C ASP G 176 -27.12 -1.16 81.00
N LYS G 177 -26.26 -0.20 81.38
CA LYS G 177 -26.16 1.03 80.62
C LYS G 177 -25.67 0.77 79.20
N LEU G 178 -24.86 -0.27 79.01
CA LEU G 178 -24.47 -0.70 77.68
C LEU G 178 -25.55 -1.50 76.96
N GLN G 179 -26.44 -2.14 77.71
CA GLN G 179 -27.43 -3.03 77.11
C GLN G 179 -28.47 -2.30 76.28
N ASP G 180 -28.70 -1.01 76.51
CA ASP G 180 -29.78 -0.35 75.81
C ASP G 180 -29.43 -0.17 74.33
N PRO G 181 -30.43 -0.03 73.45
CA PRO G 181 -30.12 0.28 72.04
C PRO G 181 -30.00 1.76 71.75
N ASN G 182 -30.49 2.63 72.65
CA ASN G 182 -30.57 4.05 72.36
C ASN G 182 -29.25 4.80 72.55
N PHE G 183 -28.26 4.20 73.21
CA PHE G 183 -27.00 4.86 73.52
C PHE G 183 -25.85 4.04 72.98
N LYS G 184 -24.88 4.71 72.37
CA LYS G 184 -23.66 4.11 71.86
C LYS G 184 -22.47 4.91 72.36
N LEU G 185 -21.45 4.23 72.88
CA LEU G 185 -20.25 4.91 73.32
C LEU G 185 -19.23 5.08 72.21
N ALA G 186 -19.55 4.70 70.98
CA ALA G 186 -18.68 5.03 69.86
C ALA G 186 -18.60 6.54 69.64
N ASP G 187 -19.63 7.29 70.02
CA ASP G 187 -19.63 8.74 69.89
C ASP G 187 -19.02 9.44 71.09
N THR G 188 -18.92 8.78 72.24
CA THR G 188 -18.41 9.40 73.45
C THR G 188 -16.90 9.51 73.48
N VAL G 189 -16.20 8.87 72.54
CA VAL G 189 -14.74 8.93 72.49
C VAL G 189 -14.35 10.21 71.76
N THR G 190 -13.28 10.85 72.24
CA THR G 190 -12.79 12.09 71.65
C THR G 190 -11.27 12.08 71.74
N ALA G 191 -10.61 12.53 70.67
CA ALA G 191 -9.15 12.59 70.60
C ALA G 191 -8.71 14.04 70.42
N ARG G 192 -7.70 14.45 71.19
CA ARG G 192 -7.14 15.79 71.12
C ARG G 192 -5.63 15.70 71.08
N GLU G 193 -5.01 16.59 70.30
CA GLU G 193 -3.56 16.57 70.14
C GLU G 193 -2.88 17.07 71.40
N GLY G 194 -1.75 16.43 71.73
CA GLY G 194 -0.93 16.84 72.85
C GLY G 194 -1.43 16.37 74.21
N ALA G 195 -2.52 15.63 74.27
CA ALA G 195 -3.10 15.16 75.52
C ALA G 195 -2.63 13.74 75.82
N GLU G 196 -2.78 13.36 77.10
CA GLU G 196 -2.44 12.02 77.57
C GLU G 196 -3.68 11.14 77.53
N ASN G 197 -3.48 9.85 77.80
CA ASN G 197 -4.56 8.86 77.74
C ASN G 197 -5.25 8.83 79.10
N GLN G 198 -6.47 9.38 79.14
CA GLN G 198 -7.28 9.33 80.35
C GLN G 198 -8.74 9.47 79.96
N VAL G 199 -9.61 9.13 80.91
CA VAL G 199 -11.06 9.19 80.75
C VAL G 199 -11.61 10.19 81.76
N ILE G 200 -12.45 11.10 81.29
CA ILE G 200 -13.06 12.14 82.14
C ILE G 200 -14.56 11.93 82.17
N THR G 356 -16.40 10.63 78.83
CA THR G 356 -15.54 11.17 77.77
C THR G 356 -14.18 10.49 77.81
N VAL G 357 -13.91 9.65 76.82
CA VAL G 357 -12.65 8.92 76.72
C VAL G 357 -11.69 9.78 75.91
N LEU G 358 -10.80 10.48 76.60
CA LEU G 358 -9.84 11.36 75.96
C LEU G 358 -8.68 10.52 75.45
N VAL G 359 -8.53 10.45 74.13
CA VAL G 359 -7.47 9.68 73.48
C VAL G 359 -6.35 10.62 73.09
N GLY G 360 -5.14 10.32 73.55
CA GLY G 360 -4.01 11.17 73.24
C GLY G 360 -3.55 11.01 71.81
N ALA G 361 -2.87 12.04 71.30
CA ALA G 361 -2.33 12.04 69.96
C ALA G 361 -1.06 12.88 69.92
N ALA G 362 -0.22 12.63 68.92
CA ALA G 362 1.06 13.34 68.82
C ALA G 362 0.87 14.73 68.21
N THR G 363 0.36 14.79 66.99
CA THR G 363 0.15 16.03 66.26
C THR G 363 -1.32 16.12 65.84
N GLU G 364 -1.67 17.23 65.18
CA GLU G 364 -3.05 17.42 64.72
C GLU G 364 -3.43 16.39 63.67
N GLU G 365 -2.52 16.07 62.75
CA GLU G 365 -2.82 15.08 61.72
C GLU G 365 -3.03 13.69 62.32
N VAL G 366 -2.37 13.38 63.43
CA VAL G 366 -2.54 12.08 64.08
C VAL G 366 -3.91 11.94 64.73
N VAL G 367 -4.63 13.04 64.93
CA VAL G 367 -5.92 12.97 65.62
C VAL G 367 -6.94 12.19 64.78
N GLY G 368 -6.85 12.28 63.46
CA GLY G 368 -7.88 11.68 62.62
C GLY G 368 -7.95 10.17 62.74
N GLU G 369 -6.88 9.48 62.34
CA GLU G 369 -6.86 8.03 62.42
C GLU G 369 -6.95 7.51 63.85
N ARG G 370 -6.38 8.23 64.81
CA ARG G 370 -6.51 7.82 66.21
C ARG G 370 -7.97 7.89 66.66
N GLU G 371 -8.69 8.94 66.28
CA GLU G 371 -10.10 9.03 66.58
C GLU G 371 -10.88 7.90 65.89
N ARG G 372 -10.53 7.61 64.64
CA ARG G 372 -11.22 6.55 63.91
C ARG G 372 -11.05 5.19 64.59
N VAL G 373 -9.80 4.84 64.94
CA VAL G 373 -9.58 3.57 65.63
C VAL G 373 -10.17 3.57 67.04
N ALA G 374 -10.24 4.73 67.68
CA ALA G 374 -10.93 4.80 68.97
C ALA G 374 -12.40 4.44 68.81
N LYS G 375 -13.06 4.99 67.79
CA LYS G 375 -14.45 4.60 67.55
C LYS G 375 -14.57 3.13 67.20
N ASP G 376 -13.62 2.60 66.42
CA ASP G 376 -13.67 1.18 66.06
C ASP G 376 -13.57 0.30 67.30
N ALA G 377 -12.63 0.62 68.19
CA ALA G 377 -12.50 -0.15 69.43
C ALA G 377 -13.73 0.01 70.30
N ALA G 378 -14.31 1.20 70.35
CA ALA G 378 -15.53 1.40 71.12
C ALA G 378 -16.67 0.52 70.60
N SER G 379 -16.85 0.50 69.27
CA SER G 379 -17.89 -0.34 68.70
C SER G 379 -17.62 -1.82 68.95
N ALA G 380 -16.35 -2.22 68.95
CA ALA G 380 -16.03 -3.62 69.18
C ALA G 380 -16.49 -4.07 70.56
N VAL G 381 -16.15 -3.31 71.60
CA VAL G 381 -16.58 -3.69 72.95
C VAL G 381 -18.05 -3.44 73.17
N GLN G 382 -18.67 -2.52 72.42
CA GLN G 382 -20.12 -2.44 72.43
C GLN G 382 -20.74 -3.76 72.00
N ALA G 383 -20.32 -4.26 70.84
CA ALA G 383 -20.86 -5.52 70.32
C ALA G 383 -20.55 -6.68 71.24
N ALA G 384 -19.37 -6.66 71.87
CA ALA G 384 -18.95 -7.78 72.72
C ALA G 384 -19.92 -8.02 73.87
N ILE G 385 -20.32 -6.97 74.58
CA ILE G 385 -21.32 -7.14 75.63
C ILE G 385 -22.69 -7.36 75.01
N ARG G 386 -22.98 -6.70 73.88
CA ARG G 386 -24.34 -6.78 73.35
C ARG G 386 -24.72 -8.19 72.92
N GLY G 387 -23.78 -8.95 72.36
CA GLY G 387 -24.10 -10.26 71.81
C GLY G 387 -23.10 -11.37 72.07
N GLY G 388 -22.03 -11.09 72.80
CA GLY G 388 -21.02 -12.08 73.06
C GLY G 388 -19.90 -12.05 72.04
N VAL G 389 -19.21 -13.19 71.93
CA VAL G 389 -18.02 -13.31 71.10
C VAL G 389 -18.13 -14.55 70.24
N VAL G 390 -17.35 -14.56 69.15
CA VAL G 390 -17.34 -15.63 68.17
C VAL G 390 -15.88 -15.82 67.76
N PRO G 391 -15.37 -17.06 67.56
CA PRO G 391 -13.98 -17.20 67.13
C PRO G 391 -13.68 -16.52 65.81
N GLY G 392 -12.84 -15.50 65.85
CA GLY G 392 -12.53 -14.70 64.69
C GLY G 392 -11.42 -15.29 63.87
N GLY G 393 -10.84 -14.45 63.01
CA GLY G 393 -9.80 -14.89 62.09
C GLY G 393 -10.27 -15.83 61.02
N GLY G 394 -11.58 -15.93 60.78
CA GLY G 394 -12.13 -16.84 59.80
C GLY G 394 -12.45 -18.22 60.32
N ALA G 395 -12.21 -18.51 61.60
CA ALA G 395 -12.50 -19.83 62.12
C ALA G 395 -14.00 -20.11 62.16
N ALA G 396 -14.79 -19.11 62.57
CA ALA G 396 -16.23 -19.30 62.67
C ALA G 396 -16.88 -19.52 61.31
N GLU G 397 -16.41 -18.80 60.29
CA GLU G 397 -16.96 -19.02 58.96
C GLU G 397 -16.64 -20.43 58.46
N LEU G 398 -15.44 -20.95 58.73
CA LEU G 398 -15.17 -22.33 58.40
C LEU G 398 -16.06 -23.28 59.21
N ALA G 399 -16.33 -22.94 60.46
CA ALA G 399 -17.18 -23.80 61.29
C ALA G 399 -18.58 -23.92 60.70
N VAL G 400 -19.16 -22.80 60.25
CA VAL G 400 -20.50 -22.84 59.69
C VAL G 400 -20.52 -23.31 58.23
N ALA G 401 -19.41 -23.17 57.50
CA ALA G 401 -19.36 -23.66 56.13
C ALA G 401 -19.52 -25.16 56.04
N ARG G 402 -18.99 -25.91 57.00
CA ARG G 402 -19.20 -27.35 57.00
C ARG G 402 -20.68 -27.70 57.16
N GLU G 403 -21.39 -26.98 58.04
CA GLU G 403 -22.82 -27.22 58.18
C GLU G 403 -23.58 -26.84 56.92
N VAL G 404 -23.16 -25.77 56.24
CA VAL G 404 -23.83 -25.42 54.99
C VAL G 404 -23.58 -26.49 53.94
N GLU G 405 -22.36 -27.04 53.89
CA GLU G 405 -22.10 -28.16 52.99
C GLU G 405 -22.95 -29.37 53.33
N LYS G 406 -23.15 -29.63 54.61
CA LYS G 406 -24.03 -30.73 55.01
C LYS G 406 -25.45 -30.48 54.54
N LEU G 407 -25.93 -29.24 54.65
CA LEU G 407 -27.26 -28.92 54.16
C LEU G 407 -27.34 -29.08 52.64
N ALA G 408 -26.24 -28.80 51.93
CA ALA G 408 -26.27 -28.83 50.48
C ALA G 408 -26.62 -30.22 49.95
N GLU G 409 -26.27 -31.28 50.67
CA GLU G 409 -26.59 -32.63 50.25
C GLU G 409 -28.04 -33.01 50.54
N GLU G 410 -28.79 -32.17 51.26
CA GLU G 410 -30.20 -32.43 51.57
C GLU G 410 -31.15 -31.66 50.67
N VAL G 411 -30.69 -30.58 50.04
CA VAL G 411 -31.56 -29.82 49.15
C VAL G 411 -31.82 -30.63 47.90
N LYS G 412 -33.08 -30.66 47.46
CA LYS G 412 -33.50 -31.48 46.34
C LYS G 412 -33.37 -30.67 45.06
N GLY G 413 -32.80 -31.30 44.03
CA GLY G 413 -32.81 -30.75 42.70
C GLY G 413 -31.67 -29.78 42.42
N MET G 414 -31.89 -28.95 41.41
CA MET G 414 -30.90 -28.01 40.93
C MET G 414 -30.62 -26.88 41.92
N GLU G 415 -31.45 -26.71 42.94
CA GLU G 415 -31.32 -25.58 43.85
C GLU G 415 -30.04 -25.65 44.69
N ARG G 416 -29.45 -26.83 44.86
CA ARG G 416 -28.37 -26.98 45.83
C ARG G 416 -27.15 -26.13 45.51
N TYR G 417 -26.89 -25.88 44.23
CA TYR G 417 -25.63 -25.26 43.84
C TYR G 417 -25.50 -23.83 44.36
N GLY G 418 -26.60 -23.19 44.75
CA GLY G 418 -26.50 -21.99 45.55
C GLY G 418 -26.01 -22.26 46.96
N VAL G 419 -26.43 -23.37 47.55
CA VAL G 419 -26.00 -23.69 48.91
C VAL G 419 -24.52 -24.03 48.91
N GLU G 420 -24.05 -24.73 47.88
CA GLU G 420 -22.62 -24.97 47.74
C GLU G 420 -21.86 -23.66 47.57
N ALA G 421 -22.45 -22.70 46.85
CA ALA G 421 -21.82 -21.39 46.71
C ALA G 421 -21.70 -20.68 48.04
N VAL G 422 -22.73 -20.76 48.89
CA VAL G 422 -22.64 -20.18 50.22
C VAL G 422 -21.57 -20.88 51.03
N ALA G 423 -21.51 -22.20 50.93
CA ALA G 423 -20.52 -22.95 51.71
C ALA G 423 -19.11 -22.60 51.29
N GLU G 424 -18.87 -22.41 50.00
CA GLU G 424 -17.55 -22.02 49.51
C GLU G 424 -17.26 -20.57 49.86
N ALA G 425 -18.23 -19.67 49.65
CA ALA G 425 -18.01 -18.25 49.88
C ALA G 425 -17.64 -17.93 51.32
N LEU G 426 -18.08 -18.74 52.29
CA LEU G 426 -17.69 -18.53 53.67
C LEU G 426 -16.23 -18.87 53.92
N LYS G 427 -15.60 -19.67 53.06
CA LYS G 427 -14.18 -19.97 53.22
C LYS G 427 -13.29 -18.86 52.70
N LYS G 428 -13.80 -17.93 51.88
CA LYS G 428 -13.00 -16.85 51.31
C LYS G 428 -12.43 -15.94 52.39
N PRO G 429 -13.19 -15.59 53.44
CA PRO G 429 -12.57 -14.85 54.55
C PRO G 429 -11.27 -15.43 55.06
N LEU G 430 -11.27 -16.67 55.58
CA LEU G 430 -10.04 -17.26 56.08
C LEU G 430 -9.00 -17.43 54.99
N ARG G 431 -9.44 -17.74 53.77
CA ARG G 431 -8.51 -17.81 52.65
C ARG G 431 -7.74 -16.50 52.49
N GLN G 432 -8.41 -15.37 52.64
CA GLN G 432 -7.75 -14.08 52.52
C GLN G 432 -6.93 -13.71 53.75
N ILE G 433 -7.36 -14.09 54.96
CA ILE G 433 -6.49 -13.87 56.12
C ILE G 433 -5.18 -14.62 55.94
N VAL G 434 -5.24 -15.86 55.45
CA VAL G 434 -4.02 -16.62 55.23
C VAL G 434 -3.20 -16.02 54.09
N ALA G 435 -3.85 -15.63 53.00
CA ALA G 435 -3.12 -15.13 51.85
C ALA G 435 -2.39 -13.83 52.17
N ASN G 436 -3.05 -12.92 52.87
CA ASN G 436 -2.40 -11.67 53.24
C ASN G 436 -1.27 -11.91 54.23
N ALA G 437 -1.40 -12.93 55.07
CA ALA G 437 -0.36 -13.26 56.04
C ALA G 437 0.95 -13.66 55.38
N GLY G 438 0.91 -14.25 54.19
CA GLY G 438 2.09 -14.70 53.50
C GLY G 438 2.29 -16.20 53.48
N PHE G 439 1.22 -16.99 53.56
CA PHE G 439 1.28 -18.44 53.41
C PHE G 439 0.44 -18.87 52.22
N ASN G 440 0.67 -20.10 51.78
CA ASN G 440 -0.12 -20.65 50.69
C ASN G 440 -1.50 -21.01 51.24
N PRO G 441 -2.60 -20.40 50.77
CA PRO G 441 -3.90 -20.71 51.39
C PRO G 441 -4.33 -22.14 51.21
N LEU G 442 -3.96 -22.77 50.10
CA LEU G 442 -4.48 -24.10 49.78
C LEU G 442 -3.97 -25.15 50.76
N GLU G 443 -2.70 -25.10 51.14
CA GLU G 443 -2.17 -26.07 52.09
C GLU G 443 -2.62 -25.77 53.51
N LYS G 444 -2.72 -24.49 53.86
CA LYS G 444 -3.07 -24.10 55.22
C LYS G 444 -4.56 -24.22 55.48
N LEU G 445 -5.38 -24.36 54.45
CA LEU G 445 -6.78 -24.77 54.61
C LEU G 445 -6.90 -26.28 54.75
N GLY G 446 -6.10 -27.03 54.00
CA GLY G 446 -6.13 -28.47 54.11
C GLY G 446 -5.70 -28.94 55.49
N ASP G 447 -4.61 -28.39 56.01
CA ASP G 447 -4.17 -28.80 57.34
C ASP G 447 -5.06 -28.24 58.45
N LEU G 448 -5.89 -27.24 58.15
CA LEU G 448 -6.89 -26.76 59.11
C LEU G 448 -8.10 -27.67 59.15
N ARG G 449 -8.67 -28.00 58.00
CA ARG G 449 -9.80 -28.92 57.97
C ARG G 449 -9.40 -30.35 58.31
N ALA G 450 -8.12 -30.71 58.19
CA ALA G 450 -7.68 -32.01 58.66
C ALA G 450 -7.59 -32.09 60.17
N ALA G 451 -7.49 -30.94 60.86
CA ALA G 451 -7.41 -30.91 62.30
C ALA G 451 -8.78 -30.87 62.98
N HIS G 452 -9.87 -30.82 62.22
CA HIS G 452 -11.21 -30.76 62.78
C HIS G 452 -11.79 -32.14 63.08
N ARG G 453 -10.94 -33.18 63.12
CA ARG G 453 -11.43 -34.52 63.42
C ARG G 453 -12.02 -34.61 64.82
N THR G 454 -11.56 -33.79 65.75
CA THR G 454 -12.03 -33.83 67.13
C THR G 454 -13.50 -33.43 67.28
N GLY G 455 -14.08 -32.79 66.27
CA GLY G 455 -15.47 -32.38 66.32
C GLY G 455 -15.72 -30.99 66.87
N ASN G 456 -14.70 -30.32 67.40
CA ASN G 456 -14.85 -28.96 67.88
C ASN G 456 -14.77 -27.98 66.72
N ASP G 457 -15.27 -26.77 66.97
CA ASP G 457 -15.45 -25.74 65.95
C ASP G 457 -14.79 -24.44 66.38
N SER G 458 -13.53 -24.52 66.80
CA SER G 458 -12.76 -23.37 67.24
C SER G 458 -11.34 -23.32 66.67
N LEU G 459 -10.95 -24.28 65.83
CA LEU G 459 -9.61 -24.30 65.29
C LEU G 459 -9.46 -23.24 64.20
N GLY G 460 -8.28 -22.64 64.15
CA GLY G 460 -7.98 -21.63 63.15
C GLY G 460 -6.51 -21.69 62.76
N ILE G 461 -5.95 -20.57 62.32
CA ILE G 461 -4.55 -20.49 61.95
C ILE G 461 -3.99 -19.16 62.45
N ASP G 462 -2.84 -19.21 63.10
CA ASP G 462 -2.16 -18.01 63.56
C ASP G 462 -1.48 -17.31 62.39
N CYS G 463 -1.29 -16.00 62.55
CA CYS G 463 -0.80 -15.15 61.48
C CYS G 463 0.70 -14.88 61.55
N ASP G 464 1.41 -15.45 62.52
CA ASP G 464 2.84 -15.21 62.70
C ASP G 464 3.71 -16.42 62.36
N THR G 465 3.23 -17.63 62.60
CA THR G 465 3.97 -18.86 62.33
C THR G 465 3.26 -19.80 61.36
N GLY G 466 1.97 -19.63 61.13
CA GLY G 466 1.23 -20.52 60.26
C GLY G 466 0.87 -21.85 60.88
N GLU G 467 1.18 -22.06 62.16
CA GLU G 467 0.87 -23.32 62.81
C GLU G 467 -0.60 -23.29 63.21
N VAL G 468 -1.30 -24.41 63.04
CA VAL G 468 -2.73 -24.47 63.36
C VAL G 468 -2.88 -24.48 64.87
N VAL G 469 -3.58 -23.46 65.40
CA VAL G 469 -3.82 -23.33 66.83
C VAL G 469 -5.30 -23.00 67.05
N ASP G 470 -5.79 -23.34 68.23
CA ASP G 470 -7.12 -22.95 68.64
C ASP G 470 -7.14 -21.45 68.92
N MET G 471 -8.20 -20.78 68.46
CA MET G 471 -8.23 -19.33 68.52
C MET G 471 -8.54 -18.80 69.91
N TRP G 472 -9.22 -19.58 70.75
CA TRP G 472 -9.47 -19.15 72.13
C TRP G 472 -8.17 -18.90 72.86
N GLU G 473 -7.24 -19.85 72.80
CA GLU G 473 -5.96 -19.67 73.49
C GLU G 473 -5.15 -18.55 72.87
N ALA G 474 -5.16 -18.44 71.54
CA ALA G 474 -4.45 -17.36 70.87
C ALA G 474 -5.04 -15.99 71.14
N GLY G 475 -6.32 -15.93 71.53
CA GLY G 475 -6.96 -14.67 71.84
C GLY G 475 -7.55 -13.92 70.67
N VAL G 476 -7.39 -14.41 69.44
CA VAL G 476 -7.96 -13.75 68.28
C VAL G 476 -9.46 -13.98 68.35
N ILE G 477 -10.22 -12.92 68.67
CA ILE G 477 -11.65 -13.00 68.88
C ILE G 477 -12.32 -11.83 68.16
N ASP G 478 -13.56 -12.08 67.73
CA ASP G 478 -14.35 -11.11 66.98
C ASP G 478 -15.74 -11.11 67.61
N PRO G 479 -16.44 -9.97 67.68
CA PRO G 479 -17.77 -9.99 68.29
C PRO G 479 -18.81 -10.59 67.36
N ALA G 480 -19.88 -11.09 67.98
CA ALA G 480 -20.88 -11.88 67.28
C ALA G 480 -21.84 -11.03 66.44
N PRO G 481 -22.48 -9.99 67.00
CA PRO G 481 -23.45 -9.24 66.19
C PRO G 481 -22.85 -8.60 64.95
N VAL G 482 -21.61 -8.13 65.01
CA VAL G 482 -21.00 -7.51 63.83
C VAL G 482 -20.88 -8.54 62.72
N LYS G 483 -20.45 -9.76 63.05
CA LYS G 483 -20.30 -10.77 62.01
C LYS G 483 -21.65 -11.25 61.50
N LEU G 484 -22.64 -11.38 62.40
CA LEU G 484 -23.98 -11.78 61.98
C LEU G 484 -24.56 -10.78 60.99
N HIS G 485 -24.53 -9.49 61.34
CA HIS G 485 -25.05 -8.47 60.45
C HIS G 485 -24.24 -8.33 59.18
N ALA G 486 -22.92 -8.53 59.24
CA ALA G 486 -22.11 -8.50 58.02
C ALA G 486 -22.51 -9.63 57.08
N LEU G 487 -22.69 -10.83 57.60
CA LEU G 487 -23.10 -11.94 56.74
C LEU G 487 -24.50 -11.73 56.19
N LYS G 488 -25.42 -11.19 56.99
CA LYS G 488 -26.75 -10.91 56.50
C LYS G 488 -26.71 -9.88 55.37
N ALA G 489 -25.95 -8.81 55.54
CA ALA G 489 -25.83 -7.81 54.49
C ALA G 489 -25.18 -8.39 53.24
N ALA G 490 -24.14 -9.21 53.43
CA ALA G 490 -23.48 -9.83 52.28
C ALA G 490 -24.44 -10.74 51.51
N GLY G 491 -25.22 -11.55 52.22
CA GLY G 491 -26.20 -12.38 51.54
C GLY G 491 -27.26 -11.57 50.82
N GLU G 492 -27.78 -10.53 51.46
CA GLU G 492 -28.81 -9.71 50.84
C GLU G 492 -28.28 -9.03 49.58
N VAL G 493 -27.08 -8.46 49.65
CA VAL G 493 -26.54 -7.79 48.47
C VAL G 493 -26.13 -8.76 47.38
N ALA G 494 -25.61 -9.94 47.73
CA ALA G 494 -25.33 -10.94 46.72
C ALA G 494 -26.60 -11.36 46.00
N ALA G 495 -27.69 -11.58 46.74
CA ALA G 495 -28.96 -11.90 46.11
C ALA G 495 -29.40 -10.76 45.20
N ALA G 496 -29.46 -9.54 45.73
CA ALA G 496 -29.97 -8.40 44.99
C ALA G 496 -29.15 -8.06 43.75
N ILE G 497 -27.86 -8.39 43.73
CA ILE G 497 -27.04 -8.19 42.55
C ILE G 497 -27.11 -9.39 41.60
N LEU G 498 -27.46 -10.57 42.11
CA LEU G 498 -27.72 -11.70 41.23
C LEU G 498 -29.06 -11.57 40.50
N ARG G 499 -30.05 -10.89 41.08
CA ARG G 499 -31.34 -10.78 40.40
C ARG G 499 -31.22 -10.04 39.09
N ILE G 500 -30.40 -8.99 39.03
CA ILE G 500 -30.35 -8.11 37.88
C ILE G 500 -29.92 -8.90 36.65
N ASN G 501 -30.66 -8.71 35.55
CA ASN G 501 -30.39 -9.42 34.30
C ASN G 501 -30.49 -8.57 33.05
N THR G 502 -30.82 -7.28 33.16
CA THR G 502 -30.95 -6.42 31.98
C THR G 502 -30.65 -4.99 32.38
N ILE G 503 -29.95 -4.28 31.50
CA ILE G 503 -29.54 -2.89 31.70
C ILE G 503 -30.15 -2.07 30.56
N ILE G 504 -30.87 -1.01 30.91
CA ILE G 504 -31.40 -0.06 29.93
C ILE G 504 -31.04 1.34 30.41
N LYS G 505 -30.88 2.26 29.46
CA LYS G 505 -30.76 3.67 29.78
C LYS G 505 -32.13 4.26 30.07
N MET G 506 -32.18 5.17 31.06
CA MET G 506 -33.43 5.76 31.53
C MET G 506 -33.54 7.16 30.91
N LYS G 507 -34.71 7.80 31.10
CA LYS G 507 -35.22 8.92 30.31
C LYS G 507 -34.21 9.83 29.60
N ALA H 12 -3.33 -10.87 40.65
CA ALA H 12 -2.10 -11.06 41.41
C ALA H 12 -0.93 -10.38 40.72
N ASP H 13 -0.86 -10.48 39.40
CA ASP H 13 0.17 -9.73 38.66
C ASP H 13 -0.05 -8.23 38.83
N GLU H 14 -1.30 -7.79 38.79
CA GLU H 14 -1.58 -6.38 39.04
C GLU H 14 -1.25 -5.99 40.48
N ARG H 15 -1.42 -6.92 41.42
CA ARG H 15 -1.01 -6.66 42.80
C ARG H 15 0.50 -6.43 42.88
N PHE H 16 1.28 -7.22 42.14
CA PHE H 16 2.72 -7.02 42.12
C PHE H 16 3.11 -5.80 41.30
N GLN H 17 2.35 -5.51 40.24
CA GLN H 17 2.70 -4.40 39.33
C GLN H 17 2.48 -3.07 40.04
N ALA H 18 1.60 -3.01 41.02
CA ALA H 18 1.44 -1.82 41.84
C ALA H 18 2.67 -1.57 42.72
N LEU H 19 3.21 -2.64 43.31
CA LEU H 19 4.42 -2.49 44.12
C LEU H 19 5.62 -2.09 43.26
N LEU H 20 5.81 -2.79 42.13
CA LEU H 20 6.95 -2.51 41.28
C LEU H 20 6.92 -1.09 40.73
N THR H 21 5.74 -0.60 40.35
CA THR H 21 5.63 0.79 39.92
C THR H 21 5.96 1.73 41.07
N ASN H 22 5.52 1.38 42.29
CA ASN H 22 5.88 2.18 43.46
C ASN H 22 7.37 2.17 43.69
N VAL H 23 8.01 1.01 43.53
CA VAL H 23 9.45 0.91 43.77
C VAL H 23 10.22 1.71 42.73
N ASN H 24 9.87 1.55 41.44
CA ASN H 24 10.61 2.22 40.38
C ASN H 24 10.62 3.73 40.52
N ALA H 25 9.59 4.31 41.13
CA ALA H 25 9.61 5.72 41.45
C ALA H 25 10.57 6.02 42.60
N VAL H 26 10.59 5.16 43.61
CA VAL H 26 11.50 5.36 44.73
C VAL H 26 12.94 5.14 44.29
N ARG H 27 13.17 4.17 43.41
CA ARG H 27 14.52 3.92 42.91
C ARG H 27 15.04 5.11 42.14
N ALA H 28 14.20 5.74 41.32
CA ALA H 28 14.63 6.87 40.51
C ALA H 28 15.08 8.04 41.38
N ILE H 29 14.36 8.31 42.47
CA ILE H 29 14.76 9.38 43.37
C ILE H 29 16.09 9.04 44.02
N ALA H 30 16.23 7.82 44.54
CA ALA H 30 17.48 7.41 45.14
C ALA H 30 18.61 7.29 44.12
N ASP H 31 18.31 6.85 42.90
CA ASP H 31 19.34 6.74 41.88
C ASP H 31 19.93 8.10 41.52
N ALA H 32 19.14 9.16 41.63
CA ALA H 32 19.59 10.50 41.28
C ALA H 32 20.35 11.20 42.39
N VAL H 33 20.37 10.64 43.61
CA VAL H 33 21.11 11.21 44.73
C VAL H 33 22.20 10.29 45.24
N GLU H 34 22.32 9.06 44.72
CA GLU H 34 23.34 8.14 45.20
C GLU H 34 24.72 8.50 44.68
N GLY H 35 24.82 9.26 43.59
CA GLY H 35 26.11 9.66 43.09
C GLY H 35 26.81 10.73 43.90
N THR H 36 26.11 11.34 44.86
CA THR H 36 26.65 12.39 45.70
C THR H 36 27.25 11.87 47.00
N LEU H 37 27.30 10.55 47.20
CA LEU H 37 27.78 10.00 48.46
C LEU H 37 29.30 9.97 48.50
N GLY H 38 29.83 10.02 49.72
CA GLY H 38 31.25 9.90 49.95
C GLY H 38 31.98 11.21 49.75
N PRO H 39 33.27 11.25 50.10
CA PRO H 39 34.03 12.50 49.93
C PRO H 39 34.32 12.83 48.47
N LYS H 40 34.19 11.87 47.56
CA LYS H 40 34.46 12.06 46.13
C LYS H 40 33.18 12.06 45.32
N GLY H 41 32.14 12.70 45.84
CA GLY H 41 30.85 12.69 45.19
C GLY H 41 30.83 13.51 43.92
N LEU H 42 29.82 13.24 43.10
CA LEU H 42 29.59 13.92 41.84
C LEU H 42 28.29 14.71 41.90
N ASP H 43 28.30 15.91 41.34
CA ASP H 43 27.17 16.82 41.45
C ASP H 43 26.14 16.52 40.36
N VAL H 44 25.04 17.27 40.40
CA VAL H 44 23.93 17.11 39.47
C VAL H 44 23.45 18.50 39.06
N MET H 45 23.07 18.65 37.79
CA MET H 45 22.52 19.90 37.28
C MET H 45 21.02 19.75 37.13
N LEU H 46 20.29 20.75 37.62
CA LEU H 46 18.83 20.77 37.59
C LEU H 46 18.37 21.84 36.61
N VAL H 47 17.65 21.43 35.57
CA VAL H 47 17.23 22.33 34.50
C VAL H 47 15.77 22.69 34.67
N ASP H 48 15.41 23.87 34.18
CA ASP H 48 14.05 24.38 34.17
C ASP H 48 13.54 24.47 32.74
N LYS H 49 12.32 24.98 32.59
CA LYS H 49 11.85 25.42 31.29
C LYS H 49 12.51 26.73 30.89
N PHE H 50 12.85 27.57 31.87
CA PHE H 50 13.54 28.83 31.61
C PHE H 50 15.05 28.63 31.41
N GLY H 51 15.60 27.50 31.81
CA GLY H 51 16.98 27.16 31.52
C GLY H 51 17.99 27.43 32.60
N GLU H 52 17.55 27.82 33.80
CA GLU H 52 18.49 28.05 34.89
C GLU H 52 19.04 26.71 35.38
N VAL H 53 20.16 26.78 36.10
CA VAL H 53 20.88 25.61 36.58
C VAL H 53 21.26 25.83 38.03
N THR H 54 21.21 24.75 38.81
CA THR H 54 21.72 24.74 40.18
C THR H 54 22.61 23.52 40.34
N ILE H 55 23.92 23.72 40.23
CA ILE H 55 24.89 22.65 40.43
C ILE H 55 25.05 22.41 41.91
N THR H 56 24.87 21.17 42.35
CA THR H 56 24.95 20.85 43.77
C THR H 56 25.33 19.39 43.95
N ASN H 57 26.02 19.11 45.05
CA ASN H 57 26.38 17.75 45.45
C ASN H 57 25.85 17.40 46.83
N ASP H 58 24.86 18.13 47.33
CA ASP H 58 24.29 17.88 48.65
C ASP H 58 22.90 17.27 48.48
N GLY H 59 22.59 16.30 49.34
CA GLY H 59 21.33 15.60 49.24
C GLY H 59 20.12 16.41 49.65
N VAL H 60 20.28 17.30 50.63
CA VAL H 60 19.12 18.05 51.11
C VAL H 60 18.58 18.97 50.02
N THR H 61 19.42 19.72 49.34
CA THR H 61 18.94 20.62 48.29
C THR H 61 18.53 19.88 47.03
N ILE H 62 19.24 18.83 46.64
CA ILE H 62 18.83 18.08 45.45
C ILE H 62 17.48 17.41 45.67
N LEU H 63 17.18 16.96 46.89
CA LEU H 63 15.84 16.43 47.16
C LEU H 63 14.79 17.52 47.30
N ASP H 64 15.13 18.64 47.93
CA ASP H 64 14.15 19.71 48.10
C ASP H 64 13.73 20.29 46.75
N GLN H 65 14.69 20.50 45.85
CA GLN H 65 14.47 21.25 44.63
C GLN H 65 14.18 20.37 43.43
N MET H 66 14.03 19.06 43.61
CA MET H 66 13.82 18.14 42.51
C MET H 66 12.34 17.96 42.27
N ASP H 67 11.95 17.92 41.00
CA ASP H 67 10.56 17.67 40.64
C ASP H 67 10.17 16.26 41.07
N VAL H 68 8.93 16.12 41.53
CA VAL H 68 8.38 14.83 41.95
C VAL H 68 6.93 14.78 41.52
N GLN H 69 6.55 13.70 40.85
CA GLN H 69 5.16 13.47 40.43
C GLN H 69 4.56 12.21 41.00
N HIS H 70 5.31 11.13 41.09
CA HIS H 70 4.77 9.90 41.64
C HIS H 70 4.64 10.04 43.17
N PRO H 71 3.58 9.49 43.78
CA PRO H 71 3.34 9.81 45.20
C PRO H 71 4.31 9.15 46.17
N ALA H 72 4.73 7.90 45.93
CA ALA H 72 5.67 7.24 46.82
C ALA H 72 6.98 8.01 46.99
N ALA H 73 7.45 8.65 45.91
CA ALA H 73 8.60 9.53 46.03
C ALA H 73 8.35 10.61 47.07
N ARG H 74 7.14 11.18 47.09
CA ARG H 74 6.84 12.23 48.05
C ARG H 74 6.94 11.73 49.48
N MET H 75 6.46 10.50 49.74
CA MET H 75 6.61 9.93 51.08
C MET H 75 8.08 9.73 51.42
N LEU H 76 8.88 9.28 50.45
CA LEU H 76 10.31 9.13 50.69
C LEU H 76 10.96 10.44 51.10
N ILE H 77 10.73 11.51 50.33
CA ILE H 77 11.33 12.79 50.68
C ILE H 77 10.75 13.33 51.98
N GLN H 78 9.48 13.06 52.28
CA GLN H 78 8.92 13.54 53.53
C GLN H 78 9.61 12.90 54.73
N VAL H 79 9.84 11.59 54.67
CA VAL H 79 10.58 10.94 55.76
C VAL H 79 12.01 11.47 55.82
N ALA H 80 12.67 11.59 54.68
CA ALA H 80 14.06 12.04 54.67
C ALA H 80 14.19 13.49 55.11
N ARG H 81 13.08 14.25 54.96
CA ARG H 81 13.01 15.68 55.35
C ARG H 81 12.71 15.75 56.85
N ALA H 82 11.95 14.81 57.43
CA ALA H 82 11.80 14.69 58.87
C ALA H 82 13.11 14.33 59.54
N GLN H 83 13.93 13.52 58.86
CA GLN H 83 15.28 13.28 59.35
C GLN H 83 16.06 14.59 59.44
N GLU H 84 15.95 15.45 58.43
CA GLU H 84 16.58 16.76 58.49
C GLU H 84 16.05 17.59 59.66
N GLU H 85 14.74 17.54 59.89
CA GLU H 85 14.16 18.27 61.02
C GLU H 85 14.69 17.76 62.35
N GLU H 86 15.07 16.48 62.41
CA GLU H 86 15.56 15.93 63.68
C GLU H 86 16.98 16.39 63.97
N VAL H 87 17.91 16.10 63.05
CA VAL H 87 19.32 16.41 63.26
C VAL H 87 19.92 17.27 62.15
N GLY H 88 19.35 17.27 60.95
CA GLY H 88 19.82 18.18 59.91
C GLY H 88 20.95 17.66 59.05
N ASP H 89 21.14 16.35 58.98
CA ASP H 89 22.21 15.78 58.15
C ASP H 89 21.90 14.31 57.91
N GLY H 90 22.65 13.71 56.98
CA GLY H 90 22.51 12.30 56.69
C GLY H 90 21.28 11.93 55.90
N THR H 91 20.81 12.83 55.04
CA THR H 91 19.64 12.54 54.21
C THR H 91 19.98 11.61 53.07
N THR H 92 21.14 11.79 52.43
CA THR H 92 21.50 10.98 51.27
C THR H 92 21.65 9.51 51.66
N THR H 93 22.33 9.25 52.78
CA THR H 93 22.51 7.87 53.21
C THR H 93 21.18 7.22 53.58
N ALA H 94 20.27 7.95 54.22
CA ALA H 94 18.94 7.42 54.48
C ALA H 94 18.21 7.08 53.19
N THR H 95 18.25 7.98 52.21
CA THR H 95 17.55 7.74 50.96
C THR H 95 18.10 6.54 50.21
N VAL H 96 19.42 6.43 50.11
CA VAL H 96 20.00 5.31 49.37
C VAL H 96 19.79 3.99 50.13
N LEU H 97 19.83 4.02 51.47
CA LEU H 97 19.53 2.81 52.23
C LEU H 97 18.09 2.37 52.02
N ALA H 98 17.16 3.32 52.00
CA ALA H 98 15.76 2.97 51.73
C ALA H 98 15.62 2.39 50.32
N GLY H 99 16.29 3.00 49.35
CA GLY H 99 16.22 2.48 48.00
C GLY H 99 16.77 1.07 47.89
N ALA H 100 17.90 0.81 48.53
CA ALA H 100 18.47 -0.54 48.52
C ALA H 100 17.56 -1.55 49.22
N LEU H 101 17.00 -1.18 50.37
CA LEU H 101 16.10 -2.08 51.09
C LEU H 101 14.90 -2.44 50.23
N VAL H 102 14.29 -1.44 49.58
CA VAL H 102 13.12 -1.70 48.76
C VAL H 102 13.51 -2.51 47.52
N SER H 103 14.66 -2.22 46.93
CA SER H 103 15.11 -2.95 45.74
C SER H 103 15.30 -4.42 46.05
N GLU H 104 16.00 -4.73 47.13
CA GLU H 104 16.16 -6.13 47.50
C GLU H 104 14.88 -6.77 48.00
N GLY H 105 13.96 -5.99 48.57
CA GLY H 105 12.66 -6.54 48.90
C GLY H 105 11.92 -7.03 47.66
N VAL H 106 11.85 -6.20 46.62
CA VAL H 106 11.21 -6.64 45.39
C VAL H 106 12.02 -7.72 44.68
N ASN H 107 13.34 -7.73 44.82
CA ASN H 107 14.14 -8.83 44.27
C ASN H 107 13.77 -10.14 44.94
N GLN H 108 13.57 -10.14 46.26
CA GLN H 108 13.12 -11.33 46.94
C GLN H 108 11.69 -11.71 46.55
N VAL H 109 10.82 -10.71 46.35
CA VAL H 109 9.44 -11.00 45.97
C VAL H 109 9.39 -11.67 44.60
N GLU H 110 10.16 -11.16 43.64
CA GLU H 110 10.19 -11.74 42.30
C GLU H 110 10.62 -13.20 42.33
N GLN H 111 11.50 -13.58 43.24
CA GLN H 111 11.89 -14.98 43.39
C GLN H 111 10.71 -15.85 43.82
N GLY H 112 9.70 -15.27 44.46
CA GLY H 112 8.51 -15.98 44.89
C GLY H 112 8.12 -15.73 46.33
N VAL H 113 8.94 -15.03 47.11
CA VAL H 113 8.61 -14.82 48.52
C VAL H 113 7.40 -13.90 48.63
N PRO H 114 6.45 -14.15 49.54
CA PRO H 114 5.37 -13.18 49.73
C PRO H 114 5.88 -11.87 50.33
N VAL H 115 5.13 -10.80 50.04
CA VAL H 115 5.53 -9.48 50.50
C VAL H 115 5.46 -9.40 52.02
N SER H 116 4.37 -9.86 52.62
CA SER H 116 4.22 -9.78 54.06
C SER H 116 5.27 -10.62 54.79
N ARG H 117 5.78 -11.67 54.17
CA ARG H 117 6.91 -12.38 54.73
C ARG H 117 8.16 -11.51 54.74
N VAL H 118 8.38 -10.73 53.68
CA VAL H 118 9.54 -9.85 53.65
C VAL H 118 9.41 -8.72 54.65
N ILE H 119 8.19 -8.26 54.94
CA ILE H 119 8.02 -7.11 55.82
C ILE H 119 8.53 -7.40 57.22
N GLU H 120 8.13 -8.54 57.79
CA GLU H 120 8.56 -8.87 59.15
C GLU H 120 10.06 -9.11 59.22
N GLY H 121 10.62 -9.79 58.21
CA GLY H 121 12.04 -10.01 58.15
C GLY H 121 12.80 -8.70 58.08
N LEU H 122 12.30 -7.78 57.27
CA LEU H 122 12.94 -6.47 57.15
C LEU H 122 12.86 -5.69 58.45
N ARG H 123 11.72 -5.75 59.15
CA ARG H 123 11.59 -5.06 60.42
C ARG H 123 12.59 -5.61 61.43
N ARG H 124 12.68 -6.94 61.55
CA ARG H 124 13.62 -7.51 62.50
C ARG H 124 15.07 -7.23 62.10
N GLY H 125 15.36 -7.26 60.81
CA GLY H 125 16.71 -6.93 60.37
C GLY H 125 17.09 -5.49 60.67
N VAL H 126 16.16 -4.57 60.46
CA VAL H 126 16.43 -3.16 60.74
C VAL H 126 16.66 -2.96 62.24
N GLU H 127 15.82 -3.58 63.07
CA GLU H 127 16.02 -3.45 64.51
C GLU H 127 17.36 -4.04 64.93
N ARG H 128 17.68 -5.24 64.45
CA ARG H 128 18.95 -5.88 64.74
C ARG H 128 20.11 -5.00 64.32
N ALA H 129 20.02 -4.39 63.14
CA ALA H 129 21.06 -3.47 62.69
C ALA H 129 21.18 -2.26 63.60
N LEU H 130 20.06 -1.72 64.08
CA LEU H 130 20.12 -0.60 65.01
C LEU H 130 20.84 -0.94 66.30
N GLU H 131 20.59 -2.12 66.86
CA GLU H 131 21.22 -2.48 68.14
C GLU H 131 22.75 -2.43 68.08
N LEU H 132 23.37 -3.11 67.12
CA LEU H 132 24.83 -3.10 67.09
C LEU H 132 25.42 -1.81 66.55
N LEU H 133 24.70 -1.08 65.71
CA LEU H 133 25.18 0.26 65.37
C LEU H 133 25.21 1.15 66.60
N ARG H 134 24.23 1.02 67.49
CA ARG H 134 24.25 1.76 68.73
C ARG H 134 25.39 1.29 69.64
N LYS H 135 25.59 -0.03 69.74
CA LYS H 135 26.60 -0.56 70.64
C LYS H 135 28.00 -0.16 70.19
N GLN H 136 28.34 -0.43 68.94
CA GLN H 136 29.70 -0.15 68.47
C GLN H 136 29.96 1.34 68.32
N ALA H 137 28.91 2.16 68.31
CA ALA H 137 29.10 3.60 68.38
C ALA H 137 29.59 3.98 69.77
N LEU H 138 30.91 4.22 69.88
CA LEU H 138 31.54 4.53 71.18
C LEU H 138 31.59 6.04 71.41
N PRO H 139 31.39 6.55 72.65
CA PRO H 139 31.36 7.99 72.89
C PRO H 139 32.73 8.61 72.77
N VAL H 140 32.73 9.90 72.53
CA VAL H 140 33.96 10.69 72.46
C VAL H 140 34.30 11.20 73.84
N GLU H 141 35.60 11.21 74.15
CA GLU H 141 36.12 11.75 75.41
C GLU H 141 36.41 13.22 75.19
N GLY H 142 35.55 14.08 75.73
CA GLY H 142 35.71 15.51 75.58
C GLY H 142 35.55 15.95 74.13
N LEU H 143 35.66 17.26 73.94
CA LEU H 143 35.55 17.89 72.63
C LEU H 143 36.89 18.29 72.05
N ASP H 144 37.98 18.25 72.82
CA ASP H 144 39.30 18.54 72.30
C ASP H 144 39.89 17.38 71.50
N ASP H 145 39.24 16.23 71.49
CA ASP H 145 39.78 15.07 70.79
C ASP H 145 39.84 15.35 69.29
N PRO H 146 40.89 14.91 68.58
CA PRO H 146 40.95 15.19 67.13
C PRO H 146 39.83 14.56 66.31
N ARG H 147 39.07 13.60 66.86
CA ARG H 147 37.98 13.02 66.08
C ARG H 147 36.88 14.04 65.82
N LEU H 148 36.68 15.00 66.72
CA LEU H 148 35.78 16.11 66.43
C LEU H 148 36.27 16.93 65.25
N ARG H 149 37.57 17.18 65.18
CA ARG H 149 38.13 17.86 64.02
C ARG H 149 37.90 17.05 62.76
N ALA H 150 38.08 15.73 62.85
CA ALA H 150 37.90 14.88 61.68
C ALA H 150 36.46 14.89 61.18
N VAL H 151 35.49 14.77 62.09
CA VAL H 151 34.09 14.74 61.66
C VAL H 151 33.61 16.12 61.26
N ALA H 152 34.23 17.20 61.75
CA ALA H 152 33.94 18.53 61.24
C ALA H 152 34.50 18.75 59.85
N ARG H 153 35.69 18.23 59.57
CA ARG H 153 36.30 18.41 58.25
C ARG H 153 35.46 17.73 57.17
N ILE H 154 35.05 16.48 57.41
CA ILE H 154 34.32 15.74 56.38
C ILE H 154 32.95 16.36 56.14
N ALA H 155 32.32 16.89 57.18
CA ALA H 155 31.00 17.49 57.02
C ALA H 155 31.03 18.76 56.17
N ALA H 156 32.17 19.45 56.09
CA ALA H 156 32.30 20.69 55.36
C ALA H 156 32.95 20.49 53.99
N ARG H 157 32.76 19.32 53.38
CA ARG H 157 33.32 19.01 52.07
C ARG H 157 34.84 19.08 52.06
N GLU H 158 35.46 18.91 53.22
CA GLU H 158 36.92 18.90 53.38
C GLU H 158 37.56 20.26 53.06
N ARG H 159 36.89 21.37 53.40
CA ARG H 159 37.53 22.67 53.50
C ARG H 159 37.75 22.96 54.98
N GLU H 160 39.02 23.14 55.37
CA GLU H 160 39.34 23.34 56.78
C GLU H 160 38.99 24.73 57.28
N ASP H 161 38.79 25.70 56.38
CA ASP H 161 38.52 27.07 56.83
C ASP H 161 37.23 27.14 57.63
N ILE H 162 36.17 26.44 57.19
CA ILE H 162 34.94 26.41 57.99
C ILE H 162 35.06 25.42 59.13
N ALA H 163 35.87 24.37 58.96
CA ALA H 163 36.03 23.38 60.01
C ALA H 163 36.61 24.00 61.27
N ASP H 164 37.61 24.88 61.13
CA ASP H 164 38.21 25.49 62.31
C ASP H 164 37.22 26.39 63.04
N LEU H 165 36.47 27.23 62.33
CA LEU H 165 35.55 28.13 63.02
C LEU H 165 34.37 27.37 63.64
N VAL H 166 33.94 26.28 63.01
CA VAL H 166 32.84 25.51 63.60
C VAL H 166 33.26 24.91 64.93
N VAL H 167 34.45 24.29 64.98
CA VAL H 167 34.89 23.69 66.24
C VAL H 167 35.25 24.78 67.25
N GLU H 168 35.72 25.94 66.79
CA GLU H 168 35.95 27.05 67.71
C GLU H 168 34.65 27.50 68.35
N ALA H 169 33.59 27.63 67.55
CA ALA H 169 32.29 27.95 68.13
C ALA H 169 31.84 26.86 69.09
N ALA H 170 32.08 25.60 68.75
CA ALA H 170 31.68 24.50 69.62
C ALA H 170 32.38 24.58 70.97
N ARG H 171 33.70 24.83 70.98
CA ARG H 171 34.41 24.94 72.24
C ARG H 171 34.03 26.20 73.00
N HIS H 172 33.58 27.24 72.30
CA HIS H 172 33.15 28.45 73.00
C HIS H 172 31.90 28.24 73.86
N ILE H 173 31.08 27.24 73.55
CA ILE H 173 29.79 27.10 74.24
C ILE H 173 29.98 26.29 75.52
N GLY H 174 30.36 25.02 75.38
CA GLY H 174 30.51 24.12 76.51
C GLY H 174 29.69 22.85 76.36
N GLU H 175 30.02 21.83 77.16
CA GLU H 175 29.45 20.50 76.93
C GLU H 175 28.01 20.42 77.42
N ASP H 176 27.77 20.80 78.69
CA ASP H 176 26.43 20.70 79.24
C ASP H 176 25.43 21.61 78.52
N LYS H 177 25.88 22.78 78.07
CA LYS H 177 25.01 23.65 77.29
C LYS H 177 24.62 22.98 75.98
N LEU H 178 25.55 22.27 75.35
CA LEU H 178 25.27 21.49 74.16
C LEU H 178 24.36 20.30 74.45
N GLN H 179 24.42 19.74 75.66
CA GLN H 179 23.61 18.59 76.03
C GLN H 179 22.14 18.93 76.22
N ASP H 180 21.77 20.20 76.24
CA ASP H 180 20.36 20.56 76.35
C ASP H 180 19.66 20.19 75.04
N PRO H 181 18.73 19.22 75.02
CA PRO H 181 18.15 18.81 73.73
C PRO H 181 17.34 19.89 73.03
N ASN H 182 16.92 20.94 73.75
CA ASN H 182 16.17 22.02 73.11
C ASN H 182 17.06 22.99 72.38
N PHE H 183 18.39 22.84 72.46
CA PHE H 183 19.33 23.75 71.83
C PHE H 183 19.71 23.13 70.49
N LYS H 184 19.50 23.90 69.42
CA LYS H 184 19.98 23.55 68.08
C LYS H 184 21.01 24.60 67.68
N LEU H 185 22.27 24.19 67.62
CA LEU H 185 23.35 25.11 67.32
C LEU H 185 23.41 25.50 65.85
N ALA H 186 22.74 24.75 64.97
CA ALA H 186 22.75 25.08 63.55
C ALA H 186 22.15 26.44 63.27
N ASP H 187 21.21 26.90 64.09
CA ASP H 187 20.62 28.22 63.91
C ASP H 187 21.56 29.35 64.32
N THR H 188 22.67 29.04 65.01
CA THR H 188 23.57 30.04 65.54
C THR H 188 24.70 30.39 64.59
N VAL H 189 24.63 29.97 63.33
CA VAL H 189 25.63 30.30 62.32
C VAL H 189 24.94 31.07 61.20
N THR H 190 25.53 32.19 60.80
CA THR H 190 24.99 33.04 59.75
C THR H 190 26.14 33.52 58.89
N ALA H 191 25.94 33.50 57.57
CA ALA H 191 26.97 33.86 56.61
C ALA H 191 26.69 35.24 56.04
N ARG H 192 27.74 36.03 55.87
CA ARG H 192 27.67 37.35 55.27
C ARG H 192 28.81 37.51 54.28
N GLU H 193 28.59 38.34 53.27
CA GLU H 193 29.57 38.53 52.21
C GLU H 193 30.62 39.56 52.61
N GLY H 194 31.81 39.41 52.06
CA GLY H 194 32.87 40.38 52.27
C GLY H 194 33.45 40.42 53.66
N ALA H 195 33.17 39.44 54.49
CA ALA H 195 33.63 39.38 55.88
C ALA H 195 34.70 38.31 56.03
N GLU H 196 35.24 38.22 57.24
CA GLU H 196 36.23 37.23 57.62
C GLU H 196 35.58 36.17 58.50
N ASN H 197 36.36 35.14 58.84
CA ASN H 197 35.88 34.01 59.62
C ASN H 197 36.14 34.29 61.10
N GLN H 198 35.06 34.44 61.87
CA GLN H 198 35.18 34.65 63.30
C GLN H 198 33.85 34.34 63.97
N VAL H 199 33.91 34.19 65.29
CA VAL H 199 32.73 34.00 66.13
C VAL H 199 32.57 35.22 67.02
N ILE H 200 31.32 35.54 67.34
CA ILE H 200 31.00 36.68 68.20
C ILE H 200 30.16 36.20 69.38
N THR H 356 26.92 33.49 68.02
CA THR H 356 26.88 33.89 66.61
C THR H 356 28.18 33.49 65.92
N VAL H 357 28.06 32.65 64.89
CA VAL H 357 29.19 32.19 64.09
C VAL H 357 29.08 32.87 62.74
N LEU H 358 29.95 33.86 62.51
CA LEU H 358 29.96 34.62 61.26
C LEU H 358 30.84 33.91 60.26
N VAL H 359 30.25 33.44 59.16
CA VAL H 359 30.95 32.71 58.12
C VAL H 359 31.18 33.66 56.95
N GLY H 360 32.45 33.85 56.57
CA GLY H 360 32.76 34.78 55.52
C GLY H 360 32.44 34.23 54.14
N ALA H 361 32.05 35.14 53.24
CA ALA H 361 31.79 34.80 51.84
C ALA H 361 32.32 35.93 50.96
N ALA H 362 32.64 35.58 49.72
CA ALA H 362 33.23 36.55 48.81
C ALA H 362 32.21 37.56 48.32
N THR H 363 31.18 37.08 47.60
CA THR H 363 30.13 37.92 47.03
C THR H 363 28.78 37.46 47.57
N GLU H 364 27.71 38.08 47.06
CA GLU H 364 26.37 37.70 47.49
C GLU H 364 25.99 36.31 47.00
N GLU H 365 26.47 35.91 45.81
CA GLU H 365 26.15 34.59 45.29
C GLU H 365 26.89 33.48 46.02
N VAL H 366 28.01 33.79 46.69
CA VAL H 366 28.77 32.78 47.42
C VAL H 366 28.20 32.54 48.81
N VAL H 367 27.25 33.34 49.26
CA VAL H 367 26.69 33.17 50.60
C VAL H 367 25.88 31.88 50.70
N GLY H 368 25.17 31.51 49.62
CA GLY H 368 24.18 30.45 49.71
C GLY H 368 24.78 29.10 50.08
N GLU H 369 25.80 28.66 49.33
CA GLU H 369 26.41 27.37 49.60
C GLU H 369 27.30 27.38 50.82
N ARG H 370 28.00 28.49 51.09
CA ARG H 370 28.80 28.56 52.31
C ARG H 370 27.93 28.43 53.55
N GLU H 371 26.78 29.10 53.57
CA GLU H 371 25.85 28.96 54.68
C GLU H 371 25.34 27.52 54.76
N ARG H 372 25.03 26.91 53.61
CA ARG H 372 24.46 25.57 53.58
C ARG H 372 25.43 24.55 54.18
N VAL H 373 26.71 24.60 53.79
CA VAL H 373 27.70 23.69 54.36
C VAL H 373 28.13 24.08 55.77
N ALA H 374 28.05 25.36 56.13
CA ALA H 374 28.29 25.74 57.52
C ALA H 374 27.26 25.11 58.43
N LYS H 375 26.00 25.08 57.99
CA LYS H 375 24.97 24.40 58.77
C LYS H 375 25.28 22.92 58.95
N ASP H 376 25.71 22.25 57.89
CA ASP H 376 26.04 20.83 58.00
C ASP H 376 27.22 20.60 58.93
N ALA H 377 28.26 21.42 58.82
CA ALA H 377 29.41 21.30 59.71
C ALA H 377 29.01 21.55 61.16
N ALA H 378 28.12 22.51 61.40
CA ALA H 378 27.63 22.75 62.75
C ALA H 378 26.88 21.53 63.28
N SER H 379 25.94 21.01 62.50
CA SER H 379 25.13 19.88 62.94
C SER H 379 25.96 18.63 63.16
N ALA H 380 27.02 18.41 62.37
CA ALA H 380 27.84 17.24 62.58
C ALA H 380 28.51 17.28 63.95
N VAL H 381 29.12 18.42 64.29
CA VAL H 381 29.73 18.54 65.61
C VAL H 381 28.67 18.41 66.68
N GLN H 382 27.50 19.03 66.49
CA GLN H 382 26.44 18.97 67.51
C GLN H 382 26.01 17.54 67.77
N ALA H 383 25.85 16.75 66.71
CA ALA H 383 25.50 15.34 66.88
C ALA H 383 26.64 14.54 67.52
N ALA H 384 27.89 14.96 67.28
CA ALA H 384 29.02 14.18 67.77
C ALA H 384 29.04 14.05 69.28
N ILE H 385 28.82 15.16 70.02
CA ILE H 385 28.85 15.06 71.49
C ILE H 385 27.65 14.27 71.97
N ARG H 386 26.48 14.50 71.37
CA ARG H 386 25.25 13.87 71.85
C ARG H 386 25.31 12.36 71.70
N GLY H 387 25.66 11.86 70.52
CA GLY H 387 25.66 10.42 70.29
C GLY H 387 27.01 9.78 70.48
N GLY H 388 28.02 10.33 69.82
CA GLY H 388 29.36 9.75 69.85
C GLY H 388 30.00 9.70 68.48
N VAL H 389 30.76 8.65 68.24
CA VAL H 389 31.63 8.53 67.06
C VAL H 389 31.38 7.17 66.43
N VAL H 390 31.34 7.13 65.11
CA VAL H 390 31.15 5.90 64.34
C VAL H 390 32.12 5.94 63.18
N PRO H 391 32.71 4.82 62.75
CA PRO H 391 33.59 4.88 61.56
C PRO H 391 32.77 5.11 60.30
N GLY H 392 33.09 6.19 59.60
CA GLY H 392 32.35 6.59 58.42
C GLY H 392 32.81 5.84 57.19
N GLY H 393 32.30 6.29 56.05
CA GLY H 393 32.61 5.65 54.78
C GLY H 393 31.95 4.32 54.58
N GLY H 394 30.85 4.04 55.28
CA GLY H 394 30.19 2.76 55.16
C GLY H 394 30.82 1.64 55.94
N ALA H 395 31.84 1.92 56.75
CA ALA H 395 32.50 0.86 57.51
C ALA H 395 31.57 0.27 58.56
N ALA H 396 30.85 1.12 59.30
CA ALA H 396 29.94 0.63 60.33
C ALA H 396 28.78 -0.16 59.76
N GLU H 397 28.23 0.30 58.63
CA GLU H 397 27.16 -0.44 57.98
C GLU H 397 27.65 -1.82 57.55
N LEU H 398 28.86 -1.91 56.99
CA LEU H 398 29.44 -3.21 56.67
C LEU H 398 29.65 -4.05 57.91
N ALA H 399 30.06 -3.43 59.02
CA ALA H 399 30.28 -4.17 60.24
C ALA H 399 29.00 -4.82 60.74
N VAL H 400 27.89 -4.08 60.71
CA VAL H 400 26.60 -4.64 61.12
C VAL H 400 25.98 -5.54 60.05
N ALA H 401 26.47 -5.47 58.81
CA ALA H 401 25.92 -6.35 57.77
C ALA H 401 26.17 -7.82 58.10
N ARG H 402 27.35 -8.17 58.59
CA ARG H 402 27.62 -9.55 58.95
C ARG H 402 26.83 -10.01 60.17
N GLU H 403 26.59 -9.12 61.13
CA GLU H 403 25.72 -9.46 62.24
C GLU H 403 24.29 -9.71 61.75
N VAL H 404 23.80 -8.90 60.81
CA VAL H 404 22.46 -9.13 60.28
C VAL H 404 22.41 -10.43 59.51
N GLU H 405 23.49 -10.78 58.82
CA GLU H 405 23.58 -12.09 58.17
C GLU H 405 23.53 -13.23 59.18
N LYS H 406 24.20 -13.05 60.32
CA LYS H 406 24.11 -14.04 61.37
C LYS H 406 22.68 -14.17 61.91
N LEU H 407 21.98 -13.04 62.04
CA LEU H 407 20.56 -13.12 62.39
C LEU H 407 19.77 -13.89 61.35
N ALA H 408 20.06 -13.66 60.06
CA ALA H 408 19.38 -14.40 59.01
C ALA H 408 19.64 -15.89 59.12
N GLU H 409 20.84 -16.27 59.53
CA GLU H 409 21.16 -17.66 59.81
C GLU H 409 20.65 -18.13 61.16
N GLU H 410 20.07 -17.23 61.96
CA GLU H 410 19.45 -17.56 63.24
C GLU H 410 17.93 -17.59 63.22
N VAL H 411 17.29 -17.07 62.17
CA VAL H 411 15.84 -16.90 62.13
C VAL H 411 15.22 -18.05 61.34
N LYS H 412 13.92 -18.23 61.53
CA LYS H 412 13.18 -19.40 61.04
C LYS H 412 12.24 -19.02 59.92
N GLY H 413 12.21 -19.83 58.88
CA GLY H 413 11.18 -19.76 57.86
C GLY H 413 11.49 -18.81 56.74
N MET H 414 10.43 -18.50 55.97
CA MET H 414 10.53 -17.56 54.86
C MET H 414 10.82 -16.14 55.33
N GLU H 415 10.66 -15.86 56.62
CA GLU H 415 11.01 -14.55 57.16
C GLU H 415 12.51 -14.25 57.01
N ARG H 416 13.35 -15.28 56.83
CA ARG H 416 14.78 -15.06 56.73
C ARG H 416 15.13 -14.20 55.52
N TYR H 417 14.46 -14.41 54.40
CA TYR H 417 14.80 -13.69 53.17
C TYR H 417 14.52 -12.20 53.24
N GLY H 418 13.88 -11.70 54.30
CA GLY H 418 13.89 -10.28 54.57
C GLY H 418 15.15 -9.84 55.29
N VAL H 419 15.68 -10.69 56.17
CA VAL H 419 16.86 -10.31 56.93
C VAL H 419 18.08 -10.22 56.00
N GLU H 420 18.17 -11.12 55.02
CA GLU H 420 19.23 -10.98 54.03
C GLU H 420 19.03 -9.77 53.13
N ALA H 421 17.78 -9.37 52.89
CA ALA H 421 17.54 -8.12 52.18
C ALA H 421 18.08 -6.93 52.98
N VAL H 422 17.91 -6.95 54.30
CA VAL H 422 18.52 -5.90 55.12
C VAL H 422 20.04 -6.02 55.08
N ALA H 423 20.57 -7.24 55.06
CA ALA H 423 22.02 -7.43 55.04
C ALA H 423 22.63 -6.84 53.78
N GLU H 424 22.01 -7.10 52.62
CA GLU H 424 22.55 -6.56 51.37
C GLU H 424 22.43 -5.05 51.32
N ALA H 425 21.28 -4.51 51.76
CA ALA H 425 21.04 -3.08 51.64
C ALA H 425 22.02 -2.28 52.48
N LEU H 426 22.50 -2.85 53.59
CA LEU H 426 23.48 -2.15 54.40
C LEU H 426 24.84 -2.05 53.73
N LYS H 427 25.09 -2.83 52.67
CA LYS H 427 26.33 -2.70 51.92
C LYS H 427 26.25 -1.65 50.81
N LYS H 428 25.06 -1.14 50.52
CA LYS H 428 24.94 -0.14 49.45
C LYS H 428 25.71 1.15 49.75
N PRO H 429 25.73 1.70 50.97
CA PRO H 429 26.53 2.91 51.19
C PRO H 429 28.01 2.75 50.85
N LEU H 430 28.66 1.72 51.38
CA LEU H 430 30.07 1.51 51.06
C LEU H 430 30.27 1.19 49.59
N ARG H 431 29.37 0.41 49.00
CA ARG H 431 29.48 0.09 47.57
C ARG H 431 29.42 1.34 46.71
N GLN H 432 28.49 2.25 47.03
CA GLN H 432 28.38 3.47 46.26
C GLN H 432 29.51 4.44 46.52
N ILE H 433 30.03 4.47 47.75
CA ILE H 433 31.19 5.30 48.03
C ILE H 433 32.39 4.81 47.24
N VAL H 434 32.53 3.49 47.10
CA VAL H 434 33.61 2.93 46.29
C VAL H 434 33.39 3.26 44.81
N ALA H 435 32.16 3.08 44.33
CA ALA H 435 31.88 3.29 42.91
C ALA H 435 32.08 4.74 42.50
N ASN H 436 31.62 5.69 43.34
CA ASN H 436 31.82 7.10 43.04
C ASN H 436 33.28 7.48 43.04
N ALA H 437 34.11 6.84 43.85
CA ALA H 437 35.52 7.14 43.93
C ALA H 437 36.28 6.74 42.67
N GLY H 438 35.71 5.90 41.81
CA GLY H 438 36.37 5.44 40.61
C GLY H 438 37.06 4.11 40.74
N PHE H 439 36.53 3.19 41.52
CA PHE H 439 37.02 1.82 41.62
C PHE H 439 35.91 0.85 41.26
N ASN H 440 36.26 -0.42 41.10
CA ASN H 440 35.25 -1.47 40.83
C ASN H 440 34.58 -1.75 42.14
N PRO H 441 33.25 -1.76 42.24
CA PRO H 441 32.61 -1.92 43.54
C PRO H 441 32.62 -3.35 44.06
N LEU H 442 32.85 -4.34 43.20
CA LEU H 442 32.76 -5.73 43.59
C LEU H 442 34.07 -6.29 44.13
N GLU H 443 35.21 -5.84 43.61
CA GLU H 443 36.51 -6.32 44.07
C GLU H 443 37.08 -5.49 45.20
N LYS H 444 36.87 -4.18 45.21
CA LYS H 444 37.24 -3.34 46.34
C LYS H 444 36.31 -3.52 47.53
N LEU H 445 35.20 -4.23 47.35
CA LEU H 445 34.43 -4.76 48.47
C LEU H 445 34.86 -6.17 48.84
N GLY H 446 35.29 -6.98 47.87
CA GLY H 446 35.78 -8.30 48.17
C GLY H 446 37.05 -8.28 49.00
N ASP H 447 37.96 -7.36 48.71
CA ASP H 447 39.18 -7.22 49.51
C ASP H 447 38.92 -6.59 50.86
N LEU H 448 37.72 -6.04 51.09
CA LEU H 448 37.38 -5.45 52.39
C LEU H 448 37.32 -6.48 53.50
N ARG H 449 37.24 -7.77 53.17
CA ARG H 449 37.16 -8.84 54.16
C ARG H 449 38.52 -9.42 54.49
N ALA H 450 39.58 -8.61 54.44
CA ALA H 450 40.93 -9.10 54.71
C ALA H 450 41.12 -9.38 56.19
N ALA H 451 41.05 -8.35 57.01
CA ALA H 451 41.22 -8.46 58.46
C ALA H 451 39.90 -8.37 59.21
N HIS H 452 38.77 -8.39 58.52
CA HIS H 452 37.50 -8.53 59.20
C HIS H 452 37.36 -9.90 59.87
N ARG H 453 38.18 -10.87 59.47
CA ARG H 453 38.27 -12.13 60.18
C ARG H 453 39.02 -11.98 61.50
N THR H 454 39.78 -10.90 61.68
CA THR H 454 40.61 -10.73 62.87
C THR H 454 39.83 -10.28 64.09
N GLY H 455 38.54 -9.93 63.95
CA GLY H 455 37.70 -9.55 65.05
C GLY H 455 37.46 -8.06 65.19
N ASN H 456 38.28 -7.22 64.56
CA ASN H 456 38.06 -5.77 64.56
C ASN H 456 37.11 -5.40 63.44
N ASP H 457 36.08 -4.62 63.78
CA ASP H 457 34.99 -4.31 62.88
C ASP H 457 34.97 -2.83 62.48
N SER H 458 36.15 -2.19 62.47
CA SER H 458 36.30 -0.79 62.14
C SER H 458 36.94 -0.56 60.77
N LEU H 459 37.19 -1.61 60.00
CA LEU H 459 37.87 -1.48 58.73
C LEU H 459 36.95 -0.91 57.66
N GLY H 460 37.53 -0.10 56.78
CA GLY H 460 36.86 0.37 55.59
C GLY H 460 37.84 0.43 54.44
N ILE H 461 37.50 1.15 53.38
CA ILE H 461 38.38 1.33 52.22
C ILE H 461 38.62 2.82 52.05
N ASP H 462 39.88 3.20 51.94
CA ASP H 462 40.24 4.60 51.77
C ASP H 462 39.95 5.01 50.33
N CYS H 463 39.62 6.29 50.16
CA CYS H 463 38.92 6.76 48.96
C CYS H 463 39.82 7.39 47.92
N ASP H 464 41.10 7.65 48.21
CA ASP H 464 42.00 8.27 47.25
C ASP H 464 42.92 7.27 46.57
N THR H 465 43.38 6.24 47.29
CA THR H 465 44.25 5.21 46.74
C THR H 465 43.58 3.85 46.61
N GLY H 466 42.46 3.63 47.27
CA GLY H 466 41.75 2.36 47.17
C GLY H 466 42.28 1.26 48.06
N GLU H 467 43.27 1.54 48.91
CA GLU H 467 43.81 0.55 49.81
C GLU H 467 42.89 0.39 51.02
N VAL H 468 42.80 -0.83 51.52
CA VAL H 468 41.97 -1.13 52.68
C VAL H 468 42.73 -0.69 53.94
N VAL H 469 42.18 0.28 54.67
CA VAL H 469 42.83 0.84 55.85
C VAL H 469 41.78 1.12 56.91
N ASP H 470 42.22 1.08 58.17
CA ASP H 470 41.33 1.31 59.29
C ASP H 470 41.02 2.80 59.34
N MET H 471 39.75 3.12 59.59
CA MET H 471 39.29 4.50 59.48
C MET H 471 39.60 5.37 60.69
N TRP H 472 39.98 4.79 61.82
CA TRP H 472 40.31 5.62 62.97
C TRP H 472 41.56 6.46 62.71
N GLU H 473 42.53 5.92 61.97
CA GLU H 473 43.73 6.68 61.63
C GLU H 473 43.53 7.54 60.39
N ALA H 474 42.81 7.03 59.39
CA ALA H 474 42.55 7.83 58.19
C ALA H 474 41.68 9.03 58.50
N GLY H 475 40.87 8.96 59.55
CA GLY H 475 40.06 10.09 59.95
C GLY H 475 38.75 10.25 59.23
N VAL H 476 38.26 9.20 58.57
CA VAL H 476 36.94 9.23 57.93
C VAL H 476 35.95 8.80 59.00
N ILE H 477 35.23 9.79 59.55
CA ILE H 477 34.39 9.62 60.73
C ILE H 477 33.01 10.16 60.40
N ASP H 478 31.99 9.59 61.03
CA ASP H 478 30.60 9.99 60.87
C ASP H 478 29.96 10.08 62.26
N PRO H 479 29.06 11.04 62.52
CA PRO H 479 28.41 11.06 63.83
C PRO H 479 27.49 9.87 64.02
N ALA H 480 27.28 9.52 65.30
CA ALA H 480 26.48 8.36 65.65
C ALA H 480 24.98 8.59 65.43
N PRO H 481 24.34 9.60 66.03
CA PRO H 481 22.89 9.70 65.92
C PRO H 481 22.41 9.91 64.49
N VAL H 482 23.19 10.62 63.67
CA VAL H 482 22.76 10.83 62.30
C VAL H 482 22.69 9.52 61.55
N LYS H 483 23.69 8.66 61.70
CA LYS H 483 23.66 7.36 61.02
C LYS H 483 22.57 6.46 61.59
N LEU H 484 22.43 6.44 62.92
CA LEU H 484 21.40 5.60 63.54
C LEU H 484 20.01 6.00 63.07
N HIS H 485 19.71 7.31 63.09
CA HIS H 485 18.40 7.76 62.67
C HIS H 485 18.21 7.67 61.17
N ALA H 486 19.27 7.80 60.38
CA ALA H 486 19.15 7.56 58.95
C ALA H 486 18.74 6.12 58.68
N LEU H 487 19.37 5.16 59.36
CA LEU H 487 18.97 3.77 59.19
C LEU H 487 17.55 3.52 59.67
N LYS H 488 17.18 4.11 60.82
CA LYS H 488 15.82 3.93 61.33
C LYS H 488 14.79 4.48 60.35
N ALA H 489 15.00 5.70 59.85
CA ALA H 489 14.05 6.29 58.93
C ALA H 489 14.00 5.52 57.62
N ALA H 490 15.16 5.07 57.12
CA ALA H 490 15.19 4.29 55.88
C ALA H 490 14.40 3.00 56.04
N GLY H 491 14.60 2.29 57.15
CA GLY H 491 13.80 1.11 57.42
C GLY H 491 12.33 1.39 57.55
N GLU H 492 11.96 2.51 58.18
CA GLU H 492 10.55 2.84 58.32
C GLU H 492 9.91 3.09 56.97
N VAL H 493 10.55 3.87 56.10
CA VAL H 493 9.96 4.11 54.78
C VAL H 493 9.97 2.83 53.95
N ALA H 494 11.00 1.98 54.08
CA ALA H 494 11.01 0.72 53.36
C ALA H 494 9.87 -0.18 53.80
N ALA H 495 9.58 -0.24 55.10
CA ALA H 495 8.44 -1.02 55.57
C ALA H 495 7.14 -0.43 55.07
N ALA H 496 7.01 0.90 55.09
CA ALA H 496 5.79 1.56 54.67
C ALA H 496 5.50 1.38 53.18
N ILE H 497 6.48 1.54 52.32
CA ILE H 497 6.27 1.51 50.87
C ILE H 497 5.95 0.09 50.39
N LEU H 498 6.55 -0.92 51.02
CA LEU H 498 6.36 -2.29 50.58
C LEU H 498 4.95 -2.81 50.86
N ARG H 499 4.21 -2.18 51.77
CA ARG H 499 2.85 -2.61 52.06
C ARG H 499 1.84 -2.19 51.01
N ILE H 500 2.13 -1.19 50.19
CA ILE H 500 1.21 -0.79 49.14
C ILE H 500 1.11 -1.92 48.13
N ASN H 501 -0.12 -2.33 47.81
CA ASN H 501 -0.37 -3.39 46.86
C ASN H 501 -1.45 -3.07 45.84
N THR H 502 -2.04 -1.87 45.91
CA THR H 502 -3.10 -1.42 44.99
C THR H 502 -3.05 0.08 44.87
N ILE H 503 -3.45 0.64 43.72
CA ILE H 503 -3.52 2.12 43.53
C ILE H 503 -4.89 2.41 42.91
N ILE H 504 -5.78 3.08 43.65
CA ILE H 504 -7.19 3.28 43.26
C ILE H 504 -7.57 4.77 43.36
N LYS H 505 -8.07 5.40 42.29
CA LYS H 505 -8.42 6.84 42.31
C LYS H 505 -9.50 7.05 43.36
N MET H 506 -9.66 8.27 43.88
CA MET H 506 -10.67 8.50 44.96
C MET H 506 -11.40 9.83 44.75
N LYS H 507 -12.72 9.81 44.93
CA LYS H 507 -13.58 10.97 44.69
C LYS H 507 -12.88 11.90 43.70
N ALA I 12 23.67 2.83 33.85
CA ALA I 12 25.10 3.10 33.71
C ALA I 12 25.41 3.86 32.43
N ASP I 13 24.76 3.47 31.32
CA ASP I 13 24.92 4.21 30.08
C ASP I 13 24.29 5.59 30.17
N GLU I 14 23.20 5.73 30.91
CA GLU I 14 22.55 7.03 31.03
C GLU I 14 23.43 8.03 31.76
N ARG I 15 24.25 7.57 32.71
CA ARG I 15 25.16 8.47 33.39
C ARG I 15 26.28 8.92 32.46
N PHE I 16 26.83 8.01 31.67
CA PHE I 16 27.80 8.41 30.66
C PHE I 16 27.16 9.26 29.58
N GLN I 17 25.92 8.97 29.25
CA GLN I 17 25.24 9.69 28.15
C GLN I 17 24.91 11.08 28.66
N ALA I 18 24.63 11.25 29.94
CA ALA I 18 24.43 12.57 30.51
C ALA I 18 25.71 13.40 30.47
N LEU I 19 26.87 12.75 30.57
CA LEU I 19 28.13 13.47 30.42
C LEU I 19 28.40 13.81 28.96
N LEU I 20 28.07 12.89 28.04
CA LEU I 20 28.37 13.12 26.63
C LEU I 20 27.61 14.32 26.06
N THR I 21 26.34 14.48 26.43
CA THR I 21 25.58 15.63 25.95
C THR I 21 26.16 16.94 26.46
N ASN I 22 26.78 16.95 27.64
CA ASN I 22 27.41 18.17 28.13
C ASN I 22 28.66 18.49 27.33
N VAL I 23 29.42 17.48 26.92
CA VAL I 23 30.64 17.72 26.15
C VAL I 23 30.30 18.21 24.74
N ASN I 24 29.24 17.66 24.14
CA ASN I 24 28.83 18.12 22.83
C ASN I 24 28.44 19.59 22.83
N ALA I 25 27.98 20.11 23.96
CA ALA I 25 27.75 21.55 24.08
C ALA I 25 29.06 22.31 24.19
N VAL I 26 30.01 21.78 24.97
CA VAL I 26 31.29 22.45 25.13
C VAL I 26 32.10 22.35 23.84
N ARG I 27 32.05 21.20 23.17
CA ARG I 27 32.81 21.02 21.94
C ARG I 27 32.32 21.98 20.85
N ALA I 28 31.00 22.14 20.73
CA ALA I 28 30.45 23.07 19.76
C ALA I 28 30.83 24.51 20.06
N ILE I 29 30.85 24.91 21.34
CA ILE I 29 31.23 26.28 21.68
C ILE I 29 32.68 26.53 21.31
N ALA I 30 33.56 25.59 21.68
CA ALA I 30 34.97 25.74 21.36
C ALA I 30 35.24 25.72 19.87
N ASP I 31 34.55 24.86 19.13
CA ASP I 31 34.77 24.77 17.69
C ASP I 31 34.42 26.07 16.97
N ALA I 32 33.45 26.82 17.51
CA ALA I 32 33.06 28.09 16.89
C ALA I 32 34.11 29.19 17.06
N VAL I 33 34.96 29.09 18.09
CA VAL I 33 35.96 30.11 18.36
C VAL I 33 37.39 29.62 18.16
N GLU I 34 37.60 28.32 17.94
CA GLU I 34 38.94 27.83 17.69
C GLU I 34 39.48 28.26 16.33
N GLY I 35 38.61 28.71 15.42
CA GLY I 35 39.08 29.26 14.17
C GLY I 35 39.69 30.64 14.27
N THR I 36 39.56 31.30 15.43
CA THR I 36 40.09 32.63 15.64
C THR I 36 41.47 32.63 16.28
N LEU I 37 42.06 31.47 16.54
CA LEU I 37 43.32 31.42 17.25
C LEU I 37 44.48 31.86 16.36
N GLY I 38 45.48 32.49 16.98
CA GLY I 38 46.73 32.77 16.33
C GLY I 38 46.70 34.02 15.47
N PRO I 39 47.87 34.42 14.96
CA PRO I 39 47.92 35.62 14.13
C PRO I 39 47.24 35.47 12.78
N LYS I 40 47.15 34.25 12.27
CA LYS I 40 46.51 33.96 10.98
C LYS I 40 45.09 33.44 11.18
N GLY I 41 44.40 33.95 12.19
CA GLY I 41 43.10 33.43 12.54
C GLY I 41 42.05 33.74 11.50
N LEU I 42 40.88 33.12 11.69
CA LEU I 42 39.74 33.25 10.80
C LEU I 42 38.56 33.80 11.57
N ASP I 43 37.79 34.66 10.91
CA ASP I 43 36.65 35.33 11.50
C ASP I 43 35.45 34.39 11.61
N VAL I 44 34.42 34.86 12.30
CA VAL I 44 33.15 34.15 12.44
C VAL I 44 32.02 35.08 12.03
N MET I 45 31.08 34.55 11.25
CA MET I 45 29.93 35.30 10.78
C MET I 45 28.71 34.96 11.64
N LEU I 46 28.00 35.99 12.07
CA LEU I 46 26.82 35.86 12.91
C LEU I 46 25.57 36.29 12.15
N VAL I 47 24.45 35.61 12.43
CA VAL I 47 23.18 35.85 11.76
C VAL I 47 22.08 35.96 12.81
N ASP I 48 21.17 36.90 12.59
CA ASP I 48 19.99 37.10 13.42
C ASP I 48 18.78 36.57 12.68
N LYS I 49 17.60 36.77 13.27
CA LYS I 49 16.36 36.58 12.52
C LYS I 49 16.14 37.71 11.53
N PHE I 50 16.68 38.90 11.84
CA PHE I 50 16.55 40.05 10.96
C PHE I 50 17.56 40.05 9.83
N GLY I 51 18.61 39.22 9.92
CA GLY I 51 19.59 39.10 8.86
C GLY I 51 20.81 40.00 8.99
N GLU I 52 20.98 40.68 10.13
CA GLU I 52 22.17 41.49 10.32
C GLU I 52 23.38 40.62 10.61
N VAL I 53 24.56 41.24 10.58
CA VAL I 53 25.83 40.54 10.71
C VAL I 53 26.77 41.37 11.56
N THR I 54 27.59 40.69 12.35
CA THR I 54 28.74 41.30 13.00
C THR I 54 29.94 40.40 12.75
N ILE I 55 30.80 40.81 11.83
CA ILE I 55 32.03 40.09 11.52
C ILE I 55 33.06 40.44 12.60
N THR I 56 33.61 39.41 13.24
CA THR I 56 34.62 39.61 14.27
C THR I 56 35.44 38.34 14.40
N ASN I 57 36.75 38.53 14.61
CA ASN I 57 37.68 37.45 14.85
C ASN I 57 38.25 37.45 16.26
N ASP I 58 37.56 38.09 17.22
CA ASP I 58 38.01 38.13 18.60
C ASP I 58 37.14 37.23 19.46
N GLY I 59 37.76 36.59 20.46
CA GLY I 59 37.03 35.72 21.37
C GLY I 59 35.97 36.41 22.19
N VAL I 60 36.25 37.63 22.67
CA VAL I 60 35.35 38.30 23.59
C VAL I 60 34.03 38.60 22.92
N THR I 61 34.07 39.10 21.69
CA THR I 61 32.85 39.42 20.96
C THR I 61 32.08 38.16 20.60
N ILE I 62 32.77 37.15 20.07
CA ILE I 62 32.08 35.98 19.53
C ILE I 62 31.42 35.20 20.66
N LEU I 63 32.09 35.05 21.80
CA LEU I 63 31.48 34.34 22.91
C LEU I 63 30.29 35.10 23.46
N ASP I 64 30.41 36.42 23.60
CA ASP I 64 29.36 37.20 24.22
C ASP I 64 28.11 37.29 23.36
N GLN I 65 28.27 37.44 22.04
CA GLN I 65 27.15 37.75 21.17
C GLN I 65 26.53 36.51 20.51
N MET I 66 27.03 35.32 20.78
CA MET I 66 26.47 34.11 20.20
C MET I 66 25.38 33.54 21.10
N ASP I 67 24.60 32.62 20.54
CA ASP I 67 23.50 32.01 21.26
C ASP I 67 24.04 30.80 22.01
N VAL I 68 23.80 30.77 23.32
CA VAL I 68 24.21 29.68 24.19
C VAL I 68 22.94 29.17 24.88
N GLN I 69 22.38 28.08 24.35
CA GLN I 69 21.11 27.55 24.84
C GLN I 69 21.28 26.33 25.75
N HIS I 70 22.26 25.48 25.48
CA HIS I 70 22.47 24.31 26.32
C HIS I 70 23.07 24.76 27.65
N PRO I 71 22.54 24.32 28.79
CA PRO I 71 22.97 24.92 30.06
C PRO I 71 24.40 24.61 30.48
N ALA I 72 25.11 23.74 29.76
CA ALA I 72 26.52 23.51 30.06
C ALA I 72 27.40 24.61 29.47
N ALA I 73 27.04 25.13 28.31
CA ALA I 73 27.84 26.18 27.67
C ALA I 73 27.84 27.47 28.45
N ARG I 74 26.77 27.74 29.21
CA ARG I 74 26.74 28.96 30.02
C ARG I 74 27.86 28.96 31.06
N MET I 75 28.19 27.80 31.62
CA MET I 75 29.29 27.73 32.56
C MET I 75 30.61 28.12 31.90
N LEU I 76 30.86 27.60 30.69
CA LEU I 76 32.11 27.93 29.99
C LEU I 76 32.16 29.41 29.64
N ILE I 77 31.04 29.98 29.18
CA ILE I 77 31.03 31.41 28.86
C ILE I 77 31.27 32.22 30.11
N GLN I 78 30.62 31.86 31.22
CA GLN I 78 30.76 32.62 32.46
C GLN I 78 32.20 32.57 32.97
N VAL I 79 32.80 31.38 32.99
CA VAL I 79 34.16 31.27 33.52
C VAL I 79 35.19 31.88 32.57
N ALA I 80 34.93 31.90 31.27
CA ALA I 80 35.85 32.55 30.35
C ALA I 80 35.78 34.07 30.50
N ARG I 81 34.57 34.63 30.56
CA ARG I 81 34.44 36.06 30.75
C ARG I 81 34.86 36.51 32.14
N ALA I 82 34.82 35.64 33.15
CA ALA I 82 35.40 36.00 34.43
C ALA I 82 36.91 36.20 34.34
N GLN I 83 37.59 35.27 33.65
CA GLN I 83 39.01 35.45 33.40
C GLN I 83 39.27 36.71 32.59
N GLU I 84 38.40 37.02 31.63
CA GLU I 84 38.51 38.29 30.93
C GLU I 84 38.35 39.48 31.87
N GLU I 85 37.39 39.43 32.79
CA GLU I 85 37.26 40.49 33.77
C GLU I 85 38.52 40.65 34.61
N GLU I 86 39.23 39.55 34.89
CA GLU I 86 40.41 39.64 35.73
C GLU I 86 41.55 40.30 34.95
N VAL I 87 41.92 39.74 33.80
CA VAL I 87 43.03 40.26 32.99
C VAL I 87 42.52 41.21 31.89
N GLY I 88 41.65 40.71 31.02
CA GLY I 88 41.20 41.45 29.86
C GLY I 88 41.57 40.86 28.52
N ASP I 89 42.17 39.67 28.49
CA ASP I 89 42.52 39.04 27.22
C ASP I 89 42.71 37.55 27.43
N GLY I 90 42.63 36.81 26.32
CA GLY I 90 42.91 35.39 26.35
C GLY I 90 41.73 34.48 26.63
N THR I 91 40.52 34.91 26.30
CA THR I 91 39.34 34.05 26.49
C THR I 91 39.28 32.91 25.48
N THR I 92 39.77 33.12 24.25
CA THR I 92 39.75 32.08 23.25
C THR I 92 40.60 30.89 23.68
N THR I 93 41.78 31.17 24.25
CA THR I 93 42.62 30.08 24.75
C THR I 93 41.95 29.32 25.87
N ALA I 94 41.28 30.02 26.78
CA ALA I 94 40.54 29.33 27.84
C ALA I 94 39.46 28.43 27.25
N THR I 95 38.71 28.92 26.27
CA THR I 95 37.66 28.13 25.67
C THR I 95 38.21 26.88 24.97
N VAL I 96 39.26 27.05 24.16
CA VAL I 96 39.77 25.91 23.41
C VAL I 96 40.44 24.90 24.34
N LEU I 97 41.14 25.39 25.38
CA LEU I 97 41.73 24.45 26.33
C LEU I 97 40.66 23.70 27.11
N ALA I 98 39.58 24.37 27.50
CA ALA I 98 38.50 23.66 28.18
C ALA I 98 37.89 22.60 27.27
N GLY I 99 37.66 22.95 26.00
CA GLY I 99 37.14 21.98 25.07
C GLY I 99 38.06 20.78 24.90
N ALA I 100 39.36 21.03 24.75
CA ALA I 100 40.31 19.94 24.60
C ALA I 100 40.37 19.06 25.84
N LEU I 101 40.42 19.67 27.03
CA LEU I 101 40.48 18.90 28.26
C LEU I 101 39.25 18.02 28.42
N VAL I 102 38.06 18.59 28.20
CA VAL I 102 36.84 17.81 28.37
C VAL I 102 36.75 16.71 27.32
N SER I 103 37.13 17.02 26.08
CA SER I 103 37.04 16.03 25.01
C SER I 103 37.98 14.87 25.27
N GLU I 104 39.22 15.15 25.67
CA GLU I 104 40.16 14.06 25.94
C GLU I 104 39.75 13.27 27.18
N GLY I 105 39.19 13.95 28.19
CA GLY I 105 38.71 13.23 29.35
C GLY I 105 37.59 12.26 29.01
N VAL I 106 36.62 12.71 28.20
CA VAL I 106 35.54 11.80 27.82
C VAL I 106 36.05 10.72 26.88
N ASN I 107 37.06 11.02 26.07
CA ASN I 107 37.67 9.99 25.25
C ASN I 107 38.28 8.90 26.12
N GLN I 108 38.92 9.29 27.22
CA GLN I 108 39.51 8.30 28.11
C GLN I 108 38.45 7.56 28.91
N VAL I 109 37.35 8.24 29.24
CA VAL I 109 36.23 7.58 29.90
C VAL I 109 35.62 6.53 28.99
N GLU I 110 35.54 6.81 27.69
CA GLU I 110 35.02 5.82 26.75
C GLU I 110 35.84 4.55 26.73
N GLN I 111 37.15 4.66 26.96
CA GLN I 111 38.02 3.49 26.97
C GLN I 111 37.79 2.57 28.16
N GLY I 112 37.12 3.05 29.21
CA GLY I 112 36.81 2.27 30.39
C GLY I 112 37.21 2.92 31.70
N VAL I 113 37.91 4.05 31.68
CA VAL I 113 38.32 4.69 32.93
C VAL I 113 37.10 5.32 33.59
N PRO I 114 36.91 5.22 34.90
CA PRO I 114 35.79 5.92 35.53
C PRO I 114 36.05 7.41 35.60
N VAL I 115 34.96 8.18 35.65
CA VAL I 115 35.04 9.62 35.51
C VAL I 115 35.78 10.27 36.68
N SER I 116 35.65 9.74 37.90
CA SER I 116 36.29 10.35 39.04
C SER I 116 37.82 10.27 38.94
N ARG I 117 38.34 9.16 38.44
CA ARG I 117 39.79 9.06 38.28
C ARG I 117 40.30 10.01 37.21
N VAL I 118 39.55 10.19 36.12
CA VAL I 118 39.94 11.17 35.11
C VAL I 118 39.92 12.57 35.72
N ILE I 119 38.95 12.86 36.59
CA ILE I 119 38.88 14.18 37.21
C ILE I 119 40.09 14.42 38.10
N GLU I 120 40.39 13.46 38.96
CA GLU I 120 41.49 13.64 39.90
C GLU I 120 42.85 13.52 39.23
N GLY I 121 42.91 12.97 38.01
CA GLY I 121 44.12 13.08 37.21
C GLY I 121 44.23 14.40 36.50
N LEU I 122 43.11 14.97 36.08
CA LEU I 122 43.11 16.31 35.50
C LEU I 122 43.57 17.33 36.51
N ARG I 123 43.16 17.18 37.76
CA ARG I 123 43.51 18.17 38.79
C ARG I 123 45.02 18.29 38.94
N ARG I 124 45.71 17.17 39.15
CA ARG I 124 47.15 17.21 39.35
C ARG I 124 47.88 17.64 38.09
N GLY I 125 47.42 17.19 36.91
CA GLY I 125 48.05 17.61 35.69
C GLY I 125 47.99 19.11 35.48
N VAL I 126 46.82 19.71 35.71
CA VAL I 126 46.70 21.15 35.55
C VAL I 126 47.49 21.87 36.64
N GLU I 127 47.56 21.32 37.84
CA GLU I 127 48.33 21.97 38.90
C GLU I 127 49.82 22.02 38.51
N ARG I 128 50.36 20.90 38.05
CA ARG I 128 51.76 20.90 37.63
C ARG I 128 51.97 21.78 36.41
N ALA I 129 51.00 21.79 35.47
CA ALA I 129 51.14 22.65 34.30
C ALA I 129 51.20 24.12 34.71
N LEU I 130 50.36 24.53 35.66
CA LEU I 130 50.45 25.89 36.17
C LEU I 130 51.79 26.15 36.84
N GLU I 131 52.30 25.20 37.63
CA GLU I 131 53.54 25.44 38.34
C GLU I 131 54.70 25.61 37.36
N LEU I 132 54.79 24.75 36.34
CA LEU I 132 55.85 24.92 35.35
C LEU I 132 55.66 26.12 34.45
N LEU I 133 54.42 26.50 34.12
CA LEU I 133 54.24 27.73 33.37
C LEU I 133 54.68 28.94 34.18
N ARG I 134 54.43 28.92 35.49
CA ARG I 134 54.96 29.98 36.36
C ARG I 134 56.48 29.97 36.37
N LYS I 135 57.08 28.78 36.42
CA LYS I 135 58.54 28.70 36.44
C LYS I 135 59.15 29.17 35.13
N GLN I 136 58.48 28.90 34.01
CA GLN I 136 59.05 29.21 32.70
C GLN I 136 58.99 30.69 32.38
N ALA I 137 58.10 31.44 33.04
CA ALA I 137 57.94 32.86 32.75
C ALA I 137 59.22 33.62 33.05
N LEU I 138 59.63 34.46 32.11
CA LEU I 138 60.86 35.25 32.22
C LEU I 138 60.49 36.70 32.47
N PRO I 139 60.89 37.34 33.56
CA PRO I 139 60.42 38.71 33.81
C PRO I 139 61.07 39.69 32.85
N VAL I 140 60.33 40.75 32.56
CA VAL I 140 60.76 41.77 31.61
C VAL I 140 61.54 42.84 32.36
N GLU I 141 62.59 43.36 31.72
CA GLU I 141 63.52 44.31 32.31
C GLU I 141 63.24 45.68 31.70
N GLY I 142 62.42 46.47 32.39
CA GLY I 142 62.13 47.82 31.97
C GLY I 142 61.14 47.85 30.80
N LEU I 143 60.63 49.06 30.56
CA LEU I 143 59.66 49.28 29.48
C LEU I 143 60.32 49.67 28.17
N ASP I 144 61.64 49.88 28.15
CA ASP I 144 62.38 50.03 26.91
C ASP I 144 62.75 48.69 26.28
N ASP I 145 62.44 47.58 26.93
CA ASP I 145 62.82 46.27 26.42
C ASP I 145 62.02 45.96 25.16
N PRO I 146 62.62 45.41 24.10
CA PRO I 146 61.83 45.13 22.89
C PRO I 146 60.72 44.10 23.08
N ARG I 147 60.75 43.29 24.13
CA ARG I 147 59.67 42.33 24.33
C ARG I 147 58.34 43.02 24.61
N LEU I 148 58.34 44.23 25.16
CA LEU I 148 57.09 44.98 25.25
C LEU I 148 56.55 45.34 23.88
N ARG I 149 57.43 45.73 22.96
CA ARG I 149 56.99 45.97 21.59
C ARG I 149 56.45 44.70 20.98
N ALA I 150 57.10 43.57 21.24
CA ALA I 150 56.62 42.29 20.72
C ALA I 150 55.25 41.94 21.26
N VAL I 151 55.04 42.12 22.57
CA VAL I 151 53.77 41.74 23.19
C VAL I 151 52.67 42.74 22.90
N ALA I 152 53.01 43.96 22.48
CA ALA I 152 52.02 44.92 22.00
C ALA I 152 51.63 44.70 20.56
N ARG I 153 52.60 44.31 19.71
CA ARG I 153 52.29 44.11 18.29
C ARG I 153 51.33 42.96 18.08
N ILE I 154 51.45 41.88 18.87
CA ILE I 154 50.55 40.74 18.70
C ILE I 154 49.11 41.14 18.96
N ALA I 155 48.87 41.92 20.01
CA ALA I 155 47.51 42.22 20.44
C ALA I 155 46.76 43.14 19.49
N ALA I 156 47.47 43.87 18.63
CA ALA I 156 46.85 44.80 17.70
C ALA I 156 46.59 44.16 16.34
N ARG I 157 46.46 42.84 16.28
CA ARG I 157 46.32 42.11 15.02
C ARG I 157 47.49 42.42 14.09
N GLU I 158 48.68 42.49 14.67
CA GLU I 158 49.92 42.78 13.94
C GLU I 158 49.84 44.12 13.22
N ARG I 159 49.24 45.11 13.87
CA ARG I 159 49.21 46.49 13.37
C ARG I 159 50.04 47.34 14.31
N GLU I 160 51.03 48.04 13.77
CA GLU I 160 51.97 48.80 14.58
C GLU I 160 51.42 50.13 15.06
N ASP I 161 50.34 50.64 14.46
CA ASP I 161 49.86 51.97 14.84
C ASP I 161 49.30 51.99 16.26
N ILE I 162 48.54 50.96 16.65
CA ILE I 162 48.15 50.86 18.06
C ILE I 162 49.37 50.47 18.90
N ALA I 163 50.24 49.63 18.35
CA ALA I 163 51.33 49.08 19.14
C ALA I 163 52.29 50.16 19.61
N ASP I 164 52.46 51.22 18.81
CA ASP I 164 53.33 52.30 19.24
C ASP I 164 52.71 53.13 20.36
N LEU I 165 51.42 53.49 20.23
CA LEU I 165 50.89 54.41 21.23
C LEU I 165 50.63 53.70 22.55
N VAL I 166 50.34 52.39 22.52
CA VAL I 166 50.13 51.70 23.80
C VAL I 166 51.42 51.68 24.61
N VAL I 167 52.54 51.33 24.00
CA VAL I 167 53.80 51.33 24.71
C VAL I 167 54.28 52.74 25.05
N GLU I 168 53.95 53.74 24.20
CA GLU I 168 54.26 55.12 24.56
C GLU I 168 53.54 55.51 25.84
N ALA I 169 52.25 55.22 25.93
CA ALA I 169 51.51 55.49 27.16
C ALA I 169 52.07 54.69 28.32
N ALA I 170 52.46 53.43 28.08
CA ALA I 170 53.01 52.61 29.15
C ALA I 170 54.27 53.23 29.73
N ARG I 171 55.18 53.71 28.89
CA ARG I 171 56.36 54.38 29.42
C ARG I 171 56.01 55.73 30.02
N HIS I 172 54.93 56.37 29.57
CA HIS I 172 54.49 57.61 30.21
C HIS I 172 54.05 57.34 31.64
N ILE I 173 53.39 56.22 31.89
CA ILE I 173 52.81 55.97 33.21
C ILE I 173 53.90 55.67 34.24
N GLY I 174 54.61 54.56 34.06
CA GLY I 174 55.67 54.16 34.97
C GLY I 174 55.43 52.79 35.56
N GLU I 175 56.47 52.30 36.24
CA GLU I 175 56.49 50.92 36.73
C GLU I 175 55.56 50.73 37.93
N ASP I 176 55.83 51.44 39.02
CA ASP I 176 55.07 51.24 40.25
C ASP I 176 53.61 51.63 40.08
N LYS I 177 53.31 52.69 39.32
CA LYS I 177 51.93 53.05 39.07
C LYS I 177 51.21 51.95 38.30
N LEU I 178 51.92 51.24 37.43
CA LEU I 178 51.37 50.07 36.76
C LEU I 178 51.24 48.86 37.68
N GLN I 179 52.07 48.78 38.72
CA GLN I 179 52.01 47.68 39.67
C GLN I 179 50.79 47.74 40.57
N ASP I 180 50.02 48.83 40.55
CA ASP I 180 48.87 48.95 41.43
C ASP I 180 47.81 47.93 41.04
N PRO I 181 47.38 47.02 41.92
CA PRO I 181 46.36 46.04 41.51
C PRO I 181 44.99 46.64 41.28
N ASN I 182 44.73 47.85 41.79
CA ASN I 182 43.43 48.49 41.63
C ASN I 182 43.33 49.31 40.34
N PHE I 183 44.39 49.41 39.56
CA PHE I 183 44.45 50.26 38.38
C PHE I 183 44.58 49.39 37.13
N LYS I 184 43.69 49.63 36.16
CA LYS I 184 43.72 48.96 34.86
C LYS I 184 43.69 50.02 33.79
N LEU I 185 44.72 50.05 32.94
CA LEU I 185 44.82 51.08 31.91
C LEU I 185 43.97 50.78 30.69
N ALA I 186 43.34 49.60 30.63
CA ALA I 186 42.40 49.31 29.56
C ALA I 186 41.22 50.26 29.56
N ASP I 187 40.83 50.78 30.72
CA ASP I 187 39.80 51.82 30.79
C ASP I 187 40.34 53.20 30.44
N THR I 188 41.66 53.41 30.49
CA THR I 188 42.26 54.70 30.26
C THR I 188 42.60 54.96 28.80
N VAL I 189 41.91 54.29 27.86
CA VAL I 189 42.07 54.52 26.43
C VAL I 189 40.70 54.87 25.86
N THR I 190 40.66 55.95 25.09
CA THR I 190 39.43 56.45 24.48
C THR I 190 39.66 56.65 22.99
N ALA I 191 38.75 56.11 22.18
CA ALA I 191 38.83 56.21 20.73
C ALA I 191 37.77 57.18 20.23
N ARG I 192 38.20 58.16 19.43
CA ARG I 192 37.31 59.16 18.84
C ARG I 192 37.52 59.19 17.34
N GLU I 193 36.41 59.26 16.60
CA GLU I 193 36.46 59.21 15.15
C GLU I 193 37.06 60.49 14.58
N GLY I 194 37.83 60.33 13.50
CA GLY I 194 38.38 61.47 12.79
C GLY I 194 39.55 62.15 13.47
N ALA I 195 40.07 61.59 14.55
CA ALA I 195 41.17 62.17 15.30
C ALA I 195 42.48 61.46 14.97
N GLU I 196 43.59 62.11 15.31
CA GLU I 196 44.91 61.54 15.13
C GLU I 196 45.21 60.61 16.30
N ASN I 197 46.44 60.09 16.35
CA ASN I 197 46.87 59.14 17.37
C ASN I 197 47.83 59.85 18.32
N GLN I 198 47.40 60.08 19.55
CA GLN I 198 48.26 60.68 20.56
C GLN I 198 47.74 60.34 21.95
N VAL I 199 48.61 60.55 22.94
CA VAL I 199 48.31 60.37 24.35
C VAL I 199 48.35 61.72 25.02
N ILE I 200 47.25 62.10 25.67
CA ILE I 200 47.14 63.38 26.37
C ILE I 200 47.26 63.15 27.86
N THR I 356 45.46 59.94 29.15
CA THR I 356 44.39 59.55 28.23
C THR I 356 44.98 59.18 26.87
N VAL I 357 44.74 57.94 26.45
CA VAL I 357 45.26 57.41 25.19
C VAL I 357 44.21 57.67 24.12
N LEU I 358 44.39 58.74 23.36
CA LEU I 358 43.46 59.09 22.29
C LEU I 358 43.81 58.26 21.06
N VAL I 359 42.91 57.35 20.67
CA VAL I 359 43.13 56.45 19.56
C VAL I 359 42.31 56.96 18.38
N GLY I 360 42.98 57.17 17.25
CA GLY I 360 42.29 57.67 16.07
C GLY I 360 41.46 56.60 15.40
N ALA I 361 40.45 57.06 14.65
CA ALA I 361 39.61 56.16 13.87
C ALA I 361 39.08 56.93 12.66
N ALA I 362 38.69 56.18 11.63
CA ALA I 362 38.24 56.79 10.39
C ALA I 362 36.78 57.23 10.47
N THR I 363 35.88 56.27 10.65
CA THR I 363 34.44 56.51 10.71
C THR I 363 33.92 56.15 12.10
N GLU I 364 32.65 56.50 12.35
CA GLU I 364 32.04 56.20 13.63
C GLU I 364 31.91 54.69 13.84
N GLU I 365 31.61 53.94 12.76
CA GLU I 365 31.50 52.49 12.88
C GLU I 365 32.86 51.83 13.07
N VAL I 366 33.94 52.46 12.59
CA VAL I 366 35.27 51.89 12.79
C VAL I 366 35.69 51.97 14.25
N VAL I 367 35.07 52.86 15.03
CA VAL I 367 35.46 53.04 16.43
C VAL I 367 35.20 51.77 17.23
N GLY I 368 34.15 51.02 16.89
CA GLY I 368 33.76 49.89 17.70
C GLY I 368 34.84 48.81 17.79
N GLU I 369 35.46 48.49 16.66
CA GLU I 369 36.51 47.47 16.65
C GLU I 369 37.87 48.03 17.06
N ARG I 370 38.16 49.28 16.71
CA ARG I 370 39.42 49.89 17.11
C ARG I 370 39.51 50.05 18.62
N GLU I 371 38.42 50.43 19.27
CA GLU I 371 38.42 50.57 20.72
C GLU I 371 38.68 49.21 21.37
N ARG I 372 38.05 48.14 20.87
CA ARG I 372 38.28 46.81 21.42
C ARG I 372 39.73 46.39 21.25
N VAL I 373 40.31 46.64 20.07
CA VAL I 373 41.71 46.30 19.84
C VAL I 373 42.60 47.10 20.79
N ALA I 374 42.26 48.37 21.02
CA ALA I 374 43.05 49.19 21.94
C ALA I 374 42.99 48.63 23.36
N LYS I 375 41.81 48.23 23.82
CA LYS I 375 41.73 47.61 25.14
C LYS I 375 42.51 46.31 25.21
N ASP I 376 42.47 45.50 24.15
CA ASP I 376 43.23 44.25 24.17
C ASP I 376 44.73 44.53 24.30
N ALA I 377 45.24 45.46 23.52
CA ALA I 377 46.66 45.81 23.63
C ALA I 377 46.99 46.40 24.99
N ALA I 378 46.09 47.22 25.53
CA ALA I 378 46.31 47.79 26.85
C ALA I 378 46.40 46.71 27.91
N SER I 379 45.48 45.73 27.86
CA SER I 379 45.52 44.65 28.83
C SER I 379 46.78 43.82 28.68
N ALA I 380 47.21 43.56 27.45
CA ALA I 380 48.44 42.79 27.26
C ALA I 380 49.65 43.53 27.84
N VAL I 381 49.75 44.84 27.57
CA VAL I 381 50.87 45.60 28.08
C VAL I 381 50.82 45.68 29.60
N GLN I 382 49.61 45.77 30.17
CA GLN I 382 49.50 45.77 31.63
C GLN I 382 49.99 44.45 32.21
N ALA I 383 49.52 43.33 31.65
CA ALA I 383 49.89 42.03 32.18
C ALA I 383 51.37 41.73 32.01
N ALA I 384 52.00 42.25 30.95
CA ALA I 384 53.40 41.95 30.70
C ALA I 384 54.30 42.43 31.83
N ILE I 385 54.05 43.64 32.34
CA ILE I 385 54.88 44.16 33.42
C ILE I 385 54.58 43.42 34.71
N ARG I 386 53.30 43.14 34.98
CA ARG I 386 52.93 42.51 36.24
C ARG I 386 53.52 41.11 36.36
N GLY I 387 53.39 40.29 35.31
CA GLY I 387 53.69 38.87 35.41
C GLY I 387 54.72 38.33 34.44
N GLY I 388 55.40 39.21 33.71
CA GLY I 388 56.39 38.76 32.76
C GLY I 388 55.78 38.30 31.45
N VAL I 389 56.63 37.65 30.65
CA VAL I 389 56.27 37.21 29.31
C VAL I 389 56.63 35.74 29.15
N VAL I 390 55.94 35.09 28.21
CA VAL I 390 56.08 33.65 27.97
C VAL I 390 56.14 33.44 26.46
N PRO I 391 56.90 32.45 25.95
CA PRO I 391 56.88 32.20 24.49
C PRO I 391 55.49 31.84 23.97
N GLY I 392 54.96 32.69 23.11
CA GLY I 392 53.61 32.53 22.61
C GLY I 392 53.52 31.53 21.47
N GLY I 393 52.35 31.49 20.87
CA GLY I 393 52.09 30.58 19.77
C GLY I 393 51.97 29.13 20.17
N GLY I 394 51.74 28.83 21.44
CA GLY I 394 51.63 27.47 21.91
C GLY I 394 52.94 26.79 22.21
N ALA I 395 54.07 27.48 22.06
CA ALA I 395 55.36 26.86 22.38
C ALA I 395 55.46 26.53 23.86
N ALA I 396 54.99 27.43 24.73
CA ALA I 396 55.03 27.16 26.16
C ALA I 396 54.12 26.00 26.55
N GLU I 397 52.94 25.92 25.94
CA GLU I 397 52.05 24.79 26.19
C GLU I 397 52.70 23.49 25.78
N LEU I 398 53.35 23.46 24.62
CA LEU I 398 54.09 22.28 24.20
C LEU I 398 55.21 21.95 25.18
N ALA I 399 55.90 22.97 25.68
CA ALA I 399 56.98 22.74 26.64
C ALA I 399 56.46 22.06 27.90
N VAL I 400 55.34 22.55 28.44
CA VAL I 400 54.82 21.93 29.66
C VAL I 400 54.15 20.59 29.39
N ALA I 401 53.74 20.32 28.14
CA ALA I 401 53.11 19.04 27.84
C ALA I 401 54.06 17.87 28.07
N ARG I 402 55.33 18.02 27.72
CA ARG I 402 56.29 16.93 27.90
C ARG I 402 56.47 16.61 29.38
N GLU I 403 56.59 17.64 30.22
CA GLU I 403 56.75 17.41 31.65
C GLU I 403 55.47 16.85 32.27
N VAL I 404 54.31 17.26 31.78
CA VAL I 404 53.07 16.66 32.27
C VAL I 404 53.01 15.19 31.88
N GLU I 405 53.52 14.84 30.70
CA GLU I 405 53.64 13.42 30.33
C GLU I 405 54.56 12.68 31.30
N LYS I 406 55.67 13.30 31.68
CA LYS I 406 56.54 12.68 32.67
C LYS I 406 55.84 12.48 34.01
N LEU I 407 55.06 13.47 34.45
CA LEU I 407 54.23 13.28 35.65
C LEU I 407 53.28 12.10 35.46
N ALA I 408 52.65 12.01 34.29
CA ALA I 408 51.75 10.89 34.00
C ALA I 408 52.46 9.56 34.15
N GLU I 409 53.70 9.48 33.68
CA GLU I 409 54.52 8.30 33.92
C GLU I 409 54.86 8.10 35.39
N GLU I 410 54.84 9.17 36.20
CA GLU I 410 55.11 9.09 37.62
C GLU I 410 53.87 8.76 38.45
N VAL I 411 52.68 9.08 37.97
CA VAL I 411 51.46 8.86 38.76
C VAL I 411 51.17 7.36 38.80
N LYS I 412 50.59 6.91 39.91
CA LYS I 412 50.31 5.50 40.14
C LYS I 412 48.83 5.23 39.91
N GLY I 413 48.54 4.15 39.21
CA GLY I 413 47.19 3.63 39.10
C GLY I 413 46.43 4.18 37.91
N MET I 414 45.12 3.97 37.94
CA MET I 414 44.23 4.44 36.88
C MET I 414 44.18 5.96 36.79
N GLU I 415 44.57 6.66 37.85
CA GLU I 415 44.48 8.11 37.86
C GLU I 415 45.50 8.77 36.94
N ARG I 416 46.47 8.01 36.41
CA ARG I 416 47.44 8.58 35.48
C ARG I 416 46.80 9.01 34.17
N TYR I 417 45.69 8.37 33.79
CA TYR I 417 45.09 8.65 32.49
C TYR I 417 44.48 10.04 32.39
N GLY I 418 44.26 10.71 33.51
CA GLY I 418 43.88 12.12 33.45
C GLY I 418 45.05 13.04 33.16
N VAL I 419 46.25 12.66 33.62
CA VAL I 419 47.43 13.47 33.33
C VAL I 419 47.73 13.44 31.84
N GLU I 420 47.51 12.29 31.18
CA GLU I 420 47.60 12.26 29.73
C GLU I 420 46.55 13.13 29.08
N ALA I 421 45.36 13.22 29.67
CA ALA I 421 44.35 14.11 29.13
C ALA I 421 44.79 15.57 29.22
N VAL I 422 45.45 15.94 30.32
CA VAL I 422 45.98 17.30 30.42
C VAL I 422 47.08 17.52 29.38
N ALA I 423 47.98 16.55 29.24
CA ALA I 423 49.08 16.70 28.29
C ALA I 423 48.59 16.83 26.86
N GLU I 424 47.62 16.00 26.47
CA GLU I 424 47.09 16.08 25.11
C GLU I 424 46.32 17.37 24.89
N ALA I 425 45.63 17.86 25.92
CA ALA I 425 44.84 19.07 25.78
C ALA I 425 45.71 20.31 25.63
N LEU I 426 46.91 20.30 26.22
CA LEU I 426 47.78 21.46 26.14
C LEU I 426 48.33 21.67 24.73
N LYS I 427 48.50 20.60 23.95
CA LYS I 427 48.98 20.75 22.59
C LYS I 427 47.91 21.20 21.60
N LYS I 428 46.64 21.21 22.01
CA LYS I 428 45.57 21.68 21.14
C LYS I 428 45.76 23.14 20.75
N PRO I 429 46.18 24.03 21.66
CA PRO I 429 46.52 25.40 21.23
C PRO I 429 47.48 25.47 20.05
N LEU I 430 48.68 24.89 20.18
CA LEU I 430 49.63 24.95 19.07
C LEU I 430 49.11 24.23 17.84
N ARG I 431 48.41 23.12 18.03
CA ARG I 431 47.84 22.39 16.90
C ARG I 431 46.88 23.27 16.11
N GLN I 432 46.04 24.04 16.80
CA GLN I 432 45.08 24.89 16.10
C GLN I 432 45.73 26.13 15.52
N ILE I 433 46.74 26.70 16.19
CA ILE I 433 47.48 27.81 15.57
C ILE I 433 48.15 27.34 14.29
N VAL I 434 48.64 26.10 14.26
CA VAL I 434 49.24 25.59 13.04
C VAL I 434 48.17 25.33 11.98
N ALA I 435 47.04 24.75 12.39
CA ALA I 435 45.98 24.43 11.43
C ALA I 435 45.40 25.67 10.78
N ASN I 436 45.14 26.71 11.56
CA ASN I 436 44.59 27.95 11.02
C ASN I 436 45.56 28.66 10.10
N ALA I 437 46.86 28.48 10.29
CA ALA I 437 47.86 29.05 9.39
C ALA I 437 47.93 28.33 8.05
N GLY I 438 47.34 27.14 7.95
CA GLY I 438 47.28 26.41 6.70
C GLY I 438 48.34 25.35 6.51
N PHE I 439 48.73 24.63 7.55
CA PHE I 439 49.65 23.51 7.47
C PHE I 439 48.99 22.26 8.07
N ASN I 440 49.57 21.11 7.77
CA ASN I 440 49.11 19.87 8.36
C ASN I 440 49.61 19.79 9.80
N PRO I 441 48.74 19.74 10.82
CA PRO I 441 49.25 19.80 12.20
C PRO I 441 50.14 18.65 12.59
N LEU I 442 49.94 17.46 12.03
CA LEU I 442 50.68 16.29 12.47
C LEU I 442 52.16 16.40 12.12
N GLU I 443 52.48 16.73 10.87
CA GLU I 443 53.87 16.86 10.47
C GLU I 443 54.55 18.06 11.12
N LYS I 444 53.82 19.16 11.30
CA LYS I 444 54.38 20.33 11.94
C LYS I 444 54.48 20.21 13.45
N LEU I 445 53.84 19.19 14.04
CA LEU I 445 54.15 18.79 15.40
C LEU I 445 55.31 17.81 15.44
N GLY I 446 55.43 16.94 14.45
CA GLY I 446 56.57 16.04 14.41
C GLY I 446 57.88 16.78 14.31
N ASP I 447 57.96 17.76 13.41
CA ASP I 447 59.18 18.53 13.29
C ASP I 447 59.41 19.48 14.46
N LEU I 448 58.38 19.71 15.30
CA LEU I 448 58.56 20.51 16.49
C LEU I 448 59.09 19.68 17.65
N ARG I 449 58.57 18.47 17.82
CA ARG I 449 59.19 17.50 18.72
C ARG I 449 60.56 17.07 18.22
N ALA I 450 60.86 17.28 16.93
CA ALA I 450 62.18 16.94 16.41
C ALA I 450 63.27 17.74 17.10
N ALA I 451 63.08 19.05 17.25
CA ALA I 451 64.12 19.96 17.69
C ALA I 451 64.00 20.38 19.15
N HIS I 452 63.09 19.79 19.91
CA HIS I 452 62.90 20.15 21.32
C HIS I 452 63.86 19.38 22.24
N ARG I 453 64.82 18.65 21.70
CA ARG I 453 65.76 17.85 22.48
C ARG I 453 67.03 18.60 22.83
N THR I 454 67.19 19.84 22.37
CA THR I 454 68.44 20.58 22.56
C THR I 454 68.60 21.13 23.97
N GLY I 455 67.64 20.92 24.86
CA GLY I 455 67.68 21.45 26.21
C GLY I 455 66.88 22.73 26.39
N ASN I 456 66.54 23.42 25.31
CA ASN I 456 65.71 24.61 25.37
C ASN I 456 64.24 24.22 25.17
N ASP I 457 63.36 24.92 25.88
CA ASP I 457 61.92 24.64 25.86
C ASP I 457 61.13 25.84 25.34
N SER I 458 61.75 26.65 24.47
CA SER I 458 61.14 27.83 23.89
C SER I 458 61.14 27.79 22.37
N LEU I 459 61.15 26.61 21.76
CA LEU I 459 61.21 26.49 20.31
C LEU I 459 59.81 26.26 19.76
N GLY I 460 59.38 27.18 18.88
CA GLY I 460 58.04 27.14 18.30
C GLY I 460 58.06 27.12 16.79
N ILE I 461 56.92 27.39 16.17
CA ILE I 461 56.72 27.26 14.73
C ILE I 461 56.25 28.60 14.17
N ASP I 462 56.88 29.03 13.08
CA ASP I 462 56.45 30.25 12.42
C ASP I 462 55.13 30.04 11.68
N CYS I 463 54.36 31.11 11.55
CA CYS I 463 53.00 31.06 11.05
C CYS I 463 52.87 31.53 9.60
N ASP I 464 53.99 31.72 8.90
CA ASP I 464 53.99 32.15 7.50
C ASP I 464 54.74 31.20 6.58
N THR I 465 55.87 30.66 7.02
CA THR I 465 56.67 29.74 6.22
C THR I 465 56.60 28.29 6.71
N GLY I 466 56.09 28.06 7.92
CA GLY I 466 56.00 26.71 8.45
C GLY I 466 57.30 26.15 8.97
N GLU I 467 58.32 26.97 9.14
CA GLU I 467 59.64 26.54 9.59
C GLU I 467 59.73 26.64 11.11
N VAL I 468 60.43 25.69 11.72
CA VAL I 468 60.61 25.70 13.16
C VAL I 468 61.70 26.71 13.50
N VAL I 469 61.33 27.73 14.28
CA VAL I 469 62.24 28.82 14.64
C VAL I 469 62.05 29.13 16.13
N ASP I 470 63.15 29.54 16.76
CA ASP I 470 63.12 29.89 18.16
C ASP I 470 62.18 31.06 18.39
N MET I 471 61.35 30.96 19.43
CA MET I 471 60.17 31.81 19.52
C MET I 471 60.52 33.23 19.92
N TRP I 472 61.68 33.43 20.56
CA TRP I 472 62.04 34.74 21.11
C TRP I 472 62.38 35.73 20.01
N GLU I 473 63.16 35.30 19.02
CA GLU I 473 63.55 36.19 17.93
C GLU I 473 62.48 36.30 16.85
N ALA I 474 61.45 35.45 16.88
CA ALA I 474 60.32 35.62 15.98
C ALA I 474 59.59 36.93 16.25
N GLY I 475 59.67 37.46 17.46
CA GLY I 475 59.09 38.75 17.78
C GLY I 475 57.64 38.73 18.20
N VAL I 476 57.06 37.56 18.46
CA VAL I 476 55.67 37.44 18.94
C VAL I 476 55.70 36.74 20.28
N ILE I 477 55.00 37.31 21.26
CA ILE I 477 55.13 36.94 22.67
C ILE I 477 53.79 37.19 23.33
N ASP I 478 53.44 36.37 24.32
CA ASP I 478 52.13 36.38 24.96
C ASP I 478 52.31 36.62 26.46
N PRO I 479 51.54 37.51 27.11
CA PRO I 479 51.76 37.72 28.55
C PRO I 479 51.48 36.48 29.38
N ALA I 480 52.29 36.29 30.41
CA ALA I 480 52.24 35.10 31.25
C ALA I 480 50.93 34.99 32.04
N PRO I 481 50.46 36.05 32.70
CA PRO I 481 49.19 35.93 33.43
C PRO I 481 48.03 35.51 32.54
N VAL I 482 48.02 35.92 31.28
CA VAL I 482 46.93 35.56 30.38
C VAL I 482 46.84 34.04 30.24
N LYS I 483 47.95 33.39 29.91
CA LYS I 483 47.95 31.94 29.78
C LYS I 483 47.78 31.22 31.11
N LEU I 484 48.37 31.74 32.19
CA LEU I 484 48.18 31.13 33.50
C LEU I 484 46.71 31.07 33.87
N HIS I 485 46.02 32.19 33.76
CA HIS I 485 44.62 32.24 34.13
C HIS I 485 43.73 31.53 33.12
N ALA I 486 44.10 31.53 31.84
CA ALA I 486 43.34 30.76 30.86
C ALA I 486 43.40 29.27 31.18
N LEU I 487 44.59 28.76 31.49
CA LEU I 487 44.72 27.34 31.82
C LEU I 487 44.02 27.02 33.14
N LYS I 488 44.10 27.91 34.13
CA LYS I 488 43.40 27.68 35.38
C LYS I 488 41.89 27.62 35.15
N ALA I 489 41.35 28.54 34.35
CA ALA I 489 39.93 28.51 34.07
C ALA I 489 39.54 27.27 33.27
N ALA I 490 40.38 26.85 32.32
CA ALA I 490 40.10 25.65 31.56
C ALA I 490 40.05 24.43 32.46
N GLY I 491 41.01 24.30 33.37
CA GLY I 491 40.97 23.20 34.33
C GLY I 491 39.76 23.23 35.23
N GLU I 492 39.42 24.41 35.76
CA GLU I 492 38.26 24.52 36.63
C GLU I 492 36.98 24.13 35.92
N VAL I 493 36.74 24.66 34.72
CA VAL I 493 35.52 24.32 34.00
C VAL I 493 35.51 22.88 33.52
N ALA I 494 36.67 22.32 33.13
CA ALA I 494 36.70 20.91 32.76
C ALA I 494 36.33 20.03 33.93
N ALA I 495 36.86 20.32 35.13
CA ALA I 495 36.46 19.56 36.30
C ALA I 495 34.97 19.72 36.58
N ALA I 496 34.46 20.96 36.48
CA ALA I 496 33.06 21.21 36.79
C ALA I 496 32.12 20.50 35.83
N ILE I 497 32.49 20.36 34.56
CA ILE I 497 31.60 19.76 33.56
C ILE I 497 31.80 18.26 33.50
N LEU I 498 32.96 17.76 33.92
CA LEU I 498 33.15 16.32 34.05
C LEU I 498 32.47 15.76 35.28
N ARG I 499 32.40 16.53 36.36
CA ARG I 499 31.80 16.04 37.60
C ARG I 499 30.28 15.90 37.52
N ILE I 500 29.65 16.41 36.46
CA ILE I 500 28.23 16.22 36.27
C ILE I 500 27.99 14.80 35.79
N ASN I 501 26.96 14.15 36.34
CA ASN I 501 26.64 12.76 36.00
C ASN I 501 25.17 12.53 35.65
N THR I 502 24.25 13.41 36.03
CA THR I 502 22.83 13.22 35.78
C THR I 502 22.16 14.55 35.45
N ILE I 503 21.02 14.45 34.79
CA ILE I 503 20.17 15.57 34.42
C ILE I 503 18.80 15.34 35.03
N ILE I 504 18.27 16.33 35.73
CA ILE I 504 16.95 16.26 36.34
C ILE I 504 16.23 17.57 36.05
N LYS I 505 14.91 17.49 35.81
CA LYS I 505 14.11 18.70 35.68
C LYS I 505 13.63 19.16 37.06
N MET I 506 13.13 20.38 37.11
CA MET I 506 12.89 21.12 38.34
C MET I 506 11.39 21.41 38.50
N LYS I 507 11.06 22.30 39.45
CA LYS I 507 9.68 22.46 39.93
C LYS I 507 8.69 22.70 38.80
N ALA J 12 40.53 7.89 -3.54
CA ALA J 12 41.26 8.05 -2.29
C ALA J 12 40.59 7.27 -1.15
N ASP J 13 39.26 7.30 -1.09
CA ASP J 13 38.55 6.50 -0.11
C ASP J 13 38.65 5.02 -0.44
N GLU J 14 38.60 4.66 -1.72
CA GLU J 14 38.72 3.26 -2.09
C GLU J 14 40.10 2.70 -1.78
N ARG J 15 41.14 3.52 -1.93
CA ARG J 15 42.48 3.08 -1.53
C ARG J 15 42.54 2.81 -0.04
N PHE J 16 41.91 3.69 0.76
CA PHE J 16 41.85 3.45 2.20
C PHE J 16 40.89 2.31 2.54
N GLN J 17 39.79 2.22 1.81
CA GLN J 17 38.74 1.25 2.17
C GLN J 17 39.23 -0.14 1.81
N ALA J 18 40.07 -0.29 0.81
CA ALA J 18 40.71 -1.58 0.54
C ALA J 18 41.69 -1.94 1.64
N LEU J 19 42.37 -0.95 2.22
CA LEU J 19 43.25 -1.25 3.35
C LEU J 19 42.44 -1.66 4.58
N LEU J 20 41.36 -0.94 4.87
CA LEU J 20 40.52 -1.29 6.00
C LEU J 20 39.90 -2.67 5.83
N THR J 21 39.62 -3.07 4.60
CA THR J 21 39.15 -4.43 4.34
C THR J 21 40.19 -5.46 4.75
N ASN J 22 41.47 -5.16 4.48
CA ASN J 22 42.53 -6.09 4.87
C ASN J 22 42.77 -6.10 6.37
N VAL J 23 42.61 -4.95 7.03
CA VAL J 23 42.88 -4.88 8.46
C VAL J 23 41.88 -5.73 9.23
N ASN J 24 40.60 -5.59 8.89
CA ASN J 24 39.57 -6.38 9.56
C ASN J 24 39.77 -7.87 9.36
N ALA J 25 40.35 -8.28 8.24
CA ALA J 25 40.67 -9.69 8.04
C ALA J 25 41.74 -10.14 9.02
N VAL J 26 42.78 -9.34 9.22
CA VAL J 26 43.83 -9.72 10.15
C VAL J 26 43.33 -9.66 11.58
N ARG J 27 42.50 -8.67 11.90
CA ARG J 27 41.94 -8.55 13.25
C ARG J 27 41.09 -9.76 13.59
N ALA J 28 40.35 -10.29 12.62
CA ALA J 28 39.51 -11.45 12.87
C ALA J 28 40.34 -12.66 13.29
N ILE J 29 41.48 -12.88 12.63
CA ILE J 29 42.34 -14.00 13.00
C ILE J 29 42.97 -13.75 14.36
N ALA J 30 43.45 -12.53 14.60
CA ALA J 30 44.08 -12.21 15.86
C ALA J 30 43.10 -12.19 17.03
N ASP J 31 41.84 -11.81 16.78
CA ASP J 31 40.87 -11.76 17.86
C ASP J 31 40.51 -13.15 18.36
N ALA J 32 40.54 -14.14 17.48
CA ALA J 32 40.22 -15.52 17.84
C ALA J 32 41.41 -16.28 18.41
N VAL J 33 42.59 -15.66 18.47
CA VAL J 33 43.80 -16.32 18.95
C VAL J 33 44.36 -15.58 20.16
N GLU J 34 44.07 -14.28 20.27
CA GLU J 34 44.63 -13.49 21.36
C GLU J 34 44.13 -13.93 22.72
N GLY J 35 42.99 -14.62 22.79
CA GLY J 35 42.50 -15.09 24.06
C GLY J 35 43.22 -16.29 24.63
N THR J 36 44.12 -16.91 23.86
CA THR J 36 44.85 -18.08 24.29
C THR J 36 46.23 -17.74 24.85
N LEU J 37 46.51 -16.47 25.11
CA LEU J 37 47.83 -16.06 25.57
C LEU J 37 47.95 -16.19 27.08
N GLY J 38 49.15 -16.55 27.52
CA GLY J 38 49.48 -16.55 28.93
C GLY J 38 49.13 -17.85 29.63
N PRO J 39 49.60 -18.01 30.88
CA PRO J 39 49.26 -19.23 31.61
C PRO J 39 47.78 -19.36 31.90
N LYS J 40 47.08 -18.25 32.12
CA LYS J 40 45.65 -18.23 32.39
C LYS J 40 44.85 -17.93 31.13
N GLY J 41 45.34 -18.40 29.99
CA GLY J 41 44.65 -18.17 28.74
C GLY J 41 43.40 -19.03 28.63
N LEU J 42 42.48 -18.54 27.80
CA LEU J 42 41.20 -19.18 27.57
C LEU J 42 41.27 -20.03 26.30
N ASP J 43 40.47 -21.09 26.29
CA ASP J 43 40.41 -21.99 25.15
C ASP J 43 39.31 -21.55 24.18
N VAL J 44 39.40 -22.07 22.97
CA VAL J 44 38.53 -21.67 21.86
C VAL J 44 37.94 -22.93 21.23
N MET J 45 36.65 -22.90 20.94
CA MET J 45 35.93 -24.06 20.43
C MET J 45 35.82 -23.98 18.91
N LEU J 46 36.15 -25.09 18.25
CA LEU J 46 36.12 -25.21 16.79
C LEU J 46 35.02 -26.19 16.41
N VAL J 47 34.19 -25.80 15.45
CA VAL J 47 33.03 -26.60 15.02
C VAL J 47 33.08 -26.79 13.52
N ASP J 48 32.61 -27.96 13.08
CA ASP J 48 32.54 -28.34 11.68
C ASP J 48 31.09 -28.29 11.20
N LYS J 49 30.90 -28.62 9.93
CA LYS J 49 29.55 -28.90 9.42
C LYS J 49 29.03 -30.21 9.98
N PHE J 50 29.89 -31.20 10.15
CA PHE J 50 29.50 -32.48 10.74
C PHE J 50 29.27 -32.39 12.24
N GLY J 51 29.72 -31.31 12.89
CA GLY J 51 29.52 -31.14 14.32
C GLY J 51 30.67 -31.57 15.19
N GLU J 52 31.79 -31.99 14.61
CA GLU J 52 32.95 -32.36 15.41
C GLU J 52 33.48 -31.14 16.15
N VAL J 53 34.07 -31.40 17.33
CA VAL J 53 34.50 -30.35 18.24
C VAL J 53 35.98 -30.53 18.53
N THR J 54 36.69 -29.41 18.62
CA THR J 54 38.09 -29.39 19.05
C THR J 54 38.25 -28.24 20.03
N ILE J 55 38.54 -28.57 21.28
CA ILE J 55 38.75 -27.61 22.35
C ILE J 55 40.24 -27.55 22.60
N THR J 56 40.86 -26.41 22.28
CA THR J 56 42.30 -26.29 22.37
C THR J 56 42.67 -24.85 22.69
N ASN J 57 43.79 -24.69 23.39
CA ASN J 57 44.36 -23.38 23.69
C ASN J 57 45.76 -23.21 23.12
N ASP J 58 46.29 -24.19 22.40
CA ASP J 58 47.60 -24.05 21.77
C ASP J 58 47.46 -23.23 20.49
N GLY J 59 48.35 -22.25 20.33
CA GLY J 59 48.31 -21.42 19.14
C GLY J 59 48.67 -22.13 17.86
N VAL J 60 49.46 -23.20 17.95
CA VAL J 60 49.95 -23.85 16.74
C VAL J 60 48.81 -24.54 16.00
N THR J 61 47.84 -25.10 16.72
CA THR J 61 46.77 -25.85 16.09
C THR J 61 45.60 -24.98 15.68
N ILE J 62 45.24 -23.98 16.48
CA ILE J 62 44.07 -23.15 16.18
C ILE J 62 44.22 -22.44 14.84
N LEU J 63 45.44 -22.10 14.46
CA LEU J 63 45.70 -21.50 13.16
C LEU J 63 45.57 -22.49 12.01
N ASP J 64 46.12 -23.69 12.16
CA ASP J 64 46.00 -24.70 11.11
C ASP J 64 44.56 -25.13 10.92
N GLN J 65 43.81 -25.25 12.00
CA GLN J 65 42.52 -25.91 12.02
C GLN J 65 41.36 -24.93 11.85
N MET J 66 41.65 -23.65 11.64
CA MET J 66 40.64 -22.61 11.45
C MET J 66 40.42 -22.35 9.97
N ASP J 67 39.20 -21.94 9.63
CA ASP J 67 38.90 -21.57 8.25
C ASP J 67 39.45 -20.17 8.00
N VAL J 68 40.22 -20.03 6.93
CA VAL J 68 40.69 -18.73 6.44
C VAL J 68 40.13 -18.55 5.04
N GLN J 69 39.31 -17.51 4.87
CA GLN J 69 38.63 -17.23 3.61
C GLN J 69 39.11 -15.94 2.95
N HIS J 70 39.60 -14.98 3.73
CA HIS J 70 40.03 -13.72 3.13
C HIS J 70 41.43 -13.88 2.52
N PRO J 71 41.75 -13.08 1.48
CA PRO J 71 43.14 -13.08 1.00
C PRO J 71 44.17 -12.70 2.05
N ALA J 72 43.84 -11.77 2.95
CA ALA J 72 44.85 -11.24 3.85
C ALA J 72 45.23 -12.21 4.96
N ALA J 73 44.27 -13.03 5.43
CA ALA J 73 44.54 -13.96 6.51
C ALA J 73 45.59 -14.99 6.14
N ARG J 74 45.63 -15.43 4.88
CA ARG J 74 46.62 -16.40 4.46
C ARG J 74 48.03 -15.87 4.65
N MET J 75 48.25 -14.58 4.37
CA MET J 75 49.57 -14.01 4.52
C MET J 75 50.02 -14.04 5.98
N LEU J 76 49.13 -13.72 6.90
CA LEU J 76 49.47 -13.82 8.31
C LEU J 76 49.75 -15.26 8.73
N ILE J 77 48.92 -16.19 8.26
CA ILE J 77 49.06 -17.59 8.66
C ILE J 77 50.40 -18.14 8.16
N GLN J 78 50.74 -17.84 6.90
CA GLN J 78 51.95 -18.39 6.31
C GLN J 78 53.19 -17.89 7.04
N VAL J 79 53.21 -16.61 7.41
CA VAL J 79 54.35 -16.08 8.16
C VAL J 79 54.39 -16.69 9.56
N ALA J 80 53.22 -16.83 10.19
CA ALA J 80 53.17 -17.40 11.55
C ALA J 80 53.69 -18.83 11.56
N ARG J 81 53.45 -19.59 10.49
CA ARG J 81 53.99 -20.95 10.41
C ARG J 81 55.41 -21.02 9.84
N ALA J 82 55.84 -20.02 9.08
CA ALA J 82 57.26 -19.94 8.75
C ALA J 82 58.08 -19.73 10.01
N GLN J 83 57.53 -19.01 10.98
CA GLN J 83 58.15 -18.96 12.30
C GLN J 83 58.23 -20.35 12.92
N GLU J 84 57.13 -21.12 12.85
CA GLU J 84 57.12 -22.45 13.44
C GLU J 84 58.12 -23.38 12.78
N GLU J 85 58.31 -23.28 11.47
CA GLU J 85 59.32 -24.09 10.79
C GLU J 85 60.72 -23.81 11.32
N GLU J 86 60.96 -22.58 11.79
CA GLU J 86 62.29 -22.22 12.27
C GLU J 86 62.55 -22.80 13.66
N VAL J 87 61.76 -22.38 14.65
CA VAL J 87 62.00 -22.75 16.04
C VAL J 87 60.89 -23.62 16.62
N GLY J 88 59.67 -23.51 16.11
CA GLY J 88 58.58 -24.35 16.58
C GLY J 88 57.78 -23.81 17.74
N ASP J 89 57.84 -22.51 18.01
CA ASP J 89 57.04 -21.92 19.07
C ASP J 89 56.94 -20.41 18.85
N GLY J 90 55.98 -19.79 19.55
CA GLY J 90 55.78 -18.36 19.46
C GLY J 90 54.94 -17.90 18.29
N THR J 91 54.20 -18.82 17.66
CA THR J 91 53.33 -18.43 16.56
C THR J 91 52.21 -17.51 17.01
N THR J 92 51.67 -17.72 18.22
CA THR J 92 50.54 -16.93 18.68
C THR J 92 50.93 -15.49 19.00
N THR J 93 52.13 -15.26 19.53
CA THR J 93 52.57 -13.90 19.80
C THR J 93 52.72 -13.10 18.51
N ALA J 94 53.20 -13.74 17.45
CA ALA J 94 53.41 -13.05 16.18
C ALA J 94 52.10 -12.54 15.61
N THR J 95 51.04 -13.36 15.65
CA THR J 95 49.76 -12.91 15.13
C THR J 95 49.20 -11.75 15.91
N VAL J 96 49.30 -11.78 17.25
CA VAL J 96 48.79 -10.68 18.06
C VAL J 96 49.58 -9.41 17.80
N LEU J 97 50.92 -9.53 17.73
CA LEU J 97 51.74 -8.35 17.44
C LEU J 97 51.41 -7.77 16.08
N ALA J 98 51.27 -8.63 15.06
CA ALA J 98 50.93 -8.15 13.73
C ALA J 98 49.57 -7.48 13.71
N GLY J 99 48.59 -8.06 14.39
CA GLY J 99 47.28 -7.44 14.46
C GLY J 99 47.32 -6.07 15.10
N ALA J 100 47.98 -5.94 16.25
CA ALA J 100 48.09 -4.64 16.90
C ALA J 100 48.83 -3.62 16.04
N LEU J 101 49.95 -4.03 15.43
CA LEU J 101 50.71 -3.13 14.58
C LEU J 101 49.84 -2.61 13.44
N VAL J 102 49.19 -3.51 12.70
CA VAL J 102 48.28 -3.10 11.64
C VAL J 102 47.05 -2.39 12.19
N SER J 103 46.55 -2.82 13.35
CA SER J 103 45.32 -2.26 13.89
C SER J 103 45.45 -0.78 14.18
N GLU J 104 46.61 -0.34 14.71
CA GLU J 104 46.84 1.08 14.89
C GLU J 104 47.58 1.74 13.74
N GLY J 105 48.15 0.97 12.81
CA GLY J 105 48.53 1.57 11.55
C GLY J 105 47.34 2.17 10.82
N VAL J 106 46.24 1.41 10.75
CA VAL J 106 45.05 1.96 10.12
C VAL J 106 44.49 3.12 10.95
N ASN J 107 44.62 3.04 12.28
CA ASN J 107 44.11 4.13 13.12
C ASN J 107 44.89 5.42 12.89
N GLN J 108 46.22 5.32 12.78
CA GLN J 108 47.00 6.52 12.50
C GLN J 108 46.78 7.00 11.08
N VAL J 109 46.45 6.10 10.15
CA VAL J 109 46.08 6.52 8.81
C VAL J 109 44.76 7.28 8.84
N GLU J 110 43.84 6.89 9.73
CA GLU J 110 42.58 7.61 9.86
C GLU J 110 42.79 9.06 10.29
N GLN J 111 43.70 9.29 11.24
CA GLN J 111 43.94 10.63 11.73
C GLN J 111 44.47 11.56 10.64
N GLY J 112 45.07 11.02 9.58
CA GLY J 112 45.53 11.81 8.45
C GLY J 112 46.92 11.46 7.96
N VAL J 113 47.60 10.53 8.63
CA VAL J 113 48.98 10.21 8.24
C VAL J 113 48.95 9.38 6.96
N PRO J 114 49.86 9.60 6.00
CA PRO J 114 49.91 8.72 4.84
C PRO J 114 50.38 7.32 5.20
N VAL J 115 50.03 6.36 4.34
CA VAL J 115 50.32 4.97 4.62
C VAL J 115 51.82 4.69 4.52
N SER J 116 52.50 5.28 3.54
CA SER J 116 53.92 5.02 3.37
C SER J 116 54.75 5.52 4.54
N ARG J 117 54.42 6.70 5.08
CA ARG J 117 55.09 7.20 6.26
C ARG J 117 54.94 6.25 7.43
N VAL J 118 53.73 5.74 7.65
CA VAL J 118 53.50 4.77 8.71
C VAL J 118 54.30 3.51 8.46
N ILE J 119 54.42 3.10 7.19
CA ILE J 119 55.14 1.87 6.87
C ILE J 119 56.61 2.01 7.23
N GLU J 120 57.23 3.11 6.81
CA GLU J 120 58.66 3.26 7.11
C GLU J 120 58.89 3.53 8.59
N GLY J 121 57.96 4.20 9.27
CA GLY J 121 58.05 4.30 10.71
C GLY J 121 57.97 2.95 11.39
N LEU J 122 57.09 2.07 10.90
CA LEU J 122 57.01 0.72 11.42
C LEU J 122 58.32 -0.02 11.20
N ARG J 123 58.92 0.14 10.03
CA ARG J 123 60.22 -0.48 9.76
C ARG J 123 61.26 -0.04 10.77
N ARG J 124 61.41 1.26 10.96
CA ARG J 124 62.43 1.75 11.90
C ARG J 124 62.14 1.33 13.33
N GLY J 125 60.88 1.43 13.76
CA GLY J 125 60.54 1.05 15.12
C GLY J 125 60.77 -0.42 15.39
N VAL J 126 60.39 -1.28 14.44
CA VAL J 126 60.59 -2.71 14.62
C VAL J 126 62.07 -3.05 14.63
N GLU J 127 62.86 -2.37 13.80
CA GLU J 127 64.31 -2.62 13.81
C GLU J 127 64.90 -2.25 15.17
N ARG J 128 64.54 -1.09 15.71
CA ARG J 128 65.07 -0.69 17.00
C ARG J 128 64.60 -1.62 18.11
N ALA J 129 63.33 -2.06 18.04
CA ALA J 129 62.83 -2.98 19.04
C ALA J 129 63.55 -4.32 18.99
N LEU J 130 63.84 -4.82 17.79
CA LEU J 130 64.61 -6.06 17.67
C LEU J 130 65.99 -5.89 18.28
N GLU J 131 66.65 -4.77 18.00
CA GLU J 131 67.98 -4.54 18.59
C GLU J 131 67.90 -4.49 20.12
N LEU J 132 66.90 -3.81 20.66
CA LEU J 132 66.76 -3.72 22.11
C LEU J 132 66.48 -5.07 22.75
N LEU J 133 65.59 -5.86 22.15
CA LEU J 133 65.32 -7.19 22.70
C LEU J 133 66.55 -8.08 22.61
N ARG J 134 67.33 -7.95 21.53
CA ARG J 134 68.58 -8.69 21.44
C ARG J 134 69.51 -8.30 22.58
N LYS J 135 69.62 -7.01 22.87
CA LYS J 135 70.49 -6.58 23.96
C LYS J 135 69.99 -7.07 25.31
N GLN J 136 68.68 -7.12 25.50
CA GLN J 136 68.13 -7.40 26.82
C GLN J 136 68.24 -8.87 27.21
N ALA J 137 68.47 -9.77 26.25
CA ALA J 137 68.54 -11.19 26.56
C ALA J 137 69.73 -11.49 27.48
N LEU J 138 69.47 -12.29 28.52
CA LEU J 138 70.47 -12.65 29.51
C LEU J 138 70.80 -14.13 29.36
N PRO J 139 71.99 -14.53 28.90
CA PRO J 139 72.19 -15.95 28.57
C PRO J 139 72.38 -16.80 29.81
N VAL J 140 72.16 -18.10 29.61
CA VAL J 140 72.12 -19.05 30.71
C VAL J 140 73.53 -19.58 30.98
N GLU J 141 73.70 -20.17 32.16
CA GLU J 141 74.96 -20.75 32.61
C GLU J 141 74.74 -22.25 32.77
N GLY J 142 74.98 -23.01 31.70
CA GLY J 142 74.84 -24.45 31.75
C GLY J 142 73.38 -24.87 31.81
N LEU J 143 73.18 -26.18 31.73
CA LEU J 143 71.85 -26.77 31.78
C LEU J 143 71.37 -27.04 33.20
N ASP J 144 72.23 -26.88 34.20
CA ASP J 144 71.80 -27.03 35.59
C ASP J 144 71.16 -25.77 36.14
N ASP J 145 71.11 -24.69 35.36
CA ASP J 145 70.60 -23.43 35.86
C ASP J 145 69.08 -23.54 36.05
N PRO J 146 68.51 -22.96 37.12
CA PRO J 146 67.05 -23.06 37.31
C PRO J 146 66.23 -22.36 36.24
N ARG J 147 66.82 -21.46 35.46
CA ARG J 147 66.03 -20.73 34.47
C ARG J 147 65.49 -21.66 33.40
N LEU J 148 66.28 -22.65 32.97
CA LEU J 148 65.76 -23.66 32.05
C LEU J 148 64.63 -24.45 32.68
N ARG J 149 64.73 -24.77 33.97
CA ARG J 149 63.64 -25.44 34.68
C ARG J 149 62.38 -24.60 34.63
N ALA J 150 62.51 -23.28 34.79
CA ALA J 150 61.35 -22.41 34.70
C ALA J 150 60.76 -22.38 33.29
N VAL J 151 61.63 -22.30 32.27
CA VAL J 151 61.13 -22.22 30.90
C VAL J 151 60.40 -23.50 30.52
N ALA J 152 60.95 -24.65 30.88
CA ALA J 152 60.27 -25.92 30.61
C ALA J 152 58.93 -25.97 31.34
N ARG J 153 58.87 -25.40 32.53
CA ARG J 153 57.62 -25.37 33.27
C ARG J 153 56.57 -24.53 32.56
N ILE J 154 56.91 -23.29 32.18
CA ILE J 154 55.89 -22.42 31.60
C ILE J 154 55.49 -22.92 30.21
N ALA J 155 56.44 -23.48 29.46
CA ALA J 155 56.15 -23.91 28.10
C ALA J 155 55.24 -25.13 28.04
N ALA J 156 55.11 -25.90 29.13
CA ALA J 156 54.34 -27.14 29.15
C ALA J 156 52.99 -26.97 29.84
N ARG J 157 52.42 -25.78 29.83
CA ARG J 157 51.16 -25.49 30.51
C ARG J 157 51.25 -25.79 32.00
N GLU J 158 52.42 -25.54 32.58
CA GLU J 158 52.63 -25.63 34.03
C GLU J 158 52.35 -27.03 34.56
N ARG J 159 52.88 -28.04 33.87
CA ARG J 159 52.81 -29.43 34.29
C ARG J 159 54.21 -29.94 34.58
N GLU J 160 54.48 -30.30 35.84
CA GLU J 160 55.83 -30.66 36.24
C GLU J 160 56.25 -32.02 35.71
N ASP J 161 55.30 -32.95 35.56
CA ASP J 161 55.66 -34.31 35.14
C ASP J 161 56.30 -34.32 33.77
N ILE J 162 55.74 -33.55 32.82
CA ILE J 162 56.32 -33.49 31.48
C ILE J 162 57.44 -32.47 31.41
N ALA J 163 57.47 -31.49 32.31
CA ALA J 163 58.54 -30.52 32.32
C ALA J 163 59.85 -31.11 32.82
N ASP J 164 59.79 -32.07 33.75
CA ASP J 164 61.02 -32.65 34.28
C ASP J 164 61.71 -33.56 33.29
N LEU J 165 60.97 -34.38 32.55
CA LEU J 165 61.61 -35.30 31.61
C LEU J 165 62.30 -34.54 30.48
N VAL J 166 61.74 -33.43 30.02
CA VAL J 166 62.36 -32.71 28.92
C VAL J 166 63.68 -32.10 29.35
N VAL J 167 63.76 -31.52 30.55
CA VAL J 167 65.04 -31.00 31.03
C VAL J 167 66.01 -32.13 31.36
N GLU J 168 65.51 -33.28 31.84
CA GLU J 168 66.39 -34.43 32.04
C GLU J 168 67.02 -34.85 30.73
N ALA J 169 66.20 -34.95 29.67
CA ALA J 169 66.73 -35.28 28.35
C ALA J 169 67.69 -34.20 27.85
N ALA J 170 67.39 -32.94 28.14
CA ALA J 170 68.27 -31.86 27.70
C ALA J 170 69.66 -31.99 28.33
N ARG J 171 69.72 -32.27 29.63
CA ARG J 171 71.02 -32.47 30.25
C ARG J 171 71.66 -33.78 29.83
N HIS J 172 70.85 -34.78 29.41
CA HIS J 172 71.41 -36.03 28.95
C HIS J 172 72.20 -35.89 27.65
N ILE J 173 71.98 -34.82 26.89
CA ILE J 173 72.65 -34.64 25.61
C ILE J 173 73.94 -33.85 25.77
N GLY J 174 73.86 -32.63 26.30
CA GLY J 174 75.01 -31.78 26.54
C GLY J 174 74.88 -30.43 25.86
N GLU J 175 75.93 -29.62 26.07
CA GLU J 175 75.93 -28.25 25.54
C GLU J 175 76.28 -28.25 24.06
N ASP J 176 77.48 -28.71 23.72
CA ASP J 176 77.93 -28.69 22.33
C ASP J 176 77.07 -29.58 21.45
N LYS J 177 76.51 -30.66 21.99
CA LYS J 177 75.59 -31.48 21.23
C LYS J 177 74.25 -30.79 21.01
N LEU J 178 73.96 -29.74 21.78
CA LEU J 178 72.76 -28.92 21.59
C LEU J 178 73.02 -27.69 20.72
N GLN J 179 74.28 -27.26 20.61
CA GLN J 179 74.61 -26.09 19.82
C GLN J 179 74.40 -26.30 18.31
N ASP J 180 74.31 -27.55 17.86
CA ASP J 180 74.20 -27.82 16.43
C ASP J 180 72.87 -27.28 15.90
N PRO J 181 72.85 -26.38 14.92
CA PRO J 181 71.55 -25.85 14.45
C PRO J 181 70.75 -26.86 13.65
N ASN J 182 71.40 -27.74 12.90
CA ASN J 182 70.68 -28.70 12.07
C ASN J 182 69.92 -29.74 12.89
N PHE J 183 70.27 -29.93 14.16
CA PHE J 183 69.65 -30.94 15.00
C PHE J 183 68.61 -30.27 15.88
N LYS J 184 67.41 -30.84 15.89
CA LYS J 184 66.29 -30.34 16.69
C LYS J 184 65.79 -31.49 17.56
N LEU J 185 65.81 -31.32 18.87
CA LEU J 185 65.43 -32.39 19.77
C LEU J 185 63.92 -32.54 19.89
N ALA J 186 63.13 -31.64 19.30
CA ALA J 186 61.70 -31.85 19.22
C ALA J 186 61.37 -33.12 18.44
N ASP J 187 62.09 -33.37 17.35
CA ASP J 187 61.90 -34.60 16.60
C ASP J 187 62.30 -35.83 17.41
N THR J 188 63.22 -35.69 18.35
CA THR J 188 63.69 -36.82 19.15
C THR J 188 62.75 -37.15 20.29
N VAL J 189 61.59 -36.50 20.38
CA VAL J 189 60.60 -36.74 21.42
C VAL J 189 59.45 -37.51 20.79
N THR J 190 59.06 -38.61 21.42
CA THR J 190 57.96 -39.45 20.96
C THR J 190 57.08 -39.76 22.16
N ALA J 191 55.78 -39.87 21.92
CA ALA J 191 54.81 -40.20 22.96
C ALA J 191 54.12 -41.52 22.62
N ARG J 192 54.03 -42.40 23.62
CA ARG J 192 53.38 -43.70 23.48
C ARG J 192 52.43 -43.90 24.65
N GLU J 193 51.22 -44.36 24.34
CA GLU J 193 50.21 -44.57 25.37
C GLU J 193 50.59 -45.75 26.26
N GLY J 194 50.26 -45.63 27.54
CA GLY J 194 50.46 -46.70 28.49
C GLY J 194 51.87 -46.87 29.02
N ALA J 195 52.81 -46.01 28.60
CA ALA J 195 54.20 -46.11 29.02
C ALA J 195 54.48 -45.09 30.12
N GLU J 196 55.69 -45.17 30.67
CA GLU J 196 56.16 -44.27 31.71
C GLU J 196 56.98 -43.15 31.08
N ASN J 197 57.49 -42.26 31.92
CA ASN J 197 58.29 -41.11 31.49
C ASN J 197 59.76 -41.45 31.73
N GLN J 198 60.49 -41.71 30.64
CA GLN J 198 61.91 -41.99 30.74
C GLN J 198 62.55 -41.79 29.38
N VAL J 199 63.88 -41.70 29.38
CA VAL J 199 64.68 -41.45 28.19
C VAL J 199 65.63 -42.63 28.00
N ILE J 200 65.67 -43.17 26.78
CA ILE J 200 66.54 -44.29 26.45
C ILE J 200 67.81 -43.76 25.78
N THR J 356 66.13 -40.37 22.60
CA THR J 356 64.77 -40.86 22.49
C THR J 356 64.02 -40.69 23.81
N VAL J 357 63.14 -39.69 23.87
CA VAL J 357 62.40 -39.35 25.07
C VAL J 357 60.99 -39.89 24.88
N LEU J 358 60.60 -40.84 25.73
CA LEU J 358 59.27 -41.45 25.67
C LEU J 358 58.34 -40.70 26.62
N VAL J 359 57.27 -40.15 26.07
CA VAL J 359 56.29 -39.36 26.84
C VAL J 359 55.04 -40.22 27.02
N GLY J 360 54.81 -40.68 28.24
CA GLY J 360 53.69 -41.56 28.50
C GLY J 360 52.36 -40.86 28.39
N ALA J 361 51.30 -41.65 28.19
CA ALA J 361 49.95 -41.14 28.08
C ALA J 361 48.98 -42.20 28.56
N ALA J 362 47.78 -41.76 28.93
CA ALA J 362 46.77 -42.67 29.48
C ALA J 362 46.21 -43.59 28.39
N THR J 363 45.57 -42.99 27.37
CA THR J 363 44.97 -43.72 26.27
C THR J 363 45.51 -43.20 24.95
N GLU J 364 45.02 -43.78 23.85
CA GLU J 364 45.48 -43.38 22.53
C GLU J 364 45.00 -41.98 22.17
N GLU J 365 43.80 -41.60 22.61
CA GLU J 365 43.28 -40.27 22.31
C GLU J 365 44.02 -39.17 23.04
N VAL J 366 44.66 -39.48 24.17
CA VAL J 366 45.39 -38.47 24.92
C VAL J 366 46.74 -38.15 24.28
N VAL J 367 47.28 -39.03 23.43
CA VAL J 367 48.64 -38.88 22.93
C VAL J 367 48.78 -37.60 22.11
N GLY J 368 47.71 -37.16 21.44
CA GLY J 368 47.81 -36.01 20.56
C GLY J 368 48.24 -34.73 21.26
N GLU J 369 47.74 -34.50 22.47
CA GLU J 369 48.09 -33.30 23.22
C GLU J 369 49.39 -33.44 24.00
N ARG J 370 49.67 -34.61 24.58
CA ARG J 370 50.93 -34.79 25.28
C ARG J 370 52.12 -34.69 24.34
N GLU J 371 52.02 -35.29 23.16
CA GLU J 371 53.12 -35.20 22.20
C GLU J 371 53.36 -33.76 21.78
N ARG J 372 52.28 -33.03 21.51
CA ARG J 372 52.40 -31.64 21.08
C ARG J 372 53.02 -30.77 22.18
N VAL J 373 52.57 -30.94 23.42
CA VAL J 373 53.13 -30.16 24.51
C VAL J 373 54.58 -30.54 24.74
N ALA J 374 54.92 -31.81 24.56
CA ALA J 374 56.31 -32.23 24.72
C ALA J 374 57.19 -31.59 23.66
N LYS J 375 56.73 -31.54 22.41
CA LYS J 375 57.51 -30.86 21.38
C LYS J 375 57.62 -29.37 21.67
N ASP J 376 56.55 -28.75 22.20
CA ASP J 376 56.63 -27.34 22.53
C ASP J 376 57.67 -27.08 23.62
N ALA J 377 57.67 -27.91 24.67
CA ALA J 377 58.67 -27.76 25.73
C ALA J 377 60.08 -28.02 25.20
N ALA J 378 60.23 -29.02 24.33
CA ALA J 378 61.53 -29.29 23.72
C ALA J 378 62.02 -28.09 22.93
N SER J 379 61.13 -27.49 22.13
CA SER J 379 61.52 -26.31 21.37
C SER J 379 61.89 -25.15 22.29
N ALA J 380 61.14 -24.96 23.37
CA ALA J 380 61.44 -23.88 24.30
C ALA J 380 62.81 -24.06 24.93
N VAL J 381 63.12 -25.28 25.40
CA VAL J 381 64.43 -25.48 26.02
C VAL J 381 65.54 -25.47 24.97
N GLN J 382 65.25 -25.81 23.73
CA GLN J 382 66.24 -25.64 22.66
C GLN J 382 66.58 -24.16 22.47
N ALA J 383 65.56 -23.33 22.28
CA ALA J 383 65.77 -21.91 22.07
C ALA J 383 66.41 -21.23 23.27
N ALA J 384 66.10 -21.68 24.49
CA ALA J 384 66.69 -21.09 25.67
C ALA J 384 68.20 -21.25 25.67
N ILE J 385 68.69 -22.44 25.36
CA ILE J 385 70.13 -22.64 25.25
C ILE J 385 70.69 -21.90 24.04
N ARG J 386 69.94 -21.87 22.93
CA ARG J 386 70.46 -21.28 21.71
C ARG J 386 70.69 -19.78 21.85
N GLY J 387 69.78 -19.07 22.51
CA GLY J 387 69.83 -17.62 22.56
C GLY J 387 69.53 -16.97 23.90
N GLY J 388 69.38 -17.76 24.95
CA GLY J 388 69.16 -17.20 26.27
C GLY J 388 67.70 -16.88 26.54
N VAL J 389 67.50 -16.19 27.65
CA VAL J 389 66.17 -15.95 28.22
C VAL J 389 65.85 -14.47 28.19
N VAL J 390 64.56 -14.18 28.30
CA VAL J 390 64.02 -12.82 28.30
C VAL J 390 62.88 -12.83 29.31
N PRO J 391 62.67 -11.78 30.13
CA PRO J 391 61.56 -11.84 31.09
C PRO J 391 60.22 -11.83 30.39
N GLY J 392 59.51 -12.95 30.46
CA GLY J 392 58.31 -13.17 29.67
C GLY J 392 57.08 -12.54 30.30
N GLY J 393 55.93 -12.89 29.76
CA GLY J 393 54.68 -12.30 30.18
C GLY J 393 54.42 -10.91 29.65
N GLY J 394 55.17 -10.47 28.65
CA GLY J 394 55.00 -9.16 28.08
C GLY J 394 55.83 -8.06 28.72
N ALA J 395 56.59 -8.37 29.77
CA ALA J 395 57.38 -7.33 30.44
C ALA J 395 58.49 -6.81 29.56
N ALA J 396 59.20 -7.70 28.86
CA ALA J 396 60.30 -7.25 28.00
C ALA J 396 59.78 -6.42 26.83
N GLU J 397 58.60 -6.75 26.33
CA GLU J 397 57.99 -5.92 25.31
C GLU J 397 57.70 -4.53 25.85
N LEU J 398 57.30 -4.41 27.11
CA LEU J 398 57.17 -3.09 27.73
C LEU J 398 58.51 -2.38 27.78
N ALA J 399 59.55 -3.11 28.16
CA ALA J 399 60.88 -2.53 28.31
C ALA J 399 61.37 -1.94 27.00
N VAL J 400 61.18 -2.67 25.90
CA VAL J 400 61.59 -2.16 24.59
C VAL J 400 60.59 -1.15 24.03
N ALA J 401 59.32 -1.20 24.44
CA ALA J 401 58.35 -0.21 24.00
C ALA J 401 58.68 1.17 24.53
N ARG J 402 59.15 1.26 25.76
CA ARG J 402 59.56 2.57 26.29
C ARG J 402 60.67 3.19 25.45
N GLU J 403 61.69 2.40 25.10
CA GLU J 403 62.77 2.92 24.28
C GLU J 403 62.32 3.19 22.85
N VAL J 404 61.34 2.46 22.32
CA VAL J 404 60.81 2.79 21.01
C VAL J 404 60.05 4.12 21.07
N GLU J 405 59.37 4.39 22.18
CA GLU J 405 58.79 5.72 22.37
C GLU J 405 59.86 6.79 22.40
N LYS J 406 60.99 6.51 23.05
CA LYS J 406 62.11 7.44 22.98
C LYS J 406 62.61 7.64 21.56
N LEU J 407 62.68 6.57 20.76
CA LEU J 407 63.05 6.73 19.35
C LEU J 407 62.03 7.60 18.61
N ALA J 408 60.75 7.44 18.90
CA ALA J 408 59.74 8.34 18.35
C ALA J 408 60.00 9.78 18.75
N GLU J 409 60.47 9.99 19.99
CA GLU J 409 60.94 11.28 20.45
C GLU J 409 62.35 11.61 19.95
N GLU J 410 62.91 10.78 19.06
CA GLU J 410 64.20 11.03 18.41
C GLU J 410 64.10 11.25 16.91
N VAL J 411 62.98 10.91 16.28
CA VAL J 411 62.85 10.94 14.83
C VAL J 411 62.13 12.22 14.40
N LYS J 412 62.18 12.49 13.09
CA LYS J 412 61.80 13.78 12.53
C LYS J 412 60.66 13.58 11.55
N GLY J 413 59.72 14.52 11.56
CA GLY J 413 58.67 14.57 10.54
C GLY J 413 57.48 13.69 10.86
N MET J 414 56.67 13.46 9.82
CA MET J 414 55.47 12.64 9.93
C MET J 414 55.77 11.16 10.14
N GLU J 415 57.02 10.74 9.95
CA GLU J 415 57.37 9.33 10.13
C GLU J 415 57.18 8.87 11.57
N ARG J 416 57.27 9.78 12.54
CA ARG J 416 57.22 9.38 13.95
C ARG J 416 55.91 8.69 14.32
N TYR J 417 54.84 8.96 13.58
CA TYR J 417 53.54 8.37 13.90
C TYR J 417 53.47 6.87 13.61
N GLY J 418 54.48 6.30 12.95
CA GLY J 418 54.61 4.86 12.86
C GLY J 418 55.41 4.30 14.02
N VAL J 419 56.35 5.09 14.52
CA VAL J 419 57.12 4.66 15.69
C VAL J 419 56.21 4.57 16.90
N GLU J 420 55.25 5.49 17.03
CA GLU J 420 54.22 5.32 18.04
C GLU J 420 53.40 4.05 17.84
N ALA J 421 53.15 3.67 16.58
CA ALA J 421 52.41 2.44 16.33
C ALA J 421 53.21 1.22 16.82
N VAL J 422 54.52 1.23 16.60
CA VAL J 422 55.34 0.14 17.14
C VAL J 422 55.37 0.20 18.66
N ALA J 423 55.44 1.41 19.22
CA ALA J 423 55.52 1.55 20.67
C ALA J 423 54.28 1.01 21.35
N GLU J 424 53.10 1.27 20.80
CA GLU J 424 51.86 0.78 21.39
C GLU J 424 51.74 -0.72 21.21
N ALA J 425 51.95 -1.22 19.99
CA ALA J 425 51.66 -2.61 19.67
C ALA J 425 52.48 -3.58 20.49
N LEU J 426 53.63 -3.15 21.00
CA LEU J 426 54.39 -4.00 21.90
C LEU J 426 53.69 -4.13 23.25
N LYS J 427 52.78 -3.21 23.59
CA LYS J 427 52.03 -3.35 24.83
C LYS J 427 50.91 -4.37 24.73
N LYS J 428 50.51 -4.76 23.51
CA LYS J 428 49.35 -5.64 23.36
C LYS J 428 49.56 -7.01 24.00
N PRO J 429 50.72 -7.67 23.89
CA PRO J 429 50.91 -8.91 24.65
C PRO J 429 50.68 -8.77 26.15
N LEU J 430 51.32 -7.80 26.81
CA LEU J 430 51.10 -7.64 28.24
C LEU J 430 49.66 -7.26 28.55
N ARG J 431 49.08 -6.37 27.74
CA ARG J 431 47.70 -5.98 27.94
C ARG J 431 46.76 -7.18 27.85
N GLN J 432 47.01 -8.08 26.91
CA GLN J 432 46.20 -9.27 26.77
C GLN J 432 46.48 -10.30 27.86
N ILE J 433 47.70 -10.37 28.37
CA ILE J 433 47.98 -11.22 29.52
C ILE J 433 47.13 -10.76 30.70
N VAL J 434 47.10 -9.45 30.94
CA VAL J 434 46.30 -8.93 32.04
C VAL J 434 44.81 -9.13 31.77
N ALA J 435 44.38 -8.91 30.53
CA ALA J 435 42.96 -9.02 30.21
C ALA J 435 42.46 -10.45 30.38
N ASN J 436 43.19 -11.42 29.85
CA ASN J 436 42.79 -12.81 29.96
C ASN J 436 42.87 -13.34 31.38
N ALA J 437 43.69 -12.71 32.23
CA ALA J 437 43.84 -13.15 33.61
C ALA J 437 42.69 -12.71 34.51
N GLY J 438 41.77 -11.88 34.01
CA GLY J 438 40.67 -11.40 34.81
C GLY J 438 40.92 -10.11 35.55
N PHE J 439 41.94 -9.34 35.19
CA PHE J 439 42.20 -8.03 35.75
C PHE J 439 41.91 -6.95 34.72
N ASN J 440 41.69 -5.74 35.20
CA ASN J 440 41.41 -4.61 34.32
C ASN J 440 42.72 -4.15 33.68
N PRO J 441 42.85 -4.16 32.34
CA PRO J 441 44.17 -3.87 31.74
C PRO J 441 44.66 -2.45 31.98
N LEU J 442 43.77 -1.45 31.99
CA LEU J 442 44.22 -0.07 32.05
C LEU J 442 44.94 0.23 33.36
N GLU J 443 44.32 -0.07 34.50
CA GLU J 443 44.94 0.25 35.77
C GLU J 443 46.15 -0.62 36.06
N LYS J 444 46.11 -1.88 35.65
CA LYS J 444 47.21 -2.80 35.94
C LYS J 444 48.37 -2.61 34.99
N LEU J 445 48.17 -1.90 33.87
CA LEU J 445 49.26 -1.44 33.03
C LEU J 445 49.76 -0.07 33.43
N GLY J 446 48.90 0.77 34.02
CA GLY J 446 49.36 2.05 34.52
C GLY J 446 50.18 1.91 35.79
N ASP J 447 49.77 1.01 36.68
CA ASP J 447 50.51 0.78 37.92
C ASP J 447 51.80 0.00 37.72
N LEU J 448 51.97 -0.66 36.58
CA LEU J 448 53.18 -1.42 36.33
C LEU J 448 54.35 -0.51 36.00
N ARG J 449 54.08 0.73 35.56
CA ARG J 449 55.14 1.69 35.30
C ARG J 449 55.64 2.39 36.56
N ALA J 450 54.99 2.20 37.70
CA ALA J 450 55.46 2.83 38.93
C ALA J 450 56.84 2.31 39.32
N ALA J 451 57.05 1.01 39.22
CA ALA J 451 58.32 0.39 39.60
C ALA J 451 59.36 0.41 38.48
N HIS J 452 59.00 0.89 37.29
CA HIS J 452 59.94 0.97 36.17
C HIS J 452 60.78 2.24 36.19
N ARG J 453 60.61 3.11 37.19
CA ARG J 453 61.41 4.30 37.32
C ARG J 453 62.78 4.05 37.95
N THR J 454 63.00 2.87 38.53
CA THR J 454 64.21 2.59 39.28
C THR J 454 65.38 2.18 38.41
N GLY J 455 65.21 2.10 37.09
CA GLY J 455 66.26 1.72 36.18
C GLY J 455 66.28 0.25 35.79
N ASN J 456 65.53 -0.60 36.50
CA ASN J 456 65.40 -2.00 36.17
C ASN J 456 64.16 -2.20 35.30
N ASP J 457 64.30 -3.05 34.27
CA ASP J 457 63.29 -3.22 33.23
C ASP J 457 62.72 -4.64 33.21
N SER J 458 62.81 -5.36 34.33
CA SER J 458 62.29 -6.72 34.45
C SER J 458 61.03 -6.80 35.29
N LEU J 459 60.30 -5.69 35.40
CA LEU J 459 59.12 -5.62 36.25
C LEU J 459 57.89 -6.00 35.44
N GLY J 460 57.09 -6.91 35.99
CA GLY J 460 55.89 -7.38 35.33
C GLY J 460 54.73 -7.53 36.30
N ILE J 461 53.68 -8.24 35.89
CA ILE J 461 52.48 -8.44 36.71
C ILE J 461 52.23 -9.93 36.80
N ASP J 462 52.08 -10.42 38.02
CA ASP J 462 51.74 -11.83 38.21
C ASP J 462 50.31 -12.09 37.73
N CYS J 463 50.10 -13.29 37.20
CA CYS J 463 48.86 -13.63 36.54
C CYS J 463 47.82 -14.22 37.48
N ASP J 464 48.10 -14.31 38.78
CA ASP J 464 47.23 -14.94 39.76
C ASP J 464 46.74 -14.00 40.86
N THR J 465 47.63 -13.21 41.48
CA THR J 465 47.22 -12.15 42.41
C THR J 465 47.16 -10.78 41.78
N GLY J 466 47.69 -10.60 40.57
CA GLY J 466 47.70 -9.29 39.96
C GLY J 466 48.58 -8.27 40.64
N GLU J 467 49.55 -8.71 41.44
CA GLU J 467 50.47 -7.82 42.14
C GLU J 467 51.73 -7.68 41.30
N VAL J 468 52.19 -6.45 41.14
CA VAL J 468 53.35 -6.15 40.30
C VAL J 468 54.60 -6.74 40.98
N VAL J 469 55.36 -7.56 40.25
CA VAL J 469 56.50 -8.27 40.78
C VAL J 469 57.62 -8.30 39.75
N ASP J 470 58.83 -8.55 40.24
CA ASP J 470 59.94 -8.91 39.35
C ASP J 470 59.62 -10.23 38.68
N MET J 471 59.80 -10.29 37.36
CA MET J 471 59.51 -11.51 36.63
C MET J 471 60.60 -12.56 36.79
N TRP J 472 61.83 -12.15 37.10
CA TRP J 472 62.87 -13.14 37.37
C TRP J 472 62.54 -13.94 38.62
N GLU J 473 62.26 -13.24 39.73
CA GLU J 473 61.89 -13.93 40.97
C GLU J 473 60.58 -14.68 40.82
N ALA J 474 59.60 -14.08 40.14
CA ALA J 474 58.33 -14.76 39.92
C ALA J 474 58.49 -16.02 39.08
N GLY J 475 59.55 -16.11 38.28
CA GLY J 475 59.87 -17.31 37.56
C GLY J 475 59.27 -17.43 36.17
N VAL J 476 58.49 -16.45 35.72
CA VAL J 476 57.95 -16.47 34.36
C VAL J 476 59.00 -15.94 33.41
N ILE J 477 59.33 -16.73 32.40
CA ILE J 477 60.44 -16.46 31.49
C ILE J 477 60.06 -17.04 30.14
N ASP J 478 60.49 -16.36 29.06
CA ASP J 478 60.32 -16.85 27.70
C ASP J 478 61.66 -16.86 26.97
N PRO J 479 61.86 -17.74 26.00
CA PRO J 479 63.17 -17.79 25.33
C PRO J 479 63.39 -16.57 24.46
N ALA J 480 64.66 -16.17 24.34
CA ALA J 480 64.98 -14.98 23.56
C ALA J 480 64.70 -15.17 22.07
N PRO J 481 65.18 -16.21 21.39
CA PRO J 481 64.94 -16.31 19.95
C PRO J 481 63.47 -16.38 19.59
N VAL J 482 62.65 -17.02 20.41
CA VAL J 482 61.23 -17.16 20.07
C VAL J 482 60.56 -15.78 20.02
N LYS J 483 60.75 -14.98 21.06
CA LYS J 483 60.17 -13.65 21.09
C LYS J 483 60.78 -12.74 20.03
N LEU J 484 62.10 -12.83 19.83
CA LEU J 484 62.74 -11.96 18.84
C LEU J 484 62.23 -12.25 17.43
N HIS J 485 62.23 -13.53 17.03
CA HIS J 485 61.71 -13.90 15.73
C HIS J 485 60.23 -13.63 15.61
N ALA J 486 59.46 -13.75 16.70
CA ALA J 486 58.04 -13.43 16.63
C ALA J 486 57.84 -11.96 16.32
N LEU J 487 58.59 -11.07 16.98
CA LEU J 487 58.49 -9.65 16.69
C LEU J 487 58.92 -9.35 15.27
N LYS J 488 60.01 -9.98 14.81
CA LYS J 488 60.48 -9.75 13.44
C LYS J 488 59.42 -10.18 12.42
N ALA J 489 58.85 -11.37 12.60
CA ALA J 489 57.83 -11.86 11.68
C ALA J 489 56.59 -10.98 11.72
N ALA J 490 56.18 -10.55 12.91
CA ALA J 490 55.02 -9.68 13.02
C ALA J 490 55.25 -8.35 12.31
N GLY J 491 56.43 -7.75 12.49
CA GLY J 491 56.74 -6.54 11.77
C GLY J 491 56.74 -6.70 10.26
N GLU J 492 57.35 -7.77 9.76
CA GLU J 492 57.39 -7.97 8.31
C GLU J 492 55.98 -8.18 7.75
N VAL J 493 55.17 -9.00 8.40
CA VAL J 493 53.83 -9.25 7.86
C VAL J 493 52.95 -8.00 8.00
N ALA J 494 53.09 -7.24 9.08
CA ALA J 494 52.33 -6.01 9.20
C ALA J 494 52.70 -5.01 8.11
N ALA J 495 54.00 -4.86 7.83
CA ALA J 495 54.41 -3.98 6.75
C ALA J 495 53.86 -4.46 5.41
N ALA J 496 53.94 -5.77 5.15
CA ALA J 496 53.44 -6.31 3.88
C ALA J 496 51.94 -6.10 3.72
N ILE J 497 51.18 -6.20 4.81
CA ILE J 497 49.74 -6.05 4.71
C ILE J 497 49.33 -4.59 4.65
N LEU J 498 50.11 -3.71 5.29
CA LEU J 498 49.83 -2.28 5.19
C LEU J 498 50.19 -1.72 3.83
N ARG J 499 51.19 -2.30 3.17
CA ARG J 499 51.64 -1.74 1.90
C ARG J 499 50.58 -1.92 0.81
N ILE J 500 49.71 -2.93 0.93
CA ILE J 500 48.66 -3.13 -0.05
C ILE J 500 47.66 -1.98 0.03
N ASN J 501 47.23 -1.49 -1.13
CA ASN J 501 46.31 -0.35 -1.21
C ASN J 501 45.12 -0.56 -2.13
N THR J 502 45.22 -1.44 -3.14
CA THR J 502 44.14 -1.71 -4.07
C THR J 502 43.94 -3.22 -4.22
N ILE J 503 42.70 -3.61 -4.48
CA ILE J 503 42.32 -5.00 -4.73
C ILE J 503 41.72 -5.07 -6.12
N ILE J 504 42.31 -5.91 -6.96
CA ILE J 504 41.91 -6.08 -8.36
C ILE J 504 41.72 -7.57 -8.61
N LYS J 505 40.89 -7.91 -9.58
CA LYS J 505 40.69 -9.31 -9.94
C LYS J 505 41.72 -9.75 -10.98
N MET J 506 41.62 -11.02 -11.40
CA MET J 506 42.66 -11.71 -12.14
C MET J 506 42.13 -12.14 -13.51
N LYS J 507 43.06 -12.56 -14.36
CA LYS J 507 42.82 -13.21 -15.65
C LYS J 507 41.61 -14.14 -15.66
N ALA K 12 24.95 15.14 -30.05
CA ALA K 12 26.22 15.78 -29.70
C ALA K 12 26.73 15.29 -28.36
N ASP K 13 25.85 15.16 -27.37
CA ASP K 13 26.25 14.62 -26.08
C ASP K 13 26.60 13.15 -26.17
N GLU K 14 25.96 12.42 -27.09
CA GLU K 14 26.26 11.00 -27.24
C GLU K 14 27.70 10.77 -27.68
N ARG K 15 28.20 11.60 -28.60
CA ARG K 15 29.58 11.45 -29.03
C ARG K 15 30.55 11.72 -27.89
N PHE K 16 30.27 12.74 -27.08
CA PHE K 16 31.10 13.01 -25.92
C PHE K 16 31.00 11.87 -24.91
N GLN K 17 29.80 11.36 -24.67
CA GLN K 17 29.63 10.25 -23.75
C GLN K 17 30.33 8.99 -24.27
N ALA K 18 30.40 8.84 -25.60
CA ALA K 18 31.15 7.73 -26.16
C ALA K 18 32.64 7.87 -25.90
N LEU K 19 33.14 9.10 -25.85
CA LEU K 19 34.54 9.32 -25.48
C LEU K 19 34.74 9.16 -23.98
N LEU K 20 33.80 9.67 -23.18
CA LEU K 20 33.97 9.62 -21.74
C LEU K 20 33.99 8.19 -21.22
N THR K 21 33.12 7.33 -21.73
CA THR K 21 33.12 5.94 -21.31
C THR K 21 34.38 5.20 -21.73
N ASN K 22 35.04 5.65 -22.81
CA ASN K 22 36.33 5.07 -23.15
C ASN K 22 37.40 5.44 -22.15
N VAL K 23 37.43 6.71 -21.73
CA VAL K 23 38.46 7.19 -20.82
C VAL K 23 38.33 6.56 -19.44
N ASN K 24 37.11 6.30 -18.99
CA ASN K 24 36.93 5.62 -17.71
C ASN K 24 37.58 4.25 -17.70
N ALA K 25 37.67 3.60 -18.86
CA ALA K 25 38.44 2.36 -18.95
C ALA K 25 39.94 2.63 -18.92
N VAL K 26 40.38 3.70 -19.56
CA VAL K 26 41.81 4.02 -19.56
C VAL K 26 42.23 4.59 -18.21
N ARG K 27 41.32 5.26 -17.52
CA ARG K 27 41.63 5.76 -16.18
C ARG K 27 41.74 4.62 -15.18
N ALA K 28 40.84 3.64 -15.26
CA ALA K 28 40.84 2.53 -14.31
C ALA K 28 42.09 1.67 -14.46
N ILE K 29 42.50 1.37 -15.68
CA ILE K 29 43.70 0.56 -15.88
C ILE K 29 44.92 1.31 -15.36
N ALA K 30 45.01 2.61 -15.63
CA ALA K 30 46.13 3.39 -15.10
C ALA K 30 46.04 3.52 -13.59
N ASP K 31 44.86 3.80 -13.05
CA ASP K 31 44.70 4.00 -11.62
C ASP K 31 44.98 2.74 -10.80
N ALA K 32 44.94 1.57 -11.43
CA ALA K 32 45.25 0.32 -10.75
C ALA K 32 46.73 0.00 -10.70
N VAL K 33 47.58 0.73 -11.45
CA VAL K 33 49.02 0.54 -11.44
C VAL K 33 49.75 1.82 -11.06
N GLU K 34 49.03 2.92 -10.84
CA GLU K 34 49.63 4.22 -10.55
C GLU K 34 50.26 4.28 -9.17
N GLY K 35 49.85 3.39 -8.26
CA GLY K 35 50.46 3.36 -6.93
C GLY K 35 51.81 2.67 -6.86
N THR K 36 52.25 2.03 -7.94
CA THR K 36 53.47 1.26 -7.95
C THR K 36 54.67 2.05 -8.45
N LEU K 37 54.50 3.34 -8.76
CA LEU K 37 55.62 4.17 -9.20
C LEU K 37 56.54 4.53 -8.04
N GLY K 38 57.83 4.57 -8.34
CA GLY K 38 58.82 5.09 -7.44
C GLY K 38 59.42 4.05 -6.51
N PRO K 39 60.53 4.40 -5.85
CA PRO K 39 61.12 3.44 -4.90
C PRO K 39 60.23 3.11 -3.73
N LYS K 40 59.32 4.01 -3.36
CA LYS K 40 58.41 3.82 -2.22
C LYS K 40 57.02 3.46 -2.71
N GLY K 41 56.94 2.64 -3.75
CA GLY K 41 55.66 2.25 -4.30
C GLY K 41 54.95 1.24 -3.44
N LEU K 42 53.69 1.01 -3.79
CA LEU K 42 52.79 0.12 -3.07
C LEU K 42 52.31 -0.98 -4.00
N ASP K 43 52.05 -2.15 -3.43
CA ASP K 43 51.71 -3.33 -4.23
C ASP K 43 50.20 -3.42 -4.38
N VAL K 44 49.76 -4.30 -5.28
CA VAL K 44 48.35 -4.48 -5.62
C VAL K 44 47.97 -5.93 -5.36
N MET K 45 46.87 -6.13 -4.64
CA MET K 45 46.32 -7.46 -4.45
C MET K 45 45.65 -7.91 -5.74
N LEU K 46 45.95 -9.14 -6.18
CA LEU K 46 45.32 -9.75 -7.33
C LEU K 46 44.66 -11.05 -6.88
N VAL K 47 43.33 -11.05 -6.82
CA VAL K 47 42.54 -12.17 -6.32
C VAL K 47 41.86 -12.86 -7.49
N ASP K 48 41.68 -14.17 -7.36
CA ASP K 48 41.02 -14.99 -8.36
C ASP K 48 39.61 -15.32 -7.88
N LYS K 49 38.85 -16.03 -8.70
CA LYS K 49 37.62 -16.63 -8.22
C LYS K 49 37.91 -17.76 -7.24
N PHE K 50 39.05 -18.42 -7.40
CA PHE K 50 39.43 -19.50 -6.50
C PHE K 50 40.05 -18.99 -5.20
N GLY K 51 40.43 -17.72 -5.13
CA GLY K 51 41.05 -17.15 -3.95
C GLY K 51 42.56 -17.21 -3.93
N GLU K 52 43.19 -17.82 -4.93
CA GLU K 52 44.65 -17.78 -5.04
C GLU K 52 45.08 -16.33 -5.27
N VAL K 53 46.08 -15.90 -4.52
CA VAL K 53 46.45 -14.49 -4.40
C VAL K 53 47.81 -14.27 -5.06
N THR K 54 47.96 -13.12 -5.71
CA THR K 54 49.24 -12.67 -6.24
C THR K 54 49.47 -11.23 -5.81
N ILE K 55 50.51 -11.01 -5.02
CA ILE K 55 50.91 -9.68 -4.56
C ILE K 55 52.12 -9.27 -5.36
N THR K 56 52.07 -8.08 -5.96
CA THR K 56 53.15 -7.62 -6.83
C THR K 56 53.11 -6.11 -6.94
N ASN K 57 54.29 -5.50 -6.98
CA ASN K 57 54.45 -4.08 -7.22
C ASN K 57 55.13 -3.78 -8.56
N ASP K 58 55.31 -4.78 -9.42
CA ASP K 58 55.90 -4.56 -10.74
C ASP K 58 54.74 -4.42 -11.71
N GLY K 59 54.70 -3.30 -12.43
CA GLY K 59 53.55 -2.98 -13.24
C GLY K 59 53.34 -3.88 -14.44
N VAL K 60 54.41 -4.53 -14.91
CA VAL K 60 54.24 -5.43 -16.06
C VAL K 60 53.36 -6.60 -15.67
N THR K 61 53.59 -7.19 -14.48
CA THR K 61 52.79 -8.31 -14.05
C THR K 61 51.34 -7.89 -13.78
N ILE K 62 51.15 -6.70 -13.22
CA ILE K 62 49.80 -6.24 -12.94
C ILE K 62 49.03 -6.07 -14.24
N LEU K 63 49.65 -5.45 -15.25
CA LEU K 63 48.98 -5.29 -16.53
C LEU K 63 48.71 -6.62 -17.20
N ASP K 64 49.67 -7.54 -17.16
CA ASP K 64 49.51 -8.82 -17.84
C ASP K 64 48.41 -9.64 -17.19
N GLN K 65 48.36 -9.66 -15.85
CA GLN K 65 47.62 -10.67 -15.11
C GLN K 65 46.32 -10.11 -14.49
N MET K 66 45.77 -9.05 -15.05
CA MET K 66 44.50 -8.49 -14.59
C MET K 66 43.45 -8.57 -15.70
N ASP K 67 42.19 -8.68 -15.29
CA ASP K 67 41.10 -8.75 -16.24
C ASP K 67 40.82 -7.37 -16.82
N VAL K 68 40.78 -7.30 -18.14
CA VAL K 68 40.32 -6.13 -18.87
C VAL K 68 39.33 -6.61 -19.91
N GLN K 69 38.18 -5.94 -19.99
CA GLN K 69 37.12 -6.28 -20.93
C GLN K 69 36.67 -5.11 -21.78
N HIS K 70 36.76 -3.89 -21.27
CA HIS K 70 36.42 -2.73 -22.07
C HIS K 70 37.49 -2.54 -23.14
N PRO K 71 37.14 -2.49 -24.43
CA PRO K 71 38.20 -2.58 -25.46
C PRO K 71 39.12 -1.37 -25.51
N ALA K 72 38.77 -0.27 -24.87
CA ALA K 72 39.69 0.87 -24.81
C ALA K 72 40.96 0.52 -24.06
N ALA K 73 40.83 -0.20 -22.94
CA ALA K 73 42.00 -0.54 -22.13
C ALA K 73 42.90 -1.56 -22.82
N ARG K 74 42.33 -2.43 -23.65
CA ARG K 74 43.15 -3.41 -24.35
C ARG K 74 44.12 -2.74 -25.30
N MET K 75 43.72 -1.63 -25.92
CA MET K 75 44.64 -0.90 -26.78
C MET K 75 45.82 -0.36 -25.99
N LEU K 76 45.55 0.20 -24.80
CA LEU K 76 46.62 0.70 -23.96
C LEU K 76 47.55 -0.42 -23.52
N ILE K 77 46.98 -1.57 -23.16
CA ILE K 77 47.82 -2.69 -22.76
C ILE K 77 48.65 -3.17 -23.94
N GLN K 78 48.07 -3.21 -25.14
CA GLN K 78 48.82 -3.64 -26.31
C GLN K 78 50.01 -2.72 -26.56
N VAL K 79 49.79 -1.40 -26.50
CA VAL K 79 50.87 -0.46 -26.74
C VAL K 79 51.92 -0.54 -25.62
N ALA K 80 51.46 -0.65 -24.38
CA ALA K 80 52.38 -0.62 -23.23
C ALA K 80 53.21 -1.90 -23.12
N ARG K 81 52.69 -3.05 -23.58
CA ARG K 81 53.48 -4.26 -23.66
C ARG K 81 54.30 -4.35 -24.95
N ALA K 82 53.89 -3.65 -26.01
CA ALA K 82 54.80 -3.46 -27.14
C ALA K 82 56.01 -2.67 -26.72
N GLN K 83 55.83 -1.73 -25.80
CA GLN K 83 56.98 -1.04 -25.22
C GLN K 83 57.93 -2.02 -24.54
N GLU K 84 57.39 -2.96 -23.77
CA GLU K 84 58.22 -4.01 -23.19
C GLU K 84 58.89 -4.87 -24.25
N GLU K 85 58.19 -5.19 -25.33
CA GLU K 85 58.81 -5.90 -26.44
C GLU K 85 59.97 -5.11 -27.03
N GLU K 86 59.89 -3.78 -27.00
CA GLU K 86 60.96 -2.96 -27.56
C GLU K 86 62.20 -2.98 -26.67
N VAL K 87 62.06 -2.51 -25.43
CA VAL K 87 63.21 -2.35 -24.53
C VAL K 87 63.06 -3.15 -23.24
N GLY K 88 61.84 -3.46 -22.80
CA GLY K 88 61.67 -4.31 -21.64
C GLY K 88 61.64 -3.62 -20.30
N ASP K 89 61.35 -2.32 -20.25
CA ASP K 89 61.27 -1.61 -18.98
C ASP K 89 60.45 -0.33 -19.16
N GLY K 90 59.99 0.21 -18.04
CA GLY K 90 59.28 1.47 -18.03
C GLY K 90 57.87 1.43 -18.55
N THR K 91 57.15 0.33 -18.32
CA THR K 91 55.77 0.24 -18.81
C THR K 91 54.82 1.07 -17.94
N THR K 92 55.07 1.11 -16.64
CA THR K 92 54.17 1.84 -15.75
C THR K 92 54.21 3.34 -16.02
N THR K 93 55.38 3.90 -16.30
CA THR K 93 55.44 5.32 -16.63
C THR K 93 54.63 5.61 -17.88
N ALA K 94 54.73 4.74 -18.88
CA ALA K 94 53.97 4.94 -20.12
C ALA K 94 52.46 4.86 -19.86
N THR K 95 52.02 3.86 -19.11
CA THR K 95 50.59 3.69 -18.91
C THR K 95 50.00 4.67 -17.90
N VAL K 96 50.84 5.35 -17.12
CA VAL K 96 50.37 6.46 -16.28
C VAL K 96 50.36 7.76 -17.06
N LEU K 97 51.37 7.99 -17.91
CA LEU K 97 51.39 9.18 -18.76
C LEU K 97 50.22 9.17 -19.73
N ALA K 98 49.90 8.00 -20.31
CA ALA K 98 48.76 7.93 -21.21
C ALA K 98 47.46 8.25 -20.49
N GLY K 99 47.27 7.70 -19.30
CA GLY K 99 46.09 8.02 -18.51
C GLY K 99 45.98 9.48 -18.16
N ALA K 100 47.09 10.11 -17.75
CA ALA K 100 47.07 11.54 -17.47
C ALA K 100 46.76 12.36 -18.71
N LEU K 101 47.35 12.00 -19.85
CA LEU K 101 47.10 12.74 -21.09
C LEU K 101 45.64 12.66 -21.49
N VAL K 102 45.07 11.47 -21.45
CA VAL K 102 43.68 11.32 -21.86
C VAL K 102 42.74 11.98 -20.86
N SER K 103 43.04 11.91 -19.56
CA SER K 103 42.20 12.56 -18.57
C SER K 103 42.23 14.07 -18.75
N GLU K 104 43.41 14.65 -18.99
CA GLU K 104 43.49 16.09 -19.21
C GLU K 104 42.83 16.50 -20.51
N GLY K 105 42.91 15.66 -21.55
CA GLY K 105 42.20 15.96 -22.77
C GLY K 105 40.69 15.98 -22.59
N VAL K 106 40.16 15.01 -21.84
CA VAL K 106 38.72 15.04 -21.57
C VAL K 106 38.35 16.21 -20.68
N ASN K 107 39.23 16.59 -19.75
CA ASN K 107 38.98 17.79 -18.97
C ASN K 107 38.93 19.03 -19.86
N GLN K 108 39.73 19.05 -20.92
CA GLN K 108 39.69 20.17 -21.86
C GLN K 108 38.44 20.16 -22.73
N VAL K 109 38.01 19.00 -23.22
CA VAL K 109 36.79 18.96 -24.04
C VAL K 109 35.53 19.14 -23.20
N GLU K 110 35.59 18.88 -21.90
CA GLU K 110 34.49 19.24 -21.02
C GLU K 110 34.27 20.74 -21.00
N GLN K 111 35.35 21.51 -20.99
CA GLN K 111 35.27 22.96 -21.00
C GLN K 111 34.61 23.50 -22.26
N GLY K 112 34.61 22.74 -23.35
CA GLY K 112 34.03 23.14 -24.63
C GLY K 112 34.97 23.05 -25.81
N VAL K 113 36.22 22.66 -25.62
CA VAL K 113 37.16 22.61 -26.74
C VAL K 113 36.78 21.44 -27.65
N PRO K 114 36.85 21.58 -28.97
CA PRO K 114 36.63 20.41 -29.84
C PRO K 114 37.74 19.37 -29.69
N VAL K 115 37.39 18.13 -29.98
CA VAL K 115 38.31 17.01 -29.78
C VAL K 115 39.46 17.09 -30.77
N SER K 116 39.18 17.43 -32.03
CA SER K 116 40.22 17.42 -33.05
C SER K 116 41.33 18.43 -32.76
N ARG K 117 40.98 19.63 -32.30
CA ARG K 117 42.00 20.61 -31.95
C ARG K 117 42.84 20.13 -30.77
N VAL K 118 42.21 19.49 -29.78
CA VAL K 118 42.96 18.91 -28.67
C VAL K 118 43.94 17.87 -29.19
N ILE K 119 43.50 17.02 -30.11
CA ILE K 119 44.39 15.97 -30.63
C ILE K 119 45.55 16.59 -31.38
N GLU K 120 45.29 17.57 -32.24
CA GLU K 120 46.34 18.14 -33.07
C GLU K 120 47.26 19.06 -32.28
N GLY K 121 46.85 19.51 -31.09
CA GLY K 121 47.78 20.15 -30.18
C GLY K 121 48.57 19.16 -29.34
N LEU K 122 47.92 18.07 -28.93
CA LEU K 122 48.61 17.02 -28.19
C LEU K 122 49.74 16.42 -29.00
N ARG K 123 49.53 16.26 -30.30
CA ARG K 123 50.58 15.74 -31.17
C ARG K 123 51.84 16.60 -31.11
N ARG K 124 51.70 17.90 -31.30
CA ARG K 124 52.88 18.77 -31.27
C ARG K 124 53.47 18.90 -29.88
N GLY K 125 52.63 18.93 -28.83
CA GLY K 125 53.17 18.94 -27.49
C GLY K 125 54.03 17.72 -27.20
N VAL K 126 53.54 16.54 -27.56
CA VAL K 126 54.32 15.32 -27.35
C VAL K 126 55.57 15.34 -28.20
N GLU K 127 55.48 15.85 -29.43
CA GLU K 127 56.65 15.88 -30.31
C GLU K 127 57.76 16.74 -29.72
N ARG K 128 57.43 17.94 -29.26
CA ARG K 128 58.48 18.80 -28.71
C ARG K 128 58.93 18.33 -27.33
N ALA K 129 58.04 17.69 -26.56
CA ALA K 129 58.48 17.07 -25.32
C ALA K 129 59.53 16.00 -25.58
N LEU K 130 59.30 15.15 -26.59
CA LEU K 130 60.29 14.15 -26.96
C LEU K 130 61.58 14.79 -27.43
N GLU K 131 61.47 15.84 -28.25
CA GLU K 131 62.65 16.54 -28.75
C GLU K 131 63.51 17.03 -27.58
N LEU K 132 62.88 17.68 -26.61
CA LEU K 132 63.64 18.26 -25.51
C LEU K 132 64.12 17.20 -24.52
N LEU K 133 63.36 16.12 -24.33
CA LEU K 133 63.87 15.02 -23.50
C LEU K 133 65.10 14.39 -24.13
N ARG K 134 65.10 14.19 -25.44
CA ARG K 134 66.28 13.64 -26.10
C ARG K 134 67.44 14.62 -26.01
N LYS K 135 67.16 15.92 -26.14
CA LYS K 135 68.23 16.92 -26.03
C LYS K 135 68.83 16.92 -24.64
N GLN K 136 68.01 16.81 -23.61
CA GLN K 136 68.50 16.85 -22.24
C GLN K 136 69.17 15.55 -21.80
N ALA K 137 68.86 14.44 -22.46
CA ALA K 137 69.46 13.16 -22.09
C ALA K 137 70.94 13.19 -22.46
N LEU K 138 71.80 13.15 -21.44
CA LEU K 138 73.24 13.27 -21.61
C LEU K 138 73.88 11.89 -21.50
N PRO K 139 74.92 11.59 -22.29
CA PRO K 139 75.40 10.21 -22.36
C PRO K 139 76.39 9.90 -21.25
N VAL K 140 76.58 8.60 -21.02
CA VAL K 140 77.47 8.12 -19.98
C VAL K 140 78.83 7.84 -20.59
N GLU K 141 79.86 7.88 -19.74
CA GLU K 141 81.25 7.68 -20.15
C GLU K 141 81.69 6.32 -19.61
N GLY K 142 81.74 5.34 -20.50
CA GLY K 142 82.18 4.01 -20.14
C GLY K 142 81.26 3.35 -19.13
N LEU K 143 81.59 2.10 -18.81
CA LEU K 143 80.84 1.32 -17.84
C LEU K 143 81.43 1.39 -16.43
N ASP K 144 82.56 2.08 -16.25
CA ASP K 144 83.13 2.29 -14.93
C ASP K 144 82.48 3.44 -14.18
N ASP K 145 81.61 4.21 -14.82
CA ASP K 145 80.99 5.35 -14.18
C ASP K 145 80.08 4.87 -13.06
N PRO K 146 80.02 5.55 -11.90
CA PRO K 146 79.05 5.16 -10.87
C PRO K 146 77.60 5.31 -11.30
N ARG K 147 77.31 6.09 -12.34
CA ARG K 147 75.94 6.21 -12.80
C ARG K 147 75.41 4.91 -13.37
N LEU K 148 76.27 4.03 -13.89
CA LEU K 148 75.82 2.69 -14.25
C LEU K 148 75.35 1.92 -13.03
N ARG K 149 76.05 2.04 -11.90
CA ARG K 149 75.57 1.44 -10.67
C ARG K 149 74.26 2.09 -10.24
N ALA K 150 74.14 3.41 -10.41
CA ALA K 150 72.94 4.13 -9.97
C ALA K 150 71.72 3.66 -10.74
N VAL K 151 71.83 3.56 -12.07
CA VAL K 151 70.68 3.17 -12.87
C VAL K 151 70.30 1.72 -12.58
N ALA K 152 71.29 0.86 -12.35
CA ALA K 152 70.99 -0.54 -12.02
C ALA K 152 70.35 -0.69 -10.64
N ARG K 153 70.74 0.15 -9.68
CA ARG K 153 70.23 0.00 -8.33
C ARG K 153 68.72 0.20 -8.26
N ILE K 154 68.19 1.18 -8.99
CA ILE K 154 66.77 1.49 -8.90
C ILE K 154 65.94 0.33 -9.43
N ALA K 155 66.40 -0.34 -10.49
CA ALA K 155 65.65 -1.44 -11.07
C ALA K 155 65.65 -2.69 -10.19
N ALA K 156 66.50 -2.76 -9.17
CA ALA K 156 66.66 -3.96 -8.36
C ALA K 156 66.01 -3.82 -6.98
N ARG K 157 65.04 -2.92 -6.83
CA ARG K 157 64.42 -2.63 -5.53
C ARG K 157 65.47 -2.21 -4.51
N GLU K 158 66.49 -1.49 -4.98
CA GLU K 158 67.57 -1.01 -4.13
C GLU K 158 68.31 -2.16 -3.44
N ARG K 159 68.37 -3.33 -4.07
CA ARG K 159 69.12 -4.47 -3.57
C ARG K 159 70.43 -4.53 -4.34
N GLU K 160 71.52 -4.13 -3.69
CA GLU K 160 72.81 -4.00 -4.36
C GLU K 160 73.35 -5.33 -4.88
N ASP K 161 72.88 -6.45 -4.32
CA ASP K 161 73.36 -7.75 -4.76
C ASP K 161 73.08 -7.98 -6.25
N ILE K 162 71.87 -7.65 -6.71
CA ILE K 162 71.55 -7.82 -8.12
C ILE K 162 72.16 -6.70 -8.95
N ALA K 163 72.46 -5.56 -8.34
CA ALA K 163 73.11 -4.49 -9.08
C ALA K 163 74.54 -4.85 -9.45
N ASP K 164 75.30 -5.40 -8.49
CA ASP K 164 76.72 -5.61 -8.71
C ASP K 164 76.99 -6.64 -9.79
N LEU K 165 76.28 -7.77 -9.79
CA LEU K 165 76.56 -8.78 -10.81
C LEU K 165 76.09 -8.33 -12.19
N VAL K 166 75.02 -7.52 -12.26
CA VAL K 166 74.57 -7.03 -13.55
C VAL K 166 75.61 -6.08 -14.13
N VAL K 167 76.12 -5.15 -13.33
CA VAL K 167 77.13 -4.23 -13.86
C VAL K 167 78.42 -4.99 -14.17
N GLU K 168 78.73 -6.02 -13.36
CA GLU K 168 79.90 -6.85 -13.64
C GLU K 168 79.78 -7.52 -15.00
N ALA K 169 78.62 -8.11 -15.29
CA ALA K 169 78.41 -8.69 -16.60
C ALA K 169 78.48 -7.64 -17.70
N ALA K 170 77.92 -6.46 -17.44
CA ALA K 170 77.94 -5.40 -18.45
C ALA K 170 79.36 -5.00 -18.81
N ARG K 171 80.23 -4.85 -17.81
CA ARG K 171 81.62 -4.54 -18.12
C ARG K 171 82.36 -5.74 -18.69
N HIS K 172 81.89 -6.96 -18.42
CA HIS K 172 82.49 -8.14 -19.02
C HIS K 172 82.21 -8.23 -20.51
N ILE K 173 81.01 -7.87 -20.95
CA ILE K 173 80.67 -7.98 -22.37
C ILE K 173 81.46 -6.97 -23.20
N GLY K 174 81.44 -5.71 -22.80
CA GLY K 174 82.10 -4.64 -23.52
C GLY K 174 81.12 -3.59 -24.01
N GLU K 175 81.68 -2.58 -24.68
CA GLU K 175 80.89 -1.45 -25.16
C GLU K 175 80.23 -1.77 -26.49
N ASP K 176 81.04 -2.00 -27.53
CA ASP K 176 80.50 -2.27 -28.85
C ASP K 176 79.68 -3.55 -28.88
N LYS K 177 80.03 -4.53 -28.04
CA LYS K 177 79.24 -5.76 -27.98
C LYS K 177 77.86 -5.49 -27.42
N LEU K 178 77.73 -4.52 -26.51
CA LEU K 178 76.43 -4.13 -25.97
C LEU K 178 75.71 -3.13 -26.87
N GLN K 179 76.42 -2.49 -27.79
CA GLN K 179 75.79 -1.60 -28.77
C GLN K 179 75.06 -2.36 -29.87
N ASP K 180 75.19 -3.67 -29.94
CA ASP K 180 74.56 -4.44 -31.01
C ASP K 180 73.04 -4.35 -30.90
N PRO K 181 72.32 -3.89 -31.93
CA PRO K 181 70.86 -3.79 -31.78
C PRO K 181 70.16 -5.14 -31.80
N ASN K 182 70.75 -6.16 -32.42
CA ASN K 182 70.13 -7.48 -32.45
C ASN K 182 70.33 -8.26 -31.16
N PHE K 183 71.13 -7.75 -30.22
CA PHE K 183 71.45 -8.46 -28.99
C PHE K 183 70.63 -7.86 -27.84
N LYS K 184 69.90 -8.72 -27.14
CA LYS K 184 69.09 -8.34 -25.98
C LYS K 184 69.66 -9.05 -24.77
N LEU K 185 70.42 -8.32 -23.95
CA LEU K 185 71.13 -8.92 -22.83
C LEU K 185 70.19 -9.44 -21.75
N ALA K 186 68.92 -9.04 -21.76
CA ALA K 186 67.96 -9.55 -20.80
C ALA K 186 67.64 -11.02 -21.01
N ASP K 187 68.02 -11.61 -22.14
CA ASP K 187 67.88 -13.04 -22.36
C ASP K 187 69.10 -13.84 -21.90
N THR K 188 70.20 -13.16 -21.53
CA THR K 188 71.40 -13.82 -21.04
C THR K 188 71.39 -14.00 -19.53
N VAL K 189 70.31 -13.66 -18.84
CA VAL K 189 70.18 -13.86 -17.41
C VAL K 189 69.28 -15.06 -17.16
N THR K 190 69.55 -15.75 -16.05
CA THR K 190 68.77 -16.92 -15.67
C THR K 190 68.91 -17.10 -14.17
N ALA K 191 67.81 -17.37 -13.49
CA ALA K 191 67.78 -17.51 -12.04
C ALA K 191 67.54 -18.97 -11.66
N ARG K 192 68.33 -19.46 -10.71
CA ARG K 192 68.23 -20.83 -10.22
C ARG K 192 68.22 -20.83 -8.70
N GLU K 193 67.53 -21.81 -8.13
CA GLU K 193 67.37 -21.88 -6.68
C GLU K 193 68.58 -22.55 -6.03
N GLY K 194 68.95 -22.06 -4.86
CA GLY K 194 69.99 -22.67 -4.07
C GLY K 194 71.40 -22.37 -4.51
N ALA K 195 71.59 -21.53 -5.53
CA ALA K 195 72.91 -21.19 -6.04
C ALA K 195 73.37 -19.86 -5.46
N GLU K 196 74.64 -19.54 -5.68
CA GLU K 196 75.25 -18.31 -5.21
C GLU K 196 75.17 -17.26 -6.31
N ASN K 197 75.77 -16.09 -6.07
CA ASN K 197 75.74 -14.96 -6.99
C ASN K 197 77.06 -14.94 -7.77
N GLN K 198 76.98 -15.27 -9.06
CA GLN K 198 78.14 -15.22 -9.93
C GLN K 198 77.68 -15.21 -11.38
N VAL K 199 78.61 -14.87 -12.27
CA VAL K 199 78.38 -14.85 -13.71
C VAL K 199 79.40 -15.75 -14.37
N ILE K 200 78.94 -16.60 -15.28
CA ILE K 200 79.80 -17.56 -15.98
C ILE K 200 80.16 -17.01 -17.35
N THR K 356 75.96 -15.84 -19.65
CA THR K 356 75.04 -16.50 -18.74
C THR K 356 75.25 -16.01 -17.31
N VAL K 357 74.25 -15.30 -16.78
CA VAL K 357 74.28 -14.76 -15.43
C VAL K 357 73.37 -15.64 -14.59
N LEU K 358 73.96 -16.49 -13.75
CA LEU K 358 73.20 -17.37 -12.87
C LEU K 358 72.84 -16.60 -11.61
N VAL K 359 71.56 -16.27 -11.46
CA VAL K 359 71.08 -15.50 -10.32
C VAL K 359 70.62 -16.46 -9.25
N GLY K 360 71.14 -16.28 -8.03
CA GLY K 360 70.77 -17.15 -6.94
C GLY K 360 69.41 -16.82 -6.35
N ALA K 361 68.79 -17.83 -5.75
CA ALA K 361 67.52 -17.69 -5.08
C ALA K 361 67.42 -18.70 -3.95
N ALA K 362 66.54 -18.41 -2.99
CA ALA K 362 66.41 -19.27 -1.82
C ALA K 362 65.67 -20.56 -2.18
N THR K 363 64.42 -20.43 -2.60
CA THR K 363 63.55 -21.55 -2.95
C THR K 363 63.08 -21.43 -4.39
N GLU K 364 62.33 -22.43 -4.84
CA GLU K 364 61.82 -22.42 -6.20
C GLU K 364 60.85 -21.26 -6.43
N GLU K 365 60.00 -20.96 -5.44
CA GLU K 365 59.06 -19.85 -5.58
C GLU K 365 59.76 -18.51 -5.65
N VAL K 366 60.88 -18.36 -4.94
CA VAL K 366 61.63 -17.10 -4.99
C VAL K 366 62.22 -16.85 -6.37
N VAL K 367 62.37 -17.89 -7.19
CA VAL K 367 62.95 -17.72 -8.52
C VAL K 367 62.08 -16.80 -9.37
N GLY K 368 60.75 -16.91 -9.22
CA GLY K 368 59.87 -16.17 -10.12
C GLY K 368 59.99 -14.67 -10.00
N GLU K 369 59.99 -14.15 -8.78
CA GLU K 369 60.06 -12.70 -8.59
C GLU K 369 61.47 -12.15 -8.72
N ARG K 370 62.50 -13.00 -8.63
CA ARG K 370 63.87 -12.54 -8.78
C ARG K 370 64.32 -12.57 -10.23
N GLU K 371 63.83 -13.51 -11.02
CA GLU K 371 64.20 -13.60 -12.42
C GLU K 371 63.71 -12.34 -13.16
N ARG K 372 62.48 -11.91 -12.87
CA ARG K 372 61.95 -10.71 -13.49
C ARG K 372 62.77 -9.49 -13.11
N VAL K 373 63.18 -9.39 -11.84
CA VAL K 373 63.99 -8.25 -11.42
C VAL K 373 65.35 -8.30 -12.12
N ALA K 374 65.89 -9.50 -12.32
CA ALA K 374 67.15 -9.63 -13.04
C ALA K 374 67.00 -9.07 -14.45
N LYS K 375 65.93 -9.44 -15.16
CA LYS K 375 65.76 -8.85 -16.48
C LYS K 375 65.49 -7.36 -16.45
N ASP K 376 64.81 -6.86 -15.41
CA ASP K 376 64.57 -5.42 -15.33
C ASP K 376 65.88 -4.66 -15.19
N ALA K 377 66.74 -5.10 -14.26
CA ALA K 377 68.05 -4.45 -14.11
C ALA K 377 68.88 -4.60 -15.39
N ALA K 378 68.82 -5.77 -16.01
CA ALA K 378 69.57 -5.99 -17.25
C ALA K 378 69.12 -5.04 -18.35
N SER K 379 67.81 -4.89 -18.53
CA SER K 379 67.30 -3.97 -19.53
C SER K 379 67.68 -2.54 -19.21
N ALA K 380 67.66 -2.17 -17.93
CA ALA K 380 68.07 -0.82 -17.55
C ALA K 380 69.51 -0.56 -17.96
N VAL K 381 70.44 -1.46 -17.60
CA VAL K 381 71.82 -1.21 -17.97
C VAL K 381 72.03 -1.29 -19.47
N GLN K 382 71.25 -2.14 -20.17
CA GLN K 382 71.35 -2.22 -21.62
C GLN K 382 70.97 -0.88 -22.25
N ALA K 383 69.85 -0.31 -21.83
CA ALA K 383 69.43 0.98 -22.36
C ALA K 383 70.38 2.11 -21.97
N ALA K 384 71.01 1.99 -20.80
CA ALA K 384 71.86 3.08 -20.32
C ALA K 384 73.03 3.34 -21.27
N ILE K 385 73.68 2.27 -21.75
CA ILE K 385 74.83 2.47 -22.63
C ILE K 385 74.38 3.00 -23.99
N ARG K 386 73.31 2.43 -24.54
CA ARG K 386 72.87 2.83 -25.87
C ARG K 386 72.40 4.28 -25.91
N GLY K 387 71.57 4.68 -24.96
CA GLY K 387 70.94 6.00 -25.02
C GLY K 387 71.60 7.06 -24.17
N GLY K 388 71.91 6.73 -22.93
CA GLY K 388 72.49 7.66 -22.00
C GLY K 388 71.77 7.67 -20.67
N VAL K 389 71.75 8.85 -20.05
CA VAL K 389 71.28 9.04 -18.69
C VAL K 389 70.30 10.20 -18.67
N VAL K 390 69.23 10.06 -17.89
CA VAL K 390 68.23 11.11 -17.70
C VAL K 390 67.93 11.18 -16.20
N PRO K 391 67.75 12.35 -15.59
CA PRO K 391 67.41 12.38 -14.16
C PRO K 391 66.04 11.78 -13.91
N GLY K 392 66.01 10.73 -13.09
CA GLY K 392 64.78 10.00 -12.81
C GLY K 392 63.94 10.68 -11.76
N GLY K 393 62.97 9.92 -11.24
CA GLY K 393 62.06 10.46 -10.25
C GLY K 393 61.08 11.47 -10.79
N GLY K 394 60.87 11.49 -12.11
CA GLY K 394 59.97 12.47 -12.71
C GLY K 394 60.55 13.85 -12.89
N ALA K 395 61.83 14.04 -12.55
CA ALA K 395 62.42 15.37 -12.66
C ALA K 395 62.52 15.83 -14.11
N ALA K 396 62.89 14.94 -15.03
CA ALA K 396 63.03 15.32 -16.42
C ALA K 396 61.69 15.67 -17.05
N GLU K 397 60.63 14.97 -16.67
CA GLU K 397 59.30 15.30 -17.18
C GLU K 397 58.91 16.72 -16.77
N LEU K 398 59.16 17.07 -15.52
CA LEU K 398 58.89 18.42 -15.06
C LEU K 398 59.79 19.43 -15.75
N ALA K 399 61.04 19.05 -16.04
CA ALA K 399 61.94 19.94 -16.75
C ALA K 399 61.42 20.28 -18.14
N VAL K 400 60.92 19.28 -18.86
CA VAL K 400 60.39 19.52 -20.21
C VAL K 400 58.97 20.09 -20.18
N ALA K 401 58.24 19.95 -19.08
CA ALA K 401 56.90 20.50 -19.01
C ALA K 401 56.91 22.02 -19.09
N ARG K 402 57.91 22.67 -18.52
CA ARG K 402 57.99 24.13 -18.59
C ARG K 402 58.16 24.59 -20.03
N GLU K 403 59.01 23.89 -20.76
CA GLU K 403 59.28 24.24 -22.17
C GLU K 403 58.06 23.88 -23.01
N VAL K 404 57.27 22.89 -22.64
CA VAL K 404 56.02 22.61 -23.35
C VAL K 404 54.98 23.67 -23.04
N GLU K 405 54.98 24.22 -21.82
CA GLU K 405 54.10 25.34 -21.52
C GLU K 405 54.47 26.57 -22.33
N LYS K 406 55.76 26.84 -22.48
CA LYS K 406 56.17 27.92 -23.37
C LYS K 406 55.74 27.66 -24.81
N LEU K 407 55.79 26.40 -25.24
CA LEU K 407 55.28 26.06 -26.57
C LEU K 407 53.79 26.35 -26.66
N ALA K 408 53.03 26.00 -25.63
CA ALA K 408 51.60 26.30 -25.59
C ALA K 408 51.34 27.80 -25.71
N GLU K 409 52.14 28.61 -25.03
CA GLU K 409 52.11 30.06 -25.23
C GLU K 409 52.55 30.47 -26.63
N GLU K 410 53.31 29.61 -27.31
CA GLU K 410 53.73 29.84 -28.70
C GLU K 410 52.73 29.31 -29.73
N VAL K 411 51.88 28.36 -29.37
CA VAL K 411 50.98 27.73 -30.33
C VAL K 411 49.73 28.57 -30.48
N LYS K 412 49.14 28.55 -31.67
CA LYS K 412 48.11 29.50 -32.08
C LYS K 412 46.73 28.85 -32.02
N GLY K 413 45.82 29.47 -31.28
CA GLY K 413 44.40 29.20 -31.38
C GLY K 413 43.89 28.27 -30.31
N MET K 414 42.70 27.73 -30.57
CA MET K 414 42.07 26.77 -29.67
C MET K 414 42.89 25.49 -29.52
N GLU K 415 43.76 25.20 -30.49
CA GLU K 415 44.60 24.01 -30.40
C GLU K 415 45.56 24.06 -29.22
N ARG K 416 45.89 25.25 -28.71
CA ARG K 416 46.87 25.36 -27.64
C ARG K 416 46.44 24.65 -26.37
N TYR K 417 45.13 24.44 -26.16
CA TYR K 417 44.65 23.74 -24.99
C TYR K 417 45.03 22.26 -24.98
N GLY K 418 45.53 21.73 -26.09
CA GLY K 418 46.11 20.40 -26.10
C GLY K 418 47.56 20.42 -25.64
N VAL K 419 48.26 21.51 -25.95
CA VAL K 419 49.66 21.61 -25.53
C VAL K 419 49.74 21.77 -24.02
N GLU K 420 48.82 22.56 -23.43
CA GLU K 420 48.78 22.62 -21.98
C GLU K 420 48.26 21.33 -21.37
N ALA K 421 47.46 20.55 -22.11
CA ALA K 421 47.11 19.22 -21.64
C ALA K 421 48.34 18.32 -21.56
N VAL K 422 49.23 18.42 -22.55
CA VAL K 422 50.50 17.70 -22.47
C VAL K 422 51.32 18.20 -21.29
N ALA K 423 51.34 19.53 -21.09
CA ALA K 423 52.11 20.10 -19.99
C ALA K 423 51.62 19.59 -18.63
N GLU K 424 50.31 19.56 -18.41
CA GLU K 424 49.79 19.05 -17.15
C GLU K 424 50.04 17.56 -17.00
N ALA K 425 49.86 16.78 -18.06
CA ALA K 425 50.04 15.35 -18.00
C ALA K 425 51.48 14.94 -17.74
N LEU K 426 52.45 15.77 -18.12
CA LEU K 426 53.84 15.41 -17.89
C LEU K 426 54.23 15.47 -16.43
N LYS K 427 53.52 16.26 -15.61
CA LYS K 427 53.85 16.36 -14.20
C LYS K 427 53.31 15.21 -13.38
N LYS K 428 52.36 14.43 -13.91
CA LYS K 428 51.77 13.35 -13.14
C LYS K 428 52.78 12.32 -12.66
N PRO K 429 53.79 11.90 -13.46
CA PRO K 429 54.86 11.07 -12.89
C PRO K 429 55.46 11.59 -11.60
N LEU K 430 55.95 12.82 -11.57
CA LEU K 430 56.52 13.35 -10.33
C LEU K 430 55.47 13.49 -9.24
N ARG K 431 54.25 13.88 -9.59
CA ARG K 431 53.19 13.98 -8.61
C ARG K 431 52.94 12.65 -7.92
N GLN K 432 52.96 11.55 -8.66
CA GLN K 432 52.73 10.24 -8.05
C GLN K 432 53.97 9.67 -7.37
N ILE K 433 55.18 10.00 -7.83
CA ILE K 433 56.37 9.72 -7.04
C ILE K 433 56.24 10.36 -5.67
N VAL K 434 55.77 11.62 -5.64
CA VAL K 434 55.64 12.33 -4.38
C VAL K 434 54.51 11.72 -3.54
N ALA K 435 53.36 11.45 -4.16
CA ALA K 435 52.21 10.94 -3.42
C ALA K 435 52.47 9.56 -2.83
N ASN K 436 53.07 8.66 -3.61
CA ASN K 436 53.42 7.34 -3.09
C ASN K 436 54.48 7.39 -2.02
N ALA K 437 55.29 8.45 -1.99
CA ALA K 437 56.28 8.64 -0.94
C ALA K 437 55.67 9.13 0.37
N GLY K 438 54.37 9.44 0.39
CA GLY K 438 53.73 9.87 1.61
C GLY K 438 53.82 11.36 1.90
N PHE K 439 53.80 12.20 0.87
CA PHE K 439 53.80 13.64 1.01
C PHE K 439 52.63 14.24 0.25
N ASN K 440 52.41 15.54 0.47
CA ASN K 440 51.35 16.25 -0.23
C ASN K 440 51.88 16.72 -1.57
N PRO K 441 51.34 16.27 -2.71
CA PRO K 441 51.96 16.65 -4.00
C PRO K 441 51.83 18.12 -4.33
N LEU K 442 50.77 18.79 -3.87
CA LEU K 442 50.59 20.19 -4.20
C LEU K 442 51.71 21.04 -3.63
N GLU K 443 51.95 20.93 -2.32
CA GLU K 443 53.00 21.74 -1.70
C GLU K 443 54.38 21.34 -2.16
N LYS K 444 54.61 20.05 -2.41
CA LYS K 444 55.92 19.61 -2.87
C LYS K 444 56.23 20.11 -4.27
N LEU K 445 55.26 20.06 -5.18
CA LEU K 445 55.42 20.75 -6.46
C LEU K 445 55.58 22.23 -6.27
N GLY K 446 54.96 22.81 -5.23
CA GLY K 446 55.15 24.23 -4.97
C GLY K 446 56.59 24.59 -4.68
N ASP K 447 57.24 23.87 -3.76
CA ASP K 447 58.60 24.25 -3.37
C ASP K 447 59.66 23.61 -4.25
N LEU K 448 59.27 22.74 -5.19
CA LEU K 448 60.22 22.27 -6.19
C LEU K 448 60.74 23.38 -7.08
N ARG K 449 60.06 24.54 -7.13
CA ARG K 449 60.38 25.61 -8.05
C ARG K 449 61.36 26.62 -7.45
N ALA K 450 62.24 26.19 -6.55
CA ALA K 450 63.19 27.11 -5.93
C ALA K 450 64.41 27.32 -6.82
N ALA K 451 65.20 26.26 -7.02
CA ALA K 451 66.41 26.36 -7.83
C ALA K 451 66.13 26.27 -9.32
N HIS K 452 64.91 25.89 -9.72
CA HIS K 452 64.57 25.81 -11.14
C HIS K 452 64.59 27.16 -11.81
N ARG K 453 64.54 28.26 -11.06
CA ARG K 453 64.72 29.59 -11.62
C ARG K 453 66.16 29.88 -12.00
N THR K 454 67.13 29.15 -11.43
CA THR K 454 68.54 29.42 -11.65
C THR K 454 69.03 28.97 -13.01
N GLY K 455 68.23 28.23 -13.78
CA GLY K 455 68.60 27.75 -15.10
C GLY K 455 68.93 26.28 -15.16
N ASN K 456 69.17 25.63 -14.03
CA ASN K 456 69.40 24.19 -14.00
C ASN K 456 68.07 23.45 -13.88
N ASP K 457 67.91 22.43 -14.71
CA ASP K 457 66.65 21.71 -14.87
C ASP K 457 66.75 20.26 -14.40
N SER K 458 67.59 19.98 -13.41
CA SER K 458 67.81 18.64 -12.90
C SER K 458 67.29 18.45 -11.48
N LEU K 459 66.42 19.34 -11.01
CA LEU K 459 65.93 19.28 -9.64
C LEU K 459 64.75 18.32 -9.53
N GLY K 460 64.64 17.67 -8.37
CA GLY K 460 63.55 16.77 -8.09
C GLY K 460 63.24 16.72 -6.61
N ILE K 461 62.61 15.64 -6.16
CA ILE K 461 62.21 15.48 -4.76
C ILE K 461 62.63 14.08 -4.32
N ASP K 462 63.42 14.02 -3.25
CA ASP K 462 63.79 12.74 -2.66
C ASP K 462 62.62 12.15 -1.87
N CYS K 463 62.62 10.82 -1.78
CA CYS K 463 61.46 10.08 -1.33
C CYS K 463 61.55 9.62 0.13
N ASP K 464 62.56 10.05 0.88
CA ASP K 464 62.73 9.66 2.28
C ASP K 464 62.49 10.81 3.24
N THR K 465 63.01 12.00 2.95
CA THR K 465 62.83 13.18 3.80
C THR K 465 61.97 14.26 3.15
N GLY K 466 61.65 14.14 1.87
CA GLY K 466 60.78 15.09 1.22
C GLY K 466 61.40 16.42 0.87
N GLU K 467 62.71 16.57 1.05
CA GLU K 467 63.40 17.80 0.71
C GLU K 467 63.74 17.84 -0.77
N VAL K 468 63.81 19.05 -1.33
CA VAL K 468 64.14 19.22 -2.73
C VAL K 468 65.66 19.13 -2.88
N VAL K 469 66.12 18.14 -3.64
CA VAL K 469 67.55 17.90 -3.85
C VAL K 469 67.80 17.63 -5.32
N ASP K 470 69.01 17.98 -5.75
CA ASP K 470 69.42 17.72 -7.12
C ASP K 470 69.49 16.21 -7.36
N MET K 471 68.94 15.78 -8.49
CA MET K 471 68.84 14.35 -8.77
C MET K 471 70.15 13.75 -9.28
N TRP K 472 71.12 14.58 -9.69
CA TRP K 472 72.43 14.05 -10.00
C TRP K 472 73.17 13.64 -8.73
N GLU K 473 73.14 14.49 -7.70
CA GLU K 473 73.83 14.16 -6.46
C GLU K 473 73.16 13.01 -5.74
N ALA K 474 71.83 13.03 -5.65
CA ALA K 474 71.11 11.95 -4.96
C ALA K 474 71.22 10.63 -5.70
N GLY K 475 71.57 10.64 -6.98
CA GLY K 475 71.72 9.41 -7.73
C GLY K 475 70.42 8.84 -8.27
N VAL K 476 69.31 9.57 -8.17
CA VAL K 476 68.04 9.11 -8.73
C VAL K 476 68.18 9.22 -10.25
N ILE K 477 68.32 8.07 -10.91
CA ILE K 477 68.70 8.01 -12.33
C ILE K 477 67.79 7.01 -13.03
N ASP K 478 67.42 7.33 -14.28
CA ASP K 478 66.52 6.61 -15.14
C ASP K 478 67.12 6.51 -16.55
N PRO K 479 67.06 5.37 -17.25
CA PRO K 479 67.61 5.35 -18.61
C PRO K 479 66.84 6.26 -19.55
N ALA K 480 67.56 6.80 -20.53
CA ALA K 480 66.94 7.77 -21.44
C ALA K 480 65.96 7.11 -22.40
N PRO K 481 66.33 6.08 -23.17
CA PRO K 481 65.37 5.49 -24.11
C PRO K 481 64.13 4.95 -23.46
N VAL K 482 64.23 4.42 -22.24
CA VAL K 482 63.05 3.89 -21.54
C VAL K 482 62.06 4.98 -21.21
N LYS K 483 62.49 6.24 -21.19
CA LYS K 483 61.59 7.39 -21.03
C LYS K 483 61.15 7.98 -22.37
N LEU K 484 62.06 8.12 -23.33
CA LEU K 484 61.67 8.64 -24.63
C LEU K 484 60.61 7.75 -25.27
N HIS K 485 60.85 6.44 -25.31
CA HIS K 485 59.88 5.51 -25.88
C HIS K 485 58.61 5.42 -25.04
N ALA K 486 58.71 5.53 -23.71
CA ALA K 486 57.51 5.52 -22.88
C ALA K 486 56.60 6.69 -23.21
N LEU K 487 57.18 7.89 -23.33
CA LEU K 487 56.38 9.06 -23.67
C LEU K 487 55.85 9.00 -25.10
N LYS K 488 56.65 8.47 -26.03
CA LYS K 488 56.14 8.26 -27.39
C LYS K 488 54.93 7.34 -27.40
N ALA K 489 55.03 6.21 -26.69
CA ALA K 489 53.91 5.28 -26.62
C ALA K 489 52.69 5.92 -25.97
N ALA K 490 52.90 6.67 -24.89
CA ALA K 490 51.78 7.31 -24.22
C ALA K 490 51.09 8.32 -25.13
N GLY K 491 51.87 9.13 -25.84
CA GLY K 491 51.27 10.08 -26.76
C GLY K 491 50.53 9.42 -27.90
N GLU K 492 51.14 8.39 -28.50
CA GLU K 492 50.48 7.70 -29.61
C GLU K 492 49.16 7.08 -29.17
N VAL K 493 49.16 6.37 -28.04
CA VAL K 493 47.90 5.76 -27.61
C VAL K 493 46.90 6.81 -27.12
N ALA K 494 47.36 7.91 -26.51
CA ALA K 494 46.42 8.94 -26.11
C ALA K 494 45.70 9.53 -27.32
N ALA K 495 46.45 9.80 -28.40
CA ALA K 495 45.81 10.22 -29.64
C ALA K 495 44.87 9.16 -30.19
N ALA K 496 45.28 7.90 -30.18
CA ALA K 496 44.46 6.83 -30.71
C ALA K 496 43.13 6.66 -29.98
N ILE K 497 43.10 6.87 -28.67
CA ILE K 497 41.87 6.72 -27.90
C ILE K 497 41.06 8.01 -27.94
N LEU K 498 41.73 9.16 -28.03
CA LEU K 498 40.98 10.40 -28.16
C LEU K 498 40.30 10.53 -29.51
N ARG K 499 40.81 9.85 -30.54
CA ARG K 499 40.18 9.95 -31.85
C ARG K 499 38.84 9.22 -31.93
N ILE K 500 38.56 8.29 -31.01
CA ILE K 500 37.30 7.57 -31.04
C ILE K 500 36.17 8.52 -30.64
N ASN K 501 35.02 8.38 -31.31
CA ASN K 501 33.81 9.10 -30.92
C ASN K 501 32.55 8.27 -30.93
N THR K 502 32.58 7.05 -31.47
CA THR K 502 31.39 6.22 -31.53
C THR K 502 31.75 4.75 -31.37
N ILE K 503 30.87 4.02 -30.70
CA ILE K 503 30.98 2.58 -30.53
C ILE K 503 29.68 1.95 -31.01
N ILE K 504 29.77 1.07 -32.00
CA ILE K 504 28.61 0.46 -32.64
C ILE K 504 28.86 -1.04 -32.78
N LYS K 505 27.82 -1.83 -32.56
CA LYS K 505 27.96 -3.28 -32.57
C LYS K 505 28.24 -3.76 -33.99
N MET K 506 28.74 -4.99 -34.08
CA MET K 506 29.24 -5.60 -35.30
C MET K 506 28.29 -6.74 -35.71
N LYS K 507 28.57 -7.34 -36.87
CA LYS K 507 27.64 -8.29 -37.50
C LYS K 507 27.23 -9.42 -36.57
N ALA L 12 -3.56 8.77 -41.32
CA ALA L 12 -2.64 9.70 -41.97
C ALA L 12 -1.35 9.85 -41.17
N ASP L 13 -1.45 9.93 -39.85
CA ASP L 13 -0.25 9.98 -39.03
C ASP L 13 0.56 8.69 -39.15
N GLU L 14 -0.12 7.56 -39.31
CA GLU L 14 0.59 6.29 -39.47
C GLU L 14 1.42 6.28 -40.74
N ARG L 15 0.91 6.88 -41.82
CA ARG L 15 1.70 6.97 -43.04
C ARG L 15 2.94 7.83 -42.84
N PHE L 16 2.79 8.95 -42.12
CA PHE L 16 3.95 9.79 -41.81
C PHE L 16 4.88 9.09 -40.83
N GLN L 17 4.33 8.43 -39.81
CA GLN L 17 5.17 7.74 -38.84
C GLN L 17 5.95 6.61 -39.51
N ALA L 18 5.34 5.91 -40.46
CA ALA L 18 6.07 4.88 -41.19
C ALA L 18 7.21 5.49 -42.00
N LEU L 19 7.02 6.69 -42.54
CA LEU L 19 8.10 7.38 -43.23
C LEU L 19 9.19 7.80 -42.26
N LEU L 20 8.80 8.34 -41.10
CA LEU L 20 9.79 8.80 -40.13
C LEU L 20 10.63 7.65 -39.59
N THR L 21 10.04 6.45 -39.51
CA THR L 21 10.81 5.29 -39.04
C THR L 21 11.94 4.97 -40.01
N ASN L 22 11.69 5.08 -41.32
CA ASN L 22 12.74 4.84 -42.30
C ASN L 22 13.84 5.89 -42.21
N VAL L 23 13.55 7.12 -41.83
CA VAL L 23 14.56 8.23 -41.86
C VAL L 23 15.40 8.20 -40.58
N ASN L 24 15.01 7.55 -39.50
CA ASN L 24 15.90 7.36 -38.36
C ASN L 24 16.88 6.22 -38.60
N ALA L 25 16.46 5.16 -39.29
CA ALA L 25 17.40 4.11 -39.67
C ALA L 25 18.46 4.65 -40.62
N VAL L 26 18.06 5.48 -41.59
CA VAL L 26 19.02 6.07 -42.50
C VAL L 26 19.88 7.10 -41.79
N ARG L 27 19.26 7.93 -40.95
CA ARG L 27 20.03 8.95 -40.24
C ARG L 27 21.01 8.32 -39.26
N ALA L 28 20.61 7.22 -38.62
CA ALA L 28 21.52 6.53 -37.71
C ALA L 28 22.74 5.98 -38.44
N ILE L 29 22.54 5.42 -39.64
CA ILE L 29 23.66 4.90 -40.41
C ILE L 29 24.58 6.04 -40.82
N ALA L 30 24.01 7.14 -41.31
CA ALA L 30 24.83 8.26 -41.76
C ALA L 30 25.60 8.90 -40.61
N ASP L 31 25.00 8.96 -39.42
CA ASP L 31 25.70 9.52 -38.27
C ASP L 31 26.92 8.70 -37.88
N ALA L 32 26.91 7.39 -38.14
CA ALA L 32 28.06 6.56 -37.83
C ALA L 32 29.26 6.94 -38.69
N VAL L 33 29.05 7.17 -39.99
CA VAL L 33 30.13 7.51 -40.91
C VAL L 33 30.31 9.01 -41.07
N GLU L 34 29.52 9.81 -40.40
CA GLU L 34 29.66 11.25 -40.58
C GLU L 34 31.04 11.59 -40.04
N GLY L 35 31.44 11.13 -38.86
CA GLY L 35 32.69 11.53 -38.24
C GLY L 35 33.95 11.12 -38.97
N THR L 36 33.83 10.24 -39.96
CA THR L 36 34.99 9.75 -40.71
C THR L 36 35.27 10.59 -41.96
N LEU L 37 34.62 11.73 -42.12
CA LEU L 37 34.75 12.51 -43.34
C LEU L 37 35.89 13.52 -43.22
N GLY L 38 36.53 13.78 -44.36
CA GLY L 38 37.53 14.82 -44.46
C GLY L 38 38.91 14.37 -44.05
N PRO L 39 39.92 15.21 -44.32
CA PRO L 39 41.29 14.81 -43.97
C PRO L 39 41.56 14.76 -42.48
N LYS L 40 40.80 15.49 -41.68
CA LYS L 40 40.90 15.44 -40.22
C LYS L 40 39.82 14.53 -39.63
N GLY L 41 39.50 13.46 -40.34
CA GLY L 41 38.44 12.58 -39.88
C GLY L 41 38.81 11.82 -38.63
N LEU L 42 37.78 11.32 -37.96
CA LEU L 42 37.90 10.61 -36.70
C LEU L 42 37.44 9.17 -36.85
N ASP L 43 38.11 8.29 -36.13
CA ASP L 43 37.91 6.85 -36.22
C ASP L 43 36.71 6.38 -35.39
N VAL L 44 36.26 5.16 -35.67
CA VAL L 44 35.09 4.57 -35.05
C VAL L 44 35.43 3.17 -34.58
N MET L 45 34.94 2.80 -33.40
CA MET L 45 35.17 1.47 -32.85
C MET L 45 34.00 0.55 -33.15
N LEU L 46 34.32 -0.69 -33.51
CA LEU L 46 33.34 -1.75 -33.72
C LEU L 46 33.60 -2.85 -32.71
N VAL L 47 32.52 -3.32 -32.06
CA VAL L 47 32.63 -4.27 -30.96
C VAL L 47 31.76 -5.50 -31.23
N ASP L 48 32.31 -6.65 -30.86
CA ASP L 48 31.63 -7.94 -30.93
C ASP L 48 31.21 -8.35 -29.52
N LYS L 49 30.27 -9.28 -29.45
CA LYS L 49 29.96 -9.91 -28.16
C LYS L 49 31.19 -10.62 -27.61
N PHE L 50 32.02 -11.18 -28.48
CA PHE L 50 33.29 -11.76 -28.05
C PHE L 50 34.27 -10.71 -27.57
N GLY L 51 34.08 -9.45 -27.94
CA GLY L 51 34.92 -8.36 -27.49
C GLY L 51 36.00 -7.92 -28.46
N GLU L 52 35.93 -8.33 -29.72
CA GLU L 52 36.93 -7.90 -30.69
C GLU L 52 36.76 -6.42 -31.00
N VAL L 53 37.85 -5.83 -31.49
CA VAL L 53 37.93 -4.39 -31.75
C VAL L 53 38.32 -4.20 -33.20
N THR L 54 37.76 -3.17 -33.84
CA THR L 54 38.11 -2.79 -35.20
C THR L 54 38.13 -1.26 -35.25
N ILE L 55 39.33 -0.69 -35.17
CA ILE L 55 39.54 0.75 -35.25
C ILE L 55 39.83 1.08 -36.70
N THR L 56 39.01 1.95 -37.29
CA THR L 56 39.17 2.30 -38.69
C THR L 56 38.42 3.60 -38.94
N ASN L 57 38.95 4.38 -39.89
CA ASN L 57 38.36 5.65 -40.29
C ASN L 57 37.88 5.64 -41.74
N ASP L 58 37.76 4.48 -42.37
CA ASP L 58 37.24 4.38 -43.72
C ASP L 58 35.79 3.95 -43.70
N GLY L 59 34.95 4.65 -44.46
CA GLY L 59 33.53 4.37 -44.46
C GLY L 59 33.17 3.02 -45.02
N VAL L 60 33.93 2.52 -46.00
CA VAL L 60 33.59 1.28 -46.67
C VAL L 60 33.62 0.12 -45.68
N THR L 61 34.70 0.01 -44.91
CA THR L 61 34.80 -1.09 -43.96
C THR L 61 33.77 -0.96 -42.85
N ILE L 62 33.42 0.27 -42.46
CA ILE L 62 32.41 0.45 -41.42
C ILE L 62 31.07 -0.04 -41.92
N LEU L 63 30.67 0.36 -43.12
CA LEU L 63 29.39 -0.10 -43.66
C LEU L 63 29.40 -1.59 -43.92
N ASP L 64 30.54 -2.16 -44.29
CA ASP L 64 30.61 -3.59 -44.52
C ASP L 64 30.49 -4.37 -43.21
N GLN L 65 31.07 -3.85 -42.13
CA GLN L 65 31.23 -4.59 -40.89
C GLN L 65 30.17 -4.26 -39.84
N MET L 66 29.60 -3.06 -39.86
CA MET L 66 28.66 -2.69 -38.82
C MET L 66 27.35 -3.46 -38.98
N ASP L 67 26.59 -3.51 -37.89
CA ASP L 67 25.36 -4.28 -37.84
C ASP L 67 24.21 -3.41 -38.31
N VAL L 68 23.48 -3.89 -39.33
CA VAL L 68 22.28 -3.25 -39.83
C VAL L 68 21.13 -4.22 -39.63
N GLN L 69 20.06 -3.72 -39.00
CA GLN L 69 18.92 -4.56 -38.66
C GLN L 69 17.66 -4.06 -39.35
N HIS L 70 17.55 -2.74 -39.53
CA HIS L 70 16.35 -2.21 -40.17
C HIS L 70 16.38 -2.54 -41.67
N PRO L 71 15.22 -2.76 -42.31
CA PRO L 71 15.25 -3.02 -43.75
C PRO L 71 15.55 -1.79 -44.58
N ALA L 72 15.25 -0.59 -44.08
CA ALA L 72 15.52 0.62 -44.84
C ALA L 72 17.02 0.88 -44.96
N ALA L 73 17.78 0.56 -43.91
CA ALA L 73 19.22 0.81 -43.94
C ALA L 73 19.91 -0.04 -45.00
N ARG L 74 19.49 -1.30 -45.17
CA ARG L 74 20.15 -2.18 -46.13
C ARG L 74 20.06 -1.63 -47.54
N MET L 75 18.98 -0.91 -47.88
CA MET L 75 18.90 -0.31 -49.22
C MET L 75 19.99 0.72 -49.42
N LEU L 76 20.20 1.59 -48.42
CA LEU L 76 21.27 2.57 -48.50
C LEU L 76 22.62 1.90 -48.60
N ILE L 77 22.86 0.87 -47.79
CA ILE L 77 24.14 0.19 -47.82
C ILE L 77 24.37 -0.46 -49.18
N GLN L 78 23.36 -1.13 -49.73
CA GLN L 78 23.51 -1.80 -51.01
C GLN L 78 23.77 -0.81 -52.13
N VAL L 79 23.07 0.34 -52.13
CA VAL L 79 23.35 1.36 -53.14
C VAL L 79 24.78 1.88 -52.98
N ALA L 80 25.23 2.07 -51.74
CA ALA L 80 26.58 2.58 -51.53
C ALA L 80 27.63 1.57 -51.97
N ARG L 81 27.40 0.29 -51.76
CA ARG L 81 28.34 -0.71 -52.27
C ARG L 81 28.24 -0.89 -53.78
N ALA L 82 27.10 -0.59 -54.39
CA ALA L 82 27.08 -0.53 -55.85
C ALA L 82 27.97 0.61 -56.35
N GLN L 83 27.94 1.74 -55.66
CA GLN L 83 28.90 2.82 -55.92
C GLN L 83 30.33 2.29 -55.84
N GLU L 84 30.64 1.49 -54.81
CA GLU L 84 31.97 0.91 -54.70
C GLU L 84 32.27 -0.03 -55.86
N GLU L 85 31.30 -0.85 -56.26
CA GLU L 85 31.50 -1.77 -57.36
C GLU L 85 31.83 -1.04 -58.65
N GLU L 86 31.21 0.12 -58.87
CA GLU L 86 31.50 0.88 -60.09
C GLU L 86 32.90 1.48 -60.02
N VAL L 87 33.15 2.34 -59.04
CA VAL L 87 34.40 3.11 -58.94
C VAL L 87 35.30 2.56 -57.84
N GLY L 88 34.76 2.37 -56.65
CA GLY L 88 35.52 1.86 -55.53
C GLY L 88 36.07 2.89 -54.57
N ASP L 89 35.46 4.07 -54.48
CA ASP L 89 35.91 5.08 -53.53
C ASP L 89 34.78 6.06 -53.28
N GLY L 90 34.90 6.79 -52.17
CA GLY L 90 33.94 7.83 -51.84
C GLY L 90 32.55 7.34 -51.53
N THR L 91 32.43 6.26 -50.74
CA THR L 91 31.12 5.80 -50.29
C THR L 91 30.56 6.71 -49.20
N THR L 92 31.42 7.14 -48.27
CA THR L 92 30.99 7.93 -47.13
C THR L 92 30.36 9.25 -47.52
N THR L 93 30.81 9.87 -48.61
CA THR L 93 30.13 11.08 -49.07
C THR L 93 28.74 10.75 -49.59
N ALA L 94 28.59 9.63 -50.29
CA ALA L 94 27.30 9.26 -50.85
C ALA L 94 26.29 8.99 -49.76
N THR L 95 26.65 8.20 -48.75
CA THR L 95 25.68 7.91 -47.69
C THR L 95 25.36 9.13 -46.85
N VAL L 96 26.36 9.99 -46.59
CA VAL L 96 26.09 11.23 -45.85
C VAL L 96 25.15 12.13 -46.63
N LEU L 97 25.36 12.25 -47.94
CA LEU L 97 24.47 13.07 -48.76
C LEU L 97 23.06 12.49 -48.79
N ALA L 98 22.94 11.16 -48.88
CA ALA L 98 21.63 10.55 -48.86
C ALA L 98 20.91 10.82 -47.55
N GLY L 99 21.62 10.69 -46.44
CA GLY L 99 21.02 10.99 -45.15
C GLY L 99 20.60 12.44 -45.03
N ALA L 100 21.44 13.35 -45.52
CA ALA L 100 21.08 14.78 -45.49
C ALA L 100 19.85 15.06 -46.35
N LEU L 101 19.79 14.50 -47.55
CA LEU L 101 18.64 14.71 -48.42
C LEU L 101 17.37 14.20 -47.77
N VAL L 102 17.41 12.99 -47.21
CA VAL L 102 16.23 12.41 -46.58
C VAL L 102 15.82 13.23 -45.37
N SER L 103 16.79 13.65 -44.55
CA SER L 103 16.48 14.40 -43.34
C SER L 103 15.86 15.75 -43.68
N GLU L 104 16.41 16.47 -44.65
CA GLU L 104 15.83 17.75 -45.03
C GLU L 104 14.46 17.58 -45.68
N GLY L 105 14.28 16.55 -46.52
CA GLY L 105 12.98 16.32 -47.12
C GLY L 105 11.91 16.02 -46.09
N VAL L 106 12.25 15.21 -45.08
CA VAL L 106 11.27 14.92 -44.04
C VAL L 106 11.09 16.10 -43.09
N ASN L 107 12.09 16.97 -42.96
CA ASN L 107 11.87 18.23 -42.27
C ASN L 107 10.84 19.08 -43.01
N GLN L 108 10.93 19.13 -44.34
CA GLN L 108 9.91 19.83 -45.12
C GLN L 108 8.54 19.17 -45.01
N VAL L 109 8.50 17.83 -44.98
CA VAL L 109 7.23 17.13 -44.83
C VAL L 109 6.61 17.44 -43.47
N GLU L 110 7.45 17.55 -42.44
CA GLU L 110 6.94 17.90 -41.11
C GLU L 110 6.31 19.28 -41.11
N GLN L 111 6.81 20.20 -41.95
CA GLN L 111 6.22 21.51 -42.07
C GLN L 111 4.83 21.49 -42.71
N GLY L 112 4.43 20.37 -43.32
CA GLY L 112 3.13 20.22 -43.94
C GLY L 112 3.16 19.98 -45.44
N VAL L 113 4.32 20.01 -46.08
CA VAL L 113 4.38 19.76 -47.52
C VAL L 113 4.10 18.29 -47.79
N PRO L 114 3.18 17.94 -48.68
CA PRO L 114 2.99 16.51 -49.00
C PRO L 114 4.23 15.91 -49.62
N VAL L 115 4.41 14.61 -49.39
CA VAL L 115 5.65 13.94 -49.79
C VAL L 115 5.73 13.85 -51.31
N SER L 116 4.60 13.55 -51.97
CA SER L 116 4.55 13.36 -53.41
C SER L 116 5.11 14.55 -54.18
N ARG L 117 5.01 15.75 -53.63
CA ARG L 117 5.70 16.89 -54.22
C ARG L 117 7.20 16.83 -53.92
N VAL L 118 7.55 16.35 -52.72
CA VAL L 118 8.94 16.41 -52.29
C VAL L 118 9.81 15.47 -53.10
N ILE L 119 9.32 14.27 -53.45
CA ILE L 119 10.21 13.37 -54.22
C ILE L 119 10.50 13.96 -55.59
N GLU L 120 9.49 14.50 -56.28
CA GLU L 120 9.77 15.05 -57.60
C GLU L 120 10.63 16.32 -57.51
N GLY L 121 10.42 17.13 -56.47
CA GLY L 121 11.31 18.26 -56.26
C GLY L 121 12.74 17.82 -56.01
N LEU L 122 12.93 16.78 -55.21
CA LEU L 122 14.26 16.22 -54.98
C LEU L 122 14.87 15.73 -56.27
N ARG L 123 14.05 15.10 -57.13
CA ARG L 123 14.56 14.62 -58.41
C ARG L 123 15.06 15.77 -59.25
N ARG L 124 14.28 16.84 -59.38
CA ARG L 124 14.72 17.95 -60.22
C ARG L 124 15.96 18.63 -59.63
N GLY L 125 15.99 18.81 -58.32
CA GLY L 125 17.17 19.42 -57.71
C GLY L 125 18.41 18.58 -57.90
N VAL L 126 18.30 17.26 -57.74
CA VAL L 126 19.44 16.39 -57.92
C VAL L 126 19.89 16.39 -59.38
N GLU L 127 18.94 16.44 -60.31
CA GLU L 127 19.31 16.46 -61.72
C GLU L 127 20.10 17.72 -62.05
N ARG L 128 19.63 18.88 -61.58
CA ARG L 128 20.35 20.11 -61.84
C ARG L 128 21.71 20.08 -61.15
N ALA L 129 21.77 19.50 -59.96
CA ALA L 129 23.05 19.38 -59.25
C ALA L 129 24.04 18.52 -60.00
N LEU L 130 23.60 17.37 -60.53
CA LEU L 130 24.49 16.57 -61.38
C LEU L 130 24.95 17.35 -62.60
N GLU L 131 24.04 18.06 -63.26
CA GLU L 131 24.40 18.79 -64.47
C GLU L 131 25.48 19.82 -64.18
N LEU L 132 25.31 20.61 -63.12
CA LEU L 132 26.28 21.64 -62.82
C LEU L 132 27.57 21.11 -62.21
N LEU L 133 27.51 19.99 -61.48
CA LEU L 133 28.76 19.40 -61.01
C LEU L 133 29.55 18.82 -62.17
N ARG L 134 28.89 18.25 -63.18
CA ARG L 134 29.60 17.82 -64.38
C ARG L 134 30.21 19.03 -65.10
N LYS L 135 29.44 20.11 -65.23
CA LYS L 135 29.96 21.29 -65.91
C LYS L 135 31.14 21.90 -65.17
N GLN L 136 31.09 21.94 -63.84
CA GLN L 136 32.13 22.60 -63.07
C GLN L 136 33.45 21.84 -63.09
N ALA L 137 33.41 20.51 -63.19
CA ALA L 137 34.63 19.72 -63.27
C ALA L 137 35.38 20.07 -64.55
N LEU L 138 36.71 20.06 -64.47
CA LEU L 138 37.57 20.39 -65.59
C LEU L 138 38.63 19.30 -65.79
N PRO L 139 38.95 18.92 -67.03
CA PRO L 139 39.92 17.83 -67.22
C PRO L 139 41.33 18.25 -66.88
N VAL L 140 42.13 17.26 -66.48
CA VAL L 140 43.52 17.50 -66.13
C VAL L 140 44.36 17.44 -67.40
N GLU L 141 45.52 18.09 -67.34
CA GLU L 141 46.46 18.18 -68.47
C GLU L 141 47.64 17.26 -68.17
N GLY L 142 47.67 16.11 -68.83
CA GLY L 142 48.76 15.17 -68.71
C GLY L 142 48.85 14.54 -67.33
N LEU L 143 49.59 13.43 -67.28
CA LEU L 143 49.78 12.70 -66.03
C LEU L 143 50.93 13.24 -65.19
N ASP L 144 51.69 14.22 -65.69
CA ASP L 144 52.72 14.88 -64.92
C ASP L 144 52.19 16.08 -64.13
N ASP L 145 50.89 16.34 -64.19
CA ASP L 145 50.32 17.50 -63.51
C ASP L 145 50.44 17.31 -61.99
N PRO L 146 50.68 18.40 -61.23
CA PRO L 146 50.66 18.26 -59.77
C PRO L 146 49.29 17.93 -59.20
N ARG L 147 48.21 18.17 -59.96
CA ARG L 147 46.89 17.79 -59.46
C ARG L 147 46.77 16.28 -59.29
N LEU L 148 47.44 15.50 -60.13
CA LEU L 148 47.52 14.06 -59.90
C LEU L 148 48.18 13.74 -58.57
N ARG L 149 49.29 14.42 -58.27
CA ARG L 149 49.96 14.20 -57.00
C ARG L 149 49.03 14.55 -55.84
N ALA L 150 48.26 15.64 -55.98
CA ALA L 150 47.35 16.04 -54.91
C ALA L 150 46.23 15.02 -54.70
N VAL L 151 45.58 14.58 -55.78
CA VAL L 151 44.48 13.64 -55.65
C VAL L 151 44.98 12.30 -55.12
N ALA L 152 46.20 11.89 -55.50
CA ALA L 152 46.80 10.70 -54.90
C ALA L 152 47.14 10.88 -53.44
N ARG L 153 47.62 12.07 -53.04
CA ARG L 153 48.01 12.30 -51.66
C ARG L 153 46.81 12.28 -50.74
N ILE L 154 45.68 12.85 -51.15
CA ILE L 154 44.52 12.90 -50.26
C ILE L 154 44.02 11.49 -49.95
N ALA L 155 44.00 10.62 -50.96
CA ALA L 155 43.47 9.27 -50.78
C ALA L 155 44.36 8.38 -49.93
N ALA L 156 45.63 8.75 -49.73
CA ALA L 156 46.56 7.94 -48.97
C ALA L 156 46.63 8.34 -47.50
N ARG L 157 45.56 8.95 -46.98
CA ARG L 157 45.55 9.46 -45.61
C ARG L 157 46.71 10.42 -45.37
N GLU L 158 47.00 11.24 -46.38
CA GLU L 158 48.08 12.22 -46.31
C GLU L 158 49.43 11.56 -46.04
N ARG L 159 49.65 10.39 -46.64
CA ARG L 159 50.93 9.69 -46.58
C ARG L 159 51.53 9.69 -47.99
N GLU L 160 52.71 10.28 -48.13
CA GLU L 160 53.32 10.48 -49.45
C GLU L 160 53.93 9.23 -50.03
N ASP L 161 54.25 8.23 -49.20
CA ASP L 161 54.91 7.03 -49.70
C ASP L 161 54.04 6.29 -50.71
N ILE L 162 52.75 6.15 -50.41
CA ILE L 162 51.82 5.56 -51.38
C ILE L 162 51.52 6.54 -52.50
N ALA L 163 51.47 7.84 -52.19
CA ALA L 163 51.14 8.84 -53.19
C ALA L 163 52.14 8.85 -54.33
N ASP L 164 53.42 8.60 -54.04
CA ASP L 164 54.40 8.57 -55.10
C ASP L 164 54.27 7.33 -55.97
N LEU L 165 54.10 6.14 -55.37
CA LEU L 165 54.16 4.95 -56.21
C LEU L 165 52.89 4.78 -57.02
N VAL L 166 51.75 5.28 -56.54
CA VAL L 166 50.55 5.17 -57.36
C VAL L 166 50.68 6.01 -58.62
N VAL L 167 51.18 7.25 -58.51
CA VAL L 167 51.36 8.05 -59.72
C VAL L 167 52.49 7.52 -60.58
N GLU L 168 53.52 6.92 -59.97
CA GLU L 168 54.57 6.28 -60.77
C GLU L 168 53.99 5.17 -61.62
N ALA L 169 53.16 4.29 -61.02
CA ALA L 169 52.50 3.25 -61.79
C ALA L 169 51.56 3.84 -62.83
N ALA L 170 50.87 4.92 -62.49
CA ALA L 170 49.93 5.54 -63.43
C ALA L 170 50.66 6.03 -64.68
N ARG L 171 51.81 6.68 -64.52
CA ARG L 171 52.57 7.09 -65.68
C ARG L 171 53.24 5.91 -66.37
N HIS L 172 53.52 4.82 -65.64
CA HIS L 172 54.06 3.63 -66.28
C HIS L 172 53.05 2.96 -67.20
N ILE L 173 51.77 2.97 -66.84
CA ILE L 173 50.76 2.28 -67.64
C ILE L 173 50.55 3.00 -68.96
N GLY L 174 50.06 4.25 -68.90
CA GLY L 174 49.78 5.04 -70.09
C GLY L 174 48.38 5.62 -70.10
N GLU L 175 48.18 6.65 -70.92
CA GLU L 175 46.90 7.36 -70.93
C GLU L 175 45.80 6.47 -71.50
N ASP L 176 45.94 6.06 -72.76
CA ASP L 176 44.90 5.24 -73.39
C ASP L 176 44.78 3.88 -72.71
N LYS L 177 45.87 3.34 -72.17
CA LYS L 177 45.77 2.09 -71.41
C LYS L 177 44.92 2.27 -70.16
N LEU L 178 45.05 3.41 -69.48
CA LEU L 178 44.16 3.72 -68.36
C LEU L 178 42.74 3.99 -68.83
N GLN L 179 42.55 4.48 -70.05
CA GLN L 179 41.22 4.83 -70.53
C GLN L 179 40.29 3.63 -70.69
N ASP L 180 40.82 2.40 -70.68
CA ASP L 180 39.98 1.23 -70.90
C ASP L 180 38.97 1.07 -69.76
N PRO L 181 37.66 1.02 -70.02
CA PRO L 181 36.72 0.80 -68.91
C PRO L 181 36.70 -0.62 -68.40
N ASN L 182 37.18 -1.59 -69.18
CA ASN L 182 37.19 -2.98 -68.74
C ASN L 182 38.33 -3.30 -67.78
N PHE L 183 39.24 -2.36 -67.54
CA PHE L 183 40.43 -2.60 -66.72
C PHE L 183 40.29 -1.80 -65.42
N LYS L 184 40.47 -2.49 -64.29
CA LYS L 184 40.47 -1.86 -62.97
C LYS L 184 41.87 -1.97 -62.38
N LEU L 185 42.46 -0.82 -62.06
CA LEU L 185 43.81 -0.76 -61.50
C LEU L 185 43.85 -1.31 -60.08
N ALA L 186 42.74 -1.29 -59.34
CA ALA L 186 42.71 -1.75 -57.96
C ALA L 186 42.97 -3.25 -57.83
N ASP L 187 42.73 -4.03 -58.88
CA ASP L 187 43.05 -5.45 -58.86
C ASP L 187 44.52 -5.73 -59.14
N THR L 188 45.27 -4.75 -59.65
CA THR L 188 46.68 -4.91 -59.96
C THR L 188 47.59 -4.36 -58.87
N VAL L 189 47.08 -4.20 -57.65
CA VAL L 189 47.88 -3.80 -56.49
C VAL L 189 47.89 -4.98 -55.52
N THR L 190 49.05 -5.24 -54.92
CA THR L 190 49.20 -6.35 -53.98
C THR L 190 50.18 -5.92 -52.90
N ALA L 191 49.81 -6.15 -51.64
CA ALA L 191 50.61 -5.78 -50.50
C ALA L 191 51.18 -7.03 -49.84
N ARG L 192 52.49 -7.02 -49.59
CA ARG L 192 53.20 -8.14 -48.97
C ARG L 192 54.06 -7.63 -47.83
N GLU L 193 54.07 -8.36 -46.74
CA GLU L 193 54.83 -7.96 -45.55
C GLU L 193 56.32 -8.11 -45.78
N GLY L 194 57.08 -7.15 -45.26
CA GLY L 194 58.53 -7.19 -45.31
C GLY L 194 59.14 -6.77 -46.63
N ALA L 195 58.33 -6.34 -47.60
CA ALA L 195 58.82 -5.95 -48.91
C ALA L 195 59.06 -4.45 -48.96
N GLU L 196 59.70 -3.99 -50.03
CA GLU L 196 60.01 -2.59 -50.27
C GLU L 196 59.00 -2.02 -51.27
N ASN L 197 59.10 -0.71 -51.48
CA ASN L 197 58.18 0.03 -52.35
C ASN L 197 58.78 0.10 -53.75
N GLN L 198 58.22 -0.69 -54.67
CA GLN L 198 58.65 -0.64 -56.06
C GLN L 198 57.57 -1.25 -56.94
N VAL L 199 57.66 -0.97 -58.24
CA VAL L 199 56.78 -1.53 -59.24
C VAL L 199 57.61 -2.39 -60.18
N ILE L 200 56.97 -3.41 -60.76
CA ILE L 200 57.63 -4.35 -61.65
C ILE L 200 57.05 -4.19 -63.06
N THR L 356 52.31 -4.58 -62.02
CA THR L 356 52.13 -5.07 -60.66
C THR L 356 52.77 -4.10 -59.67
N VAL L 357 51.95 -3.59 -58.75
CA VAL L 357 52.39 -2.63 -57.75
C VAL L 357 52.52 -3.38 -56.42
N LEU L 358 53.74 -3.47 -55.90
CA LEU L 358 54.02 -4.14 -54.64
C LEU L 358 54.05 -3.10 -53.53
N VAL L 359 53.22 -3.29 -52.51
CA VAL L 359 53.10 -2.37 -51.39
C VAL L 359 53.75 -3.03 -50.17
N GLY L 360 54.76 -2.39 -49.62
CA GLY L 360 55.45 -2.93 -48.46
C GLY L 360 54.66 -2.74 -47.19
N ALA L 361 54.96 -3.60 -46.21
CA ALA L 361 54.33 -3.53 -44.90
C ALA L 361 55.29 -4.10 -43.86
N ALA L 362 55.06 -3.71 -42.60
CA ALA L 362 55.94 -4.14 -41.52
C ALA L 362 55.69 -5.58 -41.13
N THR L 363 54.47 -5.88 -40.69
CA THR L 363 54.06 -7.22 -40.25
C THR L 363 52.88 -7.68 -41.09
N GLU L 364 52.41 -8.89 -40.80
CA GLU L 364 51.27 -9.44 -41.54
C GLU L 364 49.99 -8.68 -41.24
N GLU L 365 49.79 -8.25 -39.99
CA GLU L 365 48.58 -7.52 -39.64
C GLU L 365 48.52 -6.14 -40.30
N VAL L 366 49.68 -5.54 -40.59
CA VAL L 366 49.70 -4.23 -41.24
C VAL L 366 49.33 -4.33 -42.71
N VAL L 367 49.34 -5.53 -43.30
CA VAL L 367 49.06 -5.67 -44.72
C VAL L 367 47.62 -5.28 -45.04
N GLY L 368 46.68 -5.56 -44.13
CA GLY L 368 45.28 -5.35 -44.44
C GLY L 368 44.94 -3.90 -44.72
N GLU L 369 45.42 -2.98 -43.89
CA GLU L 369 45.15 -1.57 -44.11
C GLU L 369 45.97 -0.97 -45.25
N ARG L 370 47.22 -1.40 -45.41
CA ARG L 370 48.02 -0.91 -46.53
C ARG L 370 47.41 -1.31 -47.86
N GLU L 371 46.93 -2.54 -47.98
CA GLU L 371 46.27 -2.95 -49.22
C GLU L 371 45.01 -2.14 -49.46
N ARG L 372 44.23 -1.86 -48.41
CA ARG L 372 42.99 -1.11 -48.58
C ARG L 372 43.28 0.31 -49.05
N VAL L 373 44.23 1.00 -48.41
CA VAL L 373 44.55 2.35 -48.87
C VAL L 373 45.20 2.32 -50.25
N ALA L 374 45.92 1.25 -50.59
CA ALA L 374 46.46 1.12 -51.94
C ALA L 374 45.33 1.08 -52.96
N LYS L 375 44.31 0.25 -52.72
CA LYS L 375 43.17 0.22 -53.64
C LYS L 375 42.42 1.54 -53.66
N ASP L 376 42.32 2.22 -52.52
CA ASP L 376 41.64 3.51 -52.49
C ASP L 376 42.37 4.54 -53.37
N ALA L 377 43.68 4.64 -53.19
CA ALA L 377 44.46 5.56 -54.03
C ALA L 377 44.40 5.15 -55.50
N ALA L 378 44.44 3.84 -55.77
CA ALA L 378 44.34 3.37 -57.14
C ALA L 378 43.04 3.79 -57.78
N SER L 379 41.93 3.62 -57.07
CA SER L 379 40.64 4.05 -57.59
C SER L 379 40.57 5.56 -57.78
N ALA L 380 41.14 6.32 -56.85
CA ALA L 380 41.14 7.77 -57.01
C ALA L 380 41.89 8.19 -58.27
N VAL L 381 43.10 7.66 -58.48
CA VAL L 381 43.85 8.00 -59.68
C VAL L 381 43.17 7.49 -60.93
N GLN L 382 42.50 6.33 -60.86
CA GLN L 382 41.73 5.85 -62.01
C GLN L 382 40.64 6.83 -62.40
N ALA L 383 39.85 7.27 -61.42
CA ALA L 383 38.77 8.21 -61.71
C ALA L 383 39.28 9.58 -62.13
N ALA L 384 40.47 9.97 -61.67
CA ALA L 384 40.99 11.29 -61.99
C ALA L 384 41.20 11.49 -63.49
N ILE L 385 41.75 10.48 -64.17
CA ILE L 385 41.95 10.60 -65.61
C ILE L 385 40.61 10.61 -66.33
N ARG L 386 39.68 9.79 -65.89
CA ARG L 386 38.39 9.65 -66.60
C ARG L 386 37.56 10.92 -66.49
N GLY L 387 37.44 11.52 -65.30
CA GLY L 387 36.57 12.67 -65.10
C GLY L 387 37.27 13.96 -64.78
N GLY L 388 38.60 13.94 -64.70
CA GLY L 388 39.34 15.14 -64.34
C GLY L 388 39.36 15.36 -62.84
N VAL L 389 39.29 16.63 -62.42
CA VAL L 389 39.39 17.01 -61.01
C VAL L 389 38.31 18.03 -60.70
N VAL L 390 37.88 18.03 -59.44
CA VAL L 390 36.83 18.91 -58.92
C VAL L 390 37.33 19.43 -57.58
N PRO L 391 37.03 20.69 -57.18
CA PRO L 391 37.53 21.14 -55.87
C PRO L 391 36.86 20.41 -54.73
N GLY L 392 37.60 19.56 -54.04
CA GLY L 392 37.06 18.75 -52.96
C GLY L 392 36.92 19.55 -51.69
N GLY L 393 36.68 18.83 -50.60
CA GLY L 393 36.46 19.46 -49.33
C GLY L 393 35.15 20.20 -49.19
N GLY L 394 34.19 19.94 -50.08
CA GLY L 394 32.88 20.54 -50.00
C GLY L 394 32.73 21.85 -50.76
N ALA L 395 33.80 22.38 -51.33
CA ALA L 395 33.68 23.61 -52.10
C ALA L 395 32.78 23.43 -53.32
N ALA L 396 32.97 22.34 -54.07
CA ALA L 396 32.14 22.10 -55.24
C ALA L 396 30.69 21.87 -54.85
N GLU L 397 30.47 21.16 -53.75
CA GLU L 397 29.11 20.94 -53.28
C GLU L 397 28.42 22.24 -52.92
N LEU L 398 29.12 23.16 -52.25
CA LEU L 398 28.57 24.48 -51.99
C LEU L 398 28.30 25.24 -53.28
N ALA L 399 29.21 25.12 -54.25
CA ALA L 399 29.03 25.79 -55.52
C ALA L 399 27.74 25.36 -56.21
N VAL L 400 27.47 24.05 -56.23
CA VAL L 400 26.21 23.59 -56.81
C VAL L 400 25.02 23.88 -55.90
N ALA L 401 25.22 24.00 -54.59
CA ALA L 401 24.12 24.34 -53.70
C ALA L 401 23.58 25.73 -53.99
N ARG L 402 24.48 26.69 -54.26
CA ARG L 402 24.01 28.03 -54.62
C ARG L 402 23.11 28.00 -55.86
N GLU L 403 23.53 27.30 -56.91
CA GLU L 403 22.74 27.25 -58.12
C GLU L 403 21.47 26.43 -57.95
N VAL L 404 21.49 25.44 -57.05
CA VAL L 404 20.25 24.72 -56.78
C VAL L 404 19.27 25.64 -56.07
N GLU L 405 19.75 26.55 -55.22
CA GLU L 405 18.88 27.60 -54.69
C GLU L 405 18.33 28.47 -55.82
N LYS L 406 19.19 28.84 -56.78
CA LYS L 406 18.73 29.65 -57.90
C LYS L 406 17.62 28.94 -58.67
N LEU L 407 17.74 27.62 -58.86
CA LEU L 407 16.67 26.84 -59.47
C LEU L 407 15.44 26.74 -58.58
N ALA L 408 15.63 26.64 -57.26
CA ALA L 408 14.51 26.63 -56.34
C ALA L 408 13.68 27.89 -56.45
N GLU L 409 14.31 28.99 -56.87
CA GLU L 409 13.60 30.21 -57.24
C GLU L 409 13.01 30.16 -58.66
N GLU L 410 12.92 28.96 -59.27
CA GLU L 410 12.44 28.81 -60.64
C GLU L 410 11.28 27.80 -60.73
N VAL L 411 10.92 27.12 -59.63
CA VAL L 411 9.96 26.02 -59.65
C VAL L 411 8.58 26.56 -59.29
N LYS L 412 7.56 26.03 -59.95
CA LYS L 412 6.19 26.46 -59.74
C LYS L 412 5.57 25.67 -58.58
N GLY L 413 4.93 26.39 -57.67
CA GLY L 413 4.04 25.74 -56.71
C GLY L 413 4.76 25.19 -55.50
N MET L 414 4.10 24.24 -54.83
CA MET L 414 4.64 23.61 -53.63
C MET L 414 5.85 22.73 -53.90
N GLU L 415 6.14 22.45 -55.17
CA GLU L 415 7.24 21.56 -55.53
C GLU L 415 8.62 22.13 -55.24
N ARG L 416 8.73 23.45 -55.04
CA ARG L 416 10.06 24.04 -54.87
C ARG L 416 10.75 23.59 -53.59
N TYR L 417 9.98 23.20 -52.58
CA TYR L 417 10.58 22.88 -51.29
C TYR L 417 11.45 21.63 -51.33
N GLY L 418 11.34 20.83 -52.39
CA GLY L 418 12.32 19.78 -52.61
C GLY L 418 13.64 20.30 -53.12
N VAL L 419 13.61 21.40 -53.89
CA VAL L 419 14.86 21.96 -54.39
C VAL L 419 15.64 22.62 -53.26
N GLU L 420 14.94 23.30 -52.36
CA GLU L 420 15.59 23.78 -51.14
C GLU L 420 16.15 22.63 -50.33
N ALA L 421 15.47 21.48 -50.32
CA ALA L 421 16.00 20.32 -49.63
C ALA L 421 17.29 19.81 -50.27
N VAL L 422 17.35 19.80 -51.61
CA VAL L 422 18.60 19.40 -52.26
C VAL L 422 19.71 20.39 -51.93
N ALA L 423 19.40 21.68 -51.96
CA ALA L 423 20.42 22.68 -51.70
C ALA L 423 20.95 22.60 -50.27
N GLU L 424 20.06 22.46 -49.29
CA GLU L 424 20.51 22.36 -47.91
C GLU L 424 21.25 21.06 -47.66
N ALA L 425 20.88 19.99 -48.36
CA ALA L 425 21.57 18.72 -48.19
C ALA L 425 22.97 18.75 -48.80
N LEU L 426 23.16 19.54 -49.86
CA LEU L 426 24.48 19.61 -50.47
C LEU L 426 25.49 20.35 -49.59
N LYS L 427 25.04 21.11 -48.61
CA LYS L 427 25.97 21.75 -47.68
C LYS L 427 26.44 20.80 -46.57
N LYS L 428 25.82 19.64 -46.41
CA LYS L 428 26.19 18.75 -45.32
C LYS L 428 27.62 18.23 -45.40
N PRO L 429 28.16 17.83 -46.57
CA PRO L 429 29.58 17.42 -46.60
C PRO L 429 30.53 18.51 -46.11
N LEU L 430 30.36 19.75 -46.57
CA LEU L 430 31.22 20.84 -46.12
C LEU L 430 31.03 21.09 -44.63
N ARG L 431 29.79 21.07 -44.16
CA ARG L 431 29.50 21.32 -42.76
C ARG L 431 30.15 20.26 -41.88
N GLN L 432 30.10 18.99 -42.31
CA GLN L 432 30.69 17.92 -41.52
C GLN L 432 32.21 17.91 -41.60
N ILE L 433 32.78 18.28 -42.74
CA ILE L 433 34.23 18.42 -42.82
C ILE L 433 34.69 19.52 -41.87
N VAL L 434 33.88 20.58 -41.74
CA VAL L 434 34.20 21.66 -40.81
C VAL L 434 34.08 21.17 -39.37
N ALA L 435 32.97 20.50 -39.04
CA ALA L 435 32.74 20.08 -37.65
C ALA L 435 33.76 19.05 -37.20
N ASN L 436 34.09 18.08 -38.06
CA ASN L 436 35.09 17.09 -37.70
C ASN L 436 36.47 17.71 -37.54
N ALA L 437 36.71 18.87 -38.15
CA ALA L 437 37.99 19.56 -38.03
C ALA L 437 38.09 20.40 -36.77
N GLY L 438 37.07 20.40 -35.92
CA GLY L 438 37.13 21.15 -34.69
C GLY L 438 36.84 22.63 -34.82
N PHE L 439 36.02 23.03 -35.79
CA PHE L 439 35.58 24.41 -35.96
C PHE L 439 34.07 24.48 -35.87
N ASN L 440 33.56 25.70 -35.75
CA ASN L 440 32.13 25.89 -35.60
C ASN L 440 31.46 25.76 -36.97
N PRO L 441 30.56 24.80 -37.18
CA PRO L 441 29.96 24.67 -38.52
C PRO L 441 29.13 25.88 -38.91
N LEU L 442 28.47 26.54 -37.96
CA LEU L 442 27.63 27.69 -38.30
C LEU L 442 28.48 28.90 -38.67
N GLU L 443 29.43 29.26 -37.79
CA GLU L 443 30.22 30.49 -37.98
C GLU L 443 31.16 30.39 -39.19
N LYS L 444 31.87 29.27 -39.38
CA LYS L 444 32.91 29.16 -40.40
C LYS L 444 32.34 29.00 -41.80
N LEU L 445 31.11 28.49 -41.93
CA LEU L 445 30.44 28.48 -43.21
C LEU L 445 29.93 29.86 -43.60
N GLY L 446 29.81 30.78 -42.64
CA GLY L 446 29.43 32.14 -42.97
C GLY L 446 30.55 32.94 -43.61
N ASP L 447 31.81 32.56 -43.35
CA ASP L 447 32.93 33.25 -43.97
C ASP L 447 33.17 32.81 -45.41
N LEU L 448 32.51 31.76 -45.89
CA LEU L 448 32.71 31.27 -47.24
C LEU L 448 31.82 31.96 -48.26
N ARG L 449 31.03 32.97 -47.85
CA ARG L 449 30.10 33.63 -48.74
C ARG L 449 30.67 34.91 -49.34
N ALA L 450 31.64 35.55 -48.69
CA ALA L 450 32.34 36.67 -49.33
C ALA L 450 33.33 36.19 -50.37
N ALA L 451 34.01 35.07 -50.12
CA ALA L 451 34.93 34.52 -51.09
C ALA L 451 34.22 34.04 -52.35
N HIS L 452 32.91 33.78 -52.29
CA HIS L 452 32.13 33.30 -53.43
C HIS L 452 31.43 34.41 -54.20
N ARG L 453 31.54 35.66 -53.77
CA ARG L 453 30.99 36.79 -54.51
C ARG L 453 31.90 37.30 -55.62
N THR L 454 33.11 36.74 -55.74
CA THR L 454 34.05 37.20 -56.75
C THR L 454 33.82 36.58 -58.12
N GLY L 455 32.82 35.70 -58.27
CA GLY L 455 32.56 35.03 -59.52
C GLY L 455 33.20 33.67 -59.66
N ASN L 456 34.14 33.32 -58.79
CA ASN L 456 34.76 32.00 -58.77
C ASN L 456 34.13 31.16 -57.67
N ASP L 457 33.96 29.87 -57.97
CA ASP L 457 33.25 28.94 -57.10
C ASP L 457 34.14 27.78 -56.66
N SER L 458 35.35 28.10 -56.20
CA SER L 458 36.33 27.11 -55.79
C SER L 458 37.00 27.49 -54.47
N LEU L 459 36.24 28.11 -53.56
CA LEU L 459 36.77 28.67 -52.33
C LEU L 459 36.14 27.95 -51.15
N GLY L 460 36.98 27.46 -50.23
CA GLY L 460 36.50 26.82 -49.03
C GLY L 460 37.48 26.90 -47.87
N ILE L 461 37.51 25.88 -47.04
CA ILE L 461 38.15 25.92 -45.72
C ILE L 461 39.40 25.05 -45.74
N ASP L 462 40.51 25.61 -45.30
CA ASP L 462 41.69 24.81 -45.00
C ASP L 462 41.44 24.17 -43.64
N CYS L 463 41.77 22.89 -43.52
CA CYS L 463 41.16 22.04 -42.51
C CYS L 463 41.87 22.06 -41.16
N ASP L 464 42.96 22.83 -41.00
CA ASP L 464 43.65 22.93 -39.71
C ASP L 464 43.74 24.35 -39.18
N THR L 465 44.00 25.35 -40.03
CA THR L 465 44.06 26.73 -39.59
C THR L 465 42.70 27.41 -39.55
N GLY L 466 41.71 26.90 -40.29
CA GLY L 466 40.40 27.50 -40.33
C GLY L 466 40.27 28.71 -41.22
N GLU L 467 41.33 29.10 -41.92
CA GLU L 467 41.28 30.26 -42.81
C GLU L 467 40.67 29.85 -44.14
N VAL L 468 39.90 30.75 -44.74
CA VAL L 468 39.28 30.51 -46.04
C VAL L 468 40.36 30.68 -47.10
N VAL L 469 40.68 29.59 -47.80
CA VAL L 469 41.68 29.58 -48.87
C VAL L 469 41.14 28.79 -50.05
N ASP L 470 41.70 29.04 -51.22
CA ASP L 470 41.32 28.31 -52.42
C ASP L 470 41.83 26.87 -52.37
N MET L 471 41.00 25.94 -52.83
CA MET L 471 41.39 24.54 -52.84
C MET L 471 42.47 24.23 -53.87
N TRP L 472 42.52 24.98 -54.98
CA TRP L 472 43.56 24.72 -55.97
C TRP L 472 44.94 24.94 -55.37
N GLU L 473 45.13 26.02 -54.63
CA GLU L 473 46.41 26.28 -53.98
C GLU L 473 46.63 25.34 -52.80
N ALA L 474 45.58 25.10 -52.01
CA ALA L 474 45.70 24.21 -50.87
C ALA L 474 45.89 22.75 -51.29
N GLY L 475 45.58 22.42 -52.54
CA GLY L 475 45.79 21.08 -53.03
C GLY L 475 44.75 20.07 -52.61
N VAL L 476 43.59 20.53 -52.14
CA VAL L 476 42.51 19.62 -51.76
C VAL L 476 41.69 19.36 -53.02
N ILE L 477 41.92 18.19 -53.63
CA ILE L 477 41.33 17.81 -54.90
C ILE L 477 40.66 16.46 -54.73
N ASP L 478 39.52 16.26 -55.41
CA ASP L 478 38.82 14.96 -55.36
C ASP L 478 38.36 14.65 -56.77
N PRO L 479 38.43 13.39 -57.23
CA PRO L 479 38.09 13.10 -58.62
C PRO L 479 36.61 13.34 -58.90
N ALA L 480 36.32 13.63 -60.16
CA ALA L 480 34.95 13.91 -60.58
C ALA L 480 34.04 12.69 -60.52
N PRO L 481 34.37 11.59 -61.21
CA PRO L 481 33.39 10.49 -61.34
C PRO L 481 32.91 9.95 -60.01
N VAL L 482 33.78 9.91 -59.00
CA VAL L 482 33.34 9.51 -57.67
C VAL L 482 32.27 10.45 -57.16
N LYS L 483 32.43 11.76 -57.36
CA LYS L 483 31.43 12.70 -56.84
C LYS L 483 30.13 12.67 -57.62
N LEU L 484 30.19 12.64 -58.96
CA LEU L 484 28.94 12.53 -59.71
C LEU L 484 28.20 11.23 -59.37
N HIS L 485 28.92 10.11 -59.33
CA HIS L 485 28.29 8.85 -58.96
C HIS L 485 27.73 8.88 -57.55
N ALA L 486 28.45 9.47 -56.60
CA ALA L 486 27.97 9.55 -55.23
C ALA L 486 26.70 10.36 -55.13
N LEU L 487 26.66 11.52 -55.79
CA LEU L 487 25.45 12.33 -55.72
C LEU L 487 24.28 11.67 -56.41
N LYS L 488 24.50 11.01 -57.56
CA LYS L 488 23.42 10.32 -58.24
C LYS L 488 22.88 9.19 -57.39
N ALA L 489 23.76 8.39 -56.79
CA ALA L 489 23.32 7.30 -55.94
C ALA L 489 22.57 7.82 -54.72
N ALA L 490 23.06 8.89 -54.11
CA ALA L 490 22.38 9.46 -52.96
C ALA L 490 20.99 9.96 -53.33
N GLY L 491 20.87 10.63 -54.47
CA GLY L 491 19.56 11.09 -54.90
C GLY L 491 18.60 9.97 -55.20
N GLU L 492 19.05 8.93 -55.90
CA GLU L 492 18.18 7.82 -56.23
C GLU L 492 17.71 7.11 -54.97
N VAL L 493 18.62 6.85 -54.03
CA VAL L 493 18.22 6.15 -52.81
C VAL L 493 17.37 7.03 -51.91
N ALA L 494 17.61 8.34 -51.87
CA ALA L 494 16.74 9.24 -51.12
C ALA L 494 15.34 9.23 -51.68
N ALA L 495 15.20 9.25 -53.01
CA ALA L 495 13.86 9.14 -53.60
C ALA L 495 13.21 7.82 -53.25
N ALA L 496 13.95 6.71 -53.38
CA ALA L 496 13.40 5.40 -53.09
C ALA L 496 12.99 5.25 -51.64
N ILE L 497 13.68 5.92 -50.72
CA ILE L 497 13.36 5.81 -49.30
C ILE L 497 12.22 6.74 -48.91
N LEU L 498 12.20 7.97 -49.46
CA LEU L 498 11.09 8.87 -49.18
C LEU L 498 9.78 8.40 -49.79
N ARG L 499 9.85 7.66 -50.90
CA ARG L 499 8.63 7.25 -51.60
C ARG L 499 7.89 6.14 -50.87
N ILE L 500 8.52 5.43 -49.93
CA ILE L 500 7.81 4.43 -49.14
C ILE L 500 6.80 5.13 -48.23
N ASN L 501 5.62 4.53 -48.06
CA ASN L 501 4.53 5.11 -47.28
C ASN L 501 4.13 4.26 -46.08
N THR L 502 3.97 2.94 -46.25
CA THR L 502 3.54 2.03 -45.17
C THR L 502 4.51 0.89 -45.11
N ILE L 503 4.60 0.20 -43.98
CA ILE L 503 5.54 -0.95 -43.80
C ILE L 503 4.71 -2.18 -43.38
N ILE L 504 4.06 -2.84 -44.34
CA ILE L 504 3.23 -4.05 -44.07
C ILE L 504 4.20 -5.22 -43.78
N LYS L 505 3.70 -6.35 -43.27
CA LYS L 505 4.54 -7.54 -43.01
C LYS L 505 4.42 -8.52 -44.20
N MET L 506 4.89 -9.76 -44.05
CA MET L 506 4.83 -10.79 -45.12
C MET L 506 4.14 -12.05 -44.57
N LYS L 507 3.74 -12.98 -45.44
CA LYS L 507 3.02 -14.21 -45.03
C LYS L 507 3.84 -15.03 -44.02
N ALA M 12 -27.99 -6.48 -29.64
CA ALA M 12 -28.04 -5.66 -30.85
C ALA M 12 -26.69 -5.02 -31.12
N ASP M 13 -26.02 -4.54 -30.07
CA ASP M 13 -24.68 -4.00 -30.23
C ASP M 13 -23.70 -5.08 -30.70
N GLU M 14 -23.89 -6.32 -30.23
CA GLU M 14 -22.99 -7.40 -30.63
C GLU M 14 -23.12 -7.69 -32.13
N ARG M 15 -24.33 -7.63 -32.68
CA ARG M 15 -24.48 -7.78 -34.13
C ARG M 15 -23.78 -6.66 -34.87
N PHE M 16 -23.84 -5.43 -34.36
CA PHE M 16 -23.11 -4.33 -34.97
C PHE M 16 -21.61 -4.45 -34.72
N GLN M 17 -21.20 -4.88 -33.52
CA GLN M 17 -19.78 -5.03 -33.24
C GLN M 17 -19.15 -6.10 -34.13
N ALA M 18 -19.88 -7.16 -34.44
CA ALA M 18 -19.37 -8.14 -35.40
C ALA M 18 -19.19 -7.54 -36.78
N LEU M 19 -20.10 -6.65 -37.19
CA LEU M 19 -19.96 -6.01 -38.49
C LEU M 19 -18.81 -5.03 -38.51
N LEU M 20 -18.68 -4.20 -37.47
CA LEU M 20 -17.60 -3.22 -37.42
C LEU M 20 -16.25 -3.91 -37.37
N THR M 21 -16.14 -5.03 -36.66
CA THR M 21 -14.92 -5.81 -36.70
C THR M 21 -14.63 -6.29 -38.12
N ASN M 22 -15.67 -6.71 -38.83
CA ASN M 22 -15.50 -7.16 -40.20
C ASN M 22 -15.09 -5.99 -41.10
N VAL M 23 -15.69 -4.82 -40.90
CA VAL M 23 -15.38 -3.67 -41.73
C VAL M 23 -13.94 -3.22 -41.52
N ASN M 24 -13.50 -3.16 -40.26
CA ASN M 24 -12.13 -2.74 -39.99
C ASN M 24 -11.11 -3.68 -40.61
N ALA M 25 -11.46 -4.96 -40.72
CA ALA M 25 -10.60 -5.89 -41.44
C ALA M 25 -10.50 -5.50 -42.91
N VAL M 26 -11.63 -5.14 -43.53
CA VAL M 26 -11.60 -4.72 -44.93
C VAL M 26 -10.86 -3.39 -45.06
N ARG M 27 -11.03 -2.50 -44.07
CA ARG M 27 -10.34 -1.21 -44.12
C ARG M 27 -8.83 -1.39 -44.06
N ALA M 28 -8.35 -2.32 -43.23
CA ALA M 28 -6.91 -2.50 -43.08
C ALA M 28 -6.29 -3.06 -44.36
N ILE M 29 -6.89 -4.10 -44.93
CA ILE M 29 -6.37 -4.65 -46.19
C ILE M 29 -6.51 -3.60 -47.27
N ALA M 30 -7.61 -2.85 -47.27
CA ALA M 30 -7.77 -1.78 -48.24
C ALA M 30 -6.75 -0.67 -47.99
N ASP M 31 -6.51 -0.33 -46.73
CA ASP M 31 -5.63 0.79 -46.36
C ASP M 31 -4.19 0.58 -46.78
N ALA M 32 -3.77 -0.67 -47.02
CA ALA M 32 -2.39 -0.96 -47.40
C ALA M 32 -2.16 -0.90 -48.90
N VAL M 33 -3.14 -0.44 -49.69
CA VAL M 33 -3.11 -0.56 -51.13
C VAL M 33 -3.25 0.79 -51.82
N GLU M 34 -4.14 1.66 -51.36
CA GLU M 34 -4.54 2.79 -52.19
C GLU M 34 -3.42 3.79 -52.40
N GLY M 35 -2.38 3.78 -51.56
CA GLY M 35 -1.24 4.62 -51.82
C GLY M 35 -0.53 4.32 -53.14
N THR M 36 -0.75 3.14 -53.71
CA THR M 36 -0.19 2.76 -54.99
C THR M 36 -1.04 3.18 -56.18
N LEU M 37 -2.16 3.86 -55.96
CA LEU M 37 -3.03 4.26 -57.05
C LEU M 37 -2.43 5.45 -57.80
N GLY M 38 -2.83 5.59 -59.06
CA GLY M 38 -2.48 6.74 -59.83
C GLY M 38 -1.09 6.63 -60.43
N PRO M 39 -0.71 7.61 -61.26
CA PRO M 39 0.61 7.54 -61.90
C PRO M 39 1.77 7.69 -60.95
N LYS M 40 1.59 8.33 -59.79
CA LYS M 40 2.66 8.49 -58.81
C LYS M 40 2.30 7.85 -57.48
N GLY M 41 1.86 6.60 -57.52
CA GLY M 41 1.62 5.88 -56.30
C GLY M 41 2.89 5.64 -55.51
N LEU M 42 2.72 5.51 -54.21
CA LEU M 42 3.80 5.25 -53.28
C LEU M 42 3.88 3.76 -52.98
N ASP M 43 5.07 3.17 -53.16
CA ASP M 43 5.21 1.75 -52.93
C ASP M 43 5.22 1.45 -51.44
N VAL M 44 5.09 0.17 -51.11
CA VAL M 44 4.92 -0.32 -49.75
C VAL M 44 6.02 -1.33 -49.45
N MET M 45 6.61 -1.24 -48.27
CA MET M 45 7.62 -2.18 -47.82
C MET M 45 6.97 -3.36 -47.10
N LEU M 46 7.51 -4.55 -47.34
CA LEU M 46 7.05 -5.78 -46.71
C LEU M 46 8.23 -6.43 -46.01
N VAL M 47 8.00 -6.96 -44.81
CA VAL M 47 9.05 -7.51 -43.96
C VAL M 47 8.59 -8.82 -43.35
N ASP M 48 9.48 -9.79 -43.23
CA ASP M 48 9.17 -11.06 -42.53
C ASP M 48 9.97 -11.00 -41.23
N LYS M 49 9.99 -12.06 -40.44
CA LYS M 49 10.83 -12.14 -39.26
C LYS M 49 12.29 -12.19 -39.64
N PHE M 50 12.59 -12.78 -40.81
CA PHE M 50 13.98 -12.81 -41.31
C PHE M 50 14.47 -11.43 -41.71
N GLY M 51 13.59 -10.46 -41.91
CA GLY M 51 13.99 -9.11 -42.22
C GLY M 51 14.20 -8.81 -43.68
N GLU M 52 13.63 -9.60 -44.58
CA GLU M 52 13.79 -9.35 -46.00
C GLU M 52 12.98 -8.11 -46.42
N VAL M 53 13.29 -7.62 -47.62
CA VAL M 53 12.71 -6.40 -48.16
C VAL M 53 11.98 -6.75 -49.44
N THR M 54 10.82 -6.12 -49.65
CA THR M 54 10.09 -6.20 -50.91
C THR M 54 9.43 -4.85 -51.16
N ILE M 55 10.10 -3.99 -51.92
CA ILE M 55 9.57 -2.69 -52.32
C ILE M 55 8.84 -2.90 -53.63
N THR M 56 7.56 -2.51 -53.67
CA THR M 56 6.77 -2.68 -54.88
C THR M 56 5.57 -1.74 -54.86
N ASN M 57 5.27 -1.16 -56.02
CA ASN M 57 4.12 -0.29 -56.19
C ASN M 57 2.98 -0.97 -56.93
N ASP M 58 3.06 -2.27 -57.20
CA ASP M 58 1.99 -2.97 -57.88
C ASP M 58 1.00 -3.51 -56.87
N GLY M 59 -0.29 -3.33 -57.17
CA GLY M 59 -1.31 -3.81 -56.26
C GLY M 59 -1.35 -5.33 -56.17
N VAL M 60 -1.21 -6.02 -57.30
CA VAL M 60 -1.42 -7.46 -57.33
C VAL M 60 -0.42 -8.17 -56.43
N THR M 61 0.86 -7.82 -56.57
CA THR M 61 1.87 -8.45 -55.72
C THR M 61 1.69 -8.07 -54.26
N ILE M 62 1.25 -6.85 -54.00
CA ILE M 62 1.02 -6.43 -52.62
C ILE M 62 -0.07 -7.28 -51.99
N LEU M 63 -1.16 -7.50 -52.70
CA LEU M 63 -2.23 -8.33 -52.17
C LEU M 63 -1.81 -9.78 -52.06
N ASP M 64 -1.00 -10.26 -53.00
CA ASP M 64 -0.58 -11.66 -52.98
C ASP M 64 0.33 -11.96 -51.80
N GLN M 65 1.36 -11.12 -51.60
CA GLN M 65 2.39 -11.41 -50.61
C GLN M 65 2.06 -10.86 -49.23
N MET M 66 0.96 -10.14 -49.06
CA MET M 66 0.64 -9.55 -47.76
C MET M 66 0.01 -10.60 -46.87
N ASP M 67 0.43 -10.61 -45.60
CA ASP M 67 -0.11 -11.55 -44.64
C ASP M 67 -1.51 -11.12 -44.22
N VAL M 68 -2.48 -12.01 -44.39
CA VAL M 68 -3.88 -11.76 -44.09
C VAL M 68 -4.33 -12.76 -43.04
N GLN M 69 -4.97 -12.26 -41.99
CA GLN M 69 -5.36 -13.08 -40.84
C GLN M 69 -6.87 -13.09 -40.66
N HIS M 70 -7.52 -11.97 -40.94
CA HIS M 70 -8.97 -11.89 -40.76
C HIS M 70 -9.69 -12.53 -41.93
N PRO M 71 -10.79 -13.28 -41.72
CA PRO M 71 -11.47 -13.90 -42.86
C PRO M 71 -12.05 -12.91 -43.86
N ALA M 72 -12.46 -11.72 -43.41
CA ALA M 72 -12.94 -10.71 -44.34
C ALA M 72 -11.84 -10.31 -45.32
N ALA M 73 -10.60 -10.24 -44.85
CA ALA M 73 -9.49 -10.02 -45.77
C ALA M 73 -9.35 -11.17 -46.75
N ARG M 74 -9.58 -12.41 -46.29
CA ARG M 74 -9.49 -13.55 -47.20
C ARG M 74 -10.53 -13.49 -48.30
N MET M 75 -11.77 -13.11 -47.96
CA MET M 75 -12.82 -13.03 -48.97
C MET M 75 -12.48 -11.99 -50.03
N LEU M 76 -12.03 -10.81 -49.61
CA LEU M 76 -11.62 -9.78 -50.55
C LEU M 76 -10.40 -10.20 -51.36
N ILE M 77 -9.47 -10.92 -50.75
CA ILE M 77 -8.32 -11.45 -51.49
C ILE M 77 -8.80 -12.37 -52.60
N GLN M 78 -9.70 -13.29 -52.27
CA GLN M 78 -10.18 -14.25 -53.27
C GLN M 78 -10.91 -13.53 -54.39
N VAL M 79 -11.75 -12.56 -54.05
CA VAL M 79 -12.48 -11.84 -55.09
C VAL M 79 -11.53 -11.04 -55.97
N ALA M 80 -10.54 -10.39 -55.36
CA ALA M 80 -9.59 -9.59 -56.13
C ALA M 80 -8.75 -10.45 -57.07
N ARG M 81 -8.23 -11.57 -56.58
CA ARG M 81 -7.47 -12.44 -57.47
C ARG M 81 -8.35 -13.13 -58.50
N ALA M 82 -9.64 -13.32 -58.23
CA ALA M 82 -10.54 -13.76 -59.30
C ALA M 82 -10.67 -12.70 -60.37
N GLN M 83 -10.79 -11.43 -59.97
CA GLN M 83 -10.80 -10.33 -60.93
C GLN M 83 -9.51 -10.35 -61.76
N GLU M 84 -8.38 -10.60 -61.10
CA GLU M 84 -7.12 -10.76 -61.83
C GLU M 84 -7.15 -11.94 -62.79
N GLU M 85 -7.73 -13.07 -62.38
CA GLU M 85 -7.85 -14.22 -63.27
C GLU M 85 -8.69 -13.88 -64.49
N GLU M 86 -9.66 -12.99 -64.35
CA GLU M 86 -10.56 -12.70 -65.46
C GLU M 86 -9.87 -11.91 -66.55
N VAL M 87 -9.32 -10.74 -66.22
CA VAL M 87 -8.75 -9.83 -67.20
C VAL M 87 -7.31 -9.43 -66.89
N GLY M 88 -6.73 -9.93 -65.80
CA GLY M 88 -5.31 -9.68 -65.54
C GLY M 88 -4.97 -8.35 -64.95
N ASP M 89 -5.96 -7.50 -64.66
CA ASP M 89 -5.67 -6.20 -64.07
C ASP M 89 -6.93 -5.68 -63.40
N GLY M 90 -6.77 -4.60 -62.63
CA GLY M 90 -7.87 -3.94 -61.96
C GLY M 90 -8.04 -4.30 -60.49
N THR M 91 -7.11 -5.05 -59.91
CA THR M 91 -7.21 -5.43 -58.51
C THR M 91 -7.17 -4.22 -57.58
N THR M 92 -6.30 -3.24 -57.85
CA THR M 92 -6.18 -2.08 -56.97
C THR M 92 -7.49 -1.31 -56.90
N THR M 93 -8.08 -0.98 -58.05
CA THR M 93 -9.34 -0.26 -58.06
C THR M 93 -10.44 -1.10 -57.42
N ALA M 94 -10.43 -2.41 -57.66
CA ALA M 94 -11.46 -3.27 -57.07
C ALA M 94 -11.40 -3.25 -55.55
N THR M 95 -10.22 -3.45 -54.97
CA THR M 95 -10.13 -3.47 -53.51
C THR M 95 -10.40 -2.09 -52.92
N VAL M 96 -9.96 -1.02 -53.59
CA VAL M 96 -10.21 0.31 -53.05
C VAL M 96 -11.71 0.63 -53.08
N LEU M 97 -12.39 0.29 -54.18
CA LEU M 97 -13.82 0.54 -54.26
C LEU M 97 -14.59 -0.32 -53.26
N ALA M 98 -14.15 -1.57 -53.06
CA ALA M 98 -14.78 -2.41 -52.06
C ALA M 98 -14.63 -1.82 -50.66
N GLY M 99 -13.42 -1.35 -50.33
CA GLY M 99 -13.22 -0.72 -49.04
C GLY M 99 -14.08 0.52 -48.87
N ALA M 100 -14.19 1.33 -49.91
CA ALA M 100 -15.02 2.52 -49.83
C ALA M 100 -16.50 2.18 -49.64
N LEU M 101 -17.00 1.22 -50.43
CA LEU M 101 -18.40 0.82 -50.30
C LEU M 101 -18.70 0.29 -48.92
N VAL M 102 -17.84 -0.59 -48.39
CA VAL M 102 -18.08 -1.14 -47.08
C VAL M 102 -17.99 -0.06 -46.00
N SER M 103 -17.00 0.83 -46.14
CA SER M 103 -16.77 1.86 -45.12
C SER M 103 -17.95 2.81 -45.02
N GLU M 104 -18.37 3.38 -46.14
CA GLU M 104 -19.50 4.29 -46.13
C GLU M 104 -20.84 3.58 -46.25
N GLY M 105 -20.85 2.24 -46.17
CA GLY M 105 -22.07 1.53 -45.83
C GLY M 105 -22.23 1.40 -44.33
N VAL M 106 -21.16 1.00 -43.62
CA VAL M 106 -21.25 0.96 -42.16
C VAL M 106 -21.36 2.35 -41.57
N ASN M 107 -20.87 3.38 -42.28
CA ASN M 107 -21.12 4.74 -41.81
C ASN M 107 -22.61 5.04 -41.78
N GLN M 108 -23.37 4.57 -42.77
CA GLN M 108 -24.81 4.72 -42.73
C GLN M 108 -25.45 3.90 -41.61
N VAL M 109 -24.89 2.73 -41.32
CA VAL M 109 -25.44 1.90 -40.26
C VAL M 109 -25.23 2.55 -38.90
N GLU M 110 -24.11 3.25 -38.73
CA GLU M 110 -23.91 4.01 -37.49
C GLU M 110 -24.97 5.09 -37.34
N GLN M 111 -25.39 5.70 -38.44
CA GLN M 111 -26.42 6.73 -38.41
C GLN M 111 -27.79 6.19 -38.02
N GLY M 112 -28.00 4.88 -38.09
CA GLY M 112 -29.26 4.25 -37.75
C GLY M 112 -29.93 3.53 -38.90
N VAL M 113 -29.37 3.55 -40.09
CA VAL M 113 -30.00 2.85 -41.22
C VAL M 113 -29.83 1.34 -41.00
N PRO M 114 -30.87 0.52 -41.12
CA PRO M 114 -30.67 -0.92 -40.99
C PRO M 114 -29.78 -1.48 -42.10
N VAL M 115 -29.10 -2.57 -41.76
CA VAL M 115 -28.11 -3.16 -42.67
C VAL M 115 -28.80 -3.71 -43.92
N SER M 116 -29.97 -4.32 -43.74
CA SER M 116 -30.63 -4.97 -44.87
C SER M 116 -31.03 -3.97 -45.94
N ARG M 117 -31.46 -2.77 -45.55
CA ARG M 117 -31.79 -1.76 -46.55
C ARG M 117 -30.55 -1.28 -47.28
N VAL M 118 -29.44 -1.10 -46.54
CA VAL M 118 -28.22 -0.62 -47.16
C VAL M 118 -27.70 -1.64 -48.16
N ILE M 119 -27.88 -2.94 -47.89
CA ILE M 119 -27.37 -3.95 -48.80
C ILE M 119 -28.06 -3.86 -50.16
N GLU M 120 -29.39 -3.81 -50.17
CA GLU M 120 -30.10 -3.77 -51.44
C GLU M 120 -29.97 -2.40 -52.11
N GLY M 121 -29.84 -1.32 -51.33
CA GLY M 121 -29.49 -0.05 -51.93
C GLY M 121 -28.14 -0.09 -52.62
N LEU M 122 -27.14 -0.72 -51.99
CA LEU M 122 -25.86 -0.94 -52.64
C LEU M 122 -26.02 -1.74 -53.91
N ARG M 123 -26.85 -2.78 -53.88
CA ARG M 123 -27.06 -3.62 -55.05
C ARG M 123 -27.58 -2.80 -56.22
N ARG M 124 -28.67 -2.05 -56.01
CA ARG M 124 -29.26 -1.35 -57.13
C ARG M 124 -28.41 -0.15 -57.57
N GLY M 125 -27.74 0.53 -56.63
CA GLY M 125 -26.82 1.58 -57.03
C GLY M 125 -25.67 1.06 -57.85
N VAL M 126 -25.11 -0.08 -57.48
CA VAL M 126 -24.01 -0.66 -58.24
C VAL M 126 -24.50 -1.12 -59.61
N GLU M 127 -25.72 -1.65 -59.69
CA GLU M 127 -26.26 -2.04 -60.98
C GLU M 127 -26.38 -0.83 -61.90
N ARG M 128 -26.90 0.28 -61.37
CA ARG M 128 -27.04 1.46 -62.21
C ARG M 128 -25.68 2.05 -62.58
N ALA M 129 -24.71 2.00 -61.66
CA ALA M 129 -23.36 2.44 -62.00
C ALA M 129 -22.75 1.60 -63.10
N LEU M 130 -22.97 0.29 -63.07
CA LEU M 130 -22.56 -0.57 -64.17
C LEU M 130 -23.24 -0.17 -65.47
N GLU M 131 -24.53 0.18 -65.41
CA GLU M 131 -25.25 0.57 -66.61
C GLU M 131 -24.63 1.82 -67.25
N LEU M 132 -24.44 2.89 -66.46
CA LEU M 132 -23.83 4.10 -67.03
C LEU M 132 -22.41 3.84 -67.51
N LEU M 133 -21.61 3.08 -66.76
CA LEU M 133 -20.25 2.83 -67.18
C LEU M 133 -20.20 2.05 -68.49
N ARG M 134 -21.09 1.07 -68.66
CA ARG M 134 -21.16 0.35 -69.93
C ARG M 134 -21.57 1.27 -71.07
N LYS M 135 -22.58 2.10 -70.85
CA LYS M 135 -23.06 2.96 -71.93
C LYS M 135 -22.03 4.03 -72.31
N GLN M 136 -21.22 4.48 -71.35
CA GLN M 136 -20.30 5.56 -71.63
C GLN M 136 -19.08 5.09 -72.43
N ALA M 137 -18.79 3.80 -72.41
CA ALA M 137 -17.61 3.28 -73.09
C ALA M 137 -17.79 3.44 -74.60
N LEU M 138 -16.83 4.10 -75.24
CA LEU M 138 -16.80 4.36 -76.67
C LEU M 138 -15.95 3.30 -77.34
N PRO M 139 -16.34 2.79 -78.54
CA PRO M 139 -15.63 1.66 -79.20
C PRO M 139 -14.35 2.14 -79.87
N VAL M 140 -13.27 1.36 -79.77
CA VAL M 140 -11.99 1.71 -80.35
C VAL M 140 -11.99 1.40 -81.84
N GLU M 141 -11.42 2.33 -82.62
CA GLU M 141 -11.46 2.29 -84.08
C GLU M 141 -10.09 1.82 -84.57
N GLY M 142 -9.98 0.51 -84.81
CA GLY M 142 -8.73 -0.07 -85.25
C GLY M 142 -7.68 -0.01 -84.16
N LEU M 143 -6.48 -0.46 -84.53
CA LEU M 143 -5.34 -0.44 -83.63
C LEU M 143 -4.37 0.70 -83.92
N ASP M 144 -4.51 1.36 -85.07
CA ASP M 144 -3.70 2.54 -85.37
C ASP M 144 -4.07 3.74 -84.50
N ASP M 145 -5.21 3.72 -83.85
CA ASP M 145 -5.65 4.84 -83.03
C ASP M 145 -4.75 4.97 -81.79
N PRO M 146 -4.16 6.16 -81.51
CA PRO M 146 -3.16 6.23 -80.43
C PRO M 146 -3.72 6.10 -79.02
N ARG M 147 -5.03 5.89 -78.87
CA ARG M 147 -5.56 5.61 -77.54
C ARG M 147 -5.02 4.29 -77.00
N LEU M 148 -4.79 3.32 -77.89
CA LEU M 148 -4.08 2.11 -77.49
C LEU M 148 -2.69 2.44 -76.96
N ARG M 149 -1.99 3.36 -77.62
CA ARG M 149 -0.66 3.75 -77.16
C ARG M 149 -0.74 4.41 -75.79
N ALA M 150 -1.77 5.24 -75.57
CA ALA M 150 -1.92 5.91 -74.27
C ALA M 150 -2.19 4.90 -73.16
N VAL M 151 -3.11 3.96 -73.38
CA VAL M 151 -3.40 2.98 -72.33
C VAL M 151 -2.24 2.03 -72.11
N ALA M 152 -1.48 1.69 -73.17
CA ALA M 152 -0.27 0.91 -72.96
C ALA M 152 0.74 1.69 -72.14
N ARG M 153 0.88 2.98 -72.39
CA ARG M 153 1.80 3.81 -71.62
C ARG M 153 1.41 3.82 -70.14
N ILE M 154 0.15 4.13 -69.84
CA ILE M 154 -0.26 4.23 -68.45
C ILE M 154 -0.23 2.85 -67.79
N ALA M 155 -0.41 1.78 -68.57
CA ALA M 155 -0.27 0.45 -68.02
C ALA M 155 1.17 0.09 -67.70
N ALA M 156 2.14 0.71 -68.35
CA ALA M 156 3.55 0.33 -68.25
C ALA M 156 4.32 1.25 -67.31
N ARG M 157 3.66 1.77 -66.27
CA ARG M 157 4.31 2.66 -65.30
C ARG M 157 4.91 3.88 -65.99
N GLU M 158 4.21 4.39 -67.01
CA GLU M 158 4.64 5.57 -67.75
C GLU M 158 6.02 5.37 -68.39
N ARG M 159 6.24 4.17 -68.92
CA ARG M 159 7.46 3.83 -69.66
C ARG M 159 7.08 3.39 -71.06
N GLU M 160 7.73 3.99 -72.07
CA GLU M 160 7.37 3.76 -73.46
C GLU M 160 8.02 2.51 -74.04
N ASP M 161 9.14 2.05 -73.46
CA ASP M 161 9.82 0.88 -74.01
C ASP M 161 8.95 -0.37 -73.95
N ILE M 162 8.06 -0.45 -72.96
CA ILE M 162 7.08 -1.53 -72.92
C ILE M 162 5.79 -1.14 -73.64
N ALA M 163 5.53 0.16 -73.81
CA ALA M 163 4.33 0.57 -74.52
C ALA M 163 4.41 0.20 -75.99
N ASP M 164 5.57 0.43 -76.62
CA ASP M 164 5.67 0.25 -78.07
C ASP M 164 5.56 -1.21 -78.49
N LEU M 165 6.30 -2.11 -77.84
CA LEU M 165 6.33 -3.49 -78.31
C LEU M 165 5.00 -4.19 -78.06
N VAL M 166 4.24 -3.78 -77.04
CA VAL M 166 2.95 -4.39 -76.79
C VAL M 166 1.99 -4.11 -77.95
N VAL M 167 1.89 -2.84 -78.35
CA VAL M 167 1.00 -2.52 -79.46
C VAL M 167 1.54 -3.09 -80.76
N GLU M 168 2.86 -3.17 -80.93
CA GLU M 168 3.42 -3.79 -82.13
C GLU M 168 3.00 -5.25 -82.21
N ALA M 169 3.17 -6.00 -81.12
CA ALA M 169 2.75 -7.40 -81.10
C ALA M 169 1.25 -7.52 -81.33
N ALA M 170 0.47 -6.60 -80.76
CA ALA M 170 -0.98 -6.65 -80.96
C ALA M 170 -1.33 -6.50 -82.44
N ARG M 171 -0.80 -5.48 -83.11
CA ARG M 171 -1.10 -5.30 -84.52
C ARG M 171 -0.52 -6.41 -85.39
N HIS M 172 0.50 -7.12 -84.92
CA HIS M 172 0.98 -8.28 -85.67
C HIS M 172 -0.10 -9.36 -85.76
N ILE M 173 -1.05 -9.42 -84.83
CA ILE M 173 -1.98 -10.53 -84.76
C ILE M 173 -3.12 -10.36 -85.76
N GLY M 174 -3.82 -9.24 -85.69
CA GLY M 174 -4.97 -8.98 -86.53
C GLY M 174 -6.23 -8.74 -85.72
N GLU M 175 -7.23 -8.18 -86.39
CA GLU M 175 -8.45 -7.74 -85.71
C GLU M 175 -9.22 -8.92 -85.11
N ASP M 176 -9.70 -9.82 -85.96
CA ASP M 176 -10.62 -10.86 -85.51
C ASP M 176 -9.99 -11.85 -84.54
N LYS M 177 -8.65 -11.96 -84.54
CA LYS M 177 -8.02 -12.98 -83.71
C LYS M 177 -8.00 -12.59 -82.24
N LEU M 178 -8.15 -11.30 -81.92
CA LEU M 178 -8.25 -10.86 -80.54
C LEU M 178 -9.65 -10.99 -79.97
N GLN M 179 -10.65 -11.25 -80.79
CA GLN M 179 -12.01 -11.45 -80.32
C GLN M 179 -12.27 -12.87 -79.82
N ASP M 180 -11.31 -13.78 -79.96
CA ASP M 180 -11.49 -15.15 -79.52
C ASP M 180 -11.47 -15.20 -77.99
N PRO M 181 -12.58 -15.50 -77.31
CA PRO M 181 -12.53 -15.50 -75.83
C PRO M 181 -11.64 -16.59 -75.25
N ASN M 182 -11.33 -17.64 -76.02
CA ASN M 182 -10.48 -18.71 -75.52
C ASN M 182 -9.00 -18.41 -75.64
N PHE M 183 -8.63 -17.25 -76.18
CA PHE M 183 -7.23 -16.89 -76.42
C PHE M 183 -6.85 -15.70 -75.56
N LYS M 184 -5.77 -15.86 -74.79
CA LYS M 184 -5.21 -14.79 -73.96
C LYS M 184 -3.78 -14.53 -74.42
N LEU M 185 -3.47 -13.27 -74.69
CA LEU M 185 -2.12 -12.88 -75.09
C LEU M 185 -1.22 -12.57 -73.90
N ALA M 186 -1.76 -12.54 -72.68
CA ALA M 186 -0.92 -12.35 -71.50
C ALA M 186 0.02 -13.52 -71.27
N ASP M 187 -0.37 -14.73 -71.67
CA ASP M 187 0.52 -15.88 -71.62
C ASP M 187 1.51 -15.92 -72.78
N THR M 188 1.33 -15.07 -73.80
CA THR M 188 2.16 -15.08 -75.00
C THR M 188 3.33 -14.10 -74.92
N VAL M 189 3.77 -13.74 -73.71
CA VAL M 189 4.91 -12.87 -73.50
C VAL M 189 5.88 -13.56 -72.55
N THR M 190 7.17 -13.53 -72.89
CA THR M 190 8.22 -14.12 -72.07
C THR M 190 9.39 -13.16 -72.03
N ALA M 191 9.90 -12.91 -70.83
CA ALA M 191 11.01 -12.00 -70.61
C ALA M 191 12.29 -12.80 -70.35
N ARG M 192 13.38 -12.39 -70.99
CA ARG M 192 14.68 -13.02 -70.84
C ARG M 192 15.74 -11.97 -70.58
N GLU M 193 16.76 -12.35 -69.82
CA GLU M 193 17.80 -11.42 -69.41
C GLU M 193 18.87 -11.28 -70.49
N GLY M 194 19.33 -10.05 -70.68
CA GLY M 194 20.38 -9.76 -71.64
C GLY M 194 19.93 -9.69 -73.08
N ALA M 195 18.62 -9.79 -73.36
CA ALA M 195 18.09 -9.77 -74.70
C ALA M 195 17.58 -8.37 -75.04
N GLU M 196 17.20 -8.19 -76.30
CA GLU M 196 16.68 -6.94 -76.84
C GLU M 196 15.16 -6.99 -76.85
N ASN M 197 14.54 -5.92 -77.38
CA ASN M 197 13.10 -5.80 -77.47
C ASN M 197 12.68 -6.15 -78.90
N GLN M 198 12.02 -7.30 -79.06
CA GLN M 198 11.53 -7.71 -80.37
C GLN M 198 10.47 -8.77 -80.18
N VAL M 199 9.75 -9.06 -81.27
CA VAL M 199 8.74 -10.10 -81.32
C VAL M 199 9.15 -11.12 -82.37
N ILE M 200 9.00 -12.40 -82.03
CA ILE M 200 9.39 -13.49 -82.93
C ILE M 200 8.14 -14.29 -83.31
N THR M 356 4.98 -14.38 -79.74
CA THR M 356 5.98 -14.43 -78.68
C THR M 356 6.70 -13.10 -78.56
N VAL M 357 6.37 -12.35 -77.52
CA VAL M 357 6.96 -11.04 -77.28
C VAL M 357 8.14 -11.23 -76.32
N LEU M 358 9.34 -10.99 -76.83
CA LEU M 358 10.56 -11.12 -76.03
C LEU M 358 10.84 -9.78 -75.35
N VAL M 359 10.84 -9.78 -74.03
CA VAL M 359 11.09 -8.58 -73.23
C VAL M 359 12.48 -8.69 -72.64
N GLY M 360 13.36 -7.75 -73.00
CA GLY M 360 14.72 -7.78 -72.50
C GLY M 360 14.81 -7.30 -71.06
N ALA M 361 15.97 -7.58 -70.45
CA ALA M 361 16.22 -7.16 -69.08
C ALA M 361 17.73 -7.06 -68.88
N ALA M 362 18.12 -6.37 -67.81
CA ALA M 362 19.54 -6.16 -67.53
C ALA M 362 20.17 -7.41 -66.93
N THR M 363 19.68 -7.85 -65.78
CA THR M 363 20.18 -9.02 -65.08
C THR M 363 19.02 -9.96 -64.75
N GLU M 364 19.35 -11.08 -64.12
CA GLU M 364 18.33 -12.08 -63.79
C GLU M 364 17.36 -11.58 -62.73
N GLU M 365 17.85 -10.83 -61.74
CA GLU M 365 16.98 -10.34 -60.67
C GLU M 365 15.96 -9.33 -61.17
N VAL M 366 16.22 -8.66 -62.29
CA VAL M 366 15.29 -7.66 -62.80
C VAL M 366 14.16 -8.30 -63.60
N VAL M 367 14.32 -9.56 -64.04
CA VAL M 367 13.34 -10.16 -64.95
C VAL M 367 11.97 -10.28 -64.31
N GLY M 368 11.91 -10.41 -62.98
CA GLY M 368 10.63 -10.62 -62.33
C GLY M 368 9.68 -9.46 -62.49
N GLU M 369 10.16 -8.23 -62.27
CA GLU M 369 9.29 -7.06 -62.38
C GLU M 369 8.98 -6.71 -63.83
N ARG M 370 9.97 -6.86 -64.73
CA ARG M 370 9.71 -6.64 -66.15
C ARG M 370 8.66 -7.61 -66.68
N GLU M 371 8.74 -8.87 -66.25
CA GLU M 371 7.75 -9.86 -66.67
C GLU M 371 6.35 -9.45 -66.21
N ARG M 372 6.24 -8.94 -64.97
CA ARG M 372 4.95 -8.52 -64.45
C ARG M 372 4.40 -7.32 -65.22
N VAL M 373 5.22 -6.29 -65.45
CA VAL M 373 4.70 -5.13 -66.17
C VAL M 373 4.40 -5.49 -67.62
N ALA M 374 5.14 -6.45 -68.20
CA ALA M 374 4.82 -6.92 -69.54
C ALA M 374 3.43 -7.54 -69.57
N LYS M 375 3.11 -8.40 -68.59
CA LYS M 375 1.76 -8.95 -68.56
C LYS M 375 0.70 -7.88 -68.33
N ASP M 376 0.97 -6.89 -67.46
CA ASP M 376 -0.02 -5.85 -67.22
C ASP M 376 -0.31 -5.05 -68.48
N ALA M 377 0.75 -4.63 -69.20
CA ALA M 377 0.55 -3.89 -70.42
C ALA M 377 -0.11 -4.75 -71.49
N ALA M 378 0.22 -6.04 -71.53
CA ALA M 378 -0.44 -6.94 -72.47
C ALA M 378 -1.93 -7.04 -72.18
N SER M 379 -2.30 -7.21 -70.91
CA SER M 379 -3.70 -7.34 -70.55
C SER M 379 -4.49 -6.07 -70.79
N ALA M 380 -3.86 -4.91 -70.64
CA ALA M 380 -4.55 -3.66 -70.90
C ALA M 380 -5.04 -3.61 -72.35
N VAL M 381 -4.16 -3.83 -73.32
CA VAL M 381 -4.58 -3.89 -74.72
C VAL M 381 -5.44 -5.11 -75.00
N GLN M 382 -5.29 -6.18 -74.22
CA GLN M 382 -6.17 -7.33 -74.36
C GLN M 382 -7.62 -6.92 -74.14
N ALA M 383 -7.88 -6.16 -73.08
CA ALA M 383 -9.23 -5.70 -72.79
C ALA M 383 -9.65 -4.53 -73.68
N ALA M 384 -8.71 -3.70 -74.13
CA ALA M 384 -9.06 -2.48 -74.85
C ALA M 384 -9.80 -2.78 -76.15
N ILE M 385 -9.32 -3.75 -76.92
CA ILE M 385 -9.99 -4.07 -78.19
C ILE M 385 -11.34 -4.72 -77.91
N ARG M 386 -11.42 -5.55 -76.88
CA ARG M 386 -12.67 -6.23 -76.58
C ARG M 386 -13.78 -5.25 -76.19
N GLY M 387 -13.49 -4.35 -75.26
CA GLY M 387 -14.54 -3.54 -74.65
C GLY M 387 -14.55 -2.06 -74.98
N GLY M 388 -13.53 -1.58 -75.66
CA GLY M 388 -13.42 -0.17 -75.98
C GLY M 388 -12.62 0.59 -74.93
N VAL M 389 -12.97 1.87 -74.77
CA VAL M 389 -12.24 2.79 -73.92
C VAL M 389 -13.21 3.53 -73.02
N VAL M 390 -12.78 3.79 -71.78
CA VAL M 390 -13.53 4.59 -70.81
C VAL M 390 -12.55 5.63 -70.27
N PRO M 391 -12.97 6.89 -70.02
CA PRO M 391 -11.99 7.88 -69.53
C PRO M 391 -11.48 7.53 -68.14
N GLY M 392 -10.19 7.22 -68.04
CA GLY M 392 -9.60 6.75 -66.81
C GLY M 392 -9.21 7.88 -65.89
N GLY M 393 -8.47 7.51 -64.85
CA GLY M 393 -8.05 8.46 -63.83
C GLY M 393 -9.14 8.92 -62.91
N GLY M 394 -10.23 8.15 -62.78
CA GLY M 394 -11.32 8.49 -61.89
C GLY M 394 -12.38 9.37 -62.49
N ALA M 395 -12.20 9.86 -63.72
CA ALA M 395 -13.23 10.68 -64.34
C ALA M 395 -14.50 9.90 -64.60
N ALA M 396 -14.38 8.63 -65.03
CA ALA M 396 -15.56 7.82 -65.27
C ALA M 396 -16.33 7.57 -63.98
N GLU M 397 -15.61 7.36 -62.87
CA GLU M 397 -16.26 7.20 -61.59
C GLU M 397 -17.06 8.42 -61.21
N LEU M 398 -16.50 9.62 -61.35
CA LEU M 398 -17.25 10.83 -61.04
C LEU M 398 -18.43 10.99 -61.97
N ALA M 399 -18.25 10.63 -63.25
CA ALA M 399 -19.33 10.76 -64.21
C ALA M 399 -20.54 9.90 -63.82
N VAL M 400 -20.29 8.64 -63.41
CA VAL M 400 -21.39 7.79 -62.98
C VAL M 400 -21.88 8.12 -61.58
N ALA M 401 -21.05 8.79 -60.75
CA ALA M 401 -21.48 9.15 -59.40
C ALA M 401 -22.63 10.15 -59.43
N ARG M 402 -22.58 11.13 -60.32
CA ARG M 402 -23.68 12.08 -60.42
C ARG M 402 -24.97 11.39 -60.85
N GLU M 403 -24.88 10.48 -61.82
CA GLU M 403 -26.08 9.77 -62.27
C GLU M 403 -26.66 8.89 -61.17
N VAL M 404 -25.82 8.19 -60.41
CA VAL M 404 -26.38 7.36 -59.34
C VAL M 404 -26.85 8.22 -58.17
N GLU M 405 -26.33 9.45 -58.04
CA GLU M 405 -26.99 10.41 -57.15
C GLU M 405 -28.40 10.76 -57.64
N LYS M 406 -28.55 10.99 -58.94
CA LYS M 406 -29.88 11.25 -59.49
C LYS M 406 -30.82 10.08 -59.24
N LEU M 407 -30.33 8.85 -59.38
CA LEU M 407 -31.14 7.69 -59.02
C LEU M 407 -31.41 7.60 -57.53
N ALA M 408 -30.46 8.02 -56.69
CA ALA M 408 -30.69 8.05 -55.25
C ALA M 408 -31.86 8.95 -54.91
N GLU M 409 -31.94 10.10 -55.57
CA GLU M 409 -33.12 10.97 -55.42
C GLU M 409 -34.41 10.30 -55.87
N GLU M 410 -34.33 9.27 -56.71
CA GLU M 410 -35.47 8.52 -57.19
C GLU M 410 -35.83 7.31 -56.33
N VAL M 411 -34.86 6.75 -55.61
CA VAL M 411 -35.11 5.56 -54.80
C VAL M 411 -35.91 5.96 -53.57
N LYS M 412 -36.82 5.08 -53.16
CA LYS M 412 -37.91 5.44 -52.26
C LYS M 412 -37.87 4.57 -51.02
N GLY M 413 -37.77 5.20 -49.85
CA GLY M 413 -37.74 4.55 -48.56
C GLY M 413 -36.42 4.80 -47.88
N MET M 414 -36.14 3.99 -46.86
CA MET M 414 -34.83 3.99 -46.20
C MET M 414 -33.72 3.49 -47.11
N GLU M 415 -34.06 2.82 -48.21
CA GLU M 415 -33.08 2.16 -49.05
C GLU M 415 -32.16 3.13 -49.77
N ARG M 416 -32.56 4.40 -49.90
CA ARG M 416 -31.77 5.34 -50.68
C ARG M 416 -30.38 5.57 -50.10
N TYR M 417 -30.22 5.40 -48.79
CA TYR M 417 -28.94 5.66 -48.15
C TYR M 417 -27.88 4.63 -48.51
N GLY M 418 -28.25 3.52 -49.13
CA GLY M 418 -27.28 2.64 -49.74
C GLY M 418 -26.84 3.16 -51.09
N VAL M 419 -27.78 3.74 -51.83
CA VAL M 419 -27.44 4.29 -53.14
C VAL M 419 -26.54 5.51 -52.95
N GLU M 420 -26.78 6.30 -51.91
CA GLU M 420 -25.87 7.40 -51.59
C GLU M 420 -24.48 6.87 -51.24
N ALA M 421 -24.41 5.74 -50.52
CA ALA M 421 -23.12 5.15 -50.23
C ALA M 421 -22.40 4.72 -51.49
N VAL M 422 -23.11 4.14 -52.46
CA VAL M 422 -22.49 3.82 -53.74
C VAL M 422 -22.04 5.09 -54.43
N ALA M 423 -22.86 6.14 -54.37
CA ALA M 423 -22.56 7.37 -55.10
C ALA M 423 -21.29 8.02 -54.58
N GLU M 424 -21.15 8.13 -53.25
CA GLU M 424 -19.99 8.82 -52.70
C GLU M 424 -18.78 7.88 -52.63
N ALA M 425 -19.01 6.57 -52.57
CA ALA M 425 -17.91 5.62 -52.58
C ALA M 425 -17.20 5.58 -53.93
N LEU M 426 -17.91 5.88 -55.01
CA LEU M 426 -17.29 5.93 -56.33
C LEU M 426 -16.27 7.06 -56.43
N LYS M 427 -16.36 8.08 -55.58
CA LYS M 427 -15.39 9.17 -55.64
C LYS M 427 -14.05 8.81 -55.01
N LYS M 428 -13.98 7.70 -54.27
CA LYS M 428 -12.74 7.37 -53.56
C LYS M 428 -11.56 7.13 -54.48
N PRO M 429 -11.69 6.42 -55.62
CA PRO M 429 -10.57 6.35 -56.57
C PRO M 429 -10.00 7.71 -56.97
N LEU M 430 -10.83 8.63 -57.47
CA LEU M 430 -10.31 9.93 -57.85
C LEU M 430 -9.78 10.71 -56.65
N ARG M 431 -10.47 10.64 -55.52
CA ARG M 431 -10.02 11.30 -54.32
C ARG M 431 -8.61 10.87 -53.92
N GLN M 432 -8.32 9.57 -53.95
CA GLN M 432 -7.01 9.10 -53.56
C GLN M 432 -5.96 9.22 -54.66
N ILE M 433 -6.37 9.24 -55.94
CA ILE M 433 -5.42 9.62 -56.98
C ILE M 433 -4.96 11.05 -56.76
N VAL M 434 -5.88 11.93 -56.38
CA VAL M 434 -5.51 13.31 -56.08
C VAL M 434 -4.65 13.39 -54.82
N ALA M 435 -5.05 12.67 -53.78
CA ALA M 435 -4.34 12.72 -52.52
C ALA M 435 -2.92 12.18 -52.63
N ASN M 436 -2.73 11.08 -53.37
CA ASN M 436 -1.40 10.55 -53.59
C ASN M 436 -0.56 11.47 -54.47
N ALA M 437 -1.18 12.38 -55.21
CA ALA M 437 -0.45 13.35 -56.00
C ALA M 437 0.18 14.45 -55.16
N GLY M 438 -0.13 14.52 -53.86
CA GLY M 438 0.34 15.60 -53.03
C GLY M 438 -0.50 16.85 -53.10
N PHE M 439 -1.76 16.74 -53.49
CA PHE M 439 -2.70 17.86 -53.53
C PHE M 439 -3.77 17.66 -52.46
N ASN M 440 -4.60 18.68 -52.30
CA ASN M 440 -5.68 18.62 -51.32
C ASN M 440 -6.93 18.08 -52.02
N PRO M 441 -7.43 16.88 -51.68
CA PRO M 441 -8.57 16.34 -52.43
C PRO M 441 -9.84 17.14 -52.26
N LEU M 442 -10.01 17.86 -51.15
CA LEU M 442 -11.28 18.52 -50.87
C LEU M 442 -11.56 19.63 -51.88
N GLU M 443 -10.55 20.46 -52.15
CA GLU M 443 -10.72 21.54 -53.13
C GLU M 443 -10.64 21.04 -54.56
N LYS M 444 -9.86 19.98 -54.81
CA LYS M 444 -9.74 19.48 -56.17
C LYS M 444 -11.00 18.75 -56.59
N LEU M 445 -11.74 18.18 -55.63
CA LEU M 445 -13.08 17.70 -55.95
C LEU M 445 -14.04 18.84 -56.19
N GLY M 446 -13.88 19.95 -55.45
CA GLY M 446 -14.77 21.08 -55.65
C GLY M 446 -14.62 21.70 -57.04
N ASP M 447 -13.39 21.86 -57.50
CA ASP M 447 -13.15 22.50 -58.78
C ASP M 447 -13.41 21.57 -59.97
N LEU M 448 -13.56 20.27 -59.75
CA LEU M 448 -13.96 19.37 -60.83
C LEU M 448 -15.44 19.47 -61.17
N ARG M 449 -16.25 20.07 -60.30
CA ARG M 449 -17.69 20.16 -60.55
C ARG M 449 -18.05 21.36 -61.42
N ALA M 450 -17.11 22.27 -61.67
CA ALA M 450 -17.34 23.30 -62.68
C ALA M 450 -17.24 22.72 -64.09
N ALA M 451 -16.22 21.92 -64.34
CA ALA M 451 -16.02 21.36 -65.67
C ALA M 451 -17.11 20.38 -66.08
N HIS M 452 -17.89 19.87 -65.14
CA HIS M 452 -18.93 18.89 -65.43
C HIS M 452 -20.29 19.53 -65.73
N ARG M 453 -20.42 20.85 -65.60
CA ARG M 453 -21.69 21.52 -65.85
C ARG M 453 -21.93 21.82 -67.32
N THR M 454 -20.99 21.50 -68.21
CA THR M 454 -21.13 21.78 -69.63
C THR M 454 -21.92 20.71 -70.38
N GLY M 455 -22.38 19.66 -69.70
CA GLY M 455 -23.17 18.61 -70.32
C GLY M 455 -22.38 17.37 -70.71
N ASN M 456 -21.06 17.47 -70.83
CA ASN M 456 -20.18 16.35 -71.13
C ASN M 456 -19.40 15.97 -69.88
N ASP M 457 -19.13 14.66 -69.75
CA ASP M 457 -18.70 14.07 -68.49
C ASP M 457 -17.32 13.44 -68.56
N SER M 458 -16.47 13.90 -69.48
CA SER M 458 -15.13 13.35 -69.67
C SER M 458 -14.06 14.17 -68.97
N LEU M 459 -14.44 15.13 -68.13
CA LEU M 459 -13.48 16.08 -67.55
C LEU M 459 -12.98 15.56 -66.21
N GLY M 460 -11.65 15.42 -66.11
CA GLY M 460 -11.00 14.97 -64.90
C GLY M 460 -9.91 15.93 -64.46
N ILE M 461 -8.92 15.42 -63.71
CA ILE M 461 -7.85 16.24 -63.15
C ILE M 461 -6.52 15.62 -63.56
N ASP M 462 -5.63 16.44 -64.11
CA ASP M 462 -4.26 15.99 -64.37
C ASP M 462 -3.51 15.90 -63.05
N CYS M 463 -2.58 14.96 -62.99
CA CYS M 463 -1.91 14.63 -61.74
C CYS M 463 -0.67 15.47 -61.49
N ASP M 464 -0.33 16.42 -62.36
CA ASP M 464 0.93 17.15 -62.27
C ASP M 464 0.74 18.62 -61.90
N THR M 465 -0.07 19.35 -62.68
CA THR M 465 -0.26 20.78 -62.47
C THR M 465 -1.51 21.11 -61.67
N GLY M 466 -2.41 20.15 -61.45
CA GLY M 466 -3.60 20.38 -60.68
C GLY M 466 -4.73 21.06 -61.42
N GLU M 467 -4.53 21.43 -62.69
CA GLU M 467 -5.56 22.09 -63.48
C GLU M 467 -6.44 21.05 -64.13
N VAL M 468 -7.75 21.16 -63.91
CA VAL M 468 -8.69 20.19 -64.49
C VAL M 468 -8.62 20.26 -66.00
N VAL M 469 -8.49 19.10 -66.64
CA VAL M 469 -8.39 19.01 -68.09
C VAL M 469 -9.21 17.81 -68.56
N ASP M 470 -9.66 17.88 -69.82
CA ASP M 470 -10.36 16.77 -70.43
C ASP M 470 -9.43 15.56 -70.49
N MET M 471 -9.94 14.40 -70.06
CA MET M 471 -9.09 13.23 -69.95
C MET M 471 -8.85 12.56 -71.29
N TRP M 472 -9.66 12.84 -72.30
CA TRP M 472 -9.34 12.38 -73.65
C TRP M 472 -8.05 13.00 -74.15
N GLU M 473 -7.94 14.33 -74.06
CA GLU M 473 -6.76 15.01 -74.56
C GLU M 473 -5.55 14.78 -73.65
N ALA M 474 -5.78 14.67 -72.34
CA ALA M 474 -4.67 14.46 -71.42
C ALA M 474 -3.98 13.11 -71.63
N GLY M 475 -4.65 12.15 -72.27
CA GLY M 475 -4.06 10.86 -72.50
C GLY M 475 -4.18 9.88 -71.36
N VAL M 476 -4.83 10.25 -70.27
CA VAL M 476 -5.08 9.32 -69.16
C VAL M 476 -6.29 8.49 -69.55
N ILE M 477 -6.09 7.18 -69.73
CA ILE M 477 -7.08 6.28 -70.30
C ILE M 477 -7.02 4.97 -69.52
N ASP M 478 -8.17 4.30 -69.40
CA ASP M 478 -8.23 2.95 -68.85
C ASP M 478 -9.14 2.09 -69.73
N PRO M 479 -8.93 0.78 -69.81
CA PRO M 479 -9.86 -0.06 -70.57
C PRO M 479 -11.21 -0.15 -69.88
N ALA M 480 -12.23 -0.44 -70.68
CA ALA M 480 -13.59 -0.52 -70.17
C ALA M 480 -13.86 -1.81 -69.39
N PRO M 481 -13.56 -3.00 -69.92
CA PRO M 481 -13.88 -4.22 -69.16
C PRO M 481 -13.22 -4.31 -67.81
N VAL M 482 -11.97 -3.85 -67.67
CA VAL M 482 -11.32 -3.94 -66.37
C VAL M 482 -12.04 -3.07 -65.35
N LYS M 483 -12.46 -1.87 -65.76
CA LYS M 483 -13.19 -1.00 -64.85
C LYS M 483 -14.56 -1.58 -64.50
N LEU M 484 -15.28 -2.09 -65.50
CA LEU M 484 -16.59 -2.67 -65.24
C LEU M 484 -16.50 -3.84 -64.28
N HIS M 485 -15.53 -4.73 -64.51
CA HIS M 485 -15.40 -5.90 -63.65
C HIS M 485 -14.86 -5.53 -62.27
N ALA M 486 -14.02 -4.51 -62.18
CA ALA M 486 -13.57 -4.05 -60.88
C ALA M 486 -14.75 -3.52 -60.06
N LEU M 487 -15.62 -2.72 -60.67
CA LEU M 487 -16.79 -2.24 -59.96
C LEU M 487 -17.74 -3.38 -59.59
N LYS M 488 -17.93 -4.33 -60.50
CA LYS M 488 -18.81 -5.47 -60.21
C LYS M 488 -18.29 -6.27 -59.03
N ALA M 489 -17.00 -6.60 -59.03
CA ALA M 489 -16.40 -7.34 -57.93
C ALA M 489 -16.47 -6.55 -56.63
N ALA M 490 -16.21 -5.25 -56.69
CA ALA M 490 -16.28 -4.43 -55.49
C ALA M 490 -17.69 -4.43 -54.91
N GLY M 491 -18.70 -4.30 -55.76
CA GLY M 491 -20.07 -4.35 -55.26
C GLY M 491 -20.43 -5.70 -54.67
N GLU M 492 -20.02 -6.79 -55.35
CA GLU M 492 -20.36 -8.12 -54.86
C GLU M 492 -19.72 -8.39 -53.51
N VAL M 493 -18.43 -8.08 -53.37
CA VAL M 493 -17.77 -8.29 -52.08
C VAL M 493 -18.28 -7.33 -51.01
N ALA M 494 -18.62 -6.10 -51.36
CA ALA M 494 -19.19 -5.19 -50.37
C ALA M 494 -20.50 -5.73 -49.83
N ALA M 495 -21.37 -6.23 -50.70
CA ALA M 495 -22.59 -6.86 -50.23
C ALA M 495 -22.29 -8.08 -49.37
N ALA M 496 -21.37 -8.93 -49.80
CA ALA M 496 -21.07 -10.17 -49.07
C ALA M 496 -20.50 -9.93 -47.69
N ILE M 497 -19.73 -8.86 -47.48
CA ILE M 497 -19.17 -8.54 -46.17
C ILE M 497 -20.13 -7.70 -45.34
N LEU M 498 -20.99 -6.90 -45.98
CA LEU M 498 -21.98 -6.17 -45.20
C LEU M 498 -23.09 -7.09 -44.69
N ARG M 499 -23.35 -8.19 -45.38
CA ARG M 499 -24.49 -9.04 -45.02
C ARG M 499 -24.18 -9.93 -43.83
N ILE M 500 -22.92 -10.07 -43.43
CA ILE M 500 -22.57 -10.86 -42.26
C ILE M 500 -22.97 -10.09 -41.01
N ASN M 501 -23.56 -10.78 -40.04
CA ASN M 501 -24.13 -10.17 -38.85
C ASN M 501 -23.47 -10.64 -37.54
N THR M 502 -23.03 -11.89 -37.46
CA THR M 502 -22.41 -12.40 -36.24
C THR M 502 -21.41 -13.49 -36.59
N ILE M 503 -20.49 -13.72 -35.65
CA ILE M 503 -19.38 -14.64 -35.81
C ILE M 503 -19.49 -15.68 -34.70
N ILE M 504 -19.39 -16.96 -35.08
CA ILE M 504 -19.45 -18.07 -34.14
C ILE M 504 -18.31 -19.03 -34.45
N LYS M 505 -18.03 -19.91 -33.49
CA LYS M 505 -16.93 -20.86 -33.58
C LYS M 505 -17.44 -22.25 -33.95
N MET M 506 -16.52 -23.10 -34.36
CA MET M 506 -16.81 -24.37 -35.03
C MET M 506 -16.29 -25.53 -34.17
N LYS M 507 -16.38 -26.74 -34.74
CA LYS M 507 -16.24 -27.99 -33.98
C LYS M 507 -14.96 -28.04 -33.16
N ALA N 12 -34.45 -22.07 -3.23
CA ALA N 12 -35.50 -21.72 -4.19
C ALA N 12 -34.93 -20.94 -5.37
N ASP N 13 -34.01 -20.01 -5.12
CA ASP N 13 -33.35 -19.31 -6.22
C ASP N 13 -32.46 -20.25 -7.01
N GLU N 14 -31.87 -21.25 -6.35
CA GLU N 14 -31.04 -22.22 -7.07
C GLU N 14 -31.86 -23.01 -8.07
N ARG N 15 -33.09 -23.38 -7.73
CA ARG N 15 -33.94 -24.06 -8.69
C ARG N 15 -34.26 -23.17 -9.87
N PHE N 16 -34.53 -21.89 -9.63
CA PHE N 16 -34.75 -20.96 -10.72
C PHE N 16 -33.48 -20.67 -11.50
N GLN N 17 -32.34 -20.57 -10.80
CA GLN N 17 -31.08 -20.29 -11.49
C GLN N 17 -30.74 -21.43 -12.45
N ALA N 18 -30.93 -22.68 -12.03
CA ALA N 18 -30.67 -23.82 -12.90
C ALA N 18 -31.54 -23.78 -14.15
N LEU N 19 -32.74 -23.21 -14.06
CA LEU N 19 -33.57 -23.05 -15.25
C LEU N 19 -33.05 -21.91 -16.13
N LEU N 20 -32.56 -20.83 -15.52
CA LEU N 20 -32.18 -19.66 -16.29
C LEU N 20 -30.95 -19.94 -17.15
N THR N 21 -29.96 -20.66 -16.61
CA THR N 21 -28.80 -21.00 -17.42
C THR N 21 -29.15 -21.95 -18.56
N ASN N 22 -30.13 -22.83 -18.35
CA ASN N 22 -30.60 -23.66 -19.46
C ASN N 22 -31.22 -22.79 -20.55
N VAL N 23 -31.97 -21.76 -20.16
CA VAL N 23 -32.59 -20.87 -21.14
C VAL N 23 -31.53 -20.13 -21.92
N ASN N 24 -30.50 -19.62 -21.24
CA ASN N 24 -29.46 -18.86 -21.92
C ASN N 24 -28.72 -19.71 -22.94
N ALA N 25 -28.58 -21.01 -22.68
CA ALA N 25 -28.00 -21.90 -23.68
C ALA N 25 -28.90 -22.04 -24.89
N VAL N 26 -30.21 -22.24 -24.66
CA VAL N 26 -31.15 -22.35 -25.78
C VAL N 26 -31.25 -21.02 -26.50
N ARG N 27 -31.31 -19.91 -25.76
CA ARG N 27 -31.38 -18.60 -26.40
C ARG N 27 -30.13 -18.31 -27.21
N ALA N 28 -28.96 -18.77 -26.74
CA ALA N 28 -27.72 -18.54 -27.48
C ALA N 28 -27.77 -19.18 -28.86
N ILE N 29 -28.29 -20.41 -28.95
CA ILE N 29 -28.43 -21.05 -30.25
C ILE N 29 -29.54 -20.39 -31.06
N ALA N 30 -30.66 -20.06 -30.40
CA ALA N 30 -31.77 -19.44 -31.12
C ALA N 30 -31.40 -18.07 -31.66
N ASP N 31 -30.56 -17.33 -30.93
CA ASP N 31 -30.12 -16.03 -31.40
C ASP N 31 -29.10 -16.11 -32.52
N ALA N 32 -28.37 -17.21 -32.65
CA ALA N 32 -27.36 -17.33 -33.69
C ALA N 32 -27.95 -17.61 -35.06
N VAL N 33 -29.13 -18.21 -35.12
CA VAL N 33 -29.77 -18.57 -36.39
C VAL N 33 -30.94 -17.67 -36.74
N GLU N 34 -31.36 -16.77 -35.85
CA GLU N 34 -32.51 -15.93 -36.14
C GLU N 34 -32.24 -14.93 -37.25
N GLY N 35 -31.00 -14.53 -37.47
CA GLY N 35 -30.67 -13.66 -38.57
C GLY N 35 -30.77 -14.29 -39.94
N THR N 36 -30.93 -15.62 -40.01
CA THR N 36 -31.01 -16.35 -41.25
C THR N 36 -32.45 -16.61 -41.69
N LEU N 37 -33.43 -15.99 -41.03
CA LEU N 37 -34.83 -16.23 -41.37
C LEU N 37 -35.27 -15.33 -42.52
N GLY N 38 -36.12 -15.90 -43.38
CA GLY N 38 -36.78 -15.14 -44.41
C GLY N 38 -36.02 -15.07 -45.71
N PRO N 39 -36.65 -14.51 -46.75
CA PRO N 39 -35.95 -14.37 -48.03
C PRO N 39 -34.79 -13.39 -47.99
N LYS N 40 -34.75 -12.48 -47.03
CA LYS N 40 -33.68 -11.50 -46.88
C LYS N 40 -32.91 -11.72 -45.59
N GLY N 41 -32.58 -12.98 -45.32
CA GLY N 41 -31.77 -13.31 -44.16
C GLY N 41 -30.33 -12.90 -44.32
N LEU N 42 -29.64 -12.81 -43.19
CA LEU N 42 -28.25 -12.42 -43.10
C LEU N 42 -27.38 -13.62 -42.79
N ASP N 43 -26.31 -13.80 -43.57
CA ASP N 43 -25.47 -14.98 -43.38
C ASP N 43 -24.71 -14.86 -42.06
N VAL N 44 -24.12 -15.98 -41.64
CA VAL N 44 -23.39 -16.07 -40.38
C VAL N 44 -22.00 -16.62 -40.66
N MET N 45 -21.00 -16.02 -40.03
CA MET N 45 -19.61 -16.45 -40.18
C MET N 45 -19.30 -17.53 -39.17
N LEU N 46 -18.62 -18.57 -39.63
CA LEU N 46 -18.16 -19.69 -38.80
C LEU N 46 -16.64 -19.76 -38.90
N VAL N 47 -15.97 -19.91 -37.77
CA VAL N 47 -14.52 -19.82 -37.71
C VAL N 47 -13.96 -20.99 -36.89
N ASP N 48 -12.81 -21.49 -37.35
CA ASP N 48 -12.03 -22.52 -36.68
C ASP N 48 -10.85 -21.88 -35.95
N LYS N 49 -10.15 -22.69 -35.16
CA LYS N 49 -8.84 -22.27 -34.67
C LYS N 49 -7.83 -22.20 -35.81
N PHE N 50 -7.93 -23.14 -36.76
CA PHE N 50 -7.02 -23.12 -37.91
C PHE N 50 -7.28 -21.91 -38.80
N GLY N 51 -8.47 -21.31 -38.72
CA GLY N 51 -8.81 -20.14 -39.50
C GLY N 51 -9.66 -20.40 -40.72
N GLU N 52 -10.00 -21.67 -41.00
CA GLU N 52 -10.91 -21.96 -42.10
C GLU N 52 -12.29 -21.42 -41.77
N VAL N 53 -12.98 -20.89 -42.79
CA VAL N 53 -14.24 -20.18 -42.60
C VAL N 53 -15.21 -20.57 -43.71
N THR N 54 -16.47 -20.76 -43.34
CA THR N 54 -17.56 -20.97 -44.27
C THR N 54 -18.69 -19.98 -43.97
N ILE N 55 -19.25 -19.41 -45.02
CA ILE N 55 -20.31 -18.41 -44.94
C ILE N 55 -21.60 -19.08 -45.41
N THR N 56 -22.59 -19.16 -44.53
CA THR N 56 -23.84 -19.83 -44.83
C THR N 56 -25.00 -19.01 -44.30
N ASN N 57 -26.10 -19.01 -45.07
CA ASN N 57 -27.37 -18.44 -44.65
C ASN N 57 -28.41 -19.51 -44.35
N ASP N 58 -28.03 -20.79 -44.27
CA ASP N 58 -28.96 -21.87 -43.98
C ASP N 58 -28.76 -22.36 -42.55
N GLY N 59 -29.87 -22.67 -41.89
CA GLY N 59 -29.80 -23.14 -40.50
C GLY N 59 -29.38 -24.57 -40.34
N VAL N 60 -29.72 -25.43 -41.31
CA VAL N 60 -29.43 -26.86 -41.20
C VAL N 60 -27.92 -27.07 -41.09
N THR N 61 -27.13 -26.22 -41.74
CA THR N 61 -25.68 -26.32 -41.69
C THR N 61 -25.07 -25.54 -40.52
N ILE N 62 -25.64 -24.40 -40.16
CA ILE N 62 -25.03 -23.63 -39.07
C ILE N 62 -25.22 -24.36 -37.74
N LEU N 63 -26.33 -25.08 -37.57
CA LEU N 63 -26.51 -25.81 -36.33
C LEU N 63 -25.55 -26.98 -36.20
N ASP N 64 -25.18 -27.63 -37.31
CA ASP N 64 -24.28 -28.77 -37.24
C ASP N 64 -22.85 -28.30 -37.09
N GLN N 65 -22.46 -27.26 -37.82
CA GLN N 65 -21.07 -26.81 -37.81
C GLN N 65 -20.74 -25.90 -36.63
N MET N 66 -21.70 -25.64 -35.74
CA MET N 66 -21.50 -24.74 -34.62
C MET N 66 -21.15 -25.53 -33.37
N ASP N 67 -20.30 -24.95 -32.53
CA ASP N 67 -20.02 -25.53 -31.22
C ASP N 67 -21.24 -25.47 -30.32
N VAL N 68 -21.58 -26.60 -29.72
CA VAL N 68 -22.68 -26.72 -28.78
C VAL N 68 -22.16 -27.52 -27.60
N GLN N 69 -21.69 -26.83 -26.57
CA GLN N 69 -21.07 -27.46 -25.41
C GLN N 69 -21.99 -27.49 -24.21
N HIS N 70 -22.84 -26.49 -24.04
CA HIS N 70 -23.79 -26.55 -22.95
C HIS N 70 -24.79 -27.68 -23.21
N PRO N 71 -25.06 -28.54 -22.22
CA PRO N 71 -25.86 -29.73 -22.54
C PRO N 71 -27.32 -29.42 -22.80
N ALA N 72 -27.80 -28.23 -22.44
CA ALA N 72 -29.18 -27.86 -22.75
C ALA N 72 -29.36 -27.61 -24.24
N ALA N 73 -28.36 -27.06 -24.91
CA ALA N 73 -28.44 -26.79 -26.33
C ALA N 73 -28.38 -28.05 -27.18
N ARG N 74 -27.72 -29.10 -26.68
CA ARG N 74 -27.61 -30.34 -27.45
C ARG N 74 -28.98 -30.94 -27.71
N MET N 75 -29.89 -30.87 -26.73
CA MET N 75 -31.24 -31.37 -26.95
C MET N 75 -31.97 -30.54 -27.99
N LEU N 76 -31.77 -29.23 -27.99
CA LEU N 76 -32.40 -28.39 -29.01
C LEU N 76 -31.92 -28.79 -30.41
N ILE N 77 -30.61 -28.97 -30.57
CA ILE N 77 -30.10 -29.38 -31.87
C ILE N 77 -30.63 -30.74 -32.26
N GLN N 78 -30.67 -31.68 -31.31
CA GLN N 78 -31.11 -33.04 -31.62
C GLN N 78 -32.57 -33.05 -32.06
N VAL N 79 -33.43 -32.31 -31.35
CA VAL N 79 -34.85 -32.30 -31.72
C VAL N 79 -35.06 -31.58 -33.05
N ALA N 80 -34.35 -30.46 -33.26
CA ALA N 80 -34.50 -29.73 -34.52
C ALA N 80 -34.05 -30.58 -35.70
N ARG N 81 -32.94 -31.29 -35.57
CA ARG N 81 -32.51 -32.16 -36.65
C ARG N 81 -33.30 -33.46 -36.75
N ALA N 82 -34.01 -33.87 -35.69
CA ALA N 82 -35.00 -34.92 -35.87
C ALA N 82 -36.13 -34.45 -36.76
N GLN N 83 -36.60 -33.22 -36.53
CA GLN N 83 -37.56 -32.61 -37.46
C GLN N 83 -36.99 -32.55 -38.87
N GLU N 84 -35.70 -32.22 -39.00
CA GLU N 84 -35.06 -32.25 -40.30
C GLU N 84 -35.08 -33.66 -40.90
N GLU N 85 -34.80 -34.69 -40.09
CA GLU N 85 -34.84 -36.06 -40.57
C GLU N 85 -36.23 -36.44 -41.07
N GLU N 86 -37.27 -35.86 -40.48
CA GLU N 86 -38.62 -36.17 -40.93
C GLU N 86 -38.88 -35.65 -42.34
N VAL N 87 -38.74 -34.32 -42.53
CA VAL N 87 -39.14 -33.66 -43.76
C VAL N 87 -38.03 -32.84 -44.40
N GLY N 88 -36.85 -32.76 -43.78
CA GLY N 88 -35.73 -32.13 -44.46
C GLY N 88 -35.80 -30.63 -44.61
N ASP N 89 -36.57 -29.94 -43.78
CA ASP N 89 -36.65 -28.49 -43.86
C ASP N 89 -37.28 -27.95 -42.59
N GLY N 90 -37.11 -26.65 -42.37
CA GLY N 90 -37.76 -25.97 -41.27
C GLY N 90 -37.05 -26.11 -39.93
N THR N 91 -35.74 -26.33 -39.95
CA THR N 91 -35.01 -26.43 -38.69
C THR N 91 -34.83 -25.07 -38.03
N THR N 92 -34.58 -24.03 -38.82
CA THR N 92 -34.36 -22.70 -38.27
C THR N 92 -35.62 -22.09 -37.71
N THR N 93 -36.80 -22.41 -38.25
CA THR N 93 -38.04 -21.94 -37.66
C THR N 93 -38.30 -22.63 -36.33
N ALA N 94 -38.06 -23.95 -36.28
CA ALA N 94 -38.27 -24.69 -35.04
C ALA N 94 -37.34 -24.21 -33.93
N THR N 95 -36.07 -23.97 -34.26
CA THR N 95 -35.13 -23.49 -33.25
C THR N 95 -35.55 -22.13 -32.70
N VAL N 96 -35.94 -21.21 -33.58
CA VAL N 96 -36.31 -19.87 -33.13
C VAL N 96 -37.60 -19.92 -32.33
N LEU N 97 -38.56 -20.75 -32.75
CA LEU N 97 -39.79 -20.86 -31.97
C LEU N 97 -39.54 -21.47 -30.60
N ALA N 98 -38.66 -22.48 -30.52
CA ALA N 98 -38.32 -23.05 -29.22
C ALA N 98 -37.67 -22.02 -28.34
N GLY N 99 -36.74 -21.23 -28.89
CA GLY N 99 -36.12 -20.16 -28.14
C GLY N 99 -37.12 -19.13 -27.64
N ALA N 100 -38.06 -18.73 -28.49
CA ALA N 100 -39.07 -17.76 -28.09
C ALA N 100 -39.97 -18.31 -26.99
N LEU N 101 -40.43 -19.55 -27.14
CA LEU N 101 -41.28 -20.16 -26.13
C LEU N 101 -40.57 -20.23 -24.79
N VAL N 102 -39.31 -20.70 -24.80
CA VAL N 102 -38.57 -20.84 -23.55
C VAL N 102 -38.28 -19.47 -22.94
N SER N 103 -37.97 -18.49 -23.79
CA SER N 103 -37.67 -17.14 -23.29
C SER N 103 -38.88 -16.52 -22.61
N GLU N 104 -40.04 -16.54 -23.26
CA GLU N 104 -41.22 -15.98 -22.64
C GLU N 104 -41.69 -16.79 -21.44
N GLY N 105 -41.47 -18.12 -21.45
CA GLY N 105 -41.78 -18.91 -20.28
C GLY N 105 -40.94 -18.53 -19.07
N VAL N 106 -39.63 -18.37 -19.26
CA VAL N 106 -38.80 -17.95 -18.13
C VAL N 106 -39.12 -16.51 -17.72
N ASN N 107 -39.52 -15.66 -18.67
CA ASN N 107 -39.97 -14.32 -18.31
C ASN N 107 -41.20 -14.37 -17.41
N GLN N 108 -42.17 -15.23 -17.74
CA GLN N 108 -43.36 -15.33 -16.90
C GLN N 108 -43.04 -15.97 -15.56
N VAL N 109 -42.09 -16.90 -15.54
CA VAL N 109 -41.65 -17.48 -14.26
C VAL N 109 -41.00 -16.41 -13.38
N GLU N 110 -40.24 -15.49 -14.01
CA GLU N 110 -39.66 -14.39 -13.24
C GLU N 110 -40.73 -13.52 -12.62
N GLN N 111 -41.85 -13.33 -13.31
CA GLN N 111 -42.94 -12.53 -12.75
C GLN N 111 -43.52 -13.15 -11.50
N GLY N 112 -43.45 -14.47 -11.35
CA GLY N 112 -43.98 -15.17 -10.19
C GLY N 112 -44.77 -16.43 -10.52
N VAL N 113 -45.04 -16.70 -11.79
CA VAL N 113 -45.83 -17.89 -12.14
C VAL N 113 -44.99 -19.14 -11.85
N PRO N 114 -45.53 -20.16 -11.19
CA PRO N 114 -44.77 -21.41 -11.05
C PRO N 114 -44.49 -22.05 -12.40
N VAL N 115 -43.33 -22.71 -12.48
CA VAL N 115 -42.90 -23.31 -13.75
C VAL N 115 -43.84 -24.44 -14.16
N SER N 116 -44.37 -25.20 -13.19
CA SER N 116 -45.28 -26.29 -13.52
C SER N 116 -46.55 -25.79 -14.17
N ARG N 117 -47.03 -24.60 -13.79
CA ARG N 117 -48.18 -24.01 -14.47
C ARG N 117 -47.84 -23.58 -15.89
N VAL N 118 -46.67 -22.96 -16.06
CA VAL N 118 -46.25 -22.51 -17.39
C VAL N 118 -46.11 -23.69 -18.34
N ILE N 119 -45.62 -24.84 -17.83
CA ILE N 119 -45.42 -25.99 -18.71
C ILE N 119 -46.75 -26.48 -19.27
N GLU N 120 -47.75 -26.63 -18.41
CA GLU N 120 -49.04 -27.10 -18.89
C GLU N 120 -49.75 -26.06 -19.75
N GLY N 121 -49.59 -24.78 -19.44
CA GLY N 121 -50.13 -23.75 -20.32
C GLY N 121 -49.49 -23.80 -21.70
N LEU N 122 -48.17 -23.98 -21.75
CA LEU N 122 -47.48 -24.13 -23.02
C LEU N 122 -47.98 -25.36 -23.77
N ARG N 123 -48.16 -26.48 -23.07
CA ARG N 123 -48.66 -27.68 -23.71
C ARG N 123 -50.01 -27.46 -24.35
N ARG N 124 -50.96 -26.90 -23.60
CA ARG N 124 -52.30 -26.66 -24.14
C ARG N 124 -52.27 -25.65 -25.28
N GLY N 125 -51.50 -24.57 -25.14
CA GLY N 125 -51.43 -23.57 -26.20
C GLY N 125 -50.82 -24.12 -27.47
N VAL N 126 -49.77 -24.93 -27.34
CA VAL N 126 -49.13 -25.50 -28.53
C VAL N 126 -50.06 -26.51 -29.19
N GLU N 127 -50.81 -27.29 -28.39
CA GLU N 127 -51.77 -28.21 -28.98
C GLU N 127 -52.84 -27.45 -29.76
N ARG N 128 -53.36 -26.37 -29.19
CA ARG N 128 -54.35 -25.56 -29.89
C ARG N 128 -53.75 -24.95 -31.16
N ALA N 129 -52.49 -24.51 -31.08
CA ALA N 129 -51.85 -23.91 -32.24
C ALA N 129 -51.67 -24.92 -33.36
N LEU N 130 -51.25 -26.14 -33.04
CA LEU N 130 -51.17 -27.18 -34.07
C LEU N 130 -52.53 -27.47 -34.67
N GLU N 131 -53.57 -27.54 -33.84
CA GLU N 131 -54.92 -27.77 -34.35
C GLU N 131 -55.31 -26.69 -35.35
N LEU N 132 -55.10 -25.43 -34.98
CA LEU N 132 -55.52 -24.32 -35.83
C LEU N 132 -54.70 -24.25 -37.10
N LEU N 133 -53.38 -24.47 -37.00
CA LEU N 133 -52.55 -24.47 -38.20
C LEU N 133 -52.94 -25.59 -39.15
N ARG N 134 -53.25 -26.77 -38.61
CA ARG N 134 -53.71 -27.87 -39.46
C ARG N 134 -55.01 -27.50 -40.15
N LYS N 135 -55.94 -26.88 -39.42
CA LYS N 135 -57.23 -26.53 -40.00
C LYS N 135 -57.11 -25.38 -41.00
N GLN N 136 -56.09 -24.52 -40.85
CA GLN N 136 -56.00 -23.33 -41.68
C GLN N 136 -55.36 -23.62 -43.02
N ALA N 137 -54.43 -24.57 -43.08
CA ALA N 137 -53.79 -24.93 -44.33
C ALA N 137 -54.82 -25.53 -45.28
N LEU N 138 -54.87 -25.02 -46.50
CA LEU N 138 -55.80 -25.51 -47.52
C LEU N 138 -55.07 -26.39 -48.54
N PRO N 139 -55.71 -27.40 -49.10
CA PRO N 139 -54.97 -28.32 -49.98
C PRO N 139 -54.71 -27.71 -51.35
N VAL N 140 -53.61 -28.13 -51.96
CA VAL N 140 -53.25 -27.63 -53.28
C VAL N 140 -54.06 -28.35 -54.35
N GLU N 141 -54.46 -27.58 -55.36
CA GLU N 141 -55.33 -28.06 -56.44
C GLU N 141 -54.44 -28.44 -57.62
N GLY N 142 -54.03 -29.71 -57.66
CA GLY N 142 -53.19 -30.19 -58.72
C GLY N 142 -51.76 -29.70 -58.57
N LEU N 143 -50.92 -30.12 -59.52
CA LEU N 143 -49.51 -29.76 -59.52
C LEU N 143 -49.21 -28.57 -60.42
N ASP N 144 -49.91 -28.42 -61.54
CA ASP N 144 -49.71 -27.26 -62.41
C ASP N 144 -50.19 -25.97 -61.77
N ASP N 145 -50.99 -26.03 -60.71
CA ASP N 145 -51.38 -24.83 -59.97
C ASP N 145 -50.10 -24.16 -59.46
N PRO N 146 -49.86 -22.87 -59.76
CA PRO N 146 -48.50 -22.34 -59.57
C PRO N 146 -48.15 -22.01 -58.12
N ARG N 147 -48.97 -22.45 -57.17
CA ARG N 147 -48.55 -22.40 -55.78
C ARG N 147 -47.34 -23.30 -55.55
N LEU N 148 -47.25 -24.42 -56.29
CA LEU N 148 -46.05 -25.24 -56.22
C LEU N 148 -44.84 -24.47 -56.75
N ARG N 149 -45.02 -23.74 -57.84
CA ARG N 149 -43.92 -22.93 -58.35
C ARG N 149 -43.55 -21.83 -57.36
N ALA N 150 -44.52 -21.31 -56.62
CA ALA N 150 -44.23 -20.29 -55.62
C ALA N 150 -43.44 -20.86 -54.46
N VAL N 151 -43.88 -21.99 -53.90
CA VAL N 151 -43.20 -22.58 -52.75
C VAL N 151 -41.87 -23.20 -53.13
N ALA N 152 -41.65 -23.50 -54.42
CA ALA N 152 -40.33 -23.93 -54.85
C ALA N 152 -39.34 -22.78 -54.87
N ARG N 153 -39.77 -21.59 -55.31
CA ARG N 153 -38.85 -20.46 -55.42
C ARG N 153 -38.34 -20.04 -54.05
N ILE N 154 -39.22 -19.98 -53.05
CA ILE N 154 -38.80 -19.51 -51.73
C ILE N 154 -37.80 -20.48 -51.11
N ALA N 155 -37.96 -21.78 -51.38
CA ALA N 155 -37.05 -22.77 -50.82
C ALA N 155 -35.69 -22.78 -51.53
N ALA N 156 -35.57 -22.17 -52.70
CA ALA N 156 -34.36 -22.19 -53.50
C ALA N 156 -33.61 -20.86 -53.44
N ARG N 157 -33.79 -20.08 -52.38
CA ARG N 157 -33.14 -18.78 -52.23
C ARG N 157 -33.46 -17.85 -53.40
N GLU N 158 -34.70 -17.93 -53.89
CA GLU N 158 -35.18 -17.07 -54.96
C GLU N 158 -34.34 -17.22 -56.23
N ARG N 159 -33.90 -18.46 -56.50
CA ARG N 159 -33.22 -18.81 -57.75
C ARG N 159 -34.17 -19.66 -58.58
N GLU N 160 -34.72 -19.05 -59.64
CA GLU N 160 -35.74 -19.73 -60.43
C GLU N 160 -35.20 -20.92 -61.20
N ASP N 161 -33.89 -20.96 -61.47
CA ASP N 161 -33.34 -22.04 -62.29
C ASP N 161 -33.50 -23.40 -61.63
N ILE N 162 -33.20 -23.50 -60.32
CA ILE N 162 -33.46 -24.75 -59.61
C ILE N 162 -34.96 -24.95 -59.43
N ALA N 163 -35.69 -23.87 -59.13
CA ALA N 163 -37.11 -24.00 -58.80
C ALA N 163 -37.91 -24.59 -59.95
N ASP N 164 -37.66 -24.14 -61.18
CA ASP N 164 -38.37 -24.69 -62.32
C ASP N 164 -38.07 -26.16 -62.52
N LEU N 165 -36.81 -26.56 -62.35
CA LEU N 165 -36.46 -27.95 -62.62
C LEU N 165 -36.98 -28.88 -61.54
N VAL N 166 -37.12 -28.42 -60.30
CA VAL N 166 -37.72 -29.29 -59.28
C VAL N 166 -39.17 -29.59 -59.62
N VAL N 167 -39.94 -28.56 -60.01
CA VAL N 167 -41.34 -28.82 -60.35
C VAL N 167 -41.43 -29.62 -61.64
N GLU N 168 -40.49 -29.42 -62.57
CA GLU N 168 -40.47 -30.24 -63.78
C GLU N 168 -40.25 -31.70 -63.44
N ALA N 169 -39.34 -32.00 -62.52
CA ALA N 169 -39.18 -33.37 -62.06
C ALA N 169 -40.40 -33.88 -61.33
N ALA N 170 -41.06 -33.02 -60.55
CA ALA N 170 -42.26 -33.43 -59.83
C ALA N 170 -43.36 -33.85 -60.79
N ARG N 171 -43.56 -33.09 -61.86
CA ARG N 171 -44.50 -33.52 -62.90
C ARG N 171 -44.05 -34.81 -63.58
N HIS N 172 -42.75 -35.06 -63.68
CA HIS N 172 -42.28 -36.30 -64.25
C HIS N 172 -42.54 -37.49 -63.35
N ILE N 173 -42.54 -37.30 -62.03
CA ILE N 173 -42.84 -38.39 -61.12
C ILE N 173 -44.33 -38.69 -61.10
N GLY N 174 -45.14 -37.71 -60.68
CA GLY N 174 -46.57 -37.85 -60.58
C GLY N 174 -47.07 -37.60 -59.17
N GLU N 175 -48.39 -37.68 -59.03
CA GLU N 175 -49.02 -37.39 -57.74
C GLU N 175 -48.98 -38.59 -56.81
N ASP N 176 -49.60 -39.70 -57.22
CA ASP N 176 -49.66 -40.88 -56.36
C ASP N 176 -48.28 -41.45 -56.10
N LYS N 177 -47.38 -41.37 -57.08
CA LYS N 177 -46.02 -41.82 -56.88
C LYS N 177 -45.26 -40.95 -55.88
N LEU N 178 -45.68 -39.70 -55.70
CA LEU N 178 -45.16 -38.83 -54.66
C LEU N 178 -45.91 -38.97 -53.34
N GLN N 179 -47.08 -39.59 -53.33
CA GLN N 179 -47.83 -39.82 -52.10
C GLN N 179 -47.31 -41.03 -51.31
N ASP N 180 -46.34 -41.76 -51.83
CA ASP N 180 -45.80 -42.92 -51.12
C ASP N 180 -45.00 -42.46 -49.91
N PRO N 181 -45.34 -42.87 -48.67
CA PRO N 181 -44.54 -42.39 -47.52
C PRO N 181 -43.10 -42.86 -47.55
N ASN N 182 -42.81 -44.01 -48.15
CA ASN N 182 -41.45 -44.53 -48.16
C ASN N 182 -40.56 -43.88 -49.22
N PHE N 183 -41.11 -43.08 -50.11
CA PHE N 183 -40.35 -42.48 -51.21
C PHE N 183 -39.97 -41.05 -50.83
N LYS N 184 -38.67 -40.77 -50.87
CA LYS N 184 -38.13 -39.45 -50.59
C LYS N 184 -37.61 -38.87 -51.91
N LEU N 185 -38.08 -37.69 -52.28
CA LEU N 185 -37.64 -37.08 -53.52
C LEU N 185 -36.26 -36.45 -53.36
N ALA N 186 -35.87 -36.11 -52.12
CA ALA N 186 -34.55 -35.52 -51.90
C ALA N 186 -33.42 -36.46 -52.30
N ASP N 187 -33.54 -37.75 -52.02
CA ASP N 187 -32.47 -38.68 -52.31
C ASP N 187 -32.25 -38.92 -53.80
N THR N 188 -33.21 -38.58 -54.65
CA THR N 188 -33.09 -38.82 -56.09
C THR N 188 -32.61 -37.60 -56.86
N VAL N 189 -32.16 -36.55 -56.18
CA VAL N 189 -31.52 -35.41 -56.82
C VAL N 189 -30.01 -35.54 -56.64
N THR N 190 -29.28 -34.97 -57.59
CA THR N 190 -27.82 -35.08 -57.58
C THR N 190 -27.25 -33.87 -58.31
N ALA N 191 -26.17 -33.33 -57.77
CA ALA N 191 -25.48 -32.18 -58.34
C ALA N 191 -24.12 -32.60 -58.87
N ARG N 192 -23.82 -32.20 -60.10
CA ARG N 192 -22.53 -32.47 -60.74
C ARG N 192 -22.01 -31.20 -61.36
N GLU N 193 -20.67 -31.10 -61.44
CA GLU N 193 -20.02 -29.90 -61.95
C GLU N 193 -19.88 -29.96 -63.47
N GLY N 194 -20.02 -28.79 -64.10
CA GLY N 194 -19.84 -28.67 -65.52
C GLY N 194 -20.97 -29.18 -66.38
N ALA N 195 -22.10 -29.56 -65.78
CA ALA N 195 -23.25 -30.10 -66.50
C ALA N 195 -24.34 -29.04 -66.61
N GLU N 196 -25.38 -29.37 -67.38
CA GLU N 196 -26.54 -28.52 -67.59
C GLU N 196 -27.69 -29.02 -66.72
N ASN N 197 -28.84 -28.37 -66.85
CA ASN N 197 -30.03 -28.68 -66.03
C ASN N 197 -30.95 -29.59 -66.83
N GLN N 198 -30.79 -30.90 -66.63
CA GLN N 198 -31.67 -31.91 -67.22
C GLN N 198 -32.04 -32.93 -66.16
N VAL N 199 -33.16 -33.60 -66.40
CA VAL N 199 -33.65 -34.69 -65.55
C VAL N 199 -33.72 -35.94 -66.40
N ILE N 200 -33.08 -37.01 -65.93
CA ILE N 200 -32.97 -38.26 -66.68
C ILE N 200 -33.82 -39.35 -66.02
N THR N 356 -33.75 -39.39 -61.61
CA THR N 356 -32.49 -38.72 -61.29
C THR N 356 -32.52 -37.28 -61.79
N VAL N 357 -32.35 -36.34 -60.86
CA VAL N 357 -32.38 -34.91 -61.15
C VAL N 357 -30.94 -34.42 -61.15
N LEU N 358 -30.46 -33.98 -62.30
CA LEU N 358 -29.10 -33.52 -62.47
C LEU N 358 -29.07 -32.01 -62.34
N VAL N 359 -28.42 -31.51 -61.28
CA VAL N 359 -28.28 -30.08 -61.03
C VAL N 359 -26.90 -29.65 -61.51
N GLY N 360 -26.87 -28.71 -62.44
CA GLY N 360 -25.60 -28.23 -62.95
C GLY N 360 -24.90 -27.31 -61.98
N ALA N 361 -23.57 -27.32 -62.03
CA ALA N 361 -22.74 -26.46 -61.20
C ALA N 361 -21.51 -26.04 -62.00
N ALA N 362 -20.98 -24.87 -61.66
CA ALA N 362 -19.84 -24.33 -62.40
C ALA N 362 -18.53 -24.96 -61.93
N THR N 363 -18.18 -24.76 -60.66
CA THR N 363 -16.96 -25.27 -60.08
C THR N 363 -17.25 -26.49 -59.22
N GLU N 364 -16.19 -27.11 -58.69
CA GLU N 364 -16.35 -28.25 -57.80
C GLU N 364 -16.69 -27.80 -56.38
N GLU N 365 -16.24 -26.62 -55.97
CA GLU N 365 -16.49 -26.15 -54.61
C GLU N 365 -17.93 -25.68 -54.41
N VAL N 366 -18.59 -25.20 -55.47
CA VAL N 366 -19.97 -24.72 -55.35
C VAL N 366 -20.98 -25.86 -55.41
N VAL N 367 -20.54 -27.10 -55.63
CA VAL N 367 -21.48 -28.21 -55.79
C VAL N 367 -22.23 -28.47 -54.49
N GLY N 368 -21.57 -28.30 -53.34
CA GLY N 368 -22.20 -28.64 -52.08
C GLY N 368 -23.43 -27.80 -51.77
N GLU N 369 -23.31 -26.48 -51.90
CA GLU N 369 -24.45 -25.62 -51.59
C GLU N 369 -25.55 -25.75 -52.64
N ARG N 370 -25.18 -25.93 -53.91
CA ARG N 370 -26.20 -26.17 -54.93
C ARG N 370 -26.95 -27.46 -54.65
N GLU N 371 -26.25 -28.51 -54.24
CA GLU N 371 -26.91 -29.75 -53.86
C GLU N 371 -27.81 -29.55 -52.65
N ARG N 372 -27.34 -28.80 -51.65
CA ARG N 372 -28.14 -28.59 -50.45
C ARG N 372 -29.44 -27.84 -50.76
N VAL N 373 -29.35 -26.76 -51.54
CA VAL N 373 -30.57 -26.04 -51.92
C VAL N 373 -31.44 -26.86 -52.84
N ALA N 374 -30.86 -27.73 -53.67
CA ALA N 374 -31.67 -28.65 -54.45
C ALA N 374 -32.48 -29.56 -53.55
N LYS N 375 -31.85 -30.14 -52.53
CA LYS N 375 -32.60 -30.97 -51.59
C LYS N 375 -33.63 -30.17 -50.81
N ASP N 376 -33.33 -28.91 -50.47
CA ASP N 376 -34.31 -28.09 -49.76
C ASP N 376 -35.55 -27.84 -50.63
N ALA N 377 -35.34 -27.49 -51.90
CA ALA N 377 -36.48 -27.31 -52.80
C ALA N 377 -37.22 -28.63 -53.00
N ALA N 378 -36.48 -29.73 -53.05
CA ALA N 378 -37.11 -31.05 -53.17
C ALA N 378 -38.03 -31.33 -52.00
N SER N 379 -37.55 -31.11 -50.78
CA SER N 379 -38.38 -31.31 -49.60
C SER N 379 -39.56 -30.37 -49.57
N ALA N 380 -39.38 -29.12 -50.00
CA ALA N 380 -40.49 -28.18 -50.03
C ALA N 380 -41.58 -28.65 -50.98
N VAL N 381 -41.21 -29.02 -52.21
CA VAL N 381 -42.22 -29.48 -53.15
C VAL N 381 -42.85 -30.80 -52.71
N GLN N 382 -42.08 -31.68 -52.06
CA GLN N 382 -42.68 -32.90 -51.54
C GLN N 382 -43.73 -32.60 -50.48
N ALA N 383 -43.39 -31.78 -49.50
CA ALA N 383 -44.33 -31.40 -48.46
C ALA N 383 -45.56 -30.69 -49.03
N ALA N 384 -45.39 -29.94 -50.11
CA ALA N 384 -46.53 -29.22 -50.69
C ALA N 384 -47.61 -30.20 -51.15
N ILE N 385 -47.22 -31.28 -51.83
CA ILE N 385 -48.22 -32.27 -52.22
C ILE N 385 -48.70 -33.06 -51.01
N ARG N 386 -47.78 -33.38 -50.09
CA ARG N 386 -48.15 -34.27 -48.99
C ARG N 386 -49.18 -33.67 -48.06
N GLY N 387 -49.10 -32.36 -47.78
CA GLY N 387 -49.96 -31.77 -46.78
C GLY N 387 -50.48 -30.38 -47.06
N GLY N 388 -50.39 -29.92 -48.30
CA GLY N 388 -50.91 -28.61 -48.64
C GLY N 388 -49.93 -27.49 -48.36
N VAL N 389 -50.46 -26.27 -48.37
CA VAL N 389 -49.66 -25.06 -48.27
C VAL N 389 -50.24 -24.15 -47.20
N VAL N 390 -49.41 -23.24 -46.72
CA VAL N 390 -49.74 -22.30 -45.64
C VAL N 390 -49.23 -20.93 -46.06
N PRO N 391 -49.91 -19.81 -45.71
CA PRO N 391 -49.32 -18.50 -45.99
C PRO N 391 -48.03 -18.28 -45.22
N GLY N 392 -46.91 -18.20 -45.92
CA GLY N 392 -45.62 -18.11 -45.30
C GLY N 392 -45.37 -16.74 -44.71
N GLY N 393 -44.11 -16.51 -44.36
CA GLY N 393 -43.71 -15.25 -43.78
C GLY N 393 -44.20 -15.01 -42.38
N GLY N 394 -44.74 -16.04 -41.71
CA GLY N 394 -45.23 -15.90 -40.36
C GLY N 394 -46.63 -15.35 -40.23
N ALA N 395 -47.33 -15.12 -41.35
CA ALA N 395 -48.71 -14.66 -41.25
C ALA N 395 -49.60 -15.70 -40.60
N ALA N 396 -49.44 -16.97 -40.95
CA ALA N 396 -50.20 -18.04 -40.30
C ALA N 396 -49.87 -18.12 -38.82
N GLU N 397 -48.62 -17.82 -38.45
CA GLU N 397 -48.26 -17.82 -37.04
C GLU N 397 -49.04 -16.76 -36.27
N LEU N 398 -49.17 -15.56 -36.82
CA LEU N 398 -50.00 -14.55 -36.18
C LEU N 398 -51.47 -14.96 -36.15
N ALA N 399 -51.94 -15.58 -37.24
CA ALA N 399 -53.33 -16.00 -37.31
C ALA N 399 -53.67 -16.98 -36.20
N VAL N 400 -52.76 -17.93 -35.92
CA VAL N 400 -52.98 -18.83 -34.79
C VAL N 400 -52.68 -18.16 -33.45
N ALA N 401 -51.81 -17.15 -33.43
CA ALA N 401 -51.50 -16.46 -32.17
C ALA N 401 -52.72 -15.74 -31.61
N ARG N 402 -53.51 -15.10 -32.47
CA ARG N 402 -54.71 -14.42 -31.98
C ARG N 402 -55.68 -15.41 -31.33
N GLU N 403 -55.89 -16.56 -31.97
CA GLU N 403 -56.80 -17.55 -31.43
C GLU N 403 -56.24 -18.19 -30.17
N VAL N 404 -54.92 -18.34 -30.08
CA VAL N 404 -54.33 -18.85 -28.85
C VAL N 404 -54.51 -17.85 -27.72
N GLU N 405 -54.45 -16.55 -28.02
CA GLU N 405 -54.79 -15.55 -27.01
C GLU N 405 -56.24 -15.67 -26.56
N LYS N 406 -57.17 -15.92 -27.49
CA LYS N 406 -58.55 -16.15 -27.08
C LYS N 406 -58.68 -17.38 -26.20
N LEU N 407 -57.96 -18.46 -26.51
CA LEU N 407 -57.94 -19.62 -25.63
C LEU N 407 -57.39 -19.26 -24.25
N ALA N 408 -56.33 -18.45 -24.22
CA ALA N 408 -55.78 -17.99 -22.95
C ALA N 408 -56.83 -17.28 -22.11
N GLU N 409 -57.59 -16.39 -22.73
CA GLU N 409 -58.72 -15.79 -22.04
C GLU N 409 -59.76 -16.81 -21.63
N GLU N 410 -59.86 -17.93 -22.34
CA GLU N 410 -60.75 -19.03 -21.96
C GLU N 410 -60.22 -19.90 -20.85
N VAL N 411 -58.91 -19.93 -20.63
CA VAL N 411 -58.30 -20.86 -19.67
C VAL N 411 -58.40 -20.29 -18.27
N LYS N 412 -58.59 -21.17 -17.29
CA LYS N 412 -58.83 -20.78 -15.91
C LYS N 412 -57.53 -20.83 -15.12
N GLY N 413 -57.43 -20.00 -14.10
CA GLY N 413 -56.35 -20.06 -13.15
C GLY N 413 -55.04 -19.53 -13.68
N MET N 414 -53.96 -19.89 -12.98
CA MET N 414 -52.61 -19.48 -13.34
C MET N 414 -52.09 -20.16 -14.60
N GLU N 415 -52.79 -21.18 -15.10
CA GLU N 415 -52.32 -21.89 -16.29
C GLU N 415 -52.34 -21.02 -17.53
N ARG N 416 -53.17 -19.98 -17.56
CA ARG N 416 -53.32 -19.16 -18.76
C ARG N 416 -52.02 -18.48 -19.14
N TYR N 417 -51.14 -18.20 -18.19
CA TYR N 417 -49.92 -17.46 -18.49
C TYR N 417 -48.96 -18.23 -19.37
N GLY N 418 -49.13 -19.55 -19.49
CA GLY N 418 -48.42 -20.29 -20.51
C GLY N 418 -49.05 -20.18 -21.88
N VAL N 419 -50.37 -19.99 -21.94
CA VAL N 419 -51.02 -19.80 -23.24
C VAL N 419 -50.61 -18.46 -23.84
N GLU N 420 -50.49 -17.43 -22.99
CA GLU N 420 -49.92 -16.17 -23.45
C GLU N 420 -48.49 -16.35 -23.92
N ALA N 421 -47.74 -17.25 -23.27
CA ALA N 421 -46.38 -17.51 -23.72
C ALA N 421 -46.35 -18.16 -25.08
N VAL N 422 -47.30 -19.06 -25.37
CA VAL N 422 -47.40 -19.60 -26.72
C VAL N 422 -47.77 -18.51 -27.70
N ALA N 423 -48.71 -17.64 -27.32
CA ALA N 423 -49.16 -16.59 -28.23
C ALA N 423 -48.04 -15.62 -28.58
N GLU N 424 -47.26 -15.19 -27.60
CA GLU N 424 -46.17 -14.27 -27.90
C GLU N 424 -45.05 -14.95 -28.66
N ALA N 425 -44.80 -16.24 -28.40
CA ALA N 425 -43.75 -16.94 -29.12
C ALA N 425 -44.11 -17.13 -30.57
N LEU N 426 -45.40 -17.25 -30.89
CA LEU N 426 -45.81 -17.37 -32.28
C LEU N 426 -45.63 -16.06 -33.03
N LYS N 427 -45.45 -14.94 -32.32
CA LYS N 427 -45.16 -13.68 -32.99
C LYS N 427 -43.69 -13.54 -33.36
N LYS N 428 -42.81 -14.32 -32.73
CA LYS N 428 -41.38 -14.16 -32.99
C LYS N 428 -40.98 -14.44 -34.43
N PRO N 429 -41.48 -15.49 -35.11
CA PRO N 429 -41.05 -15.70 -36.51
C PRO N 429 -41.32 -14.52 -37.41
N LEU N 430 -42.55 -13.98 -37.39
CA LEU N 430 -42.85 -12.82 -38.21
C LEU N 430 -42.12 -11.57 -37.73
N ARG N 431 -41.96 -11.41 -36.41
CA ARG N 431 -41.21 -10.28 -35.89
C ARG N 431 -39.78 -10.28 -36.43
N GLN N 432 -39.13 -11.43 -36.45
CA GLN N 432 -37.78 -11.52 -37.00
C GLN N 432 -37.75 -11.47 -38.52
N ILE N 433 -38.80 -11.95 -39.20
CA ILE N 433 -38.89 -11.75 -40.64
C ILE N 433 -38.87 -10.27 -40.97
N VAL N 434 -39.60 -9.47 -40.20
CA VAL N 434 -39.60 -8.03 -40.41
C VAL N 434 -38.25 -7.43 -39.99
N ALA N 435 -37.71 -7.89 -38.85
CA ALA N 435 -36.48 -7.30 -38.33
C ALA N 435 -35.30 -7.51 -39.28
N ASN N 436 -35.15 -8.73 -39.81
CA ASN N 436 -34.08 -9.01 -40.75
C ASN N 436 -34.29 -8.30 -42.08
N ALA N 437 -35.53 -8.07 -42.48
CA ALA N 437 -35.82 -7.32 -43.69
C ALA N 437 -35.38 -5.86 -43.59
N GLY N 438 -35.20 -5.34 -42.38
CA GLY N 438 -34.72 -4.00 -42.17
C GLY N 438 -35.78 -2.96 -41.85
N PHE N 439 -36.87 -3.35 -41.21
CA PHE N 439 -37.91 -2.43 -40.76
C PHE N 439 -38.05 -2.54 -39.25
N ASN N 440 -38.71 -1.55 -38.66
CA ASN N 440 -38.97 -1.58 -37.23
C ASN N 440 -40.00 -2.67 -36.95
N PRO N 441 -39.68 -3.69 -36.14
CA PRO N 441 -40.66 -4.78 -35.96
C PRO N 441 -41.97 -4.33 -35.33
N LEU N 442 -41.92 -3.42 -34.35
CA LEU N 442 -43.13 -3.07 -33.62
C LEU N 442 -44.11 -2.29 -34.50
N GLU N 443 -43.63 -1.27 -35.21
CA GLU N 443 -44.50 -0.48 -36.05
C GLU N 443 -45.05 -1.27 -37.22
N LYS N 444 -44.29 -2.22 -37.75
CA LYS N 444 -44.76 -3.03 -38.86
C LYS N 444 -45.57 -4.24 -38.41
N LEU N 445 -45.56 -4.56 -37.11
CA LEU N 445 -46.55 -5.48 -36.57
C LEU N 445 -47.86 -4.78 -36.27
N GLY N 446 -47.80 -3.51 -35.87
CA GLY N 446 -49.02 -2.77 -35.58
C GLY N 446 -49.93 -2.64 -36.79
N ASP N 447 -49.38 -2.21 -37.92
CA ASP N 447 -50.22 -2.08 -39.12
C ASP N 447 -50.63 -3.43 -39.66
N LEU N 448 -49.84 -4.48 -39.40
CA LEU N 448 -50.24 -5.81 -39.81
C LEU N 448 -51.44 -6.30 -39.02
N ARG N 449 -51.46 -6.03 -37.71
CA ARG N 449 -52.68 -6.25 -36.94
C ARG N 449 -53.81 -5.31 -37.32
N ALA N 450 -53.49 -4.17 -37.94
CA ALA N 450 -54.53 -3.19 -38.25
C ALA N 450 -55.49 -3.73 -39.29
N ALA N 451 -54.98 -4.34 -40.35
CA ALA N 451 -55.80 -4.81 -41.46
C ALA N 451 -56.38 -6.19 -41.24
N HIS N 452 -56.10 -6.83 -40.11
CA HIS N 452 -56.60 -8.18 -39.86
C HIS N 452 -58.04 -8.20 -39.34
N ARG N 453 -58.71 -7.06 -39.26
CA ARG N 453 -60.09 -6.99 -38.80
C ARG N 453 -61.10 -7.32 -39.90
N THR N 454 -60.64 -7.54 -41.13
CA THR N 454 -61.55 -7.80 -42.24
C THR N 454 -62.11 -9.23 -42.22
N GLY N 455 -61.62 -10.10 -41.34
CA GLY N 455 -62.06 -11.48 -41.28
C GLY N 455 -61.14 -12.47 -41.95
N ASN N 456 -60.25 -12.00 -42.84
CA ASN N 456 -59.27 -12.86 -43.49
C ASN N 456 -57.96 -12.82 -42.72
N ASP N 457 -57.40 -14.00 -42.46
CA ASP N 457 -56.23 -14.15 -41.60
C ASP N 457 -54.98 -14.53 -42.39
N SER N 458 -54.93 -14.16 -43.68
CA SER N 458 -53.81 -14.46 -44.56
C SER N 458 -53.06 -13.21 -44.98
N LEU N 459 -53.03 -12.18 -44.12
CA LEU N 459 -52.39 -10.91 -44.45
C LEU N 459 -51.00 -10.86 -43.85
N GLY N 460 -50.00 -10.68 -44.70
CA GLY N 460 -48.60 -10.64 -44.32
C GLY N 460 -47.98 -9.30 -44.69
N ILE N 461 -46.65 -9.28 -44.68
CA ILE N 461 -45.87 -8.08 -44.96
C ILE N 461 -44.80 -8.44 -45.99
N ASP N 462 -44.76 -7.70 -47.09
CA ASP N 462 -43.72 -7.92 -48.08
C ASP N 462 -42.39 -7.37 -47.56
N CYS N 463 -41.33 -8.11 -47.84
CA CYS N 463 -40.04 -7.85 -47.22
C CYS N 463 -39.22 -6.80 -47.95
N ASP N 464 -39.72 -6.25 -49.07
CA ASP N 464 -38.99 -5.24 -49.84
C ASP N 464 -39.51 -3.84 -49.60
N THR N 465 -40.84 -3.63 -49.65
CA THR N 465 -41.43 -2.32 -49.42
C THR N 465 -42.03 -2.16 -48.03
N GLY N 466 -42.23 -3.25 -47.29
CA GLY N 466 -42.71 -3.15 -45.92
C GLY N 466 -44.18 -2.88 -45.77
N GLU N 467 -44.97 -3.01 -46.83
CA GLU N 467 -46.40 -2.76 -46.78
C GLU N 467 -47.15 -4.03 -46.37
N VAL N 468 -48.39 -3.84 -45.93
CA VAL N 468 -49.25 -4.98 -45.62
C VAL N 468 -49.86 -5.47 -46.91
N VAL N 469 -49.54 -6.71 -47.31
CA VAL N 469 -50.06 -7.31 -48.52
C VAL N 469 -50.43 -8.76 -48.23
N ASP N 470 -51.54 -9.19 -48.81
CA ASP N 470 -51.99 -10.57 -48.68
C ASP N 470 -50.99 -11.49 -49.37
N MET N 471 -50.68 -12.61 -48.72
CA MET N 471 -49.58 -13.46 -49.15
C MET N 471 -49.92 -14.36 -50.32
N TRP N 472 -51.20 -14.54 -50.65
CA TRP N 472 -51.55 -15.39 -51.78
C TRP N 472 -51.12 -14.77 -53.10
N GLU N 473 -51.25 -13.44 -53.22
CA GLU N 473 -50.79 -12.74 -54.41
C GLU N 473 -49.32 -12.38 -54.35
N ALA N 474 -48.78 -12.18 -53.14
CA ALA N 474 -47.35 -11.89 -53.03
C ALA N 474 -46.51 -13.11 -53.38
N GLY N 475 -47.09 -14.31 -53.29
CA GLY N 475 -46.35 -15.52 -53.59
C GLY N 475 -45.50 -16.06 -52.47
N VAL N 476 -45.58 -15.48 -51.27
CA VAL N 476 -44.82 -15.96 -50.12
C VAL N 476 -45.64 -17.07 -49.49
N ILE N 477 -45.24 -18.31 -49.78
CA ILE N 477 -45.98 -19.51 -49.38
C ILE N 477 -45.01 -20.45 -48.68
N ASP N 478 -45.51 -21.23 -47.73
CA ASP N 478 -44.73 -22.20 -46.99
C ASP N 478 -45.45 -23.55 -47.00
N PRO N 479 -44.73 -24.68 -46.99
CA PRO N 479 -45.43 -25.96 -46.87
C PRO N 479 -46.09 -26.10 -45.50
N ALA N 480 -47.15 -26.88 -45.47
CA ALA N 480 -47.91 -27.04 -44.24
C ALA N 480 -47.25 -28.03 -43.29
N PRO N 481 -46.85 -29.23 -43.73
CA PRO N 481 -46.19 -30.17 -42.80
C PRO N 481 -44.96 -29.60 -42.12
N VAL N 482 -44.14 -28.82 -42.83
CA VAL N 482 -42.93 -28.29 -42.22
C VAL N 482 -43.27 -27.30 -41.12
N LYS N 483 -44.23 -26.42 -41.35
CA LYS N 483 -44.64 -25.47 -40.32
C LYS N 483 -45.32 -26.14 -39.15
N LEU N 484 -46.14 -27.17 -39.41
CA LEU N 484 -46.77 -27.90 -38.31
C LEU N 484 -45.71 -28.58 -37.45
N HIS N 485 -44.81 -29.32 -38.07
CA HIS N 485 -43.82 -30.09 -37.33
C HIS N 485 -42.77 -29.22 -36.66
N ALA N 486 -42.43 -28.07 -37.24
CA ALA N 486 -41.51 -27.16 -36.56
C ALA N 486 -42.10 -26.69 -35.24
N LEU N 487 -43.37 -26.30 -35.23
CA LEU N 487 -44.00 -25.86 -33.99
C LEU N 487 -44.17 -27.01 -33.01
N LYS N 488 -44.51 -28.20 -33.51
CA LYS N 488 -44.61 -29.37 -32.64
C LYS N 488 -43.29 -29.65 -31.95
N ALA N 489 -42.20 -29.67 -32.71
CA ALA N 489 -40.88 -29.88 -32.13
C ALA N 489 -40.48 -28.76 -31.19
N ALA N 490 -40.85 -27.51 -31.53
CA ALA N 490 -40.52 -26.40 -30.66
C ALA N 490 -41.20 -26.53 -29.31
N GLY N 491 -42.49 -26.90 -29.31
CA GLY N 491 -43.16 -27.15 -28.05
C GLY N 491 -42.59 -28.32 -27.28
N GLU N 492 -42.28 -29.42 -27.97
CA GLU N 492 -41.72 -30.59 -27.29
C GLU N 492 -40.37 -30.28 -26.66
N VAL N 493 -39.55 -29.46 -27.32
CA VAL N 493 -38.22 -29.14 -26.84
C VAL N 493 -38.19 -27.88 -25.99
N ALA N 494 -39.31 -27.18 -25.84
CA ALA N 494 -39.43 -26.13 -24.83
C ALA N 494 -39.94 -26.69 -23.51
N ALA N 495 -40.90 -27.61 -23.57
CA ALA N 495 -41.39 -28.22 -22.34
C ALA N 495 -40.28 -28.99 -21.63
N ALA N 496 -39.50 -29.77 -22.38
CA ALA N 496 -38.45 -30.57 -21.78
C ALA N 496 -37.37 -29.73 -21.12
N ILE N 497 -37.09 -28.54 -21.65
CA ILE N 497 -36.09 -27.65 -21.06
C ILE N 497 -36.68 -26.80 -19.94
N LEU N 498 -38.00 -26.57 -19.93
CA LEU N 498 -38.60 -25.89 -18.79
C LEU N 498 -38.74 -26.82 -17.59
N ARG N 499 -38.92 -28.12 -17.83
CA ARG N 499 -39.06 -29.05 -16.71
C ARG N 499 -37.81 -29.15 -15.87
N ILE N 500 -36.62 -29.08 -16.48
CA ILE N 500 -35.37 -29.23 -15.74
C ILE N 500 -35.26 -28.12 -14.70
N ASN N 501 -34.94 -28.51 -13.46
CA ASN N 501 -34.89 -27.57 -12.34
C ASN N 501 -33.63 -27.70 -11.49
N THR N 502 -32.91 -28.83 -11.59
CA THR N 502 -31.68 -29.05 -10.85
C THR N 502 -30.64 -29.70 -11.73
N ILE N 503 -29.37 -29.43 -11.43
CA ILE N 503 -28.23 -29.97 -12.15
C ILE N 503 -27.31 -30.62 -11.13
N ILE N 504 -27.01 -31.91 -11.32
CA ILE N 504 -26.20 -32.70 -10.41
C ILE N 504 -25.11 -33.38 -11.25
N LYS N 505 -24.03 -33.78 -10.60
CA LYS N 505 -22.93 -34.47 -11.27
C LYS N 505 -23.01 -35.98 -10.99
N MET N 506 -22.19 -36.73 -11.73
CA MET N 506 -22.24 -38.19 -11.76
C MET N 506 -20.85 -38.78 -11.48
N LYS N 507 -20.74 -40.10 -11.68
CA LYS N 507 -19.66 -40.96 -11.19
C LYS N 507 -18.26 -40.34 -11.21
N ALA O 12 9.16 -23.43 34.29
CA ALA O 12 8.03 -23.96 35.05
C ALA O 12 6.75 -23.95 34.22
N ASP O 13 6.53 -22.89 33.44
CA ASP O 13 5.39 -22.88 32.52
C ASP O 13 5.53 -23.97 31.46
N GLU O 14 6.76 -24.21 30.99
CA GLU O 14 6.96 -25.28 30.02
C GLU O 14 6.66 -26.65 30.61
N ARG O 15 7.00 -26.87 31.88
CA ARG O 15 6.70 -28.15 32.51
C ARG O 15 5.19 -28.38 32.60
N PHE O 16 4.44 -27.35 32.98
CA PHE O 16 2.99 -27.49 33.03
C PHE O 16 2.39 -27.57 31.63
N GLN O 17 2.90 -26.77 30.70
CA GLN O 17 2.41 -26.86 29.32
C GLN O 17 2.69 -28.22 28.71
N ALA O 18 3.86 -28.78 28.98
CA ALA O 18 4.15 -30.14 28.52
C ALA O 18 3.24 -31.17 29.18
N LEU O 19 2.72 -30.89 30.37
CA LEU O 19 1.70 -31.74 30.95
C LEU O 19 0.34 -31.48 30.32
N LEU O 20 0.02 -30.21 30.05
CA LEU O 20 -1.31 -29.87 29.54
C LEU O 20 -1.55 -30.49 28.17
N THR O 21 -0.54 -30.52 27.31
CA THR O 21 -0.70 -31.17 26.02
C THR O 21 -0.91 -32.68 26.17
N ASN O 22 -0.40 -33.28 27.24
CA ASN O 22 -0.66 -34.70 27.48
C ASN O 22 -2.08 -34.91 27.97
N VAL O 23 -2.58 -34.03 28.83
CA VAL O 23 -3.93 -34.18 29.36
C VAL O 23 -4.96 -34.06 28.23
N ASN O 24 -4.80 -33.06 27.36
CA ASN O 24 -5.75 -32.87 26.29
C ASN O 24 -5.79 -34.04 25.32
N ALA O 25 -4.71 -34.81 25.22
CA ALA O 25 -4.73 -36.02 24.41
C ALA O 25 -5.59 -37.10 25.06
N VAL O 26 -5.41 -37.33 26.36
CA VAL O 26 -6.24 -38.29 27.06
C VAL O 26 -7.68 -37.79 27.13
N ARG O 27 -7.86 -36.47 27.18
CA ARG O 27 -9.22 -35.92 27.14
C ARG O 27 -9.85 -36.15 25.77
N ALA O 28 -9.09 -35.93 24.70
CA ALA O 28 -9.64 -36.08 23.36
C ALA O 28 -10.04 -37.52 23.07
N ILE O 29 -9.19 -38.49 23.42
CA ILE O 29 -9.54 -39.88 23.19
C ILE O 29 -10.70 -40.28 24.08
N ALA O 30 -10.73 -39.77 25.31
CA ALA O 30 -11.86 -40.01 26.19
C ALA O 30 -13.14 -39.36 25.68
N ASP O 31 -13.05 -38.15 25.12
CA ASP O 31 -14.23 -37.47 24.60
C ASP O 31 -14.86 -38.24 23.45
N ALA O 32 -14.04 -38.87 22.60
CA ALA O 32 -14.55 -39.60 21.46
C ALA O 32 -15.42 -40.79 21.86
N VAL O 33 -15.15 -41.40 23.01
CA VAL O 33 -15.88 -42.58 23.46
C VAL O 33 -16.83 -42.29 24.61
N GLU O 34 -16.80 -41.09 25.19
CA GLU O 34 -17.69 -40.76 26.28
C GLU O 34 -19.15 -40.75 25.85
N GLY O 35 -19.43 -40.46 24.57
CA GLY O 35 -20.79 -40.46 24.10
C GLY O 35 -21.40 -41.83 23.95
N THR O 36 -20.58 -42.88 23.91
CA THR O 36 -21.07 -44.24 23.73
C THR O 36 -21.38 -44.93 25.04
N LEU O 37 -21.23 -44.25 26.17
CA LEU O 37 -21.45 -44.86 27.48
C LEU O 37 -22.94 -44.99 27.77
N GLY O 38 -23.30 -46.11 28.41
CA GLY O 38 -24.64 -46.31 28.88
C GLY O 38 -25.54 -47.03 27.90
N PRO O 39 -26.74 -47.38 28.34
CA PRO O 39 -27.65 -48.12 27.45
C PRO O 39 -28.20 -47.28 26.31
N LYS O 40 -28.30 -45.97 26.48
CA LYS O 40 -28.78 -45.05 25.45
C LYS O 40 -27.63 -44.27 24.83
N GLY O 41 -26.48 -44.92 24.62
CA GLY O 41 -25.35 -44.24 24.04
C GLY O 41 -25.55 -43.94 22.57
N LEU O 42 -24.70 -43.05 22.07
CA LEU O 42 -24.73 -42.59 20.69
C LEU O 42 -23.56 -43.19 19.92
N ASP O 43 -23.81 -43.62 18.69
CA ASP O 43 -22.77 -44.26 17.89
C ASP O 43 -21.84 -43.19 17.32
N VAL O 44 -20.71 -43.65 16.79
CA VAL O 44 -19.69 -42.80 16.21
C VAL O 44 -19.26 -43.40 14.87
N MET O 45 -19.11 -42.56 13.86
CA MET O 45 -18.67 -43.01 12.55
C MET O 45 -17.19 -42.72 12.36
N LEU O 46 -16.51 -43.66 11.69
CA LEU O 46 -15.07 -43.61 11.50
C LEU O 46 -14.80 -43.59 10.00
N VAL O 47 -14.38 -42.43 9.48
CA VAL O 47 -14.13 -42.24 8.06
C VAL O 47 -12.68 -42.55 7.76
N ASP O 48 -12.42 -43.07 6.57
CA ASP O 48 -11.06 -43.30 6.10
C ASP O 48 -10.65 -42.13 5.22
N LYS O 49 -9.42 -42.19 4.68
CA LYS O 49 -9.10 -41.37 3.52
C LYS O 49 -9.93 -41.80 2.32
N PHE O 50 -10.10 -43.12 2.14
CA PHE O 50 -10.82 -43.65 1.00
C PHE O 50 -12.33 -43.48 1.12
N GLY O 51 -12.84 -43.18 2.33
CA GLY O 51 -14.24 -42.85 2.51
C GLY O 51 -15.12 -43.94 3.08
N GLU O 52 -14.58 -45.10 3.42
CA GLU O 52 -15.41 -46.12 4.07
C GLU O 52 -15.78 -45.66 5.47
N VAL O 53 -16.81 -46.30 6.03
CA VAL O 53 -17.41 -45.88 7.30
C VAL O 53 -17.65 -47.10 8.15
N THR O 54 -17.44 -46.95 9.46
CA THR O 54 -17.82 -47.95 10.45
C THR O 54 -18.66 -47.26 11.53
N ILE O 55 -19.95 -47.55 11.56
CA ILE O 55 -20.84 -47.09 12.61
C ILE O 55 -20.71 -48.08 13.77
N THR O 56 -20.27 -47.57 14.92
CA THR O 56 -20.05 -48.42 16.08
C THR O 56 -20.46 -47.68 17.35
N ASN O 57 -21.11 -48.41 18.25
CA ASN O 57 -21.44 -47.92 19.58
C ASN O 57 -20.66 -48.62 20.68
N ASP O 58 -19.94 -49.70 20.36
CA ASP O 58 -19.07 -50.35 21.34
C ASP O 58 -17.76 -49.60 21.44
N GLY O 59 -17.27 -49.43 22.67
CA GLY O 59 -16.01 -48.76 22.87
C GLY O 59 -14.79 -49.59 22.56
N VAL O 60 -14.95 -50.90 22.40
CA VAL O 60 -13.78 -51.74 22.13
C VAL O 60 -13.25 -51.47 20.73
N THR O 61 -14.14 -51.22 19.77
CA THR O 61 -13.73 -51.10 18.37
C THR O 61 -13.26 -49.68 18.05
N ILE O 62 -13.89 -48.68 18.65
CA ILE O 62 -13.55 -47.29 18.35
C ILE O 62 -12.12 -47.00 18.74
N LEU O 63 -11.63 -47.61 19.82
CA LEU O 63 -10.22 -47.47 20.19
C LEU O 63 -9.31 -48.30 19.30
N ASP O 64 -9.77 -49.42 18.78
CA ASP O 64 -8.91 -50.20 17.87
C ASP O 64 -8.73 -49.42 16.57
N GLN O 65 -9.76 -48.79 16.02
CA GLN O 65 -9.77 -48.30 14.64
C GLN O 65 -9.77 -46.78 14.57
N MET O 66 -8.92 -46.13 15.36
CA MET O 66 -8.77 -44.68 15.37
C MET O 66 -7.30 -44.32 15.44
N ASP O 67 -6.91 -43.24 14.77
CA ASP O 67 -5.54 -42.76 14.87
C ASP O 67 -5.26 -42.26 16.28
N VAL O 68 -4.09 -42.60 16.79
CA VAL O 68 -3.57 -42.07 18.04
C VAL O 68 -2.13 -41.65 17.78
N GLN O 69 -1.94 -40.38 17.44
CA GLN O 69 -0.65 -39.85 17.05
C GLN O 69 0.09 -39.19 18.21
N HIS O 70 -0.62 -38.58 19.14
CA HIS O 70 0.02 -37.93 20.28
C HIS O 70 0.25 -39.00 21.34
N PRO O 71 1.50 -39.36 21.65
CA PRO O 71 1.73 -40.67 22.28
C PRO O 71 1.26 -40.78 23.72
N ALA O 72 0.75 -39.70 24.32
CA ALA O 72 0.06 -39.85 25.59
C ALA O 72 -1.18 -40.72 25.43
N ALA O 73 -1.90 -40.57 24.32
CA ALA O 73 -3.06 -41.41 24.05
C ALA O 73 -2.68 -42.86 23.79
N ARG O 74 -1.47 -43.11 23.29
CA ARG O 74 -1.04 -44.49 23.06
C ARG O 74 -1.00 -45.28 24.36
N MET O 75 -0.52 -44.66 25.43
CA MET O 75 -0.50 -45.34 26.73
C MET O 75 -1.91 -45.67 27.20
N LEU O 76 -2.84 -44.74 27.02
CA LEU O 76 -4.21 -45.00 27.43
C LEU O 76 -4.85 -46.12 26.62
N ILE O 77 -4.63 -46.16 25.30
CA ILE O 77 -5.18 -47.24 24.52
C ILE O 77 -4.53 -48.57 24.89
N GLN O 78 -3.21 -48.55 25.13
CA GLN O 78 -2.52 -49.78 25.50
C GLN O 78 -3.06 -50.34 26.81
N VAL O 79 -3.21 -49.50 27.83
CA VAL O 79 -3.76 -49.99 29.10
C VAL O 79 -5.24 -50.33 28.98
N ALA O 80 -5.97 -49.66 28.09
CA ALA O 80 -7.38 -50.00 27.92
C ALA O 80 -7.55 -51.40 27.33
N ARG O 81 -6.83 -51.70 26.24
CA ARG O 81 -6.86 -53.07 25.72
C ARG O 81 -6.21 -54.07 26.66
N ALA O 82 -5.21 -53.64 27.44
CA ALA O 82 -4.67 -54.53 28.46
C ALA O 82 -5.74 -54.88 29.48
N GLN O 83 -6.56 -53.92 29.86
CA GLN O 83 -7.73 -54.19 30.69
C GLN O 83 -8.68 -55.15 29.98
N GLU O 84 -8.91 -54.94 28.69
CA GLU O 84 -9.78 -55.84 27.92
C GLU O 84 -9.27 -57.28 27.91
N GLU O 85 -7.95 -57.48 28.04
CA GLU O 85 -7.41 -58.83 27.95
C GLU O 85 -7.92 -59.76 29.06
N GLU O 86 -8.09 -59.25 30.29
CA GLU O 86 -8.50 -60.16 31.38
C GLU O 86 -9.96 -60.58 31.19
N VAL O 87 -10.87 -59.62 31.21
CA VAL O 87 -12.30 -59.87 31.34
C VAL O 87 -13.10 -59.37 30.15
N GLY O 88 -12.46 -58.75 29.16
CA GLY O 88 -13.11 -58.50 27.90
C GLY O 88 -14.31 -57.60 27.92
N ASP O 89 -14.34 -56.59 28.79
CA ASP O 89 -15.44 -55.64 28.81
C ASP O 89 -15.06 -54.42 29.63
N GLY O 90 -15.83 -53.35 29.47
CA GLY O 90 -15.67 -52.17 30.30
C GLY O 90 -14.45 -51.33 30.00
N THR O 91 -13.87 -51.49 28.82
CA THR O 91 -12.75 -50.63 28.42
C THR O 91 -13.18 -49.18 28.32
N THR O 92 -14.36 -48.90 27.78
CA THR O 92 -14.85 -47.53 27.69
C THR O 92 -15.02 -46.87 29.05
N THR O 93 -15.49 -47.62 30.05
CA THR O 93 -15.55 -47.08 31.40
C THR O 93 -14.17 -46.78 31.94
N ALA O 94 -13.19 -47.65 31.64
CA ALA O 94 -11.84 -47.42 32.10
C ALA O 94 -11.28 -46.12 31.53
N THR O 95 -11.43 -45.91 30.23
CA THR O 95 -10.88 -44.69 29.64
C THR O 95 -11.67 -43.44 30.00
N VAL O 96 -13.00 -43.53 30.16
CA VAL O 96 -13.74 -42.35 30.57
C VAL O 96 -13.51 -42.00 32.05
N LEU O 97 -13.15 -42.97 32.88
CA LEU O 97 -12.70 -42.66 34.24
C LEU O 97 -11.29 -42.10 34.24
N ALA O 98 -10.42 -42.61 33.38
CA ALA O 98 -9.05 -42.09 33.29
C ALA O 98 -9.07 -40.63 32.85
N GLY O 99 -9.87 -40.30 31.84
CA GLY O 99 -10.00 -38.92 31.42
C GLY O 99 -10.49 -37.99 32.50
N ALA O 100 -11.51 -38.42 33.26
CA ALA O 100 -12.00 -37.61 34.38
C ALA O 100 -10.94 -37.42 35.45
N LEU O 101 -10.24 -38.49 35.84
CA LEU O 101 -9.20 -38.37 36.86
C LEU O 101 -8.11 -37.41 36.41
N VAL O 102 -7.66 -37.54 35.16
CA VAL O 102 -6.56 -36.70 34.69
C VAL O 102 -7.00 -35.25 34.55
N SER O 103 -8.24 -35.03 34.08
CA SER O 103 -8.74 -33.67 33.94
C SER O 103 -8.89 -32.99 35.29
N GLU O 104 -9.44 -33.70 36.28
CA GLU O 104 -9.57 -33.10 37.60
C GLU O 104 -8.20 -32.88 38.23
N GLY O 105 -7.24 -33.77 37.97
CA GLY O 105 -5.89 -33.56 38.47
C GLY O 105 -5.24 -32.31 37.90
N VAL O 106 -5.34 -32.11 36.58
CA VAL O 106 -4.75 -30.91 36.01
C VAL O 106 -5.52 -29.66 36.43
N ASN O 107 -6.83 -29.78 36.68
CA ASN O 107 -7.56 -28.65 37.23
C ASN O 107 -7.05 -28.28 38.62
N GLN O 108 -6.75 -29.29 39.44
CA GLN O 108 -6.13 -29.01 40.74
C GLN O 108 -4.76 -28.37 40.57
N VAL O 109 -3.99 -28.83 39.60
CA VAL O 109 -2.66 -28.26 39.36
C VAL O 109 -2.75 -26.82 38.93
N GLU O 110 -3.79 -26.46 38.16
CA GLU O 110 -3.98 -25.07 37.78
C GLU O 110 -4.16 -24.17 38.99
N GLN O 111 -4.86 -24.66 40.01
CA GLN O 111 -5.11 -23.87 41.21
C GLN O 111 -3.84 -23.55 41.99
N GLY O 112 -2.74 -24.24 41.73
CA GLY O 112 -1.48 -24.05 42.43
C GLY O 112 -0.95 -25.29 43.11
N VAL O 113 -1.65 -26.41 43.06
CA VAL O 113 -1.16 -27.63 43.71
C VAL O 113 -0.02 -28.22 42.88
N PRO O 114 1.14 -28.53 43.45
CA PRO O 114 2.16 -29.24 42.67
C PRO O 114 1.71 -30.63 42.28
N VAL O 115 2.30 -31.13 41.19
CA VAL O 115 1.85 -32.37 40.60
C VAL O 115 2.15 -33.56 41.51
N SER O 116 3.31 -33.53 42.16
CA SER O 116 3.72 -34.66 43.00
C SER O 116 2.76 -34.89 44.16
N ARG O 117 2.09 -33.84 44.64
CA ARG O 117 1.09 -34.04 45.68
C ARG O 117 -0.16 -34.70 45.13
N VAL O 118 -0.62 -34.24 43.96
CA VAL O 118 -1.80 -34.81 43.34
C VAL O 118 -1.58 -36.27 43.00
N ILE O 119 -0.34 -36.66 42.68
CA ILE O 119 -0.06 -38.04 42.33
C ILE O 119 -0.39 -38.96 43.50
N GLU O 120 0.13 -38.65 44.68
CA GLU O 120 -0.12 -39.52 45.83
C GLU O 120 -1.53 -39.36 46.38
N GLY O 121 -2.14 -38.19 46.24
CA GLY O 121 -3.55 -38.07 46.55
C GLY O 121 -4.39 -38.99 45.68
N LEU O 122 -4.12 -39.00 44.37
CA LEU O 122 -4.78 -39.92 43.46
C LEU O 122 -4.54 -41.37 43.87
N ARG O 123 -3.31 -41.69 44.25
CA ARG O 123 -2.99 -43.07 44.65
C ARG O 123 -3.85 -43.52 45.82
N ARG O 124 -3.86 -42.75 46.91
CA ARG O 124 -4.63 -43.18 48.08
C ARG O 124 -6.13 -43.15 47.82
N GLY O 125 -6.63 -42.13 47.11
CA GLY O 125 -8.05 -42.07 46.80
C GLY O 125 -8.50 -43.25 45.97
N VAL O 126 -7.73 -43.59 44.94
CA VAL O 126 -8.09 -44.73 44.10
C VAL O 126 -8.00 -46.02 44.89
N GLU O 127 -7.03 -46.12 45.82
CA GLU O 127 -6.92 -47.33 46.62
C GLU O 127 -8.18 -47.54 47.47
N ARG O 128 -8.62 -46.50 48.17
CA ARG O 128 -9.80 -46.68 49.01
C ARG O 128 -11.07 -46.79 48.18
N ALA O 129 -11.08 -46.20 46.98
CA ALA O 129 -12.20 -46.41 46.06
C ALA O 129 -12.29 -47.87 45.62
N LEU O 130 -11.16 -48.47 45.24
CA LEU O 130 -11.16 -49.90 44.94
C LEU O 130 -11.63 -50.72 46.11
N GLU O 131 -11.15 -50.39 47.32
CA GLU O 131 -11.55 -51.13 48.51
C GLU O 131 -13.07 -51.09 48.68
N LEU O 132 -13.66 -49.91 48.60
CA LEU O 132 -15.09 -49.75 48.88
C LEU O 132 -15.94 -50.25 47.70
N LEU O 133 -15.44 -50.27 46.47
CA LEU O 133 -16.23 -50.85 45.38
C LEU O 133 -16.16 -52.37 45.43
N ARG O 134 -15.05 -52.94 45.92
CA ARG O 134 -15.00 -54.36 46.20
C ARG O 134 -15.99 -54.74 47.30
N LYS O 135 -15.99 -53.97 48.39
CA LYS O 135 -16.84 -54.30 49.52
C LYS O 135 -18.32 -54.25 49.15
N GLN O 136 -18.72 -53.22 48.40
CA GLN O 136 -20.13 -53.06 48.04
C GLN O 136 -20.64 -54.18 47.14
N ALA O 137 -19.75 -54.90 46.48
CA ALA O 137 -20.17 -55.96 45.57
C ALA O 137 -20.88 -57.07 46.32
N LEU O 138 -21.99 -57.55 45.76
CA LEU O 138 -22.85 -58.54 46.39
C LEU O 138 -22.72 -59.85 45.64
N PRO O 139 -22.36 -60.98 46.26
CA PRO O 139 -22.17 -62.21 45.47
C PRO O 139 -23.50 -62.73 44.95
N VAL O 140 -23.43 -63.39 43.80
CA VAL O 140 -24.60 -63.92 43.13
C VAL O 140 -24.99 -65.24 43.78
N GLU O 141 -26.30 -65.47 43.91
CA GLU O 141 -26.81 -66.68 44.55
C GLU O 141 -27.04 -67.72 43.45
N GLY O 142 -26.03 -68.56 43.23
CA GLY O 142 -26.10 -69.59 42.22
C GLY O 142 -26.30 -69.01 40.82
N LEU O 143 -26.54 -69.92 39.89
CA LEU O 143 -26.88 -69.57 38.51
C LEU O 143 -28.38 -69.50 38.27
N ASP O 144 -29.21 -69.87 39.26
CA ASP O 144 -30.64 -69.74 39.14
C ASP O 144 -31.13 -68.31 39.36
N ASP O 145 -30.28 -67.41 39.83
CA ASP O 145 -30.68 -66.06 40.14
C ASP O 145 -31.06 -65.32 38.86
N PRO O 146 -32.19 -64.61 38.81
CA PRO O 146 -32.48 -63.81 37.60
C PRO O 146 -31.51 -62.67 37.34
N ARG O 147 -30.64 -62.33 38.29
CA ARG O 147 -29.63 -61.32 38.00
C ARG O 147 -28.70 -61.76 36.89
N LEU O 148 -28.56 -63.07 36.65
CA LEU O 148 -27.84 -63.53 35.47
C LEU O 148 -28.50 -63.03 34.20
N ARG O 149 -29.83 -63.16 34.11
CA ARG O 149 -30.56 -62.62 32.97
C ARG O 149 -30.40 -61.10 32.90
N ALA O 150 -30.43 -60.45 34.06
CA ALA O 150 -30.30 -58.99 34.08
C ALA O 150 -28.94 -58.55 33.54
N VAL O 151 -27.86 -59.22 33.95
CA VAL O 151 -26.52 -58.82 33.53
C VAL O 151 -26.20 -59.30 32.12
N ALA O 152 -26.88 -60.33 31.63
CA ALA O 152 -26.75 -60.74 30.25
C ALA O 152 -27.45 -59.81 29.28
N ARG O 153 -28.64 -59.32 29.66
CA ARG O 153 -29.41 -58.49 28.74
C ARG O 153 -28.72 -57.15 28.51
N ILE O 154 -28.15 -56.55 29.56
CA ILE O 154 -27.53 -55.24 29.40
C ILE O 154 -26.33 -55.33 28.47
N ALA O 155 -25.51 -56.37 28.60
CA ALA O 155 -24.34 -56.50 27.75
C ALA O 155 -24.71 -56.76 26.30
N ALA O 156 -25.92 -57.26 26.03
CA ALA O 156 -26.35 -57.60 24.69
C ALA O 156 -27.15 -56.48 24.03
N ARG O 157 -26.86 -55.22 24.40
CA ARG O 157 -27.55 -54.06 23.83
C ARG O 157 -29.06 -54.14 24.03
N GLU O 158 -29.48 -54.68 25.17
CA GLU O 158 -30.89 -54.79 25.52
C GLU O 158 -31.67 -55.61 24.49
N ARG O 159 -31.02 -56.61 23.90
CA ARG O 159 -31.66 -57.56 22.98
C ARG O 159 -31.75 -58.91 23.66
N GLU O 160 -32.98 -59.35 23.91
CA GLU O 160 -33.21 -60.55 24.71
C GLU O 160 -32.90 -61.83 23.96
N ASP O 161 -33.03 -61.84 22.63
CA ASP O 161 -32.77 -63.05 21.86
C ASP O 161 -31.35 -63.54 22.05
N ILE O 162 -30.37 -62.64 21.99
CA ILE O 162 -28.99 -63.02 22.25
C ILE O 162 -28.72 -63.17 23.74
N ALA O 163 -29.50 -62.48 24.59
CA ALA O 163 -29.28 -62.60 26.03
C ALA O 163 -29.64 -63.99 26.53
N ASP O 164 -30.71 -64.59 26.01
CA ASP O 164 -31.16 -65.87 26.54
C ASP O 164 -30.17 -67.00 26.28
N LEU O 165 -29.56 -67.03 25.10
CA LEU O 165 -28.70 -68.17 24.77
C LEU O 165 -27.44 -68.19 25.61
N VAL O 166 -26.86 -67.02 25.92
CA VAL O 166 -25.63 -67.02 26.69
C VAL O 166 -25.85 -67.59 28.08
N VAL O 167 -26.92 -67.16 28.77
CA VAL O 167 -27.20 -67.71 30.09
C VAL O 167 -27.70 -69.15 30.01
N GLU O 168 -28.41 -69.54 28.94
CA GLU O 168 -28.79 -70.94 28.78
C GLU O 168 -27.55 -71.81 28.68
N ALA O 169 -26.55 -71.38 27.92
CA ALA O 169 -25.28 -72.11 27.89
C ALA O 169 -24.58 -72.09 29.24
N ALA O 170 -24.54 -70.94 29.90
CA ALA O 170 -23.87 -70.84 31.20
C ALA O 170 -24.48 -71.79 32.21
N ARG O 171 -25.79 -72.03 32.12
CA ARG O 171 -26.40 -73.11 32.89
C ARG O 171 -25.80 -74.45 32.53
N HIS O 172 -25.54 -74.69 31.25
CA HIS O 172 -25.02 -75.98 30.80
C HIS O 172 -23.59 -76.22 31.26
N ILE O 173 -22.78 -75.17 31.37
CA ILE O 173 -21.37 -75.36 31.74
C ILE O 173 -21.26 -75.81 33.19
N GLY O 174 -21.71 -74.97 34.13
CA GLY O 174 -21.73 -75.29 35.54
C GLY O 174 -21.07 -74.20 36.37
N GLU O 175 -20.96 -74.49 37.67
CA GLU O 175 -20.37 -73.53 38.60
C GLU O 175 -18.86 -73.64 38.64
N ASP O 176 -18.35 -74.81 39.08
CA ASP O 176 -16.91 -74.96 39.25
C ASP O 176 -16.18 -74.94 37.92
N LYS O 177 -16.82 -75.41 36.85
CA LYS O 177 -16.19 -75.38 35.54
C LYS O 177 -16.05 -73.96 35.01
N LEU O 178 -16.94 -73.08 35.46
CA LEU O 178 -16.88 -71.66 35.03
C LEU O 178 -15.90 -70.96 35.96
N GLN O 179 -15.76 -71.39 37.21
CA GLN O 179 -14.84 -70.78 38.16
C GLN O 179 -13.37 -71.02 37.83
N ASP O 180 -13.07 -71.86 36.85
CA ASP O 180 -11.69 -72.17 36.50
C ASP O 180 -11.00 -70.93 35.92
N PRO O 181 -9.89 -70.44 36.49
CA PRO O 181 -9.30 -69.21 35.94
C PRO O 181 -8.68 -69.39 34.56
N ASN O 182 -8.21 -70.58 34.23
CA ASN O 182 -7.61 -70.84 32.93
C ASN O 182 -8.64 -71.03 31.81
N PHE O 183 -9.93 -71.08 32.15
CA PHE O 183 -10.97 -71.36 31.17
C PHE O 183 -11.66 -70.05 30.78
N LYS O 184 -11.69 -69.77 29.48
CA LYS O 184 -12.35 -68.58 28.94
C LYS O 184 -13.54 -69.04 28.12
N LEU O 185 -14.74 -68.56 28.50
CA LEU O 185 -16.02 -68.95 27.86
C LEU O 185 -16.33 -68.01 26.70
N ALA O 186 -15.53 -66.96 26.47
CA ALA O 186 -15.69 -66.10 25.30
C ALA O 186 -15.16 -66.74 24.04
N ASP O 187 -14.21 -67.67 24.14
CA ASP O 187 -13.79 -68.45 22.99
C ASP O 187 -14.81 -69.51 22.59
N THR O 188 -15.74 -69.86 23.48
CA THR O 188 -16.71 -70.91 23.23
C THR O 188 -18.01 -70.37 22.62
N VAL O 189 -17.99 -69.15 22.08
CA VAL O 189 -19.13 -68.57 21.37
C VAL O 189 -18.69 -68.31 19.93
N THR O 190 -19.48 -68.80 18.99
CA THR O 190 -19.18 -68.68 17.56
C THR O 190 -20.46 -68.31 16.84
N ALA O 191 -20.33 -67.44 15.83
CA ALA O 191 -21.47 -66.95 15.05
C ALA O 191 -21.34 -67.41 13.61
N ARG O 192 -22.44 -67.95 13.07
CA ARG O 192 -22.49 -68.41 11.68
C ARG O 192 -23.76 -67.88 11.03
N GLU O 193 -23.62 -67.41 9.80
CA GLU O 193 -24.75 -66.82 9.09
C GLU O 193 -25.75 -67.88 8.66
N GLY O 194 -27.03 -67.51 8.67
CA GLY O 194 -28.09 -68.37 8.20
C GLY O 194 -28.47 -69.50 9.13
N ALA O 195 -27.93 -69.53 10.34
CA ALA O 195 -28.22 -70.57 11.33
C ALA O 195 -29.11 -70.01 12.42
N GLU O 196 -29.60 -70.90 13.27
CA GLU O 196 -30.43 -70.55 14.41
C GLU O 196 -29.54 -70.42 15.65
N ASN O 197 -30.15 -70.10 16.79
CA ASN O 197 -29.45 -69.93 18.06
C ASN O 197 -29.62 -71.20 18.88
N GLN O 198 -28.52 -71.90 19.12
CA GLN O 198 -28.54 -73.08 19.97
C GLN O 198 -27.14 -73.33 20.50
N VAL O 199 -27.07 -74.16 21.55
CA VAL O 199 -25.82 -74.58 22.16
C VAL O 199 -25.69 -76.09 21.98
N ILE O 200 -24.55 -76.52 21.45
CA ILE O 200 -24.33 -77.92 21.12
C ILE O 200 -23.38 -78.54 22.15
N THR O 356 -19.88 -75.27 22.90
CA THR O 356 -19.96 -74.47 21.68
C THR O 356 -21.34 -73.83 21.54
N VAL O 357 -21.38 -72.50 21.51
CA VAL O 357 -22.61 -71.73 21.38
C VAL O 357 -22.65 -71.16 19.98
N LEU O 358 -23.62 -71.60 19.18
CA LEU O 358 -23.78 -71.13 17.82
C LEU O 358 -24.73 -69.94 17.81
N VAL O 359 -24.26 -68.81 17.27
CA VAL O 359 -25.05 -67.58 17.20
C VAL O 359 -25.51 -67.38 15.77
N GLY O 360 -26.82 -67.26 15.58
CA GLY O 360 -27.36 -67.07 14.25
C GLY O 360 -27.21 -65.63 13.77
N ALA O 361 -27.12 -65.49 12.44
CA ALA O 361 -27.02 -64.18 11.82
C ALA O 361 -27.70 -64.24 10.45
N ALA O 362 -28.10 -63.06 9.97
CA ALA O 362 -28.82 -62.98 8.71
C ALA O 362 -27.90 -63.18 7.52
N THR O 363 -26.91 -62.31 7.36
CA THR O 363 -25.95 -62.35 6.27
C THR O 363 -24.53 -62.39 6.83
N GLU O 364 -23.55 -62.48 5.92
CA GLU O 364 -22.16 -62.53 6.34
C GLU O 364 -21.72 -61.24 7.02
N GLU O 365 -22.20 -60.08 6.53
CA GLU O 365 -21.82 -58.81 7.13
C GLU O 365 -22.36 -58.65 8.55
N VAL O 366 -23.47 -59.32 8.88
CA VAL O 366 -24.02 -59.22 10.22
C VAL O 366 -23.23 -60.06 11.23
N VAL O 367 -22.43 -61.02 10.75
CA VAL O 367 -21.66 -61.86 11.66
C VAL O 367 -20.61 -61.04 12.41
N GLY O 368 -20.06 -60.00 11.77
CA GLY O 368 -18.97 -59.25 12.37
C GLY O 368 -19.33 -58.62 13.70
N GLU O 369 -20.55 -58.08 13.82
CA GLU O 369 -20.99 -57.47 15.06
C GLU O 369 -21.61 -58.47 16.03
N ARG O 370 -22.32 -59.48 15.51
CA ARG O 370 -22.92 -60.49 16.36
C ARG O 370 -21.86 -61.31 17.09
N GLU O 371 -20.78 -61.68 16.41
CA GLU O 371 -19.70 -62.40 17.08
C GLU O 371 -19.09 -61.56 18.19
N ARG O 372 -18.98 -60.25 17.97
CA ARG O 372 -18.42 -59.36 18.99
C ARG O 372 -19.34 -59.27 20.21
N VAL O 373 -20.62 -58.98 19.99
CA VAL O 373 -21.53 -58.84 21.13
C VAL O 373 -21.71 -60.17 21.84
N ALA O 374 -21.56 -61.30 21.13
CA ALA O 374 -21.61 -62.60 21.79
C ALA O 374 -20.50 -62.71 22.84
N LYS O 375 -19.27 -62.36 22.47
CA LYS O 375 -18.19 -62.42 23.45
C LYS O 375 -18.39 -61.40 24.56
N ASP O 376 -18.94 -60.22 24.25
CA ASP O 376 -19.19 -59.25 25.31
C ASP O 376 -20.18 -59.80 26.34
N ALA O 377 -21.30 -60.33 25.87
CA ALA O 377 -22.28 -60.91 26.78
C ALA O 377 -21.73 -62.12 27.52
N ALA O 378 -20.91 -62.93 26.84
CA ALA O 378 -20.28 -64.06 27.50
C ALA O 378 -19.37 -63.60 28.63
N SER O 379 -18.54 -62.59 28.36
CA SER O 379 -17.63 -62.06 29.37
C SER O 379 -18.37 -61.46 30.55
N ALA O 380 -19.52 -60.82 30.33
CA ALA O 380 -20.28 -60.28 31.44
C ALA O 380 -20.68 -61.37 32.42
N VAL O 381 -21.31 -62.44 31.92
CA VAL O 381 -21.72 -63.53 32.80
C VAL O 381 -20.51 -64.25 33.39
N GLN O 382 -19.39 -64.30 32.66
CA GLN O 382 -18.20 -64.88 33.24
C GLN O 382 -17.70 -64.08 34.44
N ALA O 383 -17.63 -62.75 34.31
CA ALA O 383 -17.17 -61.91 35.40
C ALA O 383 -18.11 -61.97 36.59
N ALA O 384 -19.42 -62.11 36.33
CA ALA O 384 -20.40 -62.07 37.40
C ALA O 384 -20.18 -63.17 38.42
N ILE O 385 -19.89 -64.40 37.97
CA ILE O 385 -19.72 -65.49 38.91
C ILE O 385 -18.44 -65.29 39.72
N ARG O 386 -17.36 -64.84 39.08
CA ARG O 386 -16.10 -64.69 39.79
C ARG O 386 -16.19 -63.64 40.89
N GLY O 387 -16.66 -62.42 40.54
CA GLY O 387 -16.58 -61.31 41.48
C GLY O 387 -17.90 -60.82 42.03
N GLY O 388 -18.99 -61.50 41.73
CA GLY O 388 -20.29 -61.08 42.21
C GLY O 388 -20.89 -59.97 41.36
N VAL O 389 -21.72 -59.18 42.01
CA VAL O 389 -22.59 -58.22 41.35
C VAL O 389 -22.43 -56.85 41.99
N VAL O 390 -22.55 -55.82 41.16
CA VAL O 390 -22.44 -54.43 41.60
C VAL O 390 -23.53 -53.64 40.88
N PRO O 391 -24.17 -52.63 41.51
CA PRO O 391 -25.19 -51.86 40.79
C PRO O 391 -24.62 -51.05 39.64
N GLY O 392 -25.24 -51.19 38.47
CA GLY O 392 -24.77 -50.53 37.27
C GLY O 392 -25.35 -49.14 37.10
N GLY O 393 -25.16 -48.60 35.90
CA GLY O 393 -25.61 -47.26 35.60
C GLY O 393 -24.81 -46.16 36.25
N GLY O 394 -23.64 -46.47 36.80
CA GLY O 394 -22.84 -45.49 37.51
C GLY O 394 -23.22 -45.28 38.95
N ALA O 395 -24.21 -46.01 39.46
CA ALA O 395 -24.65 -45.81 40.84
C ALA O 395 -23.57 -46.21 41.85
N ALA O 396 -22.84 -47.30 41.57
CA ALA O 396 -21.81 -47.74 42.50
C ALA O 396 -20.66 -46.73 42.57
N GLU O 397 -20.31 -46.12 41.44
CA GLU O 397 -19.30 -45.06 41.48
C GLU O 397 -19.78 -43.87 42.29
N LEU O 398 -21.05 -43.50 42.18
CA LEU O 398 -21.59 -42.46 43.03
C LEU O 398 -21.52 -42.85 44.50
N ALA O 399 -21.80 -44.12 44.81
CA ALA O 399 -21.77 -44.58 46.19
C ALA O 399 -20.36 -44.48 46.77
N VAL O 400 -19.35 -44.96 46.04
CA VAL O 400 -17.98 -44.90 46.55
C VAL O 400 -17.40 -43.49 46.49
N ALA O 401 -17.97 -42.61 45.66
CA ALA O 401 -17.50 -41.24 45.61
C ALA O 401 -17.65 -40.55 46.96
N ARG O 402 -18.80 -40.73 47.61
CA ARG O 402 -19.02 -40.12 48.91
C ARG O 402 -17.99 -40.58 49.93
N GLU O 403 -17.65 -41.87 49.92
CA GLU O 403 -16.62 -42.36 50.83
C GLU O 403 -15.26 -41.76 50.49
N VAL O 404 -14.99 -41.52 49.20
CA VAL O 404 -13.73 -40.85 48.88
C VAL O 404 -13.73 -39.39 49.36
N GLU O 405 -14.90 -38.78 49.39
CA GLU O 405 -15.00 -37.39 49.87
C GLU O 405 -14.72 -37.44 51.37
N LYS O 406 -15.26 -38.42 52.06
CA LYS O 406 -15.01 -38.59 53.49
C LYS O 406 -13.54 -38.88 53.77
N LEU O 407 -12.86 -39.60 52.88
CA LEU O 407 -11.41 -39.72 52.95
C LEU O 407 -10.73 -38.37 52.87
N ALA O 408 -11.16 -37.53 51.92
CA ALA O 408 -10.44 -36.30 51.62
C ALA O 408 -10.32 -35.38 52.82
N GLU O 409 -11.35 -35.34 53.67
CA GLU O 409 -11.28 -34.53 54.89
C GLU O 409 -10.36 -35.11 55.94
N GLU O 410 -9.90 -36.36 55.77
CA GLU O 410 -9.00 -37.00 56.72
C GLU O 410 -7.53 -36.89 56.33
N VAL O 411 -7.24 -36.67 55.05
CA VAL O 411 -5.87 -36.55 54.58
C VAL O 411 -5.33 -35.18 54.96
N LYS O 412 -4.12 -35.16 55.53
CA LYS O 412 -3.52 -33.94 56.04
C LYS O 412 -2.67 -33.31 54.94
N GLY O 413 -2.79 -32.00 54.78
CA GLY O 413 -1.88 -31.21 53.97
C GLY O 413 -2.43 -30.96 52.58
N MET O 414 -1.54 -30.43 51.73
CA MET O 414 -1.88 -30.12 50.35
C MET O 414 -2.20 -31.36 49.53
N GLU O 415 -1.84 -32.55 50.00
CA GLU O 415 -1.97 -33.76 49.20
C GLU O 415 -3.40 -34.25 49.09
N ARG O 416 -4.31 -33.78 49.95
CA ARG O 416 -5.69 -34.28 49.90
C ARG O 416 -6.38 -33.96 48.58
N TYR O 417 -6.01 -32.86 47.93
CA TYR O 417 -6.75 -32.40 46.76
C TYR O 417 -6.70 -33.40 45.60
N GLY O 418 -5.76 -34.34 45.61
CA GLY O 418 -5.89 -35.49 44.74
C GLY O 418 -7.05 -36.39 45.12
N VAL O 419 -7.35 -36.50 46.41
CA VAL O 419 -8.50 -37.29 46.83
C VAL O 419 -9.78 -36.64 46.33
N GLU O 420 -9.85 -35.31 46.34
CA GLU O 420 -10.97 -34.64 45.68
C GLU O 420 -11.01 -34.94 44.19
N ALA O 421 -9.85 -35.07 43.53
CA ALA O 421 -9.84 -35.41 42.13
C ALA O 421 -10.41 -36.81 41.89
N VAL O 422 -10.10 -37.76 42.77
CA VAL O 422 -10.74 -39.07 42.67
C VAL O 422 -12.23 -38.97 42.93
N ALA O 423 -12.62 -38.15 43.91
CA ALA O 423 -14.03 -38.03 44.27
C ALA O 423 -14.86 -37.48 43.11
N GLU O 424 -14.37 -36.44 42.45
CA GLU O 424 -15.13 -35.83 41.36
C GLU O 424 -15.10 -36.70 40.11
N ALA O 425 -14.03 -37.46 39.91
CA ALA O 425 -13.92 -38.26 38.70
C ALA O 425 -14.86 -39.46 38.72
N LEU O 426 -15.10 -40.04 39.90
CA LEU O 426 -15.98 -41.20 39.99
C LEU O 426 -17.43 -40.85 39.71
N LYS O 427 -17.80 -39.56 39.71
CA LYS O 427 -19.13 -39.14 39.29
C LYS O 427 -19.26 -39.00 37.79
N LYS O 428 -18.15 -39.01 37.05
CA LYS O 428 -18.24 -38.84 35.60
C LYS O 428 -19.04 -39.94 34.90
N PRO O 429 -18.94 -41.22 35.26
CA PRO O 429 -19.79 -42.22 34.60
C PRO O 429 -21.28 -41.93 34.71
N LEU O 430 -21.80 -41.67 35.91
CA LEU O 430 -23.21 -41.37 36.04
C LEU O 430 -23.58 -40.07 35.34
N ARG O 431 -22.71 -39.06 35.44
CA ARG O 431 -22.96 -37.79 34.77
C ARG O 431 -23.10 -37.97 33.27
N GLN O 432 -22.20 -38.74 32.65
CA GLN O 432 -22.25 -38.94 31.21
C GLN O 432 -23.35 -39.90 30.78
N ILE O 433 -23.71 -40.88 31.60
CA ILE O 433 -24.86 -41.72 31.28
C ILE O 433 -26.14 -40.88 31.29
N VAL O 434 -26.26 -39.98 32.27
CA VAL O 434 -27.42 -39.10 32.31
C VAL O 434 -27.40 -38.16 31.10
N ALA O 435 -26.24 -37.59 30.79
CA ALA O 435 -26.16 -36.66 29.67
C ALA O 435 -26.49 -37.31 28.34
N ASN O 436 -25.96 -38.51 28.09
CA ASN O 436 -26.30 -39.23 26.86
C ASN O 436 -27.76 -39.62 26.82
N ALA O 437 -28.41 -39.80 27.97
CA ALA O 437 -29.81 -40.15 28.04
C ALA O 437 -30.73 -39.02 27.62
N GLY O 438 -30.21 -37.81 27.46
CA GLY O 438 -31.03 -36.67 27.09
C GLY O 438 -31.66 -35.93 28.24
N PHE O 439 -31.10 -36.02 29.44
CA PHE O 439 -31.53 -35.24 30.60
C PHE O 439 -30.44 -34.27 31.00
N ASN O 440 -30.78 -33.38 31.91
CA ASN O 440 -29.82 -32.40 32.40
C ASN O 440 -28.93 -33.05 33.45
N PRO O 441 -27.60 -33.06 33.30
CA PRO O 441 -26.79 -33.80 34.27
C PRO O 441 -26.81 -33.18 35.66
N LEU O 442 -26.72 -31.86 35.76
CA LEU O 442 -26.65 -31.21 37.07
C LEU O 442 -27.90 -31.46 37.91
N GLU O 443 -29.08 -31.18 37.35
CA GLU O 443 -30.31 -31.34 38.11
C GLU O 443 -30.61 -32.80 38.44
N LYS O 444 -30.34 -33.72 37.52
CA LYS O 444 -30.62 -35.12 37.74
C LYS O 444 -29.58 -35.83 38.59
N LEU O 445 -28.42 -35.23 38.79
CA LEU O 445 -27.44 -35.73 39.74
C LEU O 445 -27.60 -35.11 41.12
N GLY O 446 -28.09 -33.87 41.19
CA GLY O 446 -28.33 -33.26 42.49
C GLY O 446 -29.40 -33.97 43.28
N ASP O 447 -30.52 -34.30 42.64
CA ASP O 447 -31.60 -34.97 43.36
C ASP O 447 -31.27 -36.41 43.73
N LEU O 448 -30.27 -37.02 43.09
CA LEU O 448 -29.89 -38.38 43.46
C LEU O 448 -29.36 -38.43 44.88
N ARG O 449 -28.51 -37.49 45.26
CA ARG O 449 -28.00 -37.49 46.63
C ARG O 449 -29.07 -37.08 47.62
N ALA O 450 -30.06 -36.30 47.19
CA ALA O 450 -31.23 -36.05 48.04
C ALA O 450 -32.01 -37.33 48.31
N ALA O 451 -31.94 -38.32 47.41
CA ALA O 451 -32.56 -39.61 47.65
C ALA O 451 -31.66 -40.57 48.42
N HIS O 452 -30.41 -40.20 48.68
CA HIS O 452 -29.46 -41.06 49.40
C HIS O 452 -29.56 -40.90 50.91
N ARG O 453 -30.50 -40.08 51.41
CA ARG O 453 -30.61 -39.85 52.83
C ARG O 453 -30.93 -41.11 53.61
N THR O 454 -31.56 -42.11 52.97
CA THR O 454 -31.99 -43.32 53.66
C THR O 454 -30.84 -44.20 54.12
N GLY O 455 -29.61 -43.93 53.67
CA GLY O 455 -28.46 -44.73 54.05
C GLY O 455 -28.11 -45.84 53.08
N ASN O 456 -29.03 -46.24 52.20
CA ASN O 456 -28.75 -47.21 51.17
C ASN O 456 -27.97 -46.54 50.03
N ASP O 457 -27.09 -47.32 49.41
CA ASP O 457 -26.11 -46.81 48.45
C ASP O 457 -26.38 -47.31 47.04
N SER O 458 -27.61 -47.73 46.74
CA SER O 458 -27.97 -48.30 45.45
C SER O 458 -28.88 -47.38 44.62
N LEU O 459 -29.17 -46.18 45.10
CA LEU O 459 -30.09 -45.32 44.36
C LEU O 459 -29.41 -44.79 43.11
N GLY O 460 -29.93 -45.20 41.95
CA GLY O 460 -29.44 -44.73 40.66
C GLY O 460 -30.54 -44.03 39.90
N ILE O 461 -30.40 -43.90 38.59
CA ILE O 461 -31.33 -43.14 37.77
C ILE O 461 -31.74 -43.97 36.57
N ASP O 462 -33.05 -44.00 36.29
CA ASP O 462 -33.56 -44.69 35.13
C ASP O 462 -33.25 -43.86 33.89
N CYS O 463 -33.13 -44.53 32.75
CA CYS O 463 -32.55 -43.93 31.56
C CYS O 463 -33.57 -43.65 30.45
N ASP O 464 -34.88 -43.70 30.75
CA ASP O 464 -35.89 -43.21 29.81
C ASP O 464 -36.92 -42.29 30.45
N THR O 465 -37.20 -42.45 31.75
CA THR O 465 -38.06 -41.54 32.49
C THR O 465 -37.29 -40.46 33.24
N GLY O 466 -36.08 -40.78 33.69
CA GLY O 466 -35.26 -39.82 34.41
C GLY O 466 -35.52 -39.75 35.90
N GLU O 467 -36.52 -40.46 36.41
CA GLU O 467 -36.80 -40.46 37.84
C GLU O 467 -35.81 -41.37 38.56
N VAL O 468 -35.37 -40.94 39.74
CA VAL O 468 -34.45 -41.75 40.53
C VAL O 468 -35.15 -43.02 40.98
N VAL O 469 -34.51 -44.16 40.75
CA VAL O 469 -35.05 -45.46 41.13
C VAL O 469 -33.94 -46.32 41.69
N ASP O 470 -34.29 -47.12 42.69
CA ASP O 470 -33.35 -48.06 43.28
C ASP O 470 -32.84 -49.04 42.22
N MET O 471 -31.53 -49.31 42.27
CA MET O 471 -30.86 -49.86 41.09
C MET O 471 -31.27 -51.31 40.84
N TRP O 472 -31.37 -52.13 41.89
CA TRP O 472 -31.61 -53.55 41.74
C TRP O 472 -32.97 -53.82 41.09
N GLU O 473 -33.98 -53.06 41.49
CA GLU O 473 -35.34 -53.32 41.02
C GLU O 473 -35.53 -52.93 39.56
N ALA O 474 -34.79 -51.93 39.08
CA ALA O 474 -34.85 -51.58 37.67
C ALA O 474 -34.35 -52.72 36.80
N GLY O 475 -33.39 -53.50 37.28
CA GLY O 475 -32.88 -54.64 36.56
C GLY O 475 -31.74 -54.37 35.61
N VAL O 476 -31.15 -53.17 35.66
CA VAL O 476 -29.98 -52.85 34.84
C VAL O 476 -28.78 -52.84 35.79
N ILE O 477 -27.91 -53.83 35.62
CA ILE O 477 -26.89 -54.20 36.60
C ILE O 477 -25.65 -54.63 35.82
N ASP O 478 -24.46 -54.34 36.36
CA ASP O 478 -23.20 -54.63 35.63
C ASP O 478 -22.27 -55.44 36.49
N PRO O 479 -21.37 -56.29 35.93
CA PRO O 479 -20.54 -57.16 36.76
C PRO O 479 -19.54 -56.38 37.61
N ALA O 480 -19.06 -57.04 38.66
CA ALA O 480 -18.15 -56.42 39.61
C ALA O 480 -16.69 -56.40 39.16
N PRO O 481 -16.10 -57.51 38.72
CA PRO O 481 -14.68 -57.47 38.35
C PRO O 481 -14.37 -56.52 37.22
N VAL O 482 -15.27 -56.37 36.26
CA VAL O 482 -15.03 -55.47 35.14
C VAL O 482 -14.84 -54.04 35.64
N LYS O 483 -15.73 -53.58 36.52
CA LYS O 483 -15.57 -52.23 37.06
C LYS O 483 -14.39 -52.14 38.03
N LEU O 484 -14.12 -53.19 38.80
CA LEU O 484 -12.96 -53.19 39.69
C LEU O 484 -11.68 -52.95 38.90
N HIS O 485 -11.45 -53.76 37.89
CA HIS O 485 -10.23 -53.64 37.11
C HIS O 485 -10.26 -52.41 36.21
N ALA O 486 -11.43 -51.95 35.78
CA ALA O 486 -11.51 -50.72 35.02
C ALA O 486 -11.05 -49.53 35.86
N LEU O 487 -11.50 -49.45 37.11
CA LEU O 487 -11.04 -48.37 37.97
C LEU O 487 -9.58 -48.52 38.32
N LYS O 488 -9.09 -49.75 38.50
CA LYS O 488 -7.66 -49.95 38.73
C LYS O 488 -6.85 -49.45 37.54
N ALA O 489 -7.27 -49.78 36.32
CA ALA O 489 -6.56 -49.33 35.14
C ALA O 489 -6.63 -47.82 34.97
N ALA O 490 -7.79 -47.23 35.27
CA ALA O 490 -7.92 -45.78 35.20
C ALA O 490 -6.99 -45.10 36.19
N GLY O 491 -6.90 -45.65 37.41
CA GLY O 491 -5.93 -45.12 38.36
C GLY O 491 -4.50 -45.28 37.91
N GLU O 492 -4.14 -46.43 37.35
CA GLU O 492 -2.77 -46.66 36.90
C GLU O 492 -2.40 -45.68 35.80
N VAL O 493 -3.26 -45.50 34.80
CA VAL O 493 -2.94 -44.59 33.71
C VAL O 493 -3.00 -43.13 34.13
N ALA O 494 -3.92 -42.75 35.02
CA ALA O 494 -3.96 -41.38 35.51
C ALA O 494 -2.71 -41.06 36.30
N ALA O 495 -2.22 -42.02 37.11
CA ALA O 495 -0.94 -41.83 37.76
C ALA O 495 0.18 -41.70 36.73
N ALA O 496 0.23 -42.61 35.75
CA ALA O 496 1.35 -42.64 34.83
C ALA O 496 1.46 -41.38 33.98
N ILE O 497 0.34 -40.84 33.51
CA ILE O 497 0.39 -39.72 32.57
C ILE O 497 0.79 -38.44 33.31
N LEU O 498 0.31 -38.28 34.54
CA LEU O 498 0.56 -37.04 35.28
C LEU O 498 2.04 -36.85 35.63
N ARG O 499 2.79 -37.95 35.83
CA ARG O 499 4.20 -37.81 36.17
C ARG O 499 5.05 -37.33 35.00
N ILE O 500 4.53 -37.35 33.78
CA ILE O 500 5.29 -36.87 32.64
C ILE O 500 5.27 -35.35 32.67
N ASN O 501 6.46 -34.75 32.76
CA ASN O 501 6.62 -33.30 32.94
C ASN O 501 7.36 -32.63 31.79
N THR O 502 8.24 -33.36 31.09
CA THR O 502 8.99 -32.81 29.96
C THR O 502 8.92 -33.77 28.78
N ILE O 503 9.04 -33.21 27.57
CA ILE O 503 8.99 -33.94 26.32
C ILE O 503 10.19 -33.53 25.49
N ILE O 504 10.98 -34.50 25.05
CA ILE O 504 12.19 -34.27 24.27
C ILE O 504 12.37 -35.44 23.30
N LYS O 505 13.39 -35.36 22.45
CA LYS O 505 13.54 -36.23 21.28
C LYS O 505 14.84 -37.03 21.34
N MET O 506 14.91 -38.05 20.49
CA MET O 506 15.98 -39.04 20.45
C MET O 506 16.77 -38.92 19.13
N LYS O 507 17.69 -39.88 18.92
CA LYS O 507 18.64 -39.81 17.80
C LYS O 507 18.01 -39.84 16.42
N ALA P 12 34.10 -7.70 22.91
CA ALA P 12 33.91 -8.14 24.28
C ALA P 12 32.53 -8.75 24.48
N ASP P 13 31.50 -8.17 23.89
CA ASP P 13 30.18 -8.76 23.94
C ASP P 13 30.15 -10.10 23.20
N GLU P 14 30.85 -10.17 22.06
CA GLU P 14 30.89 -11.41 21.30
C GLU P 14 31.58 -12.52 22.09
N ARG P 15 32.64 -12.19 22.83
CA ARG P 15 33.27 -13.19 23.69
C ARG P 15 32.31 -13.68 24.75
N PHE P 16 31.55 -12.77 25.35
CA PHE P 16 30.55 -13.18 26.34
C PHE P 16 29.37 -13.89 25.70
N GLN P 17 28.95 -13.45 24.54
CA GLN P 17 27.74 -14.03 23.92
C GLN P 17 28.12 -15.46 23.56
N ALA P 18 29.36 -15.72 23.18
CA ALA P 18 29.79 -17.08 22.92
C ALA P 18 29.68 -17.95 24.16
N LEU P 19 29.86 -17.36 25.35
CA LEU P 19 29.72 -18.13 26.58
C LEU P 19 28.28 -18.44 26.89
N LEU P 20 27.38 -17.46 26.73
CA LEU P 20 25.99 -17.65 27.12
C LEU P 20 25.31 -18.72 26.27
N THR P 21 25.56 -18.73 24.95
CA THR P 21 25.02 -19.79 24.12
C THR P 21 25.60 -21.14 24.50
N ASN P 22 26.88 -21.16 24.89
CA ASN P 22 27.48 -22.38 25.42
C ASN P 22 26.81 -22.80 26.72
N VAL P 23 26.49 -21.84 27.59
CA VAL P 23 25.89 -22.16 28.88
C VAL P 23 24.45 -22.64 28.69
N ASN P 24 23.69 -21.97 27.82
CA ASN P 24 22.29 -22.34 27.63
C ASN P 24 22.15 -23.76 27.11
N ALA P 25 23.12 -24.24 26.34
CA ALA P 25 23.11 -25.64 25.93
C ALA P 25 23.25 -26.56 27.13
N VAL P 26 24.17 -26.25 28.04
CA VAL P 26 24.32 -27.05 29.25
C VAL P 26 23.07 -26.93 30.11
N ARG P 27 22.45 -25.76 30.11
CA ARG P 27 21.23 -25.57 30.89
C ARG P 27 20.12 -26.49 30.40
N ALA P 28 19.98 -26.63 29.08
CA ALA P 28 18.90 -27.43 28.51
C ALA P 28 19.02 -28.89 28.92
N ILE P 29 20.23 -29.45 28.89
CA ILE P 29 20.40 -30.84 29.30
C ILE P 29 20.16 -30.97 30.79
N ALA P 30 20.74 -30.06 31.58
CA ALA P 30 20.50 -30.07 33.01
C ALA P 30 19.06 -29.76 33.36
N ASP P 31 18.36 -28.99 32.53
CA ASP P 31 16.96 -28.71 32.78
C ASP P 31 16.05 -29.90 32.55
N ALA P 32 16.48 -30.87 31.74
CA ALA P 32 15.63 -32.00 31.39
C ALA P 32 15.77 -33.18 32.35
N VAL P 33 16.93 -33.36 32.96
CA VAL P 33 17.16 -34.46 33.89
C VAL P 33 17.03 -34.05 35.34
N GLU P 34 16.87 -32.77 35.64
CA GLU P 34 16.67 -32.29 36.99
C GLU P 34 15.30 -32.64 37.55
N GLY P 35 14.35 -33.03 36.71
CA GLY P 35 13.05 -33.45 37.20
C GLY P 35 13.02 -34.85 37.75
N THR P 36 14.05 -35.65 37.51
CA THR P 36 14.10 -37.04 37.95
C THR P 36 14.81 -37.22 39.29
N LEU P 37 15.27 -36.15 39.92
CA LEU P 37 16.05 -36.27 41.14
C LEU P 37 15.14 -36.58 42.33
N GLY P 38 15.70 -37.26 43.32
CA GLY P 38 15.01 -37.54 44.55
C GLY P 38 14.15 -38.79 44.46
N PRO P 39 13.64 -39.27 45.60
CA PRO P 39 12.80 -40.48 45.57
C PRO P 39 11.41 -40.24 45.02
N LYS P 40 10.95 -38.99 44.96
CA LYS P 40 9.63 -38.65 44.42
C LYS P 40 9.77 -37.92 43.09
N GLY P 41 10.76 -38.33 42.30
CA GLY P 41 11.01 -37.69 41.03
C GLY P 41 9.94 -37.99 39.99
N LEU P 42 9.90 -37.13 38.98
CA LEU P 42 8.97 -37.22 37.88
C LEU P 42 9.69 -37.70 36.62
N ASP P 43 8.96 -38.39 35.75
CA ASP P 43 9.55 -39.05 34.60
C ASP P 43 9.45 -38.16 33.36
N VAL P 44 10.18 -38.56 32.32
CA VAL P 44 10.38 -37.75 31.11
C VAL P 44 9.98 -38.58 29.89
N MET P 45 9.27 -37.94 28.96
CA MET P 45 8.92 -38.56 27.70
C MET P 45 10.09 -38.50 26.72
N LEU P 46 10.03 -39.38 25.71
CA LEU P 46 11.00 -39.42 24.63
C LEU P 46 10.29 -39.85 23.36
N VAL P 47 10.13 -38.92 22.41
CA VAL P 47 9.31 -39.10 21.22
C VAL P 47 10.21 -39.10 20.00
N ASP P 48 9.85 -39.89 18.99
CA ASP P 48 10.58 -40.01 17.73
C ASP P 48 9.76 -39.50 16.55
N LYS P 49 10.41 -39.50 15.40
CA LYS P 49 9.69 -39.33 14.14
C LYS P 49 8.79 -40.53 13.88
N PHE P 50 9.16 -41.70 14.41
CA PHE P 50 8.33 -42.90 14.35
C PHE P 50 7.28 -42.95 15.45
N GLY P 51 7.40 -42.15 16.51
CA GLY P 51 6.41 -42.07 17.55
C GLY P 51 6.55 -43.08 18.68
N GLU P 52 7.65 -43.83 18.74
CA GLU P 52 7.84 -44.77 19.83
C GLU P 52 8.07 -44.02 21.13
N VAL P 53 7.56 -44.59 22.22
CA VAL P 53 7.58 -43.99 23.55
C VAL P 53 8.71 -44.61 24.35
N THR P 54 9.35 -43.80 25.19
CA THR P 54 10.29 -44.31 26.20
C THR P 54 10.19 -43.41 27.43
N ILE P 55 9.40 -43.85 28.42
CA ILE P 55 9.24 -43.12 29.67
C ILE P 55 10.28 -43.64 30.65
N THR P 56 10.96 -42.73 31.33
CA THR P 56 11.98 -43.13 32.29
C THR P 56 12.19 -42.02 33.30
N ASN P 57 12.69 -42.41 34.48
CA ASN P 57 13.10 -41.49 35.52
C ASN P 57 14.53 -41.74 35.98
N ASP P 58 15.35 -42.38 35.16
CA ASP P 58 16.70 -42.78 35.52
C ASP P 58 17.66 -41.92 34.71
N GLY P 59 18.69 -41.41 35.38
CA GLY P 59 19.61 -40.48 34.75
C GLY P 59 20.39 -41.08 33.60
N VAL P 60 20.89 -42.30 33.76
CA VAL P 60 21.71 -42.88 32.71
C VAL P 60 20.89 -43.07 31.45
N THR P 61 19.66 -43.58 31.58
CA THR P 61 18.83 -43.81 30.41
C THR P 61 18.48 -42.51 29.72
N ILE P 62 17.95 -41.54 30.48
CA ILE P 62 17.52 -40.30 29.86
C ILE P 62 18.68 -39.55 29.23
N LEU P 63 19.85 -39.51 29.87
CA LEU P 63 21.01 -38.85 29.26
C LEU P 63 21.54 -39.59 28.04
N ASP P 64 21.64 -40.92 28.10
CA ASP P 64 22.16 -41.64 26.94
C ASP P 64 21.23 -41.48 25.75
N GLN P 65 19.92 -41.49 25.98
CA GLN P 65 18.93 -41.68 24.93
C GLN P 65 18.24 -40.35 24.58
N MET P 66 18.86 -39.22 24.98
CA MET P 66 18.45 -37.86 24.63
C MET P 66 19.09 -37.44 23.32
N ASP P 67 18.43 -36.52 22.62
CA ASP P 67 19.03 -35.88 21.47
C ASP P 67 19.87 -34.69 21.89
N VAL P 68 21.17 -34.73 21.62
CA VAL P 68 22.10 -33.65 21.90
C VAL P 68 22.77 -33.28 20.58
N GLN P 69 22.76 -31.99 20.26
CA GLN P 69 23.39 -31.47 19.05
C GLN P 69 24.47 -30.44 19.31
N HIS P 70 24.42 -29.72 20.42
CA HIS P 70 25.45 -28.75 20.74
C HIS P 70 26.69 -29.46 21.31
N PRO P 71 27.91 -29.11 20.87
CA PRO P 71 29.09 -29.72 21.50
C PRO P 71 29.21 -29.46 22.99
N ALA P 72 28.65 -28.35 23.49
CA ALA P 72 28.63 -28.12 24.92
C ALA P 72 27.91 -29.24 25.66
N ALA P 73 26.75 -29.64 25.15
CA ALA P 73 26.05 -30.78 25.74
C ALA P 73 26.85 -32.06 25.59
N ARG P 74 27.56 -32.23 24.46
CA ARG P 74 28.35 -33.43 24.26
C ARG P 74 29.45 -33.56 25.30
N MET P 75 30.12 -32.46 25.63
CA MET P 75 31.17 -32.51 26.64
C MET P 75 30.60 -32.93 27.99
N LEU P 76 29.45 -32.37 28.36
CA LEU P 76 28.83 -32.73 29.63
C LEU P 76 28.41 -34.20 29.66
N ILE P 77 27.82 -34.69 28.58
CA ILE P 77 27.45 -36.10 28.50
C ILE P 77 28.69 -36.97 28.66
N GLN P 78 29.77 -36.61 27.96
CA GLN P 78 30.98 -37.42 28.00
C GLN P 78 31.57 -37.44 29.41
N VAL P 79 31.60 -36.28 30.08
CA VAL P 79 32.14 -36.23 31.44
C VAL P 79 31.28 -37.07 32.38
N ALA P 80 29.97 -36.90 32.32
CA ALA P 80 29.08 -37.65 33.20
C ALA P 80 29.14 -39.15 32.95
N ARG P 81 29.22 -39.58 31.69
CA ARG P 81 29.26 -41.01 31.39
C ARG P 81 30.62 -41.63 31.68
N ALA P 82 31.72 -40.87 31.51
CA ALA P 82 33.00 -41.35 32.03
C ALA P 82 32.98 -41.47 33.54
N GLN P 83 32.29 -40.56 34.23
CA GLN P 83 32.05 -40.73 35.66
C GLN P 83 31.30 -42.03 35.93
N GLU P 84 30.25 -42.29 35.14
CA GLU P 84 29.49 -43.53 35.29
C GLU P 84 30.34 -44.77 35.06
N GLU P 85 31.31 -44.69 34.14
CA GLU P 85 32.21 -45.82 33.91
C GLU P 85 33.00 -46.20 35.16
N GLU P 86 33.22 -45.23 36.06
CA GLU P 86 34.01 -45.49 37.26
C GLU P 86 33.20 -46.24 38.30
N VAL P 87 32.04 -45.69 38.67
CA VAL P 87 31.24 -46.21 39.78
C VAL P 87 29.84 -46.65 39.37
N GLY P 88 29.38 -46.31 38.16
CA GLY P 88 28.12 -46.84 37.68
C GLY P 88 26.87 -46.15 38.20
N ASP P 89 27.01 -45.03 38.91
CA ASP P 89 25.84 -44.32 39.42
C ASP P 89 26.23 -42.87 39.71
N GLY P 90 25.20 -42.04 39.86
CA GLY P 90 25.41 -40.65 40.24
C GLY P 90 25.63 -39.70 39.09
N THR P 91 25.15 -40.04 37.89
CA THR P 91 25.25 -39.12 36.77
C THR P 91 24.25 -37.97 36.88
N THR P 92 23.07 -38.22 37.44
CA THR P 92 22.06 -37.17 37.52
C THR P 92 22.52 -36.03 38.42
N THR P 93 23.05 -36.36 39.60
CA THR P 93 23.53 -35.32 40.50
C THR P 93 24.74 -34.61 39.94
N ALA P 94 25.62 -35.30 39.22
CA ALA P 94 26.75 -34.64 38.57
C ALA P 94 26.27 -33.65 37.52
N THR P 95 25.30 -34.04 36.69
CA THR P 95 24.76 -33.11 35.70
C THR P 95 24.07 -31.92 36.35
N VAL P 96 23.30 -32.17 37.41
CA VAL P 96 22.59 -31.07 38.07
C VAL P 96 23.59 -30.11 38.70
N LEU P 97 24.63 -30.64 39.35
CA LEU P 97 25.65 -29.79 39.93
C LEU P 97 26.40 -29.00 38.86
N ALA P 98 26.71 -29.63 37.72
CA ALA P 98 27.37 -28.90 36.64
C ALA P 98 26.49 -27.77 36.13
N GLY P 99 25.21 -28.04 35.93
CA GLY P 99 24.28 -27.00 35.52
C GLY P 99 24.17 -25.86 36.50
N ALA P 100 24.06 -26.17 37.80
CA ALA P 100 23.99 -25.12 38.81
C ALA P 100 25.26 -24.30 38.86
N LEU P 101 26.41 -24.96 38.81
CA LEU P 101 27.69 -24.27 38.85
C LEU P 101 27.83 -23.33 37.66
N VAL P 102 27.53 -23.82 36.46
CA VAL P 102 27.64 -23.00 35.26
C VAL P 102 26.64 -21.85 35.32
N SER P 103 25.41 -22.12 35.77
CA SER P 103 24.38 -21.09 35.79
C SER P 103 24.76 -19.94 36.71
N GLU P 104 25.18 -20.26 37.93
CA GLU P 104 25.54 -19.18 38.84
C GLU P 104 26.86 -18.55 38.43
N GLY P 105 27.74 -19.30 37.77
CA GLY P 105 28.95 -18.70 37.25
C GLY P 105 28.69 -17.63 36.21
N VAL P 106 27.82 -17.91 35.24
CA VAL P 106 27.45 -16.89 34.27
C VAL P 106 26.61 -15.80 34.90
N ASN P 107 25.85 -16.11 35.95
CA ASN P 107 25.17 -15.07 36.70
C ASN P 107 26.16 -14.08 37.30
N GLN P 108 27.29 -14.58 37.82
CA GLN P 108 28.33 -13.68 38.30
C GLN P 108 28.94 -12.86 37.16
N VAL P 109 29.05 -13.45 35.97
CA VAL P 109 29.58 -12.70 34.83
C VAL P 109 28.63 -11.58 34.42
N GLU P 110 27.32 -11.78 34.59
CA GLU P 110 26.38 -10.69 34.37
C GLU P 110 26.71 -9.49 35.27
N GLN P 111 26.99 -9.76 36.54
CA GLN P 111 27.23 -8.71 37.52
C GLN P 111 28.48 -7.89 37.23
N GLY P 112 29.38 -8.37 36.37
CA GLY P 112 30.62 -7.69 36.04
C GLY P 112 31.87 -8.42 36.46
N VAL P 113 31.77 -9.62 37.03
CA VAL P 113 32.98 -10.37 37.40
C VAL P 113 33.67 -10.85 36.14
N PRO P 114 34.97 -10.62 35.96
CA PRO P 114 35.66 -11.21 34.81
C PRO P 114 35.59 -12.73 34.83
N VAL P 115 35.49 -13.32 33.65
CA VAL P 115 35.24 -14.76 33.55
C VAL P 115 36.40 -15.55 34.12
N SER P 116 37.64 -15.08 33.95
CA SER P 116 38.79 -15.85 34.39
C SER P 116 38.83 -16.04 35.90
N ARG P 117 38.50 -15.00 36.67
CA ARG P 117 38.56 -15.11 38.12
C ARG P 117 37.54 -16.12 38.64
N VAL P 118 36.39 -16.21 37.99
CA VAL P 118 35.37 -17.16 38.40
C VAL P 118 35.88 -18.58 38.29
N ILE P 119 36.74 -18.86 37.31
CA ILE P 119 37.21 -20.22 37.10
C ILE P 119 38.10 -20.67 38.25
N GLU P 120 39.08 -19.85 38.65
CA GLU P 120 39.93 -20.26 39.76
C GLU P 120 39.20 -20.23 41.09
N GLY P 121 38.26 -19.29 41.28
CA GLY P 121 37.42 -19.36 42.46
C GLY P 121 36.63 -20.65 42.51
N LEU P 122 36.06 -21.05 41.37
CA LEU P 122 35.30 -22.29 41.28
C LEU P 122 36.19 -23.50 41.57
N ARG P 123 37.40 -23.49 41.02
CA ARG P 123 38.34 -24.58 41.25
C ARG P 123 38.64 -24.75 42.72
N ARG P 124 38.98 -23.65 43.41
CA ARG P 124 39.32 -23.79 44.82
C ARG P 124 38.11 -24.12 45.67
N GLY P 125 36.93 -23.59 45.32
CA GLY P 125 35.72 -23.97 46.03
C GLY P 125 35.42 -25.45 45.88
N VAL P 126 35.56 -25.99 44.68
CA VAL P 126 35.31 -27.42 44.48
C VAL P 126 36.34 -28.26 45.21
N GLU P 127 37.60 -27.80 45.22
CA GLU P 127 38.63 -28.54 45.94
C GLU P 127 38.31 -28.63 47.43
N ARG P 128 37.94 -27.50 48.04
CA ARG P 128 37.61 -27.54 49.46
C ARG P 128 36.31 -28.29 49.72
N ALA P 129 35.35 -28.23 48.81
CA ALA P 129 34.14 -29.03 48.96
C ALA P 129 34.44 -30.52 48.92
N LEU P 130 35.31 -30.95 48.01
CA LEU P 130 35.71 -32.35 47.97
C LEU P 130 36.41 -32.75 49.26
N GLU P 131 37.32 -31.91 49.76
CA GLU P 131 38.01 -32.23 51.01
C GLU P 131 37.03 -32.35 52.16
N LEU P 132 36.06 -31.43 52.25
CA LEU P 132 35.09 -31.47 53.33
C LEU P 132 34.17 -32.67 53.22
N LEU P 133 33.75 -33.03 52.00
CA LEU P 133 32.92 -34.23 51.84
C LEU P 133 33.68 -35.48 52.23
N ARG P 134 34.95 -35.59 51.85
CA ARG P 134 35.74 -36.75 52.26
C ARG P 134 35.88 -36.80 53.77
N LYS P 135 36.16 -35.65 54.41
CA LYS P 135 36.30 -35.64 55.86
C LYS P 135 35.00 -36.01 56.56
N GLN P 136 33.87 -35.57 56.02
CA GLN P 136 32.60 -35.74 56.70
C GLN P 136 32.03 -37.15 56.56
N ALA P 137 32.53 -37.94 55.61
CA ALA P 137 31.98 -39.27 55.38
C ALA P 137 32.23 -40.17 56.57
N LEU P 138 31.32 -41.13 56.78
CA LEU P 138 31.36 -42.05 57.91
C LEU P 138 31.62 -43.46 57.41
N PRO P 139 32.65 -44.17 57.86
CA PRO P 139 32.82 -45.56 57.43
C PRO P 139 31.76 -46.46 58.04
N VAL P 140 31.57 -47.62 57.40
CA VAL P 140 30.56 -48.59 57.81
C VAL P 140 31.25 -49.78 58.44
N GLU P 141 30.70 -50.26 59.56
CA GLU P 141 31.28 -51.36 60.33
C GLU P 141 30.61 -52.65 59.89
N GLY P 142 31.26 -53.38 59.00
CA GLY P 142 30.76 -54.66 58.55
C GLY P 142 29.52 -54.51 57.69
N LEU P 143 29.08 -55.64 57.13
CA LEU P 143 27.91 -55.68 56.27
C LEU P 143 26.62 -55.97 57.03
N ASP P 144 26.70 -56.31 58.31
CA ASP P 144 25.51 -56.45 59.12
C ASP P 144 24.85 -55.13 59.45
N ASP P 145 25.52 -54.01 59.20
CA ASP P 145 24.96 -52.70 59.48
C ASP P 145 23.73 -52.47 58.61
N PRO P 146 22.59 -52.00 59.16
CA PRO P 146 21.44 -51.71 58.29
C PRO P 146 21.64 -50.53 57.35
N ARG P 147 22.77 -49.80 57.46
CA ARG P 147 23.02 -48.73 56.51
C ARG P 147 23.17 -49.27 55.09
N LEU P 148 23.75 -50.46 54.94
CA LEU P 148 23.80 -51.08 53.61
C LEU P 148 22.42 -51.39 53.09
N ARG P 149 21.53 -51.90 53.96
CA ARG P 149 20.14 -52.14 53.58
C ARG P 149 19.48 -50.85 53.13
N ALA P 150 19.70 -49.75 53.86
CA ALA P 150 19.13 -48.47 53.47
C ALA P 150 19.70 -48.00 52.12
N VAL P 151 21.01 -48.12 51.91
CA VAL P 151 21.60 -47.70 50.65
C VAL P 151 21.10 -48.54 49.49
N ALA P 152 20.87 -49.83 49.71
CA ALA P 152 20.29 -50.69 48.67
C ALA P 152 18.84 -50.35 48.38
N ARG P 153 18.09 -49.91 49.39
CA ARG P 153 16.68 -49.59 49.17
C ARG P 153 16.52 -48.45 48.17
N ILE P 154 17.36 -47.42 48.25
CA ILE P 154 17.16 -46.23 47.43
C ILE P 154 17.47 -46.52 45.97
N ALA P 155 18.53 -47.28 45.71
CA ALA P 155 18.91 -47.56 44.33
C ALA P 155 17.91 -48.45 43.59
N ALA P 156 16.97 -49.07 44.30
CA ALA P 156 15.98 -49.95 43.70
C ALA P 156 14.61 -49.28 43.54
N ARG P 157 14.57 -47.95 43.52
CA ARG P 157 13.32 -47.20 43.44
C ARG P 157 12.39 -47.57 44.59
N GLU P 158 12.98 -47.77 45.76
CA GLU P 158 12.23 -48.14 46.97
C GLU P 158 11.48 -49.45 46.77
N ARG P 159 12.06 -50.36 45.98
CA ARG P 159 11.55 -51.71 45.81
C ARG P 159 12.43 -52.65 46.61
N GLU P 160 11.83 -53.37 47.56
CA GLU P 160 12.61 -54.09 48.55
C GLU P 160 13.01 -55.47 48.04
N ASP P 161 12.32 -55.99 47.02
CA ASP P 161 12.69 -57.29 46.46
C ASP P 161 14.09 -57.28 45.87
N ILE P 162 14.49 -56.18 45.23
CA ILE P 162 15.86 -56.08 44.73
C ILE P 162 16.82 -55.76 45.87
N ALA P 163 16.38 -54.93 46.81
CA ALA P 163 17.26 -54.46 47.87
C ALA P 163 17.64 -55.57 48.84
N ASP P 164 16.78 -56.57 49.02
CA ASP P 164 17.17 -57.72 49.84
C ASP P 164 18.14 -58.64 49.11
N LEU P 165 17.94 -58.86 47.81
CA LEU P 165 18.83 -59.78 47.11
C LEU P 165 20.22 -59.18 46.92
N VAL P 166 20.32 -57.87 46.69
CA VAL P 166 21.66 -57.29 46.53
C VAL P 166 22.44 -57.40 47.84
N VAL P 167 21.80 -57.08 48.97
CA VAL P 167 22.52 -57.17 50.24
C VAL P 167 22.75 -58.61 50.64
N GLU P 168 21.93 -59.55 50.17
CA GLU P 168 22.23 -60.95 50.39
C GLU P 168 23.48 -61.35 49.61
N ALA P 169 23.57 -60.96 48.33
CA ALA P 169 24.73 -61.30 47.54
C ALA P 169 26.00 -60.64 48.06
N ALA P 170 25.86 -59.45 48.66
CA ALA P 170 27.05 -58.74 49.13
C ALA P 170 27.79 -59.50 50.21
N ARG P 171 27.07 -60.04 51.18
CA ARG P 171 27.70 -60.71 52.31
C ARG P 171 28.26 -62.09 51.95
N HIS P 172 27.78 -62.70 50.86
CA HIS P 172 28.24 -64.04 50.51
C HIS P 172 29.68 -64.07 50.03
N ILE P 173 30.27 -62.93 49.71
CA ILE P 173 31.59 -62.90 49.09
C ILE P 173 32.69 -62.76 50.14
N GLY P 174 32.71 -61.67 50.88
CA GLY P 174 33.65 -61.46 51.97
C GLY P 174 34.11 -60.01 52.04
N GLU P 175 34.88 -59.72 53.09
CA GLU P 175 35.38 -58.36 53.30
C GLU P 175 36.40 -57.99 52.22
N ASP P 176 37.48 -58.78 52.12
CA ASP P 176 38.57 -58.42 51.24
C ASP P 176 38.17 -58.50 49.77
N LYS P 177 37.28 -59.44 49.43
CA LYS P 177 36.94 -59.66 48.02
C LYS P 177 36.24 -58.44 47.42
N LEU P 178 35.35 -57.79 48.18
CA LEU P 178 34.69 -56.57 47.70
C LEU P 178 35.67 -55.41 47.50
N GLN P 179 36.80 -55.42 48.19
CA GLN P 179 37.76 -54.33 48.08
C GLN P 179 38.72 -54.50 46.91
N ASP P 180 38.62 -55.58 46.14
CA ASP P 180 39.51 -55.77 45.00
C ASP P 180 39.19 -54.74 43.92
N PRO P 181 40.13 -53.86 43.53
CA PRO P 181 39.77 -52.84 42.53
C PRO P 181 39.43 -53.39 41.16
N ASN P 182 39.85 -54.62 40.85
CA ASN P 182 39.52 -55.25 39.58
C ASN P 182 38.16 -55.94 39.62
N PHE P 183 37.48 -55.96 40.75
CA PHE P 183 36.18 -56.62 40.89
C PHE P 183 35.11 -55.55 40.66
N LYS P 184 34.31 -55.74 39.61
CA LYS P 184 33.09 -54.99 39.40
C LYS P 184 31.92 -55.95 39.59
N LEU P 185 31.04 -55.64 40.53
CA LEU P 185 29.90 -56.49 40.83
C LEU P 185 28.73 -56.28 39.89
N ALA P 186 28.71 -55.18 39.13
CA ALA P 186 27.62 -54.93 38.21
C ALA P 186 27.60 -55.93 37.06
N ASP P 187 28.74 -56.50 36.69
CA ASP P 187 28.78 -57.51 35.65
C ASP P 187 28.35 -58.89 36.15
N THR P 188 28.28 -59.09 37.46
CA THR P 188 27.90 -60.37 38.03
C THR P 188 26.42 -60.47 38.36
N VAL P 189 25.58 -59.62 37.75
CA VAL P 189 24.13 -59.68 37.90
C VAL P 189 23.52 -59.83 36.51
N THR P 190 22.49 -60.67 36.43
CA THR P 190 21.82 -60.93 35.16
C THR P 190 20.36 -61.26 35.47
N ALA P 191 19.45 -60.62 34.75
CA ALA P 191 18.01 -60.79 34.96
C ALA P 191 17.44 -61.68 33.87
N ARG P 192 16.62 -62.65 34.27
CA ARG P 192 15.96 -63.58 33.37
C ARG P 192 14.46 -63.56 33.64
N GLU P 193 13.67 -63.41 32.58
CA GLU P 193 12.23 -63.31 32.73
C GLU P 193 11.64 -64.64 33.23
N GLY P 194 10.62 -64.52 34.07
CA GLY P 194 9.88 -65.69 34.54
C GLY P 194 10.56 -66.48 35.64
N ALA P 195 11.74 -66.05 36.08
CA ALA P 195 12.50 -66.76 37.11
C ALA P 195 12.19 -66.16 38.48
N GLU P 196 12.91 -66.61 39.50
CA GLU P 196 12.80 -66.12 40.86
C GLU P 196 14.04 -65.29 41.20
N ASN P 197 14.14 -64.85 42.45
CA ASN P 197 15.26 -64.04 42.93
C ASN P 197 16.15 -64.94 43.77
N GLN P 198 17.33 -65.26 43.23
CA GLN P 198 18.29 -66.10 43.95
C GLN P 198 19.69 -65.81 43.44
N VAL P 199 20.68 -66.23 44.24
CA VAL P 199 22.09 -66.13 43.89
C VAL P 199 22.68 -67.53 43.90
N ILE P 200 23.33 -67.90 42.81
CA ILE P 200 23.84 -69.25 42.62
C ILE P 200 25.35 -69.27 42.83
N THR P 356 26.86 -65.28 41.21
CA THR P 356 25.96 -64.94 40.11
C THR P 356 24.56 -64.66 40.64
N VAL P 357 24.12 -63.41 40.52
CA VAL P 357 22.85 -62.95 41.04
C VAL P 357 21.83 -63.02 39.91
N LEU P 358 20.81 -63.86 40.09
CA LEU P 358 19.69 -63.94 39.16
C LEU P 358 18.58 -63.02 39.64
N VAL P 359 18.07 -62.18 38.75
CA VAL P 359 17.01 -61.22 39.07
C VAL P 359 15.75 -61.64 38.31
N GLY P 360 14.66 -61.83 39.05
CA GLY P 360 13.41 -62.23 38.43
C GLY P 360 12.71 -61.07 37.73
N ALA P 361 11.90 -61.42 36.73
CA ALA P 361 11.13 -60.44 36.00
C ALA P 361 9.88 -61.11 35.44
N ALA P 362 8.89 -60.28 35.08
CA ALA P 362 7.61 -60.81 34.63
C ALA P 362 7.66 -61.23 33.17
N THR P 363 7.92 -60.28 32.27
CA THR P 363 7.98 -60.51 30.83
C THR P 363 9.33 -60.09 30.29
N GLU P 364 9.54 -60.34 28.99
CA GLU P 364 10.82 -60.01 28.37
C GLU P 364 11.04 -58.50 28.33
N GLU P 365 10.00 -57.72 28.09
CA GLU P 365 10.15 -56.27 28.05
C GLU P 365 10.49 -55.68 29.42
N VAL P 366 9.99 -56.30 30.50
CA VAL P 366 10.30 -55.80 31.83
C VAL P 366 11.77 -55.99 32.19
N VAL P 367 12.47 -56.91 31.52
CA VAL P 367 13.86 -57.20 31.87
C VAL P 367 14.74 -55.98 31.68
N GLY P 368 14.44 -55.14 30.69
CA GLY P 368 15.31 -54.02 30.37
C GLY P 368 15.49 -53.04 31.53
N GLU P 369 14.44 -52.81 32.32
CA GLU P 369 14.53 -51.92 33.47
C GLU P 369 14.92 -52.63 34.75
N ARG P 370 14.46 -53.86 34.97
CA ARG P 370 14.85 -54.58 36.18
C ARG P 370 16.33 -54.91 36.18
N GLU P 371 16.90 -55.28 35.04
CA GLU P 371 18.35 -55.49 34.98
C GLU P 371 19.10 -54.19 35.26
N ARG P 372 18.59 -53.07 34.76
CA ARG P 372 19.27 -51.79 34.94
C ARG P 372 19.27 -51.38 36.41
N VAL P 373 18.11 -51.43 37.08
CA VAL P 373 18.09 -51.13 38.50
C VAL P 373 18.85 -52.17 39.32
N ALA P 374 18.95 -53.41 38.85
CA ALA P 374 19.79 -54.38 39.54
C ALA P 374 21.25 -53.95 39.52
N LYS P 375 21.75 -53.51 38.35
CA LYS P 375 23.12 -53.00 38.33
C LYS P 375 23.27 -51.76 39.18
N ASP P 376 22.26 -50.88 39.19
CA ASP P 376 22.35 -49.67 40.01
C ASP P 376 22.48 -50.03 41.48
N ALA P 377 21.65 -50.96 41.98
CA ALA P 377 21.75 -51.37 43.38
C ALA P 377 23.07 -52.08 43.65
N ALA P 378 23.55 -52.89 42.71
CA ALA P 378 24.84 -53.54 42.90
C ALA P 378 25.95 -52.53 43.07
N SER P 379 25.98 -51.50 42.21
CA SER P 379 27.00 -50.47 42.34
C SER P 379 26.83 -49.68 43.63
N ALA P 380 25.59 -49.41 44.03
CA ALA P 380 25.36 -48.69 45.28
C ALA P 380 25.93 -49.45 46.46
N VAL P 381 25.69 -50.77 46.52
CA VAL P 381 26.28 -51.55 47.60
C VAL P 381 27.78 -51.69 47.45
N GLN P 382 28.29 -51.69 46.21
CA GLN P 382 29.73 -51.77 45.99
C GLN P 382 30.44 -50.57 46.60
N ALA P 383 29.99 -49.36 46.27
CA ALA P 383 30.70 -48.15 46.67
C ALA P 383 30.72 -47.95 48.18
N ALA P 384 29.65 -48.36 48.88
CA ALA P 384 29.58 -48.13 50.31
C ALA P 384 30.68 -48.85 51.07
N ILE P 385 31.13 -50.00 50.57
CA ILE P 385 32.20 -50.71 51.26
C ILE P 385 33.51 -49.97 51.09
N ARG P 386 33.75 -49.40 49.90
CA ARG P 386 35.01 -48.71 49.66
C ARG P 386 35.07 -47.39 50.42
N GLY P 387 34.02 -46.59 50.34
CA GLY P 387 34.08 -45.21 50.80
C GLY P 387 33.21 -44.86 52.00
N GLY P 388 32.52 -45.84 52.56
CA GLY P 388 31.60 -45.57 53.63
C GLY P 388 30.30 -44.96 53.12
N VAL P 389 29.67 -44.18 53.99
CA VAL P 389 28.35 -43.62 53.72
C VAL P 389 28.36 -42.13 54.00
N VAL P 390 27.44 -41.43 53.34
CA VAL P 390 27.27 -39.98 53.46
C VAL P 390 25.77 -39.72 53.47
N PRO P 391 25.23 -38.82 54.32
CA PRO P 391 23.78 -38.62 54.32
C PRO P 391 23.27 -38.04 53.01
N GLY P 392 22.49 -38.83 52.28
CA GLY P 392 22.00 -38.42 50.98
C GLY P 392 20.93 -37.36 51.09
N GLY P 393 20.21 -37.18 49.99
CA GLY P 393 19.15 -36.20 49.95
C GLY P 393 19.62 -34.77 49.90
N GLY P 394 20.91 -34.52 49.70
CA GLY P 394 21.44 -33.18 49.65
C GLY P 394 21.83 -32.58 50.99
N ALA P 395 21.80 -33.35 52.07
CA ALA P 395 22.19 -32.81 53.36
C ALA P 395 23.69 -32.55 53.43
N ALA P 396 24.50 -33.51 53.00
CA ALA P 396 25.94 -33.33 52.98
C ALA P 396 26.37 -32.20 52.05
N GLU P 397 25.61 -31.97 50.98
CA GLU P 397 25.92 -30.87 50.08
C GLU P 397 25.81 -29.52 50.79
N LEU P 398 24.77 -29.32 51.60
CA LEU P 398 24.73 -28.12 52.44
C LEU P 398 25.78 -28.13 53.54
N ALA P 399 26.07 -29.29 54.10
CA ALA P 399 27.09 -29.37 55.14
C ALA P 399 28.43 -28.84 54.63
N VAL P 400 28.74 -29.13 53.35
CA VAL P 400 29.95 -28.55 52.75
C VAL P 400 29.71 -27.15 52.21
N ALA P 401 28.47 -26.80 51.83
CA ALA P 401 28.20 -25.46 51.33
C ALA P 401 28.41 -24.38 52.38
N ARG P 402 28.03 -24.65 53.64
CA ARG P 402 28.32 -23.68 54.69
C ARG P 402 29.82 -23.41 54.82
N GLU P 403 30.63 -24.46 54.85
CA GLU P 403 32.06 -24.27 55.01
C GLU P 403 32.66 -23.63 53.76
N VAL P 404 32.08 -23.87 52.59
CA VAL P 404 32.56 -23.17 51.39
C VAL P 404 32.19 -21.69 51.48
N GLU P 405 31.05 -21.35 52.08
CA GLU P 405 30.74 -19.95 52.36
C GLU P 405 31.79 -19.33 53.29
N LYS P 406 32.15 -20.06 54.35
CA LYS P 406 33.17 -19.57 55.26
C LYS P 406 34.52 -19.43 54.57
N LEU P 407 34.80 -20.26 53.56
CA LEU P 407 35.96 -20.04 52.71
C LEU P 407 35.81 -18.78 51.86
N ALA P 408 34.62 -18.54 51.31
CA ALA P 408 34.33 -17.31 50.58
C ALA P 408 34.63 -16.09 51.43
N GLU P 409 34.41 -16.17 52.73
CA GLU P 409 34.80 -15.15 53.68
C GLU P 409 36.31 -15.18 54.00
N GLU P 410 37.11 -15.96 53.26
CA GLU P 410 38.55 -16.05 53.46
C GLU P 410 39.31 -15.71 52.18
N VAL P 411 38.74 -16.04 51.02
CA VAL P 411 39.43 -15.83 49.75
C VAL P 411 39.51 -14.33 49.47
N LYS P 412 40.62 -13.90 48.89
CA LYS P 412 40.97 -12.49 48.77
C LYS P 412 40.78 -12.02 47.33
N GLY P 413 40.10 -10.90 47.17
CA GLY P 413 39.96 -10.24 45.88
C GLY P 413 38.68 -10.63 45.17
N MET P 414 38.70 -10.51 43.85
CA MET P 414 37.56 -10.84 43.02
C MET P 414 37.35 -12.34 42.87
N GLU P 415 38.29 -13.16 43.33
CA GLU P 415 38.17 -14.61 43.20
C GLU P 415 37.11 -15.20 44.13
N ARG P 416 36.73 -14.48 45.19
CA ARG P 416 35.78 -15.03 46.14
C ARG P 416 34.39 -15.24 45.53
N TYR P 417 34.10 -14.60 44.41
CA TYR P 417 32.78 -14.72 43.81
C TYR P 417 32.60 -16.02 43.04
N GLY P 418 33.65 -16.83 42.91
CA GLY P 418 33.55 -18.18 42.39
C GLY P 418 33.45 -19.20 43.49
N VAL P 419 34.05 -18.90 44.64
CA VAL P 419 33.85 -19.75 45.80
C VAL P 419 32.41 -19.65 46.26
N GLU P 420 31.85 -18.43 46.25
CA GLU P 420 30.41 -18.27 46.44
C GLU P 420 29.61 -19.03 45.39
N ALA P 421 30.13 -19.11 44.16
CA ALA P 421 29.44 -19.87 43.14
C ALA P 421 29.39 -21.36 43.47
N VAL P 422 30.48 -21.91 43.99
CA VAL P 422 30.45 -23.29 44.46
C VAL P 422 29.46 -23.42 45.61
N ALA P 423 29.45 -22.44 46.52
CA ALA P 423 28.58 -22.53 47.69
C ALA P 423 27.11 -22.55 47.29
N GLU P 424 26.72 -21.70 46.35
CA GLU P 424 25.32 -21.67 45.94
C GLU P 424 24.94 -22.88 45.09
N ALA P 425 25.83 -23.32 44.22
CA ALA P 425 25.51 -24.44 43.34
C ALA P 425 25.29 -25.73 44.11
N LEU P 426 25.99 -25.91 45.23
CA LEU P 426 25.80 -27.10 46.03
C LEU P 426 24.45 -27.12 46.74
N LYS P 427 23.72 -26.01 46.76
CA LYS P 427 22.37 -26.02 47.31
C LYS P 427 21.34 -26.55 46.32
N LYS P 428 21.65 -26.54 45.02
CA LYS P 428 20.69 -26.93 43.98
C LYS P 428 20.22 -28.38 44.11
N PRO P 429 21.08 -29.35 44.43
CA PRO P 429 20.57 -30.71 44.65
C PRO P 429 19.43 -30.78 45.65
N LEU P 430 19.62 -30.29 46.87
CA LEU P 430 18.56 -30.38 47.87
C LEU P 430 17.37 -29.54 47.46
N ARG P 431 17.63 -28.37 46.87
CA ARG P 431 16.54 -27.52 46.40
C ARG P 431 15.64 -28.27 45.42
N GLN P 432 16.23 -29.08 44.54
CA GLN P 432 15.43 -29.79 43.56
C GLN P 432 14.81 -31.07 44.08
N ILE P 433 15.45 -31.76 45.04
CA ILE P 433 14.73 -32.85 45.72
C ILE P 433 13.51 -32.32 46.43
N VAL P 434 13.61 -31.12 47.01
CA VAL P 434 12.44 -30.53 47.66
C VAL P 434 11.42 -30.10 46.62
N ALA P 435 11.87 -29.49 45.53
CA ALA P 435 10.96 -28.98 44.50
C ALA P 435 10.19 -30.10 43.83
N ASN P 436 10.88 -31.20 43.49
CA ASN P 436 10.21 -32.32 42.85
C ASN P 436 9.16 -32.95 43.75
N ALA P 437 9.35 -32.87 45.06
CA ALA P 437 8.39 -33.45 45.99
C ALA P 437 7.07 -32.68 46.04
N GLY P 438 7.02 -31.49 45.46
CA GLY P 438 5.84 -30.67 45.53
C GLY P 438 5.80 -29.71 46.70
N PHE P 439 6.94 -29.23 47.16
CA PHE P 439 7.02 -28.22 48.20
C PHE P 439 7.71 -26.96 47.68
N ASN P 440 7.45 -25.86 48.35
CA ASN P 440 8.06 -24.59 47.97
C ASN P 440 9.50 -24.64 48.47
N PRO P 441 10.52 -24.68 47.59
CA PRO P 441 11.89 -24.81 48.10
C PRO P 441 12.35 -23.65 48.94
N LEU P 442 11.85 -22.44 48.67
CA LEU P 442 12.41 -21.24 49.28
C LEU P 442 12.17 -21.22 50.78
N GLU P 443 10.98 -21.58 51.24
CA GLU P 443 10.72 -21.66 52.67
C GLU P 443 11.30 -22.91 53.31
N LYS P 444 11.37 -24.02 52.57
CA LYS P 444 11.81 -25.27 53.15
C LYS P 444 13.32 -25.37 53.27
N LEU P 445 14.06 -24.55 52.51
CA LEU P 445 15.48 -24.36 52.80
C LEU P 445 15.68 -23.47 54.02
N GLY P 446 14.86 -22.43 54.17
CA GLY P 446 15.01 -21.54 55.30
C GLY P 446 14.70 -22.22 56.62
N ASP P 447 13.64 -23.00 56.69
CA ASP P 447 13.31 -23.68 57.94
C ASP P 447 14.24 -24.85 58.24
N LEU P 448 15.09 -25.24 57.29
CA LEU P 448 16.06 -26.31 57.51
C LEU P 448 17.31 -25.82 58.22
N ARG P 449 17.46 -24.51 58.43
CA ARG P 449 18.67 -23.96 59.03
C ARG P 449 18.61 -23.87 60.55
N ALA P 450 17.47 -24.17 61.16
CA ALA P 450 17.39 -24.11 62.62
C ALA P 450 18.21 -25.22 63.27
N ALA P 451 18.03 -26.46 62.81
CA ALA P 451 18.73 -27.57 63.42
C ALA P 451 20.20 -27.64 63.03
N HIS P 452 20.60 -26.98 61.94
CA HIS P 452 21.99 -26.98 61.53
C HIS P 452 22.86 -26.05 62.38
N ARG P 453 22.25 -25.23 63.24
CA ARG P 453 23.01 -24.42 64.19
C ARG P 453 23.42 -25.19 65.44
N THR P 454 22.88 -26.38 65.66
CA THR P 454 23.13 -27.13 66.88
C THR P 454 24.49 -27.83 66.90
N GLY P 455 25.24 -27.80 65.80
CA GLY P 455 26.55 -28.42 65.72
C GLY P 455 26.60 -29.71 64.93
N ASN P 456 25.45 -30.29 64.59
CA ASN P 456 25.37 -31.49 63.78
C ASN P 456 24.99 -31.11 62.35
N ASP P 457 25.74 -31.65 61.39
CA ASP P 457 25.58 -31.32 59.97
C ASP P 457 25.18 -32.55 59.17
N SER P 458 24.39 -33.44 59.78
CA SER P 458 23.95 -34.68 59.16
C SER P 458 22.44 -34.76 59.04
N LEU P 459 21.75 -33.61 58.97
CA LEU P 459 20.29 -33.57 58.92
C LEU P 459 19.83 -32.80 57.70
N GLY P 460 18.67 -33.19 57.18
CA GLY P 460 18.11 -32.63 55.97
C GLY P 460 16.61 -32.55 56.07
N ILE P 461 15.88 -33.08 55.08
CA ILE P 461 14.43 -33.04 55.07
C ILE P 461 13.90 -34.28 54.37
N ASP P 462 12.82 -34.83 54.92
CA ASP P 462 12.12 -35.96 54.32
C ASP P 462 11.31 -35.51 53.10
N CYS P 463 11.14 -36.44 52.17
CA CYS P 463 10.54 -36.13 50.87
C CYS P 463 9.02 -36.27 50.84
N ASP P 464 8.40 -36.77 51.92
CA ASP P 464 6.97 -37.05 51.94
C ASP P 464 6.19 -36.13 52.86
N THR P 465 6.67 -35.91 54.09
CA THR P 465 5.98 -35.03 55.03
C THR P 465 6.50 -33.61 55.01
N GLY P 466 7.69 -33.37 54.48
CA GLY P 466 8.24 -32.03 54.47
C GLY P 466 8.78 -31.56 55.80
N GLU P 467 8.92 -32.46 56.77
CA GLU P 467 9.42 -32.11 58.09
C GLU P 467 10.94 -32.27 58.12
N VAL P 468 11.60 -31.38 58.84
CA VAL P 468 13.05 -31.44 58.99
C VAL P 468 13.39 -32.55 59.97
N VAL P 469 14.11 -33.57 59.49
CA VAL P 469 14.50 -34.71 60.30
C VAL P 469 15.93 -35.11 59.95
N ASP P 470 16.58 -35.78 60.90
CA ASP P 470 17.94 -36.25 60.67
C ASP P 470 17.94 -37.34 59.61
N MET P 471 18.87 -37.23 58.65
CA MET P 471 18.92 -38.19 57.56
C MET P 471 19.47 -39.54 57.99
N TRP P 472 20.19 -39.60 59.12
CA TRP P 472 20.55 -40.90 59.68
C TRP P 472 19.30 -41.68 60.09
N GLU P 473 18.43 -41.06 60.87
CA GLU P 473 17.23 -41.75 61.35
C GLU P 473 16.25 -42.03 60.22
N ALA P 474 16.05 -41.08 59.33
CA ALA P 474 15.16 -41.28 58.19
C ALA P 474 15.67 -42.37 57.25
N GLY P 475 16.96 -42.68 57.29
CA GLY P 475 17.51 -43.73 56.48
C GLY P 475 17.88 -43.31 55.07
N VAL P 476 17.76 -42.03 54.73
CA VAL P 476 18.09 -41.56 53.39
C VAL P 476 19.60 -41.38 53.36
N ILE P 477 20.31 -42.42 52.92
CA ILE P 477 21.76 -42.48 52.91
C ILE P 477 22.21 -42.66 51.46
N ASP P 478 23.42 -42.16 51.14
CA ASP P 478 23.99 -42.30 49.81
C ASP P 478 25.45 -42.77 49.90
N PRO P 479 25.99 -43.40 48.86
CA PRO P 479 27.42 -43.73 48.87
C PRO P 479 28.28 -42.49 48.89
N ALA P 480 29.46 -42.62 49.49
CA ALA P 480 30.40 -41.52 49.56
C ALA P 480 31.17 -41.33 48.25
N PRO P 481 31.77 -42.37 47.65
CA PRO P 481 32.47 -42.15 46.38
C PRO P 481 31.57 -41.68 45.26
N VAL P 482 30.31 -42.13 45.21
CA VAL P 482 29.42 -41.72 44.13
C VAL P 482 29.12 -40.23 44.16
N LYS P 483 29.17 -39.61 45.34
CA LYS P 483 29.03 -38.18 45.46
C LYS P 483 30.35 -37.43 45.31
N LEU P 484 31.44 -37.99 45.84
CA LEU P 484 32.73 -37.34 45.69
C LEU P 484 33.13 -37.23 44.22
N HIS P 485 33.08 -38.36 43.50
CA HIS P 485 33.43 -38.36 42.09
C HIS P 485 32.45 -37.51 41.29
N ALA P 486 31.17 -37.52 41.68
CA ALA P 486 30.18 -36.71 40.98
C ALA P 486 30.48 -35.22 41.10
N LEU P 487 30.82 -34.77 42.31
CA LEU P 487 31.15 -33.36 42.49
C LEU P 487 32.46 -33.00 41.80
N LYS P 488 33.44 -33.91 41.80
CA LYS P 488 34.67 -33.65 41.05
C LYS P 488 34.39 -33.50 39.57
N ALA P 489 33.57 -34.39 39.00
CA ALA P 489 33.23 -34.31 37.58
C ALA P 489 32.47 -33.03 37.28
N ALA P 490 31.53 -32.65 38.15
CA ALA P 490 30.79 -31.41 37.96
C ALA P 490 31.71 -30.20 37.97
N GLY P 491 32.65 -30.16 38.91
CA GLY P 491 33.61 -29.08 38.95
C GLY P 491 34.49 -29.03 37.72
N GLU P 492 34.94 -30.19 37.24
CA GLU P 492 35.80 -30.21 36.07
C GLU P 492 35.06 -29.76 34.82
N VAL P 493 33.82 -30.21 34.62
CA VAL P 493 33.08 -29.77 33.43
C VAL P 493 32.75 -28.28 33.54
N ALA P 494 32.38 -27.80 34.74
CA ALA P 494 32.11 -26.38 34.91
C ALA P 494 33.34 -25.54 34.63
N ALA P 495 34.51 -26.01 35.04
CA ALA P 495 35.74 -25.28 34.73
C ALA P 495 36.05 -25.30 33.25
N ALA P 496 35.85 -26.44 32.59
CA ALA P 496 36.19 -26.56 31.17
C ALA P 496 35.20 -25.87 30.25
N ILE P 497 33.97 -25.63 30.70
CA ILE P 497 32.94 -25.07 29.82
C ILE P 497 32.92 -23.55 29.97
N LEU P 498 33.17 -23.05 31.18
CA LEU P 498 33.24 -21.60 31.38
C LEU P 498 34.47 -20.99 30.73
N ARG P 499 35.53 -21.77 30.55
CA ARG P 499 36.76 -21.25 29.95
C ARG P 499 36.60 -20.91 28.48
N ILE P 500 35.65 -21.51 27.77
CA ILE P 500 35.47 -21.23 26.35
C ILE P 500 35.02 -19.79 26.18
N ASN P 501 35.67 -19.07 25.26
CA ASN P 501 35.42 -17.66 25.02
C ASN P 501 34.89 -17.36 23.63
N THR P 502 35.28 -18.13 22.61
CA THR P 502 34.85 -17.90 21.24
C THR P 502 34.54 -19.22 20.54
N ILE P 503 33.65 -19.13 19.56
CA ILE P 503 33.30 -20.25 18.69
C ILE P 503 33.58 -19.80 17.25
N ILE P 504 34.32 -20.62 16.51
CA ILE P 504 34.69 -20.33 15.13
C ILE P 504 34.55 -21.62 14.32
N LYS P 505 34.45 -21.46 13.00
CA LYS P 505 34.17 -22.60 12.13
C LYS P 505 35.48 -23.20 11.60
N MET P 506 35.39 -24.46 11.19
CA MET P 506 36.55 -25.26 10.82
C MET P 506 36.83 -25.23 9.31
N LYS P 507 37.96 -25.82 8.95
CA LYS P 507 38.45 -25.78 7.58
C LYS P 507 37.48 -26.43 6.60
#